data_2LQW
#
_entry.id   2LQW
#
_entity_poly.entity_id   1
_entity_poly.type   'polypeptide(L)'
_entity_poly.pdbx_seq_one_letter_code
;MSSARFDSSDRSAWYMGPVSRQEAQTRLQGQRHGMFLVRDSSTCPGDYVLSVSENSRVSHYIINSLPNRRFKIGDQEFDH
LPALLEFYKIHYLDTTTLIEPAPRYPSPPMGSVSAPNLPTAEDNLEYVRTLYDFPGNDAEDLPFKKGEILVIIEKPEEQW
WSARNKDGRVGMIPVPYVEKLVRSSPHGKHGNRNSNSYGIPEPAHA(PTR)AQPQTTTPLPAVSGSPGAAITPLPSTQNG
PVFAKAIQKRVPCAYDKTALALEVGDIVKVTRMNINGQWEGEVNGRKGLFPFTHVKIFDPQNPDENE
;
_entity_poly.pdbx_strand_id   A
#
# COMPACT_ATOMS: atom_id res chain seq x y z
N MET A 1 -27.49 -1.75 5.68
CA MET A 1 -26.15 -1.25 6.08
C MET A 1 -25.33 -0.87 4.86
N SER A 2 -24.95 -1.89 4.09
CA SER A 2 -24.17 -1.70 2.88
C SER A 2 -22.81 -1.06 3.14
N SER A 3 -22.78 0.27 3.17
CA SER A 3 -21.53 1.05 3.15
C SER A 3 -20.80 0.88 1.81
N ALA A 4 -20.63 -0.36 1.42
CA ALA A 4 -19.98 -0.71 0.16
C ALA A 4 -20.82 -1.72 -0.60
N ARG A 5 -21.70 -1.25 -1.46
CA ARG A 5 -22.50 -2.15 -2.28
C ARG A 5 -22.15 -2.01 -3.76
N PHE A 6 -20.93 -1.56 -4.03
CA PHE A 6 -20.38 -1.67 -5.37
C PHE A 6 -20.11 -3.15 -5.63
N ASP A 7 -20.37 -3.62 -6.84
CA ASP A 7 -20.17 -5.04 -7.11
C ASP A 7 -18.68 -5.31 -7.26
N SER A 8 -18.17 -6.15 -6.38
CA SER A 8 -16.76 -6.49 -6.37
C SER A 8 -16.52 -7.70 -7.26
N SER A 9 -16.49 -7.46 -8.57
CA SER A 9 -16.22 -8.50 -9.53
C SER A 9 -16.16 -7.92 -10.92
N ASP A 10 -17.20 -7.19 -11.30
CA ASP A 10 -17.32 -6.76 -12.68
C ASP A 10 -16.42 -5.58 -12.99
N ARG A 11 -15.64 -5.73 -14.05
CA ARG A 11 -14.73 -4.69 -14.53
C ARG A 11 -15.45 -3.36 -14.72
N SER A 12 -16.69 -3.41 -15.20
CA SER A 12 -17.49 -2.21 -15.42
C SER A 12 -17.99 -1.62 -14.10
N ALA A 13 -17.30 -1.90 -13.02
CA ALA A 13 -17.55 -1.23 -11.75
C ALA A 13 -16.32 -0.45 -11.29
N TRP A 14 -15.16 -1.11 -11.32
CA TRP A 14 -13.98 -0.58 -10.64
C TRP A 14 -12.71 -0.57 -11.50
N TYR A 15 -12.66 -1.41 -12.53
CA TYR A 15 -11.42 -1.60 -13.28
C TYR A 15 -11.29 -0.56 -14.39
N MET A 16 -10.23 0.25 -14.33
CA MET A 16 -10.04 1.30 -15.33
C MET A 16 -8.77 1.07 -16.14
N GLY A 17 -8.14 -0.08 -15.89
CA GLY A 17 -6.98 -0.52 -16.67
C GLY A 17 -5.89 0.53 -16.82
N PRO A 18 -5.63 1.00 -18.04
CA PRO A 18 -4.54 1.94 -18.32
C PRO A 18 -4.80 3.33 -17.72
N VAL A 19 -4.24 3.56 -16.54
CA VAL A 19 -4.44 4.84 -15.86
C VAL A 19 -3.10 5.43 -15.42
N SER A 20 -2.46 4.84 -14.41
CA SER A 20 -1.11 5.21 -13.98
C SER A 20 -1.16 6.47 -13.14
N ARG A 21 -0.02 6.79 -12.51
CA ARG A 21 0.08 7.97 -11.66
C ARG A 21 -0.47 9.21 -12.37
N GLN A 22 -0.13 9.35 -13.65
CA GLN A 22 -0.56 10.48 -14.47
C GLN A 22 -2.06 10.77 -14.34
N GLU A 23 -2.89 9.78 -14.64
CA GLU A 23 -4.33 10.00 -14.70
C GLU A 23 -4.95 9.84 -13.32
N ALA A 24 -4.51 8.80 -12.62
CA ALA A 24 -5.08 8.44 -11.33
C ALA A 24 -5.10 9.59 -10.34
N GLN A 25 -4.06 10.42 -10.35
CA GLN A 25 -3.95 11.48 -9.37
C GLN A 25 -4.95 12.61 -9.63
N THR A 26 -5.22 12.90 -10.90
CA THR A 26 -6.07 14.03 -11.24
C THR A 26 -7.56 13.67 -11.08
N ARG A 27 -7.89 12.41 -11.33
CA ARG A 27 -9.28 11.97 -11.26
C ARG A 27 -9.67 11.60 -9.84
N LEU A 28 -8.67 11.44 -8.99
CA LEU A 28 -8.92 11.17 -7.58
C LEU A 28 -8.36 12.29 -6.73
N GLN A 29 -8.35 13.51 -7.27
CA GLN A 29 -8.01 14.68 -6.47
C GLN A 29 -9.21 15.61 -6.31
N GLY A 30 -9.35 16.15 -5.11
CA GLY A 30 -10.32 17.19 -4.83
C GLY A 30 -11.73 16.71 -4.52
N GLN A 31 -12.28 15.80 -5.33
CA GLN A 31 -13.72 15.51 -5.21
C GLN A 31 -13.98 14.03 -5.17
N ARG A 32 -13.79 13.46 -3.98
CA ARG A 32 -13.92 12.02 -3.73
C ARG A 32 -13.89 11.78 -2.25
N HIS A 33 -14.63 10.79 -1.80
CA HIS A 33 -14.50 10.25 -0.47
C HIS A 33 -15.06 8.84 -0.46
N GLY A 34 -14.16 7.87 -0.42
CA GLY A 34 -14.57 6.48 -0.55
C GLY A 34 -14.47 6.00 -1.98
N MET A 35 -14.12 6.92 -2.89
CA MET A 35 -14.00 6.58 -4.30
C MET A 35 -12.62 6.03 -4.61
N PHE A 36 -12.59 4.98 -5.43
CA PHE A 36 -11.37 4.26 -5.70
C PHE A 36 -11.34 3.78 -7.14
N LEU A 37 -10.21 3.20 -7.54
CA LEU A 37 -10.08 2.57 -8.85
C LEU A 37 -8.91 1.59 -8.86
N VAL A 38 -9.08 0.48 -9.57
CA VAL A 38 -8.00 -0.46 -9.79
C VAL A 38 -7.56 -0.36 -11.25
N ARG A 39 -6.26 -0.33 -11.47
CA ARG A 39 -5.74 -0.11 -12.80
C ARG A 39 -4.55 -1.00 -13.10
N ASP A 40 -4.33 -1.26 -14.38
CA ASP A 40 -3.09 -1.88 -14.83
C ASP A 40 -1.94 -0.93 -14.56
N SER A 41 -1.01 -1.35 -13.73
CA SER A 41 0.09 -0.48 -13.35
C SER A 41 1.20 -0.55 -14.39
N SER A 42 2.17 0.34 -14.27
CA SER A 42 3.22 0.44 -15.25
C SER A 42 4.56 0.01 -14.65
N THR A 43 4.52 -0.52 -13.42
CA THR A 43 5.70 -1.04 -12.78
C THR A 43 6.17 -2.29 -13.53
N CYS A 44 5.25 -3.24 -13.70
CA CYS A 44 5.50 -4.44 -14.47
C CYS A 44 4.19 -5.19 -14.65
N PRO A 45 3.77 -5.43 -15.92
CA PRO A 45 2.52 -6.13 -16.24
C PRO A 45 2.25 -7.31 -15.33
N GLY A 46 1.32 -7.12 -14.40
CA GLY A 46 1.07 -8.09 -13.38
C GLY A 46 0.79 -7.44 -12.04
N ASP A 47 1.23 -6.19 -11.90
CA ASP A 47 0.94 -5.42 -10.70
C ASP A 47 -0.15 -4.39 -11.00
N TYR A 48 -0.99 -4.14 -10.02
CA TYR A 48 -2.12 -3.23 -10.18
C TYR A 48 -2.06 -2.18 -9.08
N VAL A 49 -2.72 -1.05 -9.26
CA VAL A 49 -2.73 -0.03 -8.23
C VAL A 49 -4.15 0.41 -7.90
N LEU A 50 -4.63 -0.08 -6.76
CA LEU A 50 -5.91 0.32 -6.20
C LEU A 50 -5.74 1.65 -5.49
N SER A 51 -6.11 2.72 -6.17
CA SER A 51 -5.98 4.05 -5.60
C SER A 51 -7.30 4.48 -4.99
N VAL A 52 -7.27 4.76 -3.70
CA VAL A 52 -8.47 5.10 -2.95
C VAL A 52 -8.35 6.53 -2.41
N SER A 53 -9.41 7.31 -2.56
CA SER A 53 -9.40 8.68 -2.13
C SER A 53 -10.17 8.88 -0.82
N GLU A 54 -9.43 9.18 0.23
CA GLU A 54 -10.00 9.53 1.51
C GLU A 54 -9.06 10.48 2.22
N ASN A 55 -9.61 11.32 3.10
CA ASN A 55 -8.86 12.42 3.71
C ASN A 55 -8.26 13.33 2.64
N SER A 56 -8.94 13.38 1.48
CA SER A 56 -8.50 14.20 0.35
C SER A 56 -7.10 13.75 -0.14
N ARG A 57 -6.79 12.48 0.06
CA ARG A 57 -5.52 11.92 -0.36
C ARG A 57 -5.78 10.72 -1.26
N VAL A 58 -4.80 10.36 -2.07
CA VAL A 58 -4.95 9.21 -2.95
C VAL A 58 -4.02 8.08 -2.49
N SER A 59 -4.57 7.17 -1.70
CA SER A 59 -3.80 6.07 -1.17
C SER A 59 -3.69 4.97 -2.23
N HIS A 60 -2.47 4.67 -2.64
CA HIS A 60 -2.23 3.74 -3.73
C HIS A 60 -1.84 2.34 -3.22
N TYR A 61 -2.80 1.42 -3.19
CA TYR A 61 -2.55 0.05 -2.71
C TYR A 61 -2.31 -0.90 -3.88
N ILE A 62 -1.10 -1.43 -3.96
CA ILE A 62 -0.72 -2.27 -5.09
C ILE A 62 -1.18 -3.73 -4.91
N ILE A 63 -1.80 -4.27 -5.96
CA ILE A 63 -2.21 -5.67 -6.03
C ILE A 63 -1.16 -6.45 -6.82
N ASN A 64 -0.58 -7.48 -6.19
CA ASN A 64 0.57 -8.16 -6.75
C ASN A 64 0.19 -9.56 -7.17
N SER A 65 0.59 -9.93 -8.38
CA SER A 65 0.28 -11.24 -8.91
C SER A 65 1.20 -12.29 -8.31
N LEU A 66 0.62 -13.15 -7.46
CA LEU A 66 1.35 -14.28 -6.92
C LEU A 66 1.43 -15.37 -7.96
N PRO A 67 2.22 -16.44 -7.71
CA PRO A 67 2.34 -17.59 -8.63
C PRO A 67 1.01 -18.35 -8.86
N ASN A 68 -0.02 -17.64 -9.32
CA ASN A 68 -1.21 -18.23 -9.95
C ASN A 68 -2.18 -18.79 -8.92
N ARG A 69 -1.88 -18.57 -7.66
CA ARG A 69 -2.74 -19.07 -6.58
C ARG A 69 -3.68 -17.98 -6.08
N ARG A 70 -3.12 -16.82 -5.76
CA ARG A 70 -3.93 -15.69 -5.31
C ARG A 70 -3.19 -14.37 -5.56
N PHE A 71 -3.73 -13.28 -5.05
CA PHE A 71 -3.10 -11.97 -5.17
C PHE A 71 -2.57 -11.50 -3.81
N LYS A 72 -1.59 -10.60 -3.83
CA LYS A 72 -1.01 -10.08 -2.60
C LYS A 72 -1.01 -8.55 -2.61
N ILE A 73 -2.02 -7.94 -2.00
CA ILE A 73 -2.07 -6.48 -1.93
C ILE A 73 -1.52 -6.00 -0.59
N GLY A 74 -0.24 -5.69 -0.59
CA GLY A 74 0.41 -5.20 0.62
C GLY A 74 0.54 -6.29 1.67
N ASP A 75 1.20 -7.38 1.29
CA ASP A 75 1.47 -8.52 2.20
C ASP A 75 0.22 -9.38 2.40
N GLN A 76 -0.90 -8.74 2.73
CA GLN A 76 -2.16 -9.46 2.91
C GLN A 76 -2.56 -10.14 1.61
N GLU A 77 -2.75 -11.45 1.66
CA GLU A 77 -3.07 -12.20 0.47
C GLU A 77 -4.53 -12.65 0.46
N PHE A 78 -5.18 -12.39 -0.65
CA PHE A 78 -6.55 -12.78 -0.87
C PHE A 78 -6.61 -13.52 -2.20
N ASP A 79 -7.54 -14.46 -2.34
CA ASP A 79 -7.54 -15.37 -3.48
C ASP A 79 -7.72 -14.65 -4.83
N HIS A 80 -8.35 -13.49 -4.80
CA HIS A 80 -8.59 -12.74 -6.02
C HIS A 80 -8.92 -11.28 -5.71
N LEU A 81 -9.01 -10.47 -6.77
CA LEU A 81 -9.32 -9.04 -6.62
C LEU A 81 -10.63 -8.81 -5.86
N PRO A 82 -11.75 -9.45 -6.26
CA PRO A 82 -13.04 -9.33 -5.56
C PRO A 82 -12.99 -9.74 -4.07
N ALA A 83 -11.90 -10.35 -3.65
CA ALA A 83 -11.77 -10.83 -2.28
C ALA A 83 -11.15 -9.77 -1.38
N LEU A 84 -10.21 -9.00 -1.91
CA LEU A 84 -9.52 -8.00 -1.10
C LEU A 84 -10.40 -6.78 -0.89
N LEU A 85 -11.30 -6.56 -1.83
CA LEU A 85 -12.20 -5.42 -1.78
C LEU A 85 -13.24 -5.59 -0.66
N GLU A 86 -13.38 -6.82 -0.17
CA GLU A 86 -14.29 -7.08 0.93
C GLU A 86 -13.61 -6.84 2.28
N PHE A 87 -12.33 -7.18 2.36
CA PHE A 87 -11.56 -6.97 3.59
C PHE A 87 -11.45 -5.48 3.91
N TYR A 88 -11.29 -4.68 2.87
CA TYR A 88 -11.14 -3.24 3.06
C TYR A 88 -12.49 -2.56 3.25
N LYS A 89 -13.56 -3.34 3.19
CA LYS A 89 -14.90 -2.85 3.50
C LYS A 89 -15.07 -2.71 5.03
N ILE A 90 -14.30 -3.47 5.81
CA ILE A 90 -14.39 -3.35 7.27
C ILE A 90 -13.10 -2.84 7.88
N HIS A 91 -12.04 -2.83 7.08
CA HIS A 91 -10.73 -2.39 7.54
C HIS A 91 -10.69 -0.88 7.73
N TYR A 92 -11.30 -0.17 6.79
CA TYR A 92 -11.14 1.27 6.65
C TYR A 92 -9.76 1.58 6.10
N LEU A 93 -9.71 2.02 4.84
CA LEU A 93 -8.46 2.40 4.21
C LEU A 93 -8.08 3.82 4.61
N ASP A 94 -8.77 4.31 5.64
CA ASP A 94 -8.61 5.66 6.15
C ASP A 94 -9.71 5.88 7.19
N THR A 95 -10.31 7.07 7.24
CA THR A 95 -11.45 7.29 8.10
C THR A 95 -12.71 6.68 7.47
N THR A 96 -12.56 6.21 6.24
CA THR A 96 -13.64 5.60 5.49
C THR A 96 -13.14 4.34 4.79
N THR A 97 -14.05 3.45 4.44
CA THR A 97 -13.70 2.23 3.74
C THR A 97 -13.91 2.42 2.25
N LEU A 98 -13.85 1.32 1.51
CA LEU A 98 -14.29 1.33 0.13
C LEU A 98 -15.80 1.53 0.11
N ILE A 99 -16.26 2.53 -0.62
CA ILE A 99 -17.67 2.84 -0.66
C ILE A 99 -18.24 2.62 -2.05
N GLU A 100 -17.81 3.48 -2.98
CA GLU A 100 -18.22 3.40 -4.38
C GLU A 100 -17.04 3.81 -5.26
N PRO A 101 -16.95 3.25 -6.48
CA PRO A 101 -15.83 3.52 -7.40
C PRO A 101 -15.89 4.90 -8.05
N ALA A 102 -14.75 5.32 -8.60
CA ALA A 102 -14.63 6.62 -9.26
C ALA A 102 -15.21 6.58 -10.68
N PRO A 103 -15.32 7.76 -11.34
CA PRO A 103 -15.84 7.87 -12.73
C PRO A 103 -15.09 7.02 -13.76
N ARG A 104 -15.56 7.06 -15.00
CA ARG A 104 -14.97 6.28 -16.09
C ARG A 104 -14.03 7.15 -16.93
N TYR A 105 -13.08 6.51 -17.62
CA TYR A 105 -12.15 7.25 -18.48
C TYR A 105 -11.52 6.32 -19.55
N PRO A 106 -10.63 5.37 -19.16
CA PRO A 106 -9.96 4.48 -20.12
C PRO A 106 -10.71 3.15 -20.29
N SER A 107 -10.39 2.18 -19.45
CA SER A 107 -11.11 0.92 -19.43
C SER A 107 -12.45 1.16 -18.72
N PRO A 108 -13.52 0.53 -19.21
CA PRO A 108 -14.89 0.79 -18.72
C PRO A 108 -15.15 0.30 -17.29
N PRO A 109 -15.28 1.24 -16.34
CA PRO A 109 -15.73 0.97 -14.99
C PRO A 109 -17.19 1.40 -14.80
N MET A 110 -17.54 1.80 -13.57
CA MET A 110 -18.90 2.19 -13.24
C MET A 110 -19.36 3.35 -14.13
N GLY A 111 -18.64 4.46 -14.06
CA GLY A 111 -18.91 5.57 -14.95
C GLY A 111 -19.92 6.56 -14.43
N SER A 112 -19.47 7.45 -13.55
CA SER A 112 -20.31 8.54 -13.07
C SER A 112 -19.72 9.87 -13.55
N VAL A 113 -20.56 10.87 -13.78
CA VAL A 113 -20.09 12.17 -14.22
C VAL A 113 -19.62 12.99 -13.02
N SER A 114 -20.32 12.87 -11.91
CA SER A 114 -19.98 13.60 -10.70
C SER A 114 -20.39 12.81 -9.46
N ALA A 115 -19.77 13.14 -8.33
CA ALA A 115 -20.03 12.43 -7.09
C ALA A 115 -20.60 13.39 -6.04
N PRO A 116 -21.61 12.94 -5.28
CA PRO A 116 -22.27 13.74 -4.24
C PRO A 116 -21.37 14.01 -3.03
N ASN A 117 -20.35 13.19 -2.86
CA ASN A 117 -19.48 13.29 -1.69
C ASN A 117 -18.41 14.36 -1.88
N LEU A 118 -18.74 15.60 -1.53
CA LEU A 118 -17.77 16.67 -1.47
C LEU A 118 -17.01 16.57 -0.14
N PRO A 119 -15.69 16.37 -0.19
CA PRO A 119 -14.88 16.17 1.02
C PRO A 119 -14.61 17.47 1.78
N THR A 120 -13.86 17.35 2.87
CA THR A 120 -13.49 18.50 3.68
C THR A 120 -12.08 18.31 4.25
N ALA A 121 -11.29 19.38 4.21
CA ALA A 121 -9.95 19.41 4.78
C ALA A 121 -8.97 18.49 4.03
N GLU A 122 -7.69 18.66 4.32
CA GLU A 122 -6.64 17.83 3.77
C GLU A 122 -5.46 17.79 4.73
N ASP A 123 -4.45 17.02 4.40
CA ASP A 123 -3.26 16.91 5.26
C ASP A 123 -2.09 16.42 4.41
N ASN A 124 -0.92 16.33 5.02
CA ASN A 124 0.25 15.81 4.33
C ASN A 124 0.43 14.34 4.64
N LEU A 125 1.29 14.04 5.63
CA LEU A 125 1.48 12.67 6.14
C LEU A 125 2.04 11.73 5.09
N GLU A 126 3.16 11.12 5.43
CA GLU A 126 3.88 10.25 4.51
C GLU A 126 4.93 9.49 5.31
N TYR A 127 5.99 10.17 5.68
CA TYR A 127 7.06 9.55 6.45
C TYR A 127 7.05 10.01 7.90
N VAL A 128 6.68 9.10 8.78
CA VAL A 128 6.60 9.37 10.21
C VAL A 128 7.39 8.32 10.98
N ARG A 129 8.24 8.76 11.90
CA ARG A 129 9.05 7.81 12.66
C ARG A 129 8.63 7.80 14.12
N THR A 130 8.71 6.62 14.72
CA THR A 130 8.24 6.44 16.07
C THR A 130 9.37 6.62 17.08
N LEU A 131 9.12 7.46 18.07
CA LEU A 131 10.13 7.78 19.07
C LEU A 131 9.84 7.05 20.38
N TYR A 132 8.57 6.85 20.67
CA TYR A 132 8.17 6.33 21.99
C TYR A 132 8.20 4.81 22.05
N ASP A 133 7.83 4.14 20.96
CA ASP A 133 7.71 2.67 20.92
C ASP A 133 6.38 2.21 21.54
N PHE A 134 5.66 1.37 20.82
CA PHE A 134 4.38 0.86 21.26
C PHE A 134 4.15 -0.51 20.64
N PRO A 135 4.38 -1.57 21.41
CA PRO A 135 4.28 -2.93 20.92
C PRO A 135 2.88 -3.51 21.06
N GLY A 136 1.92 -2.95 20.34
CA GLY A 136 0.56 -3.44 20.40
C GLY A 136 0.44 -4.83 19.78
N ASN A 137 1.31 -5.09 18.81
CA ASN A 137 1.39 -6.37 18.09
C ASN A 137 0.03 -6.85 17.56
N ASP A 138 -0.44 -6.18 16.51
CA ASP A 138 -1.64 -6.63 15.80
C ASP A 138 -1.80 -5.79 14.53
N ALA A 139 -2.88 -6.02 13.80
CA ALA A 139 -3.20 -5.22 12.62
C ALA A 139 -4.01 -4.00 13.05
N GLU A 140 -4.43 -4.01 14.30
CA GLU A 140 -5.13 -2.89 14.87
C GLU A 140 -4.14 -1.99 15.59
N ASP A 141 -3.11 -2.60 16.15
CA ASP A 141 -2.06 -1.87 16.87
C ASP A 141 -0.71 -2.18 16.25
N LEU A 142 -0.15 -1.26 15.48
CA LEU A 142 1.14 -1.49 14.83
C LEU A 142 2.25 -1.44 15.88
N PRO A 143 2.99 -2.56 16.05
CA PRO A 143 4.09 -2.62 16.99
C PRO A 143 5.34 -1.92 16.44
N PHE A 144 5.68 -0.80 17.04
CA PHE A 144 6.83 -0.03 16.61
C PHE A 144 7.79 0.21 17.77
N LYS A 145 9.01 0.60 17.47
CA LYS A 145 10.03 0.73 18.51
C LYS A 145 10.59 2.14 18.55
N LYS A 146 11.67 2.32 19.29
CA LYS A 146 12.29 3.63 19.44
C LYS A 146 13.16 3.94 18.22
N GLY A 147 12.52 4.10 17.07
CA GLY A 147 13.24 4.43 15.86
C GLY A 147 12.78 3.63 14.65
N GLU A 148 11.47 3.47 14.49
CA GLU A 148 10.92 2.83 13.31
C GLU A 148 10.44 3.86 12.31
N ILE A 149 10.60 3.57 11.04
CA ILE A 149 10.08 4.45 10.01
C ILE A 149 8.75 3.91 9.53
N LEU A 150 7.72 4.74 9.61
CA LEU A 150 6.39 4.33 9.23
C LEU A 150 5.92 5.22 8.11
N VAL A 151 4.97 4.73 7.37
CA VAL A 151 4.33 5.53 6.35
C VAL A 151 2.87 5.66 6.70
N ILE A 152 2.38 6.88 6.76
CA ILE A 152 1.01 7.11 7.15
C ILE A 152 0.10 6.74 6.01
N ILE A 153 -0.25 5.47 5.99
CA ILE A 153 -0.94 4.85 4.88
C ILE A 153 -2.44 5.11 4.98
N GLU A 154 -2.97 5.09 6.20
CA GLU A 154 -4.39 5.35 6.43
C GLU A 154 -4.53 6.30 7.62
N LYS A 155 -5.49 7.20 7.59
CA LYS A 155 -5.71 8.08 8.73
C LYS A 155 -7.19 8.14 9.12
N PRO A 156 -7.63 7.25 10.02
CA PRO A 156 -8.99 7.24 10.52
C PRO A 156 -9.25 8.38 11.49
N GLU A 157 -8.40 8.49 12.51
CA GLU A 157 -8.58 9.49 13.55
C GLU A 157 -7.46 10.51 13.55
N GLU A 158 -7.50 11.45 14.47
CA GLU A 158 -6.48 12.47 14.56
C GLU A 158 -5.50 12.17 15.71
N GLN A 159 -5.97 11.42 16.70
CA GLN A 159 -5.11 10.99 17.79
C GLN A 159 -4.38 9.71 17.42
N TRP A 160 -5.00 8.92 16.56
CA TRP A 160 -4.44 7.65 16.12
C TRP A 160 -4.43 7.57 14.60
N TRP A 161 -3.25 7.32 14.05
CA TRP A 161 -3.08 7.19 12.61
C TRP A 161 -2.74 5.74 12.28
N SER A 162 -3.17 5.28 11.11
CA SER A 162 -2.81 3.93 10.68
C SER A 162 -1.59 4.01 9.78
N ALA A 163 -0.42 3.69 10.32
CA ALA A 163 0.81 3.74 9.56
C ALA A 163 1.32 2.35 9.28
N ARG A 164 2.07 2.21 8.20
CA ARG A 164 2.67 0.93 7.87
C ARG A 164 4.09 0.88 8.39
N ASN A 165 4.43 -0.21 9.03
CA ASN A 165 5.75 -0.39 9.60
C ASN A 165 6.77 -0.68 8.51
N LYS A 166 8.01 -0.91 8.92
CA LYS A 166 9.07 -1.31 8.02
C LYS A 166 8.73 -2.65 7.37
N ASP A 167 7.92 -3.44 8.07
CA ASP A 167 7.46 -4.72 7.53
C ASP A 167 6.15 -4.53 6.78
N GLY A 168 5.72 -3.28 6.67
CA GLY A 168 4.57 -2.95 5.85
C GLY A 168 3.25 -3.10 6.57
N ARG A 169 3.32 -3.54 7.81
CA ARG A 169 2.12 -3.79 8.60
C ARG A 169 1.35 -2.52 8.84
N VAL A 170 0.07 -2.55 8.56
CA VAL A 170 -0.76 -1.40 8.80
C VAL A 170 -1.51 -1.56 10.10
N GLY A 171 -1.16 -0.74 11.07
CA GLY A 171 -1.86 -0.73 12.33
C GLY A 171 -2.00 0.68 12.85
N MET A 172 -2.85 0.88 13.83
CA MET A 172 -3.06 2.20 14.38
C MET A 172 -1.94 2.54 15.36
N ILE A 173 -1.48 3.77 15.29
CA ILE A 173 -0.38 4.25 16.11
C ILE A 173 -0.73 5.62 16.70
N PRO A 174 -0.26 5.90 17.93
CA PRO A 174 -0.54 7.16 18.61
C PRO A 174 0.33 8.31 18.08
N VAL A 175 -0.30 9.43 17.79
CA VAL A 175 0.40 10.61 17.27
C VAL A 175 1.45 11.17 18.25
N PRO A 176 1.16 11.28 19.57
CA PRO A 176 2.15 11.74 20.55
C PRO A 176 3.38 10.81 20.62
N TYR A 177 3.28 9.64 20.02
CA TYR A 177 4.37 8.66 20.02
C TYR A 177 5.28 8.83 18.82
N VAL A 178 4.85 9.62 17.85
CA VAL A 178 5.54 9.69 16.56
C VAL A 178 5.91 11.12 16.16
N GLU A 179 6.83 11.24 15.23
CA GLU A 179 7.24 12.52 14.67
C GLU A 179 7.31 12.47 13.16
N LYS A 180 6.77 13.49 12.50
CA LYS A 180 6.75 13.54 11.05
C LYS A 180 8.07 14.05 10.50
N LEU A 181 8.46 13.57 9.32
CA LEU A 181 9.61 14.11 8.62
C LEU A 181 9.23 15.44 7.99
N VAL A 182 7.97 15.54 7.59
CA VAL A 182 7.40 16.80 7.13
C VAL A 182 6.89 17.58 8.34
N ARG A 183 7.85 18.05 9.13
CA ARG A 183 7.56 18.76 10.38
C ARG A 183 8.88 19.22 11.01
N SER A 184 9.86 19.52 10.16
CA SER A 184 11.19 19.88 10.63
C SER A 184 11.15 21.19 11.40
N SER A 185 11.18 21.09 12.71
CA SER A 185 11.07 22.26 13.57
C SER A 185 11.69 21.98 14.94
N PRO A 186 12.00 23.03 15.71
CA PRO A 186 12.58 22.89 17.06
C PRO A 186 11.61 22.26 18.06
N HIS A 187 11.86 21.01 18.40
CA HIS A 187 11.08 20.30 19.41
C HIS A 187 11.88 20.23 20.69
N GLY A 188 12.87 19.35 20.70
CA GLY A 188 13.82 19.26 21.80
C GLY A 188 15.23 19.48 21.30
N LYS A 189 15.40 20.58 20.56
CA LYS A 189 16.65 20.90 19.87
C LYS A 189 16.90 19.90 18.74
N HIS A 190 16.54 20.32 17.54
CA HIS A 190 16.71 19.48 16.36
C HIS A 190 18.06 19.79 15.70
N GLY A 191 18.85 20.62 16.38
CA GLY A 191 20.13 21.05 15.86
C GLY A 191 21.11 19.90 15.64
N ASN A 192 20.92 18.80 16.36
CA ASN A 192 21.76 17.62 16.18
C ASN A 192 21.39 16.89 14.89
N ARG A 193 20.27 17.31 14.31
CA ARG A 193 19.77 16.79 13.03
C ARG A 193 19.39 15.33 13.13
N ASN A 194 20.34 14.45 12.80
CA ASN A 194 20.12 13.00 12.79
C ASN A 194 18.95 12.62 11.88
N SER A 195 18.72 13.43 10.85
CA SER A 195 17.66 13.16 9.90
C SER A 195 18.06 12.00 9.00
N ASN A 196 19.35 11.87 8.77
CA ASN A 196 19.89 10.76 7.99
C ASN A 196 19.79 9.46 8.77
N SER A 197 20.11 9.56 10.06
CA SER A 197 20.10 8.44 11.00
C SER A 197 20.89 7.24 10.46
N TYR A 198 20.19 6.30 9.83
CA TYR A 198 20.81 5.11 9.28
C TYR A 198 19.99 4.59 8.12
N GLY A 199 20.62 4.45 6.97
CA GLY A 199 19.94 3.94 5.79
C GLY A 199 20.64 4.32 4.51
N ILE A 200 20.26 3.67 3.42
CA ILE A 200 20.83 3.95 2.12
C ILE A 200 20.00 4.99 1.39
N PRO A 201 20.66 5.94 0.69
CA PRO A 201 19.98 6.99 -0.05
C PRO A 201 19.35 6.49 -1.34
N GLU A 202 18.14 5.97 -1.23
CA GLU A 202 17.38 5.52 -2.38
C GLU A 202 16.00 6.16 -2.37
N PRO A 203 15.83 7.26 -3.10
CA PRO A 203 14.55 7.98 -3.17
C PRO A 203 13.59 7.34 -4.16
N ALA A 204 12.91 6.30 -3.73
CA ALA A 204 11.96 5.61 -4.58
C ALA A 204 10.52 5.99 -4.21
N HIS A 205 9.61 5.81 -5.15
CA HIS A 205 8.21 6.06 -4.89
C HIS A 205 7.54 4.78 -4.43
N ALA A 206 7.45 4.60 -3.13
CA ALA A 206 7.03 3.33 -2.55
C ALA A 206 5.51 3.18 -2.52
N ALA A 208 1.53 3.71 -1.55
CA ALA A 208 0.92 3.50 -0.25
C ALA A 208 0.92 2.02 0.06
N GLN A 209 1.49 1.27 -0.87
CA GLN A 209 1.61 -0.18 -0.77
C GLN A 209 2.27 -0.58 0.55
N PRO A 210 1.57 -1.38 1.36
CA PRO A 210 2.15 -1.97 2.56
C PRO A 210 3.43 -2.76 2.22
N GLN A 211 4.58 -2.15 2.46
CA GLN A 211 5.87 -2.71 2.05
C GLN A 211 6.24 -3.92 2.88
N THR A 212 5.87 -5.10 2.39
CA THR A 212 6.15 -6.36 3.07
C THR A 212 7.62 -6.47 3.49
N THR A 213 8.51 -6.14 2.55
CA THR A 213 9.95 -6.22 2.78
C THR A 213 10.35 -7.63 3.20
N THR A 214 10.38 -8.53 2.22
CA THR A 214 10.69 -9.93 2.48
C THR A 214 12.13 -10.09 2.99
N PRO A 215 12.28 -10.50 4.27
CA PRO A 215 13.58 -10.64 4.92
C PRO A 215 14.24 -11.98 4.59
N LEU A 216 14.05 -12.44 3.36
CA LEU A 216 14.56 -13.73 2.88
C LEU A 216 13.91 -14.88 3.66
N PRO A 217 12.98 -15.59 3.00
CA PRO A 217 12.29 -16.73 3.61
C PRO A 217 13.20 -17.95 3.75
N ALA A 218 13.56 -18.27 4.98
CA ALA A 218 14.39 -19.44 5.26
C ALA A 218 13.55 -20.70 5.23
N VAL A 219 12.32 -20.59 5.69
CA VAL A 219 11.39 -21.71 5.67
C VAL A 219 10.19 -21.35 4.81
N SER A 220 10.27 -21.71 3.54
CA SER A 220 9.17 -21.48 2.60
C SER A 220 8.85 -22.77 1.88
N GLY A 221 7.91 -23.52 2.43
CA GLY A 221 7.54 -24.80 1.87
C GLY A 221 6.05 -24.95 1.69
N SER A 222 5.67 -25.64 0.62
CA SER A 222 4.28 -25.89 0.31
C SER A 222 3.65 -26.82 1.35
N PRO A 223 2.40 -26.52 1.77
CA PRO A 223 1.70 -27.35 2.76
C PRO A 223 1.39 -28.75 2.23
N GLY A 224 2.11 -29.73 2.72
CA GLY A 224 1.91 -31.10 2.28
C GLY A 224 0.91 -31.83 3.15
N ALA A 225 -0.17 -32.29 2.52
CA ALA A 225 -1.21 -33.09 3.18
C ALA A 225 -2.09 -32.26 4.11
N ALA A 226 -1.47 -31.39 4.90
CA ALA A 226 -2.18 -30.56 5.87
C ALA A 226 -2.91 -31.43 6.89
N ILE A 227 -2.23 -32.48 7.35
CA ILE A 227 -2.81 -33.41 8.32
C ILE A 227 -2.73 -32.86 9.74
N THR A 228 -2.06 -31.73 9.88
CA THR A 228 -1.92 -31.08 11.17
C THR A 228 -3.23 -30.36 11.55
N PRO A 229 -3.72 -30.60 12.78
CA PRO A 229 -5.00 -30.01 13.25
C PRO A 229 -5.05 -28.49 13.08
N LEU A 230 -3.95 -27.81 13.37
CA LEU A 230 -3.88 -26.37 13.21
C LEU A 230 -2.77 -25.99 12.23
N PRO A 231 -3.10 -25.93 10.93
CA PRO A 231 -2.16 -25.57 9.88
C PRO A 231 -2.23 -24.09 9.52
N SER A 232 -2.94 -23.33 10.33
CA SER A 232 -3.11 -21.90 10.12
C SER A 232 -2.65 -21.12 11.35
N THR A 233 -2.55 -19.81 11.21
CA THR A 233 -2.12 -18.98 12.33
C THR A 233 -3.31 -18.57 13.19
N GLN A 234 -3.02 -18.23 14.45
CA GLN A 234 -4.06 -17.78 15.36
C GLN A 234 -4.64 -16.44 14.92
N ASN A 235 -5.78 -16.50 14.24
CA ASN A 235 -6.47 -15.28 13.81
C ASN A 235 -7.59 -14.94 14.78
N GLY A 236 -8.21 -15.97 15.34
CA GLY A 236 -9.30 -15.76 16.26
C GLY A 236 -9.73 -17.05 16.93
N PRO A 237 -11.04 -17.31 17.02
CA PRO A 237 -11.56 -18.55 17.61
C PRO A 237 -11.39 -19.74 16.68
N VAL A 238 -11.45 -20.95 17.23
CA VAL A 238 -11.31 -22.15 16.45
C VAL A 238 -12.69 -22.75 16.15
N PHE A 239 -12.84 -23.34 14.98
CA PHE A 239 -14.12 -23.86 14.55
C PHE A 239 -14.08 -25.37 14.41
N ALA A 240 -14.87 -26.04 15.24
CA ALA A 240 -15.00 -27.48 15.17
C ALA A 240 -16.45 -27.88 15.32
N LYS A 241 -16.97 -28.67 14.40
CA LYS A 241 -18.34 -29.12 14.53
C LYS A 241 -18.39 -30.46 15.25
N ALA A 242 -19.38 -30.60 16.10
CA ALA A 242 -19.53 -31.83 16.89
C ALA A 242 -20.00 -32.98 16.01
N ILE A 243 -19.12 -33.95 15.79
CA ILE A 243 -19.42 -35.08 14.93
C ILE A 243 -20.48 -35.98 15.56
N GLN A 244 -20.46 -36.06 16.89
CA GLN A 244 -21.45 -36.84 17.62
C GLN A 244 -22.23 -35.91 18.54
N LYS A 245 -23.33 -36.40 19.08
CA LYS A 245 -24.15 -35.56 19.95
C LYS A 245 -23.80 -35.79 21.41
N ARG A 246 -23.91 -34.73 22.19
CA ARG A 246 -23.74 -34.79 23.62
C ARG A 246 -24.93 -34.13 24.30
N VAL A 247 -25.74 -34.92 24.96
CA VAL A 247 -26.89 -34.39 25.67
C VAL A 247 -26.45 -33.89 27.04
N PRO A 248 -27.34 -33.23 27.80
CA PRO A 248 -27.02 -32.75 29.16
C PRO A 248 -26.84 -33.89 30.18
N CYS A 249 -25.97 -34.83 29.84
CA CYS A 249 -25.65 -35.94 30.72
C CYS A 249 -24.32 -35.64 31.43
N ALA A 250 -23.54 -36.68 31.70
CA ALA A 250 -22.27 -36.53 32.44
C ALA A 250 -22.53 -35.96 33.83
N TYR A 251 -23.80 -36.08 34.25
CA TYR A 251 -24.25 -35.62 35.55
C TYR A 251 -24.05 -34.12 35.70
N ASP A 252 -24.15 -33.43 34.57
CA ASP A 252 -24.22 -31.97 34.51
C ASP A 252 -22.92 -31.31 34.90
N LYS A 253 -21.83 -32.08 34.94
CA LYS A 253 -20.54 -31.52 35.29
C LYS A 253 -19.90 -30.84 34.10
N THR A 254 -20.20 -29.54 33.95
CA THR A 254 -19.66 -28.70 32.87
C THR A 254 -19.84 -29.33 31.49
N ALA A 255 -20.91 -30.08 31.33
CA ALA A 255 -21.19 -30.77 30.09
C ALA A 255 -21.91 -29.85 29.11
N LEU A 256 -21.23 -29.51 28.03
CA LEU A 256 -21.81 -28.66 27.00
C LEU A 256 -22.54 -29.53 25.98
N ALA A 257 -23.85 -29.34 25.87
CA ALA A 257 -24.65 -30.10 24.92
C ALA A 257 -24.28 -29.69 23.50
N LEU A 258 -23.83 -30.66 22.72
CA LEU A 258 -23.37 -30.40 21.36
C LEU A 258 -24.06 -31.33 20.38
N GLU A 259 -24.84 -30.75 19.49
CA GLU A 259 -25.64 -31.54 18.58
C GLU A 259 -24.85 -31.93 17.33
N VAL A 260 -25.30 -32.97 16.66
CA VAL A 260 -24.63 -33.48 15.46
C VAL A 260 -24.60 -32.44 14.34
N GLY A 261 -23.41 -31.94 14.05
CA GLY A 261 -23.26 -30.98 12.97
C GLY A 261 -23.21 -29.55 13.45
N ASP A 262 -23.34 -29.34 14.76
CA ASP A 262 -23.37 -28.00 15.32
C ASP A 262 -21.94 -27.45 15.44
N ILE A 263 -21.78 -26.18 15.10
CA ILE A 263 -20.47 -25.54 15.10
C ILE A 263 -20.09 -25.05 16.49
N VAL A 264 -19.03 -25.62 17.03
CA VAL A 264 -18.53 -25.23 18.34
C VAL A 264 -17.52 -24.10 18.20
N LYS A 265 -17.87 -22.93 18.73
CA LYS A 265 -16.94 -21.80 18.75
C LYS A 265 -16.07 -21.88 19.99
N VAL A 266 -14.95 -22.56 19.88
CA VAL A 266 -14.06 -22.72 21.02
C VAL A 266 -13.00 -21.62 21.03
N THR A 267 -13.04 -20.81 22.08
CA THR A 267 -12.11 -19.70 22.24
C THR A 267 -11.03 -20.03 23.28
N ARG A 268 -11.32 -20.97 24.17
CA ARG A 268 -10.38 -21.37 25.19
C ARG A 268 -10.12 -22.87 25.11
N MET A 269 -8.86 -23.24 25.01
CA MET A 269 -8.47 -24.64 24.98
C MET A 269 -7.49 -24.97 26.09
N ASN A 270 -7.81 -25.99 26.88
CA ASN A 270 -6.87 -26.48 27.87
C ASN A 270 -6.02 -27.59 27.27
N ILE A 271 -4.74 -27.60 27.58
CA ILE A 271 -3.80 -28.51 26.95
C ILE A 271 -4.01 -29.95 27.41
N ASN A 272 -4.88 -30.14 28.39
CA ASN A 272 -5.26 -31.47 28.83
C ASN A 272 -6.11 -32.17 27.77
N GLY A 273 -6.86 -31.39 27.00
CA GLY A 273 -7.77 -31.96 26.03
C GLY A 273 -9.20 -31.56 26.31
N GLN A 274 -9.38 -30.88 27.43
CA GLN A 274 -10.70 -30.36 27.80
C GLN A 274 -10.80 -28.91 27.32
N TRP A 275 -11.69 -28.65 26.40
CA TRP A 275 -11.84 -27.30 25.87
C TRP A 275 -13.16 -26.70 26.33
N GLU A 276 -13.19 -25.40 26.57
CA GLU A 276 -14.42 -24.73 26.91
C GLU A 276 -14.84 -23.77 25.79
N GLY A 277 -15.97 -24.07 25.17
CA GLY A 277 -16.44 -23.26 24.07
C GLY A 277 -17.78 -22.63 24.38
N GLU A 278 -18.14 -21.63 23.59
CA GLU A 278 -19.40 -20.94 23.74
C GLU A 278 -20.40 -21.43 22.70
N VAL A 279 -21.43 -22.14 23.13
CA VAL A 279 -22.45 -22.62 22.22
C VAL A 279 -23.82 -22.12 22.66
N ASN A 280 -24.43 -21.32 21.78
CA ASN A 280 -25.72 -20.66 22.07
C ASN A 280 -25.56 -19.66 23.21
N GLY A 281 -25.58 -20.17 24.43
CA GLY A 281 -25.36 -19.32 25.58
C GLY A 281 -24.66 -20.06 26.71
N ARG A 282 -24.29 -21.31 26.47
CA ARG A 282 -23.66 -22.12 27.50
C ARG A 282 -22.18 -22.34 27.20
N LYS A 283 -21.39 -22.37 28.25
CA LYS A 283 -19.97 -22.67 28.14
C LYS A 283 -19.63 -23.91 28.95
N GLY A 284 -19.09 -24.91 28.28
CA GLY A 284 -18.80 -26.16 28.94
C GLY A 284 -17.55 -26.81 28.42
N LEU A 285 -17.08 -27.84 29.12
CA LEU A 285 -15.87 -28.55 28.75
C LEU A 285 -16.22 -29.75 27.88
N PHE A 286 -15.78 -29.70 26.65
CA PHE A 286 -16.00 -30.79 25.71
C PHE A 286 -14.65 -31.40 25.31
N PRO A 287 -14.59 -32.73 25.15
CA PRO A 287 -13.36 -33.40 24.72
C PRO A 287 -13.11 -33.27 23.22
N PHE A 288 -11.84 -33.26 22.84
CA PHE A 288 -11.45 -33.15 21.44
C PHE A 288 -11.90 -34.37 20.64
N THR A 289 -12.25 -35.44 21.35
CA THR A 289 -12.71 -36.67 20.72
C THR A 289 -14.18 -36.57 20.31
N HIS A 290 -14.83 -35.47 20.70
CA HIS A 290 -16.24 -35.28 20.40
C HIS A 290 -16.41 -34.43 19.15
N VAL A 291 -15.36 -33.72 18.78
CA VAL A 291 -15.40 -32.80 17.65
C VAL A 291 -14.26 -33.08 16.69
N LYS A 292 -14.29 -32.44 15.53
CA LYS A 292 -13.18 -32.54 14.61
C LYS A 292 -12.79 -31.15 14.13
N ILE A 293 -11.52 -30.81 14.28
CA ILE A 293 -11.02 -29.54 13.79
C ILE A 293 -10.99 -29.55 12.27
N PHE A 294 -11.53 -28.52 11.65
CA PHE A 294 -11.54 -28.42 10.21
C PHE A 294 -11.10 -27.04 9.78
N ASP A 295 -10.69 -26.91 8.53
CA ASP A 295 -10.29 -25.62 7.96
C ASP A 295 -11.52 -24.71 7.87
N PRO A 296 -11.54 -23.61 8.62
CA PRO A 296 -12.66 -22.67 8.63
C PRO A 296 -12.85 -22.01 7.26
N GLN A 297 -11.77 -21.93 6.50
CA GLN A 297 -11.81 -21.32 5.19
C GLN A 297 -11.85 -22.40 4.11
N ASN A 298 -13.06 -22.84 3.78
CA ASN A 298 -13.24 -23.86 2.75
C ASN A 298 -13.44 -23.19 1.40
N PRO A 299 -12.48 -23.36 0.48
CA PRO A 299 -12.58 -22.81 -0.87
C PRO A 299 -13.57 -23.59 -1.73
N ASP A 300 -13.96 -24.76 -1.25
CA ASP A 300 -14.92 -25.59 -1.95
C ASP A 300 -16.35 -25.18 -1.58
N GLU A 301 -17.25 -25.31 -2.56
CA GLU A 301 -18.67 -24.96 -2.41
C GLU A 301 -18.88 -23.45 -2.32
N ASN A 302 -18.57 -22.87 -1.17
CA ASN A 302 -18.89 -21.47 -0.93
C ASN A 302 -17.64 -20.59 -0.92
N GLU A 303 -17.31 -20.05 -2.08
CA GLU A 303 -16.23 -19.08 -2.24
C GLU A 303 -16.02 -18.76 -3.71
N MET A 1 -25.83 9.04 0.62
CA MET A 1 -26.08 7.72 0.01
C MET A 1 -24.80 6.92 -0.12
N SER A 2 -23.74 7.37 0.54
CA SER A 2 -22.46 6.69 0.45
C SER A 2 -22.44 5.47 1.36
N SER A 3 -22.44 4.30 0.73
CA SER A 3 -22.44 3.03 1.44
C SER A 3 -21.57 2.03 0.69
N ALA A 4 -20.92 1.12 1.41
CA ALA A 4 -20.04 0.14 0.79
C ALA A 4 -20.86 -0.92 0.06
N ARG A 5 -21.21 -0.61 -1.17
CA ARG A 5 -21.98 -1.53 -1.99
C ARG A 5 -21.66 -1.33 -3.46
N PHE A 6 -20.70 -2.11 -3.92
CA PHE A 6 -20.30 -2.10 -5.31
C PHE A 6 -20.06 -3.53 -5.77
N ASP A 7 -20.04 -3.75 -7.07
CA ASP A 7 -19.81 -5.08 -7.61
C ASP A 7 -18.32 -5.41 -7.54
N SER A 8 -17.91 -6.05 -6.47
CA SER A 8 -16.53 -6.46 -6.29
C SER A 8 -16.21 -7.69 -7.13
N SER A 9 -16.29 -7.51 -8.45
CA SER A 9 -15.98 -8.56 -9.40
C SER A 9 -16.06 -7.98 -10.81
N ASP A 10 -17.08 -7.16 -11.04
CA ASP A 10 -17.28 -6.55 -12.35
C ASP A 10 -16.11 -5.65 -12.72
N ARG A 11 -15.28 -6.14 -13.63
CA ARG A 11 -14.07 -5.44 -14.03
C ARG A 11 -14.40 -4.20 -14.84
N SER A 12 -15.62 -4.10 -15.32
CA SER A 12 -16.04 -2.92 -16.05
C SER A 12 -16.51 -1.84 -15.07
N ALA A 13 -16.49 -2.17 -13.79
CA ALA A 13 -16.90 -1.23 -12.76
C ALA A 13 -15.69 -0.53 -12.12
N TRP A 14 -14.70 -1.32 -11.73
CA TRP A 14 -13.57 -0.78 -10.99
C TRP A 14 -12.25 -0.86 -11.74
N TYR A 15 -12.10 -1.85 -12.60
CA TYR A 15 -10.85 -2.02 -13.33
C TYR A 15 -10.74 -0.98 -14.43
N MET A 16 -9.82 -0.05 -14.27
CA MET A 16 -9.72 1.10 -15.15
C MET A 16 -8.61 0.90 -16.17
N GLY A 17 -7.97 -0.27 -16.08
CA GLY A 17 -6.88 -0.65 -16.97
C GLY A 17 -5.77 0.39 -17.08
N PRO A 18 -5.58 1.00 -18.25
CA PRO A 18 -4.48 1.96 -18.48
C PRO A 18 -4.75 3.31 -17.82
N VAL A 19 -4.09 3.56 -16.70
CA VAL A 19 -4.35 4.76 -15.92
C VAL A 19 -3.06 5.48 -15.51
N SER A 20 -2.32 4.97 -14.51
CA SER A 20 -1.07 5.55 -14.09
C SER A 20 -1.33 6.83 -13.31
N ARG A 21 -0.30 7.35 -12.66
CA ARG A 21 -0.45 8.54 -11.83
C ARG A 21 -1.08 9.68 -12.62
N GLN A 22 -0.78 9.73 -13.92
CA GLN A 22 -1.35 10.71 -14.84
C GLN A 22 -2.86 10.89 -14.63
N GLU A 23 -3.61 9.80 -14.69
CA GLU A 23 -5.05 9.89 -14.55
C GLU A 23 -5.49 9.62 -13.12
N ALA A 24 -4.91 8.58 -12.52
CA ALA A 24 -5.31 8.09 -11.21
C ALA A 24 -5.45 9.23 -10.19
N GLN A 25 -4.45 10.09 -10.16
CA GLN A 25 -4.43 11.18 -9.20
C GLN A 25 -5.57 12.15 -9.45
N THR A 26 -5.65 12.68 -10.67
CA THR A 26 -6.60 13.75 -10.98
C THR A 26 -8.05 13.28 -10.90
N ARG A 27 -8.27 11.99 -11.04
CA ARG A 27 -9.63 11.44 -11.09
C ARG A 27 -10.13 11.17 -9.67
N LEU A 28 -9.21 11.14 -8.71
CA LEU A 28 -9.56 10.87 -7.33
C LEU A 28 -9.14 12.02 -6.41
N GLN A 29 -8.88 13.19 -6.99
CA GLN A 29 -8.43 14.34 -6.20
C GLN A 29 -9.56 14.99 -5.43
N GLY A 30 -10.06 14.30 -4.41
CA GLY A 30 -11.02 14.90 -3.51
C GLY A 30 -12.46 14.55 -3.84
N GLN A 31 -12.72 14.14 -5.07
CA GLN A 31 -14.09 13.87 -5.52
C GLN A 31 -14.73 12.75 -4.70
N ARG A 32 -15.87 13.09 -4.10
CA ARG A 32 -16.69 12.23 -3.25
C ARG A 32 -15.96 11.59 -2.06
N HIS A 33 -14.83 10.96 -2.32
CA HIS A 33 -14.12 10.14 -1.35
C HIS A 33 -14.88 8.83 -1.16
N GLY A 34 -14.15 7.73 -1.16
CA GLY A 34 -14.78 6.42 -1.14
C GLY A 34 -14.73 5.78 -2.52
N MET A 35 -14.21 6.51 -3.49
CA MET A 35 -14.08 6.01 -4.84
C MET A 35 -12.68 5.45 -5.07
N PHE A 36 -12.58 4.44 -5.91
CA PHE A 36 -11.31 3.78 -6.15
C PHE A 36 -11.20 3.29 -7.59
N LEU A 37 -10.00 2.94 -8.01
CA LEU A 37 -9.78 2.36 -9.33
C LEU A 37 -8.55 1.48 -9.34
N VAL A 38 -8.67 0.31 -9.97
CA VAL A 38 -7.56 -0.61 -10.13
C VAL A 38 -7.05 -0.53 -11.56
N ARG A 39 -5.77 -0.23 -11.71
CA ARG A 39 -5.18 -0.05 -13.03
C ARG A 39 -4.03 -1.01 -13.23
N ASP A 40 -3.59 -1.17 -14.48
CA ASP A 40 -2.40 -1.95 -14.73
C ASP A 40 -1.17 -1.07 -14.57
N SER A 41 -0.15 -1.61 -13.95
CA SER A 41 1.03 -0.85 -13.60
C SER A 41 1.88 -0.55 -14.83
N SER A 42 2.34 0.70 -14.92
CA SER A 42 3.24 1.10 -15.99
C SER A 42 4.66 0.62 -15.66
N THR A 43 4.85 0.15 -14.44
CA THR A 43 6.12 -0.41 -14.01
C THR A 43 6.26 -1.82 -14.55
N CYS A 44 5.21 -2.61 -14.37
CA CYS A 44 5.16 -3.98 -14.83
C CYS A 44 3.71 -4.43 -14.95
N PRO A 45 3.34 -5.11 -16.03
CA PRO A 45 1.97 -5.61 -16.22
C PRO A 45 1.64 -6.77 -15.27
N GLY A 46 2.56 -7.08 -14.38
CA GLY A 46 2.34 -8.16 -13.42
C GLY A 46 1.92 -7.64 -12.06
N ASP A 47 1.65 -6.35 -11.97
CA ASP A 47 1.13 -5.76 -10.75
C ASP A 47 0.15 -4.65 -11.09
N TYR A 48 -0.69 -4.29 -10.12
CA TYR A 48 -1.73 -3.29 -10.33
C TYR A 48 -1.59 -2.19 -9.29
N VAL A 49 -2.23 -1.05 -9.53
CA VAL A 49 -2.21 0.03 -8.56
C VAL A 49 -3.64 0.49 -8.24
N LEU A 50 -4.15 0.00 -7.13
CA LEU A 50 -5.46 0.38 -6.62
C LEU A 50 -5.40 1.75 -5.95
N SER A 51 -5.82 2.77 -6.65
CA SER A 51 -5.85 4.10 -6.08
C SER A 51 -7.23 4.41 -5.54
N VAL A 52 -7.26 4.93 -4.32
CA VAL A 52 -8.50 5.24 -3.64
C VAL A 52 -8.54 6.74 -3.32
N SER A 53 -9.75 7.28 -3.23
CA SER A 53 -9.94 8.69 -2.94
C SER A 53 -10.36 8.90 -1.49
N GLU A 54 -9.55 9.62 -0.73
CA GLU A 54 -9.97 10.05 0.60
C GLU A 54 -9.37 11.42 0.89
N ASN A 55 -9.75 12.00 2.04
CA ASN A 55 -9.43 13.39 2.41
C ASN A 55 -8.03 13.84 1.95
N SER A 56 -7.97 14.41 0.73
CA SER A 56 -6.71 14.77 0.08
C SER A 56 -5.65 13.70 0.33
N ARG A 57 -5.95 12.52 -0.15
CA ARG A 57 -5.42 11.30 0.39
C ARG A 57 -5.57 10.18 -0.61
N VAL A 58 -5.15 10.39 -1.84
CA VAL A 58 -5.39 9.40 -2.88
C VAL A 58 -4.40 8.27 -2.68
N SER A 59 -4.87 7.25 -1.99
CA SER A 59 -4.06 6.14 -1.55
C SER A 59 -3.78 5.17 -2.69
N HIS A 60 -2.52 4.99 -3.01
CA HIS A 60 -2.13 4.15 -4.12
C HIS A 60 -1.66 2.77 -3.64
N TYR A 61 -2.59 1.83 -3.49
CA TYR A 61 -2.29 0.49 -2.96
C TYR A 61 -1.99 -0.51 -4.10
N ILE A 62 -0.76 -0.97 -4.21
CA ILE A 62 -0.35 -1.90 -5.28
C ILE A 62 -0.71 -3.37 -4.98
N ILE A 63 -1.17 -4.11 -6.01
CA ILE A 63 -1.58 -5.51 -5.89
C ILE A 63 -0.80 -6.38 -6.89
N ASN A 64 -0.06 -7.36 -6.40
CA ASN A 64 0.80 -8.18 -7.23
C ASN A 64 0.01 -9.33 -7.84
N SER A 65 0.20 -9.58 -9.12
CA SER A 65 -0.44 -10.71 -9.77
C SER A 65 0.34 -11.98 -9.47
N LEU A 66 -0.19 -12.79 -8.57
CA LEU A 66 0.48 -14.03 -8.19
C LEU A 66 0.08 -15.14 -9.16
N PRO A 67 1.07 -15.90 -9.66
CA PRO A 67 0.83 -16.98 -10.63
C PRO A 67 0.02 -18.12 -10.03
N ASN A 68 -0.24 -18.03 -8.73
CA ASN A 68 -1.08 -19.00 -8.05
C ASN A 68 -2.54 -18.57 -8.14
N ARG A 69 -2.80 -17.62 -9.04
CA ARG A 69 -4.14 -17.08 -9.26
C ARG A 69 -4.63 -16.35 -8.02
N ARG A 70 -3.69 -15.77 -7.28
CA ARG A 70 -3.99 -15.03 -6.09
C ARG A 70 -3.48 -13.60 -6.22
N PHE A 71 -3.76 -12.77 -5.23
CA PHE A 71 -3.34 -11.38 -5.28
C PHE A 71 -2.84 -10.93 -3.91
N LYS A 72 -1.66 -10.35 -3.91
CA LYS A 72 -1.04 -9.86 -2.69
C LYS A 72 -0.89 -8.35 -2.75
N ILE A 73 -1.70 -7.63 -1.98
CA ILE A 73 -1.66 -6.17 -2.02
C ILE A 73 -0.62 -5.65 -1.03
N GLY A 74 0.65 -5.71 -1.46
CA GLY A 74 1.74 -5.24 -0.64
C GLY A 74 1.87 -6.00 0.67
N ASP A 75 2.50 -7.18 0.62
CA ASP A 75 2.76 -8.01 1.82
C ASP A 75 1.51 -8.72 2.30
N GLN A 76 0.40 -8.00 2.41
CA GLN A 76 -0.84 -8.59 2.92
C GLN A 76 -1.40 -9.63 1.95
N GLU A 77 -1.62 -10.82 2.49
CA GLU A 77 -2.08 -11.97 1.72
C GLU A 77 -3.60 -11.96 1.57
N PHE A 78 -4.08 -12.15 0.35
CA PHE A 78 -5.49 -12.31 0.11
C PHE A 78 -5.72 -13.40 -0.93
N ASP A 79 -6.97 -13.74 -1.16
CA ASP A 79 -7.32 -14.79 -2.11
C ASP A 79 -7.21 -14.26 -3.55
N HIS A 80 -7.69 -13.04 -3.76
CA HIS A 80 -7.63 -12.39 -5.07
C HIS A 80 -8.11 -10.94 -4.95
N LEU A 81 -8.22 -10.25 -6.09
CA LEU A 81 -8.61 -8.84 -6.11
C LEU A 81 -9.94 -8.59 -5.38
N PRO A 82 -11.07 -9.21 -5.82
CA PRO A 82 -12.38 -9.04 -5.15
C PRO A 82 -12.38 -9.47 -3.69
N ALA A 83 -11.30 -10.10 -3.24
CA ALA A 83 -11.21 -10.58 -1.87
C ALA A 83 -10.50 -9.56 -0.98
N LEU A 84 -9.51 -8.86 -1.54
CA LEU A 84 -8.80 -7.84 -0.78
C LEU A 84 -9.66 -6.59 -0.69
N LEU A 85 -10.50 -6.39 -1.69
CA LEU A 85 -11.46 -5.30 -1.69
C LEU A 85 -12.51 -5.53 -0.61
N GLU A 86 -12.78 -6.81 -0.34
CA GLU A 86 -13.74 -7.20 0.68
C GLU A 86 -13.17 -7.05 2.09
N PHE A 87 -11.88 -6.75 2.17
CA PHE A 87 -11.23 -6.54 3.46
C PHE A 87 -11.17 -5.05 3.76
N TYR A 88 -10.93 -4.26 2.71
CA TYR A 88 -10.83 -2.83 2.88
C TYR A 88 -12.20 -2.17 2.94
N LYS A 89 -13.24 -2.95 2.63
CA LYS A 89 -14.60 -2.48 2.82
C LYS A 89 -15.03 -2.64 4.28
N ILE A 90 -14.19 -3.29 5.09
CA ILE A 90 -14.41 -3.37 6.53
C ILE A 90 -13.20 -2.84 7.29
N HIS A 91 -12.21 -2.34 6.54
CA HIS A 91 -10.99 -1.80 7.13
C HIS A 91 -11.07 -0.29 7.24
N TYR A 92 -11.64 0.31 6.22
CA TYR A 92 -11.68 1.77 6.06
C TYR A 92 -10.31 2.30 5.63
N LEU A 93 -10.08 2.35 4.33
CA LEU A 93 -8.87 2.94 3.77
C LEU A 93 -8.87 4.43 4.07
N ASP A 94 -8.18 4.79 5.14
CA ASP A 94 -8.15 6.16 5.64
C ASP A 94 -9.56 6.66 5.94
N THR A 95 -10.15 6.15 7.03
CA THR A 95 -11.45 6.62 7.51
C THR A 95 -12.63 6.12 6.67
N THR A 96 -12.47 6.07 5.36
CA THR A 96 -13.55 5.64 4.47
C THR A 96 -13.28 4.26 3.90
N THR A 97 -14.32 3.44 3.83
CA THR A 97 -14.19 2.12 3.24
C THR A 97 -14.32 2.20 1.72
N LEU A 98 -14.16 1.06 1.06
CA LEU A 98 -14.41 0.98 -0.36
C LEU A 98 -15.91 1.10 -0.60
N ILE A 99 -16.34 2.29 -0.95
CA ILE A 99 -17.74 2.62 -1.14
C ILE A 99 -18.18 2.25 -2.55
N GLU A 100 -17.49 2.79 -3.54
CA GLU A 100 -17.87 2.60 -4.93
C GLU A 100 -16.73 3.05 -5.85
N PRO A 101 -16.50 2.33 -6.96
CA PRO A 101 -15.44 2.68 -7.92
C PRO A 101 -15.65 4.08 -8.52
N ALA A 102 -14.56 4.65 -9.02
CA ALA A 102 -14.58 5.98 -9.62
C ALA A 102 -15.10 5.91 -11.04
N PRO A 103 -15.85 6.93 -11.48
CA PRO A 103 -16.35 7.03 -12.85
C PRO A 103 -15.20 7.06 -13.86
N ARG A 104 -15.31 6.23 -14.89
CA ARG A 104 -14.26 6.10 -15.89
C ARG A 104 -14.32 7.22 -16.93
N TYR A 105 -14.78 8.39 -16.50
CA TYR A 105 -14.91 9.54 -17.38
C TYR A 105 -14.28 10.75 -16.72
N PRO A 106 -13.49 11.54 -17.48
CA PRO A 106 -12.77 12.71 -16.96
C PRO A 106 -13.68 13.90 -16.69
N SER A 107 -14.72 13.69 -15.92
CA SER A 107 -15.63 14.75 -15.52
C SER A 107 -15.10 15.50 -14.29
N PRO A 108 -14.59 14.76 -13.25
CA PRO A 108 -13.97 15.40 -12.07
C PRO A 108 -12.87 16.40 -12.44
N PRO A 109 -12.88 17.58 -11.79
CA PRO A 109 -11.86 18.60 -12.03
C PRO A 109 -10.57 18.33 -11.28
N MET A 110 -9.47 18.88 -11.78
CA MET A 110 -8.17 18.67 -11.16
C MET A 110 -7.96 19.67 -10.02
N GLY A 111 -8.02 19.17 -8.80
CA GLY A 111 -7.80 20.01 -7.63
C GLY A 111 -6.37 20.52 -7.58
N SER A 112 -6.21 21.82 -7.77
CA SER A 112 -4.88 22.41 -7.82
C SER A 112 -4.34 22.71 -6.42
N VAL A 113 -3.92 21.65 -5.73
CA VAL A 113 -3.23 21.70 -4.43
C VAL A 113 -3.73 22.84 -3.52
N SER A 114 -4.80 22.57 -2.79
CA SER A 114 -5.32 23.52 -1.83
C SER A 114 -4.81 23.20 -0.43
N ALA A 115 -5.09 21.98 0.03
CA ALA A 115 -4.67 21.52 1.34
C ALA A 115 -4.98 20.05 1.51
N PRO A 116 -4.12 19.30 2.21
CA PRO A 116 -4.32 17.88 2.46
C PRO A 116 -5.31 17.62 3.60
N ASN A 117 -5.74 16.36 3.73
CA ASN A 117 -6.59 15.91 4.84
C ASN A 117 -8.03 16.41 4.74
N LEU A 118 -8.40 17.01 3.61
CA LEU A 118 -9.81 17.31 3.34
C LEU A 118 -10.01 17.78 1.89
N PRO A 119 -9.50 18.98 1.50
CA PRO A 119 -9.78 19.55 0.17
C PRO A 119 -9.28 18.70 -1.01
N THR A 120 -7.97 18.72 -1.26
CA THR A 120 -7.44 18.04 -2.43
C THR A 120 -5.90 18.03 -2.43
N ALA A 121 -5.33 17.23 -3.34
CA ALA A 121 -3.88 17.11 -3.55
C ALA A 121 -3.21 16.18 -2.55
N GLU A 122 -2.19 15.47 -3.02
CA GLU A 122 -1.37 14.60 -2.18
C GLU A 122 -0.13 15.37 -1.73
N ASP A 123 0.04 15.54 -0.43
CA ASP A 123 1.17 16.31 0.09
C ASP A 123 1.57 15.86 1.49
N ASN A 124 0.82 16.29 2.49
CA ASN A 124 1.15 15.99 3.88
C ASN A 124 0.65 14.60 4.25
N LEU A 125 1.10 14.10 5.41
CA LEU A 125 0.79 12.73 5.85
C LEU A 125 1.45 11.72 4.91
N GLU A 126 2.65 11.29 5.30
CA GLU A 126 3.50 10.47 4.44
C GLU A 126 4.62 9.83 5.26
N TYR A 127 5.65 10.61 5.60
CA TYR A 127 6.85 10.03 6.22
C TYR A 127 6.92 10.35 7.70
N VAL A 128 7.02 9.29 8.50
CA VAL A 128 6.98 9.38 9.96
C VAL A 128 8.11 8.55 10.56
N ARG A 129 8.60 8.93 11.74
CA ARG A 129 9.39 7.97 12.51
C ARG A 129 8.90 7.93 13.95
N THR A 130 8.88 6.74 14.54
CA THR A 130 8.39 6.57 15.89
C THR A 130 9.53 6.54 16.91
N LEU A 131 9.31 7.17 18.05
CA LEU A 131 10.35 7.33 19.05
C LEU A 131 10.10 6.46 20.28
N TYR A 132 8.84 6.08 20.50
CA TYR A 132 8.46 5.49 21.78
C TYR A 132 8.53 3.96 21.76
N ASP A 133 8.21 3.34 20.62
CA ASP A 133 8.14 1.87 20.52
C ASP A 133 6.86 1.36 21.17
N PHE A 134 5.97 0.82 20.35
CA PHE A 134 4.69 0.30 20.80
C PHE A 134 4.29 -0.88 19.94
N PRO A 135 4.32 -2.09 20.50
CA PRO A 135 3.96 -3.30 19.78
C PRO A 135 2.49 -3.67 19.95
N GLY A 136 1.69 -3.37 18.93
CA GLY A 136 0.27 -3.71 18.97
C GLY A 136 -0.03 -5.03 18.30
N ASN A 137 1.04 -5.71 17.86
CA ASN A 137 0.95 -6.96 17.10
C ASN A 137 0.14 -6.80 15.81
N ASP A 138 0.02 -5.56 15.36
CA ASP A 138 -0.59 -5.17 14.09
C ASP A 138 -1.98 -5.75 13.84
N ALA A 139 -2.48 -5.45 12.63
CA ALA A 139 -3.84 -5.82 12.20
C ALA A 139 -4.85 -5.00 12.99
N GLU A 140 -4.32 -4.06 13.74
CA GLU A 140 -5.11 -3.19 14.59
C GLU A 140 -4.20 -2.07 15.10
N ASP A 141 -3.00 -2.45 15.55
CA ASP A 141 -2.02 -1.51 16.07
C ASP A 141 -0.62 -1.89 15.61
N LEU A 142 0.02 -1.05 14.83
CA LEU A 142 1.32 -1.38 14.22
C LEU A 142 2.40 -1.47 15.29
N PRO A 143 3.05 -2.63 15.43
CA PRO A 143 4.16 -2.80 16.36
C PRO A 143 5.43 -2.14 15.83
N PHE A 144 5.66 -0.91 16.27
CA PHE A 144 6.81 -0.15 15.81
C PHE A 144 7.88 -0.11 16.88
N LYS A 145 9.03 0.42 16.53
CA LYS A 145 10.17 0.43 17.42
C LYS A 145 10.65 1.85 17.65
N LYS A 146 11.71 1.99 18.42
CA LYS A 146 12.31 3.27 18.70
C LYS A 146 13.26 3.65 17.57
N GLY A 147 12.68 4.06 16.45
CA GLY A 147 13.48 4.49 15.32
C GLY A 147 13.08 3.80 14.02
N GLU A 148 11.81 3.49 13.86
CA GLU A 148 11.31 2.91 12.63
C GLU A 148 10.78 4.00 11.72
N ILE A 149 10.77 3.76 10.42
CA ILE A 149 10.25 4.72 9.49
C ILE A 149 8.89 4.22 9.06
N LEU A 150 7.90 5.06 9.22
CA LEU A 150 6.56 4.68 8.92
C LEU A 150 6.04 5.55 7.83
N VAL A 151 5.06 5.04 7.14
CA VAL A 151 4.36 5.82 6.16
C VAL A 151 2.90 5.79 6.50
N ILE A 152 2.28 6.94 6.55
CA ILE A 152 0.89 7.01 6.96
C ILE A 152 0.02 6.50 5.83
N ILE A 153 -0.16 5.20 5.84
CA ILE A 153 -0.86 4.50 4.80
C ILE A 153 -2.35 4.73 4.91
N GLU A 154 -2.82 5.01 6.12
CA GLU A 154 -4.21 5.40 6.36
C GLU A 154 -4.25 6.39 7.52
N LYS A 155 -5.13 7.37 7.47
CA LYS A 155 -5.31 8.27 8.60
C LYS A 155 -6.77 8.32 9.04
N PRO A 156 -7.17 7.40 9.92
CA PRO A 156 -8.53 7.36 10.45
C PRO A 156 -8.81 8.52 11.41
N GLU A 157 -8.08 8.57 12.52
CA GLU A 157 -8.39 9.52 13.58
C GLU A 157 -7.33 10.62 13.67
N GLU A 158 -7.47 11.48 14.68
CA GLU A 158 -6.55 12.58 14.90
C GLU A 158 -5.47 12.21 15.91
N GLN A 159 -5.81 11.33 16.83
CA GLN A 159 -4.85 10.91 17.86
C GLN A 159 -4.16 9.61 17.46
N TRP A 160 -4.80 8.86 16.58
CA TRP A 160 -4.26 7.61 16.09
C TRP A 160 -4.26 7.58 14.57
N TRP A 161 -3.10 7.35 13.99
CA TRP A 161 -2.96 7.22 12.54
C TRP A 161 -2.71 5.75 12.21
N SER A 162 -2.86 5.38 10.96
CA SER A 162 -2.50 4.03 10.54
C SER A 162 -1.30 4.08 9.60
N ALA A 163 -0.15 3.67 10.09
CA ALA A 163 1.04 3.74 9.27
C ALA A 163 1.60 2.37 8.97
N ARG A 164 2.40 2.28 7.93
CA ARG A 164 3.06 1.05 7.57
C ARG A 164 4.47 1.06 8.15
N ASN A 165 4.83 -0.04 8.80
CA ASN A 165 6.14 -0.16 9.42
C ASN A 165 7.22 -0.31 8.37
N LYS A 166 8.48 -0.24 8.80
CA LYS A 166 9.60 -0.44 7.90
C LYS A 166 9.52 -1.83 7.27
N ASP A 167 8.92 -2.78 8.00
CA ASP A 167 8.66 -4.12 7.48
C ASP A 167 7.68 -4.01 6.33
N GLY A 168 6.66 -3.19 6.56
CA GLY A 168 5.60 -3.04 5.60
C GLY A 168 4.32 -3.75 6.00
N ARG A 169 3.68 -3.25 7.05
CA ARG A 169 2.38 -3.77 7.47
C ARG A 169 1.54 -2.62 7.99
N VAL A 170 0.22 -2.80 8.02
CA VAL A 170 -0.68 -1.74 8.43
C VAL A 170 -1.17 -1.93 9.87
N GLY A 171 -0.96 -0.90 10.68
CA GLY A 171 -1.55 -0.87 12.00
C GLY A 171 -1.74 0.54 12.49
N MET A 172 -2.58 0.74 13.49
CA MET A 172 -2.77 2.06 14.05
C MET A 172 -1.65 2.40 15.02
N ILE A 173 -1.26 3.66 15.04
CA ILE A 173 -0.16 4.14 15.83
C ILE A 173 -0.50 5.50 16.44
N PRO A 174 -0.06 5.77 17.67
CA PRO A 174 -0.35 7.03 18.37
C PRO A 174 0.49 8.19 17.85
N VAL A 175 -0.16 9.31 17.59
CA VAL A 175 0.51 10.51 17.11
C VAL A 175 1.53 11.08 18.12
N PRO A 176 1.22 11.13 19.45
CA PRO A 176 2.18 11.59 20.47
C PRO A 176 3.42 10.69 20.57
N TYR A 177 3.43 9.60 19.82
CA TYR A 177 4.55 8.66 19.83
C TYR A 177 5.47 8.88 18.64
N VAL A 178 5.07 9.73 17.70
CA VAL A 178 5.77 9.80 16.42
C VAL A 178 6.61 11.06 16.26
N GLU A 179 7.21 11.14 15.09
CA GLU A 179 8.28 12.04 14.77
C GLU A 179 8.30 12.30 13.26
N LYS A 180 7.14 12.49 12.65
CA LYS A 180 7.08 12.46 11.21
C LYS A 180 7.61 13.78 10.68
N LEU A 181 8.42 13.63 9.62
CA LEU A 181 9.42 14.63 9.19
C LEU A 181 9.05 16.07 9.52
N VAL A 182 8.15 16.65 8.74
CA VAL A 182 7.80 18.06 8.90
C VAL A 182 6.32 18.23 9.25
N ARG A 183 6.06 18.63 10.49
CA ARG A 183 4.70 18.98 10.90
C ARG A 183 4.72 19.64 12.28
N SER A 184 4.65 20.96 12.30
CA SER A 184 4.62 21.69 13.55
C SER A 184 3.55 22.77 13.50
N SER A 185 2.40 22.45 14.05
CA SER A 185 1.31 23.41 14.15
C SER A 185 1.46 24.20 15.45
N PRO A 186 1.28 25.53 15.39
CA PRO A 186 1.39 26.39 16.57
C PRO A 186 0.39 26.01 17.66
N HIS A 187 0.91 25.80 18.87
CA HIS A 187 0.08 25.51 20.02
C HIS A 187 0.63 26.26 21.23
N GLY A 188 -0.12 26.26 22.32
CA GLY A 188 0.31 26.94 23.53
C GLY A 188 1.63 26.42 24.05
N LYS A 189 1.70 25.13 24.36
CA LYS A 189 2.94 24.53 24.81
C LYS A 189 3.27 23.32 23.95
N HIS A 190 3.41 23.55 22.65
CA HIS A 190 3.87 22.52 21.72
C HIS A 190 4.38 23.18 20.44
N GLY A 191 5.64 22.98 20.15
CA GLY A 191 6.23 23.56 18.97
C GLY A 191 7.63 23.06 18.73
N ASN A 192 8.39 23.83 17.97
CA ASN A 192 9.76 23.46 17.64
C ASN A 192 10.64 24.71 17.60
N ARG A 193 11.88 24.57 18.04
CA ARG A 193 12.81 25.68 18.00
C ARG A 193 13.48 25.75 16.64
N ASN A 194 13.81 24.58 16.10
CA ASN A 194 14.35 24.48 14.75
C ASN A 194 14.09 23.07 14.20
N SER A 195 13.75 23.01 12.93
CA SER A 195 13.54 21.74 12.25
C SER A 195 14.04 21.84 10.81
N ASN A 196 15.08 21.08 10.51
CA ASN A 196 15.68 21.12 9.17
C ASN A 196 16.13 19.74 8.74
N SER A 197 15.48 19.21 7.72
CA SER A 197 15.85 17.93 7.14
C SER A 197 15.52 17.91 5.65
N TYR A 198 16.43 18.45 4.85
CA TYR A 198 16.19 18.61 3.42
C TYR A 198 16.75 17.44 2.62
N GLY A 199 17.90 16.92 3.04
CA GLY A 199 18.53 15.84 2.29
C GLY A 199 18.05 14.48 2.76
N ILE A 200 16.80 14.40 3.17
CA ILE A 200 16.22 13.16 3.68
C ILE A 200 15.10 12.65 2.76
N PRO A 201 14.08 13.48 2.44
CA PRO A 201 12.98 13.06 1.57
C PRO A 201 13.41 12.85 0.12
N GLU A 202 13.49 11.58 -0.27
CA GLU A 202 13.82 11.22 -1.65
C GLU A 202 12.67 10.46 -2.29
N PRO A 203 11.98 11.09 -3.25
CA PRO A 203 10.87 10.46 -3.97
C PRO A 203 11.36 9.39 -4.94
N ALA A 204 11.37 8.16 -4.49
CA ALA A 204 11.81 7.05 -5.31
C ALA A 204 10.62 6.36 -5.97
N HIS A 205 9.63 6.01 -5.17
CA HIS A 205 8.42 5.35 -5.66
C HIS A 205 7.25 5.68 -4.74
N ALA A 206 6.51 6.72 -5.10
CA ALA A 206 5.40 7.19 -4.28
C ALA A 206 4.18 6.29 -4.44
N ALA A 208 1.31 3.93 -1.86
CA ALA A 208 0.85 3.68 -0.50
C ALA A 208 0.67 2.20 -0.24
N GLN A 209 1.58 1.39 -0.75
CA GLN A 209 1.56 -0.05 -0.49
C GLN A 209 1.72 -0.30 1.00
N PRO A 210 1.08 -1.35 1.54
CA PRO A 210 1.30 -1.75 2.93
C PRO A 210 2.78 -2.05 3.18
N GLN A 211 3.36 -2.89 2.32
CA GLN A 211 4.80 -3.10 2.32
C GLN A 211 5.46 -2.02 1.47
N THR A 212 6.19 -1.12 2.11
CA THR A 212 6.81 0.00 1.40
C THR A 212 7.81 -0.52 0.36
N THR A 213 8.57 -1.56 0.72
CA THR A 213 9.51 -2.22 -0.18
C THR A 213 10.70 -1.31 -0.53
N THR A 214 10.40 -0.19 -1.18
CA THR A 214 11.40 0.80 -1.58
C THR A 214 12.41 0.20 -2.58
N PRO A 215 12.02 0.09 -3.85
CA PRO A 215 12.91 -0.36 -4.92
C PRO A 215 13.75 0.80 -5.44
N LEU A 216 15.07 0.60 -5.51
CA LEU A 216 15.97 1.65 -5.97
C LEU A 216 16.45 1.39 -7.40
N PRO A 217 17.11 0.24 -7.69
CA PRO A 217 17.62 -0.05 -9.04
C PRO A 217 16.50 -0.18 -10.07
N ALA A 218 15.29 -0.41 -9.59
CA ALA A 218 14.12 -0.59 -10.45
C ALA A 218 13.49 0.75 -10.85
N VAL A 219 14.25 1.82 -10.74
CA VAL A 219 13.76 3.13 -11.14
C VAL A 219 14.04 3.39 -12.62
N SER A 220 13.03 3.85 -13.34
CA SER A 220 13.17 4.17 -14.75
C SER A 220 13.57 5.63 -14.94
N GLY A 221 13.45 6.41 -13.89
CA GLY A 221 13.75 7.82 -13.96
C GLY A 221 12.53 8.62 -14.37
N SER A 222 12.62 9.27 -15.54
CA SER A 222 11.50 9.98 -16.14
C SER A 222 11.15 11.25 -15.34
N PRO A 223 11.59 12.42 -15.82
CA PRO A 223 11.27 13.70 -15.19
C PRO A 223 9.84 14.14 -15.49
N GLY A 224 9.36 15.15 -14.78
CA GLY A 224 8.01 15.62 -14.97
C GLY A 224 7.88 16.56 -16.15
N ALA A 225 8.01 16.01 -17.35
CA ALA A 225 7.92 16.79 -18.57
C ALA A 225 6.47 16.87 -19.05
N ALA A 226 5.73 15.78 -18.84
CA ALA A 226 4.33 15.68 -19.24
C ALA A 226 4.15 15.92 -20.74
N ILE A 227 2.91 16.01 -21.17
CA ILE A 227 2.60 16.35 -22.55
C ILE A 227 2.50 17.88 -22.70
N THR A 228 1.92 18.51 -21.68
CA THR A 228 1.80 19.95 -21.64
C THR A 228 2.19 20.46 -20.25
N PRO A 229 3.32 21.19 -20.15
CA PRO A 229 3.80 21.75 -18.88
C PRO A 229 2.80 22.72 -18.26
N LEU A 230 2.06 23.41 -19.12
CA LEU A 230 1.03 24.35 -18.67
C LEU A 230 -0.12 24.34 -19.67
N PRO A 231 -1.27 23.77 -19.30
CA PRO A 231 -2.45 23.71 -20.17
C PRO A 231 -2.94 25.10 -20.55
N SER A 232 -2.90 25.40 -21.85
CA SER A 232 -3.30 26.70 -22.34
C SER A 232 -4.82 26.74 -22.53
N THR A 233 -5.46 27.71 -21.90
CA THR A 233 -6.91 27.84 -21.98
C THR A 233 -7.31 28.95 -22.94
N GLN A 234 -8.52 28.82 -23.49
CA GLN A 234 -9.08 29.85 -24.36
C GLN A 234 -10.49 30.20 -23.89
N ASN A 235 -10.73 30.02 -22.60
CA ASN A 235 -12.09 29.99 -22.05
C ASN A 235 -12.06 29.98 -20.52
N GLY A 236 -12.65 30.99 -19.93
CA GLY A 236 -12.74 31.05 -18.48
C GLY A 236 -14.14 31.43 -18.04
N PRO A 237 -14.34 31.60 -16.72
CA PRO A 237 -15.63 31.76 -15.93
C PRO A 237 -17.03 32.05 -16.54
N VAL A 238 -17.79 33.01 -15.95
CA VAL A 238 -19.24 33.19 -16.23
C VAL A 238 -19.59 34.64 -16.51
N PHE A 239 -20.34 34.88 -17.57
CA PHE A 239 -20.40 36.20 -18.19
C PHE A 239 -21.12 37.21 -17.30
N ALA A 240 -20.44 38.34 -17.14
CA ALA A 240 -20.78 39.36 -16.15
C ALA A 240 -20.41 40.73 -16.67
N LYS A 241 -21.01 41.78 -16.12
CA LYS A 241 -20.67 43.13 -16.51
C LYS A 241 -19.56 43.66 -15.60
N ALA A 242 -18.57 44.30 -16.20
CA ALA A 242 -17.44 44.85 -15.46
C ALA A 242 -17.84 46.15 -14.76
N ILE A 243 -17.60 46.21 -13.46
CA ILE A 243 -17.97 47.38 -12.67
C ILE A 243 -16.76 48.26 -12.38
N GLN A 244 -15.59 47.79 -12.74
CA GLN A 244 -14.36 48.54 -12.52
C GLN A 244 -13.58 48.64 -13.83
N LYS A 245 -12.75 49.67 -13.95
CA LYS A 245 -11.89 49.79 -15.11
C LYS A 245 -10.42 49.64 -14.72
N ARG A 246 -9.69 48.89 -15.53
CA ARG A 246 -8.24 48.76 -15.40
C ARG A 246 -7.71 47.94 -16.56
N VAL A 247 -6.59 48.36 -17.13
CA VAL A 247 -5.99 47.63 -18.24
C VAL A 247 -4.90 46.66 -17.77
N PRO A 248 -3.89 47.09 -16.98
CA PRO A 248 -2.86 46.19 -16.48
C PRO A 248 -3.18 45.69 -15.08
N CYS A 249 -2.83 44.44 -14.82
CA CYS A 249 -3.06 43.86 -13.49
C CYS A 249 -1.90 44.21 -12.57
N ALA A 250 -1.68 45.51 -12.39
CA ALA A 250 -0.58 46.05 -11.57
C ALA A 250 0.78 45.74 -12.19
N TYR A 251 1.11 44.46 -12.22
CA TYR A 251 2.34 43.98 -12.82
C TYR A 251 2.06 43.37 -14.19
N ASP A 252 0.76 43.19 -14.48
CA ASP A 252 0.29 42.60 -15.74
C ASP A 252 0.67 41.13 -15.85
N LYS A 253 -0.33 40.28 -15.69
CA LYS A 253 -0.15 38.85 -15.88
C LYS A 253 -1.34 38.32 -16.68
N THR A 254 -1.19 38.41 -18.01
CA THR A 254 -2.25 38.01 -18.95
C THR A 254 -3.57 38.69 -18.61
N ALA A 255 -3.54 40.03 -18.57
CA ALA A 255 -4.69 40.80 -18.15
C ALA A 255 -5.60 41.15 -19.32
N LEU A 256 -6.89 41.23 -19.04
CA LEU A 256 -7.86 41.70 -20.01
C LEU A 256 -8.30 43.09 -19.63
N ALA A 257 -7.90 44.09 -20.43
CA ALA A 257 -8.29 45.47 -20.20
C ALA A 257 -9.82 45.59 -20.19
N LEU A 258 -10.38 45.77 -19.01
CA LEU A 258 -11.82 45.85 -18.83
C LEU A 258 -12.19 47.21 -18.27
N GLU A 259 -13.16 47.84 -18.89
CA GLU A 259 -13.56 49.18 -18.50
C GLU A 259 -14.97 49.14 -17.90
N VAL A 260 -15.41 50.27 -17.38
CA VAL A 260 -16.66 50.33 -16.62
C VAL A 260 -17.89 50.26 -17.52
N GLY A 261 -18.75 49.28 -17.24
CA GLY A 261 -20.02 49.20 -17.91
C GLY A 261 -19.97 48.40 -19.20
N ASP A 262 -19.01 47.48 -19.30
CA ASP A 262 -18.90 46.66 -20.49
C ASP A 262 -19.13 45.19 -20.15
N ILE A 263 -19.64 44.44 -21.11
CA ILE A 263 -20.01 43.04 -20.88
C ILE A 263 -18.82 42.11 -21.09
N VAL A 264 -18.52 41.35 -20.04
CA VAL A 264 -17.47 40.35 -20.07
C VAL A 264 -18.07 38.98 -20.27
N LYS A 265 -17.98 38.43 -21.48
CA LYS A 265 -18.56 37.14 -21.76
C LYS A 265 -17.58 36.01 -21.41
N VAL A 266 -17.60 35.60 -20.15
CA VAL A 266 -16.70 34.57 -19.67
C VAL A 266 -17.55 33.27 -19.52
N THR A 267 -17.03 32.08 -19.94
CA THR A 267 -17.89 30.87 -20.05
C THR A 267 -17.43 29.57 -19.28
N ARG A 268 -16.19 29.47 -18.77
CA ARG A 268 -15.77 28.28 -17.97
C ARG A 268 -14.96 28.69 -16.71
N MET A 269 -15.61 28.75 -15.54
CA MET A 269 -15.07 29.48 -14.37
C MET A 269 -13.99 28.70 -13.61
N ASN A 270 -12.96 29.44 -13.18
CA ASN A 270 -11.83 28.87 -12.47
C ASN A 270 -12.02 29.06 -10.98
N ILE A 271 -11.72 28.01 -10.22
CA ILE A 271 -11.86 28.05 -8.76
C ILE A 271 -10.73 28.86 -8.12
N ASN A 272 -9.75 29.22 -8.94
CA ASN A 272 -8.59 29.99 -8.47
C ASN A 272 -8.99 31.41 -8.10
N GLY A 273 -10.04 31.90 -8.76
CA GLY A 273 -10.45 33.28 -8.56
C GLY A 273 -10.15 34.13 -9.78
N GLN A 274 -9.26 33.63 -10.64
CA GLN A 274 -8.95 34.31 -11.88
C GLN A 274 -9.88 33.84 -12.99
N TRP A 275 -10.64 34.77 -13.52
CA TRP A 275 -11.63 34.46 -14.55
C TRP A 275 -11.05 34.79 -15.93
N GLU A 276 -11.41 34.00 -16.95
CA GLU A 276 -10.83 34.20 -18.27
C GLU A 276 -11.93 34.56 -19.27
N GLY A 277 -12.10 35.84 -19.52
CA GLY A 277 -13.27 36.28 -20.26
C GLY A 277 -12.95 36.71 -21.67
N GLU A 278 -13.91 36.55 -22.56
CA GLU A 278 -13.79 37.02 -23.93
C GLU A 278 -14.63 38.27 -24.10
N VAL A 279 -13.97 39.41 -24.27
CA VAL A 279 -14.68 40.67 -24.43
C VAL A 279 -14.43 41.23 -25.82
N ASN A 280 -15.32 40.86 -26.74
CA ASN A 280 -15.30 41.37 -28.11
C ASN A 280 -13.96 41.14 -28.78
N GLY A 281 -13.52 39.89 -28.81
CA GLY A 281 -12.29 39.54 -29.50
C GLY A 281 -11.08 39.44 -28.58
N ARG A 282 -11.10 40.19 -27.48
CA ARG A 282 -9.97 40.22 -26.56
C ARG A 282 -10.28 39.41 -25.32
N LYS A 283 -9.50 38.36 -25.07
CA LYS A 283 -9.71 37.54 -23.89
C LYS A 283 -8.47 37.50 -23.00
N GLY A 284 -8.71 37.50 -21.69
CA GLY A 284 -7.62 37.48 -20.73
C GLY A 284 -8.14 37.27 -19.32
N LEU A 285 -7.26 37.34 -18.33
CA LEU A 285 -7.63 37.09 -16.94
C LEU A 285 -7.99 38.38 -16.21
N PHE A 286 -8.97 38.25 -15.32
CA PHE A 286 -9.40 39.35 -14.46
C PHE A 286 -9.91 38.78 -13.14
N PRO A 287 -9.80 39.55 -12.04
CA PRO A 287 -10.30 39.11 -10.73
C PRO A 287 -11.83 39.17 -10.65
N PHE A 288 -12.40 38.31 -9.81
CA PHE A 288 -13.85 38.25 -9.64
C PHE A 288 -14.40 39.54 -9.02
N THR A 289 -13.53 40.30 -8.37
CA THR A 289 -13.92 41.56 -7.75
C THR A 289 -14.06 42.67 -8.80
N HIS A 290 -13.65 42.37 -10.02
CA HIS A 290 -13.66 43.37 -11.09
C HIS A 290 -15.02 43.40 -11.78
N VAL A 291 -15.76 42.32 -11.65
CA VAL A 291 -17.08 42.19 -12.25
C VAL A 291 -18.08 41.76 -11.19
N LYS A 292 -19.34 41.62 -11.58
CA LYS A 292 -20.35 41.09 -10.67
C LYS A 292 -21.31 40.18 -11.42
N ILE A 293 -21.64 39.05 -10.82
CA ILE A 293 -22.61 38.14 -11.40
C ILE A 293 -24.02 38.62 -11.08
N PHE A 294 -24.66 39.23 -12.06
CA PHE A 294 -26.01 39.75 -11.86
C PHE A 294 -27.05 38.80 -12.44
N ASP A 295 -26.62 37.58 -12.73
CA ASP A 295 -27.49 36.51 -13.23
C ASP A 295 -28.26 36.96 -14.47
N PRO A 296 -27.57 37.13 -15.60
CA PRO A 296 -28.13 37.70 -16.82
C PRO A 296 -28.87 36.67 -17.68
N GLN A 297 -28.53 35.40 -17.52
CA GLN A 297 -29.11 34.36 -18.36
C GLN A 297 -29.41 33.11 -17.55
N ASN A 298 -29.51 33.27 -16.24
CA ASN A 298 -29.74 32.15 -15.36
C ASN A 298 -30.71 32.52 -14.24
N PRO A 299 -31.88 31.88 -14.22
CA PRO A 299 -32.91 32.12 -13.21
C PRO A 299 -32.69 31.25 -11.97
N ASP A 300 -31.45 31.13 -11.56
CA ASP A 300 -31.09 30.28 -10.44
C ASP A 300 -30.57 31.08 -9.27
N GLU A 301 -31.17 30.84 -8.11
CA GLU A 301 -30.66 31.37 -6.86
C GLU A 301 -29.64 30.40 -6.29
N ASN A 302 -29.45 29.30 -7.01
CA ASN A 302 -28.54 28.23 -6.64
C ASN A 302 -29.04 27.55 -5.36
N GLU A 303 -28.51 27.99 -4.23
CA GLU A 303 -28.90 27.45 -2.93
C GLU A 303 -28.24 28.26 -1.82
N MET A 1 -22.81 -5.37 6.43
CA MET A 1 -21.70 -4.40 6.37
C MET A 1 -22.14 -3.04 6.88
N SER A 2 -21.18 -2.27 7.40
CA SER A 2 -21.47 -0.94 7.90
C SER A 2 -21.37 0.10 6.79
N SER A 3 -20.22 0.17 6.13
CA SER A 3 -20.00 1.14 5.08
C SER A 3 -19.47 0.48 3.81
N ALA A 4 -20.35 0.24 2.84
CA ALA A 4 -19.95 -0.31 1.54
C ALA A 4 -21.16 -0.46 0.62
N ARG A 5 -21.00 -0.07 -0.63
CA ARG A 5 -22.05 -0.24 -1.64
C ARG A 5 -21.55 -1.22 -2.69
N PHE A 6 -20.56 -0.79 -3.47
CA PHE A 6 -19.89 -1.65 -4.47
C PHE A 6 -20.80 -2.13 -5.59
N ASP A 7 -20.15 -2.63 -6.63
CA ASP A 7 -20.80 -3.49 -7.60
C ASP A 7 -20.25 -4.90 -7.42
N SER A 8 -18.93 -4.95 -7.16
CA SER A 8 -18.18 -6.20 -7.01
C SER A 8 -18.16 -6.99 -8.31
N SER A 9 -17.06 -7.71 -8.54
CA SER A 9 -16.82 -8.56 -9.74
C SER A 9 -16.81 -7.77 -11.06
N ASP A 10 -17.83 -6.94 -11.29
CA ASP A 10 -18.00 -6.27 -12.58
C ASP A 10 -16.78 -5.44 -12.94
N ARG A 11 -16.03 -5.94 -13.91
CA ARG A 11 -14.81 -5.30 -14.37
C ARG A 11 -15.08 -3.92 -14.94
N SER A 12 -16.30 -3.68 -15.38
CA SER A 12 -16.66 -2.40 -15.97
C SER A 12 -16.90 -1.35 -14.88
N ALA A 13 -17.08 -1.80 -13.64
CA ALA A 13 -17.45 -0.88 -12.57
C ALA A 13 -16.23 -0.33 -11.84
N TRP A 14 -15.32 -1.21 -11.44
CA TRP A 14 -14.20 -0.79 -10.60
C TRP A 14 -12.88 -0.86 -11.36
N TYR A 15 -12.81 -1.66 -12.41
CA TYR A 15 -11.57 -1.79 -13.16
C TYR A 15 -11.51 -0.70 -14.22
N MET A 16 -10.56 0.21 -14.05
CA MET A 16 -10.49 1.40 -14.89
C MET A 16 -9.48 1.20 -16.02
N GLY A 17 -8.86 0.02 -16.02
CA GLY A 17 -7.85 -0.34 -17.01
C GLY A 17 -6.74 0.68 -17.17
N PRO A 18 -6.62 1.32 -18.34
CA PRO A 18 -5.54 2.28 -18.62
C PRO A 18 -5.76 3.61 -17.93
N VAL A 19 -5.03 3.83 -16.84
CA VAL A 19 -5.20 5.04 -16.05
C VAL A 19 -3.85 5.64 -15.63
N SER A 20 -3.18 5.03 -14.66
CA SER A 20 -1.83 5.42 -14.28
C SER A 20 -1.90 6.71 -13.47
N ARG A 21 -0.77 7.12 -12.91
CA ARG A 21 -0.74 8.27 -12.01
C ARG A 21 -1.40 9.49 -12.62
N GLN A 22 -1.14 9.77 -13.89
CA GLN A 22 -1.62 11.00 -14.52
C GLN A 22 -3.15 11.07 -14.53
N GLU A 23 -3.84 9.96 -14.74
CA GLU A 23 -5.29 9.97 -14.76
C GLU A 23 -5.87 9.68 -13.38
N ALA A 24 -5.32 8.67 -12.72
CA ALA A 24 -5.79 8.26 -11.39
C ALA A 24 -5.76 9.42 -10.41
N GLN A 25 -4.74 10.25 -10.53
CA GLN A 25 -4.57 11.37 -9.63
C GLN A 25 -5.66 12.41 -9.83
N THR A 26 -5.86 12.85 -11.08
CA THR A 26 -6.81 13.91 -11.38
C THR A 26 -8.25 13.41 -11.26
N ARG A 27 -8.41 12.10 -11.20
CA ARG A 27 -9.72 11.48 -11.11
C ARG A 27 -10.24 11.56 -9.67
N LEU A 28 -9.36 11.27 -8.74
CA LEU A 28 -9.71 11.26 -7.33
C LEU A 28 -9.16 12.50 -6.63
N GLN A 29 -8.70 13.48 -7.43
CA GLN A 29 -8.11 14.69 -6.87
C GLN A 29 -9.19 15.63 -6.34
N GLY A 30 -9.30 15.65 -5.03
CA GLY A 30 -10.34 16.41 -4.37
C GLY A 30 -11.20 15.45 -3.61
N GLN A 31 -11.11 14.20 -4.07
CA GLN A 31 -11.71 13.02 -3.46
C GLN A 31 -13.11 13.21 -2.91
N ARG A 32 -14.06 12.57 -3.58
CA ARG A 32 -15.42 12.50 -3.07
C ARG A 32 -15.47 11.63 -1.82
N HIS A 33 -14.35 10.93 -1.57
CA HIS A 33 -14.17 10.09 -0.38
C HIS A 33 -14.96 8.80 -0.51
N GLY A 34 -14.27 7.69 -0.41
CA GLY A 34 -14.93 6.40 -0.52
C GLY A 34 -15.00 5.93 -1.95
N MET A 35 -14.15 6.49 -2.80
CA MET A 35 -14.08 6.05 -4.18
C MET A 35 -12.72 5.43 -4.46
N PHE A 36 -12.69 4.46 -5.34
CA PHE A 36 -11.47 3.73 -5.65
C PHE A 36 -11.48 3.30 -7.11
N LEU A 37 -10.31 3.02 -7.64
CA LEU A 37 -10.20 2.50 -9.00
C LEU A 37 -8.95 1.64 -9.13
N VAL A 38 -9.12 0.49 -9.76
CA VAL A 38 -8.01 -0.40 -10.04
C VAL A 38 -7.60 -0.25 -11.49
N ARG A 39 -6.39 0.23 -11.71
CA ARG A 39 -5.91 0.48 -13.06
C ARG A 39 -4.66 -0.32 -13.40
N ASP A 40 -4.11 -0.04 -14.55
CA ASP A 40 -2.93 -0.72 -15.06
C ASP A 40 -1.68 -0.34 -14.28
N SER A 41 -0.85 -1.32 -13.98
CA SER A 41 0.47 -1.06 -13.46
C SER A 41 1.47 -1.21 -14.61
N SER A 42 1.70 -0.10 -15.30
CA SER A 42 2.51 -0.11 -16.52
C SER A 42 4.00 -0.31 -16.22
N THR A 43 4.32 -0.70 -14.99
CA THR A 43 5.68 -1.03 -14.62
C THR A 43 5.86 -2.55 -14.61
N CYS A 44 4.76 -3.27 -14.75
CA CYS A 44 4.77 -4.74 -14.75
C CYS A 44 3.45 -5.27 -15.30
N PRO A 45 3.47 -5.86 -16.50
CA PRO A 45 2.27 -6.39 -17.15
C PRO A 45 1.58 -7.47 -16.32
N GLY A 46 0.37 -7.18 -15.88
CA GLY A 46 -0.38 -8.11 -15.05
C GLY A 46 -0.76 -7.48 -13.72
N ASP A 47 0.18 -6.75 -13.12
CA ASP A 47 -0.05 -6.11 -11.83
C ASP A 47 -0.96 -4.90 -12.00
N TYR A 48 -1.58 -4.48 -10.91
CA TYR A 48 -2.51 -3.35 -10.95
C TYR A 48 -2.25 -2.41 -9.78
N VAL A 49 -2.95 -1.28 -9.77
CA VAL A 49 -2.81 -0.30 -8.68
C VAL A 49 -4.18 0.26 -8.27
N LEU A 50 -4.62 -0.14 -7.09
CA LEU A 50 -5.88 0.33 -6.53
C LEU A 50 -5.70 1.70 -5.89
N SER A 51 -6.18 2.73 -6.56
CA SER A 51 -6.13 4.07 -6.00
C SER A 51 -7.44 4.40 -5.30
N VAL A 52 -7.33 4.71 -4.02
CA VAL A 52 -8.49 5.04 -3.19
C VAL A 52 -8.33 6.44 -2.64
N SER A 53 -9.40 7.20 -2.54
CA SER A 53 -9.26 8.56 -2.08
C SER A 53 -10.12 8.84 -0.84
N GLU A 54 -9.50 9.47 0.14
CA GLU A 54 -10.17 9.90 1.37
C GLU A 54 -9.50 11.18 1.83
N ASN A 55 -9.98 11.78 2.93
CA ASN A 55 -9.53 13.10 3.46
C ASN A 55 -8.17 13.58 2.90
N SER A 56 -8.24 14.15 1.69
CA SER A 56 -7.06 14.54 0.90
C SER A 56 -5.90 13.54 1.08
N ARG A 57 -6.08 12.37 0.49
CA ARG A 57 -5.36 11.17 0.90
C ARG A 57 -5.52 10.03 -0.10
N VAL A 58 -5.24 10.28 -1.37
CA VAL A 58 -5.46 9.24 -2.36
C VAL A 58 -4.31 8.22 -2.30
N SER A 59 -4.62 7.10 -1.65
CA SER A 59 -3.66 6.06 -1.38
C SER A 59 -3.67 5.00 -2.48
N HIS A 60 -2.52 4.81 -3.10
CA HIS A 60 -2.37 3.89 -4.22
C HIS A 60 -1.90 2.51 -3.75
N TYR A 61 -2.85 1.63 -3.44
CA TYR A 61 -2.55 0.28 -2.94
C TYR A 61 -2.32 -0.69 -4.13
N ILE A 62 -1.10 -1.21 -4.26
CA ILE A 62 -0.74 -2.05 -5.42
C ILE A 62 -1.21 -3.52 -5.27
N ILE A 63 -1.69 -4.09 -6.39
CA ILE A 63 -2.15 -5.49 -6.44
C ILE A 63 -1.25 -6.31 -7.39
N ASN A 64 -0.64 -7.36 -6.86
CA ASN A 64 0.38 -8.11 -7.58
C ASN A 64 -0.25 -9.20 -8.45
N SER A 65 0.39 -9.46 -9.58
CA SER A 65 -0.02 -10.54 -10.45
C SER A 65 0.76 -11.80 -10.12
N LEU A 66 0.14 -12.70 -9.37
CA LEU A 66 0.77 -13.96 -9.00
C LEU A 66 0.55 -14.98 -10.12
N PRO A 67 1.56 -15.83 -10.39
CA PRO A 67 1.57 -16.76 -11.53
C PRO A 67 0.33 -17.66 -11.61
N ASN A 68 -0.27 -17.96 -10.46
CA ASN A 68 -1.42 -18.86 -10.42
C ASN A 68 -2.73 -18.08 -10.53
N ARG A 69 -2.66 -16.85 -11.06
CA ARG A 69 -3.83 -15.99 -11.22
C ARG A 69 -4.39 -15.55 -9.87
N ARG A 70 -3.50 -15.26 -8.94
CA ARG A 70 -3.90 -14.77 -7.63
C ARG A 70 -3.44 -13.33 -7.48
N PHE A 71 -4.20 -12.54 -6.74
CA PHE A 71 -3.87 -11.13 -6.59
C PHE A 71 -3.49 -10.80 -5.15
N LYS A 72 -2.24 -10.38 -4.96
CA LYS A 72 -1.76 -10.03 -3.63
C LYS A 72 -1.51 -8.54 -3.52
N ILE A 73 -2.39 -7.83 -2.82
CA ILE A 73 -2.23 -6.39 -2.66
C ILE A 73 -1.22 -6.09 -1.54
N GLY A 74 0.05 -6.25 -1.88
CA GLY A 74 1.14 -5.96 -0.95
C GLY A 74 1.10 -6.82 0.31
N ASP A 75 1.84 -7.93 0.31
CA ASP A 75 1.99 -8.79 1.50
C ASP A 75 0.72 -9.62 1.74
N GLN A 76 -0.43 -8.96 1.74
CA GLN A 76 -1.71 -9.63 1.95
C GLN A 76 -2.22 -10.19 0.64
N GLU A 77 -2.28 -11.51 0.53
CA GLU A 77 -2.78 -12.13 -0.68
C GLU A 77 -4.21 -12.60 -0.50
N PHE A 78 -5.02 -12.31 -1.51
CA PHE A 78 -6.43 -12.66 -1.50
C PHE A 78 -6.72 -13.54 -2.70
N ASP A 79 -7.94 -14.06 -2.78
CA ASP A 79 -8.33 -14.94 -3.88
C ASP A 79 -8.17 -14.24 -5.22
N HIS A 80 -8.65 -13.00 -5.29
CA HIS A 80 -8.64 -12.23 -6.53
C HIS A 80 -8.93 -10.75 -6.25
N LEU A 81 -8.99 -9.94 -7.30
CA LEU A 81 -9.25 -8.50 -7.15
C LEU A 81 -10.54 -8.22 -6.38
N PRO A 82 -11.71 -8.72 -6.84
CA PRO A 82 -12.99 -8.51 -6.13
C PRO A 82 -13.09 -9.32 -4.83
N ALA A 83 -11.94 -9.65 -4.25
CA ALA A 83 -11.89 -10.32 -2.97
C ALA A 83 -11.13 -9.47 -1.96
N LEU A 84 -10.12 -8.76 -2.44
CA LEU A 84 -9.34 -7.86 -1.58
C LEU A 84 -10.13 -6.59 -1.32
N LEU A 85 -10.95 -6.21 -2.30
CA LEU A 85 -11.83 -5.06 -2.17
C LEU A 85 -12.85 -5.33 -1.06
N GLU A 86 -13.36 -6.56 -1.05
CA GLU A 86 -14.33 -7.00 -0.06
C GLU A 86 -13.70 -7.14 1.34
N PHE A 87 -12.41 -6.93 1.47
CA PHE A 87 -11.75 -6.99 2.78
C PHE A 87 -11.63 -5.59 3.36
N TYR A 88 -11.36 -4.65 2.49
CA TYR A 88 -11.13 -3.28 2.91
C TYR A 88 -12.42 -2.57 3.23
N LYS A 89 -13.53 -3.27 3.02
CA LYS A 89 -14.83 -2.75 3.39
C LYS A 89 -15.08 -2.88 4.89
N ILE A 90 -14.22 -3.64 5.59
CA ILE A 90 -14.32 -3.76 7.05
C ILE A 90 -13.02 -3.33 7.72
N HIS A 91 -11.97 -3.20 6.91
CA HIS A 91 -10.68 -2.74 7.41
C HIS A 91 -10.73 -1.23 7.65
N TYR A 92 -11.57 -0.58 6.84
CA TYR A 92 -11.71 0.86 6.87
C TYR A 92 -10.40 1.56 6.57
N LEU A 93 -9.77 1.23 5.43
CA LEU A 93 -8.65 2.04 5.02
C LEU A 93 -9.14 3.46 4.82
N ASP A 94 -8.50 4.38 5.54
CA ASP A 94 -8.84 5.80 5.52
C ASP A 94 -10.04 6.10 6.42
N THR A 95 -10.60 5.04 7.04
CA THR A 95 -11.84 5.14 7.81
C THR A 95 -12.96 5.72 6.95
N THR A 96 -13.45 4.86 6.08
CA THR A 96 -14.56 5.13 5.18
C THR A 96 -14.78 3.88 4.34
N THR A 97 -13.66 3.23 4.05
CA THR A 97 -13.58 1.99 3.25
C THR A 97 -13.82 2.29 1.79
N LEU A 98 -13.93 1.22 1.02
CA LEU A 98 -14.30 1.33 -0.36
C LEU A 98 -15.83 1.34 -0.45
N ILE A 99 -16.40 2.53 -0.48
CA ILE A 99 -17.84 2.67 -0.58
C ILE A 99 -18.30 2.19 -1.95
N GLU A 100 -17.76 2.81 -2.99
CA GLU A 100 -18.05 2.39 -4.34
C GLU A 100 -16.92 2.85 -5.27
N PRO A 101 -16.82 2.29 -6.48
CA PRO A 101 -15.77 2.68 -7.43
C PRO A 101 -15.92 4.11 -7.95
N ALA A 102 -14.80 4.69 -8.33
CA ALA A 102 -14.77 6.02 -8.91
C ALA A 102 -15.35 6.00 -10.32
N PRO A 103 -16.08 7.05 -10.70
CA PRO A 103 -16.65 7.16 -12.05
C PRO A 103 -15.57 7.25 -13.12
N ARG A 104 -15.93 6.86 -14.34
CA ARG A 104 -15.00 6.91 -15.46
C ARG A 104 -15.17 8.22 -16.20
N TYR A 105 -16.21 8.27 -17.06
CA TYR A 105 -16.59 9.48 -17.79
C TYR A 105 -15.52 9.93 -18.80
N PRO A 106 -15.89 9.99 -20.08
CA PRO A 106 -15.02 10.54 -21.12
C PRO A 106 -14.95 12.07 -21.06
N SER A 107 -15.84 12.63 -20.25
CA SER A 107 -15.89 14.08 -20.05
C SER A 107 -16.18 14.36 -18.58
N PRO A 108 -15.38 15.22 -17.94
CA PRO A 108 -15.55 15.57 -16.53
C PRO A 108 -16.83 16.34 -16.28
N PRO A 109 -17.79 15.73 -15.58
CA PRO A 109 -19.10 16.36 -15.32
C PRO A 109 -19.05 17.34 -14.16
N MET A 110 -18.17 17.06 -13.20
CA MET A 110 -18.07 17.87 -11.98
C MET A 110 -19.37 17.82 -11.18
N GLY A 111 -19.37 18.43 -10.00
CA GLY A 111 -20.56 18.47 -9.19
C GLY A 111 -20.71 17.25 -8.30
N SER A 112 -20.74 17.48 -7.01
CA SER A 112 -20.94 16.42 -6.04
C SER A 112 -21.50 17.01 -4.75
N VAL A 113 -22.83 17.16 -4.72
CA VAL A 113 -23.50 17.80 -3.60
C VAL A 113 -23.55 16.86 -2.39
N SER A 114 -23.53 15.57 -2.66
CA SER A 114 -23.49 14.56 -1.62
C SER A 114 -22.08 13.99 -1.49
N ALA A 115 -21.25 14.63 -0.68
CA ALA A 115 -19.86 14.22 -0.53
C ALA A 115 -19.19 14.95 0.63
N PRO A 116 -18.30 14.25 1.36
CA PRO A 116 -17.50 14.84 2.45
C PRO A 116 -16.20 15.48 1.92
N ASN A 117 -16.27 15.98 0.69
CA ASN A 117 -15.16 16.69 0.05
C ASN A 117 -14.57 17.79 0.93
N LEU A 118 -13.24 17.90 0.87
CA LEU A 118 -12.47 18.96 1.53
C LEU A 118 -12.82 19.15 3.01
N PRO A 119 -12.37 18.22 3.87
CA PRO A 119 -12.43 18.40 5.30
C PRO A 119 -11.13 18.99 5.87
N THR A 120 -10.00 18.58 5.28
CA THR A 120 -8.68 19.05 5.65
C THR A 120 -7.72 18.77 4.50
N ALA A 121 -6.74 19.65 4.30
CA ALA A 121 -5.74 19.45 3.27
C ALA A 121 -4.53 18.72 3.85
N GLU A 122 -4.43 17.44 3.54
CA GLU A 122 -3.42 16.59 4.16
C GLU A 122 -2.16 16.51 3.28
N ASP A 123 -1.05 16.98 3.83
CA ASP A 123 0.24 16.90 3.15
C ASP A 123 1.32 16.45 4.14
N ASN A 124 0.96 16.46 5.42
CA ASN A 124 1.87 16.08 6.50
C ASN A 124 1.97 14.56 6.61
N LEU A 125 1.07 13.87 5.94
CA LEU A 125 0.95 12.43 6.06
C LEU A 125 1.61 11.72 4.89
N GLU A 126 2.76 11.11 5.17
CA GLU A 126 3.54 10.40 4.16
C GLU A 126 4.67 9.61 4.84
N TYR A 127 5.76 10.29 5.17
CA TYR A 127 6.91 9.64 5.79
C TYR A 127 6.97 9.97 7.28
N VAL A 128 6.99 8.94 8.09
CA VAL A 128 7.04 9.09 9.53
C VAL A 128 8.10 8.16 10.09
N ARG A 129 8.90 8.62 11.03
CA ARG A 129 9.73 7.67 11.76
C ARG A 129 9.28 7.64 13.21
N THR A 130 9.37 6.48 13.84
CA THR A 130 8.90 6.35 15.21
C THR A 130 10.05 6.33 16.19
N LEU A 131 9.89 7.07 17.29
CA LEU A 131 10.93 7.21 18.28
C LEU A 131 10.66 6.33 19.49
N TYR A 132 9.40 6.27 19.90
CA TYR A 132 9.06 5.66 21.19
C TYR A 132 9.15 4.13 21.16
N ASP A 133 8.81 3.51 20.02
CA ASP A 133 8.81 2.04 19.91
C ASP A 133 7.63 1.46 20.68
N PHE A 134 6.63 0.97 19.94
CA PHE A 134 5.43 0.42 20.53
C PHE A 134 5.00 -0.79 19.73
N PRO A 135 5.26 -1.99 20.24
CA PRO A 135 4.88 -3.21 19.60
C PRO A 135 3.49 -3.68 20.02
N GLY A 136 2.48 -3.28 19.25
CA GLY A 136 1.13 -3.77 19.50
C GLY A 136 0.92 -5.11 18.84
N ASN A 137 1.77 -5.39 17.86
CA ASN A 137 1.74 -6.64 17.09
C ASN A 137 0.33 -6.98 16.60
N ASP A 138 -0.35 -5.99 16.03
CA ASP A 138 -1.72 -6.18 15.57
C ASP A 138 -1.94 -5.44 14.25
N ALA A 139 -2.98 -5.81 13.50
CA ALA A 139 -3.26 -5.17 12.21
C ALA A 139 -3.88 -3.79 12.42
N GLU A 140 -4.18 -3.46 13.66
CA GLU A 140 -4.61 -2.13 14.02
C GLU A 140 -3.72 -1.58 15.14
N ASP A 141 -2.58 -2.25 15.34
CA ASP A 141 -1.56 -1.77 16.27
C ASP A 141 -0.18 -2.15 15.74
N LEU A 142 0.38 -1.27 14.91
CA LEU A 142 1.64 -1.58 14.23
C LEU A 142 2.79 -1.59 15.22
N PRO A 143 3.48 -2.74 15.34
CA PRO A 143 4.65 -2.85 16.21
C PRO A 143 5.86 -2.14 15.60
N PHE A 144 6.02 -0.88 15.93
CA PHE A 144 7.11 -0.09 15.35
C PHE A 144 8.28 0.01 16.31
N LYS A 145 9.45 0.31 15.77
CA LYS A 145 10.65 0.36 16.56
C LYS A 145 11.00 1.79 16.94
N LYS A 146 12.09 1.92 17.69
CA LYS A 146 12.57 3.21 18.17
C LYS A 146 13.46 3.89 17.12
N GLY A 147 13.34 3.45 15.87
CA GLY A 147 14.13 4.04 14.82
C GLY A 147 13.78 3.46 13.47
N GLU A 148 12.54 3.04 13.31
CA GLU A 148 12.11 2.46 12.04
C GLU A 148 11.36 3.51 11.23
N ILE A 149 11.32 3.33 9.92
CA ILE A 149 10.61 4.25 9.06
C ILE A 149 9.24 3.66 8.73
N LEU A 150 8.22 4.48 8.84
CA LEU A 150 6.89 4.06 8.53
C LEU A 150 6.36 4.94 7.44
N VAL A 151 5.38 4.44 6.73
CA VAL A 151 4.68 5.25 5.78
C VAL A 151 3.23 5.25 6.17
N ILE A 152 2.61 6.41 6.19
CA ILE A 152 1.24 6.50 6.62
C ILE A 152 0.32 5.96 5.53
N ILE A 153 0.11 4.66 5.60
CA ILE A 153 -0.63 3.93 4.59
C ILE A 153 -2.12 4.17 4.77
N GLU A 154 -2.54 4.38 6.01
CA GLU A 154 -3.91 4.79 6.30
C GLU A 154 -3.88 5.95 7.30
N LYS A 155 -4.77 6.92 7.11
CA LYS A 155 -4.90 8.03 8.05
C LYS A 155 -6.37 8.20 8.44
N PRO A 156 -6.80 7.41 9.42
CA PRO A 156 -8.15 7.51 10.00
C PRO A 156 -8.31 8.67 10.98
N GLU A 157 -7.61 8.59 12.10
CA GLU A 157 -7.80 9.54 13.19
C GLU A 157 -6.78 10.68 13.10
N GLU A 158 -6.90 11.67 13.98
CA GLU A 158 -6.00 12.81 13.96
C GLU A 158 -4.90 12.69 15.02
N GLN A 159 -5.03 11.72 15.91
CA GLN A 159 -3.98 11.43 16.89
C GLN A 159 -3.53 9.98 16.79
N TRP A 160 -4.20 9.24 15.92
CA TRP A 160 -3.80 7.88 15.60
C TRP A 160 -3.73 7.72 14.09
N TRP A 161 -2.60 7.26 13.60
CA TRP A 161 -2.40 7.06 12.17
C TRP A 161 -2.04 5.61 11.89
N SER A 162 -2.64 5.02 10.88
CA SER A 162 -2.33 3.65 10.54
C SER A 162 -1.18 3.61 9.54
N ALA A 163 0.03 3.50 10.04
CA ALA A 163 1.19 3.49 9.18
C ALA A 163 1.59 2.06 8.84
N ARG A 164 2.39 1.92 7.81
CA ARG A 164 2.84 0.61 7.41
C ARG A 164 4.25 0.36 7.91
N ASN A 165 4.41 -0.79 8.51
CA ASN A 165 5.69 -1.33 8.93
C ASN A 165 6.67 -1.25 7.78
N LYS A 166 7.90 -0.88 8.07
CA LYS A 166 8.95 -0.91 7.06
C LYS A 166 9.06 -2.34 6.50
N ASP A 167 8.68 -3.31 7.32
CA ASP A 167 8.77 -4.69 6.92
C ASP A 167 7.43 -5.24 6.47
N GLY A 168 6.46 -4.35 6.31
CA GLY A 168 5.23 -4.71 5.60
C GLY A 168 4.09 -5.15 6.48
N ARG A 169 3.35 -4.19 7.01
CA ARG A 169 2.01 -4.45 7.57
C ARG A 169 1.33 -3.14 7.94
N VAL A 170 0.02 -3.16 8.02
CA VAL A 170 -0.72 -1.98 8.41
C VAL A 170 -1.09 -2.05 9.89
N GLY A 171 -0.80 -0.99 10.62
CA GLY A 171 -1.25 -0.91 12.00
C GLY A 171 -1.39 0.52 12.47
N MET A 172 -2.28 0.74 13.43
CA MET A 172 -2.47 2.07 14.01
C MET A 172 -1.31 2.43 14.91
N ILE A 173 -0.87 3.68 14.82
CA ILE A 173 0.26 4.15 15.60
C ILE A 173 -0.03 5.54 16.18
N PRO A 174 0.47 5.81 17.40
CA PRO A 174 0.31 7.10 18.07
C PRO A 174 1.09 8.23 17.38
N VAL A 175 0.46 9.40 17.29
CA VAL A 175 1.09 10.57 16.66
C VAL A 175 2.15 11.22 17.55
N PRO A 176 1.85 11.49 18.85
CA PRO A 176 2.86 12.03 19.78
C PRO A 176 3.99 11.03 20.05
N TYR A 177 3.95 9.93 19.31
CA TYR A 177 4.89 8.85 19.43
C TYR A 177 5.88 8.83 18.26
N VAL A 178 5.72 9.77 17.32
CA VAL A 178 6.46 9.70 16.06
C VAL A 178 7.43 10.87 15.83
N GLU A 179 7.89 10.95 14.59
CA GLU A 179 9.05 11.72 14.17
C GLU A 179 8.94 12.00 12.66
N LYS A 180 7.74 12.35 12.21
CA LYS A 180 7.46 12.38 10.78
C LYS A 180 7.99 13.66 10.12
N LEU A 181 8.58 13.46 8.95
CA LEU A 181 9.42 14.45 8.28
C LEU A 181 8.76 15.80 8.06
N VAL A 182 7.51 15.78 7.61
CA VAL A 182 6.84 17.01 7.14
C VAL A 182 6.82 18.10 8.20
N ARG A 183 6.62 17.74 9.46
CA ARG A 183 6.55 18.73 10.52
C ARG A 183 7.92 18.99 11.14
N SER A 184 8.97 18.60 10.41
CA SER A 184 10.33 18.88 10.83
C SER A 184 11.24 18.96 9.60
N SER A 185 10.91 19.90 8.71
CA SER A 185 11.71 20.11 7.50
C SER A 185 11.81 21.60 7.20
N PRO A 186 12.94 22.03 6.60
CA PRO A 186 13.19 23.44 6.28
C PRO A 186 12.05 24.08 5.48
N HIS A 187 11.77 23.50 4.31
CA HIS A 187 10.72 23.99 3.41
C HIS A 187 11.07 25.36 2.83
N GLY A 188 11.04 26.37 3.67
CA GLY A 188 11.32 27.72 3.23
C GLY A 188 11.53 28.66 4.38
N LYS A 189 10.47 28.93 5.14
CA LYS A 189 10.54 29.82 6.28
C LYS A 189 11.12 29.10 7.50
N HIS A 190 10.88 27.80 7.59
CA HIS A 190 11.30 27.01 8.75
C HIS A 190 12.78 26.65 8.67
N GLY A 191 13.62 27.68 8.62
CA GLY A 191 15.06 27.46 8.57
C GLY A 191 15.59 27.46 7.16
N ASN A 192 15.09 28.37 6.33
CA ASN A 192 15.55 28.51 4.94
C ASN A 192 15.28 27.24 4.15
N ARG A 193 15.94 27.10 3.00
CA ARG A 193 15.94 25.83 2.30
C ARG A 193 17.24 25.10 2.60
N ASN A 194 18.33 25.57 1.99
CA ASN A 194 19.68 25.08 2.25
C ASN A 194 19.85 23.61 1.86
N SER A 195 19.33 22.72 2.69
CA SER A 195 19.44 21.29 2.43
C SER A 195 18.46 20.89 1.33
N ASN A 196 19.00 20.65 0.14
CA ASN A 196 18.20 20.20 -0.98
C ASN A 196 19.01 19.27 -1.86
N SER A 197 19.29 18.10 -1.32
CA SER A 197 20.05 17.09 -2.03
C SER A 197 19.16 15.88 -2.27
N TYR A 198 18.81 15.66 -3.53
CA TYR A 198 17.89 14.60 -3.90
C TYR A 198 18.65 13.30 -4.10
N GLY A 199 19.77 13.38 -4.83
CA GLY A 199 20.59 12.22 -5.10
C GLY A 199 19.82 11.13 -5.83
N ILE A 200 19.73 9.97 -5.21
CA ILE A 200 18.97 8.86 -5.76
C ILE A 200 18.19 8.14 -4.65
N PRO A 201 16.93 8.54 -4.43
CA PRO A 201 16.08 7.95 -3.41
C PRO A 201 15.43 6.66 -3.89
N GLU A 202 15.83 5.55 -3.28
CA GLU A 202 15.35 4.23 -3.67
C GLU A 202 13.88 4.00 -3.27
N PRO A 203 13.51 4.19 -1.99
CA PRO A 203 12.15 3.93 -1.52
C PRO A 203 11.19 5.08 -1.82
N ALA A 204 11.56 5.94 -2.77
CA ALA A 204 10.78 7.14 -3.08
C ALA A 204 9.60 6.83 -3.98
N HIS A 205 9.34 5.55 -4.21
CA HIS A 205 8.17 5.14 -4.99
C HIS A 205 6.88 5.54 -4.27
N ALA A 206 6.13 6.46 -4.84
CA ALA A 206 4.95 7.00 -4.20
C ALA A 206 3.74 6.08 -4.37
N ALA A 208 0.99 3.30 -1.93
CA ALA A 208 0.49 2.98 -0.61
C ALA A 208 0.37 1.48 -0.42
N GLN A 209 1.16 0.71 -1.16
CA GLN A 209 1.21 -0.72 -0.95
C GLN A 209 1.94 -1.00 0.36
N PRO A 210 1.50 -2.01 1.12
CA PRO A 210 2.00 -2.30 2.49
C PRO A 210 3.53 -2.47 2.59
N GLN A 211 4.18 -2.63 1.43
CA GLN A 211 5.64 -2.59 1.34
C GLN A 211 6.29 -3.87 1.87
N THR A 212 6.41 -4.86 0.99
CA THR A 212 7.11 -6.08 1.33
C THR A 212 8.06 -6.48 0.20
N THR A 213 9.27 -5.94 0.25
CA THR A 213 10.27 -6.25 -0.75
C THR A 213 11.42 -7.04 -0.11
N THR A 214 12.03 -6.45 0.91
CA THR A 214 13.09 -7.11 1.65
C THR A 214 13.07 -6.66 3.10
N PRO A 215 12.50 -7.49 3.99
CA PRO A 215 12.42 -7.19 5.42
C PRO A 215 13.76 -7.34 6.12
N LEU A 216 13.96 -6.55 7.17
CA LEU A 216 15.19 -6.62 7.96
C LEU A 216 15.32 -7.96 8.71
N PRO A 217 14.26 -8.42 9.43
CA PRO A 217 14.28 -9.70 10.13
C PRO A 217 14.21 -10.90 9.19
N ALA A 218 14.41 -10.66 7.90
CA ALA A 218 14.37 -11.72 6.91
C ALA A 218 15.74 -11.93 6.29
N VAL A 219 16.34 -13.08 6.58
CA VAL A 219 17.62 -13.44 6.00
C VAL A 219 17.44 -14.48 4.91
N SER A 220 16.24 -15.07 4.89
CA SER A 220 15.83 -16.02 3.85
C SER A 220 16.65 -17.30 3.86
N GLY A 221 16.20 -18.29 3.10
CA GLY A 221 16.96 -19.50 2.92
C GLY A 221 17.89 -19.39 1.74
N SER A 222 18.72 -20.41 1.54
CA SER A 222 19.73 -20.40 0.48
C SER A 222 20.76 -19.30 0.74
N PRO A 223 21.77 -19.61 1.56
CA PRO A 223 22.82 -18.65 1.94
C PRO A 223 23.78 -18.37 0.78
N GLY A 224 23.59 -19.09 -0.31
CA GLY A 224 24.44 -18.90 -1.47
C GLY A 224 23.95 -17.77 -2.35
N ALA A 225 24.87 -16.99 -2.88
CA ALA A 225 24.52 -15.89 -3.76
C ALA A 225 24.53 -16.36 -5.21
N ALA A 226 25.01 -17.57 -5.43
CA ALA A 226 24.99 -18.16 -6.76
C ALA A 226 23.85 -19.16 -6.87
N ILE A 227 22.69 -18.66 -7.27
CA ILE A 227 21.52 -19.52 -7.46
C ILE A 227 21.37 -19.85 -8.94
N THR A 228 21.66 -21.10 -9.29
CA THR A 228 21.67 -21.53 -10.68
C THR A 228 20.30 -21.35 -11.35
N PRO A 229 20.24 -20.52 -12.40
CA PRO A 229 19.03 -20.30 -13.18
C PRO A 229 18.80 -21.43 -14.17
N LEU A 230 18.56 -22.63 -13.63
CA LEU A 230 18.39 -23.81 -14.46
C LEU A 230 16.99 -23.88 -15.09
N PRO A 231 15.91 -23.78 -14.29
CA PRO A 231 14.54 -23.80 -14.83
C PRO A 231 14.24 -22.53 -15.63
N SER A 232 15.00 -21.48 -15.34
CA SER A 232 14.84 -20.21 -16.03
C SER A 232 15.41 -20.30 -17.44
N THR A 233 14.51 -20.36 -18.41
CA THR A 233 14.89 -20.45 -19.80
C THR A 233 14.22 -19.35 -20.62
N GLN A 234 15.01 -18.52 -21.27
CA GLN A 234 14.47 -17.49 -22.14
C GLN A 234 14.27 -18.06 -23.55
N ASN A 235 13.21 -18.85 -23.68
CA ASN A 235 12.90 -19.49 -24.96
C ASN A 235 11.66 -18.86 -25.57
N GLY A 236 10.85 -18.23 -24.73
CA GLY A 236 9.62 -17.60 -25.20
C GLY A 236 8.49 -18.60 -25.32
N PRO A 237 7.81 -18.91 -24.22
CA PRO A 237 6.67 -19.83 -24.23
C PRO A 237 5.52 -19.28 -25.07
N VAL A 238 4.94 -20.12 -25.91
CA VAL A 238 3.89 -19.69 -26.81
C VAL A 238 2.60 -19.45 -26.02
N PHE A 239 1.91 -18.36 -26.34
CA PHE A 239 0.72 -17.97 -25.61
C PHE A 239 -0.53 -18.25 -26.43
N ALA A 240 -1.39 -19.09 -25.90
CA ALA A 240 -2.66 -19.39 -26.55
C ALA A 240 -3.80 -19.02 -25.61
N LYS A 241 -4.75 -18.25 -26.12
CA LYS A 241 -5.90 -17.86 -25.33
C LYS A 241 -6.94 -18.96 -25.37
N ALA A 242 -7.37 -19.40 -24.20
CA ALA A 242 -8.39 -20.42 -24.11
C ALA A 242 -9.76 -19.80 -24.34
N ILE A 243 -10.21 -19.80 -25.58
CA ILE A 243 -11.51 -19.24 -25.92
C ILE A 243 -12.61 -20.27 -25.66
N GLN A 244 -12.20 -21.52 -25.50
CA GLN A 244 -13.11 -22.59 -25.16
C GLN A 244 -12.53 -23.37 -24.00
N LYS A 245 -13.33 -23.59 -22.96
CA LYS A 245 -12.85 -24.24 -21.75
C LYS A 245 -12.53 -25.71 -21.99
N ARG A 246 -11.95 -26.34 -20.98
CA ARG A 246 -11.53 -27.72 -21.08
C ARG A 246 -11.68 -28.41 -19.73
N VAL A 247 -12.71 -29.20 -19.58
CA VAL A 247 -12.93 -29.96 -18.36
C VAL A 247 -12.26 -31.33 -18.48
N PRO A 248 -11.41 -31.68 -17.51
CA PRO A 248 -10.67 -32.95 -17.54
C PRO A 248 -11.58 -34.17 -17.48
N CYS A 249 -11.17 -35.22 -18.16
CA CYS A 249 -11.91 -36.48 -18.14
C CYS A 249 -11.94 -37.07 -16.73
N ALA A 250 -12.89 -37.97 -16.48
CA ALA A 250 -13.02 -38.60 -15.17
C ALA A 250 -11.74 -39.34 -14.79
N TYR A 251 -11.08 -39.91 -15.79
CA TYR A 251 -9.84 -40.67 -15.55
C TYR A 251 -8.64 -39.74 -15.65
N ASP A 252 -8.92 -38.44 -15.71
CA ASP A 252 -7.91 -37.38 -15.78
C ASP A 252 -7.28 -37.31 -17.16
N LYS A 253 -6.49 -38.33 -17.49
CA LYS A 253 -5.83 -38.42 -18.80
C LYS A 253 -4.83 -37.29 -19.04
N THR A 254 -4.37 -36.67 -17.95
CA THR A 254 -3.44 -35.55 -18.02
C THR A 254 -4.08 -34.33 -18.67
N ALA A 255 -5.41 -34.35 -18.79
CA ALA A 255 -6.13 -33.26 -19.43
C ALA A 255 -6.01 -31.99 -18.60
N LEU A 256 -5.56 -30.92 -19.24
CA LEU A 256 -5.40 -29.65 -18.56
C LEU A 256 -6.76 -28.95 -18.46
N ALA A 257 -7.23 -28.75 -17.23
CA ALA A 257 -8.48 -28.05 -17.00
C ALA A 257 -8.32 -26.58 -17.33
N LEU A 258 -9.05 -26.14 -18.35
CA LEU A 258 -8.94 -24.77 -18.83
C LEU A 258 -10.27 -24.06 -18.70
N GLU A 259 -10.21 -22.74 -18.60
CA GLU A 259 -11.42 -21.92 -18.56
C GLU A 259 -11.30 -20.78 -19.56
N VAL A 260 -12.44 -20.22 -19.94
CA VAL A 260 -12.49 -19.21 -20.99
C VAL A 260 -11.91 -17.88 -20.52
N GLY A 261 -10.90 -17.40 -21.23
CA GLY A 261 -10.36 -16.09 -20.96
C GLY A 261 -8.98 -16.12 -20.35
N ASP A 262 -8.39 -17.31 -20.21
CA ASP A 262 -7.09 -17.42 -19.58
C ASP A 262 -6.03 -17.75 -20.63
N ILE A 263 -4.77 -17.53 -20.29
CA ILE A 263 -3.66 -17.73 -21.21
C ILE A 263 -2.91 -19.03 -20.92
N VAL A 264 -2.87 -19.90 -21.91
CA VAL A 264 -2.13 -21.14 -21.82
C VAL A 264 -0.70 -20.93 -22.32
N LYS A 265 0.27 -21.01 -21.41
CA LYS A 265 1.66 -20.88 -21.78
C LYS A 265 2.23 -22.24 -22.15
N VAL A 266 2.22 -22.56 -23.43
CA VAL A 266 2.62 -23.90 -23.86
C VAL A 266 4.13 -23.97 -24.04
N THR A 267 4.73 -24.92 -23.33
CA THR A 267 6.17 -25.05 -23.31
C THR A 267 6.65 -26.30 -24.04
N ARG A 268 5.74 -27.24 -24.26
CA ARG A 268 6.12 -28.50 -24.89
C ARG A 268 5.15 -28.85 -26.02
N MET A 269 5.52 -28.52 -27.24
CA MET A 269 4.72 -28.91 -28.40
C MET A 269 5.26 -30.21 -28.98
N ASN A 270 4.36 -31.12 -29.27
CA ASN A 270 4.74 -32.47 -29.68
C ASN A 270 3.99 -32.88 -30.95
N ILE A 271 4.44 -33.97 -31.56
CA ILE A 271 3.85 -34.47 -32.80
C ILE A 271 2.61 -35.33 -32.56
N ASN A 272 2.16 -35.38 -31.31
CA ASN A 272 0.98 -36.17 -30.95
C ASN A 272 -0.30 -35.34 -31.12
N GLY A 273 -0.18 -34.04 -30.93
CA GLY A 273 -1.33 -33.16 -31.12
C GLY A 273 -1.61 -32.32 -29.90
N GLN A 274 -1.97 -32.97 -28.80
CA GLN A 274 -2.19 -32.26 -27.54
C GLN A 274 -0.86 -31.84 -26.95
N TRP A 275 -0.72 -30.55 -26.69
CA TRP A 275 0.54 -30.00 -26.20
C TRP A 275 0.54 -29.94 -24.68
N GLU A 276 1.72 -29.70 -24.11
CA GLU A 276 1.86 -29.56 -22.67
C GLU A 276 2.02 -28.09 -22.32
N GLY A 277 1.03 -27.54 -21.63
CA GLY A 277 1.07 -26.14 -21.26
C GLY A 277 0.92 -25.96 -19.77
N GLU A 278 1.28 -24.78 -19.30
CA GLU A 278 1.18 -24.46 -17.88
C GLU A 278 0.14 -23.37 -17.68
N VAL A 279 -0.91 -23.72 -16.94
CA VAL A 279 -1.99 -22.79 -16.66
C VAL A 279 -2.20 -22.72 -15.14
N ASN A 280 -3.25 -22.03 -14.68
CA ASN A 280 -3.48 -21.86 -13.25
C ASN A 280 -3.55 -23.19 -12.51
N GLY A 281 -4.03 -24.23 -13.19
CA GLY A 281 -4.06 -25.55 -12.59
C GLY A 281 -2.68 -26.18 -12.50
N ARG A 282 -2.11 -26.52 -13.65
CA ARG A 282 -0.78 -27.13 -13.72
C ARG A 282 -0.40 -27.39 -15.17
N LYS A 283 0.68 -28.12 -15.39
CA LYS A 283 1.07 -28.52 -16.74
C LYS A 283 0.31 -29.78 -17.14
N GLY A 284 -0.31 -29.75 -18.30
CA GLY A 284 -1.05 -30.90 -18.78
C GLY A 284 -1.30 -30.82 -20.28
N LEU A 285 -1.92 -31.86 -20.83
CA LEU A 285 -2.19 -31.90 -22.26
C LEU A 285 -3.49 -31.17 -22.60
N PHE A 286 -3.42 -30.36 -23.63
CA PHE A 286 -4.58 -29.64 -24.12
C PHE A 286 -4.64 -29.68 -25.65
N PRO A 287 -5.85 -29.82 -26.21
CA PRO A 287 -6.04 -29.79 -27.66
C PRO A 287 -6.03 -28.38 -28.23
N PHE A 288 -5.38 -28.21 -29.37
CA PHE A 288 -5.23 -26.89 -30.00
C PHE A 288 -6.54 -26.41 -30.63
N THR A 289 -7.61 -27.15 -30.41
CA THR A 289 -8.91 -26.78 -30.93
C THR A 289 -9.73 -26.01 -29.91
N HIS A 290 -9.32 -26.07 -28.64
CA HIS A 290 -10.01 -25.36 -27.57
C HIS A 290 -9.29 -24.05 -27.26
N VAL A 291 -8.07 -23.93 -27.78
CA VAL A 291 -7.29 -22.72 -27.63
C VAL A 291 -6.97 -22.16 -29.01
N LYS A 292 -6.61 -20.89 -29.07
CA LYS A 292 -6.26 -20.30 -30.35
C LYS A 292 -4.91 -19.61 -30.28
N ILE A 293 -3.99 -20.07 -31.11
CA ILE A 293 -2.72 -19.40 -31.29
C ILE A 293 -2.95 -18.10 -32.04
N PHE A 294 -2.81 -16.99 -31.33
CA PHE A 294 -3.05 -15.67 -31.91
C PHE A 294 -1.74 -14.95 -32.23
N ASP A 295 -0.64 -15.70 -32.15
CA ASP A 295 0.70 -15.16 -32.38
C ASP A 295 0.96 -13.96 -31.47
N PRO A 296 1.30 -14.22 -30.20
CA PRO A 296 1.44 -13.18 -29.17
C PRO A 296 2.39 -12.06 -29.57
N GLN A 297 3.60 -12.43 -29.97
CA GLN A 297 4.61 -11.44 -30.33
C GLN A 297 5.47 -11.98 -31.46
N ASN A 298 4.94 -12.98 -32.15
CA ASN A 298 5.68 -13.66 -33.20
C ASN A 298 4.74 -14.27 -34.23
N PRO A 299 4.41 -13.53 -35.30
CA PRO A 299 3.61 -14.05 -36.41
C PRO A 299 4.45 -14.95 -37.31
N ASP A 300 4.99 -16.00 -36.72
CA ASP A 300 5.92 -16.88 -37.40
C ASP A 300 5.21 -17.73 -38.45
N GLU A 301 5.88 -17.96 -39.57
CA GLU A 301 5.33 -18.76 -40.65
C GLU A 301 5.52 -20.24 -40.34
N ASN A 302 5.05 -20.64 -39.17
CA ASN A 302 5.15 -22.02 -38.72
C ASN A 302 4.06 -22.86 -39.36
N GLU A 303 4.47 -23.88 -40.08
CA GLU A 303 3.53 -24.79 -40.72
C GLU A 303 3.41 -26.07 -39.90
N MET A 1 -26.32 -1.35 6.29
CA MET A 1 -27.16 -0.63 5.31
C MET A 1 -26.51 0.69 4.91
N SER A 2 -26.55 1.00 3.62
CA SER A 2 -26.03 2.26 3.08
C SER A 2 -24.54 2.41 3.37
N SER A 3 -23.77 1.37 3.10
CA SER A 3 -22.34 1.41 3.34
C SER A 3 -21.62 0.41 2.45
N ALA A 4 -20.96 0.92 1.41
CA ALA A 4 -20.17 0.11 0.48
C ALA A 4 -21.02 -0.92 -0.26
N ARG A 5 -21.45 -0.55 -1.46
CA ARG A 5 -22.28 -1.45 -2.25
C ARG A 5 -21.85 -1.42 -3.71
N PHE A 6 -21.17 -2.49 -4.12
CA PHE A 6 -20.72 -2.63 -5.50
C PHE A 6 -20.54 -4.10 -5.83
N ASP A 7 -20.58 -4.45 -7.10
CA ASP A 7 -20.35 -5.83 -7.50
C ASP A 7 -18.86 -6.15 -7.49
N SER A 8 -18.46 -7.00 -6.56
CA SER A 8 -17.06 -7.33 -6.40
C SER A 8 -16.66 -8.49 -7.31
N SER A 9 -16.75 -8.23 -8.61
CA SER A 9 -16.35 -9.22 -9.61
C SER A 9 -16.40 -8.58 -11.01
N ASP A 10 -17.48 -7.86 -11.28
CA ASP A 10 -17.71 -7.31 -12.60
C ASP A 10 -16.60 -6.36 -13.03
N ARG A 11 -15.82 -6.80 -14.02
CA ARG A 11 -14.74 -5.99 -14.57
C ARG A 11 -15.24 -4.64 -15.05
N SER A 12 -16.48 -4.59 -15.53
CA SER A 12 -17.07 -3.36 -16.04
C SER A 12 -17.57 -2.47 -14.91
N ALA A 13 -17.37 -2.90 -13.67
CA ALA A 13 -17.76 -2.09 -12.54
C ALA A 13 -16.58 -1.31 -11.97
N TRP A 14 -15.45 -2.01 -11.76
CA TRP A 14 -14.32 -1.42 -11.06
C TRP A 14 -13.03 -1.48 -11.87
N TYR A 15 -12.95 -2.39 -12.82
CA TYR A 15 -11.73 -2.58 -13.58
C TYR A 15 -11.70 -1.64 -14.79
N MET A 16 -10.74 -0.75 -14.82
CA MET A 16 -10.64 0.22 -15.91
C MET A 16 -9.45 -0.07 -16.82
N GLY A 17 -8.80 -1.21 -16.57
CA GLY A 17 -7.65 -1.64 -17.35
C GLY A 17 -6.56 -0.58 -17.48
N PRO A 18 -6.29 -0.07 -18.69
CA PRO A 18 -5.22 0.92 -18.90
C PRO A 18 -5.56 2.28 -18.28
N VAL A 19 -4.98 2.55 -17.11
CA VAL A 19 -5.27 3.81 -16.42
C VAL A 19 -3.97 4.52 -16.02
N SER A 20 -3.28 4.06 -14.95
CA SER A 20 -1.94 4.51 -14.62
C SER A 20 -2.06 5.72 -13.72
N ARG A 21 -0.94 6.14 -13.17
CA ARG A 21 -0.92 7.26 -12.23
C ARG A 21 -1.61 8.49 -12.81
N GLN A 22 -1.44 8.70 -14.12
CA GLN A 22 -1.95 9.90 -14.78
C GLN A 22 -3.47 10.01 -14.67
N GLU A 23 -4.18 8.95 -15.04
CA GLU A 23 -5.64 8.99 -15.03
C GLU A 23 -6.19 8.61 -13.66
N ALA A 24 -5.61 7.56 -13.07
CA ALA A 24 -6.07 7.03 -11.79
C ALA A 24 -6.20 8.14 -10.73
N GLN A 25 -5.23 9.05 -10.72
CA GLN A 25 -5.16 10.05 -9.67
C GLN A 25 -6.09 11.23 -9.96
N THR A 26 -6.27 11.56 -11.23
CA THR A 26 -7.07 12.72 -11.60
C THR A 26 -8.57 12.41 -11.55
N ARG A 27 -8.91 11.13 -11.57
CA ARG A 27 -10.31 10.69 -11.49
C ARG A 27 -10.74 10.53 -10.04
N LEU A 28 -9.79 10.21 -9.18
CA LEU A 28 -10.08 9.94 -7.77
C LEU A 28 -9.54 11.03 -6.86
N GLN A 29 -9.38 12.23 -7.40
CA GLN A 29 -8.70 13.33 -6.69
C GLN A 29 -9.54 13.94 -5.57
N GLY A 30 -10.40 13.14 -4.95
CA GLY A 30 -11.21 13.63 -3.85
C GLY A 30 -12.66 13.85 -4.25
N GLN A 31 -12.98 13.60 -5.52
CA GLN A 31 -14.33 13.76 -6.04
C GLN A 31 -15.34 13.02 -5.15
N ARG A 32 -15.16 11.72 -5.01
CA ARG A 32 -15.94 10.93 -4.07
C ARG A 32 -15.02 10.06 -3.24
N HIS A 33 -14.92 10.37 -1.96
CA HIS A 33 -14.13 9.56 -1.04
C HIS A 33 -14.79 8.21 -0.86
N GLY A 34 -14.13 7.16 -1.30
CA GLY A 34 -14.75 5.85 -1.30
C GLY A 34 -14.70 5.21 -2.67
N MET A 35 -14.48 6.02 -3.71
CA MET A 35 -14.35 5.50 -5.06
C MET A 35 -12.99 4.84 -5.23
N PHE A 36 -12.95 3.78 -6.01
CA PHE A 36 -11.71 3.08 -6.27
C PHE A 36 -11.70 2.56 -7.71
N LEU A 37 -10.52 2.19 -8.18
CA LEU A 37 -10.40 1.57 -9.49
C LEU A 37 -9.16 0.68 -9.54
N VAL A 38 -9.30 -0.47 -10.17
CA VAL A 38 -8.18 -1.35 -10.39
C VAL A 38 -7.76 -1.25 -11.85
N ARG A 39 -6.51 -0.86 -12.07
CA ARG A 39 -6.01 -0.69 -13.41
C ARG A 39 -4.77 -1.52 -13.65
N ASP A 40 -4.36 -1.62 -14.89
CA ASP A 40 -3.06 -2.18 -15.22
C ASP A 40 -2.00 -1.18 -14.80
N SER A 41 -0.97 -1.67 -14.14
CA SER A 41 0.04 -0.86 -13.46
C SER A 41 0.37 0.43 -14.21
N SER A 42 1.32 0.34 -15.14
CA SER A 42 1.73 1.45 -15.99
C SER A 42 2.69 0.93 -17.03
N THR A 43 3.82 0.41 -16.57
CA THR A 43 4.82 -0.18 -17.44
C THR A 43 4.66 -1.70 -17.48
N CYS A 44 4.13 -2.28 -16.40
CA CYS A 44 3.98 -3.72 -16.32
C CYS A 44 2.52 -4.14 -16.57
N PRO A 45 2.25 -4.76 -17.74
CA PRO A 45 0.93 -5.27 -18.08
C PRO A 45 0.69 -6.65 -17.49
N GLY A 46 -0.16 -6.71 -16.47
CA GLY A 46 -0.41 -7.96 -15.79
C GLY A 46 -0.50 -7.73 -14.30
N ASP A 47 0.47 -7.00 -13.77
CA ASP A 47 0.38 -6.49 -12.41
C ASP A 47 -0.54 -5.29 -12.40
N TYR A 48 -1.19 -5.04 -11.28
CA TYR A 48 -2.22 -4.02 -11.21
C TYR A 48 -1.90 -3.01 -10.11
N VAL A 49 -2.68 -1.94 -10.04
CA VAL A 49 -2.56 -0.95 -8.98
C VAL A 49 -3.94 -0.39 -8.62
N LEU A 50 -4.45 -0.85 -7.49
CA LEU A 50 -5.72 -0.39 -6.95
C LEU A 50 -5.58 1.03 -6.41
N SER A 51 -6.11 1.99 -7.15
CA SER A 51 -6.11 3.36 -6.70
C SER A 51 -7.44 3.70 -6.04
N VAL A 52 -7.36 4.44 -4.95
CA VAL A 52 -8.53 4.72 -4.14
C VAL A 52 -8.64 6.22 -3.89
N SER A 53 -9.85 6.72 -3.74
CA SER A 53 -10.08 8.12 -3.45
C SER A 53 -10.32 8.32 -1.96
N GLU A 54 -9.48 9.14 -1.33
CA GLU A 54 -9.58 9.41 0.10
C GLU A 54 -9.23 10.87 0.36
N ASN A 55 -9.41 11.31 1.62
CA ASN A 55 -9.18 12.72 2.03
C ASN A 55 -7.96 13.36 1.37
N SER A 56 -8.14 13.93 0.18
CA SER A 56 -7.03 14.46 -0.63
C SER A 56 -5.86 13.48 -0.58
N ARG A 57 -6.15 12.27 -1.01
CA ARG A 57 -5.44 11.09 -0.56
C ARG A 57 -5.63 9.93 -1.52
N VAL A 58 -5.35 10.14 -2.79
CA VAL A 58 -5.59 9.07 -3.75
C VAL A 58 -4.47 8.03 -3.61
N SER A 59 -4.77 7.02 -2.81
CA SER A 59 -3.81 6.01 -2.41
C SER A 59 -3.75 4.88 -3.42
N HIS A 60 -2.56 4.67 -3.97
CA HIS A 60 -2.36 3.68 -5.01
C HIS A 60 -1.74 2.39 -4.44
N TYR A 61 -2.56 1.38 -4.18
CA TYR A 61 -2.10 0.11 -3.60
C TYR A 61 -1.90 -0.96 -4.71
N ILE A 62 -0.66 -1.40 -4.89
CA ILE A 62 -0.32 -2.33 -5.99
C ILE A 62 -0.85 -3.76 -5.75
N ILE A 63 -1.14 -4.47 -6.84
CA ILE A 63 -1.54 -5.87 -6.79
C ILE A 63 -0.68 -6.69 -7.76
N ASN A 64 0.08 -7.63 -7.24
CA ASN A 64 1.05 -8.39 -8.01
C ASN A 64 0.42 -9.60 -8.65
N SER A 65 0.78 -9.85 -9.88
CA SER A 65 0.39 -11.08 -10.54
C SER A 65 1.35 -12.19 -10.15
N LEU A 66 0.94 -13.01 -9.19
CA LEU A 66 1.75 -14.15 -8.79
C LEU A 66 1.61 -15.26 -9.81
N PRO A 67 2.58 -16.18 -9.87
CA PRO A 67 2.54 -17.30 -10.82
C PRO A 67 1.47 -18.33 -10.47
N ASN A 68 0.21 -17.88 -10.48
CA ASN A 68 -0.97 -18.75 -10.36
C ASN A 68 -1.28 -19.04 -8.91
N ARG A 69 -0.47 -18.47 -8.02
CA ARG A 69 -0.74 -18.55 -6.59
C ARG A 69 -1.93 -17.67 -6.22
N ARG A 70 -1.68 -16.37 -6.12
CA ARG A 70 -2.68 -15.41 -5.66
C ARG A 70 -2.39 -14.03 -6.23
N PHE A 71 -3.12 -13.02 -5.74
CA PHE A 71 -2.83 -11.63 -6.05
C PHE A 71 -2.35 -10.91 -4.78
N LYS A 72 -1.10 -10.47 -4.80
CA LYS A 72 -0.47 -9.94 -3.60
C LYS A 72 -0.43 -8.41 -3.62
N ILE A 73 -1.23 -7.79 -2.76
CA ILE A 73 -1.25 -6.34 -2.67
C ILE A 73 -0.36 -5.85 -1.51
N GLY A 74 0.92 -5.69 -1.82
CA GLY A 74 1.89 -5.20 -0.85
C GLY A 74 2.03 -6.09 0.37
N ASP A 75 2.83 -7.15 0.24
CA ASP A 75 3.12 -8.09 1.35
C ASP A 75 1.91 -8.97 1.67
N GLN A 76 0.73 -8.36 1.72
CA GLN A 76 -0.50 -9.08 1.99
C GLN A 76 -0.93 -9.89 0.77
N GLU A 77 -1.14 -11.18 0.96
CA GLU A 77 -1.49 -12.05 -0.13
C GLU A 77 -2.96 -12.47 -0.06
N PHE A 78 -3.69 -12.22 -1.13
CA PHE A 78 -5.10 -12.60 -1.22
C PHE A 78 -5.31 -13.47 -2.44
N ASP A 79 -6.27 -14.39 -2.36
CA ASP A 79 -6.42 -15.42 -3.40
C ASP A 79 -6.77 -14.83 -4.76
N HIS A 80 -7.44 -13.70 -4.79
CA HIS A 80 -7.85 -13.07 -6.04
C HIS A 80 -8.17 -11.60 -5.84
N LEU A 81 -8.38 -10.88 -6.93
CA LEU A 81 -8.66 -9.44 -6.88
C LEU A 81 -9.87 -9.13 -6.00
N PRO A 82 -11.06 -9.72 -6.28
CA PRO A 82 -12.27 -9.48 -5.47
C PRO A 82 -12.11 -9.93 -4.01
N ALA A 83 -11.03 -10.63 -3.68
CA ALA A 83 -10.82 -11.12 -2.34
C ALA A 83 -10.10 -10.07 -1.50
N LEU A 84 -9.17 -9.35 -2.12
CA LEU A 84 -8.46 -8.29 -1.42
C LEU A 84 -9.37 -7.09 -1.26
N LEU A 85 -10.26 -6.93 -2.23
CA LEU A 85 -11.24 -5.86 -2.21
C LEU A 85 -12.19 -6.03 -1.04
N GLU A 86 -12.58 -7.26 -0.75
CA GLU A 86 -13.50 -7.53 0.34
C GLU A 86 -12.84 -7.41 1.71
N PHE A 87 -11.51 -7.53 1.75
CA PHE A 87 -10.79 -7.35 3.00
C PHE A 87 -10.74 -5.87 3.38
N TYR A 88 -10.55 -5.03 2.38
CA TYR A 88 -10.49 -3.59 2.61
C TYR A 88 -11.89 -3.01 2.77
N LYS A 89 -12.89 -3.85 2.55
CA LYS A 89 -14.29 -3.50 2.80
C LYS A 89 -14.58 -3.44 4.30
N ILE A 90 -13.73 -4.02 5.13
CA ILE A 90 -13.89 -3.93 6.59
C ILE A 90 -12.65 -3.37 7.26
N HIS A 91 -11.70 -2.93 6.44
CA HIS A 91 -10.41 -2.46 6.94
C HIS A 91 -10.34 -0.94 6.97
N TYR A 92 -11.02 -0.31 6.02
CA TYR A 92 -10.98 1.14 5.84
C TYR A 92 -9.61 1.59 5.32
N LEU A 93 -9.53 1.88 4.02
CA LEU A 93 -8.27 2.26 3.39
C LEU A 93 -7.85 3.66 3.83
N ASP A 94 -8.83 4.43 4.31
CA ASP A 94 -8.56 5.72 4.95
C ASP A 94 -9.84 6.27 5.55
N THR A 95 -10.17 5.80 6.76
CA THR A 95 -11.40 6.19 7.48
C THR A 95 -12.67 5.67 6.77
N THR A 96 -12.57 5.44 5.47
CA THR A 96 -13.66 4.89 4.70
C THR A 96 -13.18 3.63 3.99
N THR A 97 -14.12 2.77 3.62
CA THR A 97 -13.78 1.50 2.98
C THR A 97 -13.96 1.59 1.47
N LEU A 98 -13.81 0.46 0.80
CA LEU A 98 -14.14 0.38 -0.62
C LEU A 98 -15.65 0.46 -0.78
N ILE A 99 -16.14 1.67 -1.00
CA ILE A 99 -17.56 1.93 -1.03
C ILE A 99 -18.13 1.67 -2.42
N GLU A 100 -17.61 2.36 -3.41
CA GLU A 100 -18.14 2.30 -4.76
C GLU A 100 -17.05 2.54 -5.78
N PRO A 101 -17.15 1.90 -6.95
CA PRO A 101 -16.14 2.00 -8.00
C PRO A 101 -16.24 3.33 -8.77
N ALA A 102 -15.11 3.80 -9.25
CA ALA A 102 -15.06 5.04 -10.00
C ALA A 102 -15.71 4.90 -11.37
N PRO A 103 -16.35 5.96 -11.87
CA PRO A 103 -17.03 5.95 -13.18
C PRO A 103 -16.05 5.66 -14.33
N ARG A 104 -16.50 4.87 -15.29
CA ARG A 104 -15.67 4.51 -16.42
C ARG A 104 -15.64 5.61 -17.47
N TYR A 105 -14.90 5.37 -18.56
CA TYR A 105 -14.70 6.35 -19.63
C TYR A 105 -13.76 7.47 -19.16
N PRO A 106 -12.77 7.82 -20.00
CA PRO A 106 -11.81 8.88 -19.68
C PRO A 106 -12.48 10.17 -19.21
N SER A 107 -12.22 10.54 -17.97
CA SER A 107 -12.79 11.73 -17.38
C SER A 107 -11.89 12.93 -17.59
N PRO A 108 -12.46 14.13 -17.74
CA PRO A 108 -11.70 15.36 -17.90
C PRO A 108 -10.80 15.61 -16.70
N PRO A 109 -9.47 15.65 -16.92
CA PRO A 109 -8.49 15.84 -15.84
C PRO A 109 -8.58 17.24 -15.22
N MET A 110 -9.13 17.31 -14.01
CA MET A 110 -9.27 18.57 -13.32
C MET A 110 -8.21 18.71 -12.23
N GLY A 111 -8.29 17.85 -11.22
CA GLY A 111 -7.33 17.90 -10.14
C GLY A 111 -6.05 17.17 -10.47
N SER A 112 -5.32 17.70 -11.44
CA SER A 112 -4.10 17.05 -11.91
C SER A 112 -2.87 17.83 -11.49
N VAL A 113 -2.11 17.28 -10.55
CA VAL A 113 -0.86 17.91 -10.14
C VAL A 113 0.32 17.27 -10.88
N SER A 114 0.50 15.96 -10.71
CA SER A 114 1.55 15.22 -11.37
C SER A 114 1.25 13.72 -11.24
N ALA A 115 2.18 12.89 -11.68
CA ALA A 115 2.02 11.44 -11.59
C ALA A 115 2.05 10.96 -10.13
N PRO A 116 3.08 11.33 -9.33
CA PRO A 116 3.15 10.94 -7.91
C PRO A 116 1.97 11.49 -7.10
N ASN A 117 1.60 10.80 -6.03
CA ASN A 117 0.49 11.23 -5.19
C ASN A 117 0.93 12.33 -4.24
N LEU A 118 0.00 12.78 -3.40
CA LEU A 118 0.23 13.90 -2.48
C LEU A 118 0.36 15.21 -3.25
N PRO A 119 -0.77 15.88 -3.49
CA PRO A 119 -0.80 17.16 -4.19
C PRO A 119 -0.39 18.30 -3.27
N THR A 120 0.02 19.43 -3.83
CA THR A 120 0.43 20.58 -3.04
C THR A 120 -0.79 21.33 -2.52
N ALA A 121 -1.56 20.64 -1.69
CA ALA A 121 -2.78 21.17 -1.09
C ALA A 121 -3.36 20.13 -0.13
N GLU A 122 -3.21 20.38 1.17
CA GLU A 122 -3.66 19.45 2.20
C GLU A 122 -2.95 18.10 2.08
N ASP A 123 -1.71 18.05 2.54
CA ASP A 123 -0.96 16.79 2.58
C ASP A 123 -1.47 15.95 3.73
N ASN A 124 -2.50 15.17 3.46
CA ASN A 124 -3.17 14.43 4.52
C ASN A 124 -2.52 13.08 4.76
N LEU A 125 -1.47 13.11 5.58
CA LEU A 125 -0.84 11.89 6.12
C LEU A 125 -0.05 11.13 5.06
N GLU A 126 1.24 10.97 5.34
CA GLU A 126 2.17 10.40 4.37
C GLU A 126 3.33 9.68 5.07
N TYR A 127 4.39 10.40 5.37
CA TYR A 127 5.58 9.78 5.94
C TYR A 127 5.78 10.16 7.40
N VAL A 128 5.77 9.15 8.23
CA VAL A 128 5.86 9.30 9.67
C VAL A 128 6.89 8.33 10.22
N ARG A 129 7.83 8.78 11.05
CA ARG A 129 8.70 7.81 11.71
C ARG A 129 8.38 7.75 13.18
N THR A 130 8.69 6.65 13.81
CA THR A 130 8.33 6.45 15.21
C THR A 130 9.54 6.44 16.13
N LEU A 131 9.40 7.05 17.30
CA LEU A 131 10.51 7.22 18.23
C LEU A 131 10.43 6.23 19.40
N TYR A 132 9.23 6.00 19.88
CA TYR A 132 9.04 5.28 21.15
C TYR A 132 9.32 3.79 21.04
N ASP A 133 9.04 3.19 19.88
CA ASP A 133 9.10 1.73 19.72
C ASP A 133 8.00 1.07 20.54
N PHE A 134 6.85 0.87 19.89
CA PHE A 134 5.70 0.28 20.54
C PHE A 134 5.23 -0.94 19.75
N PRO A 135 5.36 -2.14 20.32
CA PRO A 135 4.97 -3.36 19.63
C PRO A 135 3.49 -3.70 19.84
N GLY A 136 2.66 -3.29 18.90
CA GLY A 136 1.24 -3.62 18.97
C GLY A 136 0.94 -5.01 18.44
N ASN A 137 1.95 -5.62 17.83
CA ASN A 137 1.82 -6.95 17.22
C ASN A 137 0.80 -6.94 16.07
N ASP A 138 0.63 -5.75 15.48
CA ASP A 138 -0.17 -5.52 14.28
C ASP A 138 -1.54 -6.17 14.30
N ALA A 139 -2.17 -6.15 13.13
CA ALA A 139 -3.52 -6.68 12.90
C ALA A 139 -4.56 -5.75 13.51
N GLU A 140 -4.05 -4.67 14.08
CA GLU A 140 -4.88 -3.64 14.68
C GLU A 140 -3.99 -2.52 15.20
N ASP A 141 -2.83 -2.90 15.72
CA ASP A 141 -1.89 -1.96 16.31
C ASP A 141 -0.48 -2.25 15.80
N LEU A 142 0.06 -1.39 14.97
CA LEU A 142 1.35 -1.66 14.31
C LEU A 142 2.50 -1.67 15.32
N PRO A 143 3.31 -2.75 15.31
CA PRO A 143 4.54 -2.80 16.07
C PRO A 143 5.65 -2.03 15.37
N PHE A 144 5.97 -0.85 15.88
CA PHE A 144 6.97 -0.01 15.25
C PHE A 144 8.20 0.11 16.13
N LYS A 145 9.32 0.45 15.52
CA LYS A 145 10.59 0.46 16.23
C LYS A 145 11.02 1.88 16.58
N LYS A 146 12.16 1.96 17.25
CA LYS A 146 12.73 3.22 17.73
C LYS A 146 13.16 4.15 16.60
N GLY A 147 13.16 3.64 15.39
CA GLY A 147 13.61 4.42 14.25
C GLY A 147 13.17 3.80 12.95
N GLU A 148 11.91 3.43 12.89
CA GLU A 148 11.35 2.81 11.71
C GLU A 148 10.53 3.83 10.95
N ILE A 149 10.50 3.72 9.62
CA ILE A 149 9.72 4.63 8.83
C ILE A 149 8.37 4.01 8.59
N LEU A 150 7.33 4.78 8.81
CA LEU A 150 5.99 4.31 8.57
C LEU A 150 5.37 5.16 7.51
N VAL A 151 4.42 4.60 6.83
CA VAL A 151 3.62 5.33 5.90
C VAL A 151 2.20 5.28 6.38
N ILE A 152 1.55 6.42 6.47
CA ILE A 152 0.19 6.45 6.94
C ILE A 152 -0.71 5.93 5.85
N ILE A 153 -0.85 4.62 5.83
CA ILE A 153 -1.61 3.94 4.81
C ILE A 153 -3.08 4.26 4.95
N GLU A 154 -3.51 4.58 6.16
CA GLU A 154 -4.87 5.04 6.40
C GLU A 154 -4.97 5.89 7.66
N LYS A 155 -5.77 6.94 7.61
CA LYS A 155 -6.04 7.72 8.80
C LYS A 155 -7.55 7.73 9.10
N PRO A 156 -7.98 6.82 9.97
CA PRO A 156 -9.37 6.77 10.43
C PRO A 156 -9.67 7.85 11.46
N GLU A 157 -8.95 7.83 12.57
CA GLU A 157 -9.24 8.73 13.68
C GLU A 157 -8.20 9.85 13.75
N GLU A 158 -8.23 10.62 14.83
CA GLU A 158 -7.31 11.73 15.01
C GLU A 158 -6.17 11.35 15.94
N GLN A 159 -6.50 10.66 17.03
CA GLN A 159 -5.52 10.29 18.04
C GLN A 159 -4.70 9.07 17.63
N TRP A 160 -5.28 8.24 16.78
CA TRP A 160 -4.60 7.04 16.32
C TRP A 160 -4.62 6.96 14.80
N TRP A 161 -3.45 6.76 14.22
CA TRP A 161 -3.30 6.70 12.77
C TRP A 161 -2.87 5.30 12.35
N SER A 162 -3.47 4.75 11.32
CA SER A 162 -3.09 3.42 10.87
C SER A 162 -1.94 3.51 9.87
N ALA A 163 -0.74 3.19 10.32
CA ALA A 163 0.42 3.24 9.45
C ALA A 163 0.98 1.85 9.18
N ARG A 164 1.95 1.79 8.30
CA ARG A 164 2.61 0.53 7.98
C ARG A 164 4.09 0.62 8.30
N ASN A 165 4.64 -0.44 8.90
CA ASN A 165 6.04 -0.44 9.31
C ASN A 165 6.97 -0.69 8.12
N LYS A 166 8.24 -0.95 8.40
CA LYS A 166 9.23 -1.18 7.35
C LYS A 166 8.84 -2.38 6.48
N ASP A 167 8.24 -3.38 7.11
CA ASP A 167 7.75 -4.56 6.38
C ASP A 167 6.53 -4.20 5.53
N GLY A 168 5.87 -3.11 5.89
CA GLY A 168 4.73 -2.65 5.11
C GLY A 168 3.38 -3.06 5.67
N ARG A 169 3.36 -3.70 6.85
CA ARG A 169 2.09 -4.18 7.40
C ARG A 169 1.40 -3.11 8.22
N VAL A 170 0.08 -3.18 8.27
CA VAL A 170 -0.75 -2.09 8.77
C VAL A 170 -1.19 -2.30 10.22
N GLY A 171 -1.19 -1.21 10.97
CA GLY A 171 -1.79 -1.20 12.30
C GLY A 171 -1.91 0.23 12.80
N MET A 172 -2.79 0.45 13.76
CA MET A 172 -3.00 1.79 14.31
C MET A 172 -1.86 2.15 15.25
N ILE A 173 -1.41 3.38 15.16
CA ILE A 173 -0.29 3.86 15.96
C ILE A 173 -0.61 5.22 16.59
N PRO A 174 -0.07 5.50 17.78
CA PRO A 174 -0.32 6.75 18.50
C PRO A 174 0.47 7.92 17.94
N VAL A 175 -0.22 9.04 17.74
CA VAL A 175 0.41 10.26 17.25
C VAL A 175 1.55 10.75 18.17
N PRO A 176 1.34 10.81 19.51
CA PRO A 176 2.38 11.26 20.46
C PRO A 176 3.63 10.36 20.47
N TYR A 177 3.62 9.29 19.69
CA TYR A 177 4.74 8.36 19.64
C TYR A 177 5.61 8.60 18.41
N VAL A 178 5.18 9.51 17.55
CA VAL A 178 5.77 9.58 16.22
C VAL A 178 6.68 10.80 16.01
N GLU A 179 7.07 10.94 14.75
CA GLU A 179 8.18 11.78 14.32
C GLU A 179 8.01 12.07 12.83
N LYS A 180 6.78 12.37 12.43
CA LYS A 180 6.46 12.43 11.00
C LYS A 180 7.02 13.71 10.42
N LEU A 181 7.58 13.57 9.20
CA LEU A 181 8.35 14.62 8.54
C LEU A 181 7.79 16.01 8.80
N VAL A 182 6.55 16.22 8.37
CA VAL A 182 5.89 17.52 8.44
C VAL A 182 4.70 17.60 7.47
N ARG A 183 4.57 16.60 6.60
CA ARG A 183 3.62 16.63 5.48
C ARG A 183 4.12 17.65 4.46
N SER A 184 3.83 18.90 4.76
CA SER A 184 4.31 20.04 3.99
C SER A 184 3.72 21.29 4.61
N SER A 185 4.57 22.20 5.04
CA SER A 185 4.12 23.45 5.62
C SER A 185 3.31 24.22 4.58
N PRO A 186 2.10 24.67 4.96
CA PRO A 186 1.12 25.27 4.04
C PRO A 186 1.64 26.46 3.22
N HIS A 187 2.84 26.94 3.53
CA HIS A 187 3.44 28.00 2.74
C HIS A 187 3.75 27.50 1.33
N GLY A 188 3.29 28.25 0.33
CA GLY A 188 3.52 27.87 -1.05
C GLY A 188 4.98 27.93 -1.42
N LYS A 189 5.73 28.74 -0.70
CA LYS A 189 7.16 28.84 -0.92
C LYS A 189 7.89 27.87 -0.02
N HIS A 190 8.35 26.78 -0.61
CA HIS A 190 9.06 25.73 0.11
C HIS A 190 10.16 25.16 -0.78
N GLY A 191 11.39 25.35 -0.37
CA GLY A 191 12.51 24.94 -1.18
C GLY A 191 13.64 24.37 -0.36
N ASN A 192 13.77 23.05 -0.40
CA ASN A 192 14.89 22.37 0.26
C ASN A 192 16.17 22.72 -0.50
N ARG A 193 17.05 23.46 0.16
CA ARG A 193 18.20 24.03 -0.51
C ARG A 193 19.26 22.99 -0.84
N ASN A 194 19.28 22.61 -2.11
CA ASN A 194 20.30 21.71 -2.67
C ASN A 194 20.16 20.29 -2.16
N SER A 195 20.84 19.37 -2.82
CA SER A 195 20.79 17.96 -2.46
C SER A 195 21.70 17.66 -1.26
N ASN A 196 22.06 18.70 -0.52
CA ASN A 196 22.90 18.54 0.67
C ASN A 196 22.09 17.89 1.78
N SER A 197 20.96 18.50 2.11
CA SER A 197 20.08 17.98 3.14
C SER A 197 19.09 17.00 2.53
N TYR A 198 19.55 15.78 2.28
CA TYR A 198 18.73 14.76 1.65
C TYR A 198 18.06 13.87 2.69
N GLY A 199 16.78 14.08 2.90
CA GLY A 199 15.99 13.20 3.73
C GLY A 199 15.17 12.25 2.88
N ILE A 200 15.53 12.20 1.60
CA ILE A 200 14.81 11.39 0.63
C ILE A 200 15.79 10.74 -0.34
N PRO A 201 15.80 9.40 -0.38
CA PRO A 201 16.57 8.64 -1.35
C PRO A 201 15.74 8.30 -2.58
N GLU A 202 16.18 7.31 -3.34
CA GLU A 202 15.42 6.83 -4.48
C GLU A 202 14.31 5.87 -4.00
N PRO A 203 13.05 6.30 -4.12
CA PRO A 203 11.89 5.55 -3.64
C PRO A 203 11.67 4.26 -4.42
N ALA A 204 12.15 4.24 -5.67
CA ALA A 204 12.08 3.07 -6.55
C ALA A 204 10.66 2.84 -7.07
N HIS A 205 9.69 2.80 -6.16
CA HIS A 205 8.30 2.59 -6.53
C HIS A 205 7.47 3.81 -6.13
N ALA A 206 7.01 4.56 -7.12
CA ALA A 206 6.19 5.73 -6.87
C ALA A 206 4.73 5.35 -6.67
N ALA A 208 1.61 4.10 -3.38
CA ALA A 208 1.25 4.09 -1.97
C ALA A 208 1.10 2.65 -1.52
N GLN A 209 1.68 1.75 -2.32
CA GLN A 209 1.59 0.33 -2.09
C GLN A 209 2.23 -0.05 -0.77
N PRO A 210 1.69 -1.07 -0.08
CA PRO A 210 2.34 -1.62 1.10
C PRO A 210 3.73 -2.14 0.76
N GLN A 211 4.66 -2.01 1.69
CA GLN A 211 6.06 -2.29 1.43
C GLN A 211 6.35 -3.79 1.52
N THR A 212 7.61 -4.16 1.41
CA THR A 212 7.98 -5.56 1.42
C THR A 212 8.68 -5.94 2.72
N THR A 213 8.13 -6.95 3.39
CA THR A 213 8.76 -7.53 4.57
C THR A 213 10.16 -8.03 4.22
N THR A 214 11.14 -7.66 5.03
CA THR A 214 12.51 -8.05 4.76
C THR A 214 13.14 -8.75 5.97
N PRO A 215 13.18 -10.09 5.93
CA PRO A 215 13.87 -10.88 6.93
C PRO A 215 15.37 -10.91 6.68
N LEU A 216 16.13 -10.36 7.60
CA LEU A 216 17.58 -10.33 7.48
C LEU A 216 18.22 -10.56 8.84
N PRO A 217 18.58 -11.81 9.14
CA PRO A 217 19.27 -12.16 10.36
C PRO A 217 20.79 -12.18 10.18
N ALA A 218 21.29 -13.23 9.55
CA ALA A 218 22.70 -13.39 9.25
C ALA A 218 22.89 -14.39 8.13
N VAL A 219 23.68 -14.02 7.13
CA VAL A 219 23.91 -14.89 5.98
C VAL A 219 25.18 -15.71 6.18
N SER A 220 25.01 -17.01 6.34
CA SER A 220 26.11 -17.96 6.51
C SER A 220 26.84 -17.76 7.83
N GLY A 221 26.74 -18.76 8.70
CA GLY A 221 27.39 -18.69 9.99
C GLY A 221 28.22 -19.94 10.27
N SER A 222 27.95 -20.57 11.40
CA SER A 222 28.68 -21.77 11.79
C SER A 222 27.72 -22.91 12.11
N PRO A 223 28.11 -24.15 11.77
CA PRO A 223 27.34 -25.34 12.16
C PRO A 223 27.48 -25.62 13.65
N GLY A 224 26.42 -26.15 14.25
CA GLY A 224 26.42 -26.37 15.68
C GLY A 224 27.07 -27.69 16.08
N ALA A 225 28.30 -27.89 15.61
CA ALA A 225 29.06 -29.13 15.84
C ALA A 225 28.34 -30.33 15.23
N ALA A 226 27.42 -30.91 15.97
CA ALA A 226 26.57 -31.95 15.45
C ALA A 226 25.38 -31.32 14.75
N ILE A 227 25.43 -31.32 13.40
CA ILE A 227 24.47 -30.60 12.55
C ILE A 227 24.10 -29.21 13.11
N THR A 228 23.05 -29.14 13.89
CA THR A 228 22.59 -27.88 14.45
C THR A 228 22.29 -28.07 15.93
N PRO A 229 22.47 -27.01 16.76
CA PRO A 229 22.10 -27.05 18.17
C PRO A 229 20.61 -27.37 18.34
N LEU A 230 20.33 -28.63 18.63
CA LEU A 230 18.96 -29.11 18.71
C LEU A 230 18.29 -28.64 20.00
N PRO A 231 17.21 -27.86 19.89
CA PRO A 231 16.42 -27.42 21.03
C PRO A 231 15.47 -28.51 21.50
N SER A 232 16.04 -29.58 22.01
CA SER A 232 15.25 -30.70 22.52
C SER A 232 14.58 -30.32 23.85
N THR A 233 15.40 -30.21 24.89
CA THR A 233 14.92 -29.81 26.19
C THR A 233 15.11 -28.31 26.39
N GLN A 234 16.12 -27.77 25.71
CA GLN A 234 16.46 -26.35 25.77
C GLN A 234 17.12 -26.01 27.11
N ASN A 235 17.29 -27.03 27.96
CA ASN A 235 17.92 -26.90 29.29
C ASN A 235 17.04 -26.10 30.24
N GLY A 236 16.89 -24.81 29.95
CA GLY A 236 16.15 -23.92 30.83
C GLY A 236 17.06 -22.92 31.50
N PRO A 237 16.85 -22.66 32.79
CA PRO A 237 17.71 -21.77 33.58
C PRO A 237 19.04 -22.45 33.92
N VAL A 238 20.13 -21.94 33.38
CA VAL A 238 21.43 -22.55 33.60
C VAL A 238 22.14 -21.86 34.77
N PHE A 239 22.89 -22.63 35.53
CA PHE A 239 23.63 -22.10 36.66
C PHE A 239 25.12 -22.25 36.44
N ALA A 240 25.85 -21.18 36.68
CA ALA A 240 27.30 -21.21 36.59
C ALA A 240 27.89 -20.82 37.92
N LYS A 241 29.11 -21.26 38.18
CA LYS A 241 29.81 -20.84 39.37
C LYS A 241 31.10 -20.12 38.99
N ALA A 242 31.20 -18.86 39.38
CA ALA A 242 32.34 -18.04 39.01
C ALA A 242 33.60 -18.50 39.75
N ILE A 243 34.60 -18.92 38.98
CA ILE A 243 35.79 -19.54 39.55
C ILE A 243 36.88 -18.51 39.86
N GLN A 244 36.63 -17.26 39.50
CA GLN A 244 37.59 -16.18 39.68
C GLN A 244 36.87 -14.89 40.09
N LYS A 245 37.63 -13.96 40.67
CA LYS A 245 37.09 -12.65 41.01
C LYS A 245 37.37 -11.67 39.87
N ARG A 246 36.32 -11.07 39.35
CA ARG A 246 36.44 -10.08 38.29
C ARG A 246 35.47 -8.94 38.55
N VAL A 247 36.01 -7.76 38.82
CA VAL A 247 35.20 -6.60 39.09
C VAL A 247 35.04 -5.75 37.84
N PRO A 248 34.02 -4.88 37.79
CA PRO A 248 33.76 -4.04 36.64
C PRO A 248 34.68 -2.82 36.60
N CYS A 249 34.52 -2.00 35.57
CA CYS A 249 35.30 -0.79 35.46
C CYS A 249 34.46 0.42 35.83
N ALA A 250 34.59 0.84 37.10
CA ALA A 250 33.97 2.06 37.62
C ALA A 250 32.46 1.98 37.64
N TYR A 251 31.87 2.08 36.48
CA TYR A 251 30.43 2.08 36.34
C TYR A 251 29.96 0.64 36.21
N ASP A 252 30.65 -0.08 35.33
CA ASP A 252 30.29 -1.45 34.96
C ASP A 252 31.08 -1.90 33.74
N LYS A 253 30.97 -1.17 32.64
CA LYS A 253 31.56 -1.55 31.36
C LYS A 253 31.05 -2.94 30.95
N THR A 254 29.74 -3.15 31.15
CA THR A 254 29.05 -4.40 30.85
C THR A 254 29.65 -5.61 31.56
N ALA A 255 30.48 -5.33 32.56
CA ALA A 255 31.14 -6.38 33.31
C ALA A 255 30.41 -6.67 34.61
N LEU A 256 29.73 -7.79 34.66
CA LEU A 256 29.07 -8.23 35.88
C LEU A 256 30.11 -8.71 36.88
N ALA A 257 30.25 -7.98 37.98
CA ALA A 257 31.18 -8.35 39.04
C ALA A 257 30.86 -9.73 39.58
N LEU A 258 31.72 -10.68 39.27
CA LEU A 258 31.56 -12.06 39.70
C LEU A 258 32.85 -12.55 40.32
N GLU A 259 32.78 -13.07 41.53
CA GLU A 259 33.97 -13.53 42.22
C GLU A 259 33.89 -15.02 42.54
N VAL A 260 34.90 -15.52 43.22
CA VAL A 260 35.04 -16.94 43.48
C VAL A 260 33.88 -17.49 44.30
N GLY A 261 33.38 -18.65 43.87
CA GLY A 261 32.33 -19.34 44.58
C GLY A 261 31.02 -18.59 44.56
N ASP A 262 30.78 -17.83 43.50
CA ASP A 262 29.53 -17.08 43.37
C ASP A 262 28.65 -17.71 42.30
N ILE A 263 27.35 -17.76 42.57
CA ILE A 263 26.40 -18.40 41.65
C ILE A 263 25.89 -17.41 40.62
N VAL A 264 26.09 -17.77 39.36
CA VAL A 264 25.64 -16.96 38.24
C VAL A 264 24.40 -17.58 37.61
N LYS A 265 23.26 -16.95 37.81
CA LYS A 265 22.01 -17.40 37.22
C LYS A 265 21.91 -16.89 35.79
N VAL A 266 22.44 -17.65 34.85
CA VAL A 266 22.43 -17.23 33.46
C VAL A 266 21.16 -17.68 32.76
N THR A 267 20.36 -16.72 32.34
CA THR A 267 19.10 -17.00 31.68
C THR A 267 19.16 -16.66 30.20
N ARG A 268 20.12 -15.82 29.83
CA ARG A 268 20.28 -15.40 28.45
C ARG A 268 21.67 -15.77 27.94
N MET A 269 21.75 -16.74 27.05
CA MET A 269 23.04 -17.15 26.51
C MET A 269 23.22 -16.69 25.07
N ASN A 270 24.22 -15.86 24.86
CA ASN A 270 24.56 -15.39 23.52
C ASN A 270 25.59 -16.32 22.89
N ILE A 271 25.67 -16.29 21.57
CA ILE A 271 26.57 -17.19 20.84
C ILE A 271 27.95 -16.55 20.69
N ASN A 272 28.02 -15.26 20.96
CA ASN A 272 29.25 -14.49 20.74
C ASN A 272 30.24 -14.67 21.90
N GLY A 273 29.85 -15.43 22.91
CA GLY A 273 30.77 -15.73 24.01
C GLY A 273 30.26 -15.24 25.35
N GLN A 274 30.09 -13.94 25.47
CA GLN A 274 29.61 -13.35 26.72
C GLN A 274 28.10 -13.55 26.87
N TRP A 275 27.69 -14.02 28.03
CA TRP A 275 26.28 -14.26 28.29
C TRP A 275 25.73 -13.21 29.25
N GLU A 276 24.42 -13.18 29.39
CA GLU A 276 23.78 -12.30 30.36
C GLU A 276 23.17 -13.12 31.48
N GLY A 277 23.60 -12.83 32.69
CA GLY A 277 23.06 -13.50 33.85
C GLY A 277 22.64 -12.52 34.92
N GLU A 278 21.57 -12.84 35.62
CA GLU A 278 21.11 -12.00 36.72
C GLU A 278 21.69 -12.52 38.03
N VAL A 279 22.62 -11.75 38.58
CA VAL A 279 23.21 -12.09 39.86
C VAL A 279 22.78 -11.02 40.87
N ASN A 280 23.00 -11.27 42.16
CA ASN A 280 22.59 -10.34 43.21
C ASN A 280 23.26 -8.98 43.05
N GLY A 281 24.31 -8.91 42.26
CA GLY A 281 24.96 -7.64 41.97
C GLY A 281 24.23 -6.89 40.87
N ARG A 282 23.86 -7.60 39.81
CA ARG A 282 23.18 -7.02 38.65
C ARG A 282 23.09 -8.08 37.57
N LYS A 283 22.47 -7.77 36.45
CA LYS A 283 22.59 -8.60 35.27
C LYS A 283 23.55 -7.93 34.29
N GLY A 284 24.40 -8.72 33.66
CA GLY A 284 25.37 -8.16 32.75
C GLY A 284 26.11 -9.24 32.01
N LEU A 285 27.16 -8.85 31.30
CA LEU A 285 27.90 -9.79 30.47
C LEU A 285 29.05 -10.41 31.27
N PHE A 286 29.28 -11.68 31.00
CA PHE A 286 30.40 -12.41 31.61
C PHE A 286 30.91 -13.46 30.63
N PRO A 287 32.23 -13.59 30.52
CA PRO A 287 32.85 -14.60 29.66
C PRO A 287 32.70 -16.00 30.25
N PHE A 288 32.35 -16.97 29.42
CA PHE A 288 32.20 -18.35 29.86
C PHE A 288 33.52 -18.91 30.37
N THR A 289 34.62 -18.30 29.95
CA THR A 289 35.95 -18.69 30.39
C THR A 289 36.17 -18.34 31.87
N HIS A 290 35.26 -17.52 32.41
CA HIS A 290 35.36 -17.05 33.78
C HIS A 290 34.49 -17.90 34.72
N VAL A 291 33.59 -18.69 34.15
CA VAL A 291 32.62 -19.42 34.95
C VAL A 291 32.66 -20.92 34.67
N LYS A 292 32.03 -21.67 35.57
CA LYS A 292 31.87 -23.10 35.42
C LYS A 292 30.40 -23.45 35.24
N ILE A 293 30.07 -24.01 34.09
CA ILE A 293 28.70 -24.39 33.80
C ILE A 293 28.42 -25.81 34.27
N PHE A 294 27.52 -25.94 35.21
CA PHE A 294 27.14 -27.24 35.73
C PHE A 294 25.64 -27.28 35.97
N ASP A 295 25.05 -28.45 35.82
CA ASP A 295 23.64 -28.63 36.10
C ASP A 295 23.50 -29.12 37.54
N PRO A 296 23.05 -28.23 38.44
CA PRO A 296 22.98 -28.52 39.88
C PRO A 296 22.04 -29.68 40.19
N GLN A 297 20.83 -29.61 39.66
CA GLN A 297 19.80 -30.58 40.03
C GLN A 297 19.47 -31.49 38.84
N ASN A 298 19.89 -31.06 37.66
CA ASN A 298 19.67 -31.80 36.41
C ASN A 298 18.20 -32.11 36.16
N PRO A 299 17.42 -31.09 35.80
CA PRO A 299 16.03 -31.27 35.39
C PRO A 299 15.93 -31.49 33.88
N ASP A 300 17.09 -31.48 33.24
CA ASP A 300 17.18 -31.61 31.79
C ASP A 300 16.87 -33.04 31.35
N GLU A 301 15.58 -33.34 31.24
CA GLU A 301 15.13 -34.67 30.83
C GLU A 301 13.61 -34.65 30.63
N ASN A 302 12.90 -34.45 31.72
CA ASN A 302 11.43 -34.45 31.68
C ASN A 302 10.89 -33.03 31.65
N GLU A 303 10.72 -32.50 30.45
CA GLU A 303 10.17 -31.17 30.27
C GLU A 303 8.69 -31.26 29.93
N MET A 1 -27.25 0.91 5.87
CA MET A 1 -25.81 0.58 5.73
C MET A 1 -25.24 1.24 4.49
N SER A 2 -24.16 2.01 4.69
CA SER A 2 -23.51 2.69 3.58
C SER A 2 -22.23 1.96 3.19
N SER A 3 -22.12 0.72 3.63
CA SER A 3 -20.91 -0.07 3.39
C SER A 3 -20.90 -0.64 1.96
N ALA A 4 -20.26 0.10 1.06
CA ALA A 4 -20.01 -0.34 -0.31
C ALA A 4 -21.28 -0.32 -1.18
N ARG A 5 -21.17 0.28 -2.36
CA ARG A 5 -22.29 0.36 -3.29
C ARG A 5 -21.95 -0.33 -4.60
N PHE A 6 -20.70 -0.73 -4.74
CA PHE A 6 -20.21 -1.29 -6.00
C PHE A 6 -20.29 -2.80 -6.03
N ASP A 7 -20.22 -3.36 -7.22
CA ASP A 7 -20.12 -4.80 -7.37
C ASP A 7 -18.70 -5.14 -7.82
N SER A 8 -18.05 -5.99 -7.06
CA SER A 8 -16.64 -6.30 -7.28
C SER A 8 -16.47 -7.32 -8.41
N SER A 9 -17.45 -7.42 -9.30
CA SER A 9 -17.40 -8.43 -10.33
C SER A 9 -17.23 -7.81 -11.72
N ASP A 10 -17.85 -6.66 -11.96
CA ASP A 10 -17.81 -6.09 -13.29
C ASP A 10 -16.60 -5.19 -13.47
N ARG A 11 -15.64 -5.65 -14.26
CA ARG A 11 -14.42 -4.92 -14.51
C ARG A 11 -14.69 -3.62 -15.26
N SER A 12 -15.83 -3.54 -15.91
CA SER A 12 -16.22 -2.34 -16.62
C SER A 12 -16.65 -1.25 -15.63
N ALA A 13 -16.72 -1.61 -14.35
CA ALA A 13 -17.12 -0.67 -13.31
C ALA A 13 -15.90 -0.07 -12.60
N TRP A 14 -14.96 -0.91 -12.19
CA TRP A 14 -13.85 -0.46 -11.35
C TRP A 14 -12.49 -0.58 -12.02
N TYR A 15 -12.37 -1.42 -13.04
CA TYR A 15 -11.09 -1.62 -13.68
C TYR A 15 -10.81 -0.50 -14.68
N MET A 16 -9.73 0.24 -14.43
CA MET A 16 -9.44 1.44 -15.20
C MET A 16 -8.48 1.11 -16.34
N GLY A 17 -7.97 -0.12 -16.32
CA GLY A 17 -7.03 -0.61 -17.32
C GLY A 17 -5.83 0.30 -17.55
N PRO A 18 -5.69 0.88 -18.75
CA PRO A 18 -4.52 1.68 -19.12
C PRO A 18 -4.51 3.04 -18.45
N VAL A 19 -3.81 3.14 -17.32
CA VAL A 19 -3.80 4.37 -16.53
C VAL A 19 -2.35 4.65 -16.06
N SER A 20 -2.17 5.34 -14.92
CA SER A 20 -0.88 5.90 -14.55
C SER A 20 -1.10 6.70 -13.27
N ARG A 21 -0.04 7.27 -12.72
CA ARG A 21 -0.19 8.11 -11.55
C ARG A 21 -0.91 9.40 -11.92
N GLN A 22 -0.58 9.95 -13.09
CA GLN A 22 -1.20 11.18 -13.60
C GLN A 22 -2.70 10.98 -13.84
N GLU A 23 -3.03 10.04 -14.72
CA GLU A 23 -4.41 9.80 -15.12
C GLU A 23 -5.28 9.43 -13.91
N ALA A 24 -4.80 8.51 -13.10
CA ALA A 24 -5.54 8.05 -11.93
C ALA A 24 -5.91 9.21 -10.99
N GLN A 25 -4.99 10.18 -10.89
CA GLN A 25 -5.18 11.36 -10.03
C GLN A 25 -6.35 12.22 -10.51
N THR A 26 -6.48 12.39 -11.81
CA THR A 26 -7.55 13.23 -12.34
C THR A 26 -8.88 12.48 -12.38
N ARG A 27 -8.83 11.17 -12.08
CA ARG A 27 -10.05 10.38 -11.97
C ARG A 27 -10.58 10.48 -10.56
N LEU A 28 -9.66 10.55 -9.62
CA LEU A 28 -9.99 10.73 -8.22
C LEU A 28 -9.80 12.21 -7.83
N GLN A 29 -9.98 13.06 -8.86
CA GLN A 29 -9.80 14.52 -8.75
C GLN A 29 -10.58 15.15 -7.59
N GLY A 30 -9.90 15.39 -6.47
CA GLY A 30 -10.47 16.21 -5.43
C GLY A 30 -10.83 15.37 -4.25
N GLN A 31 -10.66 14.07 -4.45
CA GLN A 31 -10.85 13.09 -3.41
C GLN A 31 -12.26 13.17 -2.84
N ARG A 32 -13.20 12.50 -3.49
CA ARG A 32 -14.56 12.43 -2.97
C ARG A 32 -14.58 11.56 -1.71
N HIS A 33 -13.54 10.74 -1.59
CA HIS A 33 -13.35 9.84 -0.44
C HIS A 33 -14.22 8.61 -0.57
N GLY A 34 -13.58 7.46 -0.64
CA GLY A 34 -14.29 6.21 -0.79
C GLY A 34 -14.42 5.77 -2.24
N MET A 35 -13.72 6.46 -3.13
CA MET A 35 -13.71 6.07 -4.54
C MET A 35 -12.38 5.44 -4.90
N PHE A 36 -12.43 4.36 -5.66
CA PHE A 36 -11.22 3.61 -5.99
C PHE A 36 -11.18 3.26 -7.47
N LEU A 37 -9.99 2.91 -7.95
CA LEU A 37 -9.82 2.41 -9.30
C LEU A 37 -8.63 1.47 -9.37
N VAL A 38 -8.83 0.34 -10.05
CA VAL A 38 -7.77 -0.62 -10.26
C VAL A 38 -7.24 -0.48 -11.69
N ARG A 39 -6.04 0.05 -11.82
CA ARG A 39 -5.46 0.30 -13.13
C ARG A 39 -4.30 -0.64 -13.38
N ASP A 40 -3.81 -0.69 -14.61
CA ASP A 40 -2.65 -1.51 -14.91
C ASP A 40 -1.39 -0.72 -14.63
N SER A 41 -0.89 -0.89 -13.41
CA SER A 41 0.38 -0.32 -12.95
C SER A 41 0.71 1.06 -13.52
N SER A 42 2.01 1.30 -13.67
CA SER A 42 2.56 2.46 -14.36
C SER A 42 3.97 2.15 -14.81
N THR A 43 4.55 1.09 -14.24
CA THR A 43 5.91 0.69 -14.54
C THR A 43 5.96 -0.74 -15.09
N CYS A 44 5.22 -1.65 -14.45
CA CYS A 44 5.21 -3.05 -14.84
C CYS A 44 3.83 -3.48 -15.33
N PRO A 45 3.63 -3.54 -16.65
CA PRO A 45 2.36 -3.95 -17.26
C PRO A 45 2.00 -5.39 -16.88
N GLY A 46 0.78 -5.58 -16.40
CA GLY A 46 0.36 -6.89 -15.96
C GLY A 46 -0.01 -6.89 -14.50
N ASP A 47 0.68 -6.07 -13.72
CA ASP A 47 0.35 -5.87 -12.32
C ASP A 47 -0.60 -4.71 -12.20
N TYR A 48 -1.23 -4.55 -11.05
CA TYR A 48 -2.25 -3.54 -10.87
C TYR A 48 -1.94 -2.63 -9.70
N VAL A 49 -2.65 -1.52 -9.61
CA VAL A 49 -2.51 -0.58 -8.51
C VAL A 49 -3.87 0.03 -8.17
N LEU A 50 -4.44 -0.41 -7.07
CA LEU A 50 -5.68 0.15 -6.55
C LEU A 50 -5.45 1.55 -6.01
N SER A 51 -5.81 2.55 -6.79
CA SER A 51 -5.72 3.92 -6.33
C SER A 51 -7.05 4.36 -5.76
N VAL A 52 -7.01 4.72 -4.49
CA VAL A 52 -8.20 5.13 -3.78
C VAL A 52 -8.02 6.55 -3.30
N SER A 53 -9.03 7.38 -3.49
CA SER A 53 -8.92 8.75 -3.03
C SER A 53 -9.52 8.87 -1.65
N GLU A 54 -8.79 9.53 -0.78
CA GLU A 54 -9.18 9.73 0.60
C GLU A 54 -8.70 11.10 0.99
N ASN A 55 -9.01 11.57 2.21
CA ASN A 55 -8.84 12.99 2.62
C ASN A 55 -7.66 13.70 1.94
N SER A 56 -7.90 14.19 0.70
CA SER A 56 -6.87 14.86 -0.11
C SER A 56 -5.56 14.04 -0.07
N ARG A 57 -5.68 12.78 -0.46
CA ARG A 57 -4.83 11.71 0.03
C ARG A 57 -4.98 10.45 -0.82
N VAL A 58 -4.78 10.54 -2.13
CA VAL A 58 -5.05 9.38 -2.98
C VAL A 58 -3.94 8.35 -2.81
N SER A 59 -4.27 7.32 -2.05
CA SER A 59 -3.36 6.26 -1.67
C SER A 59 -3.32 5.17 -2.74
N HIS A 60 -2.14 4.94 -3.28
CA HIS A 60 -1.96 3.98 -4.37
C HIS A 60 -1.59 2.59 -3.85
N TYR A 61 -2.59 1.76 -3.55
CA TYR A 61 -2.36 0.44 -2.97
C TYR A 61 -1.94 -0.56 -4.07
N ILE A 62 -0.72 -1.08 -3.98
CA ILE A 62 -0.15 -1.88 -5.07
C ILE A 62 -0.69 -3.32 -5.06
N ILE A 63 -0.85 -3.91 -6.25
CA ILE A 63 -1.44 -5.24 -6.38
C ILE A 63 -0.70 -6.10 -7.43
N ASN A 64 -0.09 -7.19 -6.99
CA ASN A 64 0.69 -8.06 -7.86
C ASN A 64 -0.20 -9.09 -8.52
N SER A 65 0.09 -9.39 -9.77
CA SER A 65 -0.59 -10.48 -10.44
C SER A 65 0.17 -11.78 -10.17
N LEU A 66 -0.34 -12.57 -9.24
CA LEU A 66 0.32 -13.81 -8.87
C LEU A 66 -0.19 -14.96 -9.73
N PRO A 67 0.71 -15.89 -10.09
CA PRO A 67 0.37 -17.02 -10.98
C PRO A 67 -0.59 -18.01 -10.36
N ASN A 68 -0.87 -17.84 -9.07
CA ASN A 68 -1.88 -18.66 -8.38
C ASN A 68 -3.25 -18.06 -8.62
N ARG A 69 -3.29 -17.10 -9.54
CA ARG A 69 -4.50 -16.37 -9.91
C ARG A 69 -5.03 -15.57 -8.72
N ARG A 70 -4.12 -15.23 -7.82
CA ARG A 70 -4.45 -14.40 -6.68
C ARG A 70 -3.74 -13.07 -6.84
N PHE A 71 -4.05 -12.13 -5.97
CA PHE A 71 -3.48 -10.79 -6.07
C PHE A 71 -2.94 -10.33 -4.73
N LYS A 72 -1.68 -9.91 -4.75
CA LYS A 72 -0.99 -9.47 -3.55
C LYS A 72 -1.06 -7.95 -3.45
N ILE A 73 -1.96 -7.43 -2.64
CA ILE A 73 -2.04 -6.00 -2.48
C ILE A 73 -1.21 -5.54 -1.28
N GLY A 74 0.06 -5.31 -1.55
CA GLY A 74 0.97 -4.81 -0.55
C GLY A 74 1.30 -5.85 0.50
N ASP A 75 1.90 -6.96 0.06
CA ASP A 75 2.35 -8.03 0.96
C ASP A 75 1.16 -8.86 1.48
N GLN A 76 -0.05 -8.32 1.35
CA GLN A 76 -1.25 -9.05 1.76
C GLN A 76 -1.65 -10.08 0.70
N GLU A 77 -1.82 -11.32 1.14
CA GLU A 77 -2.17 -12.42 0.24
C GLU A 77 -3.67 -12.68 0.31
N PHE A 78 -4.41 -12.18 -0.67
CA PHE A 78 -5.85 -12.42 -0.73
C PHE A 78 -6.17 -13.46 -1.79
N ASP A 79 -7.41 -13.95 -1.78
CA ASP A 79 -7.88 -14.96 -2.73
C ASP A 79 -7.80 -14.46 -4.17
N HIS A 80 -8.42 -13.30 -4.43
CA HIS A 80 -8.35 -12.67 -5.74
C HIS A 80 -8.80 -11.21 -5.64
N LEU A 81 -8.92 -10.53 -6.79
CA LEU A 81 -9.24 -9.09 -6.81
C LEU A 81 -10.55 -8.78 -6.06
N PRO A 82 -11.69 -9.39 -6.44
CA PRO A 82 -12.98 -9.13 -5.77
C PRO A 82 -12.96 -9.49 -4.28
N ALA A 83 -11.91 -10.17 -3.84
CA ALA A 83 -11.83 -10.66 -2.46
C ALA A 83 -11.07 -9.68 -1.58
N LEU A 84 -10.11 -8.95 -2.15
CA LEU A 84 -9.36 -7.98 -1.36
C LEU A 84 -10.23 -6.75 -1.15
N LEU A 85 -11.15 -6.55 -2.06
CA LEU A 85 -12.11 -5.46 -1.97
C LEU A 85 -13.10 -5.74 -0.84
N GLU A 86 -13.30 -7.03 -0.54
CA GLU A 86 -14.18 -7.44 0.54
C GLU A 86 -13.54 -7.16 1.90
N PHE A 87 -12.22 -7.03 1.91
CA PHE A 87 -11.50 -6.76 3.15
C PHE A 87 -11.48 -5.28 3.47
N TYR A 88 -11.40 -4.45 2.44
CA TYR A 88 -11.32 -3.02 2.64
C TYR A 88 -12.69 -2.37 2.77
N LYS A 89 -13.74 -3.18 2.70
CA LYS A 89 -15.07 -2.69 3.00
C LYS A 89 -15.23 -2.49 4.51
N ILE A 90 -14.39 -3.17 5.30
CA ILE A 90 -14.45 -3.04 6.77
C ILE A 90 -13.13 -2.54 7.35
N HIS A 91 -12.20 -2.12 6.50
CA HIS A 91 -10.88 -1.69 6.98
C HIS A 91 -10.82 -0.17 7.12
N TYR A 92 -11.44 0.53 6.19
CA TYR A 92 -11.32 1.98 6.07
C TYR A 92 -9.92 2.35 5.59
N LEU A 93 -9.80 2.68 4.31
CA LEU A 93 -8.50 2.98 3.72
C LEU A 93 -8.02 4.36 4.17
N ASP A 94 -8.96 5.19 4.64
CA ASP A 94 -8.63 6.46 5.30
C ASP A 94 -9.91 7.08 5.85
N THR A 95 -10.45 6.46 6.90
CA THR A 95 -11.71 6.88 7.50
C THR A 95 -12.92 6.43 6.65
N THR A 96 -12.72 6.32 5.35
CA THR A 96 -13.76 5.81 4.45
C THR A 96 -13.38 4.41 3.99
N THR A 97 -14.36 3.64 3.58
CA THR A 97 -14.10 2.31 3.04
C THR A 97 -14.26 2.32 1.53
N LEU A 98 -14.27 1.14 0.93
CA LEU A 98 -14.56 1.03 -0.49
C LEU A 98 -16.06 1.16 -0.72
N ILE A 99 -16.48 2.35 -1.13
CA ILE A 99 -17.88 2.62 -1.39
C ILE A 99 -18.19 2.47 -2.88
N GLU A 100 -17.47 3.22 -3.71
CA GLU A 100 -17.74 3.24 -5.14
C GLU A 100 -16.45 3.34 -5.95
N PRO A 101 -16.47 2.82 -7.18
CA PRO A 101 -15.35 2.94 -8.09
C PRO A 101 -15.44 4.19 -8.94
N ALA A 102 -14.31 4.65 -9.43
CA ALA A 102 -14.25 5.79 -10.31
C ALA A 102 -14.65 5.39 -11.73
N PRO A 103 -15.42 6.22 -12.43
CA PRO A 103 -15.81 5.96 -13.81
C PRO A 103 -14.63 5.94 -14.76
N ARG A 104 -14.60 4.95 -15.65
CA ARG A 104 -13.47 4.76 -16.55
C ARG A 104 -13.50 5.72 -17.74
N TYR A 105 -14.68 6.22 -18.08
CA TYR A 105 -14.81 7.08 -19.26
C TYR A 105 -15.68 8.31 -18.99
N PRO A 106 -16.96 8.15 -18.56
CA PRO A 106 -17.88 9.28 -18.37
C PRO A 106 -17.31 10.34 -17.42
N SER A 107 -17.28 10.00 -16.13
CA SER A 107 -16.68 10.85 -15.09
C SER A 107 -17.50 12.12 -14.84
N PRO A 108 -17.70 12.48 -13.56
CA PRO A 108 -18.39 13.71 -13.18
C PRO A 108 -17.55 14.94 -13.52
N PRO A 109 -18.02 15.75 -14.48
CA PRO A 109 -17.29 16.93 -14.95
C PRO A 109 -17.09 17.96 -13.85
N MET A 110 -15.83 18.17 -13.46
CA MET A 110 -15.47 19.11 -12.40
C MET A 110 -16.21 18.80 -11.11
N GLY A 111 -16.34 17.52 -10.79
CA GLY A 111 -17.03 17.10 -9.59
C GLY A 111 -16.18 17.29 -8.33
N SER A 112 -15.91 18.55 -7.99
CA SER A 112 -15.11 18.87 -6.83
C SER A 112 -15.77 20.00 -6.01
N VAL A 113 -15.03 20.50 -5.01
CA VAL A 113 -15.51 21.57 -4.12
C VAL A 113 -16.66 21.08 -3.24
N SER A 114 -17.90 21.31 -3.66
CA SER A 114 -19.05 20.93 -2.86
C SER A 114 -19.72 19.68 -3.40
N ALA A 115 -19.06 19.03 -4.35
CA ALA A 115 -19.50 17.74 -4.85
C ALA A 115 -19.18 16.63 -3.85
N PRO A 116 -17.94 16.56 -3.31
CA PRO A 116 -17.63 15.64 -2.22
C PRO A 116 -18.05 16.21 -0.86
N ASN A 117 -17.44 15.70 0.20
CA ASN A 117 -17.75 16.16 1.55
C ASN A 117 -17.04 17.47 1.87
N LEU A 118 -16.20 17.92 0.94
CA LEU A 118 -15.35 19.09 1.13
C LEU A 118 -14.48 18.93 2.38
N PRO A 119 -13.32 18.28 2.22
CA PRO A 119 -12.43 17.98 3.34
C PRO A 119 -11.81 19.22 3.96
N THR A 120 -11.93 19.33 5.28
CA THR A 120 -11.29 20.39 6.02
C THR A 120 -9.91 19.94 6.50
N ALA A 121 -9.77 18.63 6.67
CA ALA A 121 -8.52 18.06 7.09
C ALA A 121 -7.63 17.76 5.89
N GLU A 122 -7.06 18.82 5.32
CA GLU A 122 -6.11 18.68 4.22
C GLU A 122 -4.71 18.51 4.80
N ASP A 123 -4.32 17.27 5.03
CA ASP A 123 -3.05 16.98 5.67
C ASP A 123 -1.97 16.65 4.64
N ASN A 124 -0.78 16.40 5.13
CA ASN A 124 0.34 15.99 4.30
C ASN A 124 0.98 14.77 4.94
N LEU A 125 0.13 13.85 5.34
CA LEU A 125 0.56 12.61 5.96
C LEU A 125 1.08 11.64 4.92
N GLU A 126 2.31 11.23 5.13
CA GLU A 126 2.96 10.30 4.24
C GLU A 126 4.21 9.73 4.89
N TYR A 127 5.03 10.57 5.52
CA TYR A 127 6.26 10.08 6.11
C TYR A 127 6.28 10.35 7.60
N VAL A 128 6.59 9.31 8.34
CA VAL A 128 6.68 9.36 9.79
C VAL A 128 7.85 8.48 10.21
N ARG A 129 8.40 8.71 11.39
CA ARG A 129 9.21 7.69 12.02
C ARG A 129 8.85 7.61 13.49
N THR A 130 8.99 6.44 14.09
CA THR A 130 8.58 6.25 15.48
C THR A 130 9.77 6.19 16.42
N LEU A 131 9.62 6.81 17.59
CA LEU A 131 10.71 6.89 18.55
C LEU A 131 10.42 6.04 19.79
N TYR A 132 9.15 5.82 20.08
CA TYR A 132 8.78 5.23 21.36
C TYR A 132 8.82 3.70 21.34
N ASP A 133 8.52 3.09 20.19
CA ASP A 133 8.49 1.62 20.07
C ASP A 133 7.27 1.04 20.79
N PHE A 134 6.35 0.50 20.01
CA PHE A 134 5.16 -0.12 20.56
C PHE A 134 4.82 -1.37 19.75
N PRO A 135 5.37 -2.52 20.13
CA PRO A 135 5.16 -3.76 19.42
C PRO A 135 4.03 -4.61 20.02
N GLY A 136 2.80 -4.30 19.62
CA GLY A 136 1.67 -5.12 20.01
C GLY A 136 1.36 -6.17 18.97
N ASN A 137 1.77 -5.88 17.74
CA ASN A 137 1.66 -6.80 16.60
C ASN A 137 0.22 -7.07 16.19
N ASP A 138 -0.32 -6.17 15.38
CA ASP A 138 -1.66 -6.36 14.79
C ASP A 138 -1.94 -5.24 13.78
N ALA A 139 -3.16 -5.18 13.29
CA ALA A 139 -3.62 -4.07 12.47
C ALA A 139 -4.22 -3.02 13.38
N GLU A 140 -4.51 -3.47 14.58
CA GLU A 140 -5.08 -2.64 15.63
C GLU A 140 -4.00 -1.71 16.16
N ASP A 141 -2.77 -2.19 16.07
CA ASP A 141 -1.60 -1.41 16.42
C ASP A 141 -0.38 -1.98 15.71
N LEU A 142 0.21 -1.17 14.84
CA LEU A 142 1.40 -1.57 14.11
C LEU A 142 2.59 -1.66 15.05
N PRO A 143 3.22 -2.84 15.14
CA PRO A 143 4.41 -3.03 15.97
C PRO A 143 5.60 -2.25 15.42
N PHE A 144 5.85 -1.08 15.97
CA PHE A 144 6.94 -0.24 15.50
C PHE A 144 8.02 -0.14 16.56
N LYS A 145 9.20 0.28 16.14
CA LYS A 145 10.34 0.39 17.03
C LYS A 145 10.72 1.85 17.20
N LYS A 146 11.89 2.06 17.80
CA LYS A 146 12.44 3.40 17.98
C LYS A 146 13.33 3.76 16.79
N GLY A 147 13.12 3.07 15.68
CA GLY A 147 13.93 3.31 14.50
C GLY A 147 13.24 2.85 13.22
N GLU A 148 11.92 2.92 13.21
CA GLU A 148 11.15 2.52 12.05
C GLU A 148 10.62 3.74 11.31
N ILE A 149 10.57 3.65 9.98
CA ILE A 149 9.97 4.68 9.20
C ILE A 149 8.57 4.21 8.87
N LEU A 150 7.60 5.07 9.01
CA LEU A 150 6.25 4.69 8.72
C LEU A 150 5.73 5.55 7.61
N VAL A 151 4.77 5.03 6.92
CA VAL A 151 4.09 5.78 5.88
C VAL A 151 2.64 5.84 6.27
N ILE A 152 2.08 7.04 6.34
CA ILE A 152 0.69 7.17 6.74
C ILE A 152 -0.18 6.76 5.58
N ILE A 153 -0.36 5.46 5.51
CA ILE A 153 -1.07 4.82 4.44
C ILE A 153 -2.56 4.95 4.65
N GLU A 154 -2.98 5.08 5.92
CA GLU A 154 -4.38 5.34 6.25
C GLU A 154 -4.46 6.26 7.48
N LYS A 155 -5.42 7.19 7.49
CA LYS A 155 -5.69 8.01 8.68
C LYS A 155 -7.19 8.09 8.97
N PRO A 156 -7.72 7.15 9.77
CA PRO A 156 -9.11 7.20 10.23
C PRO A 156 -9.34 8.30 11.27
N GLU A 157 -8.57 8.26 12.35
CA GLU A 157 -8.79 9.18 13.48
C GLU A 157 -7.69 10.25 13.51
N GLU A 158 -7.85 11.25 14.38
CA GLU A 158 -6.83 12.28 14.56
C GLU A 158 -6.20 12.18 15.95
N GLN A 159 -5.44 11.11 16.13
CA GLN A 159 -4.77 10.79 17.39
C GLN A 159 -4.08 9.45 17.21
N TRP A 160 -4.74 8.61 16.43
CA TRP A 160 -4.20 7.33 16.00
C TRP A 160 -4.19 7.29 14.48
N TRP A 161 -3.05 6.94 13.90
CA TRP A 161 -2.91 6.89 12.47
C TRP A 161 -2.53 5.50 12.02
N SER A 162 -3.13 5.03 10.95
CA SER A 162 -2.84 3.70 10.45
C SER A 162 -1.67 3.77 9.47
N ALA A 163 -0.47 3.57 9.99
CA ALA A 163 0.72 3.68 9.17
C ALA A 163 1.34 2.32 8.91
N ARG A 164 2.18 2.25 7.88
CA ARG A 164 2.90 1.03 7.59
C ARG A 164 4.34 1.14 8.04
N ASN A 165 4.87 0.11 8.66
CA ASN A 165 6.24 0.14 9.14
C ASN A 165 7.22 -0.18 8.02
N LYS A 166 8.49 -0.31 8.39
CA LYS A 166 9.57 -0.59 7.45
C LYS A 166 9.31 -1.92 6.72
N ASP A 167 8.57 -2.81 7.38
CA ASP A 167 8.25 -4.11 6.82
C ASP A 167 7.04 -4.02 5.88
N GLY A 168 6.28 -2.95 6.02
CA GLY A 168 5.15 -2.73 5.12
C GLY A 168 3.82 -3.18 5.72
N ARG A 169 3.72 -3.13 7.02
CA ARG A 169 2.51 -3.54 7.72
C ARG A 169 1.72 -2.35 8.19
N VAL A 170 0.41 -2.38 7.99
CA VAL A 170 -0.43 -1.28 8.40
C VAL A 170 -1.12 -1.58 9.73
N GLY A 171 -0.85 -0.74 10.69
CA GLY A 171 -1.56 -0.81 11.96
C GLY A 171 -1.71 0.57 12.56
N MET A 172 -2.65 0.71 13.48
CA MET A 172 -2.87 1.99 14.13
C MET A 172 -1.70 2.34 15.04
N ILE A 173 -1.21 3.55 14.91
CA ILE A 173 -0.10 4.02 15.72
C ILE A 173 -0.42 5.37 16.34
N PRO A 174 0.06 5.63 17.57
CA PRO A 174 -0.19 6.88 18.28
C PRO A 174 0.68 8.03 17.79
N VAL A 175 0.07 9.17 17.53
CA VAL A 175 0.80 10.37 17.10
C VAL A 175 1.84 10.84 18.14
N PRO A 176 1.51 10.86 19.46
CA PRO A 176 2.48 11.26 20.50
C PRO A 176 3.66 10.30 20.65
N TYR A 177 3.75 9.32 19.76
CA TYR A 177 4.82 8.33 19.77
C TYR A 177 5.78 8.55 18.61
N VAL A 178 5.44 9.46 17.71
CA VAL A 178 6.11 9.52 16.42
C VAL A 178 7.07 10.71 16.26
N GLU A 179 7.52 10.84 15.02
CA GLU A 179 8.66 11.62 14.60
C GLU A 179 8.45 11.97 13.14
N LYS A 180 7.23 12.31 12.78
CA LYS A 180 6.81 12.30 11.39
C LYS A 180 7.36 13.52 10.68
N LEU A 181 7.58 13.32 9.39
CA LEU A 181 8.22 14.31 8.55
C LEU A 181 7.28 15.52 8.39
N VAL A 182 7.87 16.69 8.20
CA VAL A 182 7.11 17.93 8.25
C VAL A 182 6.10 18.09 7.10
N ARG A 183 6.58 18.25 5.88
CA ARG A 183 5.70 18.54 4.76
C ARG A 183 6.40 18.25 3.43
N SER A 184 5.62 18.16 2.37
CA SER A 184 6.16 18.02 1.02
C SER A 184 6.09 19.38 0.32
N SER A 185 6.90 19.57 -0.71
CA SER A 185 6.93 20.83 -1.41
C SER A 185 5.63 21.05 -2.20
N PRO A 186 5.17 22.32 -2.27
CA PRO A 186 3.89 22.68 -2.89
C PRO A 186 3.65 22.01 -4.24
N HIS A 187 4.55 22.25 -5.18
CA HIS A 187 4.41 21.76 -6.57
C HIS A 187 3.20 22.40 -7.24
N GLY A 188 2.03 21.90 -6.90
CA GLY A 188 0.80 22.39 -7.46
C GLY A 188 -0.39 21.87 -6.68
N LYS A 189 -0.54 20.55 -6.67
CA LYS A 189 -1.62 19.92 -5.93
C LYS A 189 -1.16 19.60 -4.51
N HIS A 190 -1.09 20.64 -3.68
CA HIS A 190 -0.68 20.50 -2.28
C HIS A 190 -0.88 21.83 -1.56
N GLY A 191 -0.45 22.90 -2.20
CA GLY A 191 -0.60 24.22 -1.64
C GLY A 191 -0.27 25.30 -2.64
N ASN A 192 -1.02 25.31 -3.74
CA ASN A 192 -0.82 26.26 -4.84
C ASN A 192 0.51 25.98 -5.56
N ARG A 193 0.89 26.87 -6.47
CA ARG A 193 2.08 26.68 -7.27
C ARG A 193 2.93 27.94 -7.26
N ASN A 194 4.25 27.76 -7.18
CA ASN A 194 5.17 28.88 -7.16
C ASN A 194 6.41 28.58 -7.99
N SER A 195 6.90 27.34 -7.91
CA SER A 195 8.02 26.91 -8.71
C SER A 195 7.60 25.80 -9.67
N ASN A 196 6.45 25.19 -9.37
CA ASN A 196 5.90 24.09 -10.16
C ASN A 196 6.79 22.86 -10.08
N SER A 197 7.75 22.78 -10.98
CA SER A 197 8.70 21.68 -11.00
C SER A 197 9.99 22.09 -10.29
N TYR A 198 10.47 21.23 -9.41
CA TYR A 198 11.66 21.55 -8.63
C TYR A 198 12.88 20.84 -9.21
N GLY A 199 12.66 19.78 -9.97
CA GLY A 199 13.75 19.01 -10.52
C GLY A 199 13.82 17.61 -9.95
N ILE A 200 12.68 17.11 -9.49
CA ILE A 200 12.59 15.77 -8.95
C ILE A 200 11.43 15.04 -9.61
N PRO A 201 11.38 13.70 -9.53
CA PRO A 201 10.28 12.91 -10.08
C PRO A 201 9.05 12.96 -9.20
N GLU A 202 8.04 13.68 -9.65
CA GLU A 202 6.74 13.72 -8.97
C GLU A 202 6.07 12.34 -8.94
N PRO A 203 6.01 11.63 -10.09
CA PRO A 203 5.53 10.24 -10.13
C PRO A 203 6.53 9.28 -9.49
N ALA A 204 6.75 9.46 -8.19
CA ALA A 204 7.70 8.65 -7.45
C ALA A 204 7.17 7.24 -7.20
N HIS A 205 7.97 6.42 -6.54
CA HIS A 205 7.59 5.04 -6.23
C HIS A 205 6.71 5.00 -4.98
N ALA A 206 5.94 6.07 -4.78
CA ALA A 206 5.06 6.16 -3.62
C ALA A 206 3.81 5.31 -3.81
N ALA A 208 1.43 1.99 -1.96
CA ALA A 208 0.96 1.62 -0.65
C ALA A 208 0.85 0.12 -0.52
N GLN A 209 1.70 -0.43 0.34
CA GLN A 209 1.67 -1.86 0.65
C GLN A 209 1.11 -2.08 2.06
N PRO A 210 -0.16 -2.49 2.15
CA PRO A 210 -0.85 -2.75 3.41
C PRO A 210 -0.90 -4.24 3.79
N GLN A 211 0.17 -4.75 4.39
CA GLN A 211 0.16 -6.11 4.94
C GLN A 211 -0.98 -6.23 5.97
N THR A 212 -1.03 -5.27 6.88
CA THR A 212 -2.13 -5.16 7.83
C THR A 212 -2.08 -6.23 8.94
N THR A 213 -1.83 -7.48 8.54
CA THR A 213 -1.90 -8.64 9.43
C THR A 213 -3.36 -9.09 9.55
N THR A 214 -3.81 -9.88 8.59
CA THR A 214 -5.20 -10.32 8.55
C THR A 214 -5.38 -11.61 9.34
N PRO A 215 -6.33 -11.63 10.28
CA PRO A 215 -6.64 -12.82 11.07
C PRO A 215 -7.52 -13.82 10.33
N LEU A 216 -8.12 -13.34 9.24
CA LEU A 216 -9.06 -14.14 8.43
C LEU A 216 -10.23 -14.60 9.29
N PRO A 217 -11.24 -13.74 9.49
CA PRO A 217 -12.39 -14.03 10.32
C PRO A 217 -13.39 -14.95 9.63
N ALA A 218 -13.47 -16.18 10.10
CA ALA A 218 -14.45 -17.12 9.60
C ALA A 218 -15.69 -17.10 10.48
N VAL A 219 -16.66 -16.29 10.10
CA VAL A 219 -17.86 -16.10 10.90
C VAL A 219 -18.85 -17.24 10.66
N SER A 220 -19.43 -17.75 11.74
CA SER A 220 -20.40 -18.82 11.66
C SER A 220 -21.81 -18.26 11.45
N GLY A 221 -22.56 -18.86 10.53
CA GLY A 221 -23.88 -18.37 10.22
C GLY A 221 -24.98 -19.29 10.73
N SER A 222 -25.69 -18.84 11.75
CA SER A 222 -26.78 -19.60 12.31
C SER A 222 -28.05 -19.40 11.48
N PRO A 223 -28.63 -20.49 10.95
CA PRO A 223 -29.84 -20.43 10.14
C PRO A 223 -31.04 -19.88 10.92
N GLY A 224 -31.78 -18.97 10.31
CA GLY A 224 -32.96 -18.42 10.94
C GLY A 224 -34.07 -19.44 11.02
N ALA A 225 -34.99 -19.24 11.96
CA ALA A 225 -36.07 -20.18 12.18
C ALA A 225 -37.13 -20.07 11.09
N ALA A 226 -37.61 -21.21 10.61
CA ALA A 226 -38.64 -21.23 9.59
C ALA A 226 -40.01 -21.07 10.23
N ILE A 227 -40.49 -19.82 10.26
CA ILE A 227 -41.75 -19.49 10.92
C ILE A 227 -42.94 -20.18 10.25
N THR A 228 -43.00 -20.11 8.94
CA THR A 228 -44.08 -20.73 8.20
C THR A 228 -43.74 -20.78 6.71
N PRO A 229 -43.97 -21.92 6.06
CA PRO A 229 -43.68 -22.10 4.65
C PRO A 229 -44.85 -21.71 3.75
N LEU A 230 -44.81 -20.49 3.25
CA LEU A 230 -45.79 -20.02 2.28
C LEU A 230 -45.19 -20.10 0.88
N PRO A 231 -45.54 -21.16 0.14
CA PRO A 231 -44.97 -21.40 -1.18
C PRO A 231 -45.50 -20.45 -2.24
N SER A 232 -44.66 -19.55 -2.69
CA SER A 232 -45.02 -18.64 -3.76
C SER A 232 -45.04 -19.40 -5.09
N THR A 233 -45.89 -18.97 -6.00
CA THR A 233 -46.01 -19.64 -7.28
C THR A 233 -44.80 -19.39 -8.16
N GLN A 234 -43.81 -20.28 -8.02
CA GLN A 234 -42.56 -20.18 -8.75
C GLN A 234 -42.75 -20.60 -10.20
N ASN A 235 -43.38 -19.71 -10.98
CA ASN A 235 -43.62 -19.96 -12.40
C ASN A 235 -42.31 -19.98 -13.17
N GLY A 236 -41.40 -19.11 -12.78
CA GLY A 236 -40.11 -19.04 -13.44
C GLY A 236 -38.99 -18.76 -12.46
N PRO A 237 -38.55 -19.78 -11.71
CA PRO A 237 -37.47 -19.62 -10.73
C PRO A 237 -36.11 -19.43 -11.38
N VAL A 238 -35.37 -18.44 -10.91
CA VAL A 238 -34.04 -18.17 -11.44
C VAL A 238 -33.00 -18.88 -10.57
N PHE A 239 -31.94 -19.37 -11.21
CA PHE A 239 -30.94 -20.15 -10.51
C PHE A 239 -29.63 -19.36 -10.39
N ALA A 240 -29.17 -19.20 -9.16
CA ALA A 240 -27.90 -18.54 -8.89
C ALA A 240 -27.19 -19.24 -7.75
N LYS A 241 -25.98 -19.71 -7.99
CA LYS A 241 -25.23 -20.41 -6.97
C LYS A 241 -24.56 -19.42 -6.02
N ALA A 242 -24.48 -19.78 -4.75
CA ALA A 242 -23.91 -18.91 -3.75
C ALA A 242 -22.41 -19.14 -3.64
N ILE A 243 -21.64 -18.33 -4.36
CA ILE A 243 -20.20 -18.49 -4.40
C ILE A 243 -19.51 -17.60 -3.37
N GLN A 244 -20.26 -17.15 -2.37
CA GLN A 244 -19.73 -16.24 -1.37
C GLN A 244 -20.32 -16.55 0.00
N LYS A 245 -19.81 -15.87 1.02
CA LYS A 245 -20.28 -16.08 2.39
C LYS A 245 -21.34 -15.04 2.74
N ARG A 246 -22.43 -15.50 3.34
CA ARG A 246 -23.50 -14.60 3.76
C ARG A 246 -24.19 -15.11 5.01
N VAL A 247 -24.03 -14.38 6.10
CA VAL A 247 -24.74 -14.67 7.34
C VAL A 247 -26.00 -13.82 7.45
N PRO A 248 -26.97 -14.24 8.26
CA PRO A 248 -28.21 -13.52 8.45
C PRO A 248 -28.18 -12.59 9.65
N CYS A 249 -29.33 -12.02 9.97
CA CYS A 249 -29.47 -11.22 11.17
C CYS A 249 -29.66 -12.15 12.37
N ALA A 250 -29.20 -11.71 13.54
CA ALA A 250 -29.25 -12.54 14.75
C ALA A 250 -30.68 -13.03 15.03
N TYR A 251 -31.62 -12.10 15.00
CA TYR A 251 -33.03 -12.46 15.20
C TYR A 251 -33.71 -12.76 13.87
N ASP A 252 -32.98 -12.50 12.79
CA ASP A 252 -33.47 -12.67 11.42
C ASP A 252 -34.63 -11.74 11.09
N LYS A 253 -34.33 -10.72 10.29
CA LYS A 253 -35.36 -9.87 9.72
C LYS A 253 -35.37 -10.09 8.21
N THR A 254 -36.09 -11.13 7.79
CA THR A 254 -36.16 -11.54 6.39
C THR A 254 -34.76 -11.64 5.76
N ALA A 255 -33.79 -12.08 6.56
CA ALA A 255 -32.41 -12.14 6.11
C ALA A 255 -32.01 -13.58 5.80
N LEU A 256 -32.04 -13.92 4.53
CA LEU A 256 -31.72 -15.28 4.11
C LEU A 256 -30.21 -15.49 4.13
N ALA A 257 -29.76 -16.47 4.90
CA ALA A 257 -28.35 -16.80 5.00
C ALA A 257 -27.96 -17.73 3.85
N LEU A 258 -26.82 -17.47 3.24
CA LEU A 258 -26.37 -18.23 2.10
C LEU A 258 -24.91 -18.63 2.28
N GLU A 259 -24.66 -19.93 2.30
CA GLU A 259 -23.32 -20.45 2.46
C GLU A 259 -22.78 -20.86 1.10
N VAL A 260 -21.47 -20.77 0.94
CA VAL A 260 -20.81 -21.09 -0.31
C VAL A 260 -21.11 -22.53 -0.73
N GLY A 261 -21.67 -22.72 -1.92
CA GLY A 261 -21.87 -24.05 -2.42
C GLY A 261 -22.96 -24.17 -3.48
N ASP A 262 -24.21 -23.97 -3.10
CA ASP A 262 -25.32 -24.50 -3.91
C ASP A 262 -26.21 -23.39 -4.47
N ILE A 263 -27.35 -23.79 -5.02
CA ILE A 263 -28.20 -22.91 -5.80
C ILE A 263 -29.26 -22.22 -4.94
N VAL A 264 -29.41 -20.93 -5.18
CA VAL A 264 -30.47 -20.13 -4.58
C VAL A 264 -31.66 -20.05 -5.51
N LYS A 265 -32.76 -20.70 -5.15
CA LYS A 265 -33.97 -20.68 -5.97
C LYS A 265 -34.76 -19.40 -5.74
N VAL A 266 -34.45 -18.37 -6.48
CA VAL A 266 -35.13 -17.09 -6.33
C VAL A 266 -36.34 -17.00 -7.25
N THR A 267 -37.47 -16.60 -6.69
CA THR A 267 -38.70 -16.48 -7.45
C THR A 267 -39.14 -15.01 -7.56
N ARG A 268 -38.65 -14.18 -6.66
CA ARG A 268 -38.96 -12.75 -6.68
C ARG A 268 -37.69 -11.94 -6.88
N MET A 269 -37.45 -11.53 -8.11
CA MET A 269 -36.26 -10.77 -8.43
C MET A 269 -36.57 -9.28 -8.54
N ASN A 270 -36.10 -8.52 -7.57
CA ASN A 270 -36.34 -7.08 -7.52
C ASN A 270 -35.35 -6.33 -8.40
N ILE A 271 -35.67 -5.09 -8.72
CA ILE A 271 -34.81 -4.27 -9.55
C ILE A 271 -33.96 -3.34 -8.68
N ASN A 272 -34.33 -3.24 -7.40
CA ASN A 272 -33.64 -2.37 -6.46
C ASN A 272 -32.22 -2.87 -6.18
N GLY A 273 -32.09 -4.13 -5.79
CA GLY A 273 -30.78 -4.69 -5.52
C GLY A 273 -30.85 -5.98 -4.74
N GLN A 274 -31.78 -6.07 -3.80
CA GLN A 274 -31.94 -7.29 -3.03
C GLN A 274 -33.13 -8.09 -3.55
N TRP A 275 -32.94 -9.39 -3.70
CA TRP A 275 -33.97 -10.26 -4.21
C TRP A 275 -34.53 -11.13 -3.10
N GLU A 276 -35.67 -11.76 -3.34
CA GLU A 276 -36.29 -12.64 -2.37
C GLU A 276 -36.46 -14.04 -2.97
N GLY A 277 -35.78 -15.01 -2.37
CA GLY A 277 -35.87 -16.38 -2.83
C GLY A 277 -36.16 -17.32 -1.68
N GLU A 278 -36.48 -18.56 -2.00
CA GLU A 278 -36.78 -19.55 -0.98
C GLU A 278 -35.65 -20.57 -0.85
N VAL A 279 -34.91 -20.48 0.23
CA VAL A 279 -33.86 -21.44 0.55
C VAL A 279 -34.07 -21.94 1.96
N ASN A 280 -33.88 -23.25 2.17
CA ASN A 280 -34.11 -23.88 3.48
C ASN A 280 -35.60 -23.96 3.79
N GLY A 281 -36.44 -23.61 2.81
CA GLY A 281 -37.87 -23.55 3.03
C GLY A 281 -38.30 -22.21 3.58
N ARG A 282 -37.40 -21.22 3.51
CA ARG A 282 -37.69 -19.89 4.01
C ARG A 282 -37.29 -18.84 2.98
N LYS A 283 -38.14 -17.84 2.80
CA LYS A 283 -37.84 -16.77 1.85
C LYS A 283 -37.26 -15.56 2.57
N GLY A 284 -36.20 -15.02 2.00
CA GLY A 284 -35.56 -13.85 2.57
C GLY A 284 -34.86 -13.03 1.51
N LEU A 285 -34.34 -11.87 1.91
CA LEU A 285 -33.68 -10.97 0.98
C LEU A 285 -32.18 -11.28 0.88
N PHE A 286 -31.67 -11.18 -0.34
CA PHE A 286 -30.24 -11.33 -0.60
C PHE A 286 -29.83 -10.42 -1.75
N PRO A 287 -28.71 -9.69 -1.60
CA PRO A 287 -28.24 -8.74 -2.62
C PRO A 287 -27.62 -9.43 -3.83
N PHE A 288 -27.76 -8.82 -5.00
CA PHE A 288 -27.22 -9.36 -6.24
C PHE A 288 -25.69 -9.43 -6.20
N THR A 289 -25.08 -8.58 -5.38
CA THR A 289 -23.63 -8.55 -5.24
C THR A 289 -23.13 -9.73 -4.39
N HIS A 290 -23.77 -10.88 -4.56
CA HIS A 290 -23.43 -12.07 -3.79
C HIS A 290 -23.51 -13.30 -4.68
N VAL A 291 -24.70 -13.57 -5.20
CA VAL A 291 -24.92 -14.73 -6.05
C VAL A 291 -24.67 -14.41 -7.51
N LYS A 292 -24.25 -15.40 -8.28
CA LYS A 292 -23.96 -15.18 -9.69
C LYS A 292 -25.01 -15.87 -10.56
N ILE A 293 -25.73 -15.07 -11.32
CA ILE A 293 -26.70 -15.58 -12.28
C ILE A 293 -25.97 -16.25 -13.44
N PHE A 294 -26.32 -17.50 -13.71
CA PHE A 294 -25.69 -18.24 -14.79
C PHE A 294 -26.72 -18.73 -15.79
N ASP A 295 -26.28 -19.43 -16.81
CA ASP A 295 -27.17 -19.97 -17.82
C ASP A 295 -27.83 -21.24 -17.30
N PRO A 296 -29.16 -21.19 -17.12
CA PRO A 296 -29.92 -22.27 -16.53
C PRO A 296 -30.51 -23.22 -17.56
N GLN A 297 -29.73 -23.61 -18.56
CA GLN A 297 -30.16 -24.65 -19.49
C GLN A 297 -30.09 -26.00 -18.79
N ASN A 298 -29.40 -26.00 -17.66
CA ASN A 298 -29.37 -27.14 -16.76
C ASN A 298 -30.39 -26.93 -15.66
N PRO A 299 -31.58 -27.54 -15.81
CA PRO A 299 -32.71 -27.32 -14.92
C PRO A 299 -32.81 -28.33 -13.79
N ASP A 300 -31.69 -29.00 -13.49
CA ASP A 300 -31.63 -30.00 -12.43
C ASP A 300 -32.50 -31.20 -12.78
N GLU A 301 -31.86 -32.23 -13.33
CA GLU A 301 -32.58 -33.40 -13.84
C GLU A 301 -33.29 -34.16 -12.72
N ASN A 302 -32.56 -34.45 -11.65
CA ASN A 302 -33.09 -35.26 -10.55
C ASN A 302 -34.05 -34.46 -9.68
N GLU A 303 -35.34 -34.68 -9.88
CA GLU A 303 -36.37 -34.04 -9.08
C GLU A 303 -37.22 -35.11 -8.41
N MET A 1 -22.29 -1.08 8.20
CA MET A 1 -22.78 -2.37 7.67
C MET A 1 -22.84 -2.33 6.14
N SER A 2 -23.85 -1.62 5.61
CA SER A 2 -24.03 -1.57 4.17
C SER A 2 -23.73 -0.19 3.60
N SER A 3 -22.85 0.55 4.26
CA SER A 3 -22.38 1.82 3.73
C SER A 3 -21.59 1.58 2.45
N ALA A 4 -20.72 0.58 2.51
CA ALA A 4 -19.93 0.17 1.38
C ALA A 4 -20.64 -0.93 0.60
N ARG A 5 -20.97 -0.64 -0.65
CA ARG A 5 -21.64 -1.61 -1.50
C ARG A 5 -21.53 -1.18 -2.96
N PHE A 6 -20.67 -1.86 -3.68
CA PHE A 6 -20.46 -1.59 -5.10
C PHE A 6 -20.48 -2.89 -5.88
N ASP A 7 -20.31 -2.79 -7.19
CA ASP A 7 -20.36 -3.96 -8.06
C ASP A 7 -18.98 -4.58 -8.19
N SER A 8 -18.69 -5.53 -7.31
CA SER A 8 -17.43 -6.25 -7.36
C SER A 8 -17.39 -7.13 -8.61
N SER A 9 -16.18 -7.36 -9.11
CA SER A 9 -15.94 -8.21 -10.30
C SER A 9 -16.26 -7.48 -11.61
N ASP A 10 -17.34 -6.69 -11.62
CA ASP A 10 -17.75 -5.99 -12.84
C ASP A 10 -16.65 -5.04 -13.30
N ARG A 11 -15.90 -5.46 -14.31
CA ARG A 11 -14.70 -4.77 -14.74
C ARG A 11 -14.97 -3.32 -15.10
N SER A 12 -16.02 -3.07 -15.87
CA SER A 12 -16.31 -1.71 -16.32
C SER A 12 -16.95 -0.87 -15.22
N ALA A 13 -17.01 -1.40 -14.01
CA ALA A 13 -17.49 -0.62 -12.88
C ALA A 13 -16.32 0.07 -12.17
N TRP A 14 -15.20 -0.63 -12.03
CA TRP A 14 -14.09 -0.12 -11.24
C TRP A 14 -12.76 -0.13 -12.00
N TYR A 15 -12.60 -1.04 -12.96
CA TYR A 15 -11.33 -1.16 -13.67
C TYR A 15 -11.21 -0.08 -14.74
N MET A 16 -10.14 0.71 -14.67
CA MET A 16 -10.00 1.88 -15.55
C MET A 16 -8.88 1.67 -16.57
N GLY A 17 -8.21 0.53 -16.49
CA GLY A 17 -7.10 0.21 -17.37
C GLY A 17 -6.03 1.31 -17.42
N PRO A 18 -5.84 1.97 -18.57
CA PRO A 18 -4.78 2.97 -18.75
C PRO A 18 -5.05 4.24 -17.98
N VAL A 19 -4.34 4.41 -16.86
CA VAL A 19 -4.57 5.55 -15.99
C VAL A 19 -3.25 6.18 -15.51
N SER A 20 -2.52 5.48 -14.62
CA SER A 20 -1.22 5.93 -14.13
C SER A 20 -1.43 6.96 -13.03
N ARG A 21 -0.37 7.24 -12.30
CA ARG A 21 -0.42 8.15 -11.17
C ARG A 21 -0.96 9.51 -11.62
N GLN A 22 -0.55 9.93 -12.81
CA GLN A 22 -0.89 11.23 -13.35
C GLN A 22 -2.40 11.41 -13.48
N GLU A 23 -3.10 10.38 -13.93
CA GLU A 23 -4.53 10.51 -14.18
C GLU A 23 -5.31 10.11 -12.93
N ALA A 24 -4.91 8.99 -12.33
CA ALA A 24 -5.58 8.46 -11.15
C ALA A 24 -5.68 9.50 -10.03
N GLN A 25 -4.60 10.27 -9.84
CA GLN A 25 -4.55 11.24 -8.76
C GLN A 25 -5.46 12.44 -9.05
N THR A 26 -5.38 12.97 -10.26
CA THR A 26 -6.15 14.16 -10.60
C THR A 26 -7.65 13.86 -10.65
N ARG A 27 -7.99 12.59 -10.86
CA ARG A 27 -9.38 12.17 -10.96
C ARG A 27 -9.99 11.93 -9.57
N LEU A 28 -9.15 11.56 -8.62
CA LEU A 28 -9.61 11.28 -7.26
C LEU A 28 -9.27 12.44 -6.32
N GLN A 29 -8.64 13.45 -6.86
CA GLN A 29 -8.14 14.58 -6.08
C GLN A 29 -9.27 15.44 -5.54
N GLY A 30 -9.44 15.44 -4.21
CA GLY A 30 -10.46 16.27 -3.59
C GLY A 30 -11.85 15.92 -4.06
N GLN A 31 -12.08 14.65 -4.32
CA GLN A 31 -13.38 14.17 -4.74
C GLN A 31 -14.08 13.49 -3.57
N ARG A 32 -15.18 12.80 -3.86
CA ARG A 32 -15.93 12.09 -2.84
C ARG A 32 -15.09 10.99 -2.22
N HIS A 33 -14.76 11.16 -0.94
CA HIS A 33 -13.98 10.17 -0.21
C HIS A 33 -14.75 8.85 -0.15
N GLY A 34 -14.16 7.81 -0.73
CA GLY A 34 -14.83 6.52 -0.78
C GLY A 34 -14.86 5.98 -2.19
N MET A 35 -14.45 6.81 -3.14
CA MET A 35 -14.36 6.42 -4.54
C MET A 35 -13.01 5.79 -4.83
N PHE A 36 -12.99 4.73 -5.64
CA PHE A 36 -11.76 4.02 -5.91
C PHE A 36 -11.71 3.57 -7.36
N LEU A 37 -10.53 3.18 -7.83
CA LEU A 37 -10.39 2.63 -9.16
C LEU A 37 -9.16 1.72 -9.25
N VAL A 38 -9.33 0.60 -9.90
CA VAL A 38 -8.24 -0.32 -10.15
C VAL A 38 -7.78 -0.15 -11.59
N ARG A 39 -6.57 0.35 -11.76
CA ARG A 39 -6.05 0.64 -13.08
C ARG A 39 -4.98 -0.36 -13.47
N ASP A 40 -4.50 -0.24 -14.67
CA ASP A 40 -3.33 -0.98 -15.12
C ASP A 40 -2.09 -0.28 -14.62
N SER A 41 -1.11 -1.05 -14.17
CA SER A 41 0.13 -0.48 -13.62
C SER A 41 0.81 0.44 -14.63
N SER A 42 0.44 0.27 -15.91
CA SER A 42 1.00 1.07 -17.00
C SER A 42 2.46 0.69 -17.22
N THR A 43 2.84 -0.47 -16.68
CA THR A 43 4.19 -0.98 -16.81
C THR A 43 4.18 -2.49 -17.04
N CYS A 44 3.36 -3.20 -16.27
CA CYS A 44 3.26 -4.66 -16.39
C CYS A 44 1.79 -5.10 -16.39
N PRO A 45 1.37 -5.88 -17.41
CA PRO A 45 -0.01 -6.37 -17.52
C PRO A 45 -0.41 -7.31 -16.37
N GLY A 46 0.59 -7.78 -15.63
CA GLY A 46 0.33 -8.63 -14.49
C GLY A 46 0.43 -7.86 -13.19
N ASP A 47 0.13 -6.57 -13.24
CA ASP A 47 0.23 -5.70 -12.08
C ASP A 47 -0.80 -4.58 -12.18
N TYR A 48 -1.50 -4.33 -11.08
CA TYR A 48 -2.55 -3.30 -11.07
C TYR A 48 -2.29 -2.29 -9.97
N VAL A 49 -2.92 -1.12 -10.05
CA VAL A 49 -2.79 -0.12 -9.01
C VAL A 49 -4.16 0.41 -8.59
N LEU A 50 -4.64 -0.10 -7.47
CA LEU A 50 -5.88 0.36 -6.86
C LEU A 50 -5.66 1.69 -6.16
N SER A 51 -5.98 2.77 -6.85
CA SER A 51 -5.91 4.09 -6.24
C SER A 51 -7.28 4.51 -5.75
N VAL A 52 -7.31 5.05 -4.56
CA VAL A 52 -8.56 5.33 -3.88
C VAL A 52 -8.60 6.78 -3.38
N SER A 53 -9.74 7.43 -3.57
CA SER A 53 -9.93 8.79 -3.12
C SER A 53 -10.32 8.84 -1.66
N GLU A 54 -9.35 9.11 -0.80
CA GLU A 54 -9.64 9.24 0.63
C GLU A 54 -8.42 9.73 1.40
N ASN A 55 -8.65 9.99 2.71
CA ASN A 55 -7.73 10.77 3.55
C ASN A 55 -7.77 12.21 3.14
N SER A 56 -7.51 12.41 1.88
CA SER A 56 -7.41 13.68 1.27
C SER A 56 -7.54 13.48 -0.21
N ARG A 57 -6.91 12.41 -0.73
CA ARG A 57 -7.02 12.17 -2.15
C ARG A 57 -6.61 10.80 -2.70
N VAL A 58 -5.52 10.18 -2.22
CA VAL A 58 -5.08 8.96 -2.88
C VAL A 58 -4.51 7.92 -1.95
N SER A 59 -5.22 6.83 -1.79
CA SER A 59 -4.65 5.64 -1.21
C SER A 59 -4.21 4.71 -2.36
N HIS A 60 -2.89 4.59 -2.57
CA HIS A 60 -2.36 3.90 -3.75
C HIS A 60 -1.92 2.46 -3.43
N TYR A 61 -2.75 1.48 -3.74
CA TYR A 61 -2.40 0.09 -3.41
C TYR A 61 -2.26 -0.80 -4.65
N ILE A 62 -1.05 -1.28 -4.89
CA ILE A 62 -0.77 -2.15 -6.03
C ILE A 62 -1.16 -3.61 -5.75
N ILE A 63 -1.76 -4.27 -6.75
CA ILE A 63 -2.13 -5.67 -6.65
C ILE A 63 -1.31 -6.51 -7.65
N ASN A 64 -0.48 -7.39 -7.13
CA ASN A 64 0.40 -8.22 -7.93
C ASN A 64 -0.35 -9.45 -8.40
N SER A 65 -0.08 -9.88 -9.62
CA SER A 65 -0.67 -11.12 -10.12
C SER A 65 0.27 -12.29 -9.87
N LEU A 66 0.01 -13.04 -8.80
CA LEU A 66 0.81 -14.22 -8.49
C LEU A 66 0.37 -15.36 -9.38
N PRO A 67 1.31 -15.96 -10.12
CA PRO A 67 0.99 -16.99 -11.10
C PRO A 67 0.49 -18.28 -10.48
N ASN A 68 1.01 -18.62 -9.31
CA ASN A 68 0.72 -19.91 -8.73
C ASN A 68 -0.75 -20.06 -8.32
N ARG A 69 -1.47 -18.93 -8.17
CA ARG A 69 -2.88 -19.03 -7.76
C ARG A 69 -3.63 -17.68 -7.71
N ARG A 70 -3.09 -16.70 -6.98
CA ARG A 70 -3.94 -15.58 -6.53
C ARG A 70 -3.25 -14.22 -6.69
N PHE A 71 -3.90 -13.19 -6.15
CA PHE A 71 -3.35 -11.84 -6.18
C PHE A 71 -2.76 -11.47 -4.83
N LYS A 72 -1.85 -10.50 -4.81
CA LYS A 72 -1.27 -10.01 -3.57
C LYS A 72 -1.14 -8.50 -3.59
N ILE A 73 -2.02 -7.82 -2.87
CA ILE A 73 -1.99 -6.36 -2.81
C ILE A 73 -1.11 -5.90 -1.65
N GLY A 74 0.19 -5.94 -1.88
CA GLY A 74 1.15 -5.54 -0.86
C GLY A 74 1.14 -6.47 0.35
N ASP A 75 1.90 -7.56 0.27
CA ASP A 75 2.05 -8.50 1.39
C ASP A 75 0.82 -9.37 1.56
N GLN A 76 -0.32 -8.76 1.83
CA GLN A 76 -1.55 -9.50 2.04
C GLN A 76 -2.04 -10.09 0.73
N GLU A 77 -2.23 -11.39 0.70
CA GLU A 77 -2.72 -12.05 -0.49
C GLU A 77 -4.16 -12.48 -0.30
N PHE A 78 -4.95 -12.29 -1.33
CA PHE A 78 -6.35 -12.64 -1.33
C PHE A 78 -6.61 -13.52 -2.55
N ASP A 79 -7.77 -14.17 -2.60
CA ASP A 79 -8.08 -15.09 -3.69
C ASP A 79 -8.11 -14.37 -5.03
N HIS A 80 -8.87 -13.28 -5.08
CA HIS A 80 -9.03 -12.53 -6.32
C HIS A 80 -9.24 -11.05 -6.01
N LEU A 81 -9.32 -10.22 -7.05
CA LEU A 81 -9.45 -8.77 -6.89
C LEU A 81 -10.66 -8.38 -6.02
N PRO A 82 -11.89 -8.83 -6.35
CA PRO A 82 -13.09 -8.48 -5.57
C PRO A 82 -13.03 -8.94 -4.11
N ALA A 83 -12.04 -9.76 -3.78
CA ALA A 83 -11.93 -10.31 -2.43
C ALA A 83 -11.12 -9.37 -1.54
N LEU A 84 -10.13 -8.72 -2.12
CA LEU A 84 -9.33 -7.75 -1.38
C LEU A 84 -10.12 -6.46 -1.23
N LEU A 85 -11.00 -6.21 -2.20
CA LEU A 85 -11.89 -5.07 -2.15
C LEU A 85 -12.88 -5.21 -1.00
N GLU A 86 -13.11 -6.46 -0.58
CA GLU A 86 -14.01 -6.73 0.53
C GLU A 86 -13.28 -6.62 1.87
N PHE A 87 -11.97 -6.90 1.88
CA PHE A 87 -11.19 -6.75 3.11
C PHE A 87 -11.06 -5.28 3.47
N TYR A 88 -10.87 -4.44 2.46
CA TYR A 88 -10.74 -3.01 2.68
C TYR A 88 -12.11 -2.37 2.87
N LYS A 89 -13.14 -3.20 2.74
CA LYS A 89 -14.51 -2.80 2.99
C LYS A 89 -14.78 -2.78 4.51
N ILE A 90 -13.88 -3.40 5.28
CA ILE A 90 -14.00 -3.41 6.74
C ILE A 90 -12.72 -2.95 7.41
N HIS A 91 -11.70 -2.66 6.62
CA HIS A 91 -10.39 -2.28 7.15
C HIS A 91 -10.22 -0.77 7.13
N TYR A 92 -10.89 -0.12 6.19
CA TYR A 92 -10.66 1.30 5.89
C TYR A 92 -9.30 1.46 5.23
N LEU A 93 -9.26 2.20 4.13
CA LEU A 93 -8.00 2.49 3.45
C LEU A 93 -7.41 3.78 3.98
N ASP A 94 -8.30 4.66 4.45
CA ASP A 94 -7.90 5.84 5.20
C ASP A 94 -9.14 6.55 5.73
N THR A 95 -9.62 6.09 6.87
CA THR A 95 -10.81 6.61 7.55
C THR A 95 -12.11 6.26 6.79
N THR A 96 -11.98 5.90 5.52
CA THR A 96 -13.12 5.47 4.73
C THR A 96 -12.88 4.05 4.23
N THR A 97 -13.94 3.35 3.89
CA THR A 97 -13.82 2.04 3.27
C THR A 97 -14.16 2.14 1.80
N LEU A 98 -13.95 1.05 1.06
CA LEU A 98 -14.34 1.02 -0.34
C LEU A 98 -15.86 1.12 -0.46
N ILE A 99 -16.36 2.34 -0.65
CA ILE A 99 -17.78 2.59 -0.74
C ILE A 99 -18.28 2.29 -2.15
N GLU A 100 -17.77 3.04 -3.10
CA GLU A 100 -18.15 2.88 -4.50
C GLU A 100 -16.96 3.20 -5.40
N PRO A 101 -16.94 2.70 -6.63
CA PRO A 101 -15.90 3.04 -7.59
C PRO A 101 -16.05 4.48 -8.08
N ALA A 102 -14.96 5.05 -8.55
CA ALA A 102 -14.97 6.38 -9.11
C ALA A 102 -15.62 6.34 -10.48
N PRO A 103 -16.46 7.34 -10.81
CA PRO A 103 -17.09 7.43 -12.12
C PRO A 103 -16.06 7.36 -13.24
N ARG A 104 -16.28 6.42 -14.17
CA ARG A 104 -15.40 6.23 -15.31
C ARG A 104 -15.33 7.50 -16.15
N TYR A 105 -16.44 8.22 -16.16
CA TYR A 105 -16.51 9.51 -16.82
C TYR A 105 -16.58 10.61 -15.77
N PRO A 106 -15.84 11.71 -15.99
CA PRO A 106 -15.72 12.81 -15.02
C PRO A 106 -17.04 13.23 -14.40
N SER A 107 -17.13 13.10 -13.09
CA SER A 107 -18.33 13.46 -12.35
C SER A 107 -18.53 14.97 -12.28
N PRO A 108 -17.50 15.77 -11.88
CA PRO A 108 -17.57 17.22 -11.74
C PRO A 108 -18.48 17.94 -12.77
N PRO A 109 -18.29 17.77 -14.10
CA PRO A 109 -19.07 18.50 -15.12
C PRO A 109 -20.54 18.07 -15.18
N MET A 110 -20.92 17.09 -14.36
CA MET A 110 -22.30 16.61 -14.32
C MET A 110 -22.68 16.16 -12.92
N GLY A 111 -22.01 16.73 -11.92
CA GLY A 111 -22.26 16.33 -10.54
C GLY A 111 -22.37 17.51 -9.62
N SER A 112 -22.88 17.28 -8.43
CA SER A 112 -23.04 18.33 -7.45
C SER A 112 -22.02 18.18 -6.32
N VAL A 113 -21.02 19.03 -6.30
CA VAL A 113 -20.01 18.98 -5.27
C VAL A 113 -20.50 19.68 -4.01
N SER A 114 -21.28 18.95 -3.23
CA SER A 114 -21.78 19.43 -1.95
C SER A 114 -22.00 18.25 -1.01
N ALA A 115 -22.57 17.18 -1.56
CA ALA A 115 -22.74 15.93 -0.83
C ALA A 115 -21.37 15.33 -0.45
N PRO A 116 -20.41 15.22 -1.38
CA PRO A 116 -19.05 14.80 -1.03
C PRO A 116 -18.34 15.85 -0.18
N ASN A 117 -18.22 15.56 1.10
CA ASN A 117 -17.54 16.48 2.02
C ASN A 117 -16.04 16.37 1.83
N LEU A 118 -15.35 17.49 1.89
CA LEU A 118 -13.92 17.48 1.66
C LEU A 118 -13.15 18.03 2.86
N PRO A 119 -12.89 17.17 3.86
CA PRO A 119 -11.96 17.46 4.93
C PRO A 119 -10.55 17.03 4.54
N THR A 120 -9.65 17.98 4.43
CA THR A 120 -8.29 17.69 3.99
C THR A 120 -7.28 17.99 5.08
N ALA A 121 -6.12 17.37 5.00
CA ALA A 121 -5.07 17.56 5.98
C ALA A 121 -3.95 18.43 5.39
N GLU A 122 -2.74 18.27 5.91
CA GLU A 122 -1.60 19.02 5.41
C GLU A 122 -1.19 18.54 4.02
N ASP A 123 -0.14 19.13 3.48
CA ASP A 123 0.51 18.61 2.29
C ASP A 123 1.54 17.59 2.73
N ASN A 124 1.72 17.52 4.05
CA ASN A 124 2.61 16.55 4.68
C ASN A 124 1.83 15.27 4.94
N LEU A 125 2.24 14.52 5.96
CA LEU A 125 1.58 13.29 6.37
C LEU A 125 1.64 12.24 5.28
N GLU A 126 2.74 11.51 5.32
CA GLU A 126 3.03 10.45 4.37
C GLU A 126 4.27 9.72 4.84
N TYR A 127 5.18 10.46 5.46
CA TYR A 127 6.40 9.87 5.99
C TYR A 127 6.54 10.15 7.48
N VAL A 128 6.37 9.11 8.27
CA VAL A 128 6.38 9.20 9.72
C VAL A 128 7.41 8.24 10.27
N ARG A 129 7.96 8.54 11.43
CA ARG A 129 8.87 7.57 12.05
C ARG A 129 8.57 7.40 13.52
N THR A 130 8.86 6.22 14.03
CA THR A 130 8.55 5.88 15.39
C THR A 130 9.77 6.11 16.28
N LEU A 131 9.52 6.75 17.41
CA LEU A 131 10.58 7.16 18.30
C LEU A 131 10.61 6.28 19.55
N TYR A 132 9.43 5.91 20.03
CA TYR A 132 9.28 5.30 21.34
C TYR A 132 9.38 3.77 21.31
N ASP A 133 8.94 3.15 20.22
CA ASP A 133 8.83 1.67 20.12
C ASP A 133 7.58 1.17 20.86
N PHE A 134 6.74 0.43 20.13
CA PHE A 134 5.53 -0.14 20.70
C PHE A 134 5.09 -1.33 19.87
N PRO A 135 5.28 -2.56 20.37
CA PRO A 135 4.91 -3.77 19.67
C PRO A 135 3.50 -4.26 20.01
N GLY A 136 2.52 -3.87 19.19
CA GLY A 136 1.15 -4.32 19.41
C GLY A 136 0.79 -5.53 18.56
N ASN A 137 1.75 -6.00 17.76
CA ASN A 137 1.56 -7.15 16.85
C ASN A 137 0.58 -6.83 15.71
N ASP A 138 0.15 -5.58 15.66
CA ASP A 138 -0.78 -5.08 14.64
C ASP A 138 -2.04 -5.93 14.52
N ALA A 139 -2.55 -6.01 13.29
CA ALA A 139 -3.88 -6.49 12.97
C ALA A 139 -4.90 -5.48 13.47
N GLU A 140 -4.38 -4.31 13.83
CA GLU A 140 -5.16 -3.19 14.36
C GLU A 140 -4.21 -2.11 14.85
N ASP A 141 -3.11 -2.53 15.48
CA ASP A 141 -2.14 -1.59 16.05
C ASP A 141 -0.72 -1.99 15.67
N LEU A 142 -0.18 -1.34 14.65
CA LEU A 142 1.12 -1.68 14.07
C LEU A 142 2.23 -1.68 15.14
N PRO A 143 3.03 -2.76 15.20
CA PRO A 143 4.17 -2.85 16.09
C PRO A 143 5.38 -2.13 15.51
N PHE A 144 5.84 -1.10 16.19
CA PHE A 144 6.96 -0.32 15.70
C PHE A 144 8.08 -0.27 16.72
N LYS A 145 9.26 0.14 16.29
CA LYS A 145 10.43 0.11 17.15
C LYS A 145 10.95 1.50 17.45
N LYS A 146 12.16 1.57 17.98
CA LYS A 146 12.79 2.84 18.32
C LYS A 146 13.66 3.34 17.17
N GLY A 147 13.33 2.95 15.95
CA GLY A 147 14.11 3.40 14.82
C GLY A 147 13.67 2.83 13.48
N GLU A 148 12.40 2.44 13.36
CA GLU A 148 11.89 2.01 12.08
C GLU A 148 10.96 3.07 11.52
N ILE A 149 10.69 3.04 10.22
CA ILE A 149 10.04 4.15 9.59
C ILE A 149 8.73 3.71 8.99
N LEU A 150 7.75 4.59 8.98
CA LEU A 150 6.42 4.22 8.57
C LEU A 150 5.99 5.11 7.43
N VAL A 151 4.93 4.71 6.78
CA VAL A 151 4.34 5.50 5.74
C VAL A 151 2.90 5.74 6.11
N ILE A 152 2.47 6.99 6.14
CA ILE A 152 1.11 7.28 6.52
C ILE A 152 0.21 6.97 5.34
N ILE A 153 -0.34 5.79 5.43
CA ILE A 153 -1.15 5.21 4.40
C ILE A 153 -2.62 5.45 4.72
N GLU A 154 -2.98 5.13 5.97
CA GLU A 154 -4.30 5.42 6.49
C GLU A 154 -4.13 6.42 7.66
N LYS A 155 -5.04 7.36 7.80
CA LYS A 155 -5.07 8.21 8.98
C LYS A 155 -6.50 8.45 9.42
N PRO A 156 -7.14 7.41 9.98
CA PRO A 156 -8.54 7.50 10.41
C PRO A 156 -8.73 8.54 11.51
N GLU A 157 -7.82 8.54 12.47
CA GLU A 157 -7.92 9.44 13.61
C GLU A 157 -6.79 10.44 13.57
N GLU A 158 -6.68 11.25 14.62
CA GLU A 158 -5.64 12.26 14.68
C GLU A 158 -4.57 11.86 15.69
N GLN A 159 -4.98 11.30 16.82
CA GLN A 159 -4.04 10.83 17.82
C GLN A 159 -3.56 9.42 17.48
N TRP A 160 -4.24 8.80 16.52
CA TRP A 160 -3.87 7.49 16.03
C TRP A 160 -3.77 7.50 14.50
N TRP A 161 -2.59 7.21 13.99
CA TRP A 161 -2.35 7.16 12.55
C TRP A 161 -2.16 5.72 12.13
N SER A 162 -2.72 5.34 11.00
CA SER A 162 -2.63 3.95 10.57
C SER A 162 -1.57 3.83 9.48
N ALA A 163 -0.35 3.54 9.90
CA ALA A 163 0.77 3.55 8.99
C ALA A 163 1.28 2.13 8.74
N ARG A 164 2.03 1.97 7.66
CA ARG A 164 2.67 0.70 7.39
C ARG A 164 4.11 0.75 7.87
N ASN A 165 4.54 -0.30 8.54
CA ASN A 165 5.90 -0.34 9.03
C ASN A 165 6.85 -0.84 7.96
N LYS A 166 8.14 -0.84 8.28
CA LYS A 166 9.16 -1.25 7.32
C LYS A 166 9.27 -2.76 7.22
N ASP A 167 8.38 -3.46 7.93
CA ASP A 167 8.33 -4.92 7.87
C ASP A 167 7.12 -5.34 7.03
N GLY A 168 6.37 -4.34 6.53
CA GLY A 168 5.27 -4.62 5.64
C GLY A 168 3.98 -4.95 6.36
N ARG A 169 3.37 -3.93 6.98
CA ARG A 169 2.18 -4.13 7.77
C ARG A 169 1.49 -2.81 8.04
N VAL A 170 0.19 -2.73 7.76
CA VAL A 170 -0.54 -1.50 7.96
C VAL A 170 -1.44 -1.58 9.19
N GLY A 171 -1.08 -0.84 10.24
CA GLY A 171 -1.88 -0.80 11.44
C GLY A 171 -1.85 0.54 12.12
N MET A 172 -2.70 0.74 13.11
CA MET A 172 -2.81 2.03 13.78
C MET A 172 -1.74 2.18 14.84
N ILE A 173 -1.14 3.36 14.90
CA ILE A 173 -0.05 3.63 15.81
C ILE A 173 -0.27 4.97 16.52
N PRO A 174 0.17 5.08 17.78
CA PRO A 174 0.02 6.30 18.58
C PRO A 174 0.95 7.41 18.11
N VAL A 175 0.38 8.59 17.87
CA VAL A 175 1.15 9.76 17.47
C VAL A 175 2.08 10.26 18.58
N PRO A 176 1.69 10.22 19.88
CA PRO A 176 2.60 10.56 20.98
C PRO A 176 3.80 9.59 21.10
N TYR A 177 3.97 8.74 20.09
CA TYR A 177 5.07 7.79 20.05
C TYR A 177 5.97 8.04 18.85
N VAL A 178 5.45 8.74 17.84
CA VAL A 178 6.06 8.81 16.51
C VAL A 178 5.82 10.18 15.92
N GLU A 179 6.65 10.67 14.97
CA GLU A 179 6.09 11.66 14.08
C GLU A 179 6.68 11.70 12.67
N LYS A 180 7.96 11.87 12.49
CA LYS A 180 8.36 12.34 11.16
C LYS A 180 9.67 11.79 10.64
N LEU A 181 9.74 11.69 9.32
CA LEU A 181 11.00 11.51 8.62
C LEU A 181 10.94 12.21 7.27
N VAL A 182 11.69 13.30 7.14
CA VAL A 182 11.71 14.12 5.92
C VAL A 182 12.06 13.27 4.70
N ARG A 183 12.81 12.19 4.93
CA ARG A 183 13.07 11.14 3.95
C ARG A 183 14.22 11.52 3.03
N SER A 184 14.26 12.79 2.60
CA SER A 184 15.32 13.25 1.72
C SER A 184 16.65 13.29 2.47
N SER A 185 17.38 12.18 2.36
CA SER A 185 18.70 12.08 2.93
C SER A 185 19.58 11.22 2.01
N PRO A 186 20.84 11.62 1.82
CA PRO A 186 21.76 10.96 0.87
C PRO A 186 21.92 9.47 1.12
N HIS A 187 22.04 9.10 2.40
CA HIS A 187 22.29 7.70 2.78
C HIS A 187 23.63 7.24 2.18
N GLY A 188 23.78 5.95 1.98
CA GLY A 188 24.95 5.45 1.29
C GLY A 188 24.85 5.67 -0.20
N LYS A 189 23.75 5.23 -0.78
CA LYS A 189 23.52 5.37 -2.22
C LYS A 189 22.06 5.77 -2.48
N HIS A 190 21.40 6.28 -1.44
CA HIS A 190 19.98 6.67 -1.53
C HIS A 190 19.10 5.42 -1.75
N GLY A 191 19.71 4.25 -1.61
CA GLY A 191 18.97 3.01 -1.77
C GLY A 191 19.58 1.91 -0.92
N ASN A 192 19.66 0.72 -1.47
CA ASN A 192 20.27 -0.41 -0.79
C ASN A 192 20.73 -1.45 -1.80
N ARG A 193 21.62 -2.34 -1.37
CA ARG A 193 22.10 -3.41 -2.23
C ARG A 193 21.96 -4.75 -1.53
N ASN A 194 21.42 -5.73 -2.24
CA ASN A 194 21.24 -7.07 -1.69
C ASN A 194 21.63 -8.12 -2.73
N SER A 195 20.71 -8.41 -3.64
CA SER A 195 20.93 -9.38 -4.71
C SER A 195 19.64 -9.57 -5.48
N ASN A 196 19.66 -9.21 -6.75
CA ASN A 196 18.49 -9.32 -7.63
C ASN A 196 17.32 -8.50 -7.07
N SER A 197 16.12 -8.74 -7.59
CA SER A 197 14.91 -8.06 -7.12
C SER A 197 14.95 -6.56 -7.44
N TYR A 198 15.80 -6.18 -8.39
CA TYR A 198 15.92 -4.79 -8.81
C TYR A 198 14.80 -4.42 -9.76
N GLY A 199 13.85 -3.66 -9.26
CA GLY A 199 12.72 -3.23 -10.06
C GLY A 199 11.89 -2.18 -9.35
N ILE A 200 12.50 -1.04 -9.09
CA ILE A 200 11.84 0.03 -8.35
C ILE A 200 11.27 1.09 -9.29
N PRO A 201 9.94 1.24 -9.30
CA PRO A 201 9.26 2.20 -10.14
C PRO A 201 9.16 3.58 -9.48
N GLU A 202 10.04 4.48 -9.89
CA GLU A 202 10.10 5.84 -9.35
C GLU A 202 10.38 5.82 -7.85
N PRO A 203 11.66 5.67 -7.48
CA PRO A 203 12.07 5.54 -6.08
C PRO A 203 12.06 6.86 -5.30
N ALA A 204 11.32 7.83 -5.82
CA ALA A 204 11.18 9.12 -5.16
C ALA A 204 10.17 9.02 -4.02
N HIS A 205 8.95 8.63 -4.34
CA HIS A 205 7.89 8.47 -3.33
C HIS A 205 7.35 7.05 -3.32
N ALA A 206 7.54 6.33 -4.43
CA ALA A 206 7.05 4.96 -4.58
C ALA A 206 5.52 4.90 -4.40
N ALA A 208 1.90 3.44 -2.15
CA ALA A 208 1.38 3.33 -0.81
C ALA A 208 1.03 1.88 -0.48
N GLN A 209 1.37 0.98 -1.39
CA GLN A 209 1.17 -0.44 -1.19
C GLN A 209 1.95 -0.90 0.05
N PRO A 210 1.41 -1.86 0.80
CA PRO A 210 2.12 -2.43 1.95
C PRO A 210 3.38 -3.19 1.52
N GLN A 211 4.47 -2.46 1.38
CA GLN A 211 5.74 -3.04 0.95
C GLN A 211 6.35 -3.88 2.06
N THR A 212 6.38 -5.19 1.84
CA THR A 212 6.87 -6.13 2.84
C THR A 212 8.36 -5.96 3.09
N THR A 213 9.10 -5.71 2.01
CA THR A 213 10.56 -5.54 2.08
C THR A 213 11.25 -6.88 2.31
N THR A 214 11.07 -7.46 3.49
CA THR A 214 11.68 -8.72 3.84
C THR A 214 10.65 -9.85 3.83
N PRO A 215 11.08 -11.08 3.54
CA PRO A 215 10.18 -12.25 3.52
C PRO A 215 9.64 -12.57 4.92
N LEU A 216 8.41 -13.08 4.96
CA LEU A 216 7.76 -13.43 6.23
C LEU A 216 8.58 -14.46 7.03
N PRO A 217 8.95 -15.61 6.43
CA PRO A 217 9.75 -16.63 7.13
C PRO A 217 11.18 -16.17 7.37
N ALA A 218 11.66 -16.34 8.59
CA ALA A 218 13.01 -15.93 8.95
C ALA A 218 14.07 -16.76 8.23
N VAL A 219 13.72 -18.00 7.93
CA VAL A 219 14.62 -18.89 7.22
C VAL A 219 14.86 -18.40 5.80
N SER A 220 16.04 -17.86 5.55
CA SER A 220 16.36 -17.31 4.26
C SER A 220 17.68 -17.90 3.74
N GLY A 221 17.57 -18.91 2.90
CA GLY A 221 18.74 -19.45 2.25
C GLY A 221 18.49 -19.63 0.77
N SER A 222 17.37 -20.25 0.46
CA SER A 222 16.90 -20.41 -0.91
C SER A 222 15.40 -20.65 -0.90
N PRO A 223 14.61 -19.68 -1.37
CA PRO A 223 13.14 -19.78 -1.39
C PRO A 223 12.67 -21.06 -2.05
N GLY A 224 13.22 -21.34 -3.22
CA GLY A 224 12.88 -22.55 -3.93
C GLY A 224 13.61 -22.67 -5.25
N ALA A 225 14.68 -23.46 -5.28
CA ALA A 225 15.42 -23.70 -6.50
C ALA A 225 14.57 -24.52 -7.45
N ALA A 226 13.73 -25.37 -6.89
CA ALA A 226 12.74 -26.11 -7.65
C ALA A 226 11.36 -25.52 -7.36
N ILE A 227 10.51 -25.44 -8.37
CA ILE A 227 9.19 -24.85 -8.21
C ILE A 227 8.15 -25.92 -7.91
N THR A 228 7.80 -26.05 -6.65
CA THR A 228 6.77 -26.99 -6.23
C THR A 228 5.50 -26.22 -5.85
N PRO A 229 4.43 -26.38 -6.64
CA PRO A 229 3.18 -25.65 -6.46
C PRO A 229 2.46 -26.01 -5.16
N LEU A 230 1.77 -27.14 -5.16
CA LEU A 230 1.02 -27.57 -3.99
C LEU A 230 0.57 -29.01 -4.16
N PRO A 231 0.40 -29.75 -3.05
CA PRO A 231 -0.11 -31.12 -3.09
C PRO A 231 -1.63 -31.15 -3.24
N SER A 232 -2.11 -31.92 -4.20
CA SER A 232 -3.54 -32.03 -4.43
C SER A 232 -4.09 -33.31 -3.80
N THR A 233 -3.22 -34.04 -3.13
CA THR A 233 -3.59 -35.28 -2.47
C THR A 233 -3.69 -35.09 -0.96
N GLN A 234 -3.88 -36.19 -0.24
CA GLN A 234 -3.90 -36.15 1.22
C GLN A 234 -2.51 -36.50 1.76
N ASN A 235 -1.53 -36.54 0.86
CA ASN A 235 -0.17 -36.88 1.23
C ASN A 235 0.56 -35.67 1.78
N GLY A 236 0.90 -35.72 3.06
CA GLY A 236 1.62 -34.64 3.68
C GLY A 236 1.96 -34.94 5.12
N PRO A 237 1.84 -33.96 6.02
CA PRO A 237 2.10 -34.15 7.44
C PRO A 237 0.96 -34.86 8.14
N VAL A 238 1.24 -35.43 9.30
CA VAL A 238 0.22 -36.09 10.09
C VAL A 238 -0.19 -35.19 11.26
N PHE A 239 -1.45 -35.22 11.63
CA PHE A 239 -1.94 -34.35 12.69
C PHE A 239 -2.33 -35.15 13.92
N ALA A 240 -1.71 -34.83 15.03
CA ALA A 240 -2.03 -35.49 16.30
C ALA A 240 -2.51 -34.46 17.32
N LYS A 241 -3.47 -34.85 18.13
CA LYS A 241 -3.97 -33.98 19.18
C LYS A 241 -3.25 -34.29 20.48
N ALA A 242 -2.63 -33.29 21.08
CA ALA A 242 -1.94 -33.46 22.33
C ALA A 242 -2.95 -33.53 23.48
N ILE A 243 -3.06 -34.72 24.07
CA ILE A 243 -4.02 -34.94 25.15
C ILE A 243 -3.36 -34.76 26.51
N GLN A 244 -2.03 -34.64 26.50
CA GLN A 244 -1.28 -34.42 27.72
C GLN A 244 -0.18 -33.39 27.44
N LYS A 245 0.10 -32.54 28.42
CA LYS A 245 1.04 -31.45 28.23
C LYS A 245 2.48 -31.93 28.40
N ARG A 246 3.29 -31.74 27.36
CA ARG A 246 4.69 -32.11 27.40
C ARG A 246 5.52 -30.90 27.83
N VAL A 247 5.93 -30.92 29.08
CA VAL A 247 6.72 -29.82 29.63
C VAL A 247 8.19 -29.98 29.23
N PRO A 248 8.85 -28.87 28.83
CA PRO A 248 10.26 -28.88 28.43
C PRO A 248 11.17 -29.46 29.51
N CYS A 249 12.16 -30.22 29.08
CA CYS A 249 13.12 -30.84 29.98
C CYS A 249 14.08 -29.80 30.55
N ALA A 250 14.80 -30.17 31.61
CA ALA A 250 15.78 -29.28 32.22
C ALA A 250 16.91 -28.94 31.25
N TYR A 251 17.13 -29.82 30.28
CA TYR A 251 18.14 -29.60 29.25
C TYR A 251 17.50 -29.69 27.87
N ASP A 252 16.21 -29.32 27.80
CA ASP A 252 15.39 -29.55 26.61
C ASP A 252 16.12 -29.21 25.31
N LYS A 253 16.56 -30.25 24.62
CA LYS A 253 17.28 -30.09 23.37
C LYS A 253 16.44 -30.59 22.21
N THR A 254 15.65 -31.63 22.48
CA THR A 254 14.74 -32.19 21.49
C THR A 254 13.34 -32.33 22.07
N ALA A 255 13.11 -31.64 23.18
CA ALA A 255 11.82 -31.69 23.85
C ALA A 255 10.93 -30.56 23.37
N LEU A 256 9.88 -30.92 22.65
CA LEU A 256 8.91 -29.95 22.16
C LEU A 256 7.80 -29.78 23.20
N ALA A 257 7.73 -28.60 23.80
CA ALA A 257 6.69 -28.30 24.78
C ALA A 257 5.32 -28.31 24.12
N LEU A 258 4.43 -29.13 24.65
CA LEU A 258 3.09 -29.28 24.13
C LEU A 258 2.07 -29.09 25.24
N GLU A 259 0.81 -28.90 24.87
CA GLU A 259 -0.25 -28.77 25.85
C GLU A 259 -1.55 -29.36 25.30
N VAL A 260 -2.52 -29.56 26.18
CA VAL A 260 -3.76 -30.22 25.82
C VAL A 260 -4.60 -29.34 24.92
N GLY A 261 -4.96 -29.87 23.75
CA GLY A 261 -5.83 -29.15 22.84
C GLY A 261 -5.07 -28.51 21.69
N ASP A 262 -3.77 -28.77 21.62
CA ASP A 262 -2.96 -28.18 20.56
C ASP A 262 -2.72 -29.20 19.45
N ILE A 263 -2.48 -28.73 18.24
CA ILE A 263 -2.27 -29.60 17.10
C ILE A 263 -0.79 -29.87 16.87
N VAL A 264 -0.39 -31.11 17.07
CA VAL A 264 0.99 -31.50 16.83
C VAL A 264 1.15 -31.89 15.38
N LYS A 265 1.60 -30.94 14.59
CA LYS A 265 1.82 -31.13 13.16
C LYS A 265 3.17 -31.80 12.93
N VAL A 266 3.16 -33.11 12.72
CA VAL A 266 4.41 -33.85 12.56
C VAL A 266 4.84 -33.88 11.10
N THR A 267 6.03 -33.35 10.84
CA THR A 267 6.58 -33.31 9.50
C THR A 267 7.47 -34.52 9.25
N ARG A 268 8.11 -35.01 10.31
CA ARG A 268 9.03 -36.13 10.22
C ARG A 268 8.50 -37.33 10.98
N MET A 269 7.86 -38.25 10.26
CA MET A 269 7.31 -39.43 10.89
C MET A 269 8.40 -40.47 11.10
N ASN A 270 8.82 -40.63 12.34
CA ASN A 270 9.93 -41.53 12.66
C ASN A 270 9.46 -42.95 12.87
N ILE A 271 10.42 -43.86 12.89
CA ILE A 271 10.15 -45.29 12.97
C ILE A 271 9.79 -45.67 14.40
N ASN A 272 8.52 -45.46 14.70
CA ASN A 272 7.90 -45.89 15.95
C ASN A 272 8.12 -44.90 17.09
N GLY A 273 7.30 -43.87 17.13
CA GLY A 273 7.05 -43.20 18.39
C GLY A 273 7.54 -41.79 18.46
N GLN A 274 8.85 -41.64 18.65
CA GLN A 274 9.45 -40.32 18.75
C GLN A 274 9.47 -39.64 17.39
N TRP A 275 8.41 -38.93 17.08
CA TRP A 275 8.29 -38.25 15.79
C TRP A 275 8.78 -36.82 15.93
N GLU A 276 9.09 -36.20 14.80
CA GLU A 276 9.56 -34.82 14.77
C GLU A 276 8.51 -33.91 14.17
N GLY A 277 7.99 -33.00 14.97
CA GLY A 277 6.96 -32.10 14.49
C GLY A 277 7.33 -30.64 14.67
N GLU A 278 6.74 -29.78 13.88
CA GLU A 278 6.96 -28.35 13.99
C GLU A 278 5.76 -27.70 14.66
N VAL A 279 5.95 -27.28 15.91
CA VAL A 279 4.87 -26.69 16.68
C VAL A 279 5.31 -25.36 17.27
N ASN A 280 4.41 -24.38 17.26
CA ASN A 280 4.70 -23.01 17.71
C ASN A 280 5.70 -22.32 16.79
N GLY A 281 6.94 -22.77 16.87
CA GLY A 281 7.99 -22.25 16.03
C GLY A 281 9.26 -23.04 16.22
N ARG A 282 9.11 -24.34 16.51
CA ARG A 282 10.23 -25.20 16.83
C ARG A 282 9.92 -26.63 16.43
N LYS A 283 10.94 -27.33 15.95
CA LYS A 283 10.83 -28.77 15.70
C LYS A 283 11.40 -29.54 16.89
N GLY A 284 10.64 -30.51 17.36
CA GLY A 284 11.10 -31.34 18.47
C GLY A 284 10.52 -32.73 18.42
N LEU A 285 11.03 -33.61 19.27
CA LEU A 285 10.55 -34.98 19.31
C LEU A 285 9.43 -35.13 20.33
N PHE A 286 8.48 -35.99 20.01
CA PHE A 286 7.39 -36.29 20.91
C PHE A 286 6.93 -37.73 20.72
N PRO A 287 6.91 -38.52 21.81
CA PRO A 287 6.37 -39.89 21.79
C PRO A 287 4.84 -39.89 21.65
N PHE A 288 4.29 -41.00 21.16
CA PHE A 288 2.85 -41.11 20.92
C PHE A 288 2.09 -41.44 22.21
N THR A 289 2.75 -41.28 23.34
CA THR A 289 2.15 -41.61 24.63
C THR A 289 1.40 -40.42 25.23
N HIS A 290 1.38 -39.31 24.51
CA HIS A 290 0.63 -38.13 24.96
C HIS A 290 -0.13 -37.48 23.82
N VAL A 291 -0.08 -38.10 22.65
CA VAL A 291 -0.80 -37.62 21.48
C VAL A 291 -1.59 -38.76 20.87
N LYS A 292 -2.63 -38.45 20.12
CA LYS A 292 -3.39 -39.47 19.43
C LYS A 292 -3.58 -39.09 17.97
N ILE A 293 -3.38 -40.08 17.10
CA ILE A 293 -3.53 -39.86 15.68
C ILE A 293 -4.99 -39.99 15.28
N PHE A 294 -5.62 -38.86 15.04
CA PHE A 294 -6.99 -38.83 14.57
C PHE A 294 -7.00 -38.75 13.05
N ASP A 295 -8.15 -38.98 12.45
CA ASP A 295 -8.26 -38.90 11.00
C ASP A 295 -8.35 -37.44 10.57
N PRO A 296 -7.58 -37.04 9.53
CA PRO A 296 -7.54 -35.66 9.05
C PRO A 296 -8.91 -35.09 8.68
N GLN A 297 -9.88 -35.96 8.44
CA GLN A 297 -11.23 -35.53 8.17
C GLN A 297 -11.99 -35.35 9.47
N ASN A 298 -11.87 -34.17 10.06
CA ASN A 298 -12.55 -33.86 11.30
C ASN A 298 -13.98 -33.41 11.04
N PRO A 299 -14.93 -33.92 11.84
CA PRO A 299 -16.30 -33.44 11.83
C PRO A 299 -16.38 -32.04 12.40
N ASP A 300 -15.51 -31.77 13.35
CA ASP A 300 -15.42 -30.47 14.00
C ASP A 300 -14.33 -29.63 13.35
N GLU A 301 -14.06 -28.48 13.94
CA GLU A 301 -12.98 -27.61 13.44
C GLU A 301 -11.96 -27.38 14.54
N ASN A 302 -12.03 -28.21 15.58
CA ASN A 302 -11.12 -28.15 16.73
C ASN A 302 -11.29 -26.87 17.55
N GLU A 303 -12.25 -26.04 17.17
CA GLU A 303 -12.59 -24.87 17.96
C GLU A 303 -14.06 -24.96 18.35
N MET A 1 -28.64 1.07 4.89
CA MET A 1 -27.24 1.19 5.36
C MET A 1 -26.29 0.81 4.23
N SER A 2 -25.55 1.78 3.73
CA SER A 2 -24.64 1.56 2.62
C SER A 2 -23.21 1.83 3.06
N SER A 3 -22.57 0.79 3.57
CA SER A 3 -21.21 0.90 4.08
C SER A 3 -20.20 0.49 3.02
N ALA A 4 -20.56 -0.52 2.23
CA ALA A 4 -19.70 -1.02 1.16
C ALA A 4 -20.36 -2.18 0.44
N ARG A 5 -20.16 -2.24 -0.88
CA ARG A 5 -20.67 -3.34 -1.70
C ARG A 5 -20.22 -3.14 -3.14
N PHE A 6 -20.50 -1.93 -3.65
CA PHE A 6 -20.26 -1.59 -5.06
C PHE A 6 -20.59 -2.77 -5.98
N ASP A 7 -19.63 -3.21 -6.77
CA ASP A 7 -19.79 -4.41 -7.56
C ASP A 7 -18.49 -5.21 -7.55
N SER A 8 -18.29 -5.98 -6.48
CA SER A 8 -17.07 -6.74 -6.28
C SER A 8 -16.96 -7.92 -7.23
N SER A 9 -16.92 -7.63 -8.52
CA SER A 9 -16.75 -8.63 -9.57
C SER A 9 -16.71 -7.93 -10.92
N ASP A 10 -17.59 -6.95 -11.09
CA ASP A 10 -17.74 -6.27 -12.37
C ASP A 10 -16.58 -5.33 -12.62
N ARG A 11 -15.62 -5.77 -13.41
CA ARG A 11 -14.44 -4.96 -13.73
C ARG A 11 -14.83 -3.72 -14.50
N SER A 12 -15.96 -3.78 -15.18
CA SER A 12 -16.47 -2.64 -15.91
C SER A 12 -16.90 -1.51 -14.98
N ALA A 13 -16.90 -1.79 -13.67
CA ALA A 13 -17.29 -0.78 -12.69
C ALA A 13 -16.09 -0.15 -12.00
N TRP A 14 -15.15 -0.97 -11.53
CA TRP A 14 -14.05 -0.48 -10.72
C TRP A 14 -12.70 -0.57 -11.42
N TYR A 15 -12.59 -1.42 -12.43
CA TYR A 15 -11.33 -1.61 -13.12
C TYR A 15 -11.15 -0.50 -14.15
N MET A 16 -10.22 0.40 -13.89
CA MET A 16 -10.07 1.60 -14.69
C MET A 16 -9.01 1.39 -15.77
N GLY A 17 -8.45 0.19 -15.79
CA GLY A 17 -7.44 -0.20 -16.77
C GLY A 17 -6.28 0.78 -16.91
N PRO A 18 -6.14 1.47 -18.05
CA PRO A 18 -5.02 2.38 -18.29
C PRO A 18 -5.22 3.73 -17.62
N VAL A 19 -4.59 3.93 -16.47
CA VAL A 19 -4.78 5.16 -15.71
C VAL A 19 -3.44 5.81 -15.31
N SER A 20 -2.76 5.27 -14.29
CA SER A 20 -1.42 5.72 -13.93
C SER A 20 -1.52 6.95 -13.06
N ARG A 21 -0.44 7.27 -12.37
CA ARG A 21 -0.46 8.33 -11.35
C ARG A 21 -1.05 9.64 -11.87
N GLN A 22 -0.68 10.01 -13.09
CA GLN A 22 -1.13 11.26 -13.69
C GLN A 22 -2.66 11.37 -13.72
N GLU A 23 -3.34 10.26 -14.01
CA GLU A 23 -4.80 10.29 -14.10
C GLU A 23 -5.44 9.86 -12.80
N ALA A 24 -4.92 8.79 -12.23
CA ALA A 24 -5.49 8.17 -11.04
C ALA A 24 -5.72 9.17 -9.91
N GLN A 25 -4.80 10.11 -9.77
CA GLN A 25 -4.85 11.02 -8.64
C GLN A 25 -5.82 12.18 -8.88
N THR A 26 -5.97 12.61 -10.13
CA THR A 26 -6.89 13.69 -10.44
C THR A 26 -8.35 13.18 -10.48
N ARG A 27 -8.50 11.90 -10.79
CA ARG A 27 -9.80 11.24 -10.77
C ARG A 27 -10.33 11.20 -9.34
N LEU A 28 -9.40 11.06 -8.42
CA LEU A 28 -9.72 10.92 -7.01
C LEU A 28 -9.24 12.12 -6.22
N GLN A 29 -9.06 13.26 -6.89
CA GLN A 29 -8.54 14.46 -6.23
C GLN A 29 -9.61 15.08 -5.33
N GLY A 30 -9.87 14.41 -4.21
CA GLY A 30 -10.88 14.85 -3.28
C GLY A 30 -12.27 14.82 -3.88
N GLN A 31 -12.41 14.10 -5.01
CA GLN A 31 -13.63 14.16 -5.82
C GLN A 31 -14.86 13.67 -5.06
N ARG A 32 -14.67 12.76 -4.12
CA ARG A 32 -15.75 12.35 -3.24
C ARG A 32 -15.23 11.80 -1.92
N HIS A 33 -14.11 11.08 -2.00
CA HIS A 33 -13.54 10.36 -0.86
C HIS A 33 -14.33 9.08 -0.62
N GLY A 34 -13.63 7.97 -0.47
CA GLY A 34 -14.29 6.68 -0.32
C GLY A 34 -14.38 5.95 -1.64
N MET A 35 -14.05 6.66 -2.72
CA MET A 35 -14.03 6.06 -4.05
C MET A 35 -12.66 5.45 -4.30
N PHE A 36 -12.62 4.44 -5.16
CA PHE A 36 -11.39 3.75 -5.49
C PHE A 36 -11.36 3.40 -6.96
N LEU A 37 -10.17 3.11 -7.47
CA LEU A 37 -10.03 2.61 -8.83
C LEU A 37 -8.80 1.71 -8.93
N VAL A 38 -8.96 0.59 -9.61
CA VAL A 38 -7.87 -0.32 -9.85
C VAL A 38 -7.42 -0.20 -11.30
N ARG A 39 -6.20 0.23 -11.51
CA ARG A 39 -5.67 0.39 -12.85
C ARG A 39 -4.45 -0.48 -13.06
N ASP A 40 -4.07 -0.69 -14.31
CA ASP A 40 -2.89 -1.47 -14.63
C ASP A 40 -1.64 -0.71 -14.21
N SER A 41 -0.75 -1.41 -13.52
CA SER A 41 0.45 -0.80 -12.98
C SER A 41 1.51 -0.66 -14.07
N SER A 42 2.45 0.24 -13.86
CA SER A 42 3.52 0.47 -14.81
C SER A 42 4.87 0.15 -14.18
N THR A 43 4.84 -0.36 -12.95
CA THR A 43 6.07 -0.71 -12.27
C THR A 43 6.41 -2.18 -12.49
N CYS A 44 5.39 -2.98 -12.75
CA CYS A 44 5.56 -4.39 -13.02
C CYS A 44 4.58 -4.83 -14.11
N PRO A 45 5.00 -5.77 -14.98
CA PRO A 45 4.14 -6.27 -16.06
C PRO A 45 2.83 -6.86 -15.54
N GLY A 46 2.93 -7.72 -14.54
CA GLY A 46 1.74 -8.34 -13.96
C GLY A 46 1.43 -7.76 -12.61
N ASP A 47 0.97 -6.52 -12.58
CA ASP A 47 0.76 -5.81 -11.33
C ASP A 47 -0.36 -4.78 -11.49
N TYR A 48 -1.06 -4.49 -10.39
CA TYR A 48 -2.16 -3.52 -10.41
C TYR A 48 -2.00 -2.52 -9.29
N VAL A 49 -2.83 -1.48 -9.28
CA VAL A 49 -2.76 -0.45 -8.24
C VAL A 49 -4.15 0.07 -7.87
N LEU A 50 -4.60 -0.29 -6.70
CA LEU A 50 -5.84 0.22 -6.12
C LEU A 50 -5.60 1.58 -5.48
N SER A 51 -6.06 2.62 -6.14
CA SER A 51 -5.95 3.97 -5.60
C SER A 51 -7.24 4.37 -4.89
N VAL A 52 -7.12 4.82 -3.66
CA VAL A 52 -8.28 5.21 -2.85
C VAL A 52 -8.11 6.64 -2.34
N SER A 53 -9.15 7.46 -2.43
CA SER A 53 -9.00 8.87 -2.07
C SER A 53 -9.68 9.22 -0.75
N GLU A 54 -8.92 9.80 0.18
CA GLU A 54 -9.54 10.47 1.32
C GLU A 54 -8.57 11.52 1.85
N ASN A 55 -9.10 12.57 2.49
CA ASN A 55 -8.27 13.66 3.04
C ASN A 55 -7.41 14.34 1.98
N SER A 56 -7.77 14.19 0.70
CA SER A 56 -6.90 14.62 -0.40
C SER A 56 -5.54 13.97 -0.22
N ARG A 57 -5.60 12.66 -0.26
CA ARG A 57 -4.61 11.76 0.28
C ARG A 57 -4.83 10.40 -0.35
N VAL A 58 -4.78 10.39 -1.67
CA VAL A 58 -5.14 9.20 -2.43
C VAL A 58 -4.01 8.19 -2.36
N SER A 59 -4.19 7.21 -1.48
CA SER A 59 -3.21 6.18 -1.22
C SER A 59 -3.24 5.10 -2.30
N HIS A 60 -2.11 4.93 -2.96
CA HIS A 60 -2.02 4.01 -4.10
C HIS A 60 -1.50 2.64 -3.66
N TYR A 61 -2.42 1.70 -3.46
CA TYR A 61 -2.06 0.36 -2.96
C TYR A 61 -1.83 -0.64 -4.10
N ILE A 62 -0.60 -1.14 -4.22
CA ILE A 62 -0.26 -2.11 -5.27
C ILE A 62 -0.78 -3.51 -4.97
N ILE A 63 -1.28 -4.19 -6.01
CA ILE A 63 -1.78 -5.56 -5.94
C ILE A 63 -1.06 -6.43 -6.96
N ASN A 64 -0.34 -7.44 -6.50
CA ASN A 64 0.51 -8.25 -7.37
C ASN A 64 -0.31 -9.35 -8.01
N SER A 65 -0.16 -9.51 -9.32
CA SER A 65 -0.78 -10.62 -10.00
C SER A 65 0.07 -11.87 -9.80
N LEU A 66 -0.34 -12.71 -8.86
CA LEU A 66 0.42 -13.90 -8.51
C LEU A 66 -0.02 -15.08 -9.35
N PRO A 67 0.94 -15.81 -9.94
CA PRO A 67 0.65 -16.99 -10.77
C PRO A 67 -0.02 -18.12 -10.01
N ASN A 68 -0.18 -17.93 -8.70
CA ASN A 68 -0.86 -18.90 -7.85
C ASN A 68 -2.32 -18.55 -7.71
N ARG A 69 -2.82 -17.77 -8.68
CA ARG A 69 -4.22 -17.32 -8.70
C ARG A 69 -4.53 -16.42 -7.49
N ARG A 70 -3.50 -15.76 -6.99
CA ARG A 70 -3.67 -14.88 -5.83
C ARG A 70 -3.33 -13.44 -6.20
N PHE A 71 -3.74 -12.52 -5.35
CA PHE A 71 -3.36 -11.12 -5.51
C PHE A 71 -2.90 -10.55 -4.18
N LYS A 72 -1.64 -10.18 -4.11
CA LYS A 72 -1.04 -9.69 -2.85
C LYS A 72 -0.96 -8.16 -2.87
N ILE A 73 -1.81 -7.50 -2.09
CA ILE A 73 -1.74 -6.05 -1.97
C ILE A 73 -0.91 -5.67 -0.75
N GLY A 74 0.40 -5.76 -0.91
CA GLY A 74 1.34 -5.44 0.15
C GLY A 74 1.27 -6.41 1.31
N ASP A 75 2.08 -7.48 1.23
CA ASP A 75 2.21 -8.49 2.30
C ASP A 75 0.98 -9.39 2.36
N GLN A 76 -0.19 -8.78 2.55
CA GLN A 76 -1.43 -9.52 2.69
C GLN A 76 -1.84 -10.18 1.38
N GLU A 77 -1.97 -11.49 1.41
CA GLU A 77 -2.41 -12.24 0.24
C GLU A 77 -3.90 -12.54 0.30
N PHE A 78 -4.60 -12.15 -0.74
CA PHE A 78 -6.02 -12.44 -0.86
C PHE A 78 -6.24 -13.37 -2.04
N ASP A 79 -7.29 -14.16 -1.97
CA ASP A 79 -7.56 -15.21 -2.95
C ASP A 79 -7.97 -14.66 -4.32
N HIS A 80 -8.27 -13.36 -4.40
CA HIS A 80 -8.54 -12.70 -5.70
C HIS A 80 -8.74 -11.20 -5.51
N LEU A 81 -8.92 -10.48 -6.61
CA LEU A 81 -9.10 -9.02 -6.58
C LEU A 81 -10.28 -8.61 -5.68
N PRO A 82 -11.50 -9.14 -5.92
CA PRO A 82 -12.67 -8.82 -5.10
C PRO A 82 -12.54 -9.28 -3.64
N ALA A 83 -11.45 -9.98 -3.32
CA ALA A 83 -11.24 -10.50 -1.97
C ALA A 83 -10.52 -9.47 -1.11
N LEU A 84 -9.62 -8.71 -1.72
CA LEU A 84 -8.91 -7.66 -1.00
C LEU A 84 -9.83 -6.47 -0.80
N LEU A 85 -10.72 -6.28 -1.76
CA LEU A 85 -11.74 -5.26 -1.69
C LEU A 85 -12.74 -5.61 -0.60
N GLU A 86 -12.83 -6.89 -0.29
CA GLU A 86 -13.75 -7.40 0.71
C GLU A 86 -13.14 -7.25 2.11
N PHE A 87 -11.83 -7.09 2.18
CA PHE A 87 -11.15 -6.95 3.46
C PHE A 87 -11.11 -5.49 3.86
N TYR A 88 -10.88 -4.61 2.89
CA TYR A 88 -10.88 -3.18 3.15
C TYR A 88 -12.30 -2.67 3.26
N LYS A 89 -13.23 -3.58 3.04
CA LYS A 89 -14.64 -3.35 3.29
C LYS A 89 -14.88 -3.15 4.79
N ILE A 90 -14.12 -3.86 5.64
CA ILE A 90 -14.27 -3.70 7.08
C ILE A 90 -13.03 -3.08 7.72
N HIS A 91 -11.98 -2.89 6.94
CA HIS A 91 -10.72 -2.35 7.45
C HIS A 91 -10.84 -0.86 7.72
N TYR A 92 -11.48 -0.16 6.79
CA TYR A 92 -11.45 1.29 6.73
C TYR A 92 -10.03 1.73 6.36
N LEU A 93 -9.82 2.07 5.09
CA LEU A 93 -8.52 2.52 4.65
C LEU A 93 -8.24 3.91 5.24
N ASP A 94 -8.47 4.95 4.48
CA ASP A 94 -8.26 6.29 5.00
C ASP A 94 -9.54 6.79 5.63
N THR A 95 -9.82 6.28 6.84
CA THR A 95 -11.03 6.59 7.62
C THR A 95 -12.30 6.01 6.98
N THR A 96 -12.34 5.99 5.66
CA THR A 96 -13.49 5.47 4.94
C THR A 96 -13.16 4.12 4.31
N THR A 97 -14.15 3.25 4.24
CA THR A 97 -13.97 1.95 3.61
C THR A 97 -14.13 2.07 2.10
N LEU A 98 -14.02 0.95 1.40
CA LEU A 98 -14.25 0.93 -0.03
C LEU A 98 -15.75 0.96 -0.30
N ILE A 99 -16.27 2.17 -0.47
CA ILE A 99 -17.70 2.36 -0.64
C ILE A 99 -18.13 1.95 -2.04
N GLU A 100 -17.56 2.63 -3.03
CA GLU A 100 -17.87 2.39 -4.42
C GLU A 100 -16.77 2.99 -5.30
N PRO A 101 -16.60 2.48 -6.53
CA PRO A 101 -15.51 2.92 -7.42
C PRO A 101 -15.74 4.31 -8.01
N ALA A 102 -14.64 4.94 -8.43
CA ALA A 102 -14.70 6.23 -9.08
C ALA A 102 -15.27 6.08 -10.49
N PRO A 103 -15.87 7.14 -11.05
CA PRO A 103 -16.45 7.12 -12.40
C PRO A 103 -15.45 6.66 -13.45
N ARG A 104 -15.83 5.63 -14.20
CA ARG A 104 -14.99 5.07 -15.25
C ARG A 104 -14.85 6.08 -16.39
N TYR A 105 -15.97 6.63 -16.79
CA TYR A 105 -15.99 7.63 -17.84
C TYR A 105 -16.78 8.86 -17.39
N PRO A 106 -16.13 10.02 -17.34
CA PRO A 106 -16.79 11.28 -17.02
C PRO A 106 -17.70 11.73 -18.15
N SER A 107 -18.99 11.45 -18.02
CA SER A 107 -19.95 11.81 -19.03
C SER A 107 -20.17 13.33 -19.03
N PRO A 108 -20.01 13.98 -20.20
CA PRO A 108 -20.25 15.41 -20.36
C PRO A 108 -21.59 15.88 -19.78
N PRO A 109 -22.72 15.17 -20.05
CA PRO A 109 -23.97 15.44 -19.34
C PRO A 109 -23.82 15.17 -17.84
N MET A 110 -23.73 16.24 -17.06
CA MET A 110 -23.47 16.12 -15.63
C MET A 110 -24.72 15.68 -14.87
N GLY A 111 -24.60 14.54 -14.21
CA GLY A 111 -25.68 14.05 -13.38
C GLY A 111 -25.32 14.09 -11.91
N SER A 112 -24.11 14.55 -11.62
CA SER A 112 -23.62 14.65 -10.25
C SER A 112 -22.42 15.58 -10.18
N VAL A 113 -22.60 16.70 -9.50
CA VAL A 113 -21.51 17.63 -9.25
C VAL A 113 -21.32 17.82 -7.76
N SER A 114 -22.35 17.48 -6.99
CA SER A 114 -22.31 17.54 -5.55
C SER A 114 -21.97 16.17 -4.97
N ALA A 115 -20.79 16.06 -4.38
CA ALA A 115 -20.31 14.79 -3.85
C ALA A 115 -19.11 14.98 -2.91
N PRO A 116 -18.07 15.75 -3.32
CA PRO A 116 -16.89 15.97 -2.48
C PRO A 116 -17.19 16.83 -1.26
N ASN A 117 -16.85 16.32 -0.08
CA ASN A 117 -16.98 17.12 1.14
C ASN A 117 -15.79 18.05 1.31
N LEU A 118 -14.65 17.64 0.77
CA LEU A 118 -13.42 18.43 0.88
C LEU A 118 -12.56 18.29 -0.37
N PRO A 119 -12.68 19.25 -1.30
CA PRO A 119 -11.83 19.31 -2.48
C PRO A 119 -10.49 19.99 -2.18
N THR A 120 -10.37 20.50 -0.96
CA THR A 120 -9.15 21.16 -0.52
C THR A 120 -8.03 20.16 -0.32
N ALA A 121 -6.87 20.43 -0.91
CA ALA A 121 -5.77 19.49 -0.89
C ALA A 121 -4.53 20.09 -0.22
N GLU A 122 -3.92 19.31 0.67
CA GLU A 122 -2.65 19.67 1.28
C GLU A 122 -1.91 18.40 1.64
N ASP A 123 -0.83 18.12 0.92
CA ASP A 123 -0.08 16.87 1.07
C ASP A 123 0.46 16.70 2.49
N ASN A 124 -0.17 15.81 3.23
CA ASN A 124 0.23 15.49 4.59
C ASN A 124 0.02 14.01 4.84
N LEU A 125 0.50 13.54 5.98
CA LEU A 125 0.26 12.16 6.42
C LEU A 125 0.95 11.16 5.51
N GLU A 126 2.21 10.92 5.82
CA GLU A 126 3.09 10.15 4.96
C GLU A 126 4.22 9.51 5.78
N TYR A 127 5.22 10.29 6.17
CA TYR A 127 6.35 9.75 6.91
C TYR A 127 6.27 10.12 8.38
N VAL A 128 5.97 9.13 9.19
CA VAL A 128 5.86 9.29 10.62
C VAL A 128 6.81 8.37 11.33
N ARG A 129 7.57 8.86 12.29
CA ARG A 129 8.44 7.97 13.05
C ARG A 129 7.87 7.79 14.43
N THR A 130 8.25 6.75 15.14
CA THR A 130 7.78 6.57 16.49
C THR A 130 8.93 6.60 17.48
N LEU A 131 8.74 7.34 18.57
CA LEU A 131 9.78 7.52 19.57
C LEU A 131 9.52 6.68 20.81
N TYR A 132 8.24 6.49 21.13
CA TYR A 132 7.88 5.90 22.41
C TYR A 132 8.07 4.39 22.44
N ASP A 133 7.78 3.72 21.32
CA ASP A 133 7.84 2.24 21.26
C ASP A 133 6.63 1.65 21.99
N PHE A 134 5.68 1.16 21.21
CA PHE A 134 4.45 0.61 21.74
C PHE A 134 4.06 -0.62 20.93
N PRO A 135 4.35 -1.81 21.45
CA PRO A 135 4.06 -3.05 20.76
C PRO A 135 2.67 -3.57 21.07
N GLY A 136 1.69 -3.12 20.30
CA GLY A 136 0.32 -3.60 20.46
C GLY A 136 0.11 -4.91 19.72
N ASN A 137 1.06 -5.24 18.86
CA ASN A 137 1.08 -6.48 18.05
C ASN A 137 -0.31 -6.93 17.59
N ASP A 138 -0.91 -6.15 16.71
CA ASP A 138 -2.19 -6.50 16.13
C ASP A 138 -2.40 -5.72 14.83
N ALA A 139 -3.55 -5.92 14.19
CA ALA A 139 -3.85 -5.21 12.96
C ALA A 139 -4.52 -3.88 13.28
N GLU A 140 -4.83 -3.70 14.56
CA GLU A 140 -5.41 -2.46 15.04
C GLU A 140 -4.46 -1.80 16.01
N ASP A 141 -3.29 -2.40 16.16
CA ASP A 141 -2.25 -1.89 17.03
C ASP A 141 -0.89 -2.21 16.43
N LEU A 142 -0.30 -1.25 15.72
CA LEU A 142 0.99 -1.49 15.10
C LEU A 142 2.09 -1.46 16.15
N PRO A 143 2.83 -2.56 16.31
CA PRO A 143 3.88 -2.65 17.30
C PRO A 143 5.15 -1.97 16.81
N PHE A 144 5.30 -0.70 17.15
CA PHE A 144 6.43 0.09 16.69
C PHE A 144 7.47 0.21 17.78
N LYS A 145 8.67 0.62 17.40
CA LYS A 145 9.78 0.65 18.33
C LYS A 145 10.32 2.07 18.50
N LYS A 146 11.36 2.19 19.32
CA LYS A 146 11.93 3.48 19.66
C LYS A 146 12.81 4.04 18.53
N GLY A 147 12.19 4.31 17.40
CA GLY A 147 12.90 4.86 16.27
C GLY A 147 12.56 4.17 14.97
N GLU A 148 11.32 3.75 14.82
CA GLU A 148 10.89 3.12 13.59
C GLU A 148 10.22 4.13 12.67
N ILE A 149 10.49 4.01 11.38
CA ILE A 149 9.86 4.85 10.39
C ILE A 149 8.60 4.14 9.90
N LEU A 150 7.49 4.85 9.93
CA LEU A 150 6.23 4.29 9.52
C LEU A 150 5.70 5.12 8.38
N VAL A 151 4.84 4.54 7.61
CA VAL A 151 4.18 5.26 6.54
C VAL A 151 2.71 5.30 6.84
N ILE A 152 2.12 6.48 6.82
CA ILE A 152 0.71 6.57 7.14
C ILE A 152 -0.10 6.07 5.97
N ILE A 153 -0.50 4.82 6.09
CA ILE A 153 -1.28 4.18 5.07
C ILE A 153 -2.76 4.50 5.27
N GLU A 154 -3.21 4.44 6.53
CA GLU A 154 -4.59 4.76 6.84
C GLU A 154 -4.62 5.91 7.87
N LYS A 155 -5.55 6.85 7.72
CA LYS A 155 -5.77 7.86 8.75
C LYS A 155 -7.26 7.97 9.09
N PRO A 156 -7.74 7.18 10.05
CA PRO A 156 -9.11 7.28 10.55
C PRO A 156 -9.33 8.50 11.46
N GLU A 157 -8.48 8.66 12.47
CA GLU A 157 -8.67 9.70 13.46
C GLU A 157 -7.59 10.78 13.33
N GLU A 158 -7.55 11.71 14.29
CA GLU A 158 -6.48 12.70 14.34
C GLU A 158 -5.55 12.43 15.53
N GLN A 159 -6.10 11.78 16.56
CA GLN A 159 -5.29 11.40 17.73
C GLN A 159 -4.59 10.07 17.47
N TRP A 160 -5.20 9.27 16.62
CA TRP A 160 -4.68 7.95 16.28
C TRP A 160 -4.60 7.79 14.78
N TRP A 161 -3.45 7.35 14.30
CA TRP A 161 -3.23 7.14 12.87
C TRP A 161 -2.83 5.70 12.61
N SER A 162 -3.30 5.13 11.51
CA SER A 162 -2.98 3.76 11.20
C SER A 162 -1.83 3.69 10.19
N ALA A 163 -0.62 3.55 10.71
CA ALA A 163 0.56 3.55 9.86
C ALA A 163 1.04 2.14 9.60
N ARG A 164 1.89 2.00 8.60
CA ARG A 164 2.49 0.73 8.31
C ARG A 164 3.93 0.73 8.79
N ASN A 165 4.30 -0.35 9.45
CA ASN A 165 5.63 -0.51 10.03
C ASN A 165 6.65 -0.79 8.95
N LYS A 166 7.90 -0.96 9.35
CA LYS A 166 8.96 -1.42 8.45
C LYS A 166 8.57 -2.77 7.86
N ASP A 167 7.68 -3.48 8.54
CA ASP A 167 7.15 -4.75 8.05
C ASP A 167 6.30 -4.49 6.82
N GLY A 168 5.60 -3.38 6.85
CA GLY A 168 4.55 -3.11 5.87
C GLY A 168 3.18 -3.29 6.47
N ARG A 169 3.19 -3.78 7.71
CA ARG A 169 1.98 -4.09 8.45
C ARG A 169 1.23 -2.83 8.85
N VAL A 170 -0.09 -2.88 8.77
CA VAL A 170 -0.91 -1.74 9.12
C VAL A 170 -1.48 -1.91 10.53
N GLY A 171 -1.24 -0.92 11.37
CA GLY A 171 -1.85 -0.91 12.69
C GLY A 171 -2.07 0.50 13.18
N MET A 172 -2.92 0.66 14.19
CA MET A 172 -3.20 1.97 14.76
C MET A 172 -2.09 2.40 15.69
N ILE A 173 -1.69 3.65 15.58
CA ILE A 173 -0.61 4.21 16.39
C ILE A 173 -1.00 5.60 16.90
N PRO A 174 -0.56 5.95 18.13
CA PRO A 174 -0.87 7.24 18.74
C PRO A 174 0.01 8.37 18.24
N VAL A 175 -0.61 9.50 17.90
CA VAL A 175 0.12 10.68 17.45
C VAL A 175 1.07 11.25 18.52
N PRO A 176 0.66 11.32 19.81
CA PRO A 176 1.56 11.78 20.89
C PRO A 176 2.78 10.86 21.10
N TYR A 177 2.87 9.81 20.30
CA TYR A 177 3.97 8.85 20.39
C TYR A 177 4.95 9.02 19.23
N VAL A 178 4.64 9.91 18.29
CA VAL A 178 5.35 9.89 17.01
C VAL A 178 6.36 11.04 16.81
N GLU A 179 6.95 10.99 15.62
CA GLU A 179 8.14 11.71 15.24
C GLU A 179 8.05 12.02 13.74
N LYS A 180 6.88 12.37 13.27
CA LYS A 180 6.67 12.46 11.83
C LYS A 180 7.27 13.72 11.26
N LEU A 181 7.67 13.60 10.00
CA LEU A 181 8.46 14.63 9.34
C LEU A 181 7.70 15.94 9.21
N VAL A 182 8.37 16.92 8.62
CA VAL A 182 7.86 18.28 8.54
C VAL A 182 7.21 18.53 7.18
N ARG A 183 7.59 17.73 6.19
CA ARG A 183 7.13 17.89 4.81
C ARG A 183 7.60 19.23 4.26
N SER A 184 8.82 19.21 3.74
CA SER A 184 9.41 20.38 3.12
C SER A 184 8.97 20.47 1.66
N SER A 185 9.47 21.47 0.95
CA SER A 185 9.10 21.65 -0.45
C SER A 185 10.24 22.25 -1.27
N PRO A 186 10.93 23.30 -0.78
CA PRO A 186 12.17 23.75 -1.40
C PRO A 186 13.25 22.68 -1.30
N HIS A 187 13.34 21.84 -2.33
CA HIS A 187 14.21 20.68 -2.29
C HIS A 187 15.50 20.93 -3.05
N GLY A 188 15.37 21.29 -4.32
CA GLY A 188 16.54 21.45 -5.17
C GLY A 188 17.24 20.13 -5.38
N LYS A 189 18.45 20.00 -4.85
CA LYS A 189 19.19 18.75 -4.94
C LYS A 189 18.80 17.82 -3.78
N HIS A 190 17.96 18.32 -2.89
CA HIS A 190 17.47 17.53 -1.77
C HIS A 190 16.04 17.08 -2.04
N GLY A 191 15.81 16.52 -3.22
CA GLY A 191 14.50 16.07 -3.59
C GLY A 191 14.48 15.29 -4.89
N ASN A 192 13.36 15.37 -5.59
CA ASN A 192 13.18 14.66 -6.85
C ASN A 192 12.56 15.60 -7.89
N ARG A 193 12.94 15.42 -9.15
CA ARG A 193 12.37 16.21 -10.22
C ARG A 193 10.93 15.79 -10.48
N ASN A 194 10.07 16.78 -10.65
CA ASN A 194 8.64 16.55 -10.82
C ASN A 194 8.33 16.00 -12.21
N SER A 195 7.08 15.58 -12.40
CA SER A 195 6.66 14.95 -13.64
C SER A 195 6.50 15.97 -14.76
N ASN A 196 6.94 15.59 -15.96
CA ASN A 196 6.78 16.41 -17.16
C ASN A 196 7.53 17.73 -17.06
N SER A 197 6.86 18.75 -16.52
CA SER A 197 7.45 20.07 -16.41
C SER A 197 6.72 20.90 -15.35
N TYR A 198 5.44 21.15 -15.57
CA TYR A 198 4.67 21.96 -14.64
C TYR A 198 4.11 21.10 -13.52
N GLY A 199 4.82 21.08 -12.40
CA GLY A 199 4.39 20.32 -11.26
C GLY A 199 5.00 20.84 -9.98
N ILE A 200 4.20 21.50 -9.17
CA ILE A 200 4.69 22.09 -7.93
C ILE A 200 4.30 21.23 -6.72
N PRO A 201 2.99 21.01 -6.48
CA PRO A 201 2.52 20.27 -5.31
C PRO A 201 2.41 18.76 -5.57
N GLU A 202 3.37 18.20 -6.30
CA GLU A 202 3.36 16.77 -6.56
C GLU A 202 4.51 16.09 -5.82
N PRO A 203 4.19 15.26 -4.81
CA PRO A 203 5.19 14.46 -4.11
C PRO A 203 5.63 13.27 -4.96
N ALA A 204 4.75 12.87 -5.89
CA ALA A 204 4.98 11.76 -6.79
C ALA A 204 5.32 10.47 -6.03
N HIS A 205 6.62 10.17 -5.92
CA HIS A 205 7.12 9.01 -5.19
C HIS A 205 6.67 7.69 -5.84
N ALA A 206 7.35 6.61 -5.48
CA ALA A 206 6.93 5.29 -5.89
C ALA A 206 5.57 4.95 -5.30
N ALA A 208 2.51 3.50 -3.17
CA ALA A 208 2.33 3.44 -1.72
C ALA A 208 1.83 2.08 -1.28
N GLN A 209 2.35 1.02 -1.89
CA GLN A 209 1.98 -0.32 -1.49
C GLN A 209 2.52 -0.60 -0.09
N PRO A 210 1.78 -1.40 0.71
CA PRO A 210 2.23 -1.78 2.05
C PRO A 210 3.59 -2.49 2.02
N GLN A 211 3.89 -3.14 0.89
CA GLN A 211 5.14 -3.86 0.69
C GLN A 211 5.22 -5.10 1.56
N THR A 212 6.38 -5.74 1.55
CA THR A 212 6.61 -6.92 2.37
C THR A 212 8.07 -6.96 2.81
N THR A 213 8.34 -6.47 4.01
CA THR A 213 9.71 -6.46 4.51
C THR A 213 9.83 -7.28 5.79
N THR A 214 10.18 -8.55 5.64
CA THR A 214 10.40 -9.44 6.76
C THR A 214 11.70 -10.20 6.57
N PRO A 215 12.74 -9.81 7.32
CA PRO A 215 14.08 -10.41 7.19
C PRO A 215 14.12 -11.87 7.64
N LEU A 216 13.44 -12.17 8.74
CA LEU A 216 13.36 -13.52 9.27
C LEU A 216 11.92 -13.91 9.53
N PRO A 217 11.53 -15.14 9.20
CA PRO A 217 10.20 -15.65 9.54
C PRO A 217 10.04 -15.78 11.05
N ALA A 218 9.24 -14.87 11.62
CA ALA A 218 9.04 -14.84 13.07
C ALA A 218 8.31 -16.07 13.57
N VAL A 219 9.05 -16.94 14.25
CA VAL A 219 8.48 -18.16 14.81
C VAL A 219 7.42 -17.83 15.85
N SER A 220 6.18 -18.13 15.52
CA SER A 220 5.03 -17.85 16.37
C SER A 220 3.81 -18.60 15.87
N GLY A 221 2.74 -18.60 16.66
CA GLY A 221 1.53 -19.28 16.26
C GLY A 221 1.57 -20.75 16.63
N SER A 222 1.84 -21.61 15.65
CA SER A 222 1.91 -23.04 15.89
C SER A 222 3.14 -23.39 16.74
N PRO A 223 4.37 -22.97 16.34
CA PRO A 223 5.55 -23.17 17.15
C PRO A 223 5.85 -21.97 18.05
N GLY A 224 5.77 -22.17 19.35
CA GLY A 224 6.07 -21.11 20.28
C GLY A 224 5.01 -20.95 21.36
N ALA A 225 3.98 -21.79 21.29
CA ALA A 225 2.88 -21.83 22.26
C ALA A 225 1.94 -20.63 22.13
N ALA A 226 2.50 -19.44 21.92
CA ALA A 226 1.70 -18.23 21.73
C ALA A 226 0.99 -18.28 20.38
N ILE A 227 -0.28 -18.65 20.41
CA ILE A 227 -1.06 -18.81 19.19
C ILE A 227 -1.78 -17.52 18.81
N THR A 228 -2.10 -17.40 17.53
CA THR A 228 -2.85 -16.27 17.01
C THR A 228 -3.98 -16.78 16.12
N PRO A 229 -4.98 -15.92 15.82
CA PRO A 229 -6.12 -16.31 14.96
C PRO A 229 -5.65 -16.98 13.66
N LEU A 230 -4.91 -16.23 12.86
CA LEU A 230 -4.31 -16.77 11.65
C LEU A 230 -3.37 -15.74 11.02
N PRO A 231 -2.05 -15.91 11.21
CA PRO A 231 -1.04 -15.05 10.59
C PRO A 231 -0.69 -15.56 9.19
N SER A 232 -1.71 -16.11 8.50
CA SER A 232 -1.55 -16.80 7.23
C SER A 232 -0.82 -18.12 7.44
N THR A 233 -0.76 -18.95 6.42
CA THR A 233 -0.08 -20.22 6.51
C THR A 233 1.41 -20.06 6.17
N GLN A 234 1.70 -19.92 4.87
CA GLN A 234 3.07 -19.69 4.40
C GLN A 234 4.03 -20.72 5.00
N ASN A 235 3.65 -21.99 4.88
CA ASN A 235 4.39 -23.09 5.50
C ASN A 235 5.77 -23.26 4.88
N GLY A 236 5.94 -22.70 3.69
CA GLY A 236 7.21 -22.83 3.00
C GLY A 236 7.26 -21.97 1.74
N PRO A 237 7.72 -22.57 0.60
CA PRO A 237 7.63 -22.01 -0.83
C PRO A 237 6.38 -22.19 -1.85
N VAL A 238 5.68 -23.32 -1.91
CA VAL A 238 4.52 -23.65 -2.83
C VAL A 238 4.22 -25.15 -2.72
N PHE A 239 2.98 -25.55 -2.44
CA PHE A 239 2.73 -26.93 -1.98
C PHE A 239 3.08 -27.95 -3.05
N ALA A 240 4.03 -28.81 -2.69
CA ALA A 240 4.68 -29.70 -3.64
C ALA A 240 4.75 -31.13 -3.11
N LYS A 241 4.87 -32.06 -4.03
CA LYS A 241 4.99 -33.47 -3.70
C LYS A 241 6.46 -33.86 -3.69
N ALA A 242 6.93 -34.38 -2.57
CA ALA A 242 8.32 -34.81 -2.46
C ALA A 242 8.53 -36.09 -3.24
N ILE A 243 9.34 -36.01 -4.29
CA ILE A 243 9.48 -37.13 -5.21
C ILE A 243 10.89 -37.72 -5.20
N GLN A 244 11.77 -37.16 -4.39
CA GLN A 244 13.11 -37.70 -4.26
C GLN A 244 13.57 -37.64 -2.82
N LYS A 245 14.38 -38.61 -2.44
CA LYS A 245 14.94 -38.66 -1.09
C LYS A 245 16.11 -37.69 -1.00
N ARG A 246 16.23 -37.00 0.12
CA ARG A 246 17.24 -35.99 0.29
C ARG A 246 17.82 -36.05 1.70
N VAL A 247 19.02 -36.58 1.81
CA VAL A 247 19.68 -36.71 3.09
C VAL A 247 20.79 -35.68 3.23
N PRO A 248 20.94 -35.12 4.44
CA PRO A 248 21.96 -34.11 4.70
C PRO A 248 23.36 -34.71 4.71
N CYS A 249 24.25 -34.13 3.91
CA CYS A 249 25.62 -34.59 3.87
C CYS A 249 26.44 -33.85 4.92
N ALA A 250 27.73 -34.17 5.02
CA ALA A 250 28.61 -33.57 6.00
C ALA A 250 28.91 -32.11 5.66
N TYR A 251 28.19 -31.58 4.68
CA TYR A 251 28.36 -30.20 4.25
C TYR A 251 27.05 -29.45 4.39
N ASP A 252 26.17 -29.98 5.23
CA ASP A 252 24.85 -29.37 5.46
C ASP A 252 24.99 -27.99 6.08
N LYS A 253 24.27 -27.05 5.51
CA LYS A 253 24.19 -25.70 6.04
C LYS A 253 22.74 -25.29 6.15
N THR A 254 22.02 -25.48 5.06
CA THR A 254 20.61 -25.18 5.01
C THR A 254 19.87 -26.28 4.24
N ALA A 255 20.39 -27.49 4.32
CA ALA A 255 19.87 -28.60 3.52
C ALA A 255 18.70 -29.29 4.23
N LEU A 256 17.49 -29.00 3.76
CA LEU A 256 16.29 -29.63 4.31
C LEU A 256 16.20 -31.09 3.83
N ALA A 257 16.33 -32.02 4.76
CA ALA A 257 16.22 -33.44 4.45
C ALA A 257 14.77 -33.83 4.10
N LEU A 258 14.62 -34.57 3.00
CA LEU A 258 13.29 -34.97 2.51
C LEU A 258 13.32 -36.44 2.08
N GLU A 259 12.19 -36.92 1.57
CA GLU A 259 12.10 -38.27 1.05
C GLU A 259 10.98 -38.36 0.01
N VAL A 260 10.56 -39.57 -0.35
CA VAL A 260 9.61 -39.76 -1.42
C VAL A 260 8.24 -40.18 -0.90
N GLY A 261 7.20 -39.49 -1.35
CA GLY A 261 5.85 -39.96 -1.13
C GLY A 261 5.06 -39.13 -0.14
N ASP A 262 5.52 -37.93 0.17
CA ASP A 262 4.81 -37.08 1.11
C ASP A 262 4.72 -35.64 0.61
N ILE A 263 4.09 -34.79 1.39
CA ILE A 263 3.87 -33.40 1.02
C ILE A 263 4.80 -32.48 1.80
N VAL A 264 5.63 -31.77 1.06
CA VAL A 264 6.51 -30.76 1.64
C VAL A 264 5.73 -29.51 1.97
N LYS A 265 5.79 -29.06 3.22
CA LYS A 265 5.17 -27.79 3.57
C LYS A 265 5.92 -26.65 2.90
N VAL A 266 5.50 -26.35 1.70
CA VAL A 266 6.08 -25.32 0.88
C VAL A 266 4.91 -24.39 0.45
N THR A 267 5.00 -23.05 0.69
CA THR A 267 3.92 -22.08 0.31
C THR A 267 4.39 -20.72 -0.33
N ARG A 268 5.61 -20.26 -0.03
CA ARG A 268 6.15 -18.97 -0.54
C ARG A 268 7.62 -19.14 -1.01
N MET A 269 7.83 -19.42 -2.31
CA MET A 269 9.18 -19.73 -2.82
C MET A 269 9.96 -18.49 -3.22
N ASN A 270 11.25 -18.53 -2.92
CA ASN A 270 12.18 -17.50 -3.36
C ASN A 270 12.47 -17.68 -4.85
N ILE A 271 12.89 -16.63 -5.53
CA ILE A 271 13.16 -16.70 -6.96
C ILE A 271 14.63 -17.04 -7.21
N ASN A 272 15.39 -17.12 -6.12
CA ASN A 272 16.82 -17.47 -6.18
C ASN A 272 17.00 -18.97 -6.48
N GLY A 273 15.91 -19.72 -6.44
CA GLY A 273 15.98 -21.14 -6.72
C GLY A 273 15.98 -21.96 -5.45
N GLN A 274 16.51 -21.38 -4.38
CA GLN A 274 16.49 -22.02 -3.08
C GLN A 274 15.22 -21.63 -2.34
N TRP A 275 14.36 -22.62 -2.14
CA TRP A 275 13.05 -22.41 -1.56
C TRP A 275 13.09 -22.58 -0.04
N GLU A 276 12.07 -22.09 0.69
CA GLU A 276 12.19 -22.01 2.15
C GLU A 276 10.97 -22.66 2.80
N GLY A 277 11.07 -23.96 3.05
CA GLY A 277 9.93 -24.71 3.56
C GLY A 277 10.21 -25.31 4.92
N GLU A 278 9.16 -25.62 5.67
CA GLU A 278 9.33 -26.22 6.98
C GLU A 278 8.73 -27.61 7.01
N VAL A 279 9.58 -28.62 7.11
CA VAL A 279 9.12 -30.01 7.18
C VAL A 279 9.36 -30.58 8.58
N ASN A 280 8.27 -31.03 9.20
CA ASN A 280 8.26 -31.58 10.56
C ASN A 280 8.99 -30.67 11.56
N GLY A 281 8.95 -29.37 11.32
CA GLY A 281 9.55 -28.42 12.22
C GLY A 281 10.95 -27.99 11.80
N ARG A 282 11.43 -28.56 10.70
CA ARG A 282 12.74 -28.22 10.18
C ARG A 282 12.60 -27.41 8.91
N LYS A 283 13.04 -26.17 8.93
CA LYS A 283 12.98 -25.33 7.75
C LYS A 283 14.36 -25.14 7.15
N GLY A 284 14.42 -25.16 5.83
CA GLY A 284 15.67 -25.00 5.14
C GLY A 284 15.47 -24.83 3.65
N LEU A 285 16.56 -24.87 2.91
CA LEU A 285 16.51 -24.69 1.47
C LEU A 285 16.56 -26.05 0.77
N PHE A 286 15.72 -26.22 -0.22
CA PHE A 286 15.72 -27.42 -1.03
C PHE A 286 15.56 -27.07 -2.50
N PRO A 287 16.28 -27.79 -3.38
CA PRO A 287 16.24 -27.55 -4.81
C PRO A 287 14.99 -28.11 -5.48
N PHE A 288 14.59 -27.49 -6.57
CA PHE A 288 13.39 -27.87 -7.32
C PHE A 288 13.53 -29.22 -8.02
N THR A 289 14.70 -29.81 -7.92
CA THR A 289 14.96 -31.10 -8.55
C THR A 289 14.62 -32.26 -7.61
N HIS A 290 14.07 -31.94 -6.44
CA HIS A 290 13.74 -32.97 -5.45
C HIS A 290 12.25 -33.02 -5.18
N VAL A 291 11.54 -31.98 -5.58
CA VAL A 291 10.10 -31.93 -5.41
C VAL A 291 9.41 -31.59 -6.73
N LYS A 292 8.13 -31.89 -6.83
CA LYS A 292 7.37 -31.55 -8.02
C LYS A 292 6.20 -30.65 -7.67
N ILE A 293 6.20 -29.45 -8.25
CA ILE A 293 5.10 -28.52 -8.07
C ILE A 293 3.90 -29.00 -8.89
N PHE A 294 2.77 -29.20 -8.22
CA PHE A 294 1.57 -29.69 -8.88
C PHE A 294 0.40 -28.75 -8.61
N ASP A 295 -0.73 -29.03 -9.25
CA ASP A 295 -1.93 -28.22 -9.09
C ASP A 295 -2.91 -28.95 -8.17
N PRO A 296 -2.82 -28.70 -6.85
CA PRO A 296 -3.63 -29.44 -5.86
C PRO A 296 -5.10 -29.06 -5.90
N GLN A 297 -5.37 -27.81 -6.22
CA GLN A 297 -6.73 -27.32 -6.31
C GLN A 297 -6.89 -26.43 -7.54
N ASN A 298 -6.82 -27.05 -8.70
CA ASN A 298 -7.00 -26.35 -9.95
C ASN A 298 -8.48 -26.07 -10.19
N PRO A 299 -8.87 -24.78 -10.21
CA PRO A 299 -10.25 -24.37 -10.46
C PRO A 299 -10.65 -24.58 -11.92
N ASP A 300 -9.67 -24.36 -12.79
CA ASP A 300 -9.88 -24.50 -14.21
C ASP A 300 -8.68 -25.24 -14.82
N GLU A 301 -8.59 -25.23 -16.14
CA GLU A 301 -7.59 -26.02 -16.86
C GLU A 301 -7.80 -27.50 -16.61
N ASN A 302 -9.06 -27.89 -16.45
CA ASN A 302 -9.44 -29.28 -16.30
C ASN A 302 -9.48 -29.95 -17.66
N GLU A 303 -9.16 -29.17 -18.68
CA GLU A 303 -9.17 -29.63 -20.05
C GLU A 303 -7.80 -30.20 -20.41
N MET A 1 -21.79 8.91 7.57
CA MET A 1 -21.82 7.47 7.89
C MET A 1 -22.31 6.66 6.69
N SER A 2 -21.55 5.66 6.33
CA SER A 2 -21.88 4.80 5.20
C SER A 2 -21.39 3.38 5.43
N SER A 3 -22.04 2.41 4.81
CA SER A 3 -21.70 1.01 5.00
C SER A 3 -21.45 0.33 3.65
N ALA A 4 -21.02 1.13 2.67
CA ALA A 4 -20.64 0.65 1.33
C ALA A 4 -21.85 0.29 0.48
N ARG A 5 -21.71 0.51 -0.82
CA ARG A 5 -22.73 0.16 -1.80
C ARG A 5 -22.14 -0.79 -2.83
N PHE A 6 -21.09 -0.34 -3.49
CA PHE A 6 -20.29 -1.17 -4.40
C PHE A 6 -21.05 -1.70 -5.60
N ASP A 7 -20.27 -2.37 -6.43
CA ASP A 7 -20.77 -3.24 -7.47
C ASP A 7 -19.63 -4.21 -7.77
N SER A 8 -19.44 -5.15 -6.84
CA SER A 8 -18.27 -5.99 -6.82
C SER A 8 -18.17 -6.88 -8.06
N SER A 9 -16.93 -7.27 -8.38
CA SER A 9 -16.64 -8.19 -9.48
C SER A 9 -16.74 -7.50 -10.84
N ASP A 10 -17.81 -6.73 -11.07
CA ASP A 10 -18.05 -6.13 -12.38
C ASP A 10 -16.88 -5.24 -12.79
N ARG A 11 -16.16 -5.71 -13.80
CA ARG A 11 -14.96 -5.04 -14.28
C ARG A 11 -15.25 -3.60 -14.72
N SER A 12 -16.44 -3.36 -15.23
CA SER A 12 -16.78 -2.04 -15.72
C SER A 12 -17.19 -1.11 -14.59
N ALA A 13 -17.20 -1.62 -13.37
CA ALA A 13 -17.57 -0.80 -12.23
C ALA A 13 -16.34 -0.17 -11.58
N TRP A 14 -15.30 -0.98 -11.37
CA TRP A 14 -14.13 -0.52 -10.62
C TRP A 14 -12.84 -0.54 -11.47
N TYR A 15 -12.77 -1.40 -12.47
CA TYR A 15 -11.54 -1.55 -13.24
C TYR A 15 -11.44 -0.49 -14.34
N MET A 16 -10.34 0.25 -14.36
CA MET A 16 -10.17 1.36 -15.30
C MET A 16 -9.15 1.02 -16.37
N GLY A 17 -8.53 -0.15 -16.23
CA GLY A 17 -7.51 -0.59 -17.17
C GLY A 17 -6.39 0.41 -17.40
N PRO A 18 -6.30 0.99 -18.61
CA PRO A 18 -5.23 1.91 -19.00
C PRO A 18 -5.27 3.23 -18.23
N VAL A 19 -4.60 3.25 -17.08
CA VAL A 19 -4.44 4.45 -16.28
C VAL A 19 -2.95 4.55 -15.90
N SER A 20 -2.57 5.35 -14.90
CA SER A 20 -1.17 5.65 -14.66
C SER A 20 -1.04 6.45 -13.38
N ARG A 21 0.18 6.76 -13.00
CA ARG A 21 0.41 7.61 -11.84
C ARG A 21 -0.35 8.92 -11.98
N GLN A 22 -0.11 9.60 -13.09
CA GLN A 22 -0.70 10.92 -13.37
C GLN A 22 -2.22 10.86 -13.36
N GLU A 23 -2.78 10.03 -14.23
CA GLU A 23 -4.23 9.97 -14.40
C GLU A 23 -4.94 9.54 -13.13
N ALA A 24 -4.42 8.49 -12.48
CA ALA A 24 -5.07 7.93 -11.29
C ALA A 24 -5.26 8.97 -10.18
N GLN A 25 -4.21 9.71 -9.86
CA GLN A 25 -4.29 10.71 -8.80
C GLN A 25 -5.16 11.89 -9.23
N THR A 26 -5.14 12.21 -10.52
CA THR A 26 -5.96 13.30 -11.06
C THR A 26 -7.45 12.97 -10.94
N ARG A 27 -7.77 11.71 -11.08
CA ARG A 27 -9.15 11.22 -11.01
C ARG A 27 -9.76 11.44 -9.63
N LEU A 28 -8.97 11.19 -8.60
CA LEU A 28 -9.50 11.13 -7.25
C LEU A 28 -8.99 12.29 -6.37
N GLN A 29 -8.28 13.24 -6.97
CA GLN A 29 -7.70 14.34 -6.19
C GLN A 29 -8.77 15.35 -5.76
N GLY A 30 -9.19 15.24 -4.51
CA GLY A 30 -10.12 16.20 -3.94
C GLY A 30 -11.55 15.89 -4.33
N GLN A 31 -11.74 14.77 -5.01
CA GLN A 31 -13.06 14.37 -5.46
C GLN A 31 -13.77 13.56 -4.39
N ARG A 32 -14.92 13.00 -4.76
CA ARG A 32 -15.73 12.19 -3.86
C ARG A 32 -14.88 11.15 -3.15
N HIS A 33 -14.95 11.14 -1.83
CA HIS A 33 -14.18 10.21 -1.03
C HIS A 33 -14.91 8.88 -0.92
N GLY A 34 -14.18 7.81 -0.67
CA GLY A 34 -14.77 6.50 -0.65
C GLY A 34 -14.76 5.85 -2.02
N MET A 35 -14.25 6.59 -3.00
CA MET A 35 -14.15 6.08 -4.36
C MET A 35 -12.78 5.46 -4.60
N PHE A 36 -12.74 4.52 -5.52
CA PHE A 36 -11.50 3.81 -5.83
C PHE A 36 -11.48 3.39 -7.28
N LEU A 37 -10.30 2.98 -7.75
CA LEU A 37 -10.16 2.45 -9.09
C LEU A 37 -8.95 1.53 -9.18
N VAL A 38 -9.11 0.42 -9.86
CA VAL A 38 -8.01 -0.51 -10.12
C VAL A 38 -7.56 -0.38 -11.56
N ARG A 39 -6.28 -0.12 -11.75
CA ARG A 39 -5.73 0.06 -13.09
C ARG A 39 -4.59 -0.91 -13.33
N ASP A 40 -4.07 -0.91 -14.55
CA ASP A 40 -2.85 -1.64 -14.84
C ASP A 40 -1.67 -0.89 -14.23
N SER A 41 -0.82 -1.62 -13.53
CA SER A 41 0.24 -1.04 -12.71
C SER A 41 1.15 -0.12 -13.51
N SER A 42 1.64 0.91 -12.84
CA SER A 42 2.54 1.87 -13.44
C SER A 42 3.98 1.45 -13.21
N THR A 43 4.17 0.43 -12.39
CA THR A 43 5.50 0.00 -12.00
C THR A 43 5.83 -1.37 -12.62
N CYS A 44 4.91 -2.31 -12.50
CA CYS A 44 5.15 -3.66 -13.00
C CYS A 44 4.04 -4.08 -13.96
N PRO A 45 4.39 -4.37 -15.22
CA PRO A 45 3.42 -4.85 -16.22
C PRO A 45 2.81 -6.19 -15.82
N GLY A 46 1.52 -6.18 -15.52
CA GLY A 46 0.84 -7.38 -15.05
C GLY A 46 0.34 -7.22 -13.64
N ASP A 47 0.95 -6.28 -12.94
CA ASP A 47 0.58 -5.93 -11.57
C ASP A 47 -0.61 -4.96 -11.63
N TYR A 48 -1.21 -4.63 -10.49
CA TYR A 48 -2.34 -3.71 -10.48
C TYR A 48 -2.14 -2.62 -9.42
N VAL A 49 -2.86 -1.51 -9.56
CA VAL A 49 -2.79 -0.44 -8.58
C VAL A 49 -4.17 0.11 -8.25
N LEU A 50 -4.65 -0.24 -7.08
CA LEU A 50 -5.92 0.24 -6.54
C LEU A 50 -5.73 1.60 -5.90
N SER A 51 -6.14 2.64 -6.59
CA SER A 51 -6.06 3.98 -6.06
C SER A 51 -7.38 4.37 -5.41
N VAL A 52 -7.34 4.65 -4.12
CA VAL A 52 -8.53 4.99 -3.36
C VAL A 52 -8.43 6.41 -2.81
N SER A 53 -9.49 7.18 -2.91
CA SER A 53 -9.46 8.55 -2.44
C SER A 53 -10.21 8.71 -1.13
N GLU A 54 -9.58 9.43 -0.22
CA GLU A 54 -10.21 9.88 1.02
C GLU A 54 -9.66 11.24 1.34
N ASN A 55 -10.16 11.90 2.41
CA ASN A 55 -9.73 13.28 2.80
C ASN A 55 -8.28 13.59 2.39
N SER A 56 -8.13 14.18 1.19
CA SER A 56 -6.83 14.40 0.54
C SER A 56 -5.85 13.27 0.87
N ARG A 57 -6.14 12.12 0.28
CA ARG A 57 -5.67 10.85 0.79
C ARG A 57 -5.76 9.75 -0.27
N VAL A 58 -5.33 10.05 -1.49
CA VAL A 58 -5.45 9.07 -2.56
C VAL A 58 -4.29 8.07 -2.48
N SER A 59 -4.54 7.00 -1.73
CA SER A 59 -3.56 5.95 -1.52
C SER A 59 -3.59 4.91 -2.62
N HIS A 60 -2.44 4.73 -3.27
CA HIS A 60 -2.33 3.81 -4.40
C HIS A 60 -1.85 2.44 -3.92
N TYR A 61 -2.80 1.52 -3.69
CA TYR A 61 -2.51 0.20 -3.14
C TYR A 61 -2.17 -0.81 -4.24
N ILE A 62 -0.96 -1.35 -4.22
CA ILE A 62 -0.53 -2.28 -5.26
C ILE A 62 -1.05 -3.71 -5.03
N ILE A 63 -1.59 -4.31 -6.09
CA ILE A 63 -2.13 -5.68 -6.05
C ILE A 63 -1.30 -6.59 -6.97
N ASN A 64 -0.69 -7.60 -6.37
CA ASN A 64 0.21 -8.49 -7.08
C ASN A 64 -0.57 -9.57 -7.80
N SER A 65 -0.20 -9.82 -9.05
CA SER A 65 -0.80 -10.91 -9.82
C SER A 65 -0.04 -12.20 -9.58
N LEU A 66 -0.62 -13.09 -8.81
CA LEU A 66 0.02 -14.35 -8.46
C LEU A 66 -0.28 -15.41 -9.51
N PRO A 67 0.69 -16.30 -9.77
CA PRO A 67 0.57 -17.36 -10.78
C PRO A 67 -0.56 -18.35 -10.49
N ASN A 68 -0.95 -18.45 -9.23
CA ASN A 68 -2.05 -19.32 -8.83
C ASN A 68 -3.38 -18.58 -8.92
N ARG A 69 -3.36 -17.46 -9.66
CA ARG A 69 -4.56 -16.68 -9.98
C ARG A 69 -5.19 -16.07 -8.74
N ARG A 70 -4.35 -15.73 -7.77
CA ARG A 70 -4.81 -15.01 -6.59
C ARG A 70 -4.19 -13.62 -6.61
N PHE A 71 -4.69 -12.72 -5.79
CA PHE A 71 -4.21 -11.34 -5.81
C PHE A 71 -3.81 -10.87 -4.42
N LYS A 72 -2.53 -10.57 -4.28
CA LYS A 72 -1.96 -10.16 -3.01
C LYS A 72 -1.69 -8.67 -2.99
N ILE A 73 -2.59 -7.91 -2.41
CA ILE A 73 -2.45 -6.44 -2.34
C ILE A 73 -1.48 -6.07 -1.22
N GLY A 74 -0.19 -6.08 -1.54
CA GLY A 74 0.84 -5.72 -0.57
C GLY A 74 0.86 -6.63 0.64
N ASP A 75 1.34 -7.87 0.44
CA ASP A 75 1.47 -8.86 1.53
C ASP A 75 0.11 -9.46 1.90
N GLN A 76 -0.92 -8.63 1.91
CA GLN A 76 -2.29 -9.08 2.12
C GLN A 76 -2.71 -10.10 1.06
N GLU A 77 -2.95 -11.32 1.49
CA GLU A 77 -3.29 -12.40 0.56
C GLU A 77 -4.79 -12.56 0.41
N PHE A 78 -5.29 -12.29 -0.79
CA PHE A 78 -6.69 -12.52 -1.12
C PHE A 78 -6.81 -13.41 -2.35
N ASP A 79 -8.00 -13.90 -2.62
CA ASP A 79 -8.21 -14.86 -3.69
C ASP A 79 -8.43 -14.15 -5.03
N HIS A 80 -9.08 -13.00 -4.99
CA HIS A 80 -9.37 -12.24 -6.21
C HIS A 80 -9.50 -10.76 -5.89
N LEU A 81 -9.52 -9.93 -6.92
CA LEU A 81 -9.57 -8.48 -6.77
C LEU A 81 -10.79 -8.02 -5.95
N PRO A 82 -12.03 -8.39 -6.34
CA PRO A 82 -13.23 -7.98 -5.59
C PRO A 82 -13.29 -8.56 -4.18
N ALA A 83 -12.32 -9.40 -3.84
CA ALA A 83 -12.27 -10.02 -2.52
C ALA A 83 -11.49 -9.14 -1.56
N LEU A 84 -10.49 -8.43 -2.08
CA LEU A 84 -9.73 -7.49 -1.26
C LEU A 84 -10.56 -6.23 -1.06
N LEU A 85 -11.35 -5.91 -2.08
CA LEU A 85 -12.27 -4.79 -2.02
C LEU A 85 -13.35 -5.07 -0.97
N GLU A 86 -13.62 -6.35 -0.76
CA GLU A 86 -14.59 -6.81 0.22
C GLU A 86 -14.02 -6.65 1.64
N PHE A 87 -12.72 -6.87 1.79
CA PHE A 87 -12.07 -6.85 3.09
C PHE A 87 -11.89 -5.41 3.60
N TYR A 88 -11.58 -4.51 2.68
CA TYR A 88 -11.35 -3.13 3.06
C TYR A 88 -12.65 -2.42 3.41
N LYS A 89 -13.74 -3.18 3.37
CA LYS A 89 -15.02 -2.71 3.84
C LYS A 89 -14.97 -2.45 5.35
N ILE A 90 -14.25 -3.28 6.12
CA ILE A 90 -14.24 -3.11 7.57
C ILE A 90 -12.92 -2.46 8.03
N HIS A 91 -11.98 -2.31 7.13
CA HIS A 91 -10.63 -1.89 7.49
C HIS A 91 -10.53 -0.38 7.62
N TYR A 92 -11.24 0.32 6.75
CA TYR A 92 -11.11 1.77 6.60
C TYR A 92 -9.73 2.10 6.04
N LEU A 93 -9.67 2.27 4.72
CA LEU A 93 -8.40 2.58 4.04
C LEU A 93 -7.87 3.92 4.52
N ASP A 94 -8.75 4.77 5.02
CA ASP A 94 -8.36 5.92 5.81
C ASP A 94 -9.33 6.07 6.97
N THR A 95 -10.50 6.60 6.70
CA THR A 95 -11.50 6.76 7.73
C THR A 95 -12.92 6.60 7.15
N THR A 96 -13.00 6.13 5.90
CA THR A 96 -14.28 6.01 5.22
C THR A 96 -14.53 4.58 4.72
N THR A 97 -13.47 3.94 4.21
CA THR A 97 -13.50 2.59 3.56
C THR A 97 -13.91 2.71 2.10
N LEU A 98 -14.11 1.55 1.48
CA LEU A 98 -14.56 1.49 0.11
C LEU A 98 -16.08 1.49 0.07
N ILE A 99 -16.67 2.60 -0.32
CA ILE A 99 -18.10 2.71 -0.43
C ILE A 99 -18.55 2.29 -1.83
N GLU A 100 -17.95 2.91 -2.83
CA GLU A 100 -18.25 2.57 -4.22
C GLU A 100 -17.14 3.13 -5.12
N PRO A 101 -16.85 2.47 -6.24
CA PRO A 101 -15.79 2.91 -7.15
C PRO A 101 -16.11 4.24 -7.82
N ALA A 102 -15.08 4.92 -8.31
CA ALA A 102 -15.27 6.17 -9.04
C ALA A 102 -15.99 5.87 -10.35
N PRO A 103 -17.13 6.53 -10.59
CA PRO A 103 -18.01 6.21 -11.73
C PRO A 103 -17.40 6.52 -13.09
N ARG A 104 -16.48 5.66 -13.52
CA ARG A 104 -15.84 5.73 -14.84
C ARG A 104 -14.88 6.92 -14.95
N TYR A 105 -15.41 8.12 -14.73
CA TYR A 105 -14.65 9.34 -14.81
C TYR A 105 -14.77 10.12 -13.50
N PRO A 106 -13.93 11.15 -13.27
CA PRO A 106 -13.86 11.85 -11.97
C PRO A 106 -15.05 12.77 -11.68
N SER A 107 -16.20 12.47 -12.29
CA SER A 107 -17.43 13.25 -12.14
C SER A 107 -17.20 14.75 -12.37
N PRO A 108 -17.44 15.23 -13.59
CA PRO A 108 -17.29 16.65 -13.95
C PRO A 108 -18.30 17.53 -13.23
N PRO A 109 -18.07 18.85 -13.18
CA PRO A 109 -18.98 19.79 -12.52
C PRO A 109 -20.35 19.84 -13.18
N MET A 110 -21.27 19.03 -12.67
CA MET A 110 -22.63 18.97 -13.18
C MET A 110 -23.58 19.63 -12.20
N GLY A 111 -23.24 19.53 -10.91
CA GLY A 111 -24.08 20.10 -9.88
C GLY A 111 -24.27 19.14 -8.73
N SER A 112 -24.14 17.85 -9.02
CA SER A 112 -24.26 16.82 -8.01
C SER A 112 -22.96 16.69 -7.23
N VAL A 113 -22.99 17.05 -5.95
CA VAL A 113 -21.78 17.05 -5.13
C VAL A 113 -21.60 15.73 -4.38
N SER A 114 -22.69 14.96 -4.29
CA SER A 114 -22.69 13.67 -3.60
C SER A 114 -22.53 13.84 -2.09
N ALA A 115 -22.59 12.73 -1.36
CA ALA A 115 -22.48 12.74 0.09
C ALA A 115 -21.06 13.05 0.57
N PRO A 116 -20.02 12.32 0.09
CA PRO A 116 -18.63 12.51 0.55
C PRO A 116 -17.96 13.76 -0.05
N ASN A 117 -18.73 14.85 -0.11
CA ASN A 117 -18.23 16.12 -0.63
C ASN A 117 -17.37 16.83 0.42
N LEU A 118 -16.07 16.90 0.14
CA LEU A 118 -15.06 17.46 1.04
C LEU A 118 -13.88 17.92 0.20
N PRO A 119 -13.96 19.13 -0.36
CA PRO A 119 -12.97 19.63 -1.31
C PRO A 119 -11.62 19.94 -0.68
N THR A 120 -11.56 21.00 0.11
CA THR A 120 -10.30 21.49 0.63
C THR A 120 -9.95 20.87 1.98
N ALA A 121 -9.02 19.93 1.94
CA ALA A 121 -8.44 19.38 3.15
C ALA A 121 -6.93 19.48 3.04
N GLU A 122 -6.33 20.34 3.83
CA GLU A 122 -4.89 20.56 3.77
C GLU A 122 -4.16 19.27 4.15
N ASP A 123 -4.16 18.96 5.44
CA ASP A 123 -3.61 17.71 5.97
C ASP A 123 -2.21 17.42 5.40
N ASN A 124 -1.88 16.13 5.31
CA ASN A 124 -0.63 15.67 4.71
C ASN A 124 -0.53 14.17 4.92
N LEU A 125 -0.09 13.80 6.13
CA LEU A 125 -0.05 12.40 6.56
C LEU A 125 0.58 11.48 5.51
N GLU A 126 1.90 11.39 5.58
CA GLU A 126 2.66 10.70 4.55
C GLU A 126 3.85 10.00 5.19
N TYR A 127 4.78 10.79 5.72
CA TYR A 127 5.95 10.22 6.37
C TYR A 127 6.00 10.59 7.85
N VAL A 128 5.94 9.57 8.67
CA VAL A 128 5.98 9.70 10.11
C VAL A 128 6.97 8.71 10.68
N ARG A 129 7.81 9.13 11.60
CA ARG A 129 8.75 8.18 12.18
C ARG A 129 8.33 7.85 13.59
N THR A 130 8.77 6.72 14.11
CA THR A 130 8.43 6.38 15.48
C THR A 130 9.66 6.31 16.36
N LEU A 131 9.52 6.83 17.58
CA LEU A 131 10.64 6.98 18.48
C LEU A 131 10.51 6.07 19.70
N TYR A 132 9.28 5.91 20.17
CA TYR A 132 9.03 5.20 21.41
C TYR A 132 9.29 3.70 21.27
N ASP A 133 8.98 3.14 20.09
CA ASP A 133 9.08 1.69 19.86
C ASP A 133 7.98 0.98 20.64
N PHE A 134 6.84 0.78 19.98
CA PHE A 134 5.68 0.18 20.60
C PHE A 134 5.21 -0.98 19.74
N PRO A 135 5.24 -2.20 20.27
CA PRO A 135 4.84 -3.37 19.55
C PRO A 135 3.37 -3.74 19.75
N GLY A 136 2.54 -3.30 18.80
CA GLY A 136 1.15 -3.70 18.78
C GLY A 136 0.98 -5.12 18.32
N ASN A 137 2.03 -5.60 17.67
CA ASN A 137 2.03 -6.88 16.98
C ASN A 137 0.92 -6.99 15.93
N ASP A 138 0.55 -5.83 15.36
CA ASP A 138 -0.11 -5.78 14.06
C ASP A 138 -1.61 -6.03 14.11
N ALA A 139 -2.25 -5.76 12.97
CA ALA A 139 -3.66 -6.02 12.69
C ALA A 139 -4.55 -4.85 13.10
N GLU A 140 -4.20 -4.18 14.18
CA GLU A 140 -4.93 -2.99 14.59
C GLU A 140 -3.96 -1.97 15.18
N ASP A 141 -2.76 -2.41 15.50
CA ASP A 141 -1.73 -1.54 16.05
C ASP A 141 -0.34 -1.99 15.58
N LEU A 142 0.36 -1.09 14.90
CA LEU A 142 1.63 -1.40 14.24
C LEU A 142 2.76 -1.49 15.26
N PRO A 143 3.48 -2.63 15.30
CA PRO A 143 4.67 -2.78 16.11
C PRO A 143 5.86 -2.08 15.46
N PHE A 144 6.11 -0.87 15.89
CA PHE A 144 7.15 -0.04 15.28
C PHE A 144 8.36 0.05 16.18
N LYS A 145 9.48 0.46 15.61
CA LYS A 145 10.72 0.49 16.36
C LYS A 145 11.08 1.89 16.79
N LYS A 146 12.24 2.01 17.41
CA LYS A 146 12.75 3.27 17.94
C LYS A 146 13.39 4.14 16.87
N GLY A 147 13.18 3.81 15.59
CA GLY A 147 13.74 4.62 14.53
C GLY A 147 13.40 4.11 13.15
N GLU A 148 12.18 3.66 12.95
CA GLU A 148 11.73 3.25 11.62
C GLU A 148 10.93 4.39 10.99
N ILE A 149 10.86 4.41 9.65
CA ILE A 149 10.05 5.39 8.99
C ILE A 149 8.73 4.73 8.65
N LEU A 150 7.64 5.40 8.90
CA LEU A 150 6.34 4.86 8.61
C LEU A 150 5.66 5.74 7.59
N VAL A 151 4.73 5.15 6.89
CA VAL A 151 3.96 5.90 5.92
C VAL A 151 2.53 5.89 6.37
N ILE A 152 1.92 7.05 6.46
CA ILE A 152 0.55 7.13 6.92
C ILE A 152 -0.36 6.70 5.80
N ILE A 153 -0.49 5.40 5.70
CA ILE A 153 -1.23 4.77 4.64
C ILE A 153 -2.72 4.87 4.92
N GLU A 154 -3.08 4.96 6.22
CA GLU A 154 -4.46 5.20 6.61
C GLU A 154 -4.49 6.17 7.81
N LYS A 155 -5.44 7.12 7.82
CA LYS A 155 -5.63 8.01 8.97
C LYS A 155 -7.09 8.12 9.36
N PRO A 156 -7.58 7.19 10.20
CA PRO A 156 -8.96 7.20 10.67
C PRO A 156 -9.19 8.21 11.79
N GLU A 157 -8.30 8.21 12.76
CA GLU A 157 -8.45 9.07 13.94
C GLU A 157 -7.42 10.19 13.90
N GLU A 158 -7.45 11.06 14.91
CA GLU A 158 -6.51 12.18 14.96
C GLU A 158 -5.40 11.92 15.97
N GLN A 159 -5.71 11.13 16.99
CA GLN A 159 -4.73 10.80 18.03
C GLN A 159 -4.03 9.49 17.70
N TRP A 160 -4.66 8.69 16.86
CA TRP A 160 -4.10 7.41 16.43
C TRP A 160 -4.14 7.31 14.90
N TRP A 161 -2.99 7.03 14.31
CA TRP A 161 -2.87 6.96 12.86
C TRP A 161 -2.51 5.55 12.41
N SER A 162 -3.12 5.07 11.35
CA SER A 162 -2.81 3.74 10.85
C SER A 162 -1.66 3.82 9.84
N ALA A 163 -0.44 3.71 10.30
CA ALA A 163 0.72 3.84 9.43
C ALA A 163 1.28 2.49 9.06
N ARG A 164 1.95 2.44 7.92
CA ARG A 164 2.61 1.22 7.48
C ARG A 164 4.09 1.30 7.83
N ASN A 165 4.57 0.25 8.49
CA ASN A 165 5.98 0.17 8.85
C ASN A 165 6.84 0.12 7.61
N LYS A 166 8.12 0.43 7.77
CA LYS A 166 9.08 0.34 6.68
C LYS A 166 9.13 -1.11 6.18
N ASP A 167 8.77 -2.04 7.06
CA ASP A 167 8.72 -3.45 6.71
C ASP A 167 7.47 -3.75 5.88
N GLY A 168 6.46 -2.90 6.02
CA GLY A 168 5.24 -3.09 5.26
C GLY A 168 4.15 -3.73 6.09
N ARG A 169 3.56 -2.93 6.98
CA ARG A 169 2.49 -3.40 7.85
C ARG A 169 1.67 -2.24 8.38
N VAL A 170 0.36 -2.35 8.31
CA VAL A 170 -0.51 -1.28 8.75
C VAL A 170 -1.13 -1.55 10.10
N GLY A 171 -0.85 -0.68 11.05
CA GLY A 171 -1.54 -0.71 12.32
C GLY A 171 -1.64 0.67 12.90
N MET A 172 -2.57 0.87 13.81
CA MET A 172 -2.75 2.18 14.42
C MET A 172 -1.58 2.48 15.35
N ILE A 173 -1.11 3.72 15.31
CA ILE A 173 0.03 4.14 16.09
C ILE A 173 -0.25 5.50 16.74
N PRO A 174 0.28 5.72 17.96
CA PRO A 174 0.06 6.93 18.73
C PRO A 174 0.86 8.12 18.20
N VAL A 175 0.18 9.24 17.97
CA VAL A 175 0.84 10.46 17.51
C VAL A 175 1.92 10.96 18.48
N PRO A 176 1.67 11.00 19.81
CA PRO A 176 2.69 11.39 20.80
C PRO A 176 3.94 10.50 20.79
N TYR A 177 3.91 9.42 20.02
CA TYR A 177 5.04 8.50 19.95
C TYR A 177 5.92 8.75 18.73
N VAL A 178 5.56 9.74 17.92
CA VAL A 178 6.14 9.83 16.58
C VAL A 178 7.12 10.99 16.36
N GLU A 179 7.61 10.96 15.13
CA GLU A 179 8.73 11.74 14.62
C GLU A 179 8.37 12.21 13.21
N LYS A 180 7.13 12.61 13.02
CA LYS A 180 6.57 12.80 11.70
C LYS A 180 7.06 14.11 11.09
N LEU A 181 7.29 14.09 9.79
CA LEU A 181 7.98 15.19 9.13
C LEU A 181 7.13 16.46 9.11
N VAL A 182 5.95 16.36 8.51
CA VAL A 182 5.08 17.53 8.32
C VAL A 182 3.69 17.29 8.91
N ARG A 183 3.06 18.36 9.41
CA ARG A 183 1.71 18.28 9.96
C ARG A 183 1.00 19.61 9.84
N SER A 184 -0.09 19.63 9.06
CA SER A 184 -0.96 20.79 8.97
C SER A 184 -2.31 20.38 8.42
N SER A 185 -3.13 19.78 9.28
CA SER A 185 -4.42 19.24 8.88
C SER A 185 -5.37 20.37 8.42
N PRO A 186 -5.66 21.37 9.27
CA PRO A 186 -6.36 22.57 8.87
C PRO A 186 -5.37 23.70 8.57
N HIS A 187 -5.68 24.90 9.06
CA HIS A 187 -4.86 26.09 8.82
C HIS A 187 -4.40 26.18 7.37
N GLY A 188 -5.35 26.35 6.47
CA GLY A 188 -5.04 26.46 5.05
C GLY A 188 -4.13 27.63 4.73
N LYS A 189 -4.14 28.64 5.60
CA LYS A 189 -3.30 29.81 5.43
C LYS A 189 -1.83 29.46 5.64
N HIS A 190 -1.58 28.34 6.30
CA HIS A 190 -0.23 27.93 6.66
C HIS A 190 0.27 26.89 5.66
N GLY A 191 -0.59 26.51 4.73
CA GLY A 191 -0.22 25.56 3.71
C GLY A 191 0.28 26.25 2.47
N ASN A 192 1.60 26.39 2.37
CA ASN A 192 2.22 27.06 1.24
C ASN A 192 2.13 26.22 -0.03
N ARG A 193 2.02 24.91 0.15
CA ARG A 193 1.84 23.97 -0.96
C ARG A 193 3.12 23.81 -1.77
N ASN A 194 3.44 22.57 -2.11
CA ASN A 194 4.61 22.28 -2.93
C ASN A 194 4.19 21.85 -4.31
N SER A 195 4.91 22.30 -5.32
CA SER A 195 4.64 21.90 -6.69
C SER A 195 5.72 20.94 -7.18
N ASN A 196 6.85 20.92 -6.48
CA ASN A 196 7.95 20.02 -6.81
C ASN A 196 8.08 18.93 -5.75
N SER A 197 6.98 18.66 -5.06
CA SER A 197 6.98 17.66 -3.99
C SER A 197 7.22 16.26 -4.54
N TYR A 198 6.85 16.04 -5.80
CA TYR A 198 7.06 14.74 -6.43
C TYR A 198 8.49 14.62 -6.95
N GLY A 199 9.30 15.63 -6.67
CA GLY A 199 10.67 15.64 -7.13
C GLY A 199 11.63 15.07 -6.09
N ILE A 200 11.13 14.77 -4.91
CA ILE A 200 11.96 14.18 -3.86
C ILE A 200 12.13 12.68 -4.09
N PRO A 201 13.38 12.20 -4.04
CA PRO A 201 13.69 10.79 -4.24
C PRO A 201 13.53 9.97 -2.97
N GLU A 202 12.92 8.81 -3.10
CA GLU A 202 12.77 7.88 -1.98
C GLU A 202 13.19 6.49 -2.43
N PRO A 203 14.30 5.97 -1.89
CA PRO A 203 14.82 4.64 -2.24
C PRO A 203 13.79 3.54 -2.02
N ALA A 204 13.41 2.88 -3.11
CA ALA A 204 12.43 1.81 -3.08
C ALA A 204 11.09 2.31 -2.54
N HIS A 205 10.72 3.52 -2.96
CA HIS A 205 9.44 4.11 -2.55
C HIS A 205 8.27 3.27 -3.04
N ALA A 206 7.68 2.52 -2.12
CA ALA A 206 6.56 1.67 -2.44
C ALA A 206 5.28 2.47 -2.58
N ALA A 208 2.06 1.24 -1.97
CA ALA A 208 1.35 0.93 -0.75
C ALA A 208 1.61 -0.51 -0.37
N GLN A 209 1.13 -0.89 0.80
CA GLN A 209 1.38 -2.20 1.37
C GLN A 209 0.78 -2.24 2.77
N PRO A 210 -0.39 -2.88 2.90
CA PRO A 210 -1.15 -2.96 4.15
C PRO A 210 -0.56 -3.95 5.16
N GLN A 211 -1.39 -4.87 5.63
CA GLN A 211 -1.00 -5.76 6.71
C GLN A 211 -0.55 -7.13 6.21
N THR A 212 -0.34 -8.02 7.15
CA THR A 212 0.06 -9.38 6.85
C THR A 212 -1.16 -10.28 6.76
N THR A 213 -0.94 -11.57 6.57
CA THR A 213 -2.01 -12.54 6.60
C THR A 213 -2.48 -12.74 8.04
N THR A 214 -3.49 -11.97 8.45
CA THR A 214 -3.94 -11.98 9.83
C THR A 214 -5.34 -12.59 9.95
N PRO A 215 -5.42 -13.87 10.34
CA PRO A 215 -6.69 -14.54 10.58
C PRO A 215 -7.18 -14.33 12.00
N LEU A 216 -8.01 -13.31 12.20
CA LEU A 216 -8.50 -12.97 13.53
C LEU A 216 -10.00 -13.18 13.63
N PRO A 217 -10.43 -14.24 14.34
CA PRO A 217 -11.85 -14.54 14.54
C PRO A 217 -12.48 -13.61 15.58
N ALA A 218 -12.58 -12.33 15.23
CA ALA A 218 -13.15 -11.33 16.13
C ALA A 218 -13.87 -10.23 15.35
N VAL A 219 -13.24 -9.78 14.26
CA VAL A 219 -13.78 -8.67 13.47
C VAL A 219 -14.91 -9.11 12.52
N SER A 220 -15.86 -9.84 13.07
CA SER A 220 -17.01 -10.30 12.29
C SER A 220 -18.13 -10.78 13.22
N GLY A 221 -17.95 -11.98 13.75
CA GLY A 221 -18.94 -12.54 14.66
C GLY A 221 -18.87 -14.04 14.70
N SER A 222 -17.66 -14.57 14.57
CA SER A 222 -17.45 -16.00 14.58
C SER A 222 -16.26 -16.35 15.45
N PRO A 223 -16.49 -17.01 16.59
CA PRO A 223 -15.42 -17.44 17.51
C PRO A 223 -14.55 -18.53 16.90
N GLY A 224 -15.11 -19.26 15.93
CA GLY A 224 -14.37 -20.32 15.29
C GLY A 224 -14.62 -21.65 15.97
N ALA A 225 -15.85 -21.86 16.42
CA ALA A 225 -16.22 -23.09 17.13
C ALA A 225 -16.30 -24.26 16.15
N ALA A 226 -16.69 -23.96 14.93
CA ALA A 226 -16.77 -24.97 13.87
C ALA A 226 -16.89 -24.29 12.52
N ILE A 227 -17.95 -23.52 12.34
CA ILE A 227 -18.15 -22.75 11.12
C ILE A 227 -17.54 -21.37 11.30
N THR A 228 -16.84 -20.91 10.27
CA THR A 228 -16.24 -19.58 10.29
C THR A 228 -15.87 -19.13 8.88
N PRO A 229 -16.19 -17.88 8.53
CA PRO A 229 -15.88 -17.31 7.22
C PRO A 229 -14.39 -16.98 7.07
N LEU A 230 -13.66 -17.06 8.18
CA LEU A 230 -12.23 -16.78 8.18
C LEU A 230 -11.49 -17.78 9.06
N PRO A 231 -10.25 -18.13 8.68
CA PRO A 231 -9.43 -19.06 9.46
C PRO A 231 -8.98 -18.46 10.79
N SER A 232 -8.39 -19.29 11.63
CA SER A 232 -7.87 -18.84 12.91
C SER A 232 -6.36 -18.59 12.80
N THR A 233 -5.82 -17.78 13.71
CA THR A 233 -4.40 -17.47 13.68
C THR A 233 -3.56 -18.71 13.84
N GLN A 234 -2.45 -18.76 13.11
CA GLN A 234 -1.56 -19.88 13.20
C GLN A 234 -0.11 -19.43 13.18
N ASN A 235 0.18 -18.49 12.28
CA ASN A 235 1.53 -17.93 12.08
C ASN A 235 2.63 -19.01 12.03
N GLY A 236 3.23 -19.34 13.17
CA GLY A 236 4.28 -20.34 13.17
C GLY A 236 4.57 -20.84 14.58
N PRO A 237 5.52 -21.77 14.73
CA PRO A 237 5.91 -22.30 16.03
C PRO A 237 6.60 -21.25 16.89
N VAL A 238 5.98 -20.93 18.01
CA VAL A 238 6.47 -19.89 18.90
C VAL A 238 7.46 -20.46 19.91
N PHE A 239 8.45 -19.67 20.28
CA PHE A 239 9.46 -20.11 21.24
C PHE A 239 9.05 -19.71 22.65
N ALA A 240 8.87 -20.71 23.51
CA ALA A 240 8.57 -20.45 24.90
C ALA A 240 9.65 -21.05 25.79
N LYS A 241 9.87 -20.46 26.94
CA LYS A 241 10.86 -20.99 27.87
C LYS A 241 10.17 -21.55 29.11
N ALA A 242 10.54 -22.77 29.47
CA ALA A 242 9.96 -23.45 30.61
C ALA A 242 10.47 -22.86 31.92
N ILE A 243 9.55 -22.37 32.74
CA ILE A 243 9.91 -21.57 33.90
C ILE A 243 9.82 -22.35 35.22
N GLN A 244 9.56 -23.65 35.14
CA GLN A 244 9.38 -24.45 36.35
C GLN A 244 9.68 -25.92 36.06
N LYS A 245 10.17 -26.63 37.07
CA LYS A 245 10.57 -28.03 36.93
C LYS A 245 9.36 -28.96 36.98
N ARG A 246 9.10 -29.67 35.89
CA ARG A 246 7.97 -30.58 35.83
C ARG A 246 8.25 -31.72 34.85
N VAL A 247 8.47 -32.90 35.42
CA VAL A 247 8.72 -34.11 34.65
C VAL A 247 7.41 -34.85 34.40
N PRO A 248 7.43 -35.94 33.60
CA PRO A 248 6.23 -36.74 33.34
C PRO A 248 5.66 -37.35 34.62
N CYS A 249 4.40 -37.05 34.91
CA CYS A 249 3.74 -37.56 36.10
C CYS A 249 3.47 -39.06 35.94
N ALA A 250 3.28 -39.75 37.06
CA ALA A 250 3.04 -41.18 37.08
C ALA A 250 1.90 -41.60 36.15
N TYR A 251 0.82 -40.84 36.17
CA TYR A 251 -0.36 -41.17 35.35
C TYR A 251 -0.47 -40.23 34.15
N ASP A 252 0.57 -39.45 33.91
CA ASP A 252 0.58 -38.51 32.80
C ASP A 252 1.57 -38.93 31.73
N LYS A 253 1.08 -39.68 30.76
CA LYS A 253 1.89 -40.10 29.63
C LYS A 253 2.06 -38.97 28.64
N THR A 254 1.08 -38.08 28.60
CA THR A 254 1.10 -36.94 27.68
C THR A 254 1.81 -35.74 28.28
N ALA A 255 2.55 -35.96 29.36
CA ALA A 255 3.28 -34.88 30.01
C ALA A 255 4.67 -34.71 29.41
N LEU A 256 4.91 -33.55 28.80
CA LEU A 256 6.21 -33.26 28.23
C LEU A 256 7.18 -32.89 29.35
N ALA A 257 8.31 -33.58 29.42
CA ALA A 257 9.30 -33.33 30.44
C ALA A 257 10.02 -32.02 30.19
N LEU A 258 9.72 -31.04 31.02
CA LEU A 258 10.28 -29.70 30.88
C LEU A 258 10.72 -29.16 32.22
N GLU A 259 11.99 -28.79 32.33
CA GLU A 259 12.52 -28.23 33.55
C GLU A 259 12.61 -26.71 33.45
N VAL A 260 13.73 -26.14 33.87
CA VAL A 260 13.88 -24.69 33.90
C VAL A 260 14.95 -24.22 32.90
N GLY A 261 14.59 -23.23 32.10
CA GLY A 261 15.54 -22.59 31.21
C GLY A 261 15.72 -23.31 29.89
N ASP A 262 14.73 -24.11 29.49
CA ASP A 262 14.80 -24.79 28.21
C ASP A 262 13.79 -24.19 27.23
N ILE A 263 14.01 -24.40 25.94
CA ILE A 263 13.20 -23.81 24.90
C ILE A 263 12.22 -24.82 24.32
N VAL A 264 10.95 -24.45 24.31
CA VAL A 264 9.89 -25.30 23.79
C VAL A 264 9.40 -24.77 22.45
N LYS A 265 9.48 -25.60 21.43
CA LYS A 265 8.97 -25.26 20.11
C LYS A 265 7.53 -25.73 20.00
N VAL A 266 6.59 -24.79 20.15
CA VAL A 266 5.18 -25.12 20.28
C VAL A 266 4.33 -24.36 19.25
N THR A 267 3.25 -24.98 18.80
CA THR A 267 2.39 -24.36 17.79
C THR A 267 1.01 -24.00 18.36
N ARG A 268 0.32 -24.97 18.95
CA ARG A 268 -1.04 -24.76 19.46
C ARG A 268 -1.00 -24.30 20.92
N MET A 269 -1.69 -23.20 21.23
CA MET A 269 -1.53 -22.55 22.52
C MET A 269 -2.83 -22.54 23.36
N ASN A 270 -2.77 -23.29 24.48
CA ASN A 270 -3.81 -23.53 25.55
C ASN A 270 -4.94 -22.50 25.68
N ILE A 271 -5.85 -22.82 26.60
CA ILE A 271 -7.19 -22.27 26.64
C ILE A 271 -7.89 -22.70 25.37
N ASN A 272 -8.18 -24.01 25.34
CA ASN A 272 -8.56 -24.74 24.14
C ASN A 272 -7.36 -24.79 23.19
N GLY A 273 -6.20 -24.44 23.70
CA GLY A 273 -5.02 -24.45 22.89
C GLY A 273 -4.31 -25.76 22.97
N GLN A 274 -4.37 -26.36 24.17
CA GLN A 274 -3.46 -27.44 24.64
C GLN A 274 -2.11 -27.47 23.90
N TRP A 275 -0.99 -27.34 24.63
CA TRP A 275 0.22 -26.97 23.95
C TRP A 275 0.88 -28.15 23.35
N GLU A 276 1.22 -27.93 22.13
CA GLU A 276 1.86 -28.95 21.33
C GLU A 276 3.27 -28.55 20.99
N GLY A 277 4.20 -29.01 21.80
CA GLY A 277 5.59 -28.72 21.57
C GLY A 277 6.41 -29.98 21.50
N GLU A 278 7.32 -30.04 20.55
CA GLU A 278 8.20 -31.19 20.43
C GLU A 278 9.56 -30.83 21.00
N VAL A 279 9.90 -31.43 22.15
CA VAL A 279 11.15 -31.10 22.82
C VAL A 279 12.00 -32.34 23.04
N ASN A 280 13.21 -32.30 22.50
CA ASN A 280 14.22 -33.34 22.65
C ASN A 280 13.80 -34.64 21.97
N GLY A 281 12.83 -35.32 22.56
CA GLY A 281 12.44 -36.62 22.07
C GLY A 281 11.03 -36.66 21.51
N ARG A 282 10.08 -36.01 22.19
CA ARG A 282 8.69 -36.11 21.77
C ARG A 282 7.84 -34.97 22.29
N LYS A 283 6.59 -34.96 21.83
CA LYS A 283 5.65 -33.90 22.11
C LYS A 283 4.76 -34.26 23.30
N GLY A 284 4.43 -33.27 24.09
CA GLY A 284 3.55 -33.49 25.21
C GLY A 284 2.80 -32.24 25.59
N LEU A 285 1.71 -32.39 26.31
CA LEU A 285 0.89 -31.27 26.71
C LEU A 285 1.38 -30.66 28.00
N PHE A 286 1.38 -29.34 28.00
CA PHE A 286 1.70 -28.55 29.16
C PHE A 286 0.92 -27.24 29.08
N PRO A 287 0.43 -26.72 30.20
CA PRO A 287 -0.26 -25.43 30.23
C PRO A 287 0.72 -24.30 29.97
N PHE A 288 0.28 -23.26 29.27
CA PHE A 288 1.16 -22.12 28.99
C PHE A 288 1.50 -21.32 30.24
N THR A 289 1.07 -21.80 31.40
CA THR A 289 1.48 -21.22 32.66
C THR A 289 2.77 -21.87 33.14
N HIS A 290 3.15 -22.98 32.48
CA HIS A 290 4.38 -23.68 32.79
C HIS A 290 5.55 -23.04 32.05
N VAL A 291 5.22 -22.31 31.00
CA VAL A 291 6.21 -21.62 30.18
C VAL A 291 5.86 -20.16 30.06
N LYS A 292 6.69 -19.39 29.40
CA LYS A 292 6.38 -18.00 29.12
C LYS A 292 6.75 -17.66 27.69
N ILE A 293 5.85 -16.96 27.01
CA ILE A 293 6.14 -16.46 25.69
C ILE A 293 6.91 -15.15 25.80
N PHE A 294 8.20 -15.24 25.55
CA PHE A 294 9.07 -14.08 25.63
C PHE A 294 9.21 -13.44 24.26
N ASP A 295 9.92 -12.32 24.19
CA ASP A 295 10.19 -11.66 22.92
C ASP A 295 10.95 -12.61 22.00
N PRO A 296 10.30 -13.10 20.94
CA PRO A 296 10.87 -14.11 20.05
C PRO A 296 11.96 -13.56 19.16
N GLN A 297 11.91 -12.26 18.90
CA GLN A 297 12.89 -11.63 18.02
C GLN A 297 14.13 -11.24 18.79
N ASN A 298 15.11 -12.12 18.79
CA ASN A 298 16.42 -11.84 19.37
C ASN A 298 17.41 -11.63 18.25
N PRO A 299 17.77 -10.36 17.96
CA PRO A 299 18.61 -10.00 16.82
C PRO A 299 20.04 -10.55 16.93
N ASP A 300 20.18 -11.84 16.72
CA ASP A 300 21.48 -12.48 16.67
C ASP A 300 21.76 -12.95 15.24
N GLU A 301 20.76 -13.57 14.64
CA GLU A 301 20.85 -14.03 13.26
C GLU A 301 20.26 -13.00 12.32
N ASN A 302 19.52 -12.06 12.88
CA ASN A 302 18.91 -10.98 12.10
C ASN A 302 19.98 -10.00 11.62
N GLU A 303 20.03 -9.76 10.32
CA GLU A 303 21.01 -8.86 9.75
C GLU A 303 20.32 -7.61 9.19
N MET A 1 -25.99 6.95 6.51
CA MET A 1 -24.78 6.11 6.43
C MET A 1 -24.70 5.45 5.06
N SER A 2 -23.86 6.00 4.19
CA SER A 2 -23.69 5.46 2.86
C SER A 2 -22.81 4.22 2.93
N SER A 3 -23.46 3.07 2.94
CA SER A 3 -22.75 1.80 3.07
C SER A 3 -22.15 1.36 1.73
N ALA A 4 -21.21 0.44 1.78
CA ALA A 4 -20.54 -0.05 0.60
C ALA A 4 -21.50 -0.82 -0.31
N ARG A 5 -21.54 -0.44 -1.59
CA ARG A 5 -22.37 -1.13 -2.56
C ARG A 5 -21.80 -0.94 -3.96
N PHE A 6 -20.99 -1.89 -4.39
CA PHE A 6 -20.44 -1.88 -5.73
C PHE A 6 -20.30 -3.30 -6.24
N ASP A 7 -20.32 -3.46 -7.56
CA ASP A 7 -20.26 -4.78 -8.16
C ASP A 7 -18.87 -5.38 -8.00
N SER A 8 -18.70 -6.22 -6.99
CA SER A 8 -17.41 -6.86 -6.75
C SER A 8 -17.19 -8.01 -7.74
N SER A 9 -17.20 -7.66 -9.02
CA SER A 9 -17.01 -8.62 -10.10
C SER A 9 -17.10 -7.90 -11.45
N ASP A 10 -17.95 -6.88 -11.52
CA ASP A 10 -18.19 -6.19 -12.78
C ASP A 10 -16.95 -5.38 -13.19
N ARG A 11 -16.21 -5.93 -14.13
CA ARG A 11 -14.98 -5.31 -14.61
C ARG A 11 -15.27 -3.95 -15.23
N SER A 12 -16.46 -3.79 -15.78
CA SER A 12 -16.85 -2.54 -16.41
C SER A 12 -17.26 -1.50 -15.36
N ALA A 13 -17.21 -1.87 -14.09
CA ALA A 13 -17.55 -0.94 -13.02
C ALA A 13 -16.32 -0.29 -12.40
N TRP A 14 -15.31 -1.10 -12.09
CA TRP A 14 -14.14 -0.60 -11.37
C TRP A 14 -12.85 -0.69 -12.17
N TYR A 15 -12.81 -1.55 -13.17
CA TYR A 15 -11.57 -1.82 -13.90
C TYR A 15 -11.36 -0.79 -15.02
N MET A 16 -10.27 -0.04 -14.93
CA MET A 16 -9.99 1.04 -15.89
C MET A 16 -8.90 0.62 -16.88
N GLY A 17 -8.38 -0.58 -16.67
CA GLY A 17 -7.30 -1.12 -17.49
C GLY A 17 -6.09 -0.20 -17.62
N PRO A 18 -5.78 0.29 -18.83
CA PRO A 18 -4.56 1.07 -19.06
C PRO A 18 -4.60 2.48 -18.46
N VAL A 19 -4.07 2.61 -17.24
CA VAL A 19 -3.98 3.88 -16.55
C VAL A 19 -2.61 3.95 -15.83
N SER A 20 -2.33 4.99 -15.04
CA SER A 20 -1.01 5.19 -14.50
C SER A 20 -1.13 5.94 -13.19
N ARG A 21 -0.02 6.16 -12.51
CA ARG A 21 -0.04 6.82 -11.20
C ARG A 21 -0.76 8.17 -11.24
N GLN A 22 -0.20 9.13 -11.96
CA GLN A 22 -0.74 10.48 -11.96
C GLN A 22 -2.13 10.54 -12.59
N GLU A 23 -2.32 9.83 -13.70
CA GLU A 23 -3.59 9.83 -14.39
C GLU A 23 -4.70 9.23 -13.52
N ALA A 24 -4.40 8.09 -12.89
CA ALA A 24 -5.36 7.41 -12.01
C ALA A 24 -5.85 8.34 -10.90
N GLN A 25 -4.91 9.00 -10.24
CA GLN A 25 -5.24 9.87 -9.13
C GLN A 25 -5.90 11.17 -9.61
N THR A 26 -5.54 11.61 -10.81
CA THR A 26 -6.19 12.77 -11.41
C THR A 26 -7.68 12.49 -11.63
N ARG A 27 -8.01 11.25 -11.96
CA ARG A 27 -9.40 10.85 -12.14
C ARG A 27 -10.10 10.72 -10.78
N LEU A 28 -9.30 10.68 -9.72
CA LEU A 28 -9.82 10.58 -8.36
C LEU A 28 -9.48 11.83 -7.55
N GLN A 29 -9.13 12.93 -8.20
CA GLN A 29 -8.76 14.14 -7.49
C GLN A 29 -9.99 14.99 -7.19
N GLY A 30 -10.28 15.15 -5.90
CA GLY A 30 -11.49 15.86 -5.51
C GLY A 30 -12.59 14.86 -5.40
N GLN A 31 -12.12 13.66 -5.13
CA GLN A 31 -12.89 12.43 -5.04
C GLN A 31 -14.12 12.50 -4.15
N ARG A 32 -14.83 11.38 -4.12
CA ARG A 32 -16.05 11.26 -3.32
C ARG A 32 -15.72 10.83 -1.90
N HIS A 33 -14.44 10.46 -1.69
CA HIS A 33 -13.98 9.90 -0.42
C HIS A 33 -14.65 8.54 -0.20
N GLY A 34 -13.97 7.49 -0.64
CA GLY A 34 -14.56 6.17 -0.68
C GLY A 34 -14.78 5.72 -2.10
N MET A 35 -13.93 6.21 -3.00
CA MET A 35 -14.04 5.89 -4.42
C MET A 35 -12.72 5.30 -4.91
N PHE A 36 -12.79 4.21 -5.67
CA PHE A 36 -11.57 3.50 -6.05
C PHE A 36 -11.58 3.11 -7.53
N LEU A 37 -10.41 2.76 -8.04
CA LEU A 37 -10.29 2.19 -9.37
C LEU A 37 -9.09 1.26 -9.45
N VAL A 38 -9.24 0.19 -10.21
CA VAL A 38 -8.15 -0.75 -10.44
C VAL A 38 -7.67 -0.62 -11.88
N ARG A 39 -6.41 -0.26 -12.05
CA ARG A 39 -5.84 -0.13 -13.37
C ARG A 39 -4.62 -1.02 -13.54
N ASP A 40 -4.16 -1.17 -14.76
CA ASP A 40 -2.95 -1.96 -15.05
C ASP A 40 -1.75 -1.26 -14.44
N SER A 41 -0.99 -1.99 -13.63
CA SER A 41 0.08 -1.41 -12.83
C SER A 41 1.07 -0.62 -13.69
N SER A 42 1.18 0.66 -13.37
CA SER A 42 2.05 1.56 -14.10
C SER A 42 3.52 1.32 -13.76
N THR A 43 4.03 0.23 -14.29
CA THR A 43 5.40 -0.19 -14.09
C THR A 43 5.63 -1.55 -14.73
N CYS A 44 4.61 -2.41 -14.65
CA CYS A 44 4.69 -3.77 -15.19
C CYS A 44 3.33 -4.21 -15.70
N PRO A 45 3.06 -4.03 -17.01
CA PRO A 45 1.77 -4.43 -17.61
C PRO A 45 1.42 -5.88 -17.30
N GLY A 46 0.32 -6.07 -16.57
CA GLY A 46 -0.08 -7.39 -16.16
C GLY A 46 -0.58 -7.39 -14.73
N ASP A 47 0.19 -6.76 -13.84
CA ASP A 47 -0.21 -6.60 -12.45
C ASP A 47 -1.21 -5.46 -12.34
N TYR A 48 -1.57 -5.06 -11.12
CA TYR A 48 -2.58 -4.02 -10.94
C TYR A 48 -2.19 -3.04 -9.84
N VAL A 49 -2.95 -1.94 -9.76
CA VAL A 49 -2.79 -0.94 -8.70
C VAL A 49 -4.16 -0.34 -8.37
N LEU A 50 -4.63 -0.65 -7.17
CA LEU A 50 -5.90 -0.14 -6.68
C LEU A 50 -5.73 1.26 -6.14
N SER A 51 -6.17 2.24 -6.88
CA SER A 51 -6.09 3.61 -6.43
C SER A 51 -7.40 4.01 -5.78
N VAL A 52 -7.34 4.18 -4.47
CA VAL A 52 -8.49 4.52 -3.68
C VAL A 52 -8.33 5.94 -3.15
N SER A 53 -9.39 6.71 -3.17
CA SER A 53 -9.27 8.11 -2.82
C SER A 53 -10.09 8.50 -1.61
N GLU A 54 -9.47 9.29 -0.74
CA GLU A 54 -10.10 9.81 0.46
C GLU A 54 -9.60 11.22 0.68
N ASN A 55 -10.07 11.88 1.73
CA ASN A 55 -9.70 13.27 2.12
C ASN A 55 -8.36 13.74 1.51
N SER A 56 -8.40 14.19 0.25
CA SER A 56 -7.22 14.61 -0.51
C SER A 56 -6.02 13.65 -0.29
N ARG A 57 -6.20 12.39 -0.70
CA ARG A 57 -5.33 11.30 -0.28
C ARG A 57 -5.53 10.03 -1.12
N VAL A 58 -5.36 10.12 -2.42
CA VAL A 58 -5.61 8.97 -3.28
C VAL A 58 -4.44 7.99 -3.16
N SER A 59 -4.71 6.92 -2.42
CA SER A 59 -3.71 5.93 -2.04
C SER A 59 -3.65 4.79 -3.05
N HIS A 60 -2.48 4.60 -3.63
CA HIS A 60 -2.30 3.63 -4.69
C HIS A 60 -1.85 2.27 -4.15
N TYR A 61 -2.81 1.42 -3.79
CA TYR A 61 -2.53 0.12 -3.18
C TYR A 61 -2.11 -0.92 -4.25
N ILE A 62 -0.89 -1.43 -4.15
CA ILE A 62 -0.33 -2.31 -5.19
C ILE A 62 -0.99 -3.70 -5.19
N ILE A 63 -1.32 -4.22 -6.39
CA ILE A 63 -1.85 -5.58 -6.54
C ILE A 63 -0.96 -6.40 -7.48
N ASN A 64 -0.37 -7.46 -6.94
CA ASN A 64 0.47 -8.35 -7.71
C ASN A 64 -0.35 -9.40 -8.41
N SER A 65 -0.03 -9.65 -9.67
CA SER A 65 -0.67 -10.72 -10.41
C SER A 65 0.18 -11.98 -10.28
N LEU A 66 -0.21 -12.85 -9.36
CA LEU A 66 0.55 -14.06 -9.07
C LEU A 66 0.43 -15.08 -10.19
N PRO A 67 1.26 -16.14 -10.16
CA PRO A 67 1.15 -17.26 -11.09
C PRO A 67 -0.16 -18.03 -10.93
N ASN A 68 -1.26 -17.37 -11.32
CA ASN A 68 -2.59 -17.96 -11.59
C ASN A 68 -3.27 -18.44 -10.31
N ARG A 69 -2.75 -17.99 -9.19
CA ARG A 69 -3.33 -18.33 -7.90
C ARG A 69 -4.31 -17.26 -7.47
N ARG A 70 -3.76 -16.12 -7.09
CA ARG A 70 -4.54 -15.03 -6.52
C ARG A 70 -3.83 -13.70 -6.70
N PHE A 71 -4.33 -12.66 -6.04
CA PHE A 71 -3.73 -11.34 -6.13
C PHE A 71 -3.24 -10.88 -4.76
N LYS A 72 -1.97 -10.46 -4.70
CA LYS A 72 -1.38 -9.95 -3.47
C LYS A 72 -1.40 -8.44 -3.44
N ILE A 73 -2.34 -7.83 -2.73
CA ILE A 73 -2.36 -6.39 -2.65
C ILE A 73 -1.48 -5.90 -1.50
N GLY A 74 -0.19 -5.82 -1.80
CA GLY A 74 0.78 -5.41 -0.82
C GLY A 74 1.03 -6.48 0.22
N ASP A 75 1.88 -7.45 -0.13
CA ASP A 75 2.31 -8.51 0.81
C ASP A 75 1.19 -9.51 1.06
N GLN A 76 0.04 -9.04 1.56
CA GLN A 76 -1.05 -9.94 1.91
C GLN A 76 -1.81 -10.39 0.68
N GLU A 77 -2.18 -11.66 0.66
CA GLU A 77 -2.83 -12.23 -0.49
C GLU A 77 -4.29 -12.56 -0.20
N PHE A 78 -5.12 -12.32 -1.18
CA PHE A 78 -6.53 -12.67 -1.10
C PHE A 78 -6.83 -13.60 -2.26
N ASP A 79 -7.82 -14.48 -2.09
CA ASP A 79 -8.05 -15.57 -3.04
C ASP A 79 -8.34 -15.05 -4.45
N HIS A 80 -8.84 -13.82 -4.54
CA HIS A 80 -9.13 -13.20 -5.85
C HIS A 80 -9.29 -11.69 -5.68
N LEU A 81 -9.40 -10.97 -6.80
CA LEU A 81 -9.52 -9.51 -6.78
C LEU A 81 -10.69 -9.03 -5.91
N PRO A 82 -11.94 -9.48 -6.18
CA PRO A 82 -13.10 -9.07 -5.38
C PRO A 82 -13.00 -9.46 -3.90
N ALA A 83 -12.00 -10.27 -3.57
CA ALA A 83 -11.83 -10.75 -2.20
C ALA A 83 -10.98 -9.77 -1.39
N LEU A 84 -10.13 -9.01 -2.07
CA LEU A 84 -9.34 -8.00 -1.38
C LEU A 84 -10.21 -6.77 -1.15
N LEU A 85 -11.13 -6.57 -2.09
CA LEU A 85 -12.04 -5.44 -2.02
C LEU A 85 -12.99 -5.58 -0.84
N GLU A 86 -13.40 -6.81 -0.54
CA GLU A 86 -14.32 -7.06 0.56
C GLU A 86 -13.60 -7.08 1.91
N PHE A 87 -12.28 -7.00 1.90
CA PHE A 87 -11.53 -6.83 3.14
C PHE A 87 -11.41 -5.34 3.46
N TYR A 88 -11.23 -4.54 2.43
CA TYR A 88 -11.02 -3.11 2.64
C TYR A 88 -12.35 -2.38 2.83
N LYS A 89 -13.45 -3.10 2.65
CA LYS A 89 -14.76 -2.55 2.98
C LYS A 89 -15.06 -2.73 4.47
N ILE A 90 -14.15 -3.40 5.19
CA ILE A 90 -14.28 -3.51 6.65
C ILE A 90 -13.04 -2.96 7.35
N HIS A 91 -11.93 -2.94 6.61
CA HIS A 91 -10.66 -2.41 7.11
C HIS A 91 -10.73 -0.91 7.31
N TYR A 92 -11.35 -0.24 6.35
CA TYR A 92 -11.25 1.20 6.19
C TYR A 92 -9.87 1.55 5.68
N LEU A 93 -9.78 1.96 4.42
CA LEU A 93 -8.50 2.38 3.85
C LEU A 93 -8.18 3.80 4.31
N ASP A 94 -9.08 4.33 5.13
CA ASP A 94 -8.91 5.63 5.75
C ASP A 94 -9.99 5.78 6.83
N THR A 95 -10.67 6.91 6.88
CA THR A 95 -11.81 7.08 7.78
C THR A 95 -13.05 6.48 7.12
N THR A 96 -12.92 6.12 5.86
CA THR A 96 -14.01 5.52 5.11
C THR A 96 -13.56 4.18 4.51
N THR A 97 -14.50 3.43 3.99
CA THR A 97 -14.21 2.16 3.34
C THR A 97 -14.42 2.27 1.84
N LEU A 98 -14.24 1.15 1.14
CA LEU A 98 -14.57 1.08 -0.26
C LEU A 98 -16.07 1.16 -0.45
N ILE A 99 -16.55 2.35 -0.77
CA ILE A 99 -17.98 2.59 -0.89
C ILE A 99 -18.45 2.36 -2.32
N GLU A 100 -17.85 3.08 -3.26
CA GLU A 100 -18.25 2.99 -4.67
C GLU A 100 -17.03 3.06 -5.57
N PRO A 101 -17.14 2.56 -6.81
CA PRO A 101 -16.08 2.66 -7.81
C PRO A 101 -16.09 4.00 -8.53
N ALA A 102 -14.94 4.37 -9.09
CA ALA A 102 -14.83 5.59 -9.86
C ALA A 102 -15.47 5.42 -11.22
N PRO A 103 -15.85 6.53 -11.88
CA PRO A 103 -16.39 6.49 -13.24
C PRO A 103 -15.37 5.92 -14.24
N ARG A 104 -15.80 4.95 -15.02
CA ARG A 104 -14.94 4.33 -16.03
C ARG A 104 -14.74 5.28 -17.20
N TYR A 105 -15.40 6.43 -17.13
CA TYR A 105 -15.30 7.47 -18.14
C TYR A 105 -14.18 8.43 -17.75
N PRO A 106 -13.26 8.73 -18.68
CA PRO A 106 -12.15 9.66 -18.43
C PRO A 106 -12.62 11.10 -18.31
N SER A 107 -13.02 11.49 -17.10
CA SER A 107 -13.46 12.85 -16.83
C SER A 107 -13.19 13.20 -15.36
N PRO A 108 -12.08 13.91 -15.11
CA PRO A 108 -11.69 14.32 -13.75
C PRO A 108 -12.51 15.49 -13.23
N PRO A 109 -12.77 15.54 -11.91
CA PRO A 109 -13.47 16.66 -11.28
C PRO A 109 -12.66 17.95 -11.34
N MET A 110 -13.35 19.08 -11.43
CA MET A 110 -12.69 20.36 -11.61
C MET A 110 -12.92 21.27 -10.40
N GLY A 111 -11.92 22.06 -10.07
CA GLY A 111 -12.05 23.00 -8.99
C GLY A 111 -10.90 22.93 -8.00
N SER A 112 -10.94 23.76 -6.97
CA SER A 112 -9.90 23.80 -5.96
C SER A 112 -9.93 22.55 -5.08
N VAL A 113 -11.09 21.90 -5.04
CA VAL A 113 -11.26 20.69 -4.24
C VAL A 113 -10.55 19.50 -4.90
N SER A 114 -10.29 19.63 -6.20
CA SER A 114 -9.63 18.59 -6.95
C SER A 114 -8.19 18.42 -6.50
N ALA A 115 -7.97 17.44 -5.62
CA ALA A 115 -6.64 17.17 -5.11
C ALA A 115 -6.45 15.67 -4.87
N PRO A 116 -5.37 15.10 -5.42
CA PRO A 116 -4.95 13.74 -5.15
C PRO A 116 -3.96 13.70 -3.98
N ASN A 117 -3.23 12.60 -3.84
CA ASN A 117 -2.20 12.53 -2.82
C ASN A 117 -0.84 12.71 -3.47
N LEU A 118 0.11 13.23 -2.69
CA LEU A 118 1.47 13.48 -3.16
C LEU A 118 1.51 14.33 -4.43
N PRO A 119 0.85 15.51 -4.46
CA PRO A 119 0.90 16.41 -5.60
C PRO A 119 2.17 17.26 -5.58
N THR A 120 2.61 17.60 -4.38
CA THR A 120 3.80 18.40 -4.18
C THR A 120 4.83 17.61 -3.37
N ALA A 121 5.96 18.26 -3.06
CA ALA A 121 6.99 17.64 -2.25
C ALA A 121 6.93 18.17 -0.83
N GLU A 122 5.84 18.84 -0.50
CA GLU A 122 5.67 19.47 0.79
C GLU A 122 5.34 18.43 1.85
N ASP A 123 5.77 18.68 3.08
CA ASP A 123 5.54 17.74 4.16
C ASP A 123 4.13 17.89 4.72
N ASN A 124 3.25 16.97 4.34
CA ASN A 124 1.90 16.94 4.86
C ASN A 124 1.64 15.64 5.62
N LEU A 125 1.02 14.68 4.96
CA LEU A 125 0.59 13.45 5.62
C LEU A 125 1.09 12.23 4.90
N GLU A 126 2.12 11.64 5.50
CA GLU A 126 2.68 10.35 5.11
C GLU A 126 4.02 10.13 5.84
N TYR A 127 4.98 11.05 5.75
CA TYR A 127 6.24 10.87 6.49
C TYR A 127 5.99 10.82 7.96
N VAL A 128 6.11 9.65 8.55
CA VAL A 128 6.06 9.51 9.98
C VAL A 128 7.21 8.68 10.50
N ARG A 129 7.87 9.16 11.53
CA ARG A 129 8.91 8.32 12.16
C ARG A 129 8.65 8.19 13.65
N THR A 130 8.78 6.98 14.15
CA THR A 130 8.43 6.69 15.53
C THR A 130 9.64 6.79 16.44
N LEU A 131 9.46 7.47 17.55
CA LEU A 131 10.56 7.74 18.47
C LEU A 131 10.34 6.98 19.78
N TYR A 132 9.23 6.24 19.85
CA TYR A 132 8.78 5.66 21.11
C TYR A 132 9.00 4.15 21.19
N ASP A 133 8.68 3.42 20.10
CA ASP A 133 8.74 1.95 20.06
C ASP A 133 7.49 1.35 20.70
N PHE A 134 6.57 0.89 19.86
CA PHE A 134 5.32 0.29 20.31
C PHE A 134 4.96 -0.87 19.38
N PRO A 135 5.03 -2.10 19.88
CA PRO A 135 4.71 -3.28 19.09
C PRO A 135 3.25 -3.70 19.22
N GLY A 136 2.41 -3.17 18.34
CA GLY A 136 0.99 -3.50 18.37
C GLY A 136 0.67 -4.83 17.72
N ASN A 137 1.69 -5.47 17.19
CA ASN A 137 1.53 -6.73 16.44
C ASN A 137 0.57 -6.56 15.25
N ASP A 138 0.48 -5.33 14.77
CA ASP A 138 -0.19 -4.97 13.51
C ASP A 138 -1.63 -5.47 13.35
N ALA A 139 -2.09 -5.37 12.09
CA ALA A 139 -3.43 -5.77 11.64
C ALA A 139 -4.40 -4.61 11.73
N GLU A 140 -4.38 -3.95 12.86
CA GLU A 140 -5.22 -2.79 13.12
C GLU A 140 -4.40 -1.80 13.92
N ASP A 141 -3.11 -2.09 13.92
CA ASP A 141 -2.11 -1.34 14.64
C ASP A 141 -0.80 -1.55 13.88
N LEU A 142 0.26 -0.88 14.24
CA LEU A 142 1.53 -1.10 13.58
C LEU A 142 2.65 -1.24 14.60
N PRO A 143 3.46 -2.30 14.51
CA PRO A 143 4.54 -2.54 15.45
C PRO A 143 5.80 -1.79 15.04
N PHE A 144 6.01 -0.65 15.67
CA PHE A 144 7.16 0.19 15.33
C PHE A 144 8.16 0.21 16.48
N LYS A 145 9.36 0.73 16.21
CA LYS A 145 10.42 0.68 17.19
C LYS A 145 11.01 2.05 17.48
N LYS A 146 12.07 2.06 18.27
CA LYS A 146 12.80 3.27 18.65
C LYS A 146 13.56 3.87 17.47
N GLY A 147 12.80 4.33 16.50
CA GLY A 147 13.40 4.88 15.30
C GLY A 147 12.95 4.13 14.07
N GLU A 148 11.65 3.94 13.96
CA GLU A 148 11.07 3.24 12.81
C GLU A 148 10.54 4.26 11.81
N ILE A 149 10.49 3.85 10.56
CA ILE A 149 10.14 4.74 9.48
C ILE A 149 8.78 4.34 8.90
N LEU A 150 7.90 5.32 8.66
CA LEU A 150 6.53 5.01 8.31
C LEU A 150 6.00 5.99 7.29
N VAL A 151 5.03 5.55 6.55
CA VAL A 151 4.32 6.40 5.63
C VAL A 151 2.82 6.32 5.94
N ILE A 152 2.19 7.44 6.14
CA ILE A 152 0.78 7.50 6.50
C ILE A 152 -0.09 7.19 5.31
N ILE A 153 -0.30 5.92 5.12
CA ILE A 153 -1.00 5.39 3.98
C ILE A 153 -2.52 5.48 4.17
N GLU A 154 -2.96 5.43 5.43
CA GLU A 154 -4.35 5.65 5.76
C GLU A 154 -4.41 6.68 6.90
N LYS A 155 -5.37 7.58 6.89
CA LYS A 155 -5.49 8.55 7.99
C LYS A 155 -6.94 8.72 8.43
N PRO A 156 -7.46 7.77 9.20
CA PRO A 156 -8.82 7.84 9.73
C PRO A 156 -8.96 8.99 10.73
N GLU A 157 -8.11 8.98 11.73
CA GLU A 157 -8.18 9.97 12.80
C GLU A 157 -7.05 10.98 12.68
N GLU A 158 -7.07 11.99 13.54
CA GLU A 158 -6.00 12.98 13.56
C GLU A 158 -5.03 12.65 14.67
N GLN A 159 -5.51 11.91 15.66
CA GLN A 159 -4.67 11.47 16.78
C GLN A 159 -3.99 10.15 16.45
N TRP A 160 -4.64 9.38 15.59
CA TRP A 160 -4.11 8.07 15.16
C TRP A 160 -3.99 8.01 13.64
N TRP A 161 -2.79 7.74 13.18
CA TRP A 161 -2.51 7.66 11.75
C TRP A 161 -2.17 6.21 11.38
N SER A 162 -2.67 5.74 10.27
CA SER A 162 -2.36 4.38 9.82
C SER A 162 -1.20 4.43 8.83
N ALA A 163 -0.04 3.95 9.25
CA ALA A 163 1.15 4.07 8.42
C ALA A 163 1.71 2.72 7.98
N ARG A 164 2.50 2.76 6.91
CA ARG A 164 3.23 1.59 6.43
C ARG A 164 4.63 1.59 7.03
N ASN A 165 4.95 0.56 7.80
CA ASN A 165 6.26 0.47 8.45
C ASN A 165 7.37 0.24 7.43
N LYS A 166 8.60 0.17 7.92
CA LYS A 166 9.79 0.09 7.06
C LYS A 166 9.77 -1.17 6.19
N ASP A 167 9.17 -2.25 6.67
CA ASP A 167 9.09 -3.48 5.90
C ASP A 167 7.79 -3.57 5.10
N GLY A 168 6.99 -2.51 5.14
CA GLY A 168 5.78 -2.46 4.34
C GLY A 168 4.58 -3.14 4.99
N ARG A 169 4.00 -2.50 6.00
CA ARG A 169 2.82 -3.01 6.67
C ARG A 169 1.99 -1.85 7.21
N VAL A 170 0.68 -1.92 7.08
CA VAL A 170 -0.19 -0.84 7.47
C VAL A 170 -0.90 -1.13 8.79
N GLY A 171 -0.75 -0.22 9.72
CA GLY A 171 -1.52 -0.27 10.94
C GLY A 171 -1.61 1.08 11.58
N MET A 172 -2.48 1.23 12.57
CA MET A 172 -2.68 2.51 13.22
C MET A 172 -1.58 2.77 14.24
N ILE A 173 -1.11 4.01 14.27
CA ILE A 173 -0.06 4.43 15.17
C ILE A 173 -0.39 5.82 15.75
N PRO A 174 0.02 6.09 16.99
CA PRO A 174 -0.24 7.37 17.64
C PRO A 174 0.69 8.48 17.16
N VAL A 175 0.10 9.62 16.82
CA VAL A 175 0.87 10.79 16.36
C VAL A 175 1.89 11.27 17.41
N PRO A 176 1.51 11.38 18.71
CA PRO A 176 2.46 11.79 19.77
C PRO A 176 3.59 10.77 20.00
N TYR A 177 3.56 9.66 19.26
CA TYR A 177 4.58 8.62 19.36
C TYR A 177 5.60 8.75 18.22
N VAL A 178 5.31 9.64 17.27
CA VAL A 178 6.01 9.68 15.99
C VAL A 178 6.18 11.13 15.52
N GLU A 179 6.87 11.34 14.39
CA GLU A 179 6.42 12.41 13.54
C GLU A 179 6.75 12.29 12.05
N LYS A 180 7.99 12.12 11.61
CA LYS A 180 8.20 12.21 10.14
C LYS A 180 9.31 11.32 9.58
N LEU A 181 9.02 10.59 8.46
CA LEU A 181 10.07 9.95 7.61
C LEU A 181 9.53 8.84 6.68
N VAL A 182 9.95 8.90 5.38
CA VAL A 182 9.57 7.92 4.33
C VAL A 182 8.07 8.01 3.94
N ARG A 183 7.81 8.00 2.60
CA ARG A 183 6.50 8.36 1.99
C ARG A 183 6.67 8.48 0.47
N SER A 184 7.91 8.74 0.05
CA SER A 184 8.26 8.94 -1.35
C SER A 184 7.63 7.90 -2.28
N SER A 185 7.07 8.38 -3.38
CA SER A 185 6.47 7.51 -4.38
C SER A 185 6.93 7.94 -5.78
N PRO A 186 6.78 7.06 -6.79
CA PRO A 186 7.13 7.39 -8.18
C PRO A 186 6.35 8.59 -8.71
N HIS A 187 7.05 9.47 -9.39
CA HIS A 187 6.46 10.67 -9.96
C HIS A 187 7.07 10.94 -11.32
N GLY A 188 6.56 11.95 -12.01
CA GLY A 188 7.18 12.37 -13.26
C GLY A 188 8.58 12.86 -13.03
N LYS A 189 8.77 13.58 -11.93
CA LYS A 189 10.09 14.07 -11.55
C LYS A 189 10.41 13.64 -10.11
N HIS A 190 11.41 12.78 -9.98
CA HIS A 190 11.88 12.35 -8.66
C HIS A 190 13.22 11.64 -8.80
N GLY A 191 13.34 10.80 -9.82
CA GLY A 191 14.55 10.04 -10.03
C GLY A 191 14.53 8.70 -9.31
N ASN A 192 15.22 7.72 -9.89
CA ASN A 192 15.30 6.39 -9.32
C ASN A 192 16.65 6.19 -8.63
N ARG A 193 16.60 5.83 -7.35
CA ARG A 193 17.81 5.59 -6.57
C ARG A 193 17.63 4.37 -5.69
N ASN A 194 16.46 4.29 -5.06
CA ASN A 194 16.11 3.18 -4.16
C ASN A 194 17.04 3.17 -2.94
N SER A 195 18.05 2.32 -2.98
CA SER A 195 19.02 2.21 -1.91
C SER A 195 20.04 1.13 -2.24
N ASN A 196 21.25 1.30 -1.74
CA ASN A 196 22.28 0.27 -1.86
C ASN A 196 22.12 -0.71 -0.72
N SER A 197 22.75 -1.88 -0.85
CA SER A 197 22.64 -2.94 0.16
C SER A 197 21.20 -3.44 0.22
N TYR A 198 20.85 -4.09 1.34
CA TYR A 198 19.50 -4.64 1.56
C TYR A 198 19.25 -5.84 0.65
N GLY A 199 18.96 -6.98 1.26
CA GLY A 199 18.69 -8.19 0.50
C GLY A 199 17.27 -8.22 -0.01
N ILE A 200 16.97 -7.33 -0.95
CA ILE A 200 15.63 -7.23 -1.52
C ILE A 200 15.69 -7.20 -3.05
N PRO A 201 14.61 -7.68 -3.69
CA PRO A 201 14.47 -7.61 -5.15
C PRO A 201 13.88 -6.26 -5.58
N GLU A 202 13.50 -6.15 -6.85
CA GLU A 202 12.90 -4.94 -7.38
C GLU A 202 11.41 -5.17 -7.69
N PRO A 203 10.52 -4.81 -6.76
CA PRO A 203 9.08 -4.97 -6.95
C PRO A 203 8.53 -3.98 -7.97
N ALA A 204 8.91 -2.71 -7.83
CA ALA A 204 8.46 -1.65 -8.72
C ALA A 204 9.19 -0.36 -8.38
N HIS A 205 8.86 0.21 -7.23
CA HIS A 205 9.56 1.37 -6.69
C HIS A 205 8.92 1.77 -5.36
N ALA A 206 7.65 2.12 -5.40
CA ALA A 206 6.92 2.52 -4.20
C ALA A 206 5.42 2.61 -4.47
N ALA A 208 1.32 1.75 -2.27
CA ALA A 208 0.67 1.60 -0.99
C ALA A 208 0.55 0.13 -0.64
N GLN A 209 1.50 -0.34 0.14
CA GLN A 209 1.57 -1.73 0.56
C GLN A 209 1.06 -1.89 2.00
N PRO A 210 -0.14 -2.45 2.16
CA PRO A 210 -0.75 -2.73 3.46
C PRO A 210 -0.36 -4.09 4.02
N GLN A 211 -0.89 -4.42 5.20
CA GLN A 211 -0.69 -5.74 5.79
C GLN A 211 -1.47 -5.89 7.08
N THR A 212 -2.26 -6.95 7.15
CA THR A 212 -3.02 -7.28 8.33
C THR A 212 -2.69 -8.72 8.77
N THR A 213 -2.63 -8.95 10.08
CA THR A 213 -2.35 -10.28 10.61
C THR A 213 -3.27 -11.32 9.99
N THR A 214 -2.71 -12.14 9.11
CA THR A 214 -3.47 -13.16 8.41
C THR A 214 -3.89 -14.30 9.36
N PRO A 215 -2.95 -14.92 10.11
CA PRO A 215 -3.29 -16.00 11.03
C PRO A 215 -4.08 -15.50 12.23
N LEU A 216 -5.36 -15.81 12.26
CA LEU A 216 -6.22 -15.41 13.36
C LEU A 216 -6.85 -16.64 14.01
N PRO A 217 -6.33 -17.06 15.16
CA PRO A 217 -6.84 -18.20 15.91
C PRO A 217 -8.06 -17.83 16.76
N ALA A 218 -9.23 -18.29 16.35
CA ALA A 218 -10.45 -18.06 17.11
C ALA A 218 -10.60 -19.14 18.18
N VAL A 219 -10.68 -20.39 17.73
CA VAL A 219 -10.75 -21.53 18.62
C VAL A 219 -9.60 -22.48 18.34
N SER A 220 -9.33 -22.70 17.07
CA SER A 220 -8.24 -23.57 16.65
C SER A 220 -6.93 -22.78 16.59
N GLY A 221 -5.87 -23.36 17.13
CA GLY A 221 -4.59 -22.70 17.12
C GLY A 221 -3.85 -22.95 18.41
N SER A 222 -4.21 -22.21 19.45
CA SER A 222 -3.60 -22.38 20.76
C SER A 222 -4.52 -21.82 21.84
N PRO A 223 -5.20 -22.71 22.58
CA PRO A 223 -6.02 -22.32 23.72
C PRO A 223 -5.16 -22.13 24.98
N GLY A 224 -3.88 -21.90 24.76
CA GLY A 224 -2.95 -21.68 25.83
C GLY A 224 -1.72 -20.95 25.35
N ALA A 225 -0.61 -21.15 26.07
CA ALA A 225 0.67 -20.49 25.76
C ALA A 225 0.60 -18.99 26.01
N ALA A 226 -0.10 -18.28 25.12
CA ALA A 226 -0.27 -16.81 25.20
C ALA A 226 1.04 -16.07 24.92
N ILE A 227 2.06 -16.34 25.74
CA ILE A 227 3.35 -15.70 25.59
C ILE A 227 4.08 -16.24 24.35
N THR A 228 3.94 -17.54 24.12
CA THR A 228 4.58 -18.18 22.99
C THR A 228 3.78 -17.94 21.70
N PRO A 229 4.44 -17.46 20.64
CA PRO A 229 3.79 -17.22 19.34
C PRO A 229 3.28 -18.52 18.72
N LEU A 230 2.26 -18.40 17.88
CA LEU A 230 1.65 -19.56 17.25
C LEU A 230 2.31 -19.86 15.91
N PRO A 231 2.61 -21.15 15.65
CA PRO A 231 3.19 -21.58 14.38
C PRO A 231 2.15 -21.56 13.26
N SER A 232 2.26 -20.59 12.38
CA SER A 232 1.35 -20.49 11.25
C SER A 232 1.87 -21.34 10.10
N THR A 233 3.18 -21.42 10.02
CA THR A 233 3.86 -22.22 9.03
C THR A 233 5.00 -23.00 9.70
N GLN A 234 5.29 -24.19 9.20
CA GLN A 234 6.39 -24.98 9.73
C GLN A 234 7.72 -24.34 9.37
N ASN A 235 7.78 -23.79 8.16
CA ASN A 235 8.93 -23.01 7.73
C ASN A 235 8.66 -21.53 7.99
N GLY A 236 9.63 -20.67 7.77
CA GLY A 236 9.40 -19.26 8.02
C GLY A 236 10.51 -18.37 7.48
N PRO A 237 10.26 -17.06 7.36
CA PRO A 237 11.26 -16.10 6.93
C PRO A 237 12.28 -15.82 8.05
N VAL A 238 13.44 -16.42 7.92
CA VAL A 238 14.47 -16.33 8.96
C VAL A 238 15.71 -15.62 8.44
N PHE A 239 16.37 -14.86 9.32
CA PHE A 239 17.59 -14.15 8.96
C PHE A 239 18.79 -15.07 8.99
N ALA A 240 19.53 -15.09 7.89
CA ALA A 240 20.76 -15.84 7.81
C ALA A 240 21.84 -15.00 7.14
N LYS A 241 23.01 -14.93 7.74
CA LYS A 241 24.10 -14.19 7.14
C LYS A 241 25.02 -15.17 6.41
N ALA A 242 25.27 -14.89 5.14
CA ALA A 242 26.12 -15.74 4.34
C ALA A 242 27.58 -15.59 4.74
N ILE A 243 28.14 -16.65 5.32
CA ILE A 243 29.51 -16.62 5.79
C ILE A 243 30.50 -17.02 4.70
N GLN A 244 29.96 -17.52 3.60
CA GLN A 244 30.77 -17.84 2.44
C GLN A 244 30.29 -17.03 1.24
N LYS A 245 31.06 -17.00 0.17
CA LYS A 245 30.63 -16.28 -1.02
C LYS A 245 30.51 -17.22 -2.22
N ARG A 246 29.45 -17.02 -2.98
CA ARG A 246 29.12 -17.88 -4.11
C ARG A 246 28.63 -17.02 -5.27
N VAL A 247 29.36 -17.06 -6.37
CA VAL A 247 29.01 -16.29 -7.56
C VAL A 247 28.33 -17.21 -8.58
N PRO A 248 27.19 -16.78 -9.13
CA PRO A 248 26.47 -17.54 -10.15
C PRO A 248 27.18 -17.49 -11.51
N CYS A 249 27.42 -18.64 -12.09
CA CYS A 249 28.11 -18.73 -13.37
C CYS A 249 27.13 -18.54 -14.53
N ALA A 250 27.62 -18.63 -15.76
CA ALA A 250 26.80 -18.42 -16.95
C ALA A 250 25.77 -19.52 -17.12
N TYR A 251 25.98 -20.63 -16.42
CA TYR A 251 25.07 -21.76 -16.48
C TYR A 251 24.52 -22.09 -15.11
N ASP A 252 24.39 -21.06 -14.27
CA ASP A 252 23.87 -21.24 -12.92
C ASP A 252 22.43 -21.69 -12.96
N LYS A 253 22.17 -22.80 -12.28
CA LYS A 253 20.82 -23.31 -12.19
C LYS A 253 20.20 -22.87 -10.89
N THR A 254 19.61 -21.68 -10.94
CA THR A 254 18.89 -21.06 -9.82
C THR A 254 19.82 -20.85 -8.62
N ALA A 255 21.05 -20.47 -8.92
CA ALA A 255 22.05 -20.25 -7.89
C ALA A 255 22.04 -18.79 -7.44
N LEU A 256 21.47 -18.54 -6.27
CA LEU A 256 21.42 -17.20 -5.71
C LEU A 256 22.81 -16.73 -5.35
N ALA A 257 23.17 -15.52 -5.77
CA ALA A 257 24.46 -14.93 -5.47
C ALA A 257 24.51 -14.46 -4.02
N LEU A 258 25.43 -15.00 -3.25
CA LEU A 258 25.55 -14.65 -1.84
C LEU A 258 27.00 -14.48 -1.44
N GLU A 259 27.38 -13.26 -1.12
CA GLU A 259 28.74 -12.97 -0.70
C GLU A 259 28.80 -12.94 0.83
N VAL A 260 30.01 -12.84 1.38
CA VAL A 260 30.19 -12.84 2.82
C VAL A 260 29.64 -11.55 3.43
N GLY A 261 28.51 -11.65 4.10
CA GLY A 261 27.90 -10.50 4.70
C GLY A 261 26.47 -10.29 4.22
N ASP A 262 26.06 -11.06 3.21
CA ASP A 262 24.72 -10.93 2.66
C ASP A 262 23.68 -11.40 3.66
N ILE A 263 22.66 -10.57 3.86
CA ILE A 263 21.54 -10.93 4.70
C ILE A 263 20.49 -11.65 3.87
N VAL A 264 20.36 -12.94 4.08
CA VAL A 264 19.47 -13.77 3.29
C VAL A 264 18.06 -13.73 3.84
N LYS A 265 17.18 -13.04 3.14
CA LYS A 265 15.76 -13.08 3.45
C LYS A 265 15.12 -14.29 2.77
N VAL A 266 15.05 -15.40 3.50
CA VAL A 266 14.48 -16.60 2.95
C VAL A 266 12.97 -16.61 3.17
N THR A 267 12.22 -16.79 2.09
CA THR A 267 10.77 -16.74 2.15
C THR A 267 10.17 -18.15 2.17
N ARG A 268 10.82 -19.08 1.50
CA ARG A 268 10.36 -20.45 1.47
C ARG A 268 11.47 -21.39 1.90
N MET A 269 11.44 -21.81 3.16
CA MET A 269 12.40 -22.77 3.66
C MET A 269 11.95 -24.18 3.35
N ASN A 270 12.62 -24.82 2.40
CA ASN A 270 12.37 -26.21 2.09
C ASN A 270 12.70 -27.07 3.30
N ILE A 271 11.74 -27.86 3.73
CA ILE A 271 11.87 -28.65 4.96
C ILE A 271 12.77 -29.85 4.74
N ASN A 272 14.05 -29.58 4.54
CA ASN A 272 15.06 -30.62 4.29
C ASN A 272 16.43 -29.99 4.18
N GLY A 273 16.61 -29.26 3.09
CA GLY A 273 17.89 -28.83 2.66
C GLY A 273 17.75 -28.05 1.39
N GLN A 274 18.56 -27.05 1.29
CA GLN A 274 18.53 -26.03 0.24
C GLN A 274 17.22 -25.21 0.33
N TRP A 275 17.36 -23.91 0.55
CA TRP A 275 16.20 -23.08 0.78
C TRP A 275 16.02 -22.07 -0.35
N GLU A 276 14.86 -21.42 -0.36
CA GLU A 276 14.54 -20.46 -1.41
C GLU A 276 14.22 -19.10 -0.80
N GLY A 277 15.05 -18.12 -1.10
CA GLY A 277 14.83 -16.77 -0.60
C GLY A 277 15.18 -15.75 -1.65
N GLU A 278 14.63 -14.55 -1.52
CA GLU A 278 14.86 -13.50 -2.52
C GLU A 278 15.87 -12.49 -2.01
N VAL A 279 17.06 -12.52 -2.58
CA VAL A 279 18.15 -11.67 -2.10
C VAL A 279 18.84 -10.98 -3.27
N ASN A 280 19.18 -9.69 -3.05
CA ASN A 280 19.98 -8.87 -3.96
C ASN A 280 19.61 -9.02 -5.44
N GLY A 281 18.34 -9.26 -5.71
CA GLY A 281 17.89 -9.39 -7.07
C GLY A 281 16.69 -10.31 -7.21
N ARG A 282 16.84 -11.57 -6.82
CA ARG A 282 15.80 -12.56 -7.03
C ARG A 282 15.96 -13.74 -6.07
N LYS A 283 15.01 -14.66 -6.13
CA LYS A 283 15.06 -15.86 -5.31
C LYS A 283 15.85 -16.95 -6.01
N GLY A 284 16.61 -17.67 -5.23
CA GLY A 284 17.38 -18.78 -5.74
C GLY A 284 17.65 -19.79 -4.65
N LEU A 285 18.23 -20.92 -5.01
CA LEU A 285 18.52 -21.96 -4.05
C LEU A 285 19.91 -21.77 -3.49
N PHE A 286 20.01 -21.76 -2.18
CA PHE A 286 21.30 -21.62 -1.51
C PHE A 286 21.47 -22.76 -0.51
N PRO A 287 22.63 -23.44 -0.55
CA PRO A 287 23.00 -24.44 0.46
C PRO A 287 23.00 -23.86 1.87
N PHE A 288 22.47 -24.62 2.82
CA PHE A 288 22.35 -24.15 4.19
C PHE A 288 23.71 -24.07 4.88
N THR A 289 24.70 -24.76 4.33
CA THR A 289 26.05 -24.73 4.88
C THR A 289 26.78 -23.46 4.44
N HIS A 290 26.10 -22.64 3.66
CA HIS A 290 26.67 -21.41 3.14
C HIS A 290 26.30 -20.23 4.03
N VAL A 291 25.26 -20.40 4.84
CA VAL A 291 24.75 -19.34 5.67
C VAL A 291 24.65 -19.79 7.12
N LYS A 292 24.51 -18.84 8.02
CA LYS A 292 24.32 -19.16 9.44
C LYS A 292 23.09 -18.46 9.99
N ILE A 293 22.16 -19.25 10.51
CA ILE A 293 20.93 -18.72 11.08
C ILE A 293 21.23 -18.00 12.39
N PHE A 294 20.87 -16.73 12.46
CA PHE A 294 21.13 -15.95 13.65
C PHE A 294 19.90 -15.12 14.01
N ASP A 295 19.71 -14.90 15.31
CA ASP A 295 18.62 -14.07 15.78
C ASP A 295 18.94 -12.61 15.47
N PRO A 296 18.00 -11.89 14.84
CA PRO A 296 18.20 -10.49 14.42
C PRO A 296 18.59 -9.56 15.58
N GLN A 297 18.33 -9.99 16.80
CA GLN A 297 18.66 -9.20 17.97
C GLN A 297 20.11 -9.45 18.42
N ASN A 298 20.90 -10.05 17.55
CA ASN A 298 22.30 -10.31 17.86
C ASN A 298 23.22 -9.53 16.94
N PRO A 299 23.70 -8.38 17.40
CA PRO A 299 24.74 -7.62 16.73
C PRO A 299 26.11 -7.91 17.33
N ASP A 300 26.19 -9.05 18.01
CA ASP A 300 27.39 -9.50 18.73
C ASP A 300 27.60 -8.69 20.01
N GLU A 301 27.32 -7.41 19.90
CA GLU A 301 27.37 -6.47 21.02
C GLU A 301 27.34 -5.09 20.41
N ASN A 302 28.14 -4.96 19.36
CA ASN A 302 28.32 -3.71 18.61
C ASN A 302 29.57 -3.83 17.77
N GLU A 303 30.66 -4.20 18.45
CA GLU A 303 31.96 -4.36 17.83
C GLU A 303 32.42 -3.06 17.20
N MET A 1 -27.95 -2.09 7.33
CA MET A 1 -27.34 -0.84 6.85
C MET A 1 -26.43 -1.10 5.66
N SER A 2 -26.55 -0.26 4.64
CA SER A 2 -25.74 -0.40 3.45
C SER A 2 -24.76 0.77 3.35
N SER A 3 -23.63 0.63 4.02
CA SER A 3 -22.60 1.65 4.03
C SER A 3 -21.86 1.65 2.69
N ALA A 4 -21.66 0.44 2.17
CA ALA A 4 -20.98 0.25 0.90
C ALA A 4 -21.82 -0.67 0.01
N ARG A 5 -22.10 -0.24 -1.20
CA ARG A 5 -22.95 -1.02 -2.08
C ARG A 5 -22.44 -0.95 -3.52
N PHE A 6 -21.61 -1.90 -3.88
CA PHE A 6 -21.09 -2.01 -5.23
C PHE A 6 -20.87 -3.48 -5.57
N ASP A 7 -21.04 -3.82 -6.84
CA ASP A 7 -20.88 -5.20 -7.26
C ASP A 7 -19.41 -5.54 -7.41
N SER A 8 -18.84 -6.15 -6.37
CA SER A 8 -17.46 -6.57 -6.38
C SER A 8 -17.27 -7.74 -7.34
N SER A 9 -17.30 -7.43 -8.63
CA SER A 9 -17.11 -8.41 -9.68
C SER A 9 -17.11 -7.73 -11.04
N ASP A 10 -18.04 -6.80 -11.25
CA ASP A 10 -18.21 -6.21 -12.57
C ASP A 10 -17.05 -5.28 -12.91
N ARG A 11 -16.20 -5.73 -13.82
CA ARG A 11 -15.05 -4.96 -14.26
C ARG A 11 -15.47 -3.62 -14.83
N SER A 12 -16.64 -3.57 -15.44
CA SER A 12 -17.13 -2.35 -16.06
C SER A 12 -17.50 -1.30 -15.01
N ALA A 13 -17.50 -1.69 -13.75
CA ALA A 13 -17.88 -0.77 -12.68
C ALA A 13 -16.67 -0.05 -12.11
N TRP A 14 -15.61 -0.80 -11.81
CA TRP A 14 -14.48 -0.26 -11.06
C TRP A 14 -13.16 -0.30 -11.85
N TYR A 15 -13.08 -1.13 -12.87
CA TYR A 15 -11.83 -1.32 -13.59
C TYR A 15 -11.63 -0.20 -14.63
N MET A 16 -10.52 0.51 -14.51
CA MET A 16 -10.24 1.64 -15.40
C MET A 16 -9.25 1.24 -16.49
N GLY A 17 -8.69 0.04 -16.33
CA GLY A 17 -7.68 -0.46 -17.26
C GLY A 17 -6.54 0.51 -17.49
N PRO A 18 -6.40 1.04 -18.71
CA PRO A 18 -5.29 1.93 -19.08
C PRO A 18 -5.31 3.27 -18.36
N VAL A 19 -4.64 3.33 -17.21
CA VAL A 19 -4.49 4.56 -16.43
C VAL A 19 -3.04 4.63 -15.94
N SER A 20 -2.73 5.38 -14.86
CA SER A 20 -1.36 5.66 -14.50
C SER A 20 -1.35 6.54 -13.26
N ARG A 21 -0.17 6.81 -12.74
CA ARG A 21 0.02 7.62 -11.54
C ARG A 21 -0.85 8.90 -11.58
N GLN A 22 -0.53 9.80 -12.51
CA GLN A 22 -1.18 11.12 -12.56
C GLN A 22 -2.66 11.01 -12.84
N GLU A 23 -3.02 10.32 -13.92
CA GLU A 23 -4.41 10.19 -14.35
C GLU A 23 -5.28 9.65 -13.23
N ALA A 24 -4.81 8.59 -12.59
CA ALA A 24 -5.53 7.99 -11.47
C ALA A 24 -5.78 9.01 -10.35
N GLN A 25 -4.76 9.80 -10.05
CA GLN A 25 -4.83 10.71 -8.92
C GLN A 25 -5.60 11.98 -9.25
N THR A 26 -5.52 12.44 -10.50
CA THR A 26 -6.20 13.66 -10.88
C THR A 26 -7.72 13.46 -11.01
N ARG A 27 -8.15 12.21 -11.14
CA ARG A 27 -9.58 11.92 -11.20
C ARG A 27 -10.11 11.49 -9.84
N LEU A 28 -9.19 11.24 -8.90
CA LEU A 28 -9.58 10.89 -7.54
C LEU A 28 -9.24 11.99 -6.55
N GLN A 29 -8.66 13.09 -7.03
CA GLN A 29 -8.22 14.16 -6.14
C GLN A 29 -9.42 14.85 -5.49
N GLY A 30 -9.57 14.60 -4.21
CA GLY A 30 -10.70 15.11 -3.48
C GLY A 30 -11.81 14.08 -3.41
N GLN A 31 -12.51 13.93 -4.53
CA GLN A 31 -13.69 13.05 -4.63
C GLN A 31 -14.61 13.22 -3.43
N ARG A 32 -15.45 12.22 -3.18
CA ARG A 32 -16.32 12.26 -2.00
C ARG A 32 -15.76 11.39 -0.91
N HIS A 33 -14.55 10.86 -1.13
CA HIS A 33 -13.89 9.96 -0.19
C HIS A 33 -14.63 8.62 -0.13
N GLY A 34 -13.92 7.54 -0.40
CA GLY A 34 -14.55 6.23 -0.51
C GLY A 34 -14.72 5.83 -1.95
N MET A 35 -14.01 6.51 -2.82
CA MET A 35 -14.05 6.26 -4.25
C MET A 35 -12.77 5.55 -4.65
N PHE A 36 -12.89 4.51 -5.46
CA PHE A 36 -11.72 3.71 -5.82
C PHE A 36 -11.73 3.31 -7.28
N LEU A 37 -10.57 2.90 -7.78
CA LEU A 37 -10.46 2.38 -9.13
C LEU A 37 -9.25 1.46 -9.25
N VAL A 38 -9.41 0.40 -10.03
CA VAL A 38 -8.33 -0.52 -10.30
C VAL A 38 -7.92 -0.37 -11.76
N ARG A 39 -6.63 -0.19 -12.00
CA ARG A 39 -6.13 0.03 -13.34
C ARG A 39 -4.98 -0.92 -13.65
N ASP A 40 -4.53 -0.92 -14.88
CA ASP A 40 -3.31 -1.62 -15.25
C ASP A 40 -2.13 -0.70 -14.97
N SER A 41 -1.11 -1.22 -14.33
CA SER A 41 0.01 -0.41 -13.90
C SER A 41 0.98 -0.14 -15.05
N SER A 42 1.60 1.03 -15.01
CA SER A 42 2.59 1.40 -16.00
C SER A 42 3.99 1.15 -15.43
N THR A 43 4.10 0.11 -14.61
CA THR A 43 5.36 -0.24 -13.98
C THR A 43 5.63 -1.75 -14.06
N CYS A 44 4.56 -2.54 -14.12
CA CYS A 44 4.70 -3.98 -14.23
C CYS A 44 3.55 -4.58 -15.04
N PRO A 45 3.88 -5.22 -16.18
CA PRO A 45 2.88 -5.82 -17.06
C PRO A 45 2.10 -6.93 -16.36
N GLY A 46 0.79 -6.73 -16.24
CA GLY A 46 -0.06 -7.72 -15.61
C GLY A 46 -0.46 -7.34 -14.20
N ASP A 47 0.32 -6.47 -13.58
CA ASP A 47 0.04 -6.02 -12.22
C ASP A 47 -0.86 -4.79 -12.25
N TYR A 48 -1.65 -4.60 -11.21
CA TYR A 48 -2.66 -3.55 -11.19
C TYR A 48 -2.42 -2.56 -10.05
N VAL A 49 -3.22 -1.50 -10.00
CA VAL A 49 -3.11 -0.49 -8.94
C VAL A 49 -4.49 0.02 -8.54
N LEU A 50 -4.91 -0.36 -7.34
CA LEU A 50 -6.15 0.13 -6.74
C LEU A 50 -5.91 1.47 -6.04
N SER A 51 -6.28 2.53 -6.71
CA SER A 51 -6.14 3.86 -6.13
C SER A 51 -7.46 4.29 -5.50
N VAL A 52 -7.40 4.70 -4.25
CA VAL A 52 -8.59 5.08 -3.51
C VAL A 52 -8.46 6.49 -2.98
N SER A 53 -9.52 7.28 -3.09
CA SER A 53 -9.48 8.65 -2.64
C SER A 53 -10.08 8.80 -1.24
N GLU A 54 -9.29 9.35 -0.32
CA GLU A 54 -9.78 9.65 1.03
C GLU A 54 -9.11 10.93 1.50
N ASN A 55 -9.48 11.42 2.69
CA ASN A 55 -9.20 12.83 3.11
C ASN A 55 -7.82 13.36 2.63
N SER A 56 -7.86 14.08 1.50
CA SER A 56 -6.66 14.61 0.83
C SER A 56 -5.50 13.60 0.90
N ARG A 57 -5.77 12.42 0.40
CA ARG A 57 -5.02 11.22 0.75
C ARG A 57 -5.36 10.08 -0.19
N VAL A 58 -5.24 10.31 -1.49
CA VAL A 58 -5.57 9.28 -2.46
C VAL A 58 -4.45 8.25 -2.51
N SER A 59 -4.67 7.16 -1.79
CA SER A 59 -3.69 6.12 -1.60
C SER A 59 -3.73 5.08 -2.72
N HIS A 60 -2.60 4.93 -3.39
CA HIS A 60 -2.48 4.03 -4.53
C HIS A 60 -1.94 2.67 -4.10
N TYR A 61 -2.83 1.68 -3.92
CA TYR A 61 -2.44 0.34 -3.45
C TYR A 61 -2.25 -0.62 -4.63
N ILE A 62 -1.03 -1.12 -4.83
CA ILE A 62 -0.72 -1.99 -5.96
C ILE A 62 -1.17 -3.45 -5.71
N ILE A 63 -1.82 -4.04 -6.71
CA ILE A 63 -2.24 -5.44 -6.67
C ILE A 63 -1.41 -6.28 -7.64
N ASN A 64 -0.71 -7.26 -7.10
CA ASN A 64 0.18 -8.11 -7.89
C ASN A 64 -0.57 -9.25 -8.54
N SER A 65 -0.26 -9.52 -9.78
CA SER A 65 -0.82 -10.66 -10.46
C SER A 65 0.04 -11.88 -10.19
N LEU A 66 -0.43 -12.73 -9.29
CA LEU A 66 0.33 -13.90 -8.87
C LEU A 66 0.11 -15.06 -9.84
N PRO A 67 1.19 -15.81 -10.15
CA PRO A 67 1.14 -16.93 -11.08
C PRO A 67 0.23 -18.07 -10.62
N ASN A 68 0.00 -18.15 -9.32
CA ASN A 68 -0.90 -19.16 -8.77
C ASN A 68 -2.35 -18.69 -8.82
N ARG A 69 -2.57 -17.67 -9.65
CA ARG A 69 -3.90 -17.08 -9.86
C ARG A 69 -4.44 -16.48 -8.56
N ARG A 70 -3.68 -15.56 -8.01
CA ARG A 70 -4.08 -14.80 -6.84
C ARG A 70 -3.68 -13.35 -7.01
N PHE A 71 -4.13 -12.50 -6.11
CA PHE A 71 -3.78 -11.09 -6.18
C PHE A 71 -3.28 -10.60 -4.83
N LYS A 72 -2.01 -10.21 -4.80
CA LYS A 72 -1.37 -9.80 -3.58
C LYS A 72 -1.19 -8.28 -3.58
N ILE A 73 -2.08 -7.59 -2.88
CA ILE A 73 -2.02 -6.13 -2.84
C ILE A 73 -1.04 -5.65 -1.78
N GLY A 74 0.25 -5.70 -2.14
CA GLY A 74 1.28 -5.10 -1.31
C GLY A 74 1.79 -6.00 -0.20
N ASP A 75 1.07 -7.06 0.14
CA ASP A 75 1.45 -7.94 1.26
C ASP A 75 0.43 -9.03 1.48
N GLN A 76 -0.78 -8.63 1.85
CA GLN A 76 -1.84 -9.58 2.15
C GLN A 76 -2.24 -10.35 0.91
N GLU A 77 -2.28 -11.66 1.02
CA GLU A 77 -2.61 -12.53 -0.10
C GLU A 77 -4.12 -12.72 -0.18
N PHE A 78 -4.74 -12.12 -1.17
CA PHE A 78 -6.15 -12.34 -1.43
C PHE A 78 -6.27 -13.22 -2.67
N ASP A 79 -7.32 -14.02 -2.71
CA ASP A 79 -7.49 -15.01 -3.76
C ASP A 79 -7.87 -14.36 -5.09
N HIS A 80 -8.48 -13.20 -5.02
CA HIS A 80 -8.91 -12.49 -6.23
C HIS A 80 -9.12 -11.00 -5.94
N LEU A 81 -9.29 -10.20 -6.99
CA LEU A 81 -9.46 -8.76 -6.84
C LEU A 81 -10.64 -8.40 -5.94
N PRO A 82 -11.86 -8.89 -6.24
CA PRO A 82 -13.05 -8.61 -5.41
C PRO A 82 -12.94 -9.18 -3.99
N ALA A 83 -11.86 -9.89 -3.69
CA ALA A 83 -11.68 -10.46 -2.36
C ALA A 83 -10.98 -9.47 -1.45
N LEU A 84 -10.09 -8.68 -2.03
CA LEU A 84 -9.40 -7.66 -1.25
C LEU A 84 -10.30 -6.45 -1.07
N LEU A 85 -11.21 -6.28 -2.00
CA LEU A 85 -12.18 -5.19 -1.96
C LEU A 85 -13.15 -5.39 -0.80
N GLU A 86 -13.41 -6.65 -0.45
CA GLU A 86 -14.31 -6.96 0.65
C GLU A 86 -13.58 -6.89 1.99
N PHE A 87 -12.25 -6.86 1.95
CA PHE A 87 -11.45 -6.77 3.17
C PHE A 87 -11.31 -5.32 3.60
N TYR A 88 -11.15 -4.44 2.62
CA TYR A 88 -11.03 -3.01 2.87
C TYR A 88 -12.42 -2.39 3.06
N LYS A 89 -13.44 -3.22 2.97
CA LYS A 89 -14.81 -2.81 3.22
C LYS A 89 -15.06 -2.62 4.72
N ILE A 90 -14.24 -3.25 5.57
CA ILE A 90 -14.41 -3.13 7.02
C ILE A 90 -13.15 -2.59 7.69
N HIS A 91 -12.02 -2.72 7.00
CA HIS A 91 -10.73 -2.30 7.52
C HIS A 91 -10.48 -0.81 7.31
N TYR A 92 -11.23 -0.24 6.35
CA TYR A 92 -10.97 1.12 5.87
C TYR A 92 -9.70 1.14 5.02
N LEU A 93 -9.54 2.19 4.23
CA LEU A 93 -8.29 2.47 3.56
C LEU A 93 -7.69 3.76 4.08
N ASP A 94 -8.49 4.48 4.85
CA ASP A 94 -8.05 5.70 5.49
C ASP A 94 -8.94 6.00 6.69
N THR A 95 -10.12 6.56 6.43
CA THR A 95 -11.05 6.86 7.50
C THR A 95 -12.45 6.37 7.12
N THR A 96 -12.64 6.09 5.83
CA THR A 96 -13.86 5.49 5.35
C THR A 96 -13.50 4.17 4.65
N THR A 97 -14.49 3.49 4.10
CA THR A 97 -14.25 2.22 3.46
C THR A 97 -14.51 2.28 1.96
N LEU A 98 -14.29 1.17 1.27
CA LEU A 98 -14.64 1.07 -0.13
C LEU A 98 -16.15 1.18 -0.29
N ILE A 99 -16.61 2.38 -0.61
CA ILE A 99 -18.03 2.65 -0.72
C ILE A 99 -18.53 2.30 -2.12
N GLU A 100 -18.03 3.03 -3.11
CA GLU A 100 -18.42 2.81 -4.51
C GLU A 100 -17.26 3.18 -5.43
N PRO A 101 -17.20 2.58 -6.62
CA PRO A 101 -16.14 2.86 -7.61
C PRO A 101 -16.24 4.27 -8.17
N ALA A 102 -15.11 4.79 -8.63
CA ALA A 102 -15.07 6.08 -9.28
C ALA A 102 -15.61 5.98 -10.70
N PRO A 103 -16.07 7.09 -11.29
CA PRO A 103 -16.53 7.12 -12.68
C PRO A 103 -15.37 7.06 -13.66
N ARG A 104 -15.52 6.24 -14.69
CA ARG A 104 -14.51 6.15 -15.74
C ARG A 104 -14.57 7.41 -16.60
N TYR A 105 -13.41 8.08 -16.70
CA TYR A 105 -13.25 9.37 -17.43
C TYR A 105 -14.32 10.40 -16.99
N PRO A 106 -14.30 11.64 -17.55
CA PRO A 106 -15.36 12.63 -17.29
C PRO A 106 -16.75 12.04 -17.53
N SER A 107 -17.47 11.84 -16.44
CA SER A 107 -18.76 11.17 -16.49
C SER A 107 -19.73 11.90 -17.42
N PRO A 108 -20.55 11.15 -18.17
CA PRO A 108 -21.59 11.72 -19.02
C PRO A 108 -22.55 12.61 -18.22
N PRO A 109 -23.09 13.66 -18.85
CA PRO A 109 -23.98 14.63 -18.18
C PRO A 109 -25.37 14.07 -17.87
N MET A 110 -25.42 12.77 -17.57
CA MET A 110 -26.66 12.11 -17.20
C MET A 110 -26.78 12.02 -15.69
N GLY A 111 -25.65 12.12 -15.01
CA GLY A 111 -25.65 12.04 -13.56
C GLY A 111 -24.28 11.71 -13.01
N SER A 112 -23.50 12.73 -12.74
CA SER A 112 -22.17 12.55 -12.16
C SER A 112 -22.15 13.12 -10.74
N VAL A 113 -23.09 14.02 -10.46
CA VAL A 113 -23.22 14.65 -9.15
C VAL A 113 -22.00 15.51 -8.82
N SER A 114 -22.01 16.72 -9.34
CA SER A 114 -20.93 17.66 -9.09
C SER A 114 -21.19 18.42 -7.79
N ALA A 115 -20.75 17.83 -6.69
CA ALA A 115 -20.91 18.43 -5.37
C ALA A 115 -19.70 18.14 -4.48
N PRO A 116 -19.21 16.87 -4.43
CA PRO A 116 -17.98 16.53 -3.71
C PRO A 116 -16.73 16.98 -4.48
N ASN A 117 -15.72 16.13 -4.53
CA ASN A 117 -14.46 16.44 -5.22
C ASN A 117 -13.78 17.62 -4.54
N LEU A 118 -13.77 17.59 -3.22
CA LEU A 118 -13.24 18.70 -2.44
C LEU A 118 -11.89 18.36 -1.84
N PRO A 119 -10.80 18.87 -2.43
CA PRO A 119 -9.46 18.71 -1.91
C PRO A 119 -9.07 19.85 -0.97
N THR A 120 -8.31 19.53 0.06
CA THR A 120 -7.85 20.53 1.00
C THR A 120 -6.33 20.46 1.13
N ALA A 121 -5.64 20.85 0.04
CA ALA A 121 -4.19 20.78 -0.04
C ALA A 121 -3.72 19.33 0.03
N GLU A 122 -3.43 18.75 -1.13
CA GLU A 122 -3.01 17.36 -1.19
C GLU A 122 -1.55 17.18 -0.76
N ASP A 123 -1.25 17.67 0.44
CA ASP A 123 0.02 17.43 1.09
C ASP A 123 -0.21 16.33 2.12
N ASN A 124 0.05 15.10 1.73
CA ASN A 124 -0.49 13.94 2.42
C ASN A 124 0.36 13.46 3.58
N LEU A 125 -0.33 12.90 4.58
CA LEU A 125 0.28 12.07 5.61
C LEU A 125 1.10 10.97 4.96
N GLU A 126 2.37 10.91 5.31
CA GLU A 126 3.25 9.93 4.70
C GLU A 126 4.44 9.60 5.59
N TYR A 127 5.40 10.50 5.72
CA TYR A 127 6.66 10.12 6.35
C TYR A 127 6.64 10.41 7.83
N VAL A 128 6.57 9.35 8.59
CA VAL A 128 6.60 9.43 10.03
C VAL A 128 7.57 8.40 10.57
N ARG A 129 8.49 8.78 11.43
CA ARG A 129 9.31 7.77 12.06
C ARG A 129 8.92 7.69 13.53
N THR A 130 9.15 6.55 14.15
CA THR A 130 8.69 6.33 15.52
C THR A 130 9.85 6.22 16.49
N LEU A 131 9.67 6.79 17.68
CA LEU A 131 10.73 6.86 18.67
C LEU A 131 10.43 5.99 19.88
N TYR A 132 9.19 6.00 20.34
CA TYR A 132 8.86 5.40 21.63
C TYR A 132 8.89 3.87 21.58
N ASP A 133 8.65 3.28 20.42
CA ASP A 133 8.64 1.82 20.28
C ASP A 133 7.43 1.21 21.01
N PHE A 134 6.39 0.96 20.25
CA PHE A 134 5.17 0.38 20.77
C PHE A 134 4.87 -0.90 20.00
N PRO A 135 5.27 -2.05 20.54
CA PRO A 135 5.05 -3.33 19.91
C PRO A 135 3.71 -3.94 20.31
N GLY A 136 2.67 -3.61 19.57
CA GLY A 136 1.37 -4.23 19.81
C GLY A 136 1.22 -5.53 19.04
N ASN A 137 2.00 -5.62 17.96
CA ASN A 137 1.99 -6.78 17.05
C ASN A 137 0.57 -7.20 16.66
N ASP A 138 -0.01 -6.50 15.70
CA ASP A 138 -1.34 -6.84 15.21
C ASP A 138 -1.57 -6.15 13.85
N ALA A 139 -2.68 -6.47 13.21
CA ALA A 139 -3.02 -5.88 11.92
C ALA A 139 -3.75 -4.55 12.11
N GLU A 140 -4.01 -4.20 13.36
CA GLU A 140 -4.63 -2.93 13.70
C GLU A 140 -3.69 -2.10 14.57
N ASP A 141 -2.63 -2.74 15.05
CA ASP A 141 -1.62 -2.06 15.86
C ASP A 141 -0.25 -2.37 15.30
N LEU A 142 0.35 -1.39 14.63
CA LEU A 142 1.64 -1.60 13.98
C LEU A 142 2.76 -1.59 15.02
N PRO A 143 3.48 -2.71 15.16
CA PRO A 143 4.62 -2.79 16.06
C PRO A 143 5.80 -1.99 15.53
N PHE A 144 6.07 -0.85 16.13
CA PHE A 144 7.15 0.01 15.66
C PHE A 144 8.27 0.08 16.68
N LYS A 145 9.42 0.57 16.22
CA LYS A 145 10.65 0.49 17.00
C LYS A 145 11.04 1.85 17.56
N LYS A 146 12.25 1.95 18.10
CA LYS A 146 12.76 3.21 18.66
C LYS A 146 13.22 4.16 17.56
N GLY A 147 13.19 3.68 16.33
CA GLY A 147 13.65 4.50 15.22
C GLY A 147 13.38 3.83 13.88
N GLU A 148 12.13 3.51 13.63
CA GLU A 148 11.74 2.89 12.37
C GLU A 148 11.02 3.91 11.50
N ILE A 149 11.12 3.74 10.18
CA ILE A 149 10.49 4.67 9.25
C ILE A 149 9.16 4.11 8.81
N LEU A 150 8.11 4.92 8.89
CA LEU A 150 6.78 4.49 8.54
C LEU A 150 6.23 5.40 7.46
N VAL A 151 5.23 4.91 6.79
CA VAL A 151 4.50 5.71 5.83
C VAL A 151 3.03 5.67 6.19
N ILE A 152 2.41 6.83 6.31
CA ILE A 152 1.02 6.89 6.73
C ILE A 152 0.13 6.45 5.59
N ILE A 153 -0.09 5.15 5.57
CA ILE A 153 -0.82 4.51 4.50
C ILE A 153 -2.32 4.70 4.70
N GLU A 154 -2.74 4.90 5.94
CA GLU A 154 -4.12 5.25 6.27
C GLU A 154 -4.13 6.25 7.41
N LYS A 155 -5.06 7.21 7.43
CA LYS A 155 -5.22 8.07 8.58
C LYS A 155 -6.69 8.30 8.92
N PRO A 156 -7.26 7.44 9.78
CA PRO A 156 -8.65 7.58 10.22
C PRO A 156 -8.80 8.61 11.33
N GLU A 157 -7.90 8.55 12.31
CA GLU A 157 -8.04 9.35 13.50
C GLU A 157 -6.97 10.45 13.54
N GLU A 158 -7.02 11.27 14.58
CA GLU A 158 -6.09 12.39 14.72
C GLU A 158 -4.93 12.04 15.65
N GLN A 159 -5.20 11.21 16.65
CA GLN A 159 -4.17 10.81 17.59
C GLN A 159 -3.65 9.42 17.25
N TRP A 160 -4.35 8.75 16.35
CA TRP A 160 -3.93 7.45 15.87
C TRP A 160 -3.86 7.43 14.35
N TRP A 161 -2.68 7.19 13.83
CA TRP A 161 -2.47 7.15 12.39
C TRP A 161 -2.14 5.73 11.97
N SER A 162 -2.72 5.27 10.89
CA SER A 162 -2.50 3.91 10.42
C SER A 162 -1.34 3.90 9.43
N ALA A 163 -0.14 3.64 9.93
CA ALA A 163 1.04 3.72 9.09
C ALA A 163 1.54 2.34 8.70
N ARG A 164 2.29 2.29 7.61
CA ARG A 164 2.89 1.05 7.18
C ARG A 164 4.33 0.98 7.64
N ASN A 165 4.68 -0.13 8.27
CA ASN A 165 6.02 -0.36 8.74
C ASN A 165 6.93 -0.62 7.55
N LYS A 166 8.22 -0.54 7.77
CA LYS A 166 9.18 -0.73 6.70
C LYS A 166 9.23 -2.21 6.29
N ASP A 167 8.60 -3.08 7.09
CA ASP A 167 8.49 -4.48 6.74
C ASP A 167 7.27 -4.70 5.86
N GLY A 168 6.45 -3.67 5.77
CA GLY A 168 5.28 -3.73 4.91
C GLY A 168 4.03 -4.19 5.64
N ARG A 169 3.67 -3.46 6.69
CA ARG A 169 2.50 -3.81 7.48
C ARG A 169 1.67 -2.58 7.81
N VAL A 170 0.37 -2.72 7.80
CA VAL A 170 -0.51 -1.63 8.13
C VAL A 170 -1.07 -1.79 9.53
N GLY A 171 -0.76 -0.84 10.40
CA GLY A 171 -1.32 -0.83 11.72
C GLY A 171 -1.43 0.57 12.27
N MET A 172 -2.32 0.79 13.24
CA MET A 172 -2.49 2.10 13.83
C MET A 172 -1.39 2.38 14.83
N ILE A 173 -0.91 3.61 14.82
CA ILE A 173 0.17 4.04 15.69
C ILE A 173 -0.14 5.40 16.32
N PRO A 174 0.29 5.62 17.57
CA PRO A 174 0.03 6.85 18.31
C PRO A 174 0.91 8.02 17.86
N VAL A 175 0.28 9.16 17.64
CA VAL A 175 0.99 10.38 17.25
C VAL A 175 2.04 10.84 18.29
N PRO A 176 1.72 10.83 19.61
CA PRO A 176 2.69 11.23 20.65
C PRO A 176 3.88 10.27 20.76
N TYR A 177 3.93 9.29 19.87
CA TYR A 177 5.01 8.30 19.86
C TYR A 177 5.96 8.52 18.69
N VAL A 178 5.62 9.47 17.83
CA VAL A 178 6.28 9.53 16.53
C VAL A 178 7.28 10.69 16.39
N GLU A 179 7.70 10.88 15.15
CA GLU A 179 8.88 11.60 14.75
C GLU A 179 8.71 11.99 13.29
N LYS A 180 7.54 12.43 12.88
CA LYS A 180 7.21 12.47 11.46
C LYS A 180 7.98 13.60 10.79
N LEU A 181 8.45 13.30 9.58
CA LEU A 181 9.41 14.13 8.88
C LEU A 181 8.73 15.37 8.30
N VAL A 182 8.06 16.11 9.20
CA VAL A 182 7.33 17.36 8.92
C VAL A 182 6.34 17.25 7.77
N ARG A 183 6.08 16.03 7.30
CA ARG A 183 5.17 15.78 6.19
C ARG A 183 5.61 16.54 4.95
N SER A 184 6.46 15.90 4.16
CA SER A 184 7.02 16.50 2.96
C SER A 184 7.84 17.74 3.31
N SER A 185 7.69 18.79 2.53
CA SER A 185 8.46 20.01 2.70
C SER A 185 7.97 21.08 1.73
N PRO A 186 8.39 22.34 1.92
CA PRO A 186 8.11 23.41 0.95
C PRO A 186 8.88 23.20 -0.36
N HIS A 187 9.76 22.20 -0.36
CA HIS A 187 10.55 21.84 -1.53
C HIS A 187 11.53 22.95 -1.90
N GLY A 188 12.02 22.93 -3.14
CA GLY A 188 12.99 23.91 -3.57
C GLY A 188 14.40 23.51 -3.20
N LYS A 189 14.68 23.48 -1.91
CA LYS A 189 16.00 23.09 -1.40
C LYS A 189 15.98 21.65 -0.89
N HIS A 190 14.80 21.04 -0.93
CA HIS A 190 14.64 19.67 -0.45
C HIS A 190 14.94 18.68 -1.58
N GLY A 191 16.10 18.04 -1.49
CA GLY A 191 16.47 17.03 -2.46
C GLY A 191 16.31 15.63 -1.92
N ASN A 192 17.25 14.76 -2.27
CA ASN A 192 17.22 13.37 -1.85
C ASN A 192 18.65 12.85 -1.72
N ARG A 193 18.81 11.67 -1.12
CA ARG A 193 20.12 11.06 -0.98
C ARG A 193 20.03 9.53 -1.04
N ASN A 194 19.73 8.93 0.11
CA ASN A 194 19.73 7.49 0.29
C ASN A 194 19.71 7.19 1.78
N SER A 195 19.13 6.06 2.17
CA SER A 195 19.12 5.67 3.57
C SER A 195 20.48 5.12 3.98
N ASN A 196 20.78 3.90 3.54
CA ASN A 196 22.07 3.27 3.79
C ASN A 196 22.27 2.06 2.88
N SER A 197 21.66 2.14 1.70
CA SER A 197 21.78 1.08 0.71
C SER A 197 22.00 1.71 -0.67
N TYR A 198 23.25 1.97 -0.98
CA TYR A 198 23.60 2.70 -2.20
C TYR A 198 23.49 1.82 -3.44
N GLY A 199 23.30 2.48 -4.57
CA GLY A 199 23.05 1.79 -5.82
C GLY A 199 21.71 2.19 -6.36
N ILE A 200 20.78 2.46 -5.45
CA ILE A 200 19.47 2.96 -5.78
C ILE A 200 19.21 4.23 -4.99
N PRO A 201 18.74 5.31 -5.65
CA PRO A 201 18.44 6.59 -4.99
C PRO A 201 17.33 6.46 -3.94
N GLU A 202 16.57 5.35 -4.05
CA GLU A 202 15.42 5.05 -3.18
C GLU A 202 14.65 6.31 -2.74
N PRO A 203 13.77 6.82 -3.63
CA PRO A 203 12.99 8.02 -3.35
C PRO A 203 11.91 7.80 -2.29
N ALA A 204 11.68 6.51 -1.95
CA ALA A 204 10.73 6.10 -0.90
C ALA A 204 9.26 6.34 -1.31
N HIS A 205 9.04 7.34 -2.15
CA HIS A 205 7.69 7.73 -2.59
C HIS A 205 7.16 6.79 -3.67
N ALA A 206 7.43 5.50 -3.51
CA ALA A 206 7.02 4.52 -4.49
C ALA A 206 5.62 3.98 -4.17
N ALA A 208 1.66 3.69 -2.72
CA ALA A 208 1.15 3.61 -1.36
C ALA A 208 0.88 2.16 -0.97
N GLN A 209 1.56 1.23 -1.62
CA GLN A 209 1.43 -0.17 -1.27
C GLN A 209 2.18 -0.46 0.03
N PRO A 210 1.70 -1.43 0.81
CA PRO A 210 2.30 -1.79 2.11
C PRO A 210 3.80 -2.12 2.01
N GLN A 211 4.16 -3.01 1.09
CA GLN A 211 5.55 -3.45 0.93
C GLN A 211 6.38 -2.37 0.25
N THR A 212 7.47 -1.96 0.89
CA THR A 212 8.44 -1.09 0.26
C THR A 212 9.01 -1.79 -0.97
N THR A 213 9.27 -1.04 -2.01
CA THR A 213 9.68 -1.63 -3.28
C THR A 213 11.19 -1.64 -3.44
N THR A 214 11.77 -2.84 -3.46
CA THR A 214 13.18 -3.02 -3.76
C THR A 214 13.34 -3.71 -5.12
N PRO A 215 13.36 -2.93 -6.21
CA PRO A 215 13.48 -3.47 -7.57
C PRO A 215 14.93 -3.57 -8.04
N LEU A 216 15.13 -4.22 -9.17
CA LEU A 216 16.46 -4.35 -9.74
C LEU A 216 16.55 -3.58 -11.05
N PRO A 217 17.18 -2.40 -11.02
CA PRO A 217 17.40 -1.58 -12.22
C PRO A 217 18.63 -2.03 -13.00
N ALA A 218 19.39 -2.94 -12.42
CA ALA A 218 20.58 -3.48 -13.05
C ALA A 218 20.28 -4.84 -13.66
N VAL A 219 20.40 -4.93 -14.98
CA VAL A 219 20.10 -6.17 -15.70
C VAL A 219 21.15 -7.24 -15.39
N SER A 220 22.30 -6.80 -14.90
CA SER A 220 23.38 -7.72 -14.54
C SER A 220 23.28 -8.12 -13.06
N GLY A 221 22.34 -7.50 -12.35
CA GLY A 221 22.23 -7.70 -10.92
C GLY A 221 23.29 -6.95 -10.17
N SER A 222 24.47 -7.57 -10.04
CA SER A 222 25.63 -6.95 -9.40
C SER A 222 25.29 -6.38 -8.02
N PRO A 223 24.97 -7.24 -7.03
CA PRO A 223 24.60 -6.80 -5.68
C PRO A 223 25.71 -6.03 -4.98
N GLY A 224 26.95 -6.43 -5.27
CA GLY A 224 28.10 -5.72 -4.78
C GLY A 224 28.97 -5.26 -5.93
N ALA A 225 28.34 -4.61 -6.91
CA ALA A 225 29.03 -4.13 -8.11
C ALA A 225 29.55 -5.31 -8.94
N ALA A 226 30.40 -5.01 -9.90
CA ALA A 226 30.95 -6.02 -10.78
C ALA A 226 32.47 -5.99 -10.75
N ILE A 227 33.10 -6.84 -11.54
CA ILE A 227 34.55 -6.88 -11.63
C ILE A 227 35.04 -6.14 -12.87
N THR A 228 36.31 -6.32 -13.20
CA THR A 228 36.88 -5.72 -14.40
C THR A 228 36.19 -6.25 -15.66
N PRO A 229 35.79 -5.35 -16.56
CA PRO A 229 35.08 -5.71 -17.79
C PRO A 229 35.97 -6.46 -18.77
N LEU A 230 35.90 -7.78 -18.73
CA LEU A 230 36.67 -8.63 -19.63
C LEU A 230 35.77 -9.14 -20.76
N PRO A 231 34.64 -9.82 -20.45
CA PRO A 231 33.72 -10.34 -21.47
C PRO A 231 33.31 -9.29 -22.50
N SER A 232 32.72 -8.19 -22.03
CA SER A 232 32.27 -7.12 -22.92
C SER A 232 32.12 -5.80 -22.18
N THR A 233 32.64 -4.73 -22.76
CA THR A 233 32.37 -3.40 -22.25
C THR A 233 31.09 -2.87 -22.88
N GLN A 234 30.45 -1.90 -22.24
CA GLN A 234 29.16 -1.41 -22.70
C GLN A 234 29.21 0.08 -22.96
N ASN A 235 29.20 0.86 -21.88
CA ASN A 235 29.19 2.33 -21.95
C ASN A 235 27.90 2.83 -22.60
N GLY A 236 26.85 2.89 -21.81
CA GLY A 236 25.58 3.40 -22.30
C GLY A 236 24.99 4.41 -21.34
N PRO A 237 24.20 3.97 -20.34
CA PRO A 237 23.77 4.82 -19.25
C PRO A 237 24.93 5.12 -18.32
N VAL A 238 25.48 6.32 -18.47
CA VAL A 238 26.69 6.69 -17.75
C VAL A 238 26.34 7.39 -16.44
N PHE A 239 27.17 7.17 -15.44
CA PHE A 239 26.97 7.77 -14.13
C PHE A 239 27.98 8.88 -13.91
N ALA A 240 27.50 10.09 -13.77
CA ALA A 240 28.37 11.23 -13.54
C ALA A 240 28.02 11.89 -12.22
N LYS A 241 29.02 12.09 -11.38
CA LYS A 241 28.82 12.81 -10.13
C LYS A 241 28.79 14.29 -10.42
N ALA A 242 27.74 14.96 -9.99
CA ALA A 242 27.62 16.39 -10.19
C ALA A 242 28.52 17.13 -9.21
N ILE A 243 29.75 17.40 -9.63
CA ILE A 243 30.76 18.02 -8.78
C ILE A 243 30.47 19.51 -8.55
N GLN A 244 29.29 19.95 -8.97
CA GLN A 244 28.92 21.33 -8.86
C GLN A 244 27.40 21.45 -8.67
N LYS A 245 26.96 22.51 -8.03
CA LYS A 245 25.54 22.77 -7.89
C LYS A 245 25.09 23.74 -8.98
N ARG A 246 23.86 23.56 -9.47
CA ARG A 246 23.31 24.42 -10.51
C ARG A 246 21.84 24.13 -10.73
N VAL A 247 21.03 25.17 -10.63
CA VAL A 247 19.62 25.08 -10.96
C VAL A 247 19.34 25.69 -12.33
N PRO A 248 19.73 26.97 -12.57
CA PRO A 248 19.45 27.66 -13.83
C PRO A 248 20.52 27.48 -14.89
N CYS A 249 20.19 27.87 -16.12
CA CYS A 249 21.14 27.87 -17.23
C CYS A 249 20.53 28.52 -18.46
N ALA A 250 20.71 29.85 -18.56
CA ALA A 250 20.35 30.65 -19.74
C ALA A 250 18.85 30.69 -19.99
N TYR A 251 18.32 29.58 -20.46
CA TYR A 251 16.90 29.50 -20.83
C TYR A 251 16.06 29.02 -19.65
N ASP A 252 16.67 28.20 -18.80
CA ASP A 252 16.01 27.64 -17.60
C ASP A 252 14.84 26.71 -17.93
N LYS A 253 14.55 26.55 -19.21
CA LYS A 253 13.45 25.70 -19.66
C LYS A 253 13.66 24.25 -19.22
N THR A 254 14.71 23.63 -19.78
CA THR A 254 15.01 22.25 -19.48
C THR A 254 16.24 22.15 -18.59
N ALA A 255 16.32 23.04 -17.63
CA ALA A 255 17.45 23.08 -16.73
C ALA A 255 17.33 22.02 -15.64
N LEU A 256 18.14 20.98 -15.75
CA LEU A 256 18.16 19.93 -14.73
C LEU A 256 18.93 20.44 -13.52
N ALA A 257 18.18 20.83 -12.50
CA ALA A 257 18.78 21.29 -11.25
C ALA A 257 19.45 20.13 -10.53
N LEU A 258 20.72 20.29 -10.23
CA LEU A 258 21.53 19.23 -9.66
C LEU A 258 22.26 19.69 -8.41
N GLU A 259 22.38 18.79 -7.44
CA GLU A 259 23.12 19.07 -6.22
C GLU A 259 24.58 18.66 -6.39
N VAL A 260 25.40 19.02 -5.41
CA VAL A 260 26.81 18.67 -5.43
C VAL A 260 27.02 17.32 -4.75
N GLY A 261 27.42 16.34 -5.55
CA GLY A 261 27.62 14.99 -5.04
C GLY A 261 26.57 14.03 -5.57
N ASP A 262 25.58 14.58 -6.27
CA ASP A 262 24.45 13.80 -6.75
C ASP A 262 24.85 12.98 -7.98
N ILE A 263 24.06 11.95 -8.28
CA ILE A 263 24.37 11.03 -9.37
C ILE A 263 23.50 11.30 -10.58
N VAL A 264 24.13 11.80 -11.64
CA VAL A 264 23.43 12.08 -12.87
C VAL A 264 23.39 10.86 -13.78
N LYS A 265 22.21 10.27 -13.92
CA LYS A 265 22.03 9.14 -14.82
C LYS A 265 21.76 9.66 -16.23
N VAL A 266 22.83 9.87 -16.98
CA VAL A 266 22.72 10.39 -18.32
C VAL A 266 22.56 9.25 -19.33
N THR A 267 21.59 9.39 -20.22
CA THR A 267 21.32 8.36 -21.21
C THR A 267 21.59 8.88 -22.63
N ARG A 268 21.56 10.20 -22.78
CA ARG A 268 21.85 10.83 -24.06
C ARG A 268 22.95 11.85 -23.92
N MET A 269 24.02 11.71 -24.69
CA MET A 269 25.10 12.68 -24.67
C MET A 269 25.16 13.43 -25.98
N ASN A 270 24.66 14.66 -25.96
CA ASN A 270 24.59 15.47 -27.17
C ASN A 270 25.94 16.13 -27.45
N ILE A 271 26.30 16.16 -28.72
CA ILE A 271 27.56 16.77 -29.16
C ILE A 271 27.53 18.29 -28.96
N ASN A 272 26.36 18.81 -28.63
CA ASN A 272 26.20 20.23 -28.32
C ASN A 272 27.01 20.61 -27.09
N GLY A 273 27.04 19.72 -26.11
CA GLY A 273 27.75 20.01 -24.88
C GLY A 273 26.83 19.93 -23.68
N GLN A 274 25.54 19.83 -23.95
CA GLN A 274 24.54 19.66 -22.91
C GLN A 274 23.89 18.29 -23.05
N TRP A 275 24.01 17.47 -22.03
CA TRP A 275 23.53 16.10 -22.09
C TRP A 275 22.11 15.99 -21.54
N GLU A 276 21.43 14.92 -21.93
CA GLU A 276 20.09 14.64 -21.44
C GLU A 276 20.13 13.48 -20.45
N GLY A 277 19.74 13.75 -19.22
CA GLY A 277 19.68 12.72 -18.21
C GLY A 277 18.49 12.90 -17.31
N GLU A 278 18.02 11.82 -16.71
CA GLU A 278 16.89 11.90 -15.80
C GLU A 278 17.36 11.59 -14.39
N VAL A 279 17.37 12.60 -13.54
CA VAL A 279 17.91 12.47 -12.20
C VAL A 279 16.81 12.59 -11.15
N ASN A 280 16.68 11.54 -10.34
CA ASN A 280 15.66 11.46 -9.27
C ASN A 280 14.25 11.41 -9.85
N GLY A 281 13.79 12.53 -10.41
CA GLY A 281 12.46 12.57 -10.98
C GLY A 281 12.29 13.71 -11.97
N ARG A 282 13.39 14.11 -12.60
CA ARG A 282 13.33 15.16 -13.61
C ARG A 282 14.44 14.96 -14.64
N LYS A 283 14.07 14.97 -15.91
CA LYS A 283 15.05 14.91 -16.99
C LYS A 283 15.23 16.29 -17.60
N GLY A 284 16.47 16.62 -17.91
CA GLY A 284 16.78 17.91 -18.48
C GLY A 284 18.18 17.97 -19.04
N LEU A 285 18.62 19.16 -19.39
CA LEU A 285 19.95 19.36 -19.94
C LEU A 285 20.92 19.87 -18.88
N PHE A 286 22.16 19.45 -18.99
CA PHE A 286 23.22 19.90 -18.09
C PHE A 286 24.55 19.93 -18.83
N PRO A 287 25.42 20.89 -18.50
CA PRO A 287 26.75 21.01 -19.12
C PRO A 287 27.69 19.90 -18.64
N PHE A 288 28.63 19.50 -19.50
CA PHE A 288 29.57 18.43 -19.14
C PHE A 288 30.65 18.97 -18.20
N THR A 289 30.80 20.28 -18.16
CA THR A 289 31.74 20.92 -17.24
C THR A 289 31.11 21.05 -15.85
N HIS A 290 29.90 20.51 -15.72
CA HIS A 290 29.18 20.53 -14.45
C HIS A 290 29.38 19.23 -13.69
N VAL A 291 29.71 18.18 -14.42
CA VAL A 291 29.85 16.85 -13.84
C VAL A 291 31.21 16.25 -14.15
N LYS A 292 31.47 15.09 -13.59
CA LYS A 292 32.69 14.37 -13.87
C LYS A 292 32.39 12.89 -14.03
N ILE A 293 32.79 12.32 -15.15
CA ILE A 293 32.62 10.89 -15.37
C ILE A 293 33.62 10.13 -14.52
N PHE A 294 33.15 9.58 -13.42
CA PHE A 294 34.01 8.92 -12.46
C PHE A 294 33.96 7.41 -12.64
N ASP A 295 34.88 6.73 -12.01
CA ASP A 295 34.91 5.27 -12.06
C ASP A 295 34.49 4.72 -10.73
N PRO A 296 33.79 3.56 -10.76
CA PRO A 296 33.08 2.96 -9.62
C PRO A 296 33.55 3.42 -8.25
N GLN A 297 33.12 4.64 -7.90
CA GLN A 297 33.38 5.25 -6.59
C GLN A 297 34.77 5.90 -6.57
N ASN A 298 35.76 5.14 -7.02
CA ASN A 298 37.13 5.62 -7.17
C ASN A 298 37.76 6.00 -5.83
N PRO A 299 38.51 5.06 -5.23
CA PRO A 299 39.24 5.32 -3.98
C PRO A 299 40.49 6.16 -4.21
N ASP A 300 40.92 6.23 -5.46
CA ASP A 300 42.11 6.96 -5.84
C ASP A 300 41.88 8.46 -5.74
N GLU A 301 42.67 9.12 -4.89
CA GLU A 301 42.60 10.57 -4.68
C GLU A 301 41.40 10.93 -3.79
N ASN A 302 40.54 9.95 -3.54
CA ASN A 302 39.43 10.12 -2.61
C ASN A 302 39.94 9.95 -1.19
N GLU A 303 40.87 9.02 -1.02
CA GLU A 303 41.46 8.77 0.27
C GLU A 303 42.93 9.19 0.25
N MET A 1 -22.45 -0.42 8.83
CA MET A 1 -20.98 -0.60 9.05
C MET A 1 -20.32 -0.93 7.72
N SER A 2 -20.86 -1.93 7.02
CA SER A 2 -20.36 -2.28 5.71
C SER A 2 -21.07 -1.46 4.65
N SER A 3 -20.52 -0.29 4.36
CA SER A 3 -21.11 0.62 3.38
C SER A 3 -20.88 0.11 1.96
N ALA A 4 -19.97 -0.87 1.84
CA ALA A 4 -19.64 -1.48 0.56
C ALA A 4 -20.88 -1.88 -0.23
N ARG A 5 -21.02 -1.29 -1.41
CA ARG A 5 -22.14 -1.57 -2.29
C ARG A 5 -21.66 -1.64 -3.73
N PHE A 6 -21.27 -2.83 -4.15
CA PHE A 6 -20.76 -3.03 -5.50
C PHE A 6 -20.63 -4.53 -5.78
N ASP A 7 -20.46 -4.87 -7.04
CA ASP A 7 -20.18 -6.25 -7.41
C ASP A 7 -18.69 -6.41 -7.64
N SER A 8 -18.04 -7.21 -6.81
CA SER A 8 -16.59 -7.32 -6.81
C SER A 8 -16.07 -8.01 -8.08
N SER A 9 -16.97 -8.61 -8.85
CA SER A 9 -16.55 -9.37 -10.02
C SER A 9 -16.76 -8.60 -11.32
N ASP A 10 -17.66 -7.62 -11.34
CA ASP A 10 -17.95 -6.89 -12.57
C ASP A 10 -16.76 -6.05 -13.00
N ARG A 11 -16.03 -6.56 -13.99
CA ARG A 11 -14.81 -5.91 -14.46
C ARG A 11 -15.11 -4.49 -14.93
N SER A 12 -16.21 -4.34 -15.65
CA SER A 12 -16.62 -3.05 -16.17
C SER A 12 -17.16 -2.13 -15.09
N ALA A 13 -17.01 -2.52 -13.83
CA ALA A 13 -17.42 -1.66 -12.73
C ALA A 13 -16.21 -0.99 -12.10
N TRP A 14 -15.18 -1.77 -11.83
CA TRP A 14 -14.02 -1.27 -11.10
C TRP A 14 -12.73 -1.33 -11.91
N TYR A 15 -12.69 -2.19 -12.93
CA TYR A 15 -11.47 -2.40 -13.68
C TYR A 15 -11.34 -1.35 -14.79
N MET A 16 -10.33 -0.50 -14.69
CA MET A 16 -10.18 0.61 -15.63
C MET A 16 -9.12 0.30 -16.66
N GLY A 17 -8.51 -0.87 -16.51
CA GLY A 17 -7.46 -1.33 -17.42
C GLY A 17 -6.33 -0.33 -17.61
N PRO A 18 -6.17 0.21 -18.84
CA PRO A 18 -5.04 1.10 -19.17
C PRO A 18 -5.13 2.48 -18.51
N VAL A 19 -4.69 2.54 -17.27
CA VAL A 19 -4.62 3.80 -16.54
C VAL A 19 -3.15 4.02 -16.12
N SER A 20 -2.87 4.87 -15.13
CA SER A 20 -1.50 5.29 -14.89
C SER A 20 -1.40 5.95 -13.52
N ARG A 21 -0.19 6.25 -13.11
CA ARG A 21 0.05 6.97 -11.88
C ARG A 21 -0.77 8.27 -11.81
N GLN A 22 -0.52 9.13 -12.79
CA GLN A 22 -1.13 10.46 -12.82
C GLN A 22 -2.65 10.40 -12.97
N GLU A 23 -3.12 9.66 -13.99
CA GLU A 23 -4.54 9.58 -14.28
C GLU A 23 -5.31 9.00 -13.11
N ALA A 24 -4.79 7.93 -12.53
CA ALA A 24 -5.42 7.28 -11.38
C ALA A 24 -5.66 8.28 -10.25
N GLN A 25 -4.70 9.17 -10.04
CA GLN A 25 -4.86 10.23 -9.05
C GLN A 25 -5.97 11.19 -9.47
N THR A 26 -5.93 11.58 -10.72
CA THR A 26 -6.85 12.58 -11.25
C THR A 26 -8.31 12.12 -11.17
N ARG A 27 -8.51 10.82 -11.19
CA ARG A 27 -9.86 10.25 -11.18
C ARG A 27 -10.34 9.94 -9.76
N LEU A 28 -9.43 9.96 -8.79
CA LEU A 28 -9.82 9.66 -7.41
C LEU A 28 -9.62 10.88 -6.49
N GLN A 29 -8.83 11.85 -6.97
CA GLN A 29 -8.49 13.10 -6.25
C GLN A 29 -8.86 13.11 -4.78
N GLY A 30 -9.99 13.71 -4.54
CA GLY A 30 -10.56 13.82 -3.22
C GLY A 30 -12.06 13.69 -3.32
N GLN A 31 -12.47 12.88 -4.29
CA GLN A 31 -13.88 12.63 -4.56
C GLN A 31 -14.46 11.74 -3.45
N ARG A 32 -15.52 11.00 -3.75
CA ARG A 32 -16.10 10.11 -2.74
C ARG A 32 -15.04 9.18 -2.18
N HIS A 33 -14.70 9.41 -0.91
CA HIS A 33 -13.65 8.65 -0.26
C HIS A 33 -14.13 7.24 0.04
N GLY A 34 -13.66 6.31 -0.76
CA GLY A 34 -14.18 4.96 -0.72
C GLY A 34 -14.28 4.36 -2.10
N MET A 35 -13.96 5.16 -3.11
CA MET A 35 -13.94 4.68 -4.48
C MET A 35 -12.60 4.02 -4.76
N PHE A 36 -12.63 2.98 -5.57
CA PHE A 36 -11.40 2.26 -5.91
C PHE A 36 -11.42 1.85 -7.37
N LEU A 37 -10.24 1.62 -7.92
CA LEU A 37 -10.11 1.16 -9.29
C LEU A 37 -8.86 0.30 -9.44
N VAL A 38 -8.99 -0.79 -10.17
CA VAL A 38 -7.87 -1.64 -10.49
C VAL A 38 -7.48 -1.44 -11.94
N ARG A 39 -6.20 -1.19 -12.19
CA ARG A 39 -5.74 -0.89 -13.54
C ARG A 39 -4.53 -1.74 -13.89
N ASP A 40 -4.26 -1.85 -15.18
CA ASP A 40 -3.04 -2.48 -15.64
C ASP A 40 -1.86 -1.57 -15.30
N SER A 41 -0.81 -2.14 -14.74
CA SER A 41 0.33 -1.35 -14.31
C SER A 41 1.01 -0.68 -15.49
N SER A 42 1.28 0.61 -15.34
CA SER A 42 2.00 1.39 -16.35
C SER A 42 3.49 1.09 -16.29
N THR A 43 3.81 -0.19 -16.15
CA THR A 43 5.19 -0.65 -16.01
C THR A 43 5.26 -2.15 -16.23
N CYS A 44 4.24 -2.87 -15.76
CA CYS A 44 4.15 -4.31 -15.96
C CYS A 44 2.74 -4.69 -16.40
N PRO A 45 2.60 -5.32 -17.56
CA PRO A 45 1.29 -5.67 -18.12
C PRO A 45 0.58 -6.76 -17.33
N GLY A 46 1.34 -7.50 -16.54
CA GLY A 46 0.77 -8.58 -15.76
C GLY A 46 0.18 -8.12 -14.44
N ASP A 47 0.98 -7.41 -13.66
CA ASP A 47 0.57 -6.98 -12.32
C ASP A 47 -0.37 -5.80 -12.40
N TYR A 48 -1.16 -5.59 -11.34
CA TYR A 48 -2.18 -4.54 -11.34
C TYR A 48 -1.99 -3.58 -10.17
N VAL A 49 -2.83 -2.56 -10.10
CA VAL A 49 -2.77 -1.56 -9.04
C VAL A 49 -4.18 -1.18 -8.56
N LEU A 50 -4.51 -1.54 -7.33
CA LEU A 50 -5.76 -1.15 -6.71
C LEU A 50 -5.63 0.25 -6.12
N SER A 51 -6.13 1.25 -6.83
CA SER A 51 -6.10 2.60 -6.35
C SER A 51 -7.42 3.00 -5.71
N VAL A 52 -7.35 3.32 -4.43
CA VAL A 52 -8.49 3.73 -3.64
C VAL A 52 -8.33 5.21 -3.29
N SER A 53 -9.41 5.92 -2.98
CA SER A 53 -9.26 7.33 -2.63
C SER A 53 -9.85 7.65 -1.26
N GLU A 54 -9.09 8.42 -0.49
CA GLU A 54 -9.52 8.91 0.81
C GLU A 54 -8.92 10.29 1.03
N ASN A 55 -9.27 10.95 2.15
CA ASN A 55 -8.89 12.35 2.47
C ASN A 55 -7.60 12.86 1.78
N SER A 56 -7.72 13.27 0.50
CA SER A 56 -6.57 13.63 -0.35
C SER A 56 -5.40 12.67 -0.10
N ARG A 57 -5.64 11.42 -0.46
CA ARG A 57 -5.02 10.30 0.22
C ARG A 57 -5.23 8.99 -0.58
N VAL A 58 -4.88 9.00 -1.85
CA VAL A 58 -5.24 7.88 -2.72
C VAL A 58 -4.34 6.66 -2.50
N SER A 59 -4.96 5.60 -2.00
CA SER A 59 -4.31 4.33 -1.72
C SER A 59 -3.99 3.56 -3.00
N HIS A 60 -2.82 3.79 -3.54
CA HIS A 60 -2.38 3.02 -4.71
C HIS A 60 -1.67 1.73 -4.27
N TYR A 61 -2.44 0.65 -4.09
CA TYR A 61 -1.90 -0.64 -3.64
C TYR A 61 -1.55 -1.56 -4.81
N ILE A 62 -0.27 -1.92 -4.93
CA ILE A 62 0.18 -2.86 -5.96
C ILE A 62 -0.31 -4.28 -5.67
N ILE A 63 -0.72 -4.98 -6.72
CA ILE A 63 -1.14 -6.37 -6.61
C ILE A 63 -0.35 -7.23 -7.59
N ASN A 64 0.40 -8.19 -7.05
CA ASN A 64 1.18 -9.10 -7.87
C ASN A 64 0.28 -10.11 -8.55
N SER A 65 0.44 -10.24 -9.86
CA SER A 65 -0.35 -11.17 -10.65
C SER A 65 0.28 -12.54 -10.66
N LEU A 66 -0.40 -13.50 -10.05
CA LEU A 66 0.06 -14.87 -10.01
C LEU A 66 -0.54 -15.65 -11.18
N PRO A 67 0.27 -16.45 -11.88
CA PRO A 67 -0.18 -17.25 -13.03
C PRO A 67 -1.29 -18.24 -12.67
N ASN A 68 -1.48 -18.48 -11.38
CA ASN A 68 -2.53 -19.39 -10.91
C ASN A 68 -3.85 -18.64 -10.77
N ARG A 69 -3.91 -17.45 -11.36
CA ARG A 69 -5.13 -16.63 -11.38
C ARG A 69 -5.45 -16.10 -9.98
N ARG A 70 -4.43 -16.03 -9.15
CA ARG A 70 -4.57 -15.53 -7.80
C ARG A 70 -3.78 -14.23 -7.69
N PHE A 71 -4.05 -13.44 -6.67
CA PHE A 71 -3.46 -12.12 -6.59
C PHE A 71 -2.93 -11.80 -5.21
N LYS A 72 -1.62 -11.61 -5.13
CA LYS A 72 -0.95 -11.32 -3.88
C LYS A 72 -0.71 -9.81 -3.78
N ILE A 73 -1.57 -9.11 -3.05
CA ILE A 73 -1.48 -7.67 -2.97
C ILE A 73 -0.41 -7.22 -1.97
N GLY A 74 0.84 -7.31 -2.41
CA GLY A 74 1.96 -6.78 -1.66
C GLY A 74 2.41 -7.69 -0.53
N ASP A 75 1.47 -8.44 0.03
CA ASP A 75 1.73 -9.18 1.26
C ASP A 75 1.01 -10.52 1.25
N GLN A 76 -0.28 -10.47 1.50
CA GLN A 76 -1.06 -11.66 1.74
C GLN A 76 -1.72 -12.17 0.46
N GLU A 77 -1.87 -13.49 0.38
CA GLU A 77 -2.43 -14.13 -0.80
C GLU A 77 -3.95 -14.09 -0.79
N PHE A 78 -4.51 -13.55 -1.87
CA PHE A 78 -5.93 -13.64 -2.12
C PHE A 78 -6.16 -14.52 -3.33
N ASP A 79 -7.24 -15.28 -3.30
CA ASP A 79 -7.46 -16.32 -4.31
C ASP A 79 -7.78 -15.72 -5.67
N HIS A 80 -8.30 -14.50 -5.68
CA HIS A 80 -8.61 -13.80 -6.93
C HIS A 80 -8.84 -12.32 -6.66
N LEU A 81 -8.90 -11.51 -7.72
CA LEU A 81 -9.06 -10.06 -7.59
C LEU A 81 -10.30 -9.69 -6.77
N PRO A 82 -11.51 -10.17 -7.15
CA PRO A 82 -12.75 -9.86 -6.41
C PRO A 82 -12.74 -10.31 -4.95
N ALA A 83 -11.72 -11.08 -4.56
CA ALA A 83 -11.67 -11.64 -3.20
C ALA A 83 -11.01 -10.67 -2.24
N LEU A 84 -10.05 -9.92 -2.72
CA LEU A 84 -9.38 -8.94 -1.87
C LEU A 84 -10.24 -7.70 -1.74
N LEU A 85 -11.05 -7.46 -2.78
CA LEU A 85 -11.94 -6.31 -2.81
C LEU A 85 -13.03 -6.44 -1.75
N GLU A 86 -13.47 -7.68 -1.50
CA GLU A 86 -14.50 -7.92 -0.50
C GLU A 86 -13.89 -8.19 0.87
N PHE A 87 -12.57 -8.23 0.94
CA PHE A 87 -11.87 -8.40 2.21
C PHE A 87 -11.56 -7.04 2.83
N TYR A 88 -11.22 -6.09 1.98
CA TYR A 88 -10.85 -4.76 2.44
C TYR A 88 -12.08 -3.87 2.69
N LYS A 89 -13.27 -4.43 2.49
CA LYS A 89 -14.52 -3.69 2.66
C LYS A 89 -15.01 -3.72 4.12
N ILE A 90 -14.14 -4.10 5.06
CA ILE A 90 -14.54 -4.36 6.44
C ILE A 90 -13.30 -4.43 7.31
N HIS A 91 -12.21 -4.86 6.68
CA HIS A 91 -10.90 -4.84 7.29
C HIS A 91 -10.46 -3.40 7.50
N TYR A 92 -10.99 -2.53 6.63
CA TYR A 92 -10.52 -1.15 6.52
C TYR A 92 -9.07 -1.15 6.03
N LEU A 93 -8.88 -0.70 4.80
CA LEU A 93 -7.53 -0.54 4.27
C LEU A 93 -6.75 0.37 5.19
N ASP A 94 -7.44 1.41 5.62
CA ASP A 94 -6.88 2.42 6.50
C ASP A 94 -7.94 2.77 7.54
N THR A 95 -8.85 3.63 7.14
CA THR A 95 -10.09 3.87 7.88
C THR A 95 -11.25 3.93 6.89
N THR A 96 -10.90 3.88 5.63
CA THR A 96 -11.89 3.77 4.59
C THR A 96 -11.88 2.36 4.01
N THR A 97 -13.05 1.82 3.75
CA THR A 97 -13.18 0.52 3.16
C THR A 97 -13.43 0.65 1.67
N LEU A 98 -13.66 -0.46 1.00
CA LEU A 98 -14.02 -0.42 -0.40
C LEU A 98 -15.53 -0.31 -0.52
N ILE A 99 -16.01 0.93 -0.53
CA ILE A 99 -17.44 1.21 -0.60
C ILE A 99 -17.97 0.97 -2.01
N GLU A 100 -17.35 1.62 -3.00
CA GLU A 100 -17.81 1.53 -4.38
C GLU A 100 -16.67 1.79 -5.35
N PRO A 101 -16.83 1.38 -6.61
CA PRO A 101 -15.81 1.63 -7.64
C PRO A 101 -15.74 3.10 -8.05
N ALA A 102 -14.59 3.49 -8.56
CA ALA A 102 -14.37 4.85 -9.03
C ALA A 102 -15.01 5.06 -10.40
N PRO A 103 -15.12 6.31 -10.87
CA PRO A 103 -15.62 6.61 -12.22
C PRO A 103 -14.74 6.00 -13.30
N ARG A 104 -15.34 5.61 -14.42
CA ARG A 104 -14.61 5.01 -15.52
C ARG A 104 -14.21 6.06 -16.54
N TYR A 105 -14.36 7.32 -16.15
CA TYR A 105 -14.03 8.43 -17.01
C TYR A 105 -12.96 9.28 -16.34
N PRO A 106 -11.92 9.69 -17.10
CA PRO A 106 -10.89 10.59 -16.58
C PRO A 106 -11.47 11.93 -16.13
N SER A 107 -11.49 12.13 -14.83
CA SER A 107 -11.98 13.37 -14.25
C SER A 107 -11.07 14.55 -14.61
N PRO A 108 -11.63 15.77 -14.63
CA PRO A 108 -10.84 16.98 -14.88
C PRO A 108 -9.78 17.21 -13.80
N PRO A 109 -8.56 17.57 -14.21
CA PRO A 109 -7.45 17.81 -13.28
C PRO A 109 -7.80 18.89 -12.24
N MET A 110 -8.49 19.93 -12.71
CA MET A 110 -8.95 21.06 -11.88
C MET A 110 -7.78 21.93 -11.41
N GLY A 111 -6.73 21.31 -10.91
CA GLY A 111 -5.58 22.05 -10.44
C GLY A 111 -5.46 22.01 -8.93
N SER A 112 -6.55 21.61 -8.27
CA SER A 112 -6.60 21.51 -6.82
C SER A 112 -5.54 20.54 -6.31
N VAL A 113 -5.29 19.49 -7.08
CA VAL A 113 -4.27 18.51 -6.74
C VAL A 113 -3.51 18.08 -8.00
N SER A 114 -2.20 17.94 -7.87
CA SER A 114 -1.35 17.60 -9.00
C SER A 114 -0.29 16.59 -8.57
N ALA A 115 -0.61 15.81 -7.55
CA ALA A 115 0.35 14.88 -6.97
C ALA A 115 -0.31 13.55 -6.62
N PRO A 116 0.02 12.49 -7.38
CA PRO A 116 -0.50 11.15 -7.13
C PRO A 116 0.13 10.51 -5.89
N ASN A 117 -0.33 10.93 -4.72
CA ASN A 117 0.24 10.55 -3.43
C ASN A 117 1.62 11.21 -3.28
N LEU A 118 2.13 11.29 -2.05
CA LEU A 118 3.38 12.02 -1.75
C LEU A 118 3.42 13.36 -2.50
N PRO A 119 2.74 14.37 -1.95
CA PRO A 119 2.50 15.64 -2.64
C PRO A 119 3.78 16.39 -3.02
N THR A 120 3.75 17.01 -4.20
CA THR A 120 4.86 17.83 -4.64
C THR A 120 4.81 19.21 -3.99
N ALA A 121 3.81 19.40 -3.15
CA ALA A 121 3.69 20.60 -2.35
C ALA A 121 3.37 20.21 -0.91
N GLU A 122 4.39 20.25 -0.06
CA GLU A 122 4.32 19.78 1.32
C GLU A 122 4.31 18.25 1.40
N ASP A 123 5.08 17.72 2.33
CA ASP A 123 5.06 16.29 2.64
C ASP A 123 3.68 15.94 3.17
N ASN A 124 3.22 16.81 4.08
CA ASN A 124 1.88 16.76 4.64
C ASN A 124 1.66 15.46 5.43
N LEU A 125 0.88 14.56 4.87
CA LEU A 125 0.54 13.31 5.53
C LEU A 125 1.04 12.16 4.68
N GLU A 126 2.28 11.76 4.94
CA GLU A 126 2.96 10.76 4.14
C GLU A 126 4.11 10.17 4.94
N TYR A 127 5.14 10.96 5.20
CA TYR A 127 6.33 10.42 5.84
C TYR A 127 6.45 10.87 7.27
N VAL A 128 6.27 9.90 8.15
CA VAL A 128 6.33 10.10 9.57
C VAL A 128 7.52 9.34 10.12
N ARG A 129 8.12 9.79 11.20
CA ARG A 129 9.03 8.92 11.91
C ARG A 129 8.60 8.83 13.36
N THR A 130 8.91 7.73 14.04
CA THR A 130 8.41 7.51 15.39
C THR A 130 9.53 7.55 16.44
N LEU A 131 9.24 8.14 17.60
CA LEU A 131 10.23 8.27 18.66
C LEU A 131 10.06 7.19 19.73
N TYR A 132 8.81 6.98 20.13
CA TYR A 132 8.52 6.26 21.36
C TYR A 132 8.84 4.76 21.28
N ASP A 133 8.56 4.14 20.13
CA ASP A 133 8.66 2.68 19.96
C ASP A 133 7.48 2.02 20.65
N PHE A 134 6.50 1.63 19.84
CA PHE A 134 5.26 1.07 20.35
C PHE A 134 4.85 -0.10 19.46
N PRO A 135 4.98 -1.33 19.95
CA PRO A 135 4.64 -2.51 19.21
C PRO A 135 3.20 -2.96 19.47
N GLY A 136 2.26 -2.39 18.72
CA GLY A 136 0.89 -2.85 18.78
C GLY A 136 0.75 -4.20 18.11
N ASN A 137 1.82 -4.55 17.41
CA ASN A 137 1.92 -5.78 16.66
C ASN A 137 0.75 -6.02 15.71
N ASP A 138 0.57 -5.06 14.80
CA ASP A 138 -0.10 -5.32 13.53
C ASP A 138 -1.62 -5.30 13.61
N ALA A 139 -2.22 -5.20 12.42
CA ALA A 139 -3.66 -5.37 12.17
C ALA A 139 -4.41 -4.06 12.33
N GLU A 140 -4.14 -3.37 13.40
CA GLU A 140 -4.76 -2.08 13.68
C GLU A 140 -3.94 -1.31 14.69
N ASP A 141 -2.78 -1.86 15.04
CA ASP A 141 -1.81 -1.18 15.87
C ASP A 141 -0.42 -1.47 15.31
N LEU A 142 0.10 -0.56 14.52
CA LEU A 142 1.36 -0.79 13.84
C LEU A 142 2.52 -0.78 14.84
N PRO A 143 3.36 -1.82 14.82
CA PRO A 143 4.53 -1.88 15.66
C PRO A 143 5.69 -1.05 15.10
N PHE A 144 5.87 0.13 15.66
CA PHE A 144 6.95 1.01 15.22
C PHE A 144 8.04 1.10 16.27
N LYS A 145 9.24 1.46 15.84
CA LYS A 145 10.38 1.45 16.74
C LYS A 145 10.87 2.86 17.02
N LYS A 146 11.86 2.97 17.90
CA LYS A 146 12.43 4.26 18.28
C LYS A 146 13.35 4.78 17.18
N GLY A 147 12.75 5.19 16.09
CA GLY A 147 13.49 5.73 14.97
C GLY A 147 13.08 5.11 13.65
N GLU A 148 11.81 4.70 13.56
CA GLU A 148 11.29 4.05 12.36
C GLU A 148 10.62 5.07 11.46
N ILE A 149 10.55 4.78 10.16
CA ILE A 149 9.87 5.63 9.22
C ILE A 149 8.55 4.99 8.83
N LEU A 150 7.48 5.77 8.86
CA LEU A 150 6.17 5.27 8.51
C LEU A 150 5.62 6.09 7.36
N VAL A 151 4.71 5.51 6.63
CA VAL A 151 3.97 6.23 5.63
C VAL A 151 2.52 6.29 6.06
N ILE A 152 1.95 7.49 6.08
CA ILE A 152 0.62 7.64 6.63
C ILE A 152 -0.42 7.11 5.66
N ILE A 153 -1.06 6.07 6.11
CA ILE A 153 -2.00 5.34 5.34
C ILE A 153 -3.40 5.89 5.61
N GLU A 154 -3.61 6.50 6.76
CA GLU A 154 -4.90 7.08 7.06
C GLU A 154 -4.79 8.20 8.07
N LYS A 155 -5.66 9.17 7.93
CA LYS A 155 -5.85 10.17 8.94
C LYS A 155 -7.35 10.30 9.25
N PRO A 156 -7.86 9.43 10.12
CA PRO A 156 -9.24 9.50 10.56
C PRO A 156 -9.38 10.36 11.81
N GLU A 157 -8.69 9.94 12.84
CA GLU A 157 -8.64 10.65 14.10
C GLU A 157 -7.60 11.77 14.01
N GLU A 158 -7.51 12.58 15.05
CA GLU A 158 -6.48 13.61 15.10
C GLU A 158 -5.50 13.26 16.21
N GLN A 159 -5.83 12.21 16.96
CA GLN A 159 -4.97 11.75 18.04
C GLN A 159 -4.24 10.48 17.61
N TRP A 160 -4.84 9.79 16.65
CA TRP A 160 -4.25 8.60 16.07
C TRP A 160 -4.24 8.71 14.55
N TRP A 161 -3.14 8.30 13.95
CA TRP A 161 -2.99 8.27 12.49
C TRP A 161 -2.63 6.87 12.07
N SER A 162 -3.22 6.38 11.01
CA SER A 162 -2.91 5.05 10.54
C SER A 162 -1.74 5.13 9.58
N ALA A 163 -0.67 4.39 9.85
CA ALA A 163 0.49 4.40 8.98
C ALA A 163 0.93 2.99 8.64
N ARG A 164 1.60 2.85 7.51
CA ARG A 164 2.23 1.59 7.17
C ARG A 164 3.70 1.67 7.54
N ASN A 165 4.20 0.61 8.14
CA ASN A 165 5.54 0.60 8.68
C ASN A 165 6.59 0.59 7.57
N LYS A 166 7.83 0.83 7.95
CA LYS A 166 8.96 0.68 7.03
C LYS A 166 9.09 -0.79 6.66
N ASP A 167 8.45 -1.64 7.46
CA ASP A 167 8.35 -3.05 7.16
C ASP A 167 7.31 -3.26 6.05
N GLY A 168 6.27 -2.42 6.03
CA GLY A 168 5.32 -2.48 4.95
C GLY A 168 3.85 -2.36 5.36
N ARG A 169 3.46 -2.94 6.50
CA ARG A 169 2.04 -3.16 6.75
C ARG A 169 1.35 -2.01 7.47
N VAL A 170 0.02 -2.00 7.36
CA VAL A 170 -0.81 -0.92 7.88
C VAL A 170 -1.25 -1.17 9.32
N GLY A 171 -1.17 -0.13 10.13
CA GLY A 171 -1.80 -0.13 11.44
C GLY A 171 -1.94 1.27 12.00
N MET A 172 -2.89 1.45 12.90
CA MET A 172 -3.12 2.75 13.54
C MET A 172 -2.00 3.06 14.54
N ILE A 173 -1.51 4.30 14.52
CA ILE A 173 -0.42 4.73 15.39
C ILE A 173 -0.72 6.10 16.00
N PRO A 174 -0.24 6.34 17.23
CA PRO A 174 -0.47 7.60 17.94
C PRO A 174 0.30 8.78 17.35
N VAL A 175 -0.37 9.94 17.27
CA VAL A 175 0.23 11.15 16.69
C VAL A 175 1.19 11.84 17.67
N PRO A 176 0.83 12.01 18.96
CA PRO A 176 1.76 12.54 19.98
C PRO A 176 2.92 11.58 20.24
N TYR A 177 2.89 10.47 19.53
CA TYR A 177 3.88 9.42 19.63
C TYR A 177 4.88 9.50 18.47
N VAL A 178 4.63 10.41 17.54
CA VAL A 178 5.41 10.46 16.30
C VAL A 178 6.08 11.81 16.05
N GLU A 179 6.93 11.77 15.03
CA GLU A 179 7.87 12.81 14.65
C GLU A 179 7.81 13.04 13.13
N LYS A 180 6.61 13.19 12.61
CA LYS A 180 6.36 13.12 11.16
C LYS A 180 6.94 14.35 10.49
N LEU A 181 7.50 14.13 9.30
CA LEU A 181 8.19 15.18 8.57
C LEU A 181 7.20 16.32 8.31
N VAL A 182 5.96 15.90 8.04
CA VAL A 182 4.73 16.72 8.15
C VAL A 182 4.63 17.87 7.15
N ARG A 183 5.66 18.67 6.99
CA ARG A 183 5.64 19.76 6.03
C ARG A 183 6.80 19.65 5.07
N SER A 184 7.96 20.21 5.44
CA SER A 184 9.17 20.09 4.63
C SER A 184 8.88 20.44 3.16
N SER A 185 9.61 19.80 2.24
CA SER A 185 9.37 19.96 0.82
C SER A 185 9.87 18.72 0.08
N PRO A 186 9.29 18.39 -1.08
CA PRO A 186 9.78 17.32 -1.94
C PRO A 186 11.15 17.66 -2.52
N HIS A 187 12.15 16.90 -2.13
CA HIS A 187 13.52 17.13 -2.57
C HIS A 187 14.07 15.85 -3.19
N GLY A 188 15.18 15.96 -3.90
CA GLY A 188 15.83 14.79 -4.48
C GLY A 188 16.24 13.80 -3.40
N LYS A 189 16.89 14.30 -2.36
CA LYS A 189 17.23 13.48 -1.20
C LYS A 189 16.10 13.56 -0.17
N HIS A 190 15.15 14.45 -0.43
CA HIS A 190 13.98 14.70 0.42
C HIS A 190 14.37 15.37 1.74
N GLY A 191 15.34 14.77 2.41
CA GLY A 191 15.78 15.27 3.71
C GLY A 191 16.12 14.13 4.64
N ASN A 192 16.36 12.96 4.08
CA ASN A 192 16.65 11.77 4.87
C ASN A 192 17.42 10.75 4.05
N ARG A 193 18.19 9.89 4.73
CA ARG A 193 18.94 8.84 4.05
C ARG A 193 18.64 7.48 4.67
N ASN A 194 17.75 7.46 5.66
CA ASN A 194 17.32 6.23 6.32
C ASN A 194 18.49 5.65 7.14
N SER A 195 18.35 4.42 7.63
CA SER A 195 19.39 3.75 8.39
C SER A 195 20.72 3.74 7.61
N ASN A 196 20.62 3.39 6.33
CA ASN A 196 21.77 3.34 5.43
C ASN A 196 21.30 2.97 4.03
N SER A 197 20.22 2.18 3.98
CA SER A 197 19.56 1.83 2.72
C SER A 197 20.45 0.97 1.84
N TYR A 198 19.99 0.69 0.63
CA TYR A 198 20.71 -0.20 -0.29
C TYR A 198 21.26 0.59 -1.45
N GLY A 199 22.58 0.57 -1.60
CA GLY A 199 23.24 1.33 -2.65
C GLY A 199 23.20 2.82 -2.40
N ILE A 200 23.37 3.60 -3.46
CA ILE A 200 23.28 5.05 -3.37
C ILE A 200 22.03 5.53 -4.12
N PRO A 201 21.92 5.25 -5.44
CA PRO A 201 20.71 5.55 -6.20
C PRO A 201 19.63 4.51 -5.94
N GLU A 202 18.44 4.97 -5.61
CA GLU A 202 17.34 4.06 -5.29
C GLU A 202 16.46 3.82 -6.50
N PRO A 203 16.24 2.55 -6.86
CA PRO A 203 15.29 2.16 -7.90
C PRO A 203 13.85 2.32 -7.39
N ALA A 204 13.46 3.56 -7.15
CA ALA A 204 12.17 3.87 -6.57
C ALA A 204 11.01 3.39 -7.44
N HIS A 205 10.26 2.44 -6.91
CA HIS A 205 9.06 1.96 -7.58
C HIS A 205 7.83 2.63 -6.99
N ALA A 206 8.00 3.22 -5.81
CA ALA A 206 6.95 3.99 -5.15
C ALA A 206 5.72 3.13 -4.88
N ALA A 208 1.91 2.38 -2.78
CA ALA A 208 1.55 2.18 -1.39
C ALA A 208 1.51 0.69 -1.04
N GLN A 209 2.16 -0.11 -1.87
CA GLN A 209 2.26 -1.54 -1.65
C GLN A 209 2.93 -1.80 -0.30
N PRO A 210 2.37 -2.71 0.52
CA PRO A 210 2.86 -2.99 1.87
C PRO A 210 4.33 -3.43 1.92
N GLN A 211 4.57 -4.72 2.11
CA GLN A 211 5.96 -5.21 2.18
C GLN A 211 6.58 -5.33 0.79
N THR A 212 5.73 -5.41 -0.22
CA THR A 212 6.16 -5.60 -1.61
C THR A 212 6.64 -7.04 -1.83
N THR A 213 7.51 -7.50 -0.94
CA THR A 213 8.04 -8.84 -0.97
C THR A 213 8.89 -9.07 -2.24
N THR A 214 8.33 -9.78 -3.21
CA THR A 214 9.06 -10.13 -4.43
C THR A 214 8.09 -10.60 -5.51
N PRO A 215 8.27 -10.13 -6.76
CA PRO A 215 7.53 -10.64 -7.92
C PRO A 215 8.10 -11.98 -8.39
N LEU A 216 7.75 -12.40 -9.60
CA LEU A 216 8.27 -13.63 -10.16
C LEU A 216 8.69 -13.46 -11.61
N PRO A 217 10.01 -13.51 -11.87
CA PRO A 217 10.55 -13.47 -13.24
C PRO A 217 10.19 -14.74 -14.00
N ALA A 218 10.49 -15.89 -13.39
CA ALA A 218 10.13 -17.19 -13.92
C ALA A 218 10.65 -17.41 -15.34
N VAL A 219 9.79 -17.24 -16.32
CA VAL A 219 10.13 -17.51 -17.71
C VAL A 219 10.62 -16.23 -18.40
N SER A 220 9.76 -15.21 -18.41
CA SER A 220 10.09 -13.90 -18.98
C SER A 220 10.31 -13.97 -20.49
N GLY A 221 9.79 -15.01 -21.12
CA GLY A 221 9.93 -15.15 -22.55
C GLY A 221 10.83 -16.30 -22.94
N SER A 222 11.33 -16.28 -24.16
CA SER A 222 12.21 -17.33 -24.63
C SER A 222 13.64 -17.12 -24.15
N PRO A 223 14.21 -18.10 -23.45
CA PRO A 223 15.57 -18.03 -22.91
C PRO A 223 16.63 -18.24 -23.99
N GLY A 224 16.45 -17.60 -25.14
CA GLY A 224 17.38 -17.74 -26.24
C GLY A 224 18.61 -16.88 -26.10
N ALA A 225 19.32 -17.06 -24.99
CA ALA A 225 20.52 -16.31 -24.72
C ALA A 225 21.31 -16.96 -23.59
N ALA A 226 22.59 -17.19 -23.81
CA ALA A 226 23.46 -17.76 -22.79
C ALA A 226 23.69 -16.77 -21.66
N ILE A 227 23.68 -15.49 -22.01
CA ILE A 227 23.86 -14.43 -21.03
C ILE A 227 22.62 -13.54 -20.96
N THR A 228 21.91 -13.63 -19.82
CA THR A 228 20.71 -12.83 -19.53
C THR A 228 19.79 -12.64 -20.74
N PRO A 229 18.86 -13.58 -20.95
CA PRO A 229 17.87 -13.48 -22.03
C PRO A 229 16.97 -12.27 -21.85
N LEU A 230 17.20 -11.24 -22.65
CA LEU A 230 16.45 -10.00 -22.52
C LEU A 230 15.61 -9.75 -23.76
N PRO A 231 14.32 -10.15 -23.74
CA PRO A 231 13.38 -9.86 -24.80
C PRO A 231 12.66 -8.54 -24.57
N SER A 232 12.99 -7.91 -23.46
CA SER A 232 12.37 -6.65 -23.07
C SER A 232 13.17 -5.48 -23.61
N THR A 233 12.70 -4.91 -24.70
CA THR A 233 13.34 -3.76 -25.30
C THR A 233 12.54 -2.50 -25.03
N GLN A 234 11.21 -2.64 -25.14
CA GLN A 234 10.27 -1.55 -24.93
C GLN A 234 10.59 -0.36 -25.85
N ASN A 235 10.17 -0.47 -27.09
CA ASN A 235 10.37 0.60 -28.06
C ASN A 235 9.39 1.73 -27.79
N GLY A 236 9.88 2.75 -27.08
CA GLY A 236 9.04 3.87 -26.71
C GLY A 236 9.85 4.96 -26.03
N PRO A 237 10.51 4.65 -24.90
CA PRO A 237 11.41 5.60 -24.22
C PRO A 237 12.55 6.08 -25.12
N VAL A 238 13.27 7.08 -24.66
CA VAL A 238 14.32 7.71 -25.44
C VAL A 238 15.65 6.97 -25.24
N PHE A 239 16.44 6.91 -26.32
CA PHE A 239 17.71 6.21 -26.30
C PHE A 239 18.86 7.19 -26.48
N ALA A 240 19.81 7.16 -25.57
CA ALA A 240 21.00 7.98 -25.67
C ALA A 240 22.24 7.15 -25.39
N LYS A 241 23.23 7.23 -26.26
CA LYS A 241 24.45 6.47 -26.07
C LYS A 241 25.49 7.34 -25.38
N ALA A 242 26.07 6.81 -24.32
CA ALA A 242 27.08 7.55 -23.57
C ALA A 242 28.40 7.57 -24.33
N ILE A 243 28.83 8.76 -24.74
CA ILE A 243 30.10 8.90 -25.46
C ILE A 243 31.18 9.42 -24.53
N GLN A 244 30.76 9.95 -23.40
CA GLN A 244 31.67 10.44 -22.39
C GLN A 244 31.24 9.86 -21.04
N LYS A 245 32.12 9.11 -20.41
CA LYS A 245 31.74 8.32 -19.25
C LYS A 245 31.16 9.15 -18.12
N ARG A 246 30.38 8.50 -17.30
CA ARG A 246 29.68 9.12 -16.20
C ARG A 246 29.91 8.28 -14.95
N VAL A 247 30.86 8.68 -14.14
CA VAL A 247 31.24 7.89 -12.98
C VAL A 247 30.69 8.51 -11.69
N PRO A 248 30.52 7.67 -10.66
CA PRO A 248 30.10 8.13 -9.33
C PRO A 248 31.22 8.87 -8.60
N CYS A 249 31.00 9.15 -7.34
CA CYS A 249 31.95 9.91 -6.56
C CYS A 249 31.65 9.76 -5.08
N ALA A 250 32.58 10.16 -4.23
CA ALA A 250 32.37 10.12 -2.78
C ALA A 250 31.15 10.95 -2.38
N TYR A 251 30.81 11.93 -3.20
CA TYR A 251 29.66 12.78 -2.94
C TYR A 251 28.69 12.79 -4.12
N ASP A 252 28.58 11.66 -4.81
CA ASP A 252 27.66 11.57 -5.93
C ASP A 252 26.23 11.52 -5.44
N LYS A 253 25.37 12.28 -6.09
CA LYS A 253 23.96 12.22 -5.79
C LYS A 253 23.26 11.37 -6.82
N THR A 254 23.27 10.07 -6.55
CA THR A 254 22.55 9.08 -7.35
C THR A 254 23.02 9.07 -8.79
N ALA A 255 24.33 8.92 -8.96
CA ALA A 255 24.94 8.94 -10.29
C ALA A 255 24.93 7.54 -10.92
N LEU A 256 24.71 7.50 -12.22
CA LEU A 256 24.71 6.26 -12.97
C LEU A 256 26.06 6.07 -13.65
N ALA A 257 26.80 5.03 -13.26
CA ALA A 257 28.09 4.75 -13.86
C ALA A 257 27.94 4.32 -15.31
N LEU A 258 28.47 5.13 -16.20
CA LEU A 258 28.39 4.90 -17.63
C LEU A 258 29.77 5.03 -18.25
N GLU A 259 29.98 4.35 -19.37
CA GLU A 259 31.19 4.56 -20.16
C GLU A 259 30.82 4.68 -21.64
N VAL A 260 31.80 5.02 -22.46
CA VAL A 260 31.55 5.22 -23.88
C VAL A 260 31.20 3.89 -24.57
N GLY A 261 29.97 3.80 -25.04
CA GLY A 261 29.52 2.59 -25.70
C GLY A 261 28.31 1.98 -25.01
N ASP A 262 27.84 2.60 -23.94
CA ASP A 262 26.69 2.09 -23.20
C ASP A 262 25.41 2.78 -23.65
N ILE A 263 24.33 2.01 -23.71
CA ILE A 263 23.04 2.52 -24.13
C ILE A 263 22.20 2.93 -22.92
N VAL A 264 21.94 4.21 -22.80
CA VAL A 264 21.12 4.73 -21.72
C VAL A 264 19.67 4.86 -22.17
N LYS A 265 18.79 4.09 -21.56
CA LYS A 265 17.37 4.17 -21.87
C LYS A 265 16.67 5.05 -20.83
N VAL A 266 16.44 6.30 -21.18
CA VAL A 266 15.88 7.25 -20.24
C VAL A 266 14.34 7.22 -20.30
N THR A 267 13.73 7.15 -19.12
CA THR A 267 12.28 7.06 -19.02
C THR A 267 11.67 8.36 -18.49
N ARG A 268 12.42 9.07 -17.65
CA ARG A 268 11.94 10.34 -17.10
C ARG A 268 12.98 11.42 -17.34
N MET A 269 12.67 12.39 -18.18
CA MET A 269 13.60 13.47 -18.46
C MET A 269 13.36 14.66 -17.54
N ASN A 270 14.26 14.82 -16.57
CA ASN A 270 14.21 15.95 -15.67
C ASN A 270 14.80 17.18 -16.35
N ILE A 271 13.97 18.19 -16.51
CA ILE A 271 14.33 19.39 -17.28
C ILE A 271 15.50 20.14 -16.63
N ASN A 272 15.76 19.84 -15.36
CA ASN A 272 16.82 20.53 -14.62
C ASN A 272 18.21 20.04 -15.03
N GLY A 273 18.28 19.00 -15.85
CA GLY A 273 19.56 18.56 -16.37
C GLY A 273 19.78 17.07 -16.30
N GLN A 274 19.87 16.53 -15.08
CA GLN A 274 20.11 15.10 -14.90
C GLN A 274 18.83 14.31 -15.04
N TRP A 275 18.82 13.40 -16.00
CA TRP A 275 17.63 12.61 -16.30
C TRP A 275 17.68 11.29 -15.54
N GLU A 276 16.53 10.62 -15.47
CA GLU A 276 16.43 9.32 -14.85
C GLU A 276 16.36 8.24 -15.91
N GLY A 277 17.47 7.57 -16.13
CA GLY A 277 17.50 6.45 -17.06
C GLY A 277 18.05 5.22 -16.41
N GLU A 278 17.92 4.08 -17.07
CA GLU A 278 18.46 2.85 -16.53
C GLU A 278 19.43 2.23 -17.53
N VAL A 279 20.48 1.62 -17.00
CA VAL A 279 21.43 0.90 -17.82
C VAL A 279 21.76 -0.43 -17.16
N ASN A 280 21.14 -1.50 -17.66
CA ASN A 280 21.46 -2.87 -17.26
C ASN A 280 21.04 -3.15 -15.82
N GLY A 281 20.01 -2.45 -15.36
CA GLY A 281 19.51 -2.66 -14.02
C GLY A 281 19.97 -1.61 -13.04
N ARG A 282 20.50 -0.50 -13.56
CA ARG A 282 20.93 0.60 -12.71
C ARG A 282 20.28 1.90 -13.15
N LYS A 283 19.52 2.51 -12.24
CA LYS A 283 18.99 3.85 -12.49
C LYS A 283 19.88 4.89 -11.86
N GLY A 284 20.06 6.01 -12.54
CA GLY A 284 20.85 7.08 -12.00
C GLY A 284 20.64 8.37 -12.75
N LEU A 285 21.07 9.47 -12.13
CA LEU A 285 20.95 10.79 -12.73
C LEU A 285 22.15 11.09 -13.61
N PHE A 286 21.90 11.14 -14.91
CA PHE A 286 22.94 11.43 -15.87
C PHE A 286 22.64 12.74 -16.58
N PRO A 287 23.62 13.66 -16.62
CA PRO A 287 23.51 14.90 -17.39
C PRO A 287 23.65 14.62 -18.89
N PHE A 288 22.91 15.35 -19.70
CA PHE A 288 22.88 15.14 -21.14
C PHE A 288 24.22 15.47 -21.79
N THR A 289 25.14 16.02 -21.01
CA THR A 289 26.47 16.35 -21.50
C THR A 289 27.34 15.09 -21.66
N HIS A 290 26.86 13.97 -21.12
CA HIS A 290 27.63 12.73 -21.14
C HIS A 290 27.11 11.77 -22.20
N VAL A 291 25.93 12.08 -22.73
CA VAL A 291 25.27 11.19 -23.69
C VAL A 291 24.88 11.95 -24.95
N LYS A 292 24.59 11.20 -26.00
CA LYS A 292 24.12 11.79 -27.24
C LYS A 292 22.80 11.17 -27.67
N ILE A 293 21.80 12.02 -27.82
CA ILE A 293 20.52 11.59 -28.40
C ILE A 293 20.73 11.33 -29.88
N PHE A 294 20.83 10.06 -30.24
CA PHE A 294 21.24 9.67 -31.58
C PHE A 294 20.13 8.95 -32.33
N ASP A 295 20.37 8.74 -33.61
CA ASP A 295 19.46 7.98 -34.45
C ASP A 295 19.95 6.54 -34.58
N PRO A 296 19.09 5.57 -34.28
CA PRO A 296 19.42 4.16 -34.44
C PRO A 296 19.66 3.79 -35.90
N GLN A 297 18.76 4.21 -36.76
CA GLN A 297 18.88 3.95 -38.18
C GLN A 297 18.23 5.09 -38.98
N ASN A 298 17.58 5.99 -38.26
CA ASN A 298 16.82 7.07 -38.89
C ASN A 298 17.72 7.98 -39.72
N PRO A 299 17.41 8.14 -41.03
CA PRO A 299 18.09 9.14 -41.86
C PRO A 299 17.84 10.53 -41.28
N ASP A 300 16.58 10.75 -40.87
CA ASP A 300 16.15 11.96 -40.17
C ASP A 300 16.26 13.20 -41.06
N GLU A 301 17.50 13.60 -41.34
CA GLU A 301 17.79 14.77 -42.15
C GLU A 301 17.16 16.03 -41.54
N ASN A 302 17.43 16.24 -40.26
CA ASN A 302 17.12 17.52 -39.64
C ASN A 302 18.16 18.54 -40.09
N GLU A 303 19.34 18.02 -40.41
CA GLU A 303 20.45 18.78 -40.97
C GLU A 303 21.62 17.83 -41.18
N MET A 1 -18.82 6.00 7.09
CA MET A 1 -18.75 4.56 7.42
C MET A 1 -18.57 3.77 6.13
N SER A 2 -18.80 2.46 6.18
CA SER A 2 -18.58 1.63 5.02
C SER A 2 -19.79 0.75 4.71
N SER A 3 -20.55 1.13 3.71
CA SER A 3 -21.62 0.29 3.20
C SER A 3 -21.10 -0.55 2.03
N ALA A 4 -20.24 0.07 1.21
CA ALA A 4 -19.68 -0.57 0.02
C ALA A 4 -20.77 -1.13 -0.89
N ARG A 5 -21.31 -0.27 -1.74
CA ARG A 5 -22.42 -0.66 -2.60
C ARG A 5 -21.97 -0.76 -4.05
N PHE A 6 -20.66 -0.90 -4.24
CA PHE A 6 -20.10 -1.02 -5.57
C PHE A 6 -20.01 -2.49 -5.96
N ASP A 7 -19.99 -2.77 -7.25
CA ASP A 7 -19.80 -4.13 -7.72
C ASP A 7 -18.30 -4.46 -7.65
N SER A 8 -17.97 -5.63 -7.15
CA SER A 8 -16.57 -5.98 -6.93
C SER A 8 -16.10 -7.07 -7.89
N SER A 9 -16.89 -7.39 -8.89
CA SER A 9 -16.51 -8.42 -9.83
C SER A 9 -16.47 -7.85 -11.25
N ASP A 10 -17.40 -6.97 -11.56
CA ASP A 10 -17.54 -6.50 -12.93
C ASP A 10 -16.39 -5.58 -13.30
N ARG A 11 -15.60 -6.01 -14.27
CA ARG A 11 -14.43 -5.26 -14.74
C ARG A 11 -14.83 -3.87 -15.20
N SER A 12 -16.05 -3.74 -15.70
CA SER A 12 -16.52 -2.48 -16.26
C SER A 12 -16.98 -1.54 -15.15
N ALA A 13 -16.94 -1.99 -13.91
CA ALA A 13 -17.36 -1.17 -12.79
C ALA A 13 -16.16 -0.47 -12.13
N TRP A 14 -15.10 -1.21 -11.87
CA TRP A 14 -13.98 -0.68 -11.09
C TRP A 14 -12.66 -0.68 -11.85
N TYR A 15 -12.53 -1.51 -12.87
CA TYR A 15 -11.27 -1.60 -13.58
C TYR A 15 -11.12 -0.43 -14.55
N MET A 16 -10.09 0.38 -14.32
CA MET A 16 -9.92 1.63 -15.05
C MET A 16 -8.95 1.43 -16.21
N GLY A 17 -8.38 0.22 -16.29
CA GLY A 17 -7.43 -0.14 -17.31
C GLY A 17 -6.28 0.85 -17.47
N PRO A 18 -6.17 1.52 -18.64
CA PRO A 18 -5.06 2.44 -18.92
C PRO A 18 -5.22 3.76 -18.18
N VAL A 19 -4.46 3.95 -17.11
CA VAL A 19 -4.59 5.15 -16.29
C VAL A 19 -3.23 5.78 -15.97
N SER A 20 -2.52 5.28 -14.93
CA SER A 20 -1.23 5.79 -14.53
C SER A 20 -1.45 6.93 -13.56
N ARG A 21 -0.50 7.16 -12.68
CA ARG A 21 -0.75 8.01 -11.52
C ARG A 21 -1.18 9.43 -11.88
N GLN A 22 -0.64 9.99 -12.96
CA GLN A 22 -1.00 11.35 -13.35
C GLN A 22 -2.47 11.43 -13.78
N GLU A 23 -3.01 10.32 -14.24
CA GLU A 23 -4.42 10.27 -14.64
C GLU A 23 -5.25 9.93 -13.41
N ALA A 24 -4.77 8.94 -12.67
CA ALA A 24 -5.43 8.46 -11.47
C ALA A 24 -5.67 9.59 -10.46
N GLN A 25 -4.65 10.43 -10.26
CA GLN A 25 -4.73 11.46 -9.23
C GLN A 25 -5.59 12.65 -9.67
N THR A 26 -5.59 12.95 -10.97
CA THR A 26 -6.37 14.09 -11.46
C THR A 26 -7.87 13.75 -11.44
N ARG A 27 -8.18 12.47 -11.44
CA ARG A 27 -9.56 12.01 -11.34
C ARG A 27 -9.96 11.85 -9.87
N LEU A 28 -8.97 11.62 -9.03
CA LEU A 28 -9.20 11.41 -7.61
C LEU A 28 -8.76 12.62 -6.80
N GLN A 29 -8.65 13.77 -7.46
CA GLN A 29 -8.30 15.02 -6.79
C GLN A 29 -9.43 15.41 -5.86
N GLY A 30 -9.33 14.95 -4.63
CA GLY A 30 -10.41 15.11 -3.68
C GLY A 30 -11.49 14.08 -3.95
N GLN A 31 -12.18 14.26 -5.07
CA GLN A 31 -13.28 13.38 -5.50
C GLN A 31 -14.27 13.14 -4.35
N ARG A 32 -15.15 12.18 -4.52
CA ARG A 32 -15.97 11.74 -3.41
C ARG A 32 -15.16 10.81 -2.55
N HIS A 33 -14.84 11.26 -1.34
CA HIS A 33 -13.95 10.50 -0.47
C HIS A 33 -14.52 9.10 -0.22
N GLY A 34 -13.77 8.11 -0.65
CA GLY A 34 -14.27 6.75 -0.71
C GLY A 34 -14.29 6.25 -2.14
N MET A 35 -13.60 6.98 -3.00
CA MET A 35 -13.53 6.66 -4.42
C MET A 35 -12.27 5.86 -4.70
N PHE A 36 -12.34 4.94 -5.65
CA PHE A 36 -11.17 4.14 -5.98
C PHE A 36 -11.18 3.71 -7.44
N LEU A 37 -10.05 3.22 -7.91
CA LEU A 37 -9.95 2.65 -9.24
C LEU A 37 -8.78 1.67 -9.32
N VAL A 38 -9.02 0.52 -9.93
CA VAL A 38 -7.97 -0.45 -10.17
C VAL A 38 -7.54 -0.33 -11.62
N ARG A 39 -6.33 0.13 -11.83
CA ARG A 39 -5.86 0.38 -13.18
C ARG A 39 -4.77 -0.61 -13.56
N ASP A 40 -4.34 -0.56 -14.80
CA ASP A 40 -3.16 -1.26 -15.23
C ASP A 40 -1.95 -0.41 -14.87
N SER A 41 -0.90 -1.04 -14.36
CA SER A 41 0.24 -0.29 -13.88
C SER A 41 0.87 0.55 -14.98
N SER A 42 0.73 0.08 -16.23
CA SER A 42 1.40 0.68 -17.37
C SER A 42 2.91 0.59 -17.16
N THR A 43 3.30 -0.33 -16.29
CA THR A 43 4.69 -0.60 -16.01
C THR A 43 5.00 -2.03 -16.43
N CYS A 44 4.17 -2.95 -15.97
CA CYS A 44 4.29 -4.34 -16.36
C CYS A 44 2.89 -4.97 -16.45
N PRO A 45 2.55 -5.55 -17.61
CA PRO A 45 1.28 -6.25 -17.77
C PRO A 45 1.18 -7.46 -16.85
N GLY A 46 0.70 -7.22 -15.63
CA GLY A 46 0.65 -8.27 -14.63
C GLY A 46 0.51 -7.72 -13.22
N ASP A 47 0.70 -6.42 -13.05
CA ASP A 47 0.45 -5.79 -11.76
C ASP A 47 -0.50 -4.62 -11.93
N TYR A 48 -1.34 -4.40 -10.93
CA TYR A 48 -2.34 -3.34 -10.99
C TYR A 48 -2.04 -2.28 -9.96
N VAL A 49 -2.67 -1.12 -10.09
CA VAL A 49 -2.53 -0.06 -9.11
C VAL A 49 -3.89 0.46 -8.68
N LEU A 50 -4.33 -0.02 -7.53
CA LEU A 50 -5.56 0.44 -6.91
C LEU A 50 -5.32 1.77 -6.21
N SER A 51 -5.69 2.85 -6.86
CA SER A 51 -5.60 4.16 -6.25
C SER A 51 -6.92 4.55 -5.64
N VAL A 52 -6.90 4.81 -4.35
CA VAL A 52 -8.09 5.15 -3.59
C VAL A 52 -7.98 6.57 -3.06
N SER A 53 -9.03 7.35 -3.19
CA SER A 53 -9.00 8.72 -2.69
C SER A 53 -9.82 8.85 -1.42
N GLU A 54 -9.24 9.53 -0.45
CA GLU A 54 -9.91 9.88 0.78
C GLU A 54 -9.41 11.24 1.19
N ASN A 55 -9.94 11.82 2.28
CA ASN A 55 -9.62 13.21 2.69
C ASN A 55 -8.14 13.58 2.49
N SER A 56 -7.85 14.11 1.30
CA SER A 56 -6.49 14.46 0.89
C SER A 56 -5.53 13.29 1.13
N ARG A 57 -5.82 12.17 0.48
CA ARG A 57 -5.34 10.87 0.91
C ARG A 57 -5.40 9.84 -0.21
N VAL A 58 -4.88 10.15 -1.39
CA VAL A 58 -4.98 9.24 -2.52
C VAL A 58 -3.91 8.15 -2.41
N SER A 59 -4.29 7.07 -1.74
CA SER A 59 -3.42 5.95 -1.46
C SER A 59 -3.29 5.04 -2.67
N HIS A 60 -2.06 4.87 -3.14
CA HIS A 60 -1.78 4.08 -4.33
C HIS A 60 -1.33 2.65 -3.96
N TYR A 61 -2.25 1.68 -4.01
CA TYR A 61 -1.95 0.29 -3.61
C TYR A 61 -1.75 -0.64 -4.81
N ILE A 62 -0.54 -1.18 -4.96
CA ILE A 62 -0.23 -2.11 -6.06
C ILE A 62 -0.70 -3.55 -5.73
N ILE A 63 -1.26 -4.24 -6.73
CA ILE A 63 -1.71 -5.63 -6.59
C ILE A 63 -1.10 -6.50 -7.70
N ASN A 64 -0.29 -7.49 -7.32
CA ASN A 64 0.32 -8.39 -8.29
C ASN A 64 -0.63 -9.52 -8.66
N SER A 65 -0.66 -9.88 -9.93
CA SER A 65 -1.40 -11.03 -10.38
C SER A 65 -0.55 -12.29 -10.20
N LEU A 66 -0.90 -13.11 -9.23
CA LEU A 66 -0.12 -14.29 -8.90
C LEU A 66 -0.48 -15.47 -9.80
N PRO A 67 0.47 -16.36 -10.07
CA PRO A 67 0.26 -17.53 -10.93
C PRO A 67 -0.83 -18.46 -10.41
N ASN A 68 -1.09 -18.41 -9.11
CA ASN A 68 -2.14 -19.24 -8.50
C ASN A 68 -3.51 -18.62 -8.72
N ARG A 69 -3.56 -17.55 -9.52
CA ARG A 69 -4.80 -16.79 -9.76
C ARG A 69 -5.25 -16.11 -8.48
N ARG A 70 -4.27 -15.66 -7.71
CA ARG A 70 -4.52 -14.90 -6.50
C ARG A 70 -3.99 -13.48 -6.70
N PHE A 71 -4.25 -12.60 -5.76
CA PHE A 71 -3.80 -11.22 -5.87
C PHE A 71 -3.21 -10.73 -4.57
N LYS A 72 -1.92 -10.42 -4.59
CA LYS A 72 -1.23 -9.89 -3.43
C LYS A 72 -1.13 -8.38 -3.54
N ILE A 73 -1.90 -7.67 -2.72
CA ILE A 73 -1.85 -6.23 -2.70
C ILE A 73 -0.94 -5.74 -1.57
N GLY A 74 0.35 -5.82 -1.83
CA GLY A 74 1.34 -5.37 -0.85
C GLY A 74 1.41 -6.27 0.37
N ASP A 75 2.37 -7.21 0.35
CA ASP A 75 2.66 -8.06 1.52
C ASP A 75 1.56 -9.09 1.77
N GLN A 76 0.34 -8.63 1.96
CA GLN A 76 -0.79 -9.51 2.27
C GLN A 76 -1.30 -10.19 0.99
N GLU A 77 -1.65 -11.46 1.10
CA GLU A 77 -2.10 -12.23 -0.05
C GLU A 77 -3.57 -12.59 0.09
N PHE A 78 -4.34 -12.29 -0.95
CA PHE A 78 -5.76 -12.64 -1.00
C PHE A 78 -5.99 -13.60 -2.15
N ASP A 79 -7.14 -14.27 -2.15
CA ASP A 79 -7.45 -15.27 -3.16
C ASP A 79 -7.75 -14.63 -4.50
N HIS A 80 -8.28 -13.42 -4.48
CA HIS A 80 -8.65 -12.71 -5.71
C HIS A 80 -8.87 -11.23 -5.44
N LEU A 81 -8.94 -10.45 -6.51
CA LEU A 81 -9.17 -9.00 -6.43
C LEU A 81 -10.41 -8.65 -5.61
N PRO A 82 -11.60 -9.24 -5.90
CA PRO A 82 -12.83 -8.94 -5.17
C PRO A 82 -12.72 -9.25 -3.66
N ALA A 83 -11.67 -9.97 -3.29
CA ALA A 83 -11.49 -10.42 -1.91
C ALA A 83 -10.69 -9.41 -1.11
N LEU A 84 -9.76 -8.72 -1.75
CA LEU A 84 -9.02 -7.67 -1.07
C LEU A 84 -9.88 -6.44 -0.95
N LEU A 85 -10.75 -6.25 -1.94
CA LEU A 85 -11.69 -5.15 -1.94
C LEU A 85 -12.68 -5.30 -0.78
N GLU A 86 -13.10 -6.53 -0.51
CA GLU A 86 -14.03 -6.78 0.57
C GLU A 86 -13.33 -6.76 1.93
N PHE A 87 -12.01 -6.90 1.93
CA PHE A 87 -11.23 -6.78 3.17
C PHE A 87 -11.05 -5.32 3.53
N TYR A 88 -10.83 -4.50 2.52
CA TYR A 88 -10.57 -3.08 2.74
C TYR A 88 -11.86 -2.32 3.04
N LYS A 89 -13.00 -2.93 2.73
CA LYS A 89 -14.29 -2.33 3.05
C LYS A 89 -14.50 -2.29 4.56
N ILE A 90 -13.77 -3.12 5.30
CA ILE A 90 -13.82 -3.06 6.77
C ILE A 90 -12.43 -2.80 7.37
N HIS A 91 -11.54 -2.23 6.57
CA HIS A 91 -10.18 -1.94 7.03
C HIS A 91 -9.94 -0.44 7.12
N TYR A 92 -10.58 0.31 6.21
CA TYR A 92 -10.35 1.74 6.04
C TYR A 92 -9.01 1.98 5.37
N LEU A 93 -9.04 2.39 4.11
CA LEU A 93 -7.82 2.75 3.39
C LEU A 93 -7.40 4.16 3.79
N ASP A 94 -8.32 4.83 4.47
CA ASP A 94 -7.99 6.00 5.26
C ASP A 94 -8.94 6.09 6.44
N THR A 95 -10.21 6.45 6.18
CA THR A 95 -11.18 6.53 7.25
C THR A 95 -12.61 6.21 6.79
N THR A 96 -12.81 5.86 5.52
CA THR A 96 -14.16 5.52 5.06
C THR A 96 -14.22 4.21 4.27
N THR A 97 -13.04 3.69 3.88
CA THR A 97 -12.90 2.42 3.14
C THR A 97 -13.33 2.56 1.68
N LEU A 98 -13.50 1.41 1.02
CA LEU A 98 -13.93 1.37 -0.36
C LEU A 98 -15.45 1.52 -0.45
N ILE A 99 -15.89 2.67 -0.93
CA ILE A 99 -17.31 2.96 -1.04
C ILE A 99 -17.80 2.71 -2.47
N GLU A 100 -17.07 3.24 -3.45
CA GLU A 100 -17.41 3.05 -4.85
C GLU A 100 -16.26 3.49 -5.76
N PRO A 101 -16.21 2.99 -7.01
CA PRO A 101 -15.15 3.31 -7.95
C PRO A 101 -15.40 4.63 -8.68
N ALA A 102 -14.34 5.16 -9.28
CA ALA A 102 -14.43 6.39 -10.07
C ALA A 102 -14.88 6.06 -11.49
N PRO A 103 -15.51 7.02 -12.18
CA PRO A 103 -15.95 6.84 -13.57
C PRO A 103 -14.78 6.65 -14.53
N ARG A 104 -14.95 5.73 -15.48
CA ARG A 104 -13.89 5.41 -16.42
C ARG A 104 -13.77 6.47 -17.50
N TYR A 105 -14.91 6.92 -18.00
CA TYR A 105 -14.94 7.96 -19.02
C TYR A 105 -16.06 8.95 -18.74
N PRO A 106 -15.82 9.90 -17.83
CA PRO A 106 -16.81 10.87 -17.43
C PRO A 106 -16.90 12.05 -18.39
N SER A 107 -15.84 12.24 -19.18
CA SER A 107 -15.70 13.40 -20.05
C SER A 107 -15.81 14.68 -19.23
N PRO A 108 -14.67 15.14 -18.66
CA PRO A 108 -14.64 16.30 -17.79
C PRO A 108 -15.21 17.55 -18.46
N PRO A 109 -16.18 18.20 -17.82
CA PRO A 109 -16.80 19.43 -18.33
C PRO A 109 -15.89 20.65 -18.18
N MET A 110 -14.61 20.45 -18.47
CA MET A 110 -13.61 21.51 -18.43
C MET A 110 -13.54 22.20 -17.08
N GLY A 111 -13.53 21.42 -16.01
CA GLY A 111 -13.36 21.97 -14.69
C GLY A 111 -14.46 21.57 -13.74
N SER A 112 -15.64 22.16 -13.93
CA SER A 112 -16.76 21.95 -13.04
C SER A 112 -17.32 20.52 -13.18
N VAL A 113 -16.89 19.64 -12.30
CA VAL A 113 -17.37 18.26 -12.31
C VAL A 113 -18.44 18.05 -11.24
N SER A 114 -18.42 18.91 -10.22
CA SER A 114 -19.43 18.91 -9.16
C SER A 114 -19.51 17.57 -8.42
N ALA A 115 -18.41 16.82 -8.43
CA ALA A 115 -18.36 15.53 -7.78
C ALA A 115 -17.50 15.54 -6.51
N PRO A 116 -16.25 16.06 -6.56
CA PRO A 116 -15.36 16.11 -5.40
C PRO A 116 -15.99 16.78 -4.19
N ASN A 117 -15.84 16.14 -3.03
CA ASN A 117 -16.36 16.68 -1.78
C ASN A 117 -15.57 17.90 -1.35
N LEU A 118 -14.25 17.79 -1.42
CA LEU A 118 -13.35 18.82 -0.94
C LEU A 118 -12.03 18.77 -1.72
N PRO A 119 -11.64 19.90 -2.33
CA PRO A 119 -10.36 20.04 -3.00
C PRO A 119 -9.26 20.47 -2.03
N THR A 120 -9.46 20.12 -0.77
CA THR A 120 -8.55 20.51 0.29
C THR A 120 -7.20 19.79 0.18
N ALA A 121 -6.14 20.50 0.54
CA ALA A 121 -4.80 19.94 0.55
C ALA A 121 -4.18 20.16 1.93
N GLU A 122 -5.05 20.26 2.93
CA GLU A 122 -4.62 20.53 4.29
C GLU A 122 -3.79 19.38 4.84
N ASP A 123 -4.38 18.20 4.84
CA ASP A 123 -3.70 17.01 5.37
C ASP A 123 -2.74 16.41 4.36
N ASN A 124 -1.54 16.14 4.81
CA ASN A 124 -0.55 15.45 3.99
C ASN A 124 -0.55 13.97 4.31
N LEU A 125 0.02 13.62 5.47
CA LEU A 125 0.02 12.24 5.97
C LEU A 125 0.77 11.30 5.04
N GLU A 126 2.01 10.98 5.40
CA GLU A 126 2.86 10.18 4.54
C GLU A 126 4.01 9.57 5.34
N TYR A 127 5.05 10.34 5.64
CA TYR A 127 6.25 9.76 6.22
C TYR A 127 6.40 10.12 7.69
N VAL A 128 6.36 9.09 8.51
CA VAL A 128 6.35 9.22 9.95
C VAL A 128 7.32 8.22 10.56
N ARG A 129 8.27 8.64 11.38
CA ARG A 129 9.15 7.64 11.99
C ARG A 129 8.90 7.53 13.48
N THR A 130 8.82 6.31 13.98
CA THR A 130 8.46 6.08 15.37
C THR A 130 9.71 5.86 16.24
N LEU A 131 9.66 6.42 17.44
CA LEU A 131 10.82 6.45 18.32
C LEU A 131 10.55 5.67 19.59
N TYR A 132 9.32 5.79 20.09
CA TYR A 132 8.96 5.26 21.40
C TYR A 132 9.07 3.74 21.46
N ASP A 133 8.80 3.09 20.32
CA ASP A 133 8.77 1.63 20.25
C ASP A 133 7.52 1.10 20.96
N PHE A 134 6.57 0.65 20.16
CA PHE A 134 5.31 0.14 20.67
C PHE A 134 4.84 -1.01 19.80
N PRO A 135 4.90 -2.24 20.31
CA PRO A 135 4.49 -3.41 19.57
C PRO A 135 3.00 -3.71 19.73
N GLY A 136 2.22 -3.31 18.74
CA GLY A 136 0.80 -3.62 18.75
C GLY A 136 0.52 -5.02 18.24
N ASN A 137 1.58 -5.69 17.82
CA ASN A 137 1.49 -7.03 17.22
C ASN A 137 0.59 -7.04 15.98
N ASP A 138 0.47 -5.86 15.36
CA ASP A 138 -0.26 -5.64 14.10
C ASP A 138 -1.68 -6.20 14.09
N ALA A 139 -2.31 -6.06 12.93
CA ALA A 139 -3.66 -6.55 12.66
C ALA A 139 -4.69 -5.72 13.41
N GLU A 140 -4.20 -4.63 13.97
CA GLU A 140 -5.02 -3.71 14.76
C GLU A 140 -4.15 -2.53 15.15
N ASP A 141 -2.95 -2.84 15.62
CA ASP A 141 -2.00 -1.83 16.07
C ASP A 141 -0.61 -2.19 15.55
N LEU A 142 0.01 -1.29 14.84
CA LEU A 142 1.29 -1.59 14.19
C LEU A 142 2.39 -1.74 15.23
N PRO A 143 3.19 -2.81 15.15
CA PRO A 143 4.32 -3.02 16.03
C PRO A 143 5.55 -2.28 15.53
N PHE A 144 5.68 -1.04 15.94
CA PHE A 144 6.79 -0.23 15.48
C PHE A 144 7.89 -0.20 16.51
N LYS A 145 9.09 0.10 16.05
CA LYS A 145 10.27 0.00 16.89
C LYS A 145 10.83 1.39 17.18
N LYS A 146 12.00 1.42 17.81
CA LYS A 146 12.63 2.65 18.22
C LYS A 146 13.42 3.34 17.10
N GLY A 147 13.12 2.99 15.85
CA GLY A 147 13.83 3.60 14.74
C GLY A 147 13.37 3.12 13.37
N GLU A 148 12.09 2.85 13.24
CA GLU A 148 11.53 2.43 11.95
C GLU A 148 10.89 3.62 11.25
N ILE A 149 10.76 3.55 9.93
CA ILE A 149 10.02 4.56 9.22
C ILE A 149 8.67 3.97 8.87
N LEU A 150 7.64 4.77 9.00
CA LEU A 150 6.31 4.31 8.70
C LEU A 150 5.75 5.19 7.62
N VAL A 151 4.81 4.64 6.90
CA VAL A 151 4.08 5.41 5.95
C VAL A 151 2.63 5.37 6.35
N ILE A 152 1.99 6.52 6.40
CA ILE A 152 0.61 6.57 6.83
C ILE A 152 -0.26 6.05 5.71
N ILE A 153 -0.58 4.77 5.84
CA ILE A 153 -1.32 4.05 4.82
C ILE A 153 -2.80 4.40 4.93
N GLU A 154 -3.25 4.67 6.15
CA GLU A 154 -4.59 5.19 6.38
C GLU A 154 -4.59 6.14 7.59
N LYS A 155 -5.33 7.23 7.52
CA LYS A 155 -5.50 8.10 8.67
C LYS A 155 -6.96 8.18 9.09
N PRO A 156 -7.42 7.25 9.94
CA PRO A 156 -8.79 7.23 10.41
C PRO A 156 -9.07 8.33 11.43
N GLU A 157 -8.32 8.32 12.53
CA GLU A 157 -8.56 9.25 13.62
C GLU A 157 -7.48 10.31 13.69
N GLU A 158 -7.63 11.24 14.62
CA GLU A 158 -6.63 12.28 14.84
C GLU A 158 -5.77 11.96 16.06
N GLN A 159 -6.29 11.10 16.94
CA GLN A 159 -5.54 10.63 18.10
C GLN A 159 -4.67 9.44 17.71
N TRP A 160 -5.19 8.63 16.80
CA TRP A 160 -4.50 7.43 16.34
C TRP A 160 -4.45 7.41 14.82
N TRP A 161 -3.26 7.20 14.27
CA TRP A 161 -3.07 7.11 12.83
C TRP A 161 -2.77 5.67 12.45
N SER A 162 -3.04 5.30 11.23
CA SER A 162 -2.82 3.93 10.79
C SER A 162 -1.68 3.87 9.79
N ALA A 163 -0.50 3.47 10.26
CA ALA A 163 0.66 3.47 9.40
C ALA A 163 1.14 2.06 9.13
N ARG A 164 1.96 1.91 8.10
CA ARG A 164 2.55 0.63 7.78
C ARG A 164 4.03 0.66 8.13
N ASN A 165 4.53 -0.44 8.68
CA ASN A 165 5.92 -0.50 9.15
C ASN A 165 6.88 -0.51 7.96
N LYS A 166 8.18 -0.54 8.24
CA LYS A 166 9.18 -0.72 7.20
C LYS A 166 8.92 -2.03 6.47
N ASP A 167 8.40 -3.01 7.22
CA ASP A 167 7.91 -4.26 6.64
C ASP A 167 6.79 -3.97 5.65
N GLY A 168 5.90 -3.07 6.04
CA GLY A 168 4.80 -2.70 5.18
C GLY A 168 3.44 -3.06 5.75
N ARG A 169 3.41 -3.82 6.84
CA ARG A 169 2.13 -4.27 7.38
C ARG A 169 1.45 -3.14 8.15
N VAL A 170 0.12 -3.21 8.20
CA VAL A 170 -0.69 -2.10 8.68
C VAL A 170 -1.14 -2.27 10.13
N GLY A 171 -1.18 -1.16 10.84
CA GLY A 171 -1.77 -1.13 12.16
C GLY A 171 -1.86 0.30 12.67
N MET A 172 -2.67 0.53 13.68
CA MET A 172 -2.83 1.87 14.23
C MET A 172 -1.70 2.20 15.20
N ILE A 173 -1.33 3.47 15.23
CA ILE A 173 -0.20 3.94 16.01
C ILE A 173 -0.52 5.30 16.63
N PRO A 174 -0.01 5.57 17.83
CA PRO A 174 -0.24 6.82 18.56
C PRO A 174 0.54 8.00 17.95
N VAL A 175 -0.16 9.12 17.77
CA VAL A 175 0.44 10.33 17.21
C VAL A 175 1.59 10.89 18.06
N PRO A 176 1.42 11.02 19.39
CA PRO A 176 2.50 11.55 20.27
C PRO A 176 3.76 10.70 20.27
N TYR A 177 3.66 9.49 19.73
CA TYR A 177 4.77 8.55 19.70
C TYR A 177 5.67 8.77 18.49
N VAL A 178 5.29 9.67 17.61
CA VAL A 178 5.95 9.72 16.30
C VAL A 178 6.84 10.95 16.06
N GLU A 179 7.72 10.72 15.09
CA GLU A 179 8.76 11.63 14.60
C GLU A 179 8.48 11.93 13.13
N LYS A 180 7.25 12.23 12.78
CA LYS A 180 6.86 12.28 11.38
C LYS A 180 7.42 13.56 10.75
N LEU A 181 7.94 13.37 9.54
CA LEU A 181 8.81 14.35 8.90
C LEU A 181 8.11 15.69 8.70
N VAL A 182 6.93 15.66 8.08
CA VAL A 182 6.18 16.87 7.82
C VAL A 182 4.69 16.65 7.97
N ARG A 183 4.10 17.32 8.95
CA ARG A 183 2.66 17.38 9.09
C ARG A 183 2.32 18.65 9.86
N SER A 184 2.19 19.73 9.10
CA SER A 184 1.89 21.02 9.68
C SER A 184 0.42 21.09 10.12
N SER A 185 0.12 22.07 10.95
CA SER A 185 -1.25 22.34 11.33
C SER A 185 -1.93 23.11 10.19
N PRO A 186 -3.27 23.27 10.22
CA PRO A 186 -4.02 23.93 9.14
C PRO A 186 -3.44 25.30 8.73
N HIS A 187 -2.55 25.25 7.74
CA HIS A 187 -1.93 26.42 7.13
C HIS A 187 -0.87 25.94 6.15
N GLY A 188 -0.13 26.88 5.56
CA GLY A 188 0.88 26.51 4.60
C GLY A 188 2.19 26.14 5.26
N LYS A 189 3.26 26.14 4.47
CA LYS A 189 4.59 25.77 4.95
C LYS A 189 5.18 26.89 5.80
N HIS A 190 4.54 28.07 5.73
CA HIS A 190 4.87 29.25 6.54
C HIS A 190 6.38 29.53 6.66
N GLY A 191 6.86 30.45 5.84
CA GLY A 191 8.25 30.84 5.89
C GLY A 191 8.39 32.35 5.87
N ASN A 192 9.51 32.85 6.36
CA ASN A 192 9.75 34.29 6.39
C ASN A 192 9.81 34.84 4.97
N ARG A 193 10.50 34.14 4.10
CA ARG A 193 10.56 34.53 2.70
C ARG A 193 10.44 33.30 1.81
N ASN A 194 9.20 32.94 1.49
CA ASN A 194 8.94 31.80 0.62
C ASN A 194 8.80 32.29 -0.82
N SER A 195 9.86 32.17 -1.59
CA SER A 195 9.88 32.67 -2.95
C SER A 195 10.78 31.81 -3.83
N ASN A 196 12.09 31.98 -3.66
CA ASN A 196 13.07 31.22 -4.41
C ASN A 196 13.34 29.89 -3.72
N SER A 197 12.27 29.24 -3.31
CA SER A 197 12.35 27.98 -2.60
C SER A 197 12.01 26.82 -3.53
N TYR A 198 13.04 26.22 -4.12
CA TYR A 198 12.85 25.09 -5.01
C TYR A 198 12.85 23.79 -4.22
N GLY A 199 12.48 22.70 -4.87
CA GLY A 199 12.27 21.46 -4.16
C GLY A 199 10.83 21.34 -3.73
N ILE A 200 9.94 21.50 -4.70
CA ILE A 200 8.50 21.49 -4.45
C ILE A 200 7.91 20.09 -4.71
N PRO A 201 8.13 19.51 -5.92
CA PRO A 201 7.61 18.17 -6.25
C PRO A 201 8.03 17.12 -5.24
N GLU A 202 7.11 16.23 -4.90
CA GLU A 202 7.36 15.18 -3.92
C GLU A 202 8.49 14.26 -4.40
N PRO A 203 9.52 14.06 -3.56
CA PRO A 203 10.62 13.15 -3.89
C PRO A 203 10.23 11.69 -3.65
N ALA A 204 9.00 11.50 -3.23
CA ALA A 204 8.46 10.18 -2.92
C ALA A 204 6.94 10.22 -2.97
N HIS A 205 6.28 9.44 -2.10
CA HIS A 205 4.82 9.38 -2.04
C HIS A 205 4.26 8.71 -3.30
N ALA A 206 5.07 7.89 -3.93
CA ALA A 206 4.69 7.22 -5.16
C ALA A 206 3.61 6.18 -4.89
N ALA A 208 1.54 3.58 -1.94
CA ALA A 208 1.17 3.38 -0.56
C ALA A 208 1.01 1.89 -0.30
N GLN A 209 1.48 1.11 -1.25
CA GLN A 209 1.46 -0.34 -1.16
C GLN A 209 2.20 -0.80 0.07
N PRO A 210 1.62 -1.76 0.81
CA PRO A 210 2.33 -2.42 1.89
C PRO A 210 3.54 -3.20 1.34
N GLN A 211 4.62 -3.25 2.12
CA GLN A 211 5.85 -3.93 1.69
C GLN A 211 6.53 -3.12 0.58
N THR A 212 7.77 -3.47 0.26
CA THR A 212 8.48 -2.80 -0.81
C THR A 212 8.74 -3.77 -1.96
N THR A 213 8.01 -3.60 -3.05
CA THR A 213 8.15 -4.46 -4.21
C THR A 213 9.23 -3.93 -5.16
N THR A 214 9.63 -4.75 -6.11
CA THR A 214 10.63 -4.36 -7.08
C THR A 214 10.15 -4.62 -8.50
N PRO A 215 10.16 -3.59 -9.35
CA PRO A 215 9.79 -3.73 -10.76
C PRO A 215 10.86 -4.48 -11.54
N LEU A 216 10.52 -5.70 -11.95
CA LEU A 216 11.45 -6.51 -12.72
C LEU A 216 11.33 -6.19 -14.21
N PRO A 217 12.46 -6.20 -14.93
CA PRO A 217 12.49 -5.89 -16.36
C PRO A 217 11.91 -7.01 -17.21
N ALA A 218 11.56 -8.12 -16.55
CA ALA A 218 10.98 -9.26 -17.23
C ALA A 218 9.47 -9.24 -17.11
N VAL A 219 8.78 -9.09 -18.24
CA VAL A 219 7.33 -9.06 -18.23
C VAL A 219 6.74 -10.44 -17.93
N SER A 220 6.27 -10.61 -16.71
CA SER A 220 5.70 -11.87 -16.28
C SER A 220 4.60 -11.64 -15.25
N GLY A 221 3.43 -12.21 -15.52
CA GLY A 221 2.29 -12.06 -14.62
C GLY A 221 0.98 -12.02 -15.35
N SER A 222 0.85 -12.84 -16.39
CA SER A 222 -0.38 -12.92 -17.16
C SER A 222 -1.45 -13.68 -16.39
N PRO A 223 -2.57 -13.01 -16.09
CA PRO A 223 -3.67 -13.59 -15.30
C PRO A 223 -4.41 -14.68 -16.08
N GLY A 224 -4.49 -14.53 -17.39
CA GLY A 224 -5.24 -15.46 -18.21
C GLY A 224 -6.73 -15.19 -18.15
N ALA A 225 -7.36 -15.62 -17.08
CA ALA A 225 -8.79 -15.42 -16.87
C ALA A 225 -9.09 -15.28 -15.38
N ALA A 226 -10.07 -14.45 -15.05
CA ALA A 226 -10.43 -14.24 -13.66
C ALA A 226 -11.86 -14.70 -13.41
N ILE A 227 -11.99 -15.71 -12.55
CA ILE A 227 -13.29 -16.28 -12.23
C ILE A 227 -14.15 -15.30 -11.45
N THR A 228 -15.36 -15.08 -11.91
CA THR A 228 -16.29 -14.19 -11.24
C THR A 228 -17.02 -14.93 -10.12
N PRO A 229 -16.94 -14.40 -8.89
CA PRO A 229 -17.62 -14.98 -7.74
C PRO A 229 -19.06 -14.48 -7.60
N LEU A 230 -19.61 -14.64 -6.41
CA LEU A 230 -20.97 -14.23 -6.13
C LEU A 230 -21.03 -13.66 -4.71
N PRO A 231 -22.19 -13.10 -4.27
CA PRO A 231 -22.35 -12.56 -2.91
C PRO A 231 -22.03 -13.59 -1.82
N SER A 232 -22.15 -14.86 -2.15
CA SER A 232 -21.84 -15.94 -1.22
C SER A 232 -20.34 -16.16 -1.13
N THR A 233 -19.85 -16.43 0.07
CA THR A 233 -18.42 -16.59 0.29
C THR A 233 -17.89 -17.88 -0.34
N GLN A 234 -16.59 -17.93 -0.50
CA GLN A 234 -15.94 -19.08 -1.10
C GLN A 234 -15.84 -20.24 -0.10
N ASN A 235 -16.93 -20.98 0.05
CA ASN A 235 -16.96 -22.13 0.94
C ASN A 235 -17.62 -23.32 0.28
N GLY A 236 -18.01 -23.16 -0.98
CA GLY A 236 -18.73 -24.21 -1.67
C GLY A 236 -18.15 -24.51 -3.03
N PRO A 237 -17.51 -25.69 -3.20
CA PRO A 237 -17.00 -26.15 -4.49
C PRO A 237 -18.11 -26.79 -5.33
N VAL A 238 -17.84 -26.94 -6.62
CA VAL A 238 -18.83 -27.54 -7.52
C VAL A 238 -18.54 -29.03 -7.67
N PHE A 239 -19.57 -29.85 -7.51
CA PHE A 239 -19.43 -31.30 -7.60
C PHE A 239 -20.20 -31.85 -8.79
N ALA A 240 -19.56 -32.74 -9.53
CA ALA A 240 -20.22 -33.43 -10.64
C ALA A 240 -20.15 -34.93 -10.42
N LYS A 241 -21.22 -35.63 -10.78
CA LYS A 241 -21.20 -37.08 -10.70
C LYS A 241 -20.58 -37.68 -11.95
N ALA A 242 -19.50 -38.41 -11.74
CA ALA A 242 -18.79 -39.05 -12.83
C ALA A 242 -19.36 -40.44 -13.05
N ILE A 243 -19.96 -40.65 -14.22
CA ILE A 243 -20.81 -41.81 -14.42
C ILE A 243 -20.48 -42.59 -15.69
N GLN A 244 -19.63 -42.04 -16.56
CA GLN A 244 -19.36 -42.69 -17.82
C GLN A 244 -17.91 -43.18 -17.94
N LYS A 245 -17.00 -42.32 -18.43
CA LYS A 245 -15.63 -42.76 -18.70
C LYS A 245 -14.71 -41.60 -19.12
N ARG A 246 -13.67 -41.36 -18.32
CA ARG A 246 -12.58 -40.48 -18.73
C ARG A 246 -11.23 -41.14 -18.48
N VAL A 247 -10.66 -41.71 -19.53
CA VAL A 247 -9.36 -42.36 -19.44
C VAL A 247 -8.32 -41.56 -20.22
N PRO A 248 -7.15 -41.32 -19.62
CA PRO A 248 -6.08 -40.56 -20.26
C PRO A 248 -5.24 -41.42 -21.20
N CYS A 249 -5.41 -41.19 -22.50
CA CYS A 249 -4.61 -41.88 -23.51
C CYS A 249 -3.15 -41.48 -23.35
N ALA A 250 -2.23 -42.27 -23.91
CA ALA A 250 -0.79 -42.08 -23.71
C ALA A 250 -0.28 -40.71 -24.19
N TYR A 251 -1.13 -39.96 -24.88
CA TYR A 251 -0.79 -38.61 -25.29
C TYR A 251 -0.70 -37.71 -24.06
N ASP A 252 -1.55 -38.00 -23.07
CA ASP A 252 -1.60 -37.27 -21.80
C ASP A 252 -1.57 -35.76 -21.97
N LYS A 253 -2.74 -35.18 -22.16
CA LYS A 253 -2.85 -33.74 -22.31
C LYS A 253 -3.75 -33.18 -21.23
N THR A 254 -3.23 -33.15 -20.01
CA THR A 254 -3.98 -32.66 -18.85
C THR A 254 -5.24 -33.51 -18.64
N ALA A 255 -5.13 -34.80 -18.90
CA ALA A 255 -6.29 -35.69 -18.82
C ALA A 255 -6.37 -36.35 -17.45
N LEU A 256 -7.46 -36.09 -16.75
CA LEU A 256 -7.69 -36.68 -15.43
C LEU A 256 -8.47 -37.98 -15.61
N ALA A 257 -7.93 -39.06 -15.05
CA ALA A 257 -8.60 -40.35 -15.12
C ALA A 257 -9.68 -40.46 -14.05
N LEU A 258 -10.92 -40.47 -14.50
CA LEU A 258 -12.07 -40.66 -13.62
C LEU A 258 -13.31 -40.99 -14.44
N GLU A 259 -14.45 -40.45 -14.00
CA GLU A 259 -15.71 -40.61 -14.70
C GLU A 259 -16.36 -41.95 -14.38
N VAL A 260 -15.71 -42.72 -13.53
CA VAL A 260 -16.31 -43.93 -13.00
C VAL A 260 -16.11 -43.97 -11.49
N GLY A 261 -17.07 -43.42 -10.76
CA GLY A 261 -16.97 -43.38 -9.32
C GLY A 261 -18.18 -42.73 -8.70
N ASP A 262 -18.14 -41.41 -8.64
CA ASP A 262 -19.22 -40.62 -8.04
C ASP A 262 -18.93 -39.13 -8.09
N ILE A 263 -18.10 -38.69 -7.18
CA ILE A 263 -17.88 -37.26 -6.99
C ILE A 263 -16.59 -36.76 -7.64
N VAL A 264 -16.75 -35.82 -8.57
CA VAL A 264 -15.62 -35.07 -9.11
C VAL A 264 -15.65 -33.64 -8.57
N LYS A 265 -14.57 -33.24 -7.90
CA LYS A 265 -14.47 -31.91 -7.35
C LYS A 265 -13.76 -30.99 -8.32
N VAL A 266 -14.47 -29.98 -8.80
CA VAL A 266 -13.87 -29.02 -9.71
C VAL A 266 -13.74 -27.65 -9.04
N THR A 267 -12.50 -27.20 -8.91
CA THR A 267 -12.22 -25.94 -8.24
C THR A 267 -11.79 -24.85 -9.23
N ARG A 268 -11.43 -25.26 -10.45
CA ARG A 268 -11.05 -24.31 -11.48
C ARG A 268 -11.89 -24.47 -12.73
N MET A 269 -12.88 -23.60 -12.89
CA MET A 269 -13.71 -23.60 -14.08
C MET A 269 -13.28 -22.50 -15.02
N ASN A 270 -13.29 -22.79 -16.30
CA ASN A 270 -12.82 -21.85 -17.32
C ASN A 270 -13.78 -21.82 -18.50
N ILE A 271 -13.50 -20.95 -19.46
CA ILE A 271 -14.42 -20.69 -20.57
C ILE A 271 -14.22 -21.66 -21.75
N ASN A 272 -13.33 -22.63 -21.58
CA ASN A 272 -13.12 -23.66 -22.59
C ASN A 272 -14.28 -24.65 -22.57
N GLY A 273 -14.68 -25.04 -21.39
CA GLY A 273 -15.70 -26.06 -21.24
C GLY A 273 -15.16 -27.26 -20.49
N GLN A 274 -13.92 -27.60 -20.79
CA GLN A 274 -13.21 -28.62 -20.03
C GLN A 274 -12.70 -28.00 -18.75
N TRP A 275 -13.19 -28.49 -17.63
CA TRP A 275 -12.86 -27.88 -16.34
C TRP A 275 -11.66 -28.56 -15.70
N GLU A 276 -10.99 -27.82 -14.83
CA GLU A 276 -9.86 -28.36 -14.10
C GLU A 276 -10.29 -28.73 -12.69
N GLY A 277 -10.39 -30.01 -12.42
CA GLY A 277 -10.73 -30.46 -11.10
C GLY A 277 -9.65 -31.33 -10.51
N GLU A 278 -9.48 -31.30 -9.21
CA GLU A 278 -8.48 -32.13 -8.56
C GLU A 278 -9.15 -33.24 -7.76
N VAL A 279 -9.02 -34.46 -8.23
CA VAL A 279 -9.69 -35.59 -7.61
C VAL A 279 -8.71 -36.71 -7.32
N ASN A 280 -8.38 -37.48 -8.34
CA ASN A 280 -7.48 -38.64 -8.18
C ASN A 280 -6.02 -38.21 -8.20
N GLY A 281 -5.63 -37.46 -7.18
CA GLY A 281 -4.24 -37.06 -7.03
C GLY A 281 -3.73 -36.15 -8.13
N ARG A 282 -4.64 -35.56 -8.89
CA ARG A 282 -4.25 -34.71 -10.00
C ARG A 282 -5.35 -33.70 -10.33
N LYS A 283 -4.92 -32.53 -10.75
CA LYS A 283 -5.82 -31.52 -11.30
C LYS A 283 -5.71 -31.53 -12.82
N GLY A 284 -6.79 -31.90 -13.48
CA GLY A 284 -6.78 -32.01 -14.92
C GLY A 284 -8.11 -31.66 -15.53
N LEU A 285 -8.17 -31.70 -16.85
CA LEU A 285 -9.38 -31.33 -17.58
C LEU A 285 -10.35 -32.49 -17.70
N PHE A 286 -11.62 -32.19 -17.56
CA PHE A 286 -12.68 -33.15 -17.85
C PHE A 286 -13.86 -32.42 -18.49
N PRO A 287 -14.36 -32.93 -19.63
CA PRO A 287 -15.47 -32.31 -20.35
C PRO A 287 -16.81 -32.51 -19.65
N PHE A 288 -17.60 -31.45 -19.61
CA PHE A 288 -18.90 -31.47 -18.91
C PHE A 288 -19.92 -32.31 -19.67
N THR A 289 -19.60 -32.69 -20.89
CA THR A 289 -20.49 -33.53 -21.68
C THR A 289 -20.27 -35.01 -21.33
N HIS A 290 -19.32 -35.28 -20.46
CA HIS A 290 -19.09 -36.62 -19.96
C HIS A 290 -19.69 -36.79 -18.57
N VAL A 291 -19.31 -35.91 -17.66
CA VAL A 291 -19.81 -35.96 -16.29
C VAL A 291 -21.14 -35.23 -16.20
N LYS A 292 -21.92 -35.52 -15.17
CA LYS A 292 -23.19 -34.85 -14.99
C LYS A 292 -23.13 -33.92 -13.79
N ILE A 293 -23.09 -32.62 -14.06
CA ILE A 293 -23.10 -31.64 -12.99
C ILE A 293 -24.48 -31.64 -12.35
N PHE A 294 -24.52 -31.69 -11.04
CA PHE A 294 -25.79 -31.82 -10.36
C PHE A 294 -25.86 -30.85 -9.19
N ASP A 295 -27.07 -30.59 -8.74
CA ASP A 295 -27.29 -29.74 -7.60
C ASP A 295 -27.54 -30.58 -6.35
N PRO A 296 -26.59 -30.55 -5.41
CA PRO A 296 -26.70 -31.28 -4.15
C PRO A 296 -27.57 -30.54 -3.15
N GLN A 297 -28.65 -29.94 -3.66
CA GLN A 297 -29.53 -29.11 -2.86
C GLN A 297 -28.75 -27.94 -2.27
N ASN A 298 -28.05 -27.24 -3.14
CA ASN A 298 -27.30 -26.05 -2.74
C ASN A 298 -28.24 -24.84 -2.72
N PRO A 299 -28.03 -23.90 -1.78
CA PRO A 299 -28.90 -22.75 -1.59
C PRO A 299 -28.44 -21.50 -2.35
N ASP A 300 -27.68 -21.68 -3.42
CA ASP A 300 -27.14 -20.56 -4.16
C ASP A 300 -27.39 -20.71 -5.66
N GLU A 301 -26.98 -19.67 -6.41
CA GLU A 301 -27.06 -19.57 -7.88
C GLU A 301 -28.48 -19.69 -8.45
N ASN A 302 -29.20 -20.75 -8.12
CA ASN A 302 -30.50 -21.01 -8.71
C ASN A 302 -31.58 -20.15 -8.06
N GLU A 303 -32.41 -19.54 -8.88
CA GLU A 303 -33.55 -18.76 -8.42
C GLU A 303 -34.82 -19.31 -9.04
N MET A 1 -28.53 0.36 3.15
CA MET A 1 -27.91 -0.22 4.37
C MET A 1 -26.39 -0.14 4.27
N SER A 2 -25.80 -0.99 3.44
CA SER A 2 -24.36 -1.03 3.30
C SER A 2 -23.86 0.13 2.44
N SER A 3 -22.73 0.69 2.81
CA SER A 3 -22.15 1.79 2.05
C SER A 3 -21.48 1.26 0.79
N ALA A 4 -20.81 0.12 0.93
CA ALA A 4 -20.23 -0.57 -0.22
C ALA A 4 -21.33 -1.19 -1.08
N ARG A 5 -21.76 -0.46 -2.11
CA ARG A 5 -22.87 -0.92 -2.93
C ARG A 5 -22.43 -1.24 -4.35
N PHE A 6 -21.14 -1.37 -4.56
CA PHE A 6 -20.65 -1.84 -5.85
C PHE A 6 -20.63 -3.36 -5.83
N ASP A 7 -20.38 -3.98 -6.98
CA ASP A 7 -20.35 -5.44 -7.03
C ASP A 7 -18.98 -5.92 -6.58
N SER A 8 -18.41 -6.83 -7.32
CA SER A 8 -17.08 -7.33 -7.09
C SER A 8 -16.75 -8.24 -8.24
N SER A 9 -17.12 -7.77 -9.42
CA SER A 9 -16.78 -8.45 -10.68
C SER A 9 -16.99 -7.50 -11.83
N ASP A 10 -17.63 -6.38 -11.51
CA ASP A 10 -17.97 -5.38 -12.49
C ASP A 10 -16.74 -4.57 -12.89
N ARG A 11 -15.95 -5.14 -13.78
CA ARG A 11 -14.73 -4.50 -14.26
C ARG A 11 -15.10 -3.31 -15.14
N SER A 12 -16.34 -3.29 -15.58
CA SER A 12 -16.87 -2.16 -16.32
C SER A 12 -17.16 -1.01 -15.37
N ALA A 13 -17.05 -1.27 -14.06
CA ALA A 13 -17.32 -0.25 -13.06
C ALA A 13 -16.04 0.23 -12.37
N TRP A 14 -15.18 -0.70 -11.94
CA TRP A 14 -14.03 -0.33 -11.14
C TRP A 14 -12.69 -0.42 -11.89
N TYR A 15 -12.65 -1.19 -12.97
CA TYR A 15 -11.39 -1.41 -13.68
C TYR A 15 -11.07 -0.24 -14.61
N MET A 16 -9.92 0.38 -14.42
CA MET A 16 -9.52 1.56 -15.20
C MET A 16 -8.50 1.20 -16.27
N GLY A 17 -7.93 0.00 -16.15
CA GLY A 17 -6.90 -0.46 -17.06
C GLY A 17 -5.76 0.53 -17.25
N PRO A 18 -5.61 1.11 -18.46
CA PRO A 18 -4.50 2.01 -18.79
C PRO A 18 -4.58 3.34 -18.06
N VAL A 19 -4.06 3.36 -16.83
CA VAL A 19 -3.98 4.57 -16.02
C VAL A 19 -2.59 4.62 -15.35
N SER A 20 -2.26 5.71 -14.68
CA SER A 20 -0.90 5.96 -14.23
C SER A 20 -0.97 6.69 -12.90
N ARG A 21 0.16 6.86 -12.25
CA ARG A 21 0.19 7.52 -10.96
C ARG A 21 -0.28 8.97 -11.08
N GLN A 22 0.08 9.62 -12.17
CA GLN A 22 -0.29 11.00 -12.42
C GLN A 22 -1.81 11.13 -12.57
N GLU A 23 -2.37 10.38 -13.52
CA GLU A 23 -3.79 10.42 -13.79
C GLU A 23 -4.62 9.99 -12.59
N ALA A 24 -4.25 8.84 -12.02
CA ALA A 24 -4.97 8.29 -10.88
C ALA A 24 -5.02 9.29 -9.71
N GLN A 25 -3.93 10.02 -9.53
CA GLN A 25 -3.81 10.97 -8.43
C GLN A 25 -4.84 12.10 -8.57
N THR A 26 -4.98 12.64 -9.78
CA THR A 26 -5.86 13.78 -10.01
C THR A 26 -7.33 13.35 -10.07
N ARG A 27 -7.56 12.07 -10.36
CA ARG A 27 -8.92 11.54 -10.49
C ARG A 27 -9.49 11.21 -9.12
N LEU A 28 -8.65 11.23 -8.10
CA LEU A 28 -9.09 10.97 -6.74
C LEU A 28 -8.65 12.11 -5.80
N GLN A 29 -8.19 13.21 -6.38
CA GLN A 29 -7.68 14.34 -5.60
C GLN A 29 -8.84 15.08 -4.92
N GLY A 30 -9.06 14.76 -3.65
CA GLY A 30 -10.11 15.42 -2.87
C GLY A 30 -11.48 14.87 -3.19
N GLN A 31 -11.54 13.93 -4.12
CA GLN A 31 -12.79 13.36 -4.60
C GLN A 31 -13.58 12.69 -3.47
N ARG A 32 -14.84 12.36 -3.75
CA ARG A 32 -15.71 11.74 -2.76
C ARG A 32 -15.01 10.58 -2.07
N HIS A 33 -14.87 10.72 -0.77
CA HIS A 33 -14.16 9.72 0.02
C HIS A 33 -14.90 8.40 -0.01
N GLY A 34 -14.24 7.40 -0.56
CA GLY A 34 -14.88 6.11 -0.78
C GLY A 34 -14.69 5.62 -2.20
N MET A 35 -14.26 6.51 -3.09
CA MET A 35 -13.99 6.13 -4.47
C MET A 35 -12.76 5.24 -4.54
N PHE A 36 -12.69 4.41 -5.57
CA PHE A 36 -11.52 3.58 -5.79
C PHE A 36 -11.43 3.19 -7.26
N LEU A 37 -10.23 2.82 -7.69
CA LEU A 37 -10.02 2.37 -9.06
C LEU A 37 -8.84 1.43 -9.16
N VAL A 38 -8.99 0.40 -9.97
CA VAL A 38 -7.93 -0.56 -10.21
C VAL A 38 -7.40 -0.41 -11.63
N ARG A 39 -6.14 -0.04 -11.74
CA ARG A 39 -5.53 0.21 -13.04
C ARG A 39 -4.37 -0.77 -13.25
N ASP A 40 -3.78 -0.73 -14.42
CA ASP A 40 -2.60 -1.55 -14.71
C ASP A 40 -1.37 -0.99 -14.03
N SER A 41 -0.61 -1.86 -13.40
CA SER A 41 0.64 -1.46 -12.78
C SER A 41 1.76 -1.54 -13.81
N SER A 42 2.24 -0.39 -14.24
CA SER A 42 3.27 -0.32 -15.27
C SER A 42 4.64 -0.73 -14.72
N THR A 43 4.68 -1.22 -13.49
CA THR A 43 5.92 -1.65 -12.89
C THR A 43 6.12 -3.16 -13.08
N CYS A 44 5.01 -3.88 -13.25
CA CYS A 44 5.04 -5.32 -13.43
C CYS A 44 3.82 -5.76 -14.24
N PRO A 45 4.04 -6.28 -15.46
CA PRO A 45 2.97 -6.73 -16.36
C PRO A 45 2.14 -7.86 -15.75
N GLY A 46 0.97 -7.53 -15.26
CA GLY A 46 0.10 -8.51 -14.64
C GLY A 46 -0.43 -8.02 -13.30
N ASP A 47 0.32 -7.11 -12.68
CA ASP A 47 -0.07 -6.55 -11.39
C ASP A 47 -0.96 -5.33 -11.61
N TYR A 48 -1.63 -4.90 -10.56
CA TYR A 48 -2.54 -3.77 -10.64
C TYR A 48 -2.31 -2.80 -9.47
N VAL A 49 -3.11 -1.74 -9.41
CA VAL A 49 -3.04 -0.78 -8.32
C VAL A 49 -4.42 -0.27 -7.95
N LEU A 50 -4.87 -0.61 -6.76
CA LEU A 50 -6.10 -0.08 -6.21
C LEU A 50 -5.83 1.32 -5.64
N SER A 51 -6.13 2.34 -6.41
CA SER A 51 -6.02 3.70 -5.93
C SER A 51 -7.37 4.16 -5.41
N VAL A 52 -7.40 4.48 -4.14
CA VAL A 52 -8.61 4.81 -3.44
C VAL A 52 -8.63 6.30 -3.06
N SER A 53 -9.79 6.94 -3.14
CA SER A 53 -9.91 8.34 -2.78
C SER A 53 -10.30 8.47 -1.31
N GLU A 54 -9.34 8.83 -0.48
CA GLU A 54 -9.59 8.90 0.96
C GLU A 54 -8.47 9.63 1.71
N ASN A 55 -8.75 9.99 2.98
CA ASN A 55 -7.92 10.91 3.80
C ASN A 55 -8.19 12.31 3.35
N SER A 56 -7.81 12.49 2.13
CA SER A 56 -7.89 13.72 1.44
C SER A 56 -7.81 13.38 -0.01
N ARG A 57 -7.12 12.26 -0.37
CA ARG A 57 -7.05 11.98 -1.79
C ARG A 57 -6.67 10.59 -2.36
N VAL A 58 -5.60 9.93 -1.93
CA VAL A 58 -5.14 8.77 -2.71
C VAL A 58 -4.50 7.69 -1.87
N SER A 59 -5.18 6.60 -1.70
CA SER A 59 -4.61 5.42 -1.09
C SER A 59 -4.16 4.44 -2.19
N HIS A 60 -2.84 4.22 -2.33
CA HIS A 60 -2.31 3.47 -3.48
C HIS A 60 -1.96 2.02 -3.17
N TYR A 61 -2.89 1.11 -3.25
CA TYR A 61 -2.63 -0.26 -2.84
C TYR A 61 -2.39 -1.20 -4.03
N ILE A 62 -1.16 -1.67 -4.22
CA ILE A 62 -0.85 -2.54 -5.36
C ILE A 62 -1.38 -3.96 -5.18
N ILE A 63 -1.90 -4.52 -6.26
CA ILE A 63 -2.37 -5.89 -6.30
C ILE A 63 -1.44 -6.74 -7.18
N ASN A 64 -0.67 -7.60 -6.55
CA ASN A 64 0.30 -8.45 -7.23
C ASN A 64 -0.37 -9.69 -7.81
N SER A 65 0.08 -10.10 -8.98
CA SER A 65 -0.40 -11.32 -9.62
C SER A 65 0.40 -12.52 -9.12
N LEU A 66 -0.29 -13.45 -8.48
CA LEU A 66 0.34 -14.65 -7.96
C LEU A 66 0.21 -15.79 -8.96
N PRO A 67 1.24 -16.63 -9.09
CA PRO A 67 1.21 -17.79 -9.99
C PRO A 67 0.19 -18.85 -9.53
N ASN A 68 -0.35 -18.67 -8.34
CA ASN A 68 -1.46 -19.50 -7.87
C ASN A 68 -2.78 -19.02 -8.48
N ARG A 69 -2.66 -18.10 -9.43
CA ARG A 69 -3.79 -17.51 -10.12
C ARG A 69 -4.59 -16.63 -9.17
N ARG A 70 -3.90 -16.14 -8.15
CA ARG A 70 -4.51 -15.31 -7.13
C ARG A 70 -3.92 -13.90 -7.17
N PHE A 71 -4.33 -13.06 -6.24
CA PHE A 71 -3.88 -11.67 -6.22
C PHE A 71 -3.58 -11.21 -4.79
N LYS A 72 -2.38 -10.73 -4.56
CA LYS A 72 -1.94 -10.32 -3.23
C LYS A 72 -1.70 -8.82 -3.15
N ILE A 73 -2.59 -8.13 -2.44
CA ILE A 73 -2.47 -6.70 -2.27
C ILE A 73 -1.75 -6.37 -0.95
N GLY A 74 -0.42 -6.45 -0.99
CA GLY A 74 0.41 -6.13 0.16
C GLY A 74 0.33 -7.18 1.27
N ASP A 75 1.12 -8.25 1.13
CA ASP A 75 1.26 -9.33 2.15
C ASP A 75 0.00 -10.19 2.21
N GLN A 76 -1.15 -9.53 2.26
CA GLN A 76 -2.43 -10.22 2.32
C GLN A 76 -2.77 -10.79 0.95
N GLU A 77 -2.57 -12.09 0.78
CA GLU A 77 -2.89 -12.72 -0.49
C GLU A 77 -4.26 -13.34 -0.44
N PHE A 78 -5.13 -12.84 -1.31
CA PHE A 78 -6.50 -13.30 -1.40
C PHE A 78 -6.64 -14.26 -2.56
N ASP A 79 -7.82 -14.85 -2.69
CA ASP A 79 -8.07 -15.86 -3.71
C ASP A 79 -8.14 -15.24 -5.11
N HIS A 80 -8.50 -13.96 -5.17
CA HIS A 80 -8.60 -13.22 -6.42
C HIS A 80 -8.83 -11.75 -6.17
N LEU A 81 -8.78 -10.93 -7.24
CA LEU A 81 -9.06 -9.50 -7.16
C LEU A 81 -10.40 -9.21 -6.47
N PRO A 82 -11.51 -9.82 -6.94
CA PRO A 82 -12.84 -9.59 -6.35
C PRO A 82 -13.00 -10.22 -4.96
N ALA A 83 -11.89 -10.58 -4.33
CA ALA A 83 -11.91 -11.08 -2.97
C ALA A 83 -11.37 -10.03 -2.02
N LEU A 84 -10.38 -9.27 -2.49
CA LEU A 84 -9.78 -8.22 -1.68
C LEU A 84 -10.69 -7.01 -1.63
N LEU A 85 -11.43 -6.79 -2.71
CA LEU A 85 -12.36 -5.67 -2.80
C LEU A 85 -13.46 -5.82 -1.75
N GLU A 86 -13.80 -7.06 -1.43
CA GLU A 86 -14.86 -7.32 -0.46
C GLU A 86 -14.30 -7.44 0.96
N PHE A 87 -12.97 -7.55 1.06
CA PHE A 87 -12.31 -7.63 2.36
C PHE A 87 -12.06 -6.22 2.88
N TYR A 88 -11.86 -5.32 1.95
CA TYR A 88 -11.67 -3.93 2.26
C TYR A 88 -13.00 -3.21 2.48
N LYS A 89 -14.07 -3.98 2.39
CA LYS A 89 -15.40 -3.46 2.71
C LYS A 89 -15.60 -3.36 4.22
N ILE A 90 -14.61 -3.82 5.01
CA ILE A 90 -14.68 -3.71 6.47
C ILE A 90 -13.31 -3.41 7.06
N HIS A 91 -12.30 -3.35 6.19
CA HIS A 91 -10.93 -3.14 6.63
C HIS A 91 -10.68 -1.67 6.88
N TYR A 92 -11.37 -0.83 6.10
CA TYR A 92 -11.16 0.60 6.10
C TYR A 92 -9.75 0.96 5.66
N LEU A 93 -9.43 0.70 4.38
CA LEU A 93 -8.14 1.12 3.87
C LEU A 93 -8.12 2.65 3.70
N ASP A 94 -7.20 3.25 4.46
CA ASP A 94 -6.86 4.67 4.43
C ASP A 94 -7.61 5.36 5.56
N THR A 95 -8.88 5.07 5.61
CA THR A 95 -9.76 5.39 6.71
C THR A 95 -11.16 5.16 6.22
N THR A 96 -11.26 4.32 5.18
CA THR A 96 -12.54 4.10 4.53
C THR A 96 -12.64 2.70 3.97
N THR A 97 -13.85 2.19 3.90
CA THR A 97 -14.07 0.95 3.20
C THR A 97 -14.41 1.25 1.75
N LEU A 98 -14.21 0.28 0.88
CA LEU A 98 -14.50 0.50 -0.53
C LEU A 98 -15.99 0.74 -0.74
N ILE A 99 -16.35 2.01 -0.88
CA ILE A 99 -17.74 2.41 -0.99
C ILE A 99 -18.23 2.22 -2.42
N GLU A 100 -17.56 2.87 -3.36
CA GLU A 100 -17.99 2.87 -4.75
C GLU A 100 -16.85 3.37 -5.64
N PRO A 101 -16.62 2.71 -6.79
CA PRO A 101 -15.54 3.06 -7.70
C PRO A 101 -15.64 4.49 -8.22
N ALA A 102 -14.50 5.04 -8.62
CA ALA A 102 -14.45 6.38 -9.20
C ALA A 102 -15.00 6.34 -10.63
N PRO A 103 -15.45 7.48 -11.16
CA PRO A 103 -15.92 7.56 -12.54
C PRO A 103 -14.84 7.14 -13.54
N ARG A 104 -15.17 6.13 -14.35
CA ARG A 104 -14.21 5.61 -15.34
C ARG A 104 -13.99 6.62 -16.44
N TYR A 105 -15.01 7.40 -16.74
CA TYR A 105 -14.89 8.48 -17.70
C TYR A 105 -14.94 9.82 -16.96
N PRO A 106 -13.81 10.51 -16.87
CA PRO A 106 -13.71 11.78 -16.15
C PRO A 106 -14.41 12.93 -16.88
N SER A 107 -14.60 12.76 -18.18
CA SER A 107 -15.19 13.78 -19.04
C SER A 107 -14.23 14.97 -19.21
N PRO A 108 -14.28 15.66 -20.35
CA PRO A 108 -13.43 16.83 -20.62
C PRO A 108 -13.53 17.90 -19.52
N PRO A 109 -14.74 18.43 -19.20
CA PRO A 109 -14.89 19.42 -18.14
C PRO A 109 -15.23 18.79 -16.79
N MET A 110 -14.80 19.44 -15.71
CA MET A 110 -15.09 18.96 -14.36
C MET A 110 -16.15 19.85 -13.71
N GLY A 111 -17.28 19.25 -13.34
CA GLY A 111 -18.35 20.00 -12.73
C GLY A 111 -18.16 20.16 -11.23
N SER A 112 -17.96 19.03 -10.55
CA SER A 112 -17.74 18.99 -9.10
C SER A 112 -18.82 19.78 -8.34
N VAL A 113 -18.46 20.28 -7.15
CA VAL A 113 -19.36 21.09 -6.33
C VAL A 113 -20.57 20.25 -5.87
N SER A 114 -20.35 18.96 -5.71
CA SER A 114 -21.39 18.06 -5.22
C SER A 114 -20.77 16.87 -4.48
N ALA A 115 -20.46 15.82 -5.22
CA ALA A 115 -19.84 14.63 -4.65
C ALA A 115 -18.33 14.60 -4.93
N PRO A 116 -17.88 14.85 -6.18
CA PRO A 116 -16.46 14.94 -6.48
C PRO A 116 -15.80 16.16 -5.82
N ASN A 117 -14.80 15.90 -4.99
CA ASN A 117 -13.99 16.95 -4.33
C ASN A 117 -14.75 17.62 -3.20
N LEU A 118 -14.32 17.33 -1.97
CA LEU A 118 -14.93 17.93 -0.78
C LEU A 118 -13.89 18.73 0.02
N PRO A 119 -12.80 18.07 0.53
CA PRO A 119 -11.84 18.71 1.43
C PRO A 119 -11.06 19.84 0.75
N THR A 120 -10.82 20.90 1.51
CA THR A 120 -10.06 22.03 1.00
C THR A 120 -8.63 22.02 1.55
N ALA A 121 -7.66 21.83 0.64
CA ALA A 121 -6.23 21.84 0.99
C ALA A 121 -5.83 20.60 1.78
N GLU A 122 -4.78 19.93 1.31
CA GLU A 122 -4.28 18.74 1.97
C GLU A 122 -3.37 19.12 3.13
N ASP A 123 -3.42 18.36 4.22
CA ASP A 123 -2.45 18.54 5.31
C ASP A 123 -1.13 17.92 4.87
N ASN A 124 -0.86 16.71 5.32
CA ASN A 124 0.34 15.98 4.96
C ASN A 124 0.09 14.49 5.08
N LEU A 125 0.45 13.92 6.23
CA LEU A 125 0.29 12.49 6.51
C LEU A 125 0.82 11.62 5.37
N GLU A 126 2.09 11.27 5.48
CA GLU A 126 2.79 10.58 4.42
C GLU A 126 4.08 10.00 4.96
N TYR A 127 4.98 10.83 5.44
CA TYR A 127 6.20 10.31 6.03
C TYR A 127 6.27 10.58 7.52
N VAL A 128 6.18 9.51 8.29
CA VAL A 128 6.36 9.56 9.72
C VAL A 128 7.57 8.73 10.06
N ARG A 129 8.25 9.02 11.16
CA ARG A 129 9.07 7.97 11.73
C ARG A 129 8.73 7.87 13.20
N THR A 130 8.83 6.67 13.74
CA THR A 130 8.56 6.48 15.15
C THR A 130 9.85 6.40 15.93
N LEU A 131 9.88 7.12 17.04
CA LEU A 131 11.02 7.17 17.91
C LEU A 131 10.75 6.41 19.19
N TYR A 132 9.55 5.81 19.29
CA TYR A 132 9.11 5.19 20.52
C TYR A 132 9.23 3.66 20.45
N ASP A 133 8.80 3.06 19.34
CA ASP A 133 8.84 1.60 19.15
C ASP A 133 7.69 0.93 19.89
N PHE A 134 6.67 0.53 19.14
CA PHE A 134 5.56 -0.25 19.68
C PHE A 134 5.30 -1.42 18.75
N PRO A 135 5.96 -2.56 18.99
CA PRO A 135 5.85 -3.71 18.12
C PRO A 135 4.66 -4.61 18.46
N GLY A 136 3.46 -4.11 18.19
CA GLY A 136 2.25 -4.88 18.43
C GLY A 136 2.16 -6.06 17.50
N ASN A 137 2.66 -5.88 16.28
CA ASN A 137 2.66 -6.92 15.26
C ASN A 137 1.25 -7.35 14.87
N ASP A 138 0.52 -6.42 14.27
CA ASP A 138 -0.83 -6.70 13.79
C ASP A 138 -1.06 -5.94 12.49
N ALA A 139 -2.19 -6.20 11.84
CA ALA A 139 -2.58 -5.43 10.66
C ALA A 139 -3.39 -4.23 11.10
N GLU A 140 -3.74 -4.26 12.38
CA GLU A 140 -4.49 -3.20 13.02
C GLU A 140 -3.58 -2.39 13.93
N ASP A 141 -2.41 -2.95 14.23
CA ASP A 141 -1.40 -2.29 15.06
C ASP A 141 -0.02 -2.52 14.46
N LEU A 142 0.55 -1.49 13.85
CA LEU A 142 1.83 -1.64 13.16
C LEU A 142 2.98 -1.72 14.16
N PRO A 143 3.80 -2.77 14.04
CA PRO A 143 5.01 -2.87 14.84
C PRO A 143 6.13 -1.99 14.30
N PHE A 144 6.26 -0.82 14.90
CA PHE A 144 7.25 0.15 14.47
C PHE A 144 8.38 0.17 15.50
N LYS A 145 9.56 0.60 15.09
CA LYS A 145 10.72 0.51 15.96
C LYS A 145 11.23 1.88 16.39
N LYS A 146 12.20 1.85 17.29
CA LYS A 146 12.86 3.06 17.80
C LYS A 146 13.75 3.70 16.74
N GLY A 147 13.16 4.03 15.61
CA GLY A 147 13.87 4.72 14.56
C GLY A 147 13.58 4.11 13.20
N GLU A 148 12.33 3.70 13.00
CA GLU A 148 11.89 3.17 11.72
C GLU A 148 11.34 4.33 10.87
N ILE A 149 11.08 4.11 9.57
CA ILE A 149 10.42 5.11 8.75
C ILE A 149 9.07 4.57 8.29
N LEU A 150 8.02 5.36 8.53
CA LEU A 150 6.65 4.94 8.28
C LEU A 150 6.06 5.83 7.24
N VAL A 151 5.06 5.32 6.59
CA VAL A 151 4.29 6.12 5.69
C VAL A 151 2.86 6.11 6.17
N ILE A 152 2.30 7.27 6.44
CA ILE A 152 0.93 7.34 6.90
C ILE A 152 0.02 7.17 5.71
N ILE A 153 -0.08 5.93 5.34
CA ILE A 153 -0.86 5.50 4.22
C ILE A 153 -2.34 5.64 4.54
N GLU A 154 -2.65 5.53 5.82
CA GLU A 154 -4.00 5.73 6.29
C GLU A 154 -4.00 6.60 7.56
N LYS A 155 -4.99 7.46 7.67
CA LYS A 155 -5.18 8.27 8.88
C LYS A 155 -6.66 8.37 9.18
N PRO A 156 -7.20 7.36 9.86
CA PRO A 156 -8.59 7.39 10.33
C PRO A 156 -8.80 8.42 11.43
N GLU A 157 -7.93 8.39 12.44
CA GLU A 157 -8.14 9.19 13.63
C GLU A 157 -6.98 10.16 13.83
N GLU A 158 -7.08 11.02 14.83
CA GLU A 158 -6.00 11.94 15.16
C GLU A 158 -5.21 11.42 16.37
N GLN A 159 -5.69 10.33 16.95
CA GLN A 159 -5.02 9.71 18.09
C GLN A 159 -4.08 8.62 17.62
N TRP A 160 -4.51 7.92 16.58
CA TRP A 160 -3.73 6.85 15.98
C TRP A 160 -3.64 7.05 14.46
N TRP A 161 -2.51 6.69 13.89
CA TRP A 161 -2.29 6.78 12.44
C TRP A 161 -1.89 5.44 11.88
N SER A 162 -2.42 5.09 10.75
CA SER A 162 -2.20 3.78 10.20
C SER A 162 -1.10 3.88 9.17
N ALA A 163 0.10 3.55 9.57
CA ALA A 163 1.23 3.80 8.74
C ALA A 163 1.83 2.50 8.31
N ARG A 164 2.53 2.50 7.20
CA ARG A 164 3.18 1.29 6.78
C ARG A 164 4.61 1.29 7.26
N ASN A 165 4.96 0.19 7.91
CA ASN A 165 6.21 0.05 8.66
C ASN A 165 7.43 0.24 7.77
N LYS A 166 8.58 0.16 8.40
CA LYS A 166 9.84 -0.01 7.69
C LYS A 166 9.72 -1.18 6.70
N ASP A 167 8.85 -2.14 7.04
CA ASP A 167 8.49 -3.23 6.14
C ASP A 167 7.63 -2.70 5.01
N GLY A 168 6.68 -1.85 5.38
CA GLY A 168 5.65 -1.44 4.44
C GLY A 168 4.27 -1.94 4.86
N ARG A 169 4.19 -2.49 6.06
CA ARG A 169 2.96 -3.06 6.61
C ARG A 169 1.98 -1.98 7.07
N VAL A 170 0.71 -2.13 6.77
CA VAL A 170 -0.29 -1.21 7.29
C VAL A 170 -0.74 -1.61 8.69
N GLY A 171 -0.55 -0.71 9.65
CA GLY A 171 -1.08 -0.90 10.97
C GLY A 171 -1.24 0.41 11.70
N MET A 172 -2.15 0.47 12.69
CA MET A 172 -2.36 1.68 13.45
C MET A 172 -1.24 1.92 14.45
N ILE A 173 -0.83 3.18 14.56
CA ILE A 173 0.28 3.56 15.42
C ILE A 173 -0.05 4.88 16.13
N PRO A 174 0.34 5.02 17.41
CA PRO A 174 0.03 6.22 18.20
C PRO A 174 0.72 7.48 17.67
N VAL A 175 -0.05 8.54 17.53
CA VAL A 175 0.47 9.84 17.06
C VAL A 175 1.54 10.41 18.01
N PRO A 176 1.34 10.39 19.35
CA PRO A 176 2.33 10.93 20.30
C PRO A 176 3.65 10.15 20.29
N TYR A 177 3.74 9.16 19.43
CA TYR A 177 4.93 8.33 19.32
C TYR A 177 5.79 8.75 18.13
N VAL A 178 5.24 9.59 17.26
CA VAL A 178 5.84 9.79 15.95
C VAL A 178 6.60 11.10 15.75
N GLU A 179 7.07 11.21 14.51
CA GLU A 179 8.21 12.01 14.11
C GLU A 179 8.09 12.50 12.66
N LYS A 180 6.98 13.14 12.26
CA LYS A 180 6.70 13.25 10.82
C LYS A 180 7.70 14.18 10.16
N LEU A 181 8.16 13.71 9.01
CA LEU A 181 9.33 14.24 8.33
C LEU A 181 9.00 15.47 7.49
N VAL A 182 8.36 15.22 6.34
CA VAL A 182 8.06 16.27 5.39
C VAL A 182 6.73 16.95 5.70
N ARG A 183 6.32 16.90 6.96
CA ARG A 183 5.05 17.47 7.36
C ARG A 183 5.25 18.81 8.06
N SER A 184 4.69 19.85 7.45
CA SER A 184 4.59 21.15 8.10
C SER A 184 3.12 21.48 8.29
N SER A 185 2.79 22.14 9.39
CA SER A 185 1.39 22.48 9.69
C SER A 185 0.78 23.30 8.55
N PRO A 186 -0.51 23.11 8.26
CA PRO A 186 -1.19 23.79 7.16
C PRO A 186 -1.21 25.31 7.35
N HIS A 187 -0.30 25.98 6.66
CA HIS A 187 -0.19 27.43 6.71
C HIS A 187 -0.95 28.05 5.55
N GLY A 188 -0.97 29.38 5.51
CA GLY A 188 -1.63 30.07 4.43
C GLY A 188 -0.73 30.19 3.21
N LYS A 189 -0.78 29.17 2.35
CA LYS A 189 0.06 29.11 1.16
C LYS A 189 1.54 29.13 1.51
N HIS A 190 2.11 27.95 1.73
CA HIS A 190 3.51 27.82 2.07
C HIS A 190 4.32 27.48 0.82
N GLY A 191 3.83 26.52 0.06
CA GLY A 191 4.50 26.10 -1.14
C GLY A 191 5.42 24.90 -0.90
N ASN A 192 4.82 23.72 -0.81
CA ASN A 192 5.58 22.49 -0.61
C ASN A 192 5.29 21.52 -1.75
N ARG A 193 4.76 22.05 -2.84
CA ARG A 193 4.37 21.22 -3.98
C ARG A 193 5.53 21.04 -4.94
N ASN A 194 6.16 19.87 -4.85
CA ASN A 194 7.26 19.48 -5.74
C ASN A 194 8.51 20.30 -5.49
N SER A 195 9.44 19.73 -4.75
CA SER A 195 10.70 20.38 -4.46
C SER A 195 11.84 19.65 -5.15
N ASN A 196 12.97 20.32 -5.31
CA ASN A 196 14.11 19.74 -6.01
C ASN A 196 15.05 19.04 -5.04
N SER A 197 16.19 18.58 -5.55
CA SER A 197 17.17 17.84 -4.76
C SER A 197 16.66 16.42 -4.47
N TYR A 198 15.64 16.33 -3.64
CA TYR A 198 15.06 15.04 -3.28
C TYR A 198 13.99 14.62 -4.29
N GLY A 199 14.41 13.88 -5.30
CA GLY A 199 13.49 13.41 -6.32
C GLY A 199 13.85 12.01 -6.78
N ILE A 200 12.84 11.17 -6.91
CA ILE A 200 13.06 9.80 -7.33
C ILE A 200 12.35 9.53 -8.66
N PRO A 201 13.13 9.38 -9.75
CA PRO A 201 12.59 9.12 -11.08
C PRO A 201 11.93 7.74 -11.19
N GLU A 202 10.67 7.73 -11.60
CA GLU A 202 9.90 6.51 -11.78
C GLU A 202 9.56 5.85 -10.45
N PRO A 203 8.27 5.84 -10.08
CA PRO A 203 7.80 5.23 -8.84
C PRO A 203 7.98 3.71 -8.85
N ALA A 204 8.75 3.20 -7.90
CA ALA A 204 9.02 1.77 -7.81
C ALA A 204 7.76 0.99 -7.45
N HIS A 205 7.87 -0.34 -7.47
CA HIS A 205 6.74 -1.23 -7.23
C HIS A 205 6.30 -1.20 -5.76
N ALA A 206 6.94 -0.34 -4.97
CA ALA A 206 6.62 -0.20 -3.57
C ALA A 206 5.17 0.23 -3.37
N ALA A 208 1.74 2.25 -2.09
CA ALA A 208 1.14 2.24 -0.76
C ALA A 208 0.45 0.91 -0.50
N GLN A 209 1.17 -0.17 -0.72
CA GLN A 209 0.67 -1.50 -0.39
C GLN A 209 0.51 -1.65 1.11
N PRO A 210 -0.43 -2.50 1.55
CA PRO A 210 -0.56 -2.90 2.96
C PRO A 210 0.69 -3.60 3.47
N GLN A 211 1.59 -3.90 2.52
CA GLN A 211 2.91 -4.44 2.82
C GLN A 211 3.78 -4.30 1.58
N THR A 212 4.62 -3.27 1.60
CA THR A 212 5.54 -3.01 0.50
C THR A 212 6.37 -4.23 0.15
N THR A 213 6.32 -4.62 -1.12
CA THR A 213 7.07 -5.77 -1.59
C THR A 213 8.47 -5.36 -2.02
N THR A 214 9.36 -6.34 -2.10
CA THR A 214 10.74 -6.10 -2.50
C THR A 214 10.79 -5.61 -3.95
N PRO A 215 11.31 -4.39 -4.17
CA PRO A 215 11.40 -3.79 -5.50
C PRO A 215 12.63 -4.24 -6.28
N LEU A 216 13.35 -5.21 -5.73
CA LEU A 216 14.55 -5.74 -6.38
C LEU A 216 14.19 -6.67 -7.56
N PRO A 217 13.29 -7.66 -7.36
CA PRO A 217 12.85 -8.53 -8.47
C PRO A 217 11.86 -7.85 -9.41
N ALA A 218 12.08 -6.57 -9.65
CA ALA A 218 11.21 -5.80 -10.54
C ALA A 218 12.06 -4.86 -11.39
N VAL A 219 11.50 -4.42 -12.51
CA VAL A 219 12.21 -3.51 -13.41
C VAL A 219 12.29 -2.11 -12.78
N SER A 220 11.39 -1.82 -11.86
CA SER A 220 11.38 -0.54 -11.19
C SER A 220 11.67 -0.73 -9.71
N GLY A 221 12.89 -0.40 -9.31
CA GLY A 221 13.29 -0.58 -7.93
C GLY A 221 14.10 0.60 -7.43
N SER A 222 14.54 0.53 -6.17
CA SER A 222 15.28 1.61 -5.55
C SER A 222 16.60 1.91 -6.27
N PRO A 223 17.49 0.91 -6.48
CA PRO A 223 18.75 1.13 -7.20
C PRO A 223 18.54 1.21 -8.71
N GLY A 224 17.55 0.48 -9.20
CA GLY A 224 17.30 0.43 -10.62
C GLY A 224 17.86 -0.84 -11.25
N ALA A 225 17.21 -1.96 -10.99
CA ALA A 225 17.68 -3.25 -11.49
C ALA A 225 17.35 -3.42 -12.97
N ALA A 226 18.35 -3.18 -13.80
CA ALA A 226 18.17 -3.28 -15.24
C ALA A 226 18.87 -4.53 -15.77
N ILE A 227 20.06 -4.80 -15.25
CA ILE A 227 20.83 -5.96 -15.66
C ILE A 227 21.77 -6.39 -14.53
N THR A 228 22.02 -7.69 -14.43
CA THR A 228 22.93 -8.22 -13.43
C THR A 228 24.27 -8.59 -14.05
N PRO A 229 25.39 -8.16 -13.44
CA PRO A 229 26.73 -8.46 -13.94
C PRO A 229 27.15 -9.90 -13.65
N LEU A 230 27.08 -10.74 -14.68
CA LEU A 230 27.48 -12.13 -14.56
C LEU A 230 28.93 -12.35 -15.03
N PRO A 231 29.35 -11.78 -16.18
CA PRO A 231 30.73 -11.91 -16.64
C PRO A 231 31.74 -11.20 -15.73
N SER A 232 32.84 -11.90 -15.44
CA SER A 232 33.96 -11.35 -14.68
C SER A 232 33.61 -11.07 -13.22
N THR A 233 32.53 -11.66 -12.74
CA THR A 233 32.12 -11.46 -11.36
C THR A 233 32.02 -12.78 -10.61
N GLN A 234 32.39 -12.75 -9.34
CA GLN A 234 32.15 -13.87 -8.46
C GLN A 234 30.78 -13.70 -7.81
N ASN A 235 30.23 -12.48 -7.95
CA ASN A 235 28.90 -12.08 -7.44
C ASN A 235 28.65 -12.52 -5.99
N GLY A 236 28.26 -13.77 -5.79
CA GLY A 236 28.04 -14.28 -4.44
C GLY A 236 29.28 -14.16 -3.58
N PRO A 237 29.17 -13.52 -2.41
CA PRO A 237 30.30 -13.32 -1.51
C PRO A 237 30.80 -14.62 -0.90
N VAL A 238 32.07 -14.64 -0.50
CA VAL A 238 32.67 -15.82 0.09
C VAL A 238 32.12 -16.01 1.51
N PHE A 239 31.68 -17.22 1.80
CA PHE A 239 31.16 -17.52 3.12
C PHE A 239 32.17 -18.36 3.89
N ALA A 240 32.48 -17.93 5.10
CA ALA A 240 33.42 -18.64 5.94
C ALA A 240 32.74 -19.08 7.23
N LYS A 241 33.02 -20.31 7.63
CA LYS A 241 32.46 -20.86 8.86
C LYS A 241 33.27 -20.36 10.04
N ALA A 242 32.63 -19.62 10.94
CA ALA A 242 33.31 -19.16 12.14
C ALA A 242 33.52 -20.33 13.07
N ILE A 243 34.76 -20.76 13.21
CA ILE A 243 35.08 -21.94 14.00
C ILE A 243 35.64 -21.56 15.37
N GLN A 244 35.50 -20.29 15.71
CA GLN A 244 35.97 -19.79 16.99
C GLN A 244 35.23 -18.51 17.35
N LYS A 245 35.03 -18.28 18.64
CA LYS A 245 34.46 -17.04 19.12
C LYS A 245 35.42 -15.88 18.88
N ARG A 246 35.15 -15.11 17.84
CA ARG A 246 35.99 -13.98 17.49
C ARG A 246 35.49 -12.74 18.22
N VAL A 247 35.91 -12.58 19.46
CA VAL A 247 35.53 -11.42 20.25
C VAL A 247 36.54 -10.29 20.05
N PRO A 248 36.05 -9.04 20.00
CA PRO A 248 36.90 -7.87 19.85
C PRO A 248 37.61 -7.51 21.15
N CYS A 249 38.75 -6.84 21.01
CA CYS A 249 39.52 -6.40 22.16
C CYS A 249 39.43 -4.89 22.32
N ALA A 250 39.82 -4.40 23.49
CA ALA A 250 39.88 -2.97 23.71
C ALA A 250 40.94 -2.35 22.81
N TYR A 251 41.96 -3.14 22.50
CA TYR A 251 43.02 -2.69 21.60
C TYR A 251 42.88 -3.35 20.22
N ASP A 252 41.72 -3.92 19.97
CA ASP A 252 41.41 -4.50 18.66
C ASP A 252 40.01 -4.07 18.26
N LYS A 253 39.92 -2.85 17.75
CA LYS A 253 38.63 -2.22 17.47
C LYS A 253 38.16 -2.50 16.05
N THR A 254 39.07 -2.95 15.20
CA THR A 254 38.71 -3.34 13.85
C THR A 254 38.21 -4.78 13.83
N ALA A 255 38.09 -5.34 15.02
CA ALA A 255 37.72 -6.73 15.20
C ALA A 255 36.21 -6.92 15.18
N LEU A 256 35.73 -7.70 14.22
CA LEU A 256 34.31 -8.03 14.13
C LEU A 256 33.98 -9.10 15.16
N ALA A 257 32.88 -8.92 15.88
CA ALA A 257 32.49 -9.87 16.91
C ALA A 257 31.75 -11.06 16.31
N LEU A 258 32.39 -12.22 16.33
CA LEU A 258 31.84 -13.43 15.76
C LEU A 258 31.75 -14.52 16.81
N GLU A 259 31.12 -15.63 16.46
CA GLU A 259 31.02 -16.77 17.35
C GLU A 259 31.02 -18.06 16.55
N VAL A 260 31.54 -19.13 17.13
CA VAL A 260 31.58 -20.41 16.44
C VAL A 260 30.17 -20.89 16.10
N GLY A 261 29.95 -21.12 14.81
CA GLY A 261 28.64 -21.51 14.32
C GLY A 261 27.99 -20.42 13.49
N ASP A 262 28.74 -19.36 13.20
CA ASP A 262 28.22 -18.23 12.45
C ASP A 262 28.75 -18.27 11.02
N ILE A 263 27.97 -17.76 10.08
CA ILE A 263 28.39 -17.74 8.68
C ILE A 263 28.83 -16.35 8.28
N VAL A 264 30.12 -16.19 8.07
CA VAL A 264 30.71 -14.90 7.74
C VAL A 264 30.71 -14.68 6.24
N LYS A 265 29.88 -13.76 5.76
CA LYS A 265 29.90 -13.39 4.35
C LYS A 265 30.89 -12.25 4.14
N VAL A 266 32.06 -12.61 3.65
CA VAL A 266 33.12 -11.64 3.41
C VAL A 266 33.00 -11.07 2.00
N THR A 267 32.81 -9.76 1.94
CA THR A 267 32.58 -9.09 0.68
C THR A 267 33.88 -8.49 0.12
N ARG A 268 34.86 -8.32 1.01
CA ARG A 268 36.15 -7.76 0.62
C ARG A 268 37.29 -8.61 1.16
N MET A 269 38.14 -9.08 0.27
CA MET A 269 39.27 -9.92 0.65
C MET A 269 40.59 -9.28 0.27
N ASN A 270 41.57 -9.42 1.16
CA ASN A 270 42.91 -8.91 0.94
C ASN A 270 43.92 -10.03 1.10
N ILE A 271 45.19 -9.71 0.90
CA ILE A 271 46.25 -10.71 0.96
C ILE A 271 46.91 -10.73 2.34
N ASN A 272 46.54 -9.80 3.20
CA ASN A 272 47.19 -9.68 4.51
C ASN A 272 46.43 -10.45 5.59
N GLY A 273 45.52 -11.33 5.18
CA GLY A 273 44.92 -12.27 6.11
C GLY A 273 43.56 -11.85 6.63
N GLN A 274 43.51 -10.72 7.32
CA GLN A 274 42.26 -10.26 7.92
C GLN A 274 41.35 -9.65 6.87
N TRP A 275 40.25 -10.32 6.58
CA TRP A 275 39.33 -9.90 5.53
C TRP A 275 38.21 -9.03 6.11
N GLU A 276 37.46 -8.38 5.23
CA GLU A 276 36.36 -7.50 5.63
C GLU A 276 35.03 -8.14 5.28
N GLY A 277 34.31 -8.58 6.31
CA GLY A 277 33.02 -9.22 6.09
C GLY A 277 31.91 -8.54 6.87
N GLU A 278 30.69 -8.67 6.39
CA GLU A 278 29.54 -8.04 7.02
C GLU A 278 28.68 -9.10 7.69
N VAL A 279 28.67 -9.13 9.03
CA VAL A 279 27.95 -10.18 9.73
C VAL A 279 27.05 -9.62 10.82
N ASN A 280 27.58 -9.52 12.03
CA ASN A 280 26.78 -9.18 13.21
C ASN A 280 26.67 -7.68 13.41
N GLY A 281 25.81 -7.06 12.62
CA GLY A 281 25.53 -5.64 12.76
C GLY A 281 26.70 -4.75 12.39
N ARG A 282 27.81 -5.38 12.02
CA ARG A 282 29.06 -4.67 11.77
C ARG A 282 29.84 -5.38 10.69
N LYS A 283 30.67 -4.64 9.99
CA LYS A 283 31.64 -5.23 9.10
C LYS A 283 33.03 -4.81 9.54
N GLY A 284 33.94 -5.76 9.59
CA GLY A 284 35.26 -5.47 10.09
C GLY A 284 36.27 -6.51 9.66
N LEU A 285 37.46 -6.45 10.24
CA LEU A 285 38.55 -7.33 9.87
C LEU A 285 38.59 -8.54 10.78
N PHE A 286 38.39 -9.71 10.20
CA PHE A 286 38.47 -10.96 10.92
C PHE A 286 39.64 -11.78 10.39
N PRO A 287 40.41 -12.42 11.29
CA PRO A 287 41.55 -13.24 10.90
C PRO A 287 41.10 -14.60 10.40
N PHE A 288 41.66 -15.02 9.27
CA PHE A 288 41.29 -16.28 8.63
C PHE A 288 41.55 -17.48 9.53
N THR A 289 42.31 -17.28 10.59
CA THR A 289 42.63 -18.33 11.53
C THR A 289 41.44 -18.65 12.45
N HIS A 290 40.45 -17.75 12.46
CA HIS A 290 39.28 -17.92 13.32
C HIS A 290 38.11 -18.50 12.51
N VAL A 291 38.29 -18.57 11.20
CA VAL A 291 37.25 -19.10 10.33
C VAL A 291 37.84 -20.16 9.40
N LYS A 292 36.99 -20.73 8.56
CA LYS A 292 37.46 -21.67 7.55
C LYS A 292 36.71 -21.47 6.25
N ILE A 293 37.45 -21.38 5.15
CA ILE A 293 36.86 -21.30 3.83
C ILE A 293 36.44 -22.69 3.37
N PHE A 294 35.17 -22.83 3.02
CA PHE A 294 34.60 -24.13 2.68
C PHE A 294 33.48 -23.93 1.66
N ASP A 295 32.80 -25.02 1.34
CA ASP A 295 31.62 -24.95 0.49
C ASP A 295 30.38 -24.93 1.36
N PRO A 296 29.77 -23.74 1.56
CA PRO A 296 28.60 -23.59 2.40
C PRO A 296 27.32 -23.95 1.67
N GLN A 297 27.13 -23.36 0.50
CA GLN A 297 25.97 -23.65 -0.31
C GLN A 297 26.37 -24.59 -1.43
N ASN A 298 26.40 -25.88 -1.10
CA ASN A 298 26.85 -26.89 -2.03
C ASN A 298 25.82 -27.12 -3.14
N PRO A 299 26.26 -27.05 -4.40
CA PRO A 299 25.53 -27.62 -5.51
C PRO A 299 25.96 -29.07 -5.72
N ASP A 300 26.96 -29.45 -4.94
CA ASP A 300 27.62 -30.75 -5.02
C ASP A 300 26.64 -31.91 -4.87
N GLU A 301 25.66 -31.75 -3.98
CA GLU A 301 24.69 -32.79 -3.72
C GLU A 301 23.29 -32.37 -4.18
N ASN A 302 23.24 -31.30 -4.97
CA ASN A 302 21.97 -30.86 -5.53
C ASN A 302 21.85 -31.28 -6.98
N GLU A 303 22.99 -31.38 -7.66
CA GLU A 303 23.02 -31.75 -9.05
C GLU A 303 23.39 -33.22 -9.20
N MET A 1 -23.92 6.59 -3.74
CA MET A 1 -22.98 6.70 -2.60
C MET A 1 -23.60 6.11 -1.33
N SER A 2 -22.95 5.08 -0.81
CA SER A 2 -23.35 4.46 0.46
C SER A 2 -22.25 3.50 0.90
N SER A 3 -22.37 2.99 2.13
CA SER A 3 -21.34 2.16 2.74
C SER A 3 -21.16 0.84 1.99
N ALA A 4 -20.35 0.92 0.94
CA ALA A 4 -19.90 -0.26 0.19
C ALA A 4 -21.05 -0.89 -0.60
N ARG A 5 -21.92 -0.06 -1.16
CA ARG A 5 -23.07 -0.56 -1.93
C ARG A 5 -22.63 -0.96 -3.34
N PHE A 6 -21.36 -0.76 -3.65
CA PHE A 6 -20.84 -1.03 -4.98
C PHE A 6 -20.69 -2.54 -5.21
N ASP A 7 -20.60 -2.92 -6.46
CA ASP A 7 -20.34 -4.31 -6.82
C ASP A 7 -18.86 -4.50 -7.12
N SER A 8 -18.20 -5.32 -6.31
CA SER A 8 -16.77 -5.50 -6.41
C SER A 8 -16.38 -6.51 -7.49
N SER A 9 -17.35 -7.05 -8.20
CA SER A 9 -17.06 -8.05 -9.22
C SER A 9 -17.20 -7.44 -10.62
N ASP A 10 -18.09 -6.48 -10.77
CA ASP A 10 -18.34 -5.88 -12.08
C ASP A 10 -17.15 -5.05 -12.53
N ARG A 11 -16.41 -5.59 -13.50
CA ARG A 11 -15.18 -4.96 -13.96
C ARG A 11 -15.45 -3.56 -14.49
N SER A 12 -16.57 -3.39 -15.17
CA SER A 12 -16.92 -2.11 -15.76
C SER A 12 -17.37 -1.09 -14.70
N ALA A 13 -17.40 -1.52 -13.45
CA ALA A 13 -17.80 -0.62 -12.38
C ALA A 13 -16.60 0.07 -11.76
N TRP A 14 -15.47 -0.63 -11.68
CA TRP A 14 -14.30 -0.10 -10.97
C TRP A 14 -13.01 -0.18 -11.79
N TYR A 15 -12.94 -1.09 -12.74
CA TYR A 15 -11.71 -1.26 -13.52
C TYR A 15 -11.61 -0.18 -14.60
N MET A 16 -10.52 0.58 -14.59
CA MET A 16 -10.36 1.70 -15.51
C MET A 16 -9.30 1.40 -16.56
N GLY A 17 -8.65 0.24 -16.42
CA GLY A 17 -7.56 -0.15 -17.31
C GLY A 17 -6.47 0.92 -17.44
N PRO A 18 -6.30 1.50 -18.63
CA PRO A 18 -5.24 2.50 -18.87
C PRO A 18 -5.50 3.81 -18.13
N VAL A 19 -4.71 4.04 -17.07
CA VAL A 19 -4.88 5.23 -16.25
C VAL A 19 -3.53 5.85 -15.87
N SER A 20 -2.84 5.27 -14.88
CA SER A 20 -1.50 5.67 -14.47
C SER A 20 -1.65 6.74 -13.41
N ARG A 21 -0.62 6.93 -12.59
CA ARG A 21 -0.76 7.75 -11.40
C ARG A 21 -1.07 9.20 -11.77
N GLN A 22 -0.56 9.65 -12.92
CA GLN A 22 -0.84 10.98 -13.43
C GLN A 22 -2.35 11.21 -13.56
N GLU A 23 -3.08 10.23 -14.12
CA GLU A 23 -4.51 10.39 -14.32
C GLU A 23 -5.26 10.02 -13.04
N ALA A 24 -4.85 8.91 -12.44
CA ALA A 24 -5.46 8.40 -11.21
C ALA A 24 -5.50 9.49 -10.14
N GLN A 25 -4.48 10.34 -10.11
CA GLN A 25 -4.41 11.43 -9.14
C GLN A 25 -5.50 12.46 -9.41
N THR A 26 -5.64 12.87 -10.67
CA THR A 26 -6.55 13.95 -11.03
C THR A 26 -8.02 13.50 -11.03
N ARG A 27 -8.23 12.19 -10.96
CA ARG A 27 -9.59 11.64 -10.94
C ARG A 27 -10.03 11.32 -9.51
N LEU A 28 -9.08 11.28 -8.59
CA LEU A 28 -9.36 10.88 -7.22
C LEU A 28 -8.85 11.92 -6.23
N GLN A 29 -8.70 13.16 -6.68
CA GLN A 29 -8.15 14.20 -5.82
C GLN A 29 -9.22 14.85 -4.94
N GLY A 30 -9.80 14.06 -4.06
CA GLY A 30 -10.70 14.59 -3.04
C GLY A 30 -12.14 14.72 -3.49
N GLN A 31 -12.45 14.25 -4.71
CA GLN A 31 -13.81 14.34 -5.25
C GLN A 31 -14.82 13.64 -4.35
N ARG A 32 -14.55 12.39 -3.99
CA ARG A 32 -15.44 11.64 -3.13
C ARG A 32 -14.61 10.78 -2.18
N HIS A 33 -15.13 10.56 -0.98
CA HIS A 33 -14.47 9.67 -0.05
C HIS A 33 -15.03 8.26 -0.20
N GLY A 34 -14.19 7.37 -0.69
CA GLY A 34 -14.63 6.01 -0.94
C GLY A 34 -14.55 5.65 -2.39
N MET A 35 -14.26 6.62 -3.25
CA MET A 35 -14.12 6.35 -4.67
C MET A 35 -12.75 5.75 -4.95
N PHE A 36 -12.73 4.70 -5.74
CA PHE A 36 -11.50 3.99 -6.04
C PHE A 36 -11.52 3.54 -7.49
N LEU A 37 -10.37 3.11 -7.97
CA LEU A 37 -10.27 2.55 -9.31
C LEU A 37 -9.08 1.61 -9.42
N VAL A 38 -9.29 0.49 -10.08
CA VAL A 38 -8.24 -0.46 -10.35
C VAL A 38 -7.81 -0.31 -11.80
N ARG A 39 -6.53 -0.07 -12.01
CA ARG A 39 -6.03 0.23 -13.35
C ARG A 39 -4.93 -0.74 -13.75
N ASP A 40 -4.59 -0.72 -15.02
CA ASP A 40 -3.46 -1.49 -15.52
C ASP A 40 -2.19 -0.72 -15.19
N SER A 41 -1.35 -1.31 -14.36
CA SER A 41 -0.16 -0.64 -13.86
C SER A 41 0.82 -0.32 -14.99
N SER A 42 1.15 0.95 -15.11
CA SER A 42 2.13 1.41 -16.08
C SER A 42 3.53 1.05 -15.63
N THR A 43 3.72 1.00 -14.32
CA THR A 43 5.01 0.67 -13.74
C THR A 43 5.19 -0.84 -13.62
N CYS A 44 4.08 -1.57 -13.69
CA CYS A 44 4.10 -3.02 -13.62
C CYS A 44 3.15 -3.60 -14.66
N PRO A 45 3.62 -3.77 -15.91
CA PRO A 45 2.78 -4.27 -17.00
C PRO A 45 2.23 -5.68 -16.74
N GLY A 46 0.94 -5.75 -16.45
CA GLY A 46 0.32 -7.03 -16.17
C GLY A 46 -0.16 -7.12 -14.73
N ASP A 47 0.16 -6.12 -13.95
CA ASP A 47 -0.30 -6.02 -12.57
C ASP A 47 -1.27 -4.87 -12.48
N TYR A 48 -1.83 -4.62 -11.29
CA TYR A 48 -2.84 -3.59 -11.15
C TYR A 48 -2.47 -2.61 -10.03
N VAL A 49 -3.06 -1.42 -10.07
CA VAL A 49 -2.90 -0.45 -9.01
C VAL A 49 -4.24 0.11 -8.58
N LEU A 50 -4.64 -0.21 -7.36
CA LEU A 50 -5.86 0.30 -6.77
C LEU A 50 -5.59 1.66 -6.14
N SER A 51 -5.97 2.71 -6.84
CA SER A 51 -5.86 4.04 -6.29
C SER A 51 -7.22 4.45 -5.71
N VAL A 52 -7.19 4.98 -4.51
CA VAL A 52 -8.39 5.27 -3.76
C VAL A 52 -8.40 6.70 -3.27
N SER A 53 -9.54 7.35 -3.36
CA SER A 53 -9.70 8.68 -2.79
C SER A 53 -10.28 8.56 -1.38
N GLU A 54 -9.39 8.62 -0.41
CA GLU A 54 -9.76 8.54 0.99
C GLU A 54 -8.98 9.59 1.75
N ASN A 55 -9.65 10.30 2.65
CA ASN A 55 -9.08 11.50 3.29
C ASN A 55 -8.64 12.52 2.25
N SER A 56 -9.13 12.35 1.02
CA SER A 56 -8.85 13.26 -0.09
C SER A 56 -7.39 13.16 -0.53
N ARG A 57 -6.80 12.00 -0.29
CA ARG A 57 -5.46 11.69 -0.78
C ARG A 57 -5.55 10.38 -1.56
N VAL A 58 -4.77 10.28 -2.64
CA VAL A 58 -4.89 9.13 -3.53
C VAL A 58 -4.05 7.96 -3.02
N SER A 59 -4.70 7.06 -2.32
CA SER A 59 -4.08 5.86 -1.80
C SER A 59 -3.70 4.93 -2.96
N HIS A 60 -2.41 4.74 -3.17
CA HIS A 60 -1.95 3.93 -4.30
C HIS A 60 -1.53 2.53 -3.84
N TYR A 61 -2.47 1.61 -3.80
CA TYR A 61 -2.17 0.24 -3.36
C TYR A 61 -2.05 -0.72 -4.54
N ILE A 62 -0.87 -1.26 -4.77
CA ILE A 62 -0.63 -2.15 -5.91
C ILE A 62 -1.10 -3.59 -5.62
N ILE A 63 -1.93 -4.11 -6.52
CA ILE A 63 -2.31 -5.52 -6.49
C ILE A 63 -1.60 -6.21 -7.65
N ASN A 64 -0.76 -7.19 -7.37
CA ASN A 64 0.01 -7.78 -8.43
C ASN A 64 -0.54 -9.16 -8.78
N SER A 65 -0.35 -9.56 -10.01
CA SER A 65 -0.87 -10.80 -10.50
C SER A 65 0.10 -11.93 -10.19
N LEU A 66 -0.08 -12.57 -9.04
CA LEU A 66 0.75 -13.71 -8.68
C LEU A 66 0.51 -14.83 -9.67
N PRO A 67 1.60 -15.37 -10.23
CA PRO A 67 1.52 -16.35 -11.32
C PRO A 67 0.55 -17.49 -11.08
N ASN A 68 0.80 -18.31 -10.09
CA ASN A 68 0.11 -19.59 -10.01
C ASN A 68 -0.79 -19.64 -8.81
N ARG A 69 -1.38 -18.50 -8.47
CA ARG A 69 -2.11 -18.42 -7.23
C ARG A 69 -3.21 -17.36 -7.22
N ARG A 70 -2.84 -16.13 -6.90
CA ARG A 70 -3.85 -15.14 -6.48
C ARG A 70 -3.38 -13.71 -6.71
N PHE A 71 -4.14 -12.75 -6.20
CA PHE A 71 -3.79 -11.34 -6.29
C PHE A 71 -3.33 -10.81 -4.93
N LYS A 72 -2.12 -10.29 -4.87
CA LYS A 72 -1.55 -9.75 -3.64
C LYS A 72 -1.46 -8.24 -3.70
N ILE A 73 -2.22 -7.55 -2.86
CA ILE A 73 -2.15 -6.09 -2.80
C ILE A 73 -1.17 -5.66 -1.72
N GLY A 74 0.11 -5.75 -2.05
CA GLY A 74 1.16 -5.40 -1.11
C GLY A 74 1.16 -6.27 0.14
N ASP A 75 2.00 -7.30 0.15
CA ASP A 75 2.17 -8.18 1.33
C ASP A 75 0.95 -9.09 1.52
N GLN A 76 -0.20 -8.48 1.73
CA GLN A 76 -1.41 -9.23 2.02
C GLN A 76 -1.96 -9.86 0.75
N GLU A 77 -1.89 -11.18 0.67
CA GLU A 77 -2.40 -11.88 -0.49
C GLU A 77 -3.83 -12.35 -0.23
N PHE A 78 -4.69 -12.05 -1.19
CA PHE A 78 -6.10 -12.42 -1.11
C PHE A 78 -6.43 -13.39 -2.23
N ASP A 79 -7.60 -14.01 -2.17
CA ASP A 79 -8.00 -14.98 -3.17
C ASP A 79 -8.13 -14.34 -4.55
N HIS A 80 -8.80 -13.20 -4.61
CA HIS A 80 -9.06 -12.52 -5.87
C HIS A 80 -9.24 -11.03 -5.64
N LEU A 81 -9.42 -10.26 -6.73
CA LEU A 81 -9.56 -8.81 -6.63
C LEU A 81 -10.74 -8.40 -5.74
N PRO A 82 -11.98 -8.87 -6.03
CA PRO A 82 -13.15 -8.56 -5.19
C PRO A 82 -13.01 -9.02 -3.74
N ALA A 83 -11.96 -9.79 -3.45
CA ALA A 83 -11.76 -10.34 -2.11
C ALA A 83 -10.97 -9.36 -1.25
N LEU A 84 -10.11 -8.57 -1.89
CA LEU A 84 -9.36 -7.55 -1.16
C LEU A 84 -10.23 -6.31 -1.00
N LEU A 85 -11.10 -6.09 -1.97
CA LEU A 85 -12.01 -4.97 -1.96
C LEU A 85 -13.00 -5.10 -0.79
N GLU A 86 -13.49 -6.32 -0.56
CA GLU A 86 -14.44 -6.56 0.51
C GLU A 86 -13.74 -6.66 1.87
N PHE A 87 -12.40 -6.61 1.87
CA PHE A 87 -11.64 -6.65 3.11
C PHE A 87 -11.39 -5.23 3.60
N TYR A 88 -11.13 -4.33 2.66
CA TYR A 88 -10.90 -2.94 3.01
C TYR A 88 -12.22 -2.27 3.35
N LYS A 89 -13.31 -2.98 3.06
CA LYS A 89 -14.64 -2.59 3.48
C LYS A 89 -14.72 -2.43 5.01
N ILE A 90 -14.03 -3.29 5.77
CA ILE A 90 -14.04 -3.16 7.22
C ILE A 90 -12.69 -2.72 7.77
N HIS A 91 -11.78 -2.39 6.88
CA HIS A 91 -10.41 -2.01 7.25
C HIS A 91 -10.29 -0.50 7.39
N TYR A 92 -11.00 0.21 6.52
CA TYR A 92 -10.86 1.66 6.38
C TYR A 92 -9.52 1.99 5.72
N LEU A 93 -9.54 2.24 4.40
CA LEU A 93 -8.32 2.66 3.71
C LEU A 93 -7.87 4.02 4.24
N ASP A 94 -8.83 4.72 4.84
CA ASP A 94 -8.53 5.87 5.66
C ASP A 94 -9.52 5.95 6.81
N THR A 95 -10.75 6.36 6.50
CA THR A 95 -11.73 6.58 7.56
C THR A 95 -13.16 6.20 7.12
N THR A 96 -13.38 5.94 5.84
CA THR A 96 -14.71 5.60 5.37
C THR A 96 -14.74 4.27 4.61
N THR A 97 -13.55 3.76 4.26
CA THR A 97 -13.36 2.48 3.55
C THR A 97 -13.76 2.59 2.08
N LEU A 98 -13.84 1.44 1.40
CA LEU A 98 -14.28 1.39 0.02
C LEU A 98 -15.78 1.56 -0.06
N ILE A 99 -16.19 2.73 -0.51
CA ILE A 99 -17.58 3.12 -0.51
C ILE A 99 -18.24 2.95 -1.87
N GLU A 100 -17.67 3.57 -2.89
CA GLU A 100 -18.27 3.57 -4.22
C GLU A 100 -17.24 4.07 -5.23
N PRO A 101 -16.98 3.27 -6.28
CA PRO A 101 -15.89 3.53 -7.24
C PRO A 101 -15.98 4.88 -7.93
N ALA A 102 -14.86 5.29 -8.51
CA ALA A 102 -14.80 6.54 -9.25
C ALA A 102 -15.56 6.42 -10.56
N PRO A 103 -16.11 7.52 -11.07
CA PRO A 103 -16.91 7.51 -12.30
C PRO A 103 -16.08 7.30 -13.56
N ARG A 104 -16.65 6.53 -14.48
CA ARG A 104 -16.09 6.42 -15.82
C ARG A 104 -16.71 7.50 -16.69
N TYR A 105 -16.12 7.76 -17.85
CA TYR A 105 -16.55 8.89 -18.66
C TYR A 105 -17.29 8.43 -19.92
N PRO A 106 -18.63 8.39 -19.87
CA PRO A 106 -19.47 8.04 -20.98
C PRO A 106 -20.06 9.27 -21.68
N SER A 107 -19.35 10.39 -21.56
CA SER A 107 -19.80 11.67 -22.09
C SER A 107 -21.10 12.13 -21.39
N PRO A 108 -20.99 12.65 -20.16
CA PRO A 108 -22.12 13.14 -19.40
C PRO A 108 -22.45 14.60 -19.74
N PRO A 109 -23.74 14.98 -19.65
CA PRO A 109 -24.17 16.36 -19.88
C PRO A 109 -23.85 17.25 -18.68
N MET A 110 -24.71 17.18 -17.66
CA MET A 110 -24.52 17.91 -16.41
C MET A 110 -25.52 17.40 -15.37
N GLY A 111 -25.61 18.09 -14.25
CA GLY A 111 -26.56 17.71 -13.22
C GLY A 111 -25.96 16.77 -12.20
N SER A 112 -26.26 15.48 -12.34
CA SER A 112 -25.79 14.45 -11.43
C SER A 112 -26.37 14.64 -10.03
N VAL A 113 -25.93 13.80 -9.09
CA VAL A 113 -26.37 13.93 -7.71
C VAL A 113 -25.79 15.20 -7.10
N SER A 114 -24.49 15.18 -6.84
CA SER A 114 -23.80 16.31 -6.28
C SER A 114 -22.30 16.04 -6.30
N ALA A 115 -21.51 17.05 -5.99
CA ALA A 115 -20.06 16.89 -5.93
C ALA A 115 -19.55 17.28 -4.55
N PRO A 116 -19.13 16.28 -3.76
CA PRO A 116 -18.55 16.53 -2.43
C PRO A 116 -17.29 17.37 -2.54
N ASN A 117 -16.22 16.79 -3.07
CA ASN A 117 -14.98 17.49 -3.40
C ASN A 117 -14.48 18.35 -2.23
N LEU A 118 -13.68 17.74 -1.37
CA LEU A 118 -13.15 18.44 -0.21
C LEU A 118 -11.64 18.23 -0.15
N PRO A 119 -10.87 19.21 -0.65
CA PRO A 119 -9.40 19.15 -0.66
C PRO A 119 -8.82 19.28 0.76
N THR A 120 -7.87 18.41 1.08
CA THR A 120 -7.23 18.44 2.39
C THR A 120 -6.31 19.66 2.51
N ALA A 121 -5.73 20.06 1.38
CA ALA A 121 -4.84 21.22 1.29
C ALA A 121 -3.57 21.03 2.13
N GLU A 122 -3.63 21.38 3.41
CA GLU A 122 -2.48 21.22 4.29
C GLU A 122 -2.43 19.82 4.86
N ASP A 123 -1.75 18.93 4.17
CA ASP A 123 -1.60 17.56 4.64
C ASP A 123 -0.23 17.01 4.32
N ASN A 124 0.38 16.37 5.29
CA ASN A 124 1.71 15.79 5.15
C ASN A 124 1.70 14.35 5.61
N LEU A 125 0.53 13.73 5.55
CA LEU A 125 0.36 12.38 6.07
C LEU A 125 0.93 11.34 5.12
N GLU A 126 2.16 10.93 5.41
CA GLU A 126 2.83 9.89 4.67
C GLU A 126 4.12 9.48 5.37
N TYR A 127 5.02 10.43 5.61
CA TYR A 127 6.31 10.06 6.19
C TYR A 127 6.41 10.44 7.65
N VAL A 128 6.35 9.42 8.50
CA VAL A 128 6.46 9.58 9.93
C VAL A 128 7.45 8.55 10.48
N ARG A 129 8.17 8.89 11.52
CA ARG A 129 9.09 7.95 12.15
C ARG A 129 8.85 7.89 13.65
N THR A 130 9.02 6.71 14.22
CA THR A 130 8.69 6.47 15.61
C THR A 130 9.93 6.49 16.49
N LEU A 131 9.82 7.09 17.66
CA LEU A 131 10.96 7.22 18.58
C LEU A 131 10.69 6.53 19.90
N TYR A 132 9.48 6.01 20.07
CA TYR A 132 9.10 5.43 21.34
C TYR A 132 9.22 3.91 21.32
N ASP A 133 8.83 3.30 20.19
CA ASP A 133 8.78 1.84 20.02
C ASP A 133 7.59 1.25 20.78
N PHE A 134 6.72 0.58 20.03
CA PHE A 134 5.51 0.01 20.56
C PHE A 134 5.10 -1.17 19.69
N PRO A 135 5.09 -2.38 20.25
CA PRO A 135 4.69 -3.57 19.52
C PRO A 135 3.18 -3.82 19.58
N GLY A 136 2.50 -3.49 18.50
CA GLY A 136 1.06 -3.75 18.41
C GLY A 136 0.76 -5.16 18.02
N ASN A 137 1.81 -5.87 17.62
CA ASN A 137 1.70 -7.22 17.05
C ASN A 137 0.70 -7.30 15.91
N ASP A 138 0.46 -6.16 15.25
CA ASP A 138 -0.21 -6.12 13.95
C ASP A 138 -1.71 -6.41 14.03
N ALA A 139 -2.40 -5.94 13.00
CA ALA A 139 -3.82 -6.19 12.77
C ALA A 139 -4.68 -5.45 13.79
N GLU A 140 -4.07 -4.46 14.39
CA GLU A 140 -4.72 -3.64 15.41
C GLU A 140 -3.84 -2.44 15.67
N ASP A 141 -2.57 -2.72 15.91
CA ASP A 141 -1.58 -1.71 16.18
C ASP A 141 -0.27 -2.13 15.53
N LEU A 142 0.51 -1.17 15.08
CA LEU A 142 1.73 -1.48 14.36
C LEU A 142 2.92 -1.61 15.29
N PRO A 143 3.62 -2.75 15.24
CA PRO A 143 4.90 -2.92 15.94
C PRO A 143 5.98 -2.06 15.32
N PHE A 144 6.38 -1.02 16.01
CA PHE A 144 7.43 -0.15 15.51
C PHE A 144 8.55 0.02 16.51
N LYS A 145 9.70 0.50 16.05
CA LYS A 145 10.87 0.65 16.92
C LYS A 145 11.01 2.10 17.38
N LYS A 146 12.09 2.37 18.09
CA LYS A 146 12.37 3.71 18.59
C LYS A 146 13.21 4.48 17.57
N GLY A 147 13.38 3.89 16.40
CA GLY A 147 14.05 4.54 15.30
C GLY A 147 13.56 4.02 13.98
N GLU A 148 12.27 3.69 13.93
CA GLU A 148 11.68 3.07 12.75
C GLU A 148 11.08 4.13 11.84
N ILE A 149 11.16 3.92 10.54
CA ILE A 149 10.53 4.80 9.58
C ILE A 149 9.21 4.19 9.15
N LEU A 150 8.17 5.00 9.10
CA LEU A 150 6.85 4.51 8.80
C LEU A 150 6.26 5.32 7.68
N VAL A 151 5.29 4.74 7.02
CA VAL A 151 4.51 5.48 6.07
C VAL A 151 3.07 5.45 6.52
N ILE A 152 2.43 6.61 6.59
CA ILE A 152 1.05 6.67 7.01
C ILE A 152 0.19 6.18 5.88
N ILE A 153 0.00 4.88 5.87
CA ILE A 153 -0.68 4.22 4.79
C ILE A 153 -2.18 4.48 4.87
N GLU A 154 -2.70 4.61 6.10
CA GLU A 154 -4.11 4.95 6.30
C GLU A 154 -4.23 5.85 7.55
N LYS A 155 -5.11 6.85 7.50
CA LYS A 155 -5.33 7.71 8.66
C LYS A 155 -6.82 7.81 9.03
N PRO A 156 -7.29 6.93 9.93
CA PRO A 156 -8.66 7.00 10.44
C PRO A 156 -8.88 8.17 11.40
N GLU A 157 -8.02 8.28 12.41
CA GLU A 157 -8.27 9.22 13.50
C GLU A 157 -7.22 10.34 13.53
N GLU A 158 -7.27 11.15 14.58
CA GLU A 158 -6.37 12.30 14.70
C GLU A 158 -5.19 11.99 15.62
N GLN A 159 -5.45 11.35 16.75
CA GLN A 159 -4.37 11.00 17.68
C GLN A 159 -3.83 9.60 17.41
N TRP A 160 -4.52 8.86 16.55
CA TRP A 160 -4.08 7.54 16.15
C TRP A 160 -4.08 7.44 14.63
N TRP A 161 -2.95 7.05 14.07
CA TRP A 161 -2.80 6.89 12.64
C TRP A 161 -2.39 5.47 12.29
N SER A 162 -2.87 4.94 11.19
CA SER A 162 -2.51 3.60 10.80
C SER A 162 -1.33 3.63 9.80
N ALA A 163 -0.12 3.49 10.32
CA ALA A 163 1.06 3.57 9.48
C ALA A 163 1.58 2.17 9.18
N ARG A 164 2.41 2.06 8.15
CA ARG A 164 3.00 0.79 7.79
C ARG A 164 4.45 0.74 8.21
N ASN A 165 4.85 -0.36 8.84
CA ASN A 165 6.20 -0.50 9.38
C ASN A 165 7.21 -0.82 8.28
N LYS A 166 8.46 -1.03 8.70
CA LYS A 166 9.57 -1.28 7.79
C LYS A 166 9.25 -2.38 6.77
N ASP A 167 8.42 -3.33 7.16
CA ASP A 167 7.92 -4.33 6.21
C ASP A 167 6.90 -3.68 5.28
N GLY A 168 5.84 -3.13 5.88
CA GLY A 168 4.73 -2.62 5.10
C GLY A 168 3.37 -2.93 5.71
N ARG A 169 3.35 -3.55 6.88
CA ARG A 169 2.08 -3.95 7.51
C ARG A 169 1.36 -2.73 8.07
N VAL A 170 0.04 -2.82 8.15
CA VAL A 170 -0.77 -1.70 8.59
C VAL A 170 -1.25 -1.91 10.02
N GLY A 171 -0.90 -0.97 10.89
CA GLY A 171 -1.38 -1.00 12.24
C GLY A 171 -1.51 0.39 12.81
N MET A 172 -2.33 0.54 13.83
CA MET A 172 -2.54 1.84 14.44
C MET A 172 -1.33 2.23 15.29
N ILE A 173 -0.97 3.51 15.21
CA ILE A 173 0.14 4.05 15.96
C ILE A 173 -0.22 5.41 16.54
N PRO A 174 0.28 5.72 17.76
CA PRO A 174 -0.02 6.96 18.45
C PRO A 174 0.83 8.13 17.98
N VAL A 175 0.19 9.28 17.78
CA VAL A 175 0.89 10.51 17.38
C VAL A 175 1.97 10.93 18.40
N PRO A 176 1.69 10.90 19.72
CA PRO A 176 2.71 11.23 20.74
C PRO A 176 3.90 10.25 20.77
N TYR A 177 3.86 9.25 19.92
CA TYR A 177 4.94 8.26 19.83
C TYR A 177 5.81 8.51 18.60
N VAL A 178 5.41 9.45 17.77
CA VAL A 178 6.01 9.60 16.46
C VAL A 178 6.46 11.02 16.17
N GLU A 179 7.43 11.14 15.26
CA GLU A 179 7.79 12.41 14.67
C GLU A 179 7.59 12.33 13.17
N LYS A 180 6.82 13.25 12.63
CA LYS A 180 6.65 13.35 11.20
C LYS A 180 7.94 13.89 10.60
N LEU A 181 8.17 13.65 9.32
CA LEU A 181 9.31 14.25 8.65
C LEU A 181 9.15 15.77 8.61
N VAL A 182 10.09 16.46 7.99
CA VAL A 182 10.14 17.91 8.03
C VAL A 182 8.80 18.55 7.61
N ARG A 183 8.02 18.96 8.61
CA ARG A 183 6.70 19.49 8.38
C ARG A 183 6.70 21.00 8.47
N SER A 184 6.48 21.66 7.35
CA SER A 184 6.48 23.12 7.29
C SER A 184 6.16 23.56 5.88
N SER A 185 5.89 24.85 5.71
CA SER A 185 5.62 25.41 4.39
C SER A 185 6.93 25.53 3.59
N PRO A 186 6.85 25.75 2.27
CA PRO A 186 8.03 25.86 1.40
C PRO A 186 8.99 26.96 1.83
N HIS A 187 9.99 26.58 2.61
CA HIS A 187 11.03 27.50 3.04
C HIS A 187 12.34 27.16 2.34
N GLY A 188 12.25 26.28 1.35
CA GLY A 188 13.45 25.75 0.72
C GLY A 188 14.23 24.86 1.67
N LYS A 189 15.47 25.22 1.91
CA LYS A 189 16.30 24.47 2.84
C LYS A 189 15.84 24.71 4.29
N HIS A 190 15.11 23.76 4.82
CA HIS A 190 14.63 23.82 6.19
C HIS A 190 14.58 22.42 6.77
N GLY A 191 15.28 22.23 7.88
CA GLY A 191 15.39 20.92 8.49
C GLY A 191 16.82 20.65 8.92
N ASN A 192 17.05 19.52 9.57
CA ASN A 192 18.38 19.18 10.03
C ASN A 192 18.98 18.05 9.18
N ARG A 193 20.21 17.69 9.48
CA ARG A 193 20.91 16.67 8.73
C ARG A 193 20.41 15.27 9.06
N ASN A 194 19.83 14.62 8.08
CA ASN A 194 19.35 13.25 8.22
C ASN A 194 20.21 12.31 7.39
N SER A 195 20.54 11.16 7.97
CA SER A 195 21.42 10.18 7.33
C SER A 195 22.81 10.80 7.11
N ASN A 196 23.16 11.74 7.98
CA ASN A 196 24.43 12.48 7.92
C ASN A 196 24.58 13.20 6.58
N SER A 197 25.18 12.52 5.61
CA SER A 197 25.41 13.08 4.29
C SER A 197 25.35 12.00 3.22
N TYR A 198 24.93 10.80 3.63
CA TYR A 198 24.90 9.66 2.74
C TYR A 198 23.50 9.42 2.20
N GLY A 199 23.43 9.03 0.94
CA GLY A 199 22.16 8.75 0.31
C GLY A 199 22.22 7.51 -0.55
N ILE A 200 22.02 6.35 0.06
CA ILE A 200 22.09 5.09 -0.66
C ILE A 200 20.69 4.52 -0.88
N PRO A 201 20.39 4.11 -2.13
CA PRO A 201 19.12 3.48 -2.48
C PRO A 201 19.01 2.07 -1.91
N GLU A 202 18.43 1.98 -0.72
CA GLU A 202 18.21 0.69 -0.06
C GLU A 202 16.72 0.38 0.04
N PRO A 203 15.92 1.27 0.68
CA PRO A 203 14.48 1.02 0.84
C PRO A 203 13.71 1.11 -0.48
N ALA A 204 12.67 0.29 -0.59
CA ALA A 204 11.82 0.30 -1.77
C ALA A 204 10.84 1.46 -1.70
N HIS A 205 10.61 2.12 -2.82
CA HIS A 205 9.76 3.30 -2.85
C HIS A 205 8.60 3.11 -3.84
N ALA A 206 8.22 1.86 -4.05
CA ALA A 206 7.19 1.54 -5.02
C ALA A 206 5.78 1.84 -4.48
N ALA A 208 2.30 3.46 -2.72
CA ALA A 208 1.81 3.59 -1.35
C ALA A 208 1.27 2.25 -0.86
N GLN A 209 1.67 1.18 -1.54
CA GLN A 209 1.23 -0.15 -1.19
C GLN A 209 1.88 -0.59 0.11
N PRO A 210 1.36 -1.65 0.76
CA PRO A 210 2.09 -2.31 1.83
C PRO A 210 3.34 -2.99 1.26
N GLN A 211 4.38 -2.19 1.06
CA GLN A 211 5.51 -2.57 0.24
C GLN A 211 6.53 -3.45 0.97
N THR A 212 6.11 -4.66 1.33
CA THR A 212 7.00 -5.60 1.97
C THR A 212 7.94 -6.25 0.96
N THR A 213 8.80 -5.43 0.39
CA THR A 213 9.87 -5.87 -0.49
C THR A 213 11.13 -5.09 -0.16
N THR A 214 11.04 -4.31 0.92
CA THR A 214 12.15 -3.48 1.36
C THR A 214 12.84 -4.00 2.63
N PRO A 215 12.17 -4.75 3.55
CA PRO A 215 12.86 -5.33 4.71
C PRO A 215 13.81 -6.46 4.31
N LEU A 216 15.08 -6.30 4.65
CA LEU A 216 16.07 -7.32 4.34
C LEU A 216 16.14 -8.34 5.47
N PRO A 217 15.74 -9.59 5.21
CA PRO A 217 15.73 -10.64 6.22
C PRO A 217 17.11 -11.20 6.52
N ALA A 218 18.02 -11.09 5.54
CA ALA A 218 19.36 -11.67 5.61
C ALA A 218 19.29 -13.19 5.69
N VAL A 219 19.16 -13.73 6.89
CA VAL A 219 19.10 -15.16 7.09
C VAL A 219 18.06 -15.50 8.17
N SER A 220 17.60 -16.73 8.19
CA SER A 220 16.64 -17.17 9.20
C SER A 220 17.35 -17.50 10.51
N GLY A 221 17.87 -16.47 11.16
CA GLY A 221 18.55 -16.65 12.42
C GLY A 221 17.59 -16.68 13.58
N SER A 222 16.57 -15.82 13.52
CA SER A 222 15.58 -15.74 14.59
C SER A 222 14.18 -16.01 14.05
N PRO A 223 13.80 -17.30 13.91
CA PRO A 223 12.45 -17.69 13.46
C PRO A 223 11.39 -17.35 14.50
N GLY A 224 10.42 -16.55 14.11
CA GLY A 224 9.35 -16.17 15.00
C GLY A 224 8.08 -15.85 14.23
N ALA A 225 7.47 -16.89 13.68
CA ALA A 225 6.31 -16.76 12.81
C ALA A 225 6.71 -16.13 11.47
N ALA A 226 5.76 -15.93 10.58
CA ALA A 226 6.05 -15.37 9.28
C ALA A 226 4.93 -14.46 8.80
N ILE A 227 5.25 -13.17 8.69
CA ILE A 227 4.33 -12.15 8.16
C ILE A 227 3.15 -11.91 9.10
N THR A 228 2.19 -12.82 9.07
CA THR A 228 0.95 -12.67 9.81
C THR A 228 1.12 -13.03 11.28
N PRO A 229 0.27 -12.47 12.15
CA PRO A 229 0.26 -12.82 13.58
C PRO A 229 -0.19 -14.27 13.82
N LEU A 230 -0.05 -14.74 15.05
CA LEU A 230 -0.42 -16.11 15.38
C LEU A 230 -1.90 -16.21 15.76
N PRO A 231 -2.39 -15.43 16.74
CA PRO A 231 -3.79 -15.45 17.14
C PRO A 231 -4.67 -14.69 16.15
N SER A 232 -5.13 -15.40 15.13
CA SER A 232 -6.00 -14.82 14.12
C SER A 232 -7.46 -14.98 14.51
N THR A 233 -8.16 -13.86 14.63
CA THR A 233 -9.58 -13.88 14.90
C THR A 233 -10.35 -13.96 13.58
N GLN A 234 -9.62 -13.71 12.49
CA GLN A 234 -10.18 -13.67 11.14
C GLN A 234 -11.15 -12.51 11.00
N ASN A 235 -10.64 -11.38 10.55
CA ASN A 235 -11.45 -10.18 10.41
C ASN A 235 -12.23 -10.20 9.10
N GLY A 236 -13.45 -10.71 9.18
CA GLY A 236 -14.35 -10.75 8.04
C GLY A 236 -15.68 -11.35 8.44
N PRO A 237 -16.42 -10.67 9.34
CA PRO A 237 -17.62 -11.22 9.94
C PRO A 237 -18.90 -10.95 9.15
N VAL A 238 -19.73 -11.96 9.04
CA VAL A 238 -21.07 -11.81 8.48
C VAL A 238 -22.06 -11.70 9.63
N PHE A 239 -23.10 -10.91 9.46
CA PHE A 239 -24.03 -10.63 10.55
C PHE A 239 -25.28 -11.49 10.44
N ALA A 240 -25.45 -12.40 11.38
CA ALA A 240 -26.65 -13.21 11.45
C ALA A 240 -27.35 -13.01 12.77
N LYS A 241 -28.59 -12.59 12.71
CA LYS A 241 -29.37 -12.40 13.92
C LYS A 241 -29.96 -13.74 14.37
N ALA A 242 -29.64 -14.14 15.58
CA ALA A 242 -30.13 -15.40 16.11
C ALA A 242 -31.61 -15.30 16.43
N ILE A 243 -32.43 -16.03 15.68
CA ILE A 243 -33.88 -15.97 15.86
C ILE A 243 -34.35 -16.98 16.89
N GLN A 244 -33.45 -17.86 17.32
CA GLN A 244 -33.77 -18.85 18.33
C GLN A 244 -32.64 -18.91 19.36
N LYS A 245 -32.98 -19.22 20.60
CA LYS A 245 -31.99 -19.31 21.66
C LYS A 245 -31.24 -20.62 21.59
N ARG A 246 -29.95 -20.58 21.88
CA ARG A 246 -29.11 -21.78 21.85
C ARG A 246 -28.21 -21.83 23.06
N VAL A 247 -28.05 -23.01 23.64
CA VAL A 247 -27.17 -23.20 24.78
C VAL A 247 -26.28 -24.42 24.57
N PRO A 248 -25.07 -24.42 25.17
CA PRO A 248 -24.15 -25.55 25.11
C PRO A 248 -24.56 -26.66 26.07
N CYS A 249 -24.71 -27.87 25.54
CA CYS A 249 -25.05 -29.02 26.36
C CYS A 249 -23.85 -29.44 27.20
N ALA A 250 -24.03 -30.43 28.07
CA ALA A 250 -22.97 -30.90 28.95
C ALA A 250 -21.82 -31.50 28.15
N TYR A 251 -22.11 -31.95 26.94
CA TYR A 251 -21.08 -32.52 26.07
C TYR A 251 -20.38 -31.41 25.30
N ASP A 252 -20.91 -30.20 25.44
CA ASP A 252 -20.46 -29.02 24.70
C ASP A 252 -20.83 -29.14 23.23
N LYS A 253 -20.14 -30.03 22.54
CA LYS A 253 -20.45 -30.36 21.15
C LYS A 253 -20.32 -29.14 20.25
N THR A 254 -19.43 -28.22 20.63
CA THR A 254 -19.16 -27.02 19.85
C THR A 254 -20.40 -26.13 19.76
N ALA A 255 -21.34 -26.34 20.66
CA ALA A 255 -22.57 -25.57 20.68
C ALA A 255 -22.33 -24.18 21.28
N LEU A 256 -22.52 -23.17 20.46
CA LEU A 256 -22.35 -21.79 20.88
C LEU A 256 -23.63 -21.27 21.53
N ALA A 257 -23.50 -20.69 22.72
CA ALA A 257 -24.64 -20.09 23.40
C ALA A 257 -25.07 -18.80 22.71
N LEU A 258 -26.31 -18.75 22.28
CA LEU A 258 -26.83 -17.61 21.52
C LEU A 258 -28.13 -17.12 22.12
N GLU A 259 -28.32 -15.81 22.07
CA GLU A 259 -29.54 -15.17 22.59
C GLU A 259 -30.49 -14.85 21.46
N VAL A 260 -31.76 -14.63 21.78
CA VAL A 260 -32.72 -14.23 20.78
C VAL A 260 -32.59 -12.74 20.50
N GLY A 261 -32.28 -12.40 19.26
CA GLY A 261 -32.01 -11.03 18.89
C GLY A 261 -30.53 -10.70 19.00
N ASP A 262 -29.72 -11.72 19.24
CA ASP A 262 -28.29 -11.55 19.37
C ASP A 262 -27.62 -11.58 18.01
N ILE A 263 -26.56 -10.80 17.86
CA ILE A 263 -25.85 -10.71 16.60
C ILE A 263 -24.69 -11.72 16.56
N VAL A 264 -24.87 -12.77 15.79
CA VAL A 264 -23.84 -13.77 15.61
C VAL A 264 -22.88 -13.33 14.53
N LYS A 265 -21.69 -12.94 14.94
CA LYS A 265 -20.68 -12.48 14.01
C LYS A 265 -19.86 -13.66 13.52
N VAL A 266 -20.29 -14.23 12.39
CA VAL A 266 -19.68 -15.44 11.85
C VAL A 266 -18.50 -15.08 10.94
N THR A 267 -17.39 -15.79 11.12
CA THR A 267 -16.20 -15.54 10.33
C THR A 267 -16.01 -16.60 9.25
N ARG A 268 -16.18 -17.86 9.63
CA ARG A 268 -15.98 -18.96 8.69
C ARG A 268 -17.30 -19.63 8.36
N MET A 269 -17.69 -19.57 7.10
CA MET A 269 -18.94 -20.19 6.67
C MET A 269 -18.69 -21.45 5.87
N ASN A 270 -19.14 -22.58 6.41
CA ASN A 270 -19.07 -23.85 5.70
C ASN A 270 -20.25 -23.95 4.74
N ILE A 271 -20.09 -24.69 3.66
CA ILE A 271 -21.10 -24.72 2.61
C ILE A 271 -22.03 -25.92 2.81
N ASN A 272 -22.21 -26.33 4.06
CA ASN A 272 -23.11 -27.43 4.38
C ASN A 272 -24.31 -26.95 5.17
N GLY A 273 -24.16 -25.84 5.89
CA GLY A 273 -25.25 -25.31 6.66
C GLY A 273 -24.84 -24.85 8.05
N GLN A 274 -23.75 -25.40 8.57
CA GLN A 274 -23.28 -25.03 9.89
C GLN A 274 -22.02 -24.17 9.78
N TRP A 275 -22.02 -23.04 10.47
CA TRP A 275 -20.93 -22.08 10.36
C TRP A 275 -20.22 -21.89 11.71
N GLU A 276 -19.08 -21.21 11.68
CA GLU A 276 -18.33 -20.88 12.88
C GLU A 276 -18.38 -19.39 13.15
N GLY A 277 -19.07 -19.01 14.21
CA GLY A 277 -19.12 -17.62 14.60
C GLY A 277 -18.49 -17.42 15.96
N GLU A 278 -18.02 -16.21 16.25
CA GLU A 278 -17.41 -15.95 17.54
C GLU A 278 -18.32 -15.06 18.38
N VAL A 279 -18.89 -15.66 19.42
CA VAL A 279 -19.68 -14.94 20.38
C VAL A 279 -19.21 -15.30 21.79
N ASN A 280 -18.95 -14.28 22.60
CA ASN A 280 -18.48 -14.46 23.98
C ASN A 280 -17.10 -15.11 24.01
N GLY A 281 -16.30 -14.83 22.98
CA GLY A 281 -14.96 -15.37 22.90
C GLY A 281 -14.94 -16.83 22.49
N ARG A 282 -16.08 -17.35 22.09
CA ARG A 282 -16.19 -18.73 21.68
C ARG A 282 -16.62 -18.85 20.23
N LYS A 283 -15.81 -19.52 19.42
CA LYS A 283 -16.23 -19.86 18.08
C LYS A 283 -16.83 -21.25 18.07
N GLY A 284 -18.13 -21.32 17.82
CA GLY A 284 -18.82 -22.58 17.85
C GLY A 284 -19.71 -22.76 16.64
N LEU A 285 -20.20 -23.97 16.47
CA LEU A 285 -21.04 -24.29 15.33
C LEU A 285 -22.49 -23.97 15.62
N PHE A 286 -23.13 -23.29 14.69
CA PHE A 286 -24.54 -23.00 14.79
C PHE A 286 -25.23 -23.33 13.47
N PRO A 287 -26.28 -24.16 13.51
CA PRO A 287 -27.03 -24.56 12.32
C PRO A 287 -27.68 -23.39 11.58
N PHE A 288 -28.02 -23.63 10.33
CA PHE A 288 -28.62 -22.62 9.45
C PHE A 288 -30.03 -22.24 9.93
N THR A 289 -30.73 -23.23 10.47
CA THR A 289 -32.17 -23.12 10.71
C THR A 289 -32.54 -22.36 11.99
N HIS A 290 -31.64 -21.58 12.56
CA HIS A 290 -31.98 -20.78 13.73
C HIS A 290 -31.29 -19.41 13.72
N VAL A 291 -30.64 -19.09 12.61
CA VAL A 291 -30.04 -17.77 12.42
C VAL A 291 -30.51 -17.18 11.11
N LYS A 292 -30.38 -15.87 10.96
CA LYS A 292 -30.82 -15.21 9.76
C LYS A 292 -29.82 -14.13 9.36
N ILE A 293 -29.25 -14.26 8.15
CA ILE A 293 -28.40 -13.22 7.62
C ILE A 293 -29.26 -12.04 7.19
N PHE A 294 -29.03 -10.91 7.81
CA PHE A 294 -29.79 -9.71 7.51
C PHE A 294 -28.85 -8.67 6.93
N ASP A 295 -29.34 -7.90 5.98
CA ASP A 295 -28.55 -6.84 5.38
C ASP A 295 -28.54 -5.64 6.32
N PRO A 296 -27.35 -5.20 6.76
CA PRO A 296 -27.20 -4.09 7.71
C PRO A 296 -27.79 -2.78 7.21
N GLN A 297 -28.09 -2.71 5.91
CA GLN A 297 -28.65 -1.50 5.31
C GLN A 297 -30.17 -1.48 5.49
N ASN A 298 -30.63 -1.83 6.67
CA ASN A 298 -32.05 -1.81 6.98
C ASN A 298 -32.31 -0.99 8.23
N PRO A 299 -32.64 0.30 8.07
CA PRO A 299 -32.94 1.19 9.18
C PRO A 299 -34.39 1.04 9.64
N ASP A 300 -34.66 -0.04 10.35
CA ASP A 300 -36.00 -0.32 10.86
C ASP A 300 -36.36 0.65 11.96
N GLU A 301 -37.58 1.17 11.90
CA GLU A 301 -38.07 2.10 12.92
C GLU A 301 -39.15 1.43 13.74
N ASN A 302 -39.62 0.30 13.26
CA ASN A 302 -40.71 -0.41 13.90
C ASN A 302 -40.23 -1.74 14.47
N GLU A 303 -40.78 -2.08 15.64
CA GLU A 303 -40.49 -3.35 16.30
C GLU A 303 -39.00 -3.50 16.59
N MET A 1 -28.39 -1.40 2.16
CA MET A 1 -28.59 -0.63 3.42
C MET A 1 -27.27 -0.04 3.92
N SER A 2 -26.15 -0.55 3.42
CA SER A 2 -24.84 -0.17 3.93
C SER A 2 -24.29 1.02 3.16
N SER A 3 -23.08 1.44 3.51
CA SER A 3 -22.40 2.51 2.81
C SER A 3 -21.72 1.97 1.56
N ALA A 4 -20.93 0.91 1.73
CA ALA A 4 -20.26 0.26 0.62
C ALA A 4 -21.28 -0.45 -0.27
N ARG A 5 -21.35 -0.01 -1.53
CA ARG A 5 -22.32 -0.55 -2.47
C ARG A 5 -21.69 -0.76 -3.84
N PHE A 6 -21.11 -1.94 -4.04
CA PHE A 6 -20.53 -2.31 -5.31
C PHE A 6 -20.38 -3.82 -5.34
N ASP A 7 -20.20 -4.39 -6.53
CA ASP A 7 -20.18 -5.84 -6.68
C ASP A 7 -18.82 -6.41 -6.34
N SER A 8 -17.81 -5.55 -6.34
CA SER A 8 -16.43 -5.91 -6.03
C SER A 8 -15.80 -6.75 -7.16
N SER A 9 -16.62 -7.57 -7.82
CA SER A 9 -16.13 -8.45 -8.87
C SER A 9 -16.25 -7.82 -10.25
N ASP A 10 -17.14 -6.85 -10.41
CA ASP A 10 -17.40 -6.30 -11.73
C ASP A 10 -16.27 -5.39 -12.18
N ARG A 11 -15.41 -5.92 -13.04
CA ARG A 11 -14.27 -5.16 -13.56
C ARG A 11 -14.74 -3.98 -14.41
N SER A 12 -15.93 -4.09 -14.97
CA SER A 12 -16.49 -3.00 -15.75
C SER A 12 -16.91 -1.83 -14.85
N ALA A 13 -16.79 -2.00 -13.54
CA ALA A 13 -17.13 -0.93 -12.61
C ALA A 13 -15.88 -0.22 -12.08
N TRP A 14 -14.88 -0.99 -11.65
CA TRP A 14 -13.72 -0.41 -10.97
C TRP A 14 -12.43 -0.49 -11.77
N TYR A 15 -12.36 -1.38 -12.75
CA TYR A 15 -11.11 -1.61 -13.47
C TYR A 15 -10.83 -0.48 -14.46
N MET A 16 -9.74 0.23 -14.23
CA MET A 16 -9.36 1.38 -15.05
C MET A 16 -8.32 1.02 -16.10
N GLY A 17 -7.76 -0.18 -15.95
CA GLY A 17 -6.74 -0.67 -16.87
C GLY A 17 -5.61 0.31 -17.12
N PRO A 18 -5.49 0.85 -18.35
CA PRO A 18 -4.38 1.74 -18.72
C PRO A 18 -4.46 3.11 -18.04
N VAL A 19 -3.93 3.17 -16.83
CA VAL A 19 -3.84 4.41 -16.08
C VAL A 19 -2.43 4.47 -15.43
N SER A 20 -2.21 5.30 -14.42
CA SER A 20 -0.90 5.62 -13.91
C SER A 20 -1.14 6.40 -12.64
N ARG A 21 -0.15 6.58 -11.79
CA ARG A 21 -0.41 7.26 -10.53
C ARG A 21 -0.73 8.73 -10.77
N GLN A 22 -0.14 9.32 -11.81
CA GLN A 22 -0.45 10.70 -12.17
C GLN A 22 -1.94 10.86 -12.48
N GLU A 23 -2.40 10.10 -13.46
CA GLU A 23 -3.79 10.17 -13.90
C GLU A 23 -4.75 9.71 -12.80
N ALA A 24 -4.42 8.59 -12.18
CA ALA A 24 -5.26 8.00 -11.15
C ALA A 24 -5.56 8.99 -10.02
N GLN A 25 -4.54 9.71 -9.57
CA GLN A 25 -4.67 10.63 -8.45
C GLN A 25 -5.53 11.83 -8.82
N THR A 26 -5.44 12.30 -10.07
CA THR A 26 -6.18 13.47 -10.48
C THR A 26 -7.65 13.13 -10.75
N ARG A 27 -7.97 11.85 -10.74
CA ARG A 27 -9.36 11.40 -10.90
C ARG A 27 -9.97 11.13 -9.53
N LEU A 28 -9.14 11.13 -8.50
CA LEU A 28 -9.60 10.96 -7.13
C LEU A 28 -9.38 12.22 -6.29
N GLN A 29 -8.60 13.16 -6.84
CA GLN A 29 -8.26 14.39 -6.14
C GLN A 29 -9.47 15.32 -6.03
N GLY A 30 -9.76 15.74 -4.81
CA GLY A 30 -10.87 16.65 -4.58
C GLY A 30 -12.21 15.99 -4.81
N GLN A 31 -12.21 14.67 -4.88
CA GLN A 31 -13.42 13.91 -5.12
C GLN A 31 -13.95 13.33 -3.82
N ARG A 32 -15.20 12.89 -3.84
CA ARG A 32 -15.83 12.32 -2.65
C ARG A 32 -15.08 11.08 -2.19
N HIS A 33 -14.77 11.03 -0.91
CA HIS A 33 -13.98 9.96 -0.33
C HIS A 33 -14.74 8.66 -0.37
N GLY A 34 -14.08 7.62 -0.83
CA GLY A 34 -14.69 6.32 -0.91
C GLY A 34 -14.64 5.76 -2.31
N MET A 35 -14.45 6.64 -3.28
CA MET A 35 -14.28 6.22 -4.66
C MET A 35 -12.90 5.63 -4.85
N PHE A 36 -12.82 4.52 -5.56
CA PHE A 36 -11.56 3.82 -5.75
C PHE A 36 -11.44 3.33 -7.17
N LEU A 37 -10.24 2.89 -7.55
CA LEU A 37 -10.01 2.37 -8.88
C LEU A 37 -8.82 1.43 -8.89
N VAL A 38 -8.92 0.35 -9.65
CA VAL A 38 -7.83 -0.57 -9.83
C VAL A 38 -7.38 -0.53 -11.29
N ARG A 39 -6.11 -0.26 -11.50
CA ARG A 39 -5.57 -0.08 -12.84
C ARG A 39 -4.40 -1.03 -13.06
N ASP A 40 -3.96 -1.17 -14.30
CA ASP A 40 -2.73 -1.88 -14.58
C ASP A 40 -1.56 -0.99 -14.18
N SER A 41 -0.63 -1.54 -13.42
CA SER A 41 0.47 -0.75 -12.88
C SER A 41 1.44 -0.27 -13.96
N SER A 42 2.01 0.90 -13.72
CA SER A 42 3.03 1.45 -14.60
C SER A 42 4.35 0.75 -14.33
N THR A 43 4.40 0.04 -13.21
CA THR A 43 5.56 -0.74 -12.83
C THR A 43 5.63 -2.03 -13.65
N CYS A 44 4.62 -2.87 -13.50
CA CYS A 44 4.59 -4.15 -14.21
C CYS A 44 3.14 -4.55 -14.47
N PRO A 45 2.88 -5.13 -15.66
CA PRO A 45 1.55 -5.65 -16.01
C PRO A 45 1.06 -6.73 -15.05
N GLY A 46 2.01 -7.37 -14.36
CA GLY A 46 1.67 -8.36 -13.36
C GLY A 46 1.53 -7.72 -11.99
N ASP A 47 0.99 -6.52 -11.97
CA ASP A 47 0.76 -5.76 -10.76
C ASP A 47 -0.34 -4.76 -11.02
N TYR A 48 -1.12 -4.44 -10.00
CA TYR A 48 -2.23 -3.50 -10.14
C TYR A 48 -2.14 -2.44 -9.05
N VAL A 49 -2.96 -1.42 -9.14
CA VAL A 49 -2.98 -0.39 -8.12
C VAL A 49 -4.38 0.00 -7.74
N LEU A 50 -4.75 -0.32 -6.52
CA LEU A 50 -5.97 0.15 -5.93
C LEU A 50 -5.76 1.54 -5.37
N SER A 51 -6.05 2.54 -6.18
CA SER A 51 -5.95 3.90 -5.74
C SER A 51 -7.31 4.38 -5.27
N VAL A 52 -7.37 4.78 -4.02
CA VAL A 52 -8.60 5.15 -3.37
C VAL A 52 -8.62 6.64 -3.05
N SER A 53 -9.77 7.29 -3.22
CA SER A 53 -9.91 8.70 -2.92
C SER A 53 -10.14 8.89 -1.43
N GLU A 54 -9.08 9.25 -0.71
CA GLU A 54 -9.15 9.36 0.75
C GLU A 54 -8.10 10.31 1.30
N ASN A 55 -8.45 10.94 2.43
CA ASN A 55 -7.58 11.89 3.12
C ASN A 55 -7.25 13.03 2.23
N SER A 56 -8.29 13.70 1.81
CA SER A 56 -8.18 14.76 0.86
C SER A 56 -7.84 14.22 -0.52
N ARG A 57 -7.22 13.02 -0.66
CA ARG A 57 -6.92 12.63 -2.02
C ARG A 57 -6.63 11.19 -2.48
N VAL A 58 -5.70 10.44 -1.89
CA VAL A 58 -5.35 9.15 -2.50
C VAL A 58 -4.79 8.16 -1.49
N SER A 59 -5.46 7.06 -1.28
CA SER A 59 -4.85 5.94 -0.59
C SER A 59 -4.36 4.93 -1.65
N HIS A 60 -3.04 4.79 -1.80
CA HIS A 60 -2.46 3.95 -2.86
C HIS A 60 -2.17 2.53 -2.38
N TYR A 61 -2.93 1.57 -2.85
CA TYR A 61 -2.68 0.19 -2.44
C TYR A 61 -2.37 -0.71 -3.63
N ILE A 62 -1.09 -1.03 -3.81
CA ILE A 62 -0.67 -1.88 -4.93
C ILE A 62 -0.98 -3.35 -4.68
N ILE A 63 -1.27 -4.07 -5.77
CA ILE A 63 -1.66 -5.45 -5.70
C ILE A 63 -0.80 -6.25 -6.68
N ASN A 64 0.35 -6.67 -6.19
CA ASN A 64 1.27 -7.45 -7.00
C ASN A 64 0.64 -8.79 -7.31
N SER A 65 0.68 -9.19 -8.57
CA SER A 65 0.12 -10.47 -8.95
C SER A 65 1.04 -11.61 -8.57
N LEU A 66 0.51 -12.55 -7.82
CA LEU A 66 1.21 -13.77 -7.59
C LEU A 66 1.12 -14.65 -8.81
N PRO A 67 2.15 -15.46 -9.10
CA PRO A 67 2.06 -16.57 -10.07
C PRO A 67 1.06 -17.61 -9.58
N ASN A 68 -0.18 -17.14 -9.46
CA ASN A 68 -1.38 -17.84 -9.01
C ASN A 68 -1.71 -17.44 -7.62
N ARG A 69 -0.69 -17.55 -6.76
CA ARG A 69 -0.90 -17.85 -5.35
C ARG A 69 -2.16 -17.26 -4.81
N ARG A 70 -2.31 -15.95 -5.00
CA ARG A 70 -3.53 -15.18 -4.82
C ARG A 70 -3.26 -13.79 -5.40
N PHE A 71 -4.11 -12.82 -5.14
CA PHE A 71 -3.74 -11.44 -5.42
C PHE A 71 -3.25 -10.77 -4.14
N LYS A 72 -1.98 -10.41 -4.10
CA LYS A 72 -1.37 -9.93 -2.87
C LYS A 72 -1.22 -8.42 -2.88
N ILE A 73 -2.07 -7.74 -2.13
CA ILE A 73 -1.97 -6.30 -1.97
C ILE A 73 -1.12 -5.98 -0.74
N GLY A 74 0.19 -6.12 -0.89
CA GLY A 74 1.11 -5.79 0.16
C GLY A 74 1.02 -6.70 1.36
N ASP A 75 1.80 -7.78 1.32
CA ASP A 75 1.94 -8.71 2.48
C ASP A 75 0.70 -9.58 2.62
N GLN A 76 -0.47 -8.97 2.66
CA GLN A 76 -1.72 -9.71 2.80
C GLN A 76 -2.19 -10.24 1.46
N GLU A 77 -2.20 -11.56 1.30
CA GLU A 77 -2.75 -12.15 0.08
C GLU A 77 -4.22 -12.50 0.29
N PHE A 78 -5.01 -12.13 -0.69
CA PHE A 78 -6.45 -12.41 -0.68
C PHE A 78 -6.79 -13.23 -1.91
N ASP A 79 -7.91 -13.95 -1.85
CA ASP A 79 -8.33 -14.87 -2.92
C ASP A 79 -8.14 -14.28 -4.32
N HIS A 80 -8.49 -13.01 -4.47
CA HIS A 80 -8.37 -12.34 -5.76
C HIS A 80 -8.61 -10.85 -5.58
N LEU A 81 -8.67 -10.12 -6.70
CA LEU A 81 -8.90 -8.67 -6.66
C LEU A 81 -10.22 -8.35 -5.94
N PRO A 82 -11.36 -8.93 -6.38
CA PRO A 82 -12.67 -8.73 -5.73
C PRO A 82 -12.73 -9.27 -4.29
N ALA A 83 -11.61 -9.74 -3.77
CA ALA A 83 -11.57 -10.28 -2.41
C ALA A 83 -10.85 -9.33 -1.46
N LEU A 84 -9.86 -8.61 -1.98
CA LEU A 84 -9.12 -7.67 -1.16
C LEU A 84 -9.95 -6.42 -0.92
N LEU A 85 -10.79 -6.11 -1.89
CA LEU A 85 -11.71 -4.99 -1.77
C LEU A 85 -12.68 -5.23 -0.62
N GLU A 86 -13.01 -6.48 -0.39
CA GLU A 86 -13.95 -6.87 0.65
C GLU A 86 -13.34 -6.70 2.05
N PHE A 87 -12.01 -6.79 2.16
CA PHE A 87 -11.35 -6.65 3.45
C PHE A 87 -11.38 -5.20 3.86
N TYR A 88 -11.40 -4.35 2.86
CA TYR A 88 -11.32 -2.92 3.08
C TYR A 88 -12.71 -2.31 3.17
N LYS A 89 -13.72 -3.16 3.10
CA LYS A 89 -15.09 -2.76 3.32
C LYS A 89 -15.44 -2.78 4.81
N ILE A 90 -14.60 -3.44 5.63
CA ILE A 90 -14.79 -3.46 7.07
C ILE A 90 -13.54 -2.92 7.77
N HIS A 91 -12.54 -2.61 6.96
CA HIS A 91 -11.25 -2.13 7.47
C HIS A 91 -11.28 -0.63 7.67
N TYR A 92 -11.85 0.06 6.68
CA TYR A 92 -11.63 1.50 6.52
C TYR A 92 -10.16 1.72 6.23
N LEU A 93 -9.81 1.79 4.94
CA LEU A 93 -8.44 2.07 4.53
C LEU A 93 -7.92 3.32 5.22
N ASP A 94 -7.99 4.44 4.55
CA ASP A 94 -7.43 5.67 5.09
C ASP A 94 -8.25 6.09 6.30
N THR A 95 -9.49 6.44 6.06
CA THR A 95 -10.41 6.77 7.15
C THR A 95 -11.87 6.58 6.69
N THR A 96 -12.03 5.93 5.55
CA THR A 96 -13.34 5.47 5.09
C THR A 96 -13.19 4.09 4.47
N THR A 97 -14.30 3.44 4.14
CA THR A 97 -14.23 2.16 3.49
C THR A 97 -14.40 2.30 2.00
N LEU A 98 -14.19 1.21 1.26
CA LEU A 98 -14.43 1.19 -0.16
C LEU A 98 -15.93 1.27 -0.42
N ILE A 99 -16.41 2.48 -0.62
CA ILE A 99 -17.83 2.73 -0.81
C ILE A 99 -18.28 2.31 -2.21
N GLU A 100 -17.59 2.83 -3.22
CA GLU A 100 -17.92 2.56 -4.60
C GLU A 100 -16.78 3.04 -5.50
N PRO A 101 -16.62 2.45 -6.70
CA PRO A 101 -15.56 2.84 -7.62
C PRO A 101 -15.74 4.25 -8.18
N ALA A 102 -14.62 4.86 -8.57
CA ALA A 102 -14.65 6.17 -9.21
C ALA A 102 -15.19 6.03 -10.63
N PRO A 103 -15.65 7.12 -11.24
CA PRO A 103 -16.12 7.10 -12.63
C PRO A 103 -15.07 6.48 -13.54
N ARG A 104 -15.48 5.47 -14.31
CA ARG A 104 -14.56 4.74 -15.17
C ARG A 104 -13.99 5.67 -16.24
N TYR A 105 -13.07 5.15 -17.04
CA TYR A 105 -12.35 5.97 -18.02
C TYR A 105 -13.30 6.78 -18.92
N PRO A 106 -14.40 6.18 -19.44
CA PRO A 106 -15.41 6.95 -20.20
C PRO A 106 -16.12 7.99 -19.34
N SER A 107 -15.54 9.19 -19.32
CA SER A 107 -16.11 10.31 -18.59
C SER A 107 -15.32 11.58 -18.89
N PRO A 108 -16.00 12.69 -19.20
CA PRO A 108 -15.35 13.97 -19.48
C PRO A 108 -14.87 14.66 -18.21
N PRO A 109 -13.63 15.17 -18.23
CA PRO A 109 -13.06 15.90 -17.08
C PRO A 109 -13.64 17.30 -16.94
N MET A 110 -14.14 17.60 -15.74
CA MET A 110 -14.72 18.91 -15.48
C MET A 110 -13.62 19.90 -15.09
N GLY A 111 -12.74 19.46 -14.20
CA GLY A 111 -11.66 20.33 -13.77
C GLY A 111 -11.38 20.17 -12.30
N SER A 112 -10.25 19.57 -11.99
CA SER A 112 -9.81 19.41 -10.61
C SER A 112 -8.32 19.70 -10.51
N VAL A 113 -7.88 20.15 -9.35
CA VAL A 113 -6.48 20.46 -9.13
C VAL A 113 -5.64 19.18 -9.18
N SER A 114 -4.45 19.28 -9.73
CA SER A 114 -3.56 18.14 -9.82
C SER A 114 -2.64 18.12 -8.62
N ALA A 115 -3.11 17.51 -7.53
CA ALA A 115 -2.32 17.41 -6.31
C ALA A 115 -1.85 15.98 -6.11
N PRO A 116 -0.55 15.74 -6.29
CA PRO A 116 0.04 14.43 -6.15
C PRO A 116 0.41 14.11 -4.70
N ASN A 117 -0.49 13.38 -4.01
CA ASN A 117 -0.28 12.93 -2.63
C ASN A 117 -0.32 14.12 -1.68
N LEU A 118 -1.37 14.15 -0.85
CA LEU A 118 -1.63 15.24 0.10
C LEU A 118 -2.10 16.50 -0.64
N PRO A 119 -2.76 17.42 0.07
CA PRO A 119 -3.23 18.69 -0.51
C PRO A 119 -2.09 19.53 -1.07
N THR A 120 -2.27 19.99 -2.31
CA THR A 120 -1.27 20.78 -3.02
C THR A 120 -0.10 19.90 -3.49
N ALA A 121 0.62 19.32 -2.54
CA ALA A 121 1.77 18.48 -2.83
C ALA A 121 2.14 17.66 -1.61
N GLU A 122 3.13 16.78 -1.78
CA GLU A 122 3.58 15.93 -0.69
C GLU A 122 4.25 16.75 0.40
N ASP A 123 3.49 17.11 1.42
CA ASP A 123 3.97 17.97 2.49
C ASP A 123 4.26 17.16 3.75
N ASN A 124 3.21 16.52 4.27
CA ASN A 124 3.31 15.76 5.50
C ASN A 124 2.34 14.60 5.49
N LEU A 125 2.35 13.81 6.57
CA LEU A 125 1.55 12.58 6.64
C LEU A 125 1.97 11.61 5.55
N GLU A 126 3.00 10.85 5.87
CA GLU A 126 3.65 9.97 4.90
C GLU A 126 4.75 9.20 5.62
N TYR A 127 5.81 9.91 6.02
CA TYR A 127 6.92 9.26 6.69
C TYR A 127 7.00 9.72 8.13
N VAL A 128 6.63 8.84 9.02
CA VAL A 128 6.63 9.11 10.43
C VAL A 128 7.53 8.14 11.13
N ARG A 129 8.41 8.57 12.03
CA ARG A 129 9.09 7.56 12.80
C ARG A 129 8.58 7.63 14.22
N THR A 130 8.49 6.48 14.84
CA THR A 130 8.02 6.38 16.19
C THR A 130 9.18 6.20 17.15
N LEU A 131 9.17 6.98 18.22
CA LEU A 131 10.28 6.97 19.17
C LEU A 131 9.90 6.29 20.48
N TYR A 132 8.61 6.09 20.69
CA TYR A 132 8.13 5.58 21.97
C TYR A 132 8.25 4.06 22.04
N ASP A 133 7.92 3.37 20.94
CA ASP A 133 7.89 1.90 20.89
C ASP A 133 6.70 1.36 21.69
N PHE A 134 5.61 1.09 20.98
CA PHE A 134 4.44 0.47 21.57
C PHE A 134 4.08 -0.74 20.73
N PRO A 135 4.64 -1.90 21.05
CA PRO A 135 4.40 -3.11 20.31
C PRO A 135 3.14 -3.85 20.78
N GLY A 136 1.98 -3.37 20.33
CA GLY A 136 0.72 -4.03 20.63
C GLY A 136 0.60 -5.33 19.87
N ASN A 137 1.32 -5.40 18.76
CA ASN A 137 1.36 -6.60 17.89
C ASN A 137 0.01 -6.85 17.22
N ASP A 138 -0.54 -5.83 16.58
CA ASP A 138 -1.83 -5.94 15.91
C ASP A 138 -1.86 -5.10 14.64
N ALA A 139 -2.99 -5.15 13.94
CA ALA A 139 -3.25 -4.27 12.82
C ALA A 139 -4.15 -3.15 13.31
N GLU A 140 -4.63 -3.34 14.53
CA GLU A 140 -5.41 -2.34 15.22
C GLU A 140 -4.46 -1.34 15.81
N ASP A 141 -3.34 -1.88 16.29
CA ASP A 141 -2.27 -1.10 16.90
C ASP A 141 -0.94 -1.56 16.34
N LEU A 142 -0.31 -0.74 15.50
CA LEU A 142 0.96 -1.11 14.89
C LEU A 142 2.02 -1.27 15.98
N PRO A 143 2.73 -2.39 15.97
CA PRO A 143 3.83 -2.59 16.89
C PRO A 143 5.08 -1.90 16.41
N PHE A 144 5.21 -0.65 16.79
CA PHE A 144 6.30 0.18 16.30
C PHE A 144 7.38 0.28 17.36
N LYS A 145 8.58 0.64 16.96
CA LYS A 145 9.70 0.64 17.87
C LYS A 145 10.09 2.05 18.31
N LYS A 146 11.21 2.13 19.02
CA LYS A 146 11.65 3.36 19.65
C LYS A 146 12.44 4.22 18.68
N GLY A 147 12.44 3.83 17.43
CA GLY A 147 13.11 4.61 16.41
C GLY A 147 12.92 4.00 15.05
N GLU A 148 11.72 3.53 14.77
CA GLU A 148 11.44 2.88 13.50
C GLU A 148 10.65 3.79 12.60
N ILE A 149 10.87 3.65 11.29
CA ILE A 149 10.18 4.46 10.33
C ILE A 149 8.90 3.77 9.89
N LEU A 150 7.83 4.53 9.89
CA LEU A 150 6.51 4.04 9.59
C LEU A 150 5.98 4.92 8.47
N VAL A 151 4.97 4.47 7.80
CA VAL A 151 4.35 5.28 6.78
C VAL A 151 2.87 5.39 7.06
N ILE A 152 2.37 6.61 7.21
CA ILE A 152 0.96 6.80 7.51
C ILE A 152 0.16 6.58 6.25
N ILE A 153 -0.02 5.32 5.94
CA ILE A 153 -0.68 4.90 4.73
C ILE A 153 -2.17 5.02 4.89
N GLU A 154 -2.66 4.69 6.08
CA GLU A 154 -4.03 4.93 6.42
C GLU A 154 -4.02 5.93 7.59
N LYS A 155 -4.93 6.88 7.61
CA LYS A 155 -5.04 7.80 8.72
C LYS A 155 -6.49 8.01 9.10
N PRO A 156 -7.01 7.12 9.95
CA PRO A 156 -8.38 7.21 10.44
C PRO A 156 -8.58 8.43 11.32
N GLU A 157 -7.76 8.53 12.36
CA GLU A 157 -7.93 9.57 13.36
C GLU A 157 -6.84 10.63 13.22
N GLU A 158 -7.02 11.74 13.90
CA GLU A 158 -5.99 12.77 13.94
C GLU A 158 -5.13 12.58 15.18
N GLN A 159 -5.64 11.80 16.12
CA GLN A 159 -4.88 11.40 17.29
C GLN A 159 -4.21 10.06 17.06
N TRP A 160 -4.74 9.30 16.12
CA TRP A 160 -4.22 7.98 15.81
C TRP A 160 -3.99 7.80 14.31
N TRP A 161 -2.79 7.38 13.95
CA TRP A 161 -2.39 7.24 12.56
C TRP A 161 -2.06 5.80 12.25
N SER A 162 -2.50 5.33 11.12
CA SER A 162 -2.35 3.93 10.80
C SER A 162 -1.19 3.76 9.86
N ALA A 163 -0.02 3.56 10.41
CA ALA A 163 1.14 3.59 9.60
C ALA A 163 1.59 2.18 9.34
N ARG A 164 2.21 1.97 8.20
CA ARG A 164 2.75 0.67 7.91
C ARG A 164 4.12 0.61 8.47
N ASN A 165 4.25 -0.34 9.36
CA ASN A 165 5.47 -0.66 10.06
C ASN A 165 6.65 -0.72 9.12
N LYS A 166 7.84 -0.72 9.67
CA LYS A 166 9.05 -0.89 8.87
C LYS A 166 9.12 -2.33 8.30
N ASP A 167 8.01 -3.05 8.45
CA ASP A 167 7.84 -4.37 7.84
C ASP A 167 6.72 -4.31 6.79
N GLY A 168 6.05 -3.17 6.72
CA GLY A 168 4.88 -3.06 5.88
C GLY A 168 3.65 -3.67 6.53
N ARG A 169 3.18 -3.05 7.61
CA ARG A 169 1.96 -3.49 8.29
C ARG A 169 1.14 -2.29 8.70
N VAL A 170 -0.11 -2.24 8.32
CA VAL A 170 -0.93 -1.10 8.71
C VAL A 170 -1.56 -1.32 10.08
N GLY A 171 -1.17 -0.47 11.03
CA GLY A 171 -1.79 -0.48 12.34
C GLY A 171 -1.92 0.92 12.90
N MET A 172 -2.95 1.17 13.70
CA MET A 172 -3.18 2.50 14.25
C MET A 172 -2.19 2.81 15.36
N ILE A 173 -1.62 4.01 15.33
CA ILE A 173 -0.59 4.40 16.27
C ILE A 173 -0.82 5.83 16.77
N PRO A 174 -0.53 6.08 18.05
CA PRO A 174 -0.69 7.39 18.67
C PRO A 174 0.23 8.45 18.04
N VAL A 175 -0.36 9.59 17.69
CA VAL A 175 0.38 10.73 17.15
C VAL A 175 1.37 11.32 18.18
N PRO A 176 0.95 11.52 19.46
CA PRO A 176 1.87 11.96 20.53
C PRO A 176 3.07 11.03 20.76
N TYR A 177 3.17 9.97 19.98
CA TYR A 177 4.25 9.00 20.10
C TYR A 177 5.29 9.16 18.99
N VAL A 178 4.98 9.97 17.98
CA VAL A 178 5.73 9.93 16.75
C VAL A 178 6.69 11.12 16.51
N GLU A 179 7.22 11.14 15.29
CA GLU A 179 8.49 11.77 14.95
C GLU A 179 8.59 12.06 13.43
N LYS A 180 7.57 12.66 12.81
CA LYS A 180 7.49 12.58 11.36
C LYS A 180 8.56 13.47 10.73
N LEU A 181 9.16 12.92 9.68
CA LEU A 181 10.33 13.47 9.04
C LEU A 181 9.97 14.63 8.12
N VAL A 182 9.32 14.30 7.02
CA VAL A 182 8.89 15.30 6.06
C VAL A 182 7.55 15.87 6.50
N ARG A 183 7.57 17.11 6.93
CA ARG A 183 6.38 17.78 7.43
C ARG A 183 6.60 19.27 7.59
N SER A 184 5.83 20.07 6.88
CA SER A 184 5.88 21.52 7.07
C SER A 184 4.74 21.95 7.98
N SER A 185 4.84 21.55 9.25
CA SER A 185 3.84 21.89 10.25
C SER A 185 3.91 23.38 10.58
N PRO A 186 2.93 23.91 11.35
CA PRO A 186 2.91 25.32 11.75
C PRO A 186 4.24 25.80 12.34
N HIS A 187 5.00 26.51 11.52
CA HIS A 187 6.25 27.12 11.94
C HIS A 187 6.26 28.58 11.53
N GLY A 188 5.70 28.83 10.35
CA GLY A 188 5.69 30.17 9.78
C GLY A 188 5.54 30.13 8.28
N LYS A 189 4.51 29.41 7.83
CA LYS A 189 4.20 29.19 6.40
C LYS A 189 5.24 28.29 5.72
N HIS A 190 6.38 28.08 6.39
CA HIS A 190 7.51 27.32 5.84
C HIS A 190 8.20 28.10 4.71
N GLY A 191 7.40 28.60 3.79
CA GLY A 191 7.91 29.39 2.69
C GLY A 191 6.79 29.77 1.75
N ASN A 192 7.02 29.56 0.47
CA ASN A 192 6.02 29.85 -0.55
C ASN A 192 6.29 28.97 -1.77
N ARG A 193 5.64 29.28 -2.89
CA ARG A 193 5.83 28.53 -4.11
C ARG A 193 7.24 28.69 -4.64
N ASN A 194 8.08 27.69 -4.41
CA ASN A 194 9.46 27.72 -4.85
C ASN A 194 9.74 26.53 -5.75
N SER A 195 9.16 25.40 -5.40
CA SER A 195 9.35 24.18 -6.16
C SER A 195 8.03 23.44 -6.33
N ASN A 196 7.53 23.40 -7.56
CA ASN A 196 6.29 22.69 -7.87
C ASN A 196 6.63 21.35 -8.48
N SER A 197 7.91 21.11 -8.65
CA SER A 197 8.40 19.93 -9.32
C SER A 197 9.60 19.33 -8.59
N TYR A 198 9.38 18.17 -7.98
CA TYR A 198 10.42 17.40 -7.31
C TYR A 198 11.03 18.17 -6.13
N GLY A 199 10.38 18.09 -4.98
CA GLY A 199 10.85 18.75 -3.79
C GLY A 199 11.76 17.86 -2.98
N ILE A 200 11.49 16.56 -3.00
CA ILE A 200 12.32 15.59 -2.31
C ILE A 200 12.98 14.62 -3.29
N PRO A 201 14.20 14.94 -3.76
CA PRO A 201 14.94 14.10 -4.69
C PRO A 201 15.66 12.94 -3.99
N GLU A 202 15.75 13.03 -2.66
CA GLU A 202 16.45 12.01 -1.88
C GLU A 202 15.54 10.80 -1.60
N PRO A 203 14.37 11.00 -0.94
CA PRO A 203 13.43 9.94 -0.67
C PRO A 203 12.51 9.67 -1.86
N ALA A 204 12.82 8.62 -2.61
CA ALA A 204 12.00 8.24 -3.76
C ALA A 204 10.64 7.74 -3.30
N HIS A 205 9.60 8.34 -3.83
CA HIS A 205 8.25 8.02 -3.39
C HIS A 205 7.49 7.27 -4.49
N ALA A 206 7.27 5.99 -4.26
CA ALA A 206 6.54 5.16 -5.20
C ALA A 206 5.12 4.90 -4.70
N ALA A 208 2.21 3.08 -2.12
CA ALA A 208 2.11 2.88 -0.69
C ALA A 208 2.15 1.40 -0.39
N GLN A 209 1.04 0.72 -0.66
CA GLN A 209 0.90 -0.72 -0.39
C GLN A 209 0.90 -0.95 1.12
N PRO A 210 0.02 -1.83 1.64
CA PRO A 210 -0.01 -2.16 3.06
C PRO A 210 1.37 -2.58 3.57
N GLN A 211 2.12 -3.28 2.72
CA GLN A 211 3.51 -3.60 2.98
C GLN A 211 4.40 -2.58 2.28
N THR A 212 5.55 -2.29 2.87
CA THR A 212 6.42 -1.26 2.33
C THR A 212 7.15 -1.78 1.08
N THR A 213 7.31 -0.89 0.10
CA THR A 213 7.98 -1.23 -1.14
C THR A 213 9.44 -1.58 -0.88
N THR A 214 9.93 -2.57 -1.60
CA THR A 214 11.32 -3.01 -1.47
C THR A 214 12.28 -1.96 -2.01
N PRO A 215 13.48 -1.86 -1.42
CA PRO A 215 14.52 -0.92 -1.88
C PRO A 215 14.84 -1.10 -3.36
N LEU A 216 14.78 -2.34 -3.81
CA LEU A 216 14.95 -2.66 -5.21
C LEU A 216 13.61 -2.56 -5.93
N PRO A 217 13.49 -1.63 -6.90
CA PRO A 217 12.26 -1.41 -7.64
C PRO A 217 12.21 -2.21 -8.94
N ALA A 218 11.35 -1.76 -9.85
CA ALA A 218 11.19 -2.42 -11.14
C ALA A 218 11.04 -1.37 -12.25
N VAL A 219 11.49 -1.73 -13.45
CA VAL A 219 11.42 -0.82 -14.58
C VAL A 219 10.00 -0.74 -15.14
N SER A 220 9.71 0.32 -15.90
CA SER A 220 8.36 0.56 -16.38
C SER A 220 8.07 -0.19 -17.68
N GLY A 221 6.79 -0.35 -17.98
CA GLY A 221 6.37 -1.04 -19.18
C GLY A 221 4.89 -1.37 -19.14
N SER A 222 4.07 -0.37 -19.41
CA SER A 222 2.63 -0.49 -19.23
C SER A 222 1.90 -0.65 -20.56
N PRO A 223 1.19 -1.76 -20.73
CA PRO A 223 0.35 -1.99 -21.91
C PRO A 223 -1.00 -1.28 -21.77
N GLY A 224 -1.67 -1.05 -22.89
CA GLY A 224 -2.94 -0.37 -22.84
C GLY A 224 -3.80 -0.63 -24.06
N ALA A 225 -4.92 0.08 -24.16
CA ALA A 225 -5.85 -0.03 -25.29
C ALA A 225 -6.48 -1.42 -25.39
N ALA A 226 -6.37 -2.20 -24.32
CA ALA A 226 -6.90 -3.55 -24.29
C ALA A 226 -8.28 -3.58 -23.63
N ILE A 227 -8.85 -2.41 -23.39
CA ILE A 227 -10.14 -2.30 -22.73
C ILE A 227 -11.07 -1.37 -23.51
N THR A 228 -12.27 -1.84 -23.79
CA THR A 228 -13.26 -1.05 -24.48
C THR A 228 -14.01 -0.15 -23.48
N PRO A 229 -14.39 1.07 -23.89
CA PRO A 229 -15.11 2.00 -23.03
C PRO A 229 -16.47 1.47 -22.57
N LEU A 230 -17.45 1.50 -23.46
CA LEU A 230 -18.82 1.07 -23.16
C LEU A 230 -19.68 1.17 -24.42
N PRO A 231 -20.92 0.63 -24.38
CA PRO A 231 -21.88 0.81 -25.46
C PRO A 231 -22.14 2.29 -25.76
N SER A 232 -22.48 2.59 -27.01
CA SER A 232 -22.64 3.96 -27.46
C SER A 232 -23.91 4.59 -26.88
N THR A 233 -23.73 5.46 -25.90
CA THR A 233 -24.84 6.20 -25.31
C THR A 233 -24.69 7.68 -25.59
N GLN A 234 -25.78 8.35 -25.96
CA GLN A 234 -25.72 9.76 -26.29
C GLN A 234 -26.26 10.62 -25.14
N ASN A 235 -27.46 10.27 -24.69
CA ASN A 235 -28.13 11.00 -23.59
C ASN A 235 -28.50 12.42 -23.98
N GLY A 236 -29.06 13.15 -23.04
CA GLY A 236 -29.41 14.54 -23.26
C GLY A 236 -30.74 14.70 -23.98
N PRO A 237 -31.23 15.95 -24.13
CA PRO A 237 -32.44 16.24 -24.89
C PRO A 237 -32.27 15.89 -26.37
N VAL A 238 -33.38 15.79 -27.09
CA VAL A 238 -33.33 15.39 -28.47
C VAL A 238 -33.35 16.60 -29.41
N PHE A 239 -32.50 16.57 -30.42
CA PHE A 239 -32.44 17.65 -31.39
C PHE A 239 -33.03 17.18 -32.72
N ALA A 240 -34.00 17.93 -33.22
CA ALA A 240 -34.63 17.60 -34.49
C ALA A 240 -34.54 18.77 -35.45
N LYS A 241 -34.27 18.47 -36.71
CA LYS A 241 -34.24 19.50 -37.74
C LYS A 241 -35.54 19.48 -38.52
N ALA A 242 -36.14 20.64 -38.68
CA ALA A 242 -37.38 20.74 -39.45
C ALA A 242 -37.07 20.65 -40.94
N ILE A 243 -37.38 19.50 -41.52
CA ILE A 243 -37.09 19.26 -42.93
C ILE A 243 -38.08 19.99 -43.84
N GLN A 244 -39.14 20.49 -43.23
CA GLN A 244 -40.16 21.24 -43.94
C GLN A 244 -40.74 22.28 -43.01
N LYS A 245 -41.32 23.32 -43.59
CA LYS A 245 -41.91 24.39 -42.79
C LYS A 245 -43.20 23.93 -42.15
N ARG A 246 -43.58 24.62 -41.09
CA ARG A 246 -44.84 24.38 -40.42
C ARG A 246 -45.56 25.68 -40.20
N VAL A 247 -46.71 25.84 -40.82
CA VAL A 247 -47.56 26.99 -40.53
C VAL A 247 -48.83 26.52 -39.84
N PRO A 248 -49.13 27.10 -38.67
CA PRO A 248 -50.27 26.70 -37.85
C PRO A 248 -51.58 27.29 -38.36
N CYS A 249 -52.65 26.52 -38.25
CA CYS A 249 -53.96 27.00 -38.62
C CYS A 249 -54.50 27.90 -37.51
N ALA A 250 -55.62 28.56 -37.78
CA ALA A 250 -56.21 29.49 -36.82
C ALA A 250 -56.59 28.80 -35.52
N TYR A 251 -57.10 27.57 -35.64
CA TYR A 251 -57.51 26.81 -34.45
C TYR A 251 -56.36 25.96 -33.90
N ASP A 252 -55.18 26.13 -34.47
CA ASP A 252 -54.00 25.41 -34.01
C ASP A 252 -52.96 26.39 -33.46
N LYS A 253 -53.31 27.09 -32.40
CA LYS A 253 -52.41 28.07 -31.81
C LYS A 253 -51.33 27.41 -30.98
N THR A 254 -51.51 26.13 -30.68
CA THR A 254 -50.52 25.39 -29.92
C THR A 254 -49.59 24.61 -30.86
N ALA A 255 -49.83 24.72 -32.16
CA ALA A 255 -49.00 24.05 -33.15
C ALA A 255 -47.80 24.92 -33.49
N LEU A 256 -46.61 24.41 -33.19
CA LEU A 256 -45.38 25.16 -33.39
C LEU A 256 -45.11 25.38 -34.89
N ALA A 257 -44.76 26.61 -35.25
CA ALA A 257 -44.43 26.95 -36.62
C ALA A 257 -42.91 26.90 -36.81
N LEU A 258 -42.47 26.30 -37.90
CA LEU A 258 -41.06 26.01 -38.08
C LEU A 258 -40.56 26.38 -39.47
N GLU A 259 -39.28 26.71 -39.56
CA GLU A 259 -38.62 27.03 -40.82
C GLU A 259 -37.89 25.81 -41.37
N VAL A 260 -37.38 25.93 -42.60
CA VAL A 260 -36.62 24.85 -43.20
C VAL A 260 -35.17 24.86 -42.73
N GLY A 261 -34.74 23.76 -42.15
CA GLY A 261 -33.37 23.65 -41.69
C GLY A 261 -33.15 24.32 -40.36
N ASP A 262 -34.23 24.49 -39.60
CA ASP A 262 -34.14 25.12 -38.29
C ASP A 262 -33.88 24.06 -37.23
N ILE A 263 -33.55 24.51 -36.02
CA ILE A 263 -33.23 23.60 -34.92
C ILE A 263 -34.37 23.56 -33.91
N VAL A 264 -34.98 22.39 -33.78
CA VAL A 264 -36.08 22.19 -32.86
C VAL A 264 -35.60 21.47 -31.61
N LYS A 265 -35.56 22.19 -30.50
CA LYS A 265 -35.14 21.61 -29.23
C LYS A 265 -36.33 20.99 -28.53
N VAL A 266 -36.48 19.68 -28.61
CA VAL A 266 -37.54 19.02 -27.88
C VAL A 266 -37.04 18.61 -26.50
N THR A 267 -37.64 19.18 -25.48
CA THR A 267 -37.21 18.96 -24.12
C THR A 267 -38.01 17.83 -23.49
N ARG A 268 -39.29 17.76 -23.85
CA ARG A 268 -40.15 16.69 -23.41
C ARG A 268 -40.72 15.95 -24.63
N MET A 269 -40.08 14.85 -24.99
CA MET A 269 -40.54 14.04 -26.10
C MET A 269 -41.68 13.12 -25.65
N ASN A 270 -42.87 13.40 -26.15
CA ASN A 270 -44.05 12.63 -25.77
C ASN A 270 -44.21 11.41 -26.65
N ILE A 271 -44.71 10.33 -26.06
CA ILE A 271 -44.86 9.07 -26.77
C ILE A 271 -46.11 9.09 -27.65
N ASN A 272 -46.99 10.07 -27.44
CA ASN A 272 -48.21 10.17 -28.24
C ASN A 272 -47.89 10.71 -29.64
N GLY A 273 -46.81 11.45 -29.76
CA GLY A 273 -46.44 12.01 -31.04
C GLY A 273 -46.23 13.52 -30.99
N GLN A 274 -47.10 14.20 -30.24
CA GLN A 274 -46.97 15.64 -30.07
C GLN A 274 -45.83 15.94 -29.10
N TRP A 275 -44.74 16.47 -29.61
CA TRP A 275 -43.58 16.73 -28.77
C TRP A 275 -43.59 18.16 -28.24
N GLU A 276 -43.09 18.31 -27.02
CA GLU A 276 -42.99 19.60 -26.37
C GLU A 276 -41.63 20.21 -26.67
N GLY A 277 -41.59 21.22 -27.52
CA GLY A 277 -40.33 21.82 -27.89
C GLY A 277 -40.40 23.32 -27.99
N GLU A 278 -39.27 23.98 -27.86
CA GLU A 278 -39.20 25.43 -27.96
C GLU A 278 -38.20 25.82 -29.04
N VAL A 279 -38.69 26.60 -29.99
CA VAL A 279 -37.87 27.05 -31.10
C VAL A 279 -37.91 28.56 -31.17
N ASN A 280 -36.94 29.15 -31.86
CA ASN A 280 -36.93 30.59 -32.12
C ASN A 280 -38.23 31.04 -32.78
N GLY A 281 -39.21 31.31 -31.96
CA GLY A 281 -40.51 31.72 -32.44
C GLY A 281 -41.62 31.44 -31.45
N ARG A 282 -41.55 30.28 -30.77
CA ARG A 282 -42.61 29.88 -29.85
C ARG A 282 -42.30 28.52 -29.21
N LYS A 283 -42.84 28.32 -28.02
CA LYS A 283 -42.86 27.02 -27.39
C LYS A 283 -44.24 26.40 -27.57
N GLY A 284 -44.29 25.19 -28.08
CA GLY A 284 -45.55 24.53 -28.33
C GLY A 284 -45.36 23.09 -28.75
N LEU A 285 -46.44 22.47 -29.23
CA LEU A 285 -46.37 21.08 -29.66
C LEU A 285 -46.12 21.00 -31.16
N PHE A 286 -45.39 19.99 -31.58
CA PHE A 286 -45.13 19.79 -32.99
C PHE A 286 -45.16 18.30 -33.35
N PRO A 287 -45.96 17.93 -34.35
CA PRO A 287 -45.93 16.59 -34.96
C PRO A 287 -44.54 16.21 -35.46
N PHE A 288 -44.07 15.05 -35.01
CA PHE A 288 -42.73 14.55 -35.34
C PHE A 288 -42.56 14.25 -36.83
N THR A 289 -43.67 14.18 -37.55
CA THR A 289 -43.66 13.82 -38.96
C THR A 289 -43.09 14.93 -39.84
N HIS A 290 -42.74 16.05 -39.24
CA HIS A 290 -42.22 17.19 -39.99
C HIS A 290 -40.76 17.47 -39.63
N VAL A 291 -40.19 16.66 -38.74
CA VAL A 291 -38.82 16.84 -38.32
C VAL A 291 -38.02 15.55 -38.45
N LYS A 292 -36.71 15.65 -38.29
CA LYS A 292 -35.83 14.49 -38.34
C LYS A 292 -34.91 14.49 -37.14
N ILE A 293 -34.85 13.35 -36.46
CA ILE A 293 -34.01 13.20 -35.29
C ILE A 293 -32.57 12.89 -35.72
N PHE A 294 -31.63 13.69 -35.22
CA PHE A 294 -30.23 13.53 -35.57
C PHE A 294 -29.35 14.03 -34.44
N ASP A 295 -28.13 13.55 -34.38
CA ASP A 295 -27.16 14.04 -33.40
C ASP A 295 -26.14 14.95 -34.10
N PRO A 296 -26.34 16.27 -33.99
CA PRO A 296 -25.49 17.26 -34.68
C PRO A 296 -24.08 17.33 -34.11
N GLN A 297 -23.97 16.94 -32.87
CA GLN A 297 -22.74 17.09 -32.09
C GLN A 297 -23.09 16.88 -30.63
N ASN A 298 -24.31 17.33 -30.31
CA ASN A 298 -24.82 17.31 -28.93
C ASN A 298 -23.91 18.08 -27.99
N PRO A 299 -24.16 19.39 -27.84
CA PRO A 299 -23.44 20.23 -26.89
C PRO A 299 -23.94 20.02 -25.47
N ASP A 300 -24.84 19.05 -25.31
CA ASP A 300 -25.43 18.76 -24.03
C ASP A 300 -24.69 17.61 -23.36
N GLU A 301 -24.29 17.83 -22.10
CA GLU A 301 -23.59 16.82 -21.29
C GLU A 301 -22.18 16.54 -21.85
N ASN A 302 -21.84 17.24 -22.93
CA ASN A 302 -20.55 17.09 -23.58
C ASN A 302 -20.04 18.46 -24.01
N GLU A 303 -18.72 18.60 -24.15
CA GLU A 303 -18.10 19.85 -24.58
C GLU A 303 -18.49 20.99 -23.65
N MET A 1 -29.25 0.78 1.02
CA MET A 1 -27.99 1.42 1.47
C MET A 1 -27.24 0.48 2.39
N SER A 2 -26.03 0.12 2.02
CA SER A 2 -25.22 -0.80 2.80
C SER A 2 -23.88 -0.17 3.16
N SER A 3 -23.79 1.15 2.98
CA SER A 3 -22.55 1.90 3.13
C SER A 3 -21.56 1.51 2.04
N ALA A 4 -21.03 0.30 2.13
CA ALA A 4 -20.11 -0.20 1.14
C ALA A 4 -20.47 -1.61 0.73
N ARG A 5 -20.73 -1.79 -0.54
CA ARG A 5 -21.09 -3.09 -1.09
C ARG A 5 -20.61 -3.18 -2.52
N PHE A 6 -21.02 -2.18 -3.32
CA PHE A 6 -20.78 -2.14 -4.78
C PHE A 6 -20.92 -3.51 -5.45
N ASP A 7 -20.39 -3.63 -6.66
CA ASP A 7 -20.47 -4.89 -7.39
C ASP A 7 -19.41 -5.86 -6.91
N SER A 8 -18.19 -5.36 -6.74
CA SER A 8 -17.07 -6.12 -6.17
C SER A 8 -16.55 -7.17 -7.16
N SER A 9 -17.42 -8.03 -7.65
CA SER A 9 -17.02 -9.08 -8.57
C SER A 9 -16.97 -8.57 -10.02
N ASP A 10 -17.73 -7.52 -10.30
CA ASP A 10 -17.90 -7.07 -11.67
C ASP A 10 -16.80 -6.10 -12.07
N ARG A 11 -16.01 -6.51 -13.04
CA ARG A 11 -14.87 -5.72 -13.51
C ARG A 11 -15.34 -4.39 -14.10
N SER A 12 -16.52 -4.41 -14.69
CA SER A 12 -17.08 -3.23 -15.36
C SER A 12 -17.44 -2.16 -14.34
N ALA A 13 -17.38 -2.49 -13.06
CA ALA A 13 -17.75 -1.55 -12.03
C ALA A 13 -16.54 -0.75 -11.53
N TRP A 14 -15.45 -1.44 -11.23
CA TRP A 14 -14.32 -0.83 -10.55
C TRP A 14 -13.03 -0.84 -11.38
N TYR A 15 -12.94 -1.76 -12.34
CA TYR A 15 -11.73 -1.86 -13.14
C TYR A 15 -11.70 -0.70 -14.14
N MET A 16 -10.70 0.16 -14.00
CA MET A 16 -10.64 1.37 -14.78
C MET A 16 -9.68 1.21 -15.95
N GLY A 17 -9.05 0.04 -16.00
CA GLY A 17 -8.09 -0.30 -17.04
C GLY A 17 -6.99 0.74 -17.23
N PRO A 18 -6.93 1.38 -18.41
CA PRO A 18 -5.89 2.35 -18.72
C PRO A 18 -6.07 3.66 -17.96
N VAL A 19 -5.27 3.84 -16.92
CA VAL A 19 -5.39 5.01 -16.07
C VAL A 19 -4.02 5.61 -15.75
N SER A 20 -3.31 5.07 -14.74
CA SER A 20 -1.91 5.39 -14.51
C SER A 20 -1.83 6.67 -13.71
N ARG A 21 -0.61 7.03 -13.37
CA ARG A 21 -0.33 8.20 -12.53
C ARG A 21 -1.20 9.40 -12.91
N GLN A 22 -1.01 9.88 -14.14
CA GLN A 22 -1.57 11.17 -14.58
C GLN A 22 -3.10 11.18 -14.55
N GLU A 23 -3.74 10.04 -14.70
CA GLU A 23 -5.19 10.01 -14.78
C GLU A 23 -5.79 9.69 -13.41
N ALA A 24 -5.22 8.69 -12.76
CA ALA A 24 -5.73 8.18 -11.48
C ALA A 24 -5.85 9.27 -10.43
N GLN A 25 -4.74 9.95 -10.16
CA GLN A 25 -4.71 10.94 -9.08
C GLN A 25 -5.56 12.15 -9.42
N THR A 26 -5.65 12.45 -10.70
CA THR A 26 -6.47 13.56 -11.19
C THR A 26 -7.96 13.32 -10.95
N ARG A 27 -8.41 12.08 -11.21
CA ARG A 27 -9.81 11.73 -11.04
C ARG A 27 -10.18 11.65 -9.56
N LEU A 28 -9.21 11.32 -8.73
CA LEU A 28 -9.44 11.19 -7.30
C LEU A 28 -8.83 12.36 -6.55
N GLN A 29 -8.69 13.49 -7.23
CA GLN A 29 -8.17 14.70 -6.61
C GLN A 29 -9.24 15.32 -5.70
N GLY A 30 -9.43 14.71 -4.54
CA GLY A 30 -10.40 15.20 -3.60
C GLY A 30 -11.79 14.65 -3.85
N GLN A 31 -12.34 15.03 -5.02
CA GLN A 31 -13.74 14.76 -5.43
C GLN A 31 -14.62 14.25 -4.30
N ARG A 32 -14.98 12.98 -4.36
CA ARG A 32 -15.75 12.33 -3.31
C ARG A 32 -14.87 11.32 -2.60
N HIS A 33 -15.05 11.20 -1.29
CA HIS A 33 -14.23 10.29 -0.51
C HIS A 33 -14.93 8.96 -0.37
N GLY A 34 -14.16 7.88 -0.43
CA GLY A 34 -14.75 6.56 -0.46
C GLY A 34 -14.81 6.03 -1.88
N MET A 35 -13.97 6.57 -2.74
CA MET A 35 -13.93 6.15 -4.14
C MET A 35 -12.60 5.49 -4.46
N PHE A 36 -12.64 4.49 -5.30
CA PHE A 36 -11.46 3.72 -5.64
C PHE A 36 -11.50 3.28 -7.08
N LEU A 37 -10.35 2.92 -7.62
CA LEU A 37 -10.28 2.36 -8.96
C LEU A 37 -9.10 1.42 -9.07
N VAL A 38 -9.34 0.26 -9.65
CA VAL A 38 -8.28 -0.69 -9.93
C VAL A 38 -7.93 -0.59 -11.41
N ARG A 39 -6.73 -0.13 -11.69
CA ARG A 39 -6.32 0.15 -13.04
C ARG A 39 -5.21 -0.78 -13.48
N ASP A 40 -4.92 -0.75 -14.76
CA ASP A 40 -3.78 -1.46 -15.30
C ASP A 40 -2.55 -0.60 -15.04
N SER A 41 -1.53 -1.19 -14.46
CA SER A 41 -0.35 -0.43 -14.06
C SER A 41 0.64 -0.28 -15.22
N SER A 42 1.55 0.66 -15.07
CA SER A 42 2.59 0.90 -16.06
C SER A 42 3.92 0.38 -15.54
N THR A 43 3.85 -0.43 -14.48
CA THR A 43 5.01 -1.07 -13.91
C THR A 43 5.40 -2.29 -14.74
N CYS A 44 4.42 -3.15 -14.98
CA CYS A 44 4.61 -4.36 -15.76
C CYS A 44 3.25 -4.93 -16.15
N PRO A 45 3.12 -5.42 -17.40
CA PRO A 45 1.85 -5.99 -17.88
C PRO A 45 1.34 -7.13 -16.99
N GLY A 46 0.22 -6.88 -16.35
CA GLY A 46 -0.37 -7.86 -15.45
C GLY A 46 -0.53 -7.30 -14.05
N ASP A 47 0.23 -6.26 -13.76
CA ASP A 47 0.22 -5.62 -12.45
C ASP A 47 -0.89 -4.57 -12.40
N TYR A 48 -1.42 -4.31 -11.22
CA TYR A 48 -2.55 -3.38 -11.08
C TYR A 48 -2.28 -2.36 -9.96
N VAL A 49 -3.02 -1.26 -9.97
CA VAL A 49 -2.88 -0.25 -8.93
C VAL A 49 -4.25 0.26 -8.47
N LEU A 50 -4.60 -0.07 -7.24
CA LEU A 50 -5.82 0.40 -6.61
C LEU A 50 -5.58 1.76 -5.96
N SER A 51 -6.01 2.81 -6.63
CA SER A 51 -5.92 4.14 -6.07
C SER A 51 -7.24 4.54 -5.42
N VAL A 52 -7.15 5.09 -4.22
CA VAL A 52 -8.29 5.43 -3.41
C VAL A 52 -8.27 6.92 -3.04
N SER A 53 -9.44 7.52 -2.86
CA SER A 53 -9.52 8.95 -2.58
C SER A 53 -10.27 9.24 -1.29
N GLU A 54 -9.52 9.46 -0.21
CA GLU A 54 -10.11 9.90 1.05
C GLU A 54 -9.30 11.04 1.63
N ASN A 55 -9.99 12.02 2.19
CA ASN A 55 -9.36 13.21 2.78
C ASN A 55 -8.45 13.92 1.78
N SER A 56 -8.79 13.81 0.50
CA SER A 56 -8.05 14.47 -0.57
C SER A 56 -6.63 13.92 -0.68
N ARG A 57 -6.49 12.65 -0.36
CA ARG A 57 -5.24 11.94 -0.48
C ARG A 57 -5.46 10.71 -1.34
N VAL A 58 -4.73 10.63 -2.45
CA VAL A 58 -4.88 9.52 -3.38
C VAL A 58 -3.97 8.38 -2.99
N SER A 59 -4.51 7.45 -2.23
CA SER A 59 -3.76 6.30 -1.75
C SER A 59 -3.54 5.30 -2.88
N HIS A 60 -2.28 5.05 -3.22
CA HIS A 60 -1.94 4.18 -4.34
C HIS A 60 -1.51 2.79 -3.85
N TYR A 61 -2.43 1.84 -3.80
CA TYR A 61 -2.13 0.49 -3.32
C TYR A 61 -1.97 -0.48 -4.49
N ILE A 62 -0.77 -1.03 -4.67
CA ILE A 62 -0.47 -1.91 -5.80
C ILE A 62 -0.96 -3.34 -5.57
N ILE A 63 -1.61 -3.89 -6.59
CA ILE A 63 -2.00 -5.29 -6.63
C ILE A 63 -1.13 -6.02 -7.64
N ASN A 64 -0.41 -7.03 -7.19
CA ASN A 64 0.67 -7.59 -7.97
C ASN A 64 0.26 -8.95 -8.49
N SER A 65 0.51 -9.18 -9.76
CA SER A 65 0.17 -10.44 -10.37
C SER A 65 1.20 -11.50 -9.98
N LEU A 66 0.89 -12.29 -8.98
CA LEU A 66 1.73 -13.41 -8.62
C LEU A 66 1.70 -14.44 -9.74
N PRO A 67 2.78 -15.20 -9.90
CA PRO A 67 2.84 -16.25 -10.91
C PRO A 67 1.88 -17.40 -10.61
N ASN A 68 0.58 -17.12 -10.83
CA ASN A 68 -0.45 -18.15 -10.91
C ASN A 68 -0.96 -18.48 -9.51
N ARG A 69 -0.41 -17.79 -8.53
CA ARG A 69 -0.84 -17.96 -7.15
C ARG A 69 -2.12 -17.16 -6.92
N ARG A 70 -1.95 -15.88 -6.60
CA ARG A 70 -3.08 -15.01 -6.25
C ARG A 70 -2.70 -13.55 -6.46
N PHE A 71 -3.52 -12.63 -5.96
CA PHE A 71 -3.23 -11.21 -6.10
C PHE A 71 -2.72 -10.64 -4.77
N LYS A 72 -1.47 -10.20 -4.77
CA LYS A 72 -0.82 -9.70 -3.57
C LYS A 72 -0.76 -8.18 -3.58
N ILE A 73 -1.56 -7.54 -2.74
CA ILE A 73 -1.54 -6.07 -2.64
C ILE A 73 -0.65 -5.62 -1.48
N GLY A 74 0.63 -5.44 -1.78
CA GLY A 74 1.58 -4.96 -0.80
C GLY A 74 1.71 -5.88 0.40
N ASP A 75 2.48 -6.96 0.23
CA ASP A 75 2.79 -7.91 1.34
C ASP A 75 1.58 -8.78 1.70
N GLN A 76 0.41 -8.16 1.79
CA GLN A 76 -0.80 -8.85 2.19
C GLN A 76 -1.23 -9.87 1.13
N GLU A 77 -1.85 -10.94 1.60
CA GLU A 77 -2.15 -12.09 0.75
C GLU A 77 -3.66 -12.20 0.52
N PHE A 78 -4.08 -12.06 -0.73
CA PHE A 78 -5.49 -12.21 -1.07
C PHE A 78 -5.64 -13.14 -2.27
N ASP A 79 -6.67 -13.97 -2.25
CA ASP A 79 -6.82 -15.03 -3.24
C ASP A 79 -7.31 -14.48 -4.58
N HIS A 80 -7.85 -13.26 -4.57
CA HIS A 80 -8.23 -12.57 -5.82
C HIS A 80 -8.53 -11.10 -5.55
N LEU A 81 -8.63 -10.32 -6.62
CA LEU A 81 -8.89 -8.87 -6.52
C LEU A 81 -10.12 -8.55 -5.65
N PRO A 82 -11.32 -9.08 -5.97
CA PRO A 82 -12.54 -8.80 -5.19
C PRO A 82 -12.52 -9.41 -3.78
N ALA A 83 -11.35 -9.86 -3.32
CA ALA A 83 -11.23 -10.37 -1.97
C ALA A 83 -10.60 -9.31 -1.07
N LEU A 84 -9.65 -8.56 -1.63
CA LEU A 84 -9.01 -7.49 -0.88
C LEU A 84 -9.93 -6.29 -0.80
N LEU A 85 -10.80 -6.17 -1.79
CA LEU A 85 -11.78 -5.09 -1.83
C LEU A 85 -12.78 -5.27 -0.69
N GLU A 86 -13.02 -6.53 -0.30
CA GLU A 86 -13.92 -6.82 0.80
C GLU A 86 -13.19 -6.69 2.14
N PHE A 87 -11.89 -6.97 2.15
CA PHE A 87 -11.08 -6.82 3.35
C PHE A 87 -10.92 -5.35 3.72
N TYR A 88 -10.74 -4.51 2.70
CA TYR A 88 -10.59 -3.08 2.95
C TYR A 88 -11.94 -2.45 3.21
N LYS A 89 -12.99 -3.18 2.87
CA LYS A 89 -14.35 -2.78 3.19
C LYS A 89 -14.57 -2.81 4.71
N ILE A 90 -13.73 -3.57 5.43
CA ILE A 90 -13.75 -3.52 6.89
C ILE A 90 -12.43 -2.99 7.47
N HIS A 91 -11.62 -2.31 6.64
CA HIS A 91 -10.30 -1.86 7.09
C HIS A 91 -10.22 -0.34 7.21
N TYR A 92 -10.88 0.35 6.28
CA TYR A 92 -10.79 1.81 6.16
C TYR A 92 -9.41 2.22 5.62
N LEU A 93 -9.34 2.56 4.34
CA LEU A 93 -8.05 2.91 3.72
C LEU A 93 -7.65 4.34 4.08
N ASP A 94 -8.63 5.13 4.51
CA ASP A 94 -8.35 6.44 5.08
C ASP A 94 -9.60 6.98 5.76
N THR A 95 -9.90 6.43 6.94
CA THR A 95 -11.10 6.76 7.73
C THR A 95 -12.40 6.26 7.04
N THR A 96 -12.33 6.07 5.73
CA THR A 96 -13.45 5.54 4.98
C THR A 96 -13.07 4.20 4.35
N THR A 97 -14.05 3.36 4.10
CA THR A 97 -13.83 2.09 3.45
C THR A 97 -14.07 2.22 1.96
N LEU A 98 -13.93 1.12 1.24
CA LEU A 98 -14.24 1.10 -0.18
C LEU A 98 -15.74 1.21 -0.38
N ILE A 99 -16.22 2.43 -0.47
CA ILE A 99 -17.65 2.70 -0.60
C ILE A 99 -18.12 2.35 -2.01
N GLU A 100 -17.62 3.10 -2.97
CA GLU A 100 -17.98 2.90 -4.37
C GLU A 100 -16.78 3.17 -5.27
N PRO A 101 -16.75 2.55 -6.46
CA PRO A 101 -15.71 2.82 -7.45
C PRO A 101 -15.84 4.24 -8.00
N ALA A 102 -14.72 4.80 -8.42
CA ALA A 102 -14.69 6.14 -8.98
C ALA A 102 -15.39 6.17 -10.34
N PRO A 103 -16.05 7.29 -10.68
CA PRO A 103 -16.74 7.44 -11.95
C PRO A 103 -15.80 7.32 -13.14
N ARG A 104 -16.04 6.30 -13.96
CA ARG A 104 -15.24 6.08 -15.16
C ARG A 104 -15.48 7.21 -16.16
N TYR A 105 -16.70 7.73 -16.16
CA TYR A 105 -17.04 8.85 -17.03
C TYR A 105 -17.26 10.11 -16.18
N PRO A 106 -16.56 11.21 -16.52
CA PRO A 106 -16.69 12.48 -15.81
C PRO A 106 -18.02 13.16 -16.10
N SER A 107 -18.96 13.01 -15.17
CA SER A 107 -20.27 13.60 -15.30
C SER A 107 -20.29 14.97 -14.60
N PRO A 108 -21.17 15.89 -15.02
CA PRO A 108 -21.34 17.20 -14.36
C PRO A 108 -21.59 17.06 -12.85
N PRO A 109 -21.34 18.14 -12.08
CA PRO A 109 -21.47 18.13 -10.61
C PRO A 109 -22.92 17.92 -10.13
N MET A 110 -23.44 16.73 -10.35
CA MET A 110 -24.74 16.34 -9.85
C MET A 110 -24.57 15.23 -8.83
N GLY A 111 -24.98 15.47 -7.60
CA GLY A 111 -24.79 14.48 -6.55
C GLY A 111 -23.38 14.48 -5.99
N SER A 112 -22.40 14.40 -6.89
CA SER A 112 -20.99 14.40 -6.50
C SER A 112 -20.50 15.80 -6.18
N VAL A 113 -21.41 16.77 -6.19
CA VAL A 113 -21.09 18.14 -5.81
C VAL A 113 -21.18 18.30 -4.30
N SER A 114 -21.73 17.28 -3.65
CA SER A 114 -21.90 17.29 -2.20
C SER A 114 -20.54 17.26 -1.49
N ALA A 115 -20.34 18.17 -0.55
CA ALA A 115 -19.09 18.24 0.19
C ALA A 115 -19.18 17.46 1.50
N PRO A 116 -18.45 16.33 1.59
CA PRO A 116 -18.41 15.50 2.79
C PRO A 116 -17.33 15.95 3.76
N ASN A 117 -16.80 15.01 4.55
CA ASN A 117 -15.67 15.28 5.43
C ASN A 117 -14.50 15.80 4.62
N LEU A 118 -14.23 17.10 4.74
CA LEU A 118 -13.17 17.74 3.96
C LEU A 118 -12.13 18.42 4.88
N PRO A 119 -12.56 19.29 5.83
CA PRO A 119 -11.66 20.08 6.69
C PRO A 119 -10.44 19.30 7.19
N THR A 120 -9.29 19.62 6.62
CA THR A 120 -8.02 19.02 7.02
C THR A 120 -6.93 20.09 7.02
N ALA A 121 -6.35 20.33 8.19
CA ALA A 121 -5.31 21.34 8.32
C ALA A 121 -3.93 20.72 8.12
N GLU A 122 -2.89 21.44 8.52
CA GLU A 122 -1.53 20.97 8.29
C GLU A 122 -1.07 20.00 9.37
N ASP A 123 -1.47 18.74 9.23
CA ASP A 123 -0.90 17.67 10.02
C ASP A 123 0.10 16.91 9.15
N ASN A 124 1.09 16.28 9.78
CA ASN A 124 2.21 15.68 9.04
C ASN A 124 1.75 14.58 8.08
N LEU A 125 1.45 13.42 8.65
CA LEU A 125 1.01 12.25 7.88
C LEU A 125 2.08 11.78 6.90
N GLU A 126 1.69 10.78 6.11
CA GLU A 126 2.53 10.21 5.07
C GLU A 126 3.80 9.59 5.63
N TYR A 127 4.87 10.36 5.78
CA TYR A 127 6.13 9.80 6.22
C TYR A 127 6.41 10.07 7.68
N VAL A 128 6.27 9.02 8.45
CA VAL A 128 6.49 9.04 9.88
C VAL A 128 7.62 8.03 10.21
N ARG A 129 8.21 8.15 11.39
CA ARG A 129 9.20 7.17 11.85
C ARG A 129 9.14 7.09 13.37
N THR A 130 8.98 5.90 13.90
CA THR A 130 8.68 5.72 15.31
C THR A 130 9.94 5.64 16.17
N LEU A 131 9.87 6.26 17.34
CA LEU A 131 11.01 6.32 18.24
C LEU A 131 10.80 5.48 19.49
N TYR A 132 9.56 5.34 19.92
CA TYR A 132 9.26 4.74 21.22
C TYR A 132 9.36 3.21 21.20
N ASP A 133 9.07 2.59 20.05
CA ASP A 133 9.02 1.12 19.94
C ASP A 133 7.83 0.58 20.72
N PHE A 134 6.78 0.21 20.00
CA PHE A 134 5.56 -0.31 20.59
C PHE A 134 5.04 -1.46 19.73
N PRO A 135 5.35 -2.69 20.12
CA PRO A 135 4.93 -3.87 19.39
C PRO A 135 3.62 -4.46 19.89
N GLY A 136 2.52 -4.17 19.19
CA GLY A 136 1.24 -4.78 19.52
C GLY A 136 0.96 -6.00 18.67
N ASN A 137 1.92 -6.34 17.82
CA ASN A 137 1.82 -7.48 16.87
C ASN A 137 0.89 -7.16 15.71
N ASP A 138 0.22 -6.03 15.82
CA ASP A 138 -0.69 -5.50 14.81
C ASP A 138 -1.91 -6.37 14.53
N ALA A 139 -2.86 -5.70 13.90
CA ALA A 139 -4.14 -6.19 13.47
C ALA A 139 -4.99 -4.94 13.31
N GLU A 140 -4.68 -4.01 14.21
CA GLU A 140 -5.12 -2.63 14.13
C GLU A 140 -4.27 -1.82 15.11
N ASP A 141 -3.03 -2.28 15.28
CA ASP A 141 -2.09 -1.70 16.25
C ASP A 141 -0.66 -2.15 15.91
N LEU A 142 -0.04 -1.41 15.02
CA LEU A 142 1.23 -1.82 14.40
C LEU A 142 2.38 -1.93 15.40
N PRO A 143 3.14 -3.05 15.34
CA PRO A 143 4.33 -3.25 16.16
C PRO A 143 5.55 -2.54 15.58
N PHE A 144 5.71 -1.29 15.93
CA PHE A 144 6.81 -0.50 15.39
C PHE A 144 7.98 -0.48 16.34
N LYS A 145 9.17 -0.23 15.80
CA LYS A 145 10.37 -0.22 16.61
C LYS A 145 10.85 1.21 16.82
N LYS A 146 12.04 1.35 17.39
CA LYS A 146 12.61 2.66 17.69
C LYS A 146 13.40 3.22 16.51
N GLY A 147 13.29 2.56 15.37
CA GLY A 147 14.04 3.02 14.22
C GLY A 147 13.42 2.60 12.90
N GLU A 148 12.11 2.42 12.90
CA GLU A 148 11.40 2.05 11.68
C GLU A 148 10.78 3.27 11.03
N ILE A 149 10.63 3.25 9.71
CA ILE A 149 9.95 4.29 9.02
C ILE A 149 8.55 3.77 8.71
N LEU A 150 7.56 4.59 8.96
CA LEU A 150 6.20 4.19 8.75
C LEU A 150 5.58 5.10 7.74
N VAL A 151 4.57 4.61 7.08
CA VAL A 151 3.81 5.41 6.18
C VAL A 151 2.38 5.39 6.65
N ILE A 152 1.80 6.56 6.85
CA ILE A 152 0.44 6.63 7.33
C ILE A 152 -0.48 6.28 6.18
N ILE A 153 -0.62 4.98 5.99
CA ILE A 153 -1.35 4.42 4.87
C ILE A 153 -2.84 4.70 5.01
N GLU A 154 -3.34 4.72 6.24
CA GLU A 154 -4.70 5.13 6.49
C GLU A 154 -4.71 6.14 7.64
N LYS A 155 -5.52 7.18 7.53
CA LYS A 155 -5.73 8.11 8.64
C LYS A 155 -7.20 8.12 9.05
N PRO A 156 -7.59 7.20 9.94
CA PRO A 156 -8.95 7.15 10.48
C PRO A 156 -9.17 8.21 11.54
N GLU A 157 -8.32 8.20 12.56
CA GLU A 157 -8.43 9.15 13.65
C GLU A 157 -7.29 10.16 13.57
N GLU A 158 -7.23 11.08 14.53
CA GLU A 158 -6.15 12.07 14.54
C GLU A 158 -5.19 11.81 15.68
N GLN A 159 -5.66 11.12 16.71
CA GLN A 159 -4.79 10.74 17.83
C GLN A 159 -4.12 9.41 17.54
N TRP A 160 -4.73 8.65 16.65
CA TRP A 160 -4.21 7.35 16.22
C TRP A 160 -4.16 7.29 14.70
N TRP A 161 -2.98 7.02 14.16
CA TRP A 161 -2.77 6.98 12.72
C TRP A 161 -2.46 5.56 12.28
N SER A 162 -3.10 5.08 11.23
CA SER A 162 -2.82 3.74 10.74
C SER A 162 -1.65 3.77 9.77
N ALA A 163 -0.48 3.41 10.27
CA ALA A 163 0.72 3.41 9.46
C ALA A 163 1.17 2.00 9.15
N ARG A 164 1.95 1.86 8.11
CA ARG A 164 2.49 0.57 7.75
C ARG A 164 3.96 0.49 8.13
N ASN A 165 4.34 -0.63 8.72
CA ASN A 165 5.70 -0.82 9.23
C ASN A 165 6.68 -1.04 8.09
N LYS A 166 7.92 -1.34 8.44
CA LYS A 166 8.92 -1.78 7.47
C LYS A 166 8.53 -3.15 6.94
N ASP A 167 7.59 -3.79 7.64
CA ASP A 167 6.97 -5.02 7.17
C ASP A 167 5.85 -4.70 6.20
N GLY A 168 5.46 -3.44 6.15
CA GLY A 168 4.33 -3.03 5.31
C GLY A 168 3.01 -3.31 6.01
N ARG A 169 3.11 -3.82 7.21
CA ARG A 169 1.96 -4.18 8.03
C ARG A 169 1.17 -2.95 8.41
N VAL A 170 -0.14 -2.99 8.24
CA VAL A 170 -0.96 -1.81 8.44
C VAL A 170 -1.73 -1.87 9.75
N GLY A 171 -1.29 -1.08 10.72
CA GLY A 171 -2.01 -0.98 11.97
C GLY A 171 -2.04 0.43 12.51
N MET A 172 -2.87 0.66 13.52
CA MET A 172 -2.99 1.99 14.11
C MET A 172 -1.86 2.22 15.11
N ILE A 173 -1.28 3.40 15.06
CA ILE A 173 -0.17 3.75 15.91
C ILE A 173 -0.38 5.12 16.56
N PRO A 174 0.17 5.33 17.78
CA PRO A 174 0.03 6.59 18.51
C PRO A 174 0.92 7.70 17.96
N VAL A 175 0.33 8.86 17.75
CA VAL A 175 1.07 10.02 17.25
C VAL A 175 2.23 10.45 18.19
N PRO A 176 2.02 10.54 19.51
CA PRO A 176 3.09 10.95 20.45
C PRO A 176 4.26 9.94 20.52
N TYR A 177 4.16 8.86 19.76
CA TYR A 177 5.20 7.83 19.74
C TYR A 177 6.10 7.97 18.52
N VAL A 178 5.77 8.92 17.65
CA VAL A 178 6.39 8.95 16.33
C VAL A 178 7.13 10.27 16.06
N GLU A 179 7.99 10.21 15.05
CA GLU A 179 8.69 11.37 14.51
C GLU A 179 8.29 11.56 13.06
N LYS A 180 8.49 12.74 12.51
CA LYS A 180 8.01 13.06 11.16
C LYS A 180 9.18 13.39 10.24
N LEU A 181 8.95 13.29 8.94
CA LEU A 181 9.95 13.67 7.96
C LEU A 181 10.04 15.19 7.85
N VAL A 182 9.16 15.79 7.05
CA VAL A 182 9.14 17.24 6.88
C VAL A 182 7.72 17.78 6.85
N ARG A 183 7.09 17.70 5.66
CA ARG A 183 5.72 18.22 5.43
C ARG A 183 5.68 19.75 5.46
N SER A 184 6.55 20.37 6.23
CA SER A 184 6.65 21.82 6.29
C SER A 184 7.03 22.37 4.91
N SER A 185 6.27 23.34 4.43
CA SER A 185 6.49 23.90 3.10
C SER A 185 5.99 25.35 3.06
N PRO A 186 6.16 26.06 1.92
CA PRO A 186 5.58 27.40 1.72
C PRO A 186 4.11 27.47 2.12
N HIS A 187 3.33 26.43 1.79
CA HIS A 187 1.93 26.37 2.22
C HIS A 187 1.84 26.48 3.73
N GLY A 188 0.89 27.27 4.21
CA GLY A 188 0.76 27.49 5.64
C GLY A 188 1.73 28.53 6.15
N LYS A 189 2.58 29.04 5.26
CA LYS A 189 3.57 30.05 5.60
C LYS A 189 4.49 29.59 6.73
N HIS A 190 5.38 28.67 6.43
CA HIS A 190 6.30 28.15 7.43
C HIS A 190 7.67 28.84 7.35
N GLY A 191 8.20 28.95 6.15
CA GLY A 191 9.48 29.61 5.98
C GLY A 191 10.11 29.29 4.64
N ASN A 192 11.38 29.68 4.47
CA ASN A 192 12.14 29.44 3.25
C ASN A 192 11.47 30.11 2.05
N ARG A 193 11.52 31.43 2.01
CA ARG A 193 10.87 32.17 0.95
C ARG A 193 11.89 32.91 0.09
N ASN A 194 12.25 32.32 -1.04
CA ASN A 194 13.12 32.95 -2.00
C ASN A 194 12.36 33.15 -3.31
N SER A 195 11.97 32.03 -3.91
CA SER A 195 11.18 32.05 -5.14
C SER A 195 10.62 30.66 -5.39
N ASN A 196 9.35 30.47 -5.03
CA ASN A 196 8.70 29.19 -5.22
C ASN A 196 7.35 29.39 -5.91
N SER A 197 7.24 28.85 -7.11
CA SER A 197 6.02 28.99 -7.89
C SER A 197 5.17 27.73 -7.81
N TYR A 198 5.80 26.61 -7.49
CA TYR A 198 5.11 25.33 -7.42
C TYR A 198 5.75 24.43 -6.38
N GLY A 199 4.92 23.70 -5.66
CA GLY A 199 5.41 22.78 -4.65
C GLY A 199 5.08 21.35 -5.03
N ILE A 200 6.10 20.57 -5.38
CA ILE A 200 5.90 19.20 -5.81
C ILE A 200 5.59 18.28 -4.63
N PRO A 201 4.52 17.46 -4.77
CA PRO A 201 4.14 16.49 -3.76
C PRO A 201 5.10 15.30 -3.73
N GLU A 202 5.41 14.83 -2.53
CA GLU A 202 6.29 13.68 -2.35
C GLU A 202 5.65 12.39 -2.90
N PRO A 203 4.40 12.05 -2.51
CA PRO A 203 3.73 10.83 -2.96
C PRO A 203 3.22 10.93 -4.40
N ALA A 204 3.92 11.71 -5.23
CA ALA A 204 3.56 11.88 -6.62
C ALA A 204 4.41 11.00 -7.52
N HIS A 205 5.68 10.80 -7.15
CA HIS A 205 6.60 10.03 -7.97
C HIS A 205 6.52 8.55 -7.67
N ALA A 206 6.21 8.20 -6.42
CA ALA A 206 6.25 6.81 -5.98
C ALA A 206 4.87 6.32 -5.58
N ALA A 208 2.23 3.87 -3.14
CA ALA A 208 2.02 3.76 -1.70
C ALA A 208 1.76 2.32 -1.32
N GLN A 209 2.39 1.40 -2.03
CA GLN A 209 2.26 -0.02 -1.72
C GLN A 209 2.85 -0.31 -0.35
N PRO A 210 2.12 -1.07 0.49
CA PRO A 210 2.56 -1.41 1.85
C PRO A 210 4.01 -1.88 1.90
N GLN A 211 4.36 -2.84 1.06
CA GLN A 211 5.72 -3.37 1.01
C GLN A 211 6.38 -3.04 -0.32
N THR A 212 7.67 -3.34 -0.41
CA THR A 212 8.41 -3.16 -1.63
C THR A 212 9.13 -4.47 -1.98
N THR A 213 9.43 -4.65 -3.26
CA THR A 213 10.16 -5.83 -3.69
C THR A 213 11.61 -5.73 -3.20
N THR A 214 11.99 -6.70 -2.36
CA THR A 214 13.31 -6.70 -1.71
C THR A 214 13.40 -5.57 -0.69
N PRO A 215 13.10 -5.87 0.59
CA PRO A 215 13.13 -4.90 1.68
C PRO A 215 14.54 -4.68 2.24
N LEU A 216 15.54 -4.98 1.43
CA LEU A 216 16.94 -4.84 1.85
C LEU A 216 17.41 -3.38 1.81
N PRO A 217 17.25 -2.66 0.67
CA PRO A 217 17.75 -1.28 0.52
C PRO A 217 16.92 -0.25 1.31
N ALA A 218 16.13 -0.74 2.26
CA ALA A 218 15.35 0.14 3.12
C ALA A 218 16.16 0.52 4.34
N VAL A 219 16.91 1.62 4.25
CA VAL A 219 17.75 2.08 5.33
C VAL A 219 17.49 3.55 5.64
N SER A 220 17.88 3.98 6.83
CA SER A 220 17.74 5.36 7.25
C SER A 220 18.83 5.71 8.26
N GLY A 221 18.61 6.75 9.05
CA GLY A 221 19.58 7.14 10.07
C GLY A 221 19.81 6.04 11.10
N SER A 222 18.85 5.12 11.20
CA SER A 222 18.96 3.96 12.08
C SER A 222 19.12 4.37 13.54
N PRO A 223 18.04 4.85 14.17
CA PRO A 223 18.05 5.20 15.59
C PRO A 223 18.14 3.96 16.48
N GLY A 224 19.12 3.93 17.36
CA GLY A 224 19.30 2.80 18.24
C GLY A 224 20.71 2.76 18.80
N ALA A 225 21.20 1.57 19.10
CA ALA A 225 22.53 1.41 19.65
C ALA A 225 23.58 1.49 18.56
N ALA A 226 24.06 2.69 18.30
CA ALA A 226 25.08 2.90 17.29
C ALA A 226 26.46 3.02 17.92
N ILE A 227 26.51 2.84 19.25
CA ILE A 227 27.75 2.93 20.03
C ILE A 227 28.23 4.37 20.13
N THR A 228 28.53 4.96 18.99
CA THR A 228 29.01 6.33 18.91
C THR A 228 28.02 7.15 18.09
N PRO A 229 27.84 8.45 18.41
CA PRO A 229 27.04 9.36 17.58
C PRO A 229 27.65 9.56 16.19
N LEU A 230 27.64 8.50 15.40
CA LEU A 230 28.17 8.53 14.05
C LEU A 230 27.12 9.06 13.06
N PRO A 231 25.88 8.52 13.07
CA PRO A 231 24.79 9.06 12.24
C PRO A 231 24.40 10.45 12.71
N SER A 232 25.05 11.45 12.15
CA SER A 232 24.85 12.83 12.54
C SER A 232 23.60 13.41 11.89
N THR A 233 23.69 13.73 10.60
CA THR A 233 22.57 14.30 9.88
C THR A 233 22.37 13.58 8.55
N GLN A 234 21.13 13.21 8.27
CA GLN A 234 20.79 12.59 6.99
C GLN A 234 20.59 13.65 5.93
N ASN A 235 19.88 14.73 6.30
CA ASN A 235 19.66 15.88 5.42
C ASN A 235 18.85 15.49 4.20
N GLY A 236 18.82 16.38 3.22
CA GLY A 236 18.22 16.08 1.95
C GLY A 236 19.29 15.78 0.92
N PRO A 237 19.37 14.52 0.46
CA PRO A 237 20.40 14.08 -0.48
C PRO A 237 20.50 14.96 -1.72
N VAL A 238 21.67 15.54 -1.92
CA VAL A 238 21.91 16.39 -3.07
C VAL A 238 22.15 15.53 -4.31
N PHE A 239 21.50 15.86 -5.40
CA PHE A 239 21.60 15.09 -6.63
C PHE A 239 22.73 15.60 -7.50
N ALA A 240 23.74 14.77 -7.69
CA ALA A 240 24.84 15.09 -8.56
C ALA A 240 24.95 14.07 -9.68
N LYS A 241 25.03 14.55 -10.91
CA LYS A 241 25.10 13.65 -12.04
C LYS A 241 26.54 13.28 -12.35
N ALA A 242 26.83 12.00 -12.27
CA ALA A 242 28.15 11.49 -12.61
C ALA A 242 28.28 11.40 -14.13
N ILE A 243 29.25 12.12 -14.70
CA ILE A 243 29.31 12.25 -16.15
C ILE A 243 30.48 11.50 -16.80
N GLN A 244 31.57 11.27 -16.07
CA GLN A 244 32.77 10.71 -16.67
C GLN A 244 32.80 9.18 -16.53
N LYS A 245 33.55 8.71 -15.54
CA LYS A 245 33.73 7.27 -15.30
C LYS A 245 34.54 7.06 -14.03
N ARG A 246 33.88 6.61 -12.96
CA ARG A 246 34.54 6.48 -11.68
C ARG A 246 34.73 5.02 -11.29
N VAL A 247 35.94 4.52 -11.46
CA VAL A 247 36.28 3.17 -11.00
C VAL A 247 37.48 3.25 -10.06
N PRO A 248 37.29 2.83 -8.80
CA PRO A 248 38.34 2.92 -7.77
C PRO A 248 39.57 2.08 -8.08
N CYS A 249 40.73 2.66 -7.88
CA CYS A 249 41.99 1.97 -8.09
C CYS A 249 42.58 1.56 -6.74
N ALA A 250 43.69 0.84 -6.76
CA ALA A 250 44.33 0.35 -5.55
C ALA A 250 44.71 1.50 -4.61
N TYR A 251 44.93 2.68 -5.17
CA TYR A 251 45.24 3.85 -4.37
C TYR A 251 44.00 4.30 -3.60
N ASP A 252 42.89 4.33 -4.32
CA ASP A 252 41.63 4.84 -3.79
C ASP A 252 40.65 3.71 -3.58
N LYS A 253 40.79 3.02 -2.44
CA LYS A 253 39.95 1.89 -2.11
C LYS A 253 38.63 2.37 -1.49
N THR A 254 38.63 3.61 -1.02
CA THR A 254 37.44 4.20 -0.43
C THR A 254 36.65 4.97 -1.48
N ALA A 255 36.98 4.73 -2.74
CA ALA A 255 36.34 5.43 -3.85
C ALA A 255 35.10 4.67 -4.31
N LEU A 256 33.99 5.39 -4.39
CA LEU A 256 32.72 4.80 -4.81
C LEU A 256 32.66 4.69 -6.33
N ALA A 257 32.50 3.47 -6.83
CA ALA A 257 32.32 3.24 -8.25
C ALA A 257 31.07 3.93 -8.76
N LEU A 258 31.26 4.88 -9.65
CA LEU A 258 30.18 5.74 -10.11
C LEU A 258 30.33 6.07 -11.59
N GLU A 259 29.50 7.01 -12.01
CA GLU A 259 29.66 7.73 -13.27
C GLU A 259 29.17 6.96 -14.48
N VAL A 260 29.32 7.62 -15.62
CA VAL A 260 28.80 7.15 -16.89
C VAL A 260 27.27 7.19 -16.87
N GLY A 261 26.72 8.16 -16.14
CA GLY A 261 25.28 8.32 -16.09
C GLY A 261 24.67 7.83 -14.80
N ASP A 262 25.36 8.06 -13.69
CA ASP A 262 24.85 7.65 -12.38
C ASP A 262 24.37 8.86 -11.59
N ILE A 263 23.24 8.71 -10.92
CA ILE A 263 22.73 9.74 -10.03
C ILE A 263 23.26 9.53 -8.63
N VAL A 264 24.20 10.37 -8.23
CA VAL A 264 24.84 10.25 -6.93
C VAL A 264 24.05 11.01 -5.87
N LYS A 265 23.57 10.28 -4.87
CA LYS A 265 22.91 10.89 -3.73
C LYS A 265 23.93 11.20 -2.65
N VAL A 266 24.40 12.43 -2.61
CA VAL A 266 25.38 12.83 -1.61
C VAL A 266 24.69 13.37 -0.36
N THR A 267 25.08 12.85 0.79
CA THR A 267 24.49 13.25 2.05
C THR A 267 25.43 14.14 2.86
N ARG A 268 26.72 13.82 2.81
CA ARG A 268 27.71 14.56 3.58
C ARG A 268 28.82 15.09 2.66
N MET A 269 28.90 16.40 2.54
CA MET A 269 29.95 17.03 1.76
C MET A 269 31.10 17.44 2.67
N ASN A 270 32.24 16.79 2.49
CA ASN A 270 33.39 17.00 3.35
C ASN A 270 34.22 18.19 2.90
N ILE A 271 35.09 18.66 3.79
CA ILE A 271 36.02 19.73 3.46
C ILE A 271 37.30 19.14 2.89
N ASN A 272 37.29 17.83 2.65
CA ASN A 272 38.45 17.11 2.13
C ASN A 272 38.45 17.14 0.61
N GLY A 273 37.41 17.69 0.02
CA GLY A 273 37.29 17.71 -1.43
C GLY A 273 36.47 16.55 -1.94
N GLN A 274 36.78 15.36 -1.43
CA GLN A 274 35.97 14.18 -1.73
C GLN A 274 34.74 14.15 -0.84
N TRP A 275 33.59 14.06 -1.47
CA TRP A 275 32.33 13.99 -0.75
C TRP A 275 31.94 12.54 -0.55
N GLU A 276 31.10 12.28 0.43
CA GLU A 276 30.65 10.91 0.69
C GLU A 276 29.16 10.78 0.44
N GLY A 277 28.82 9.83 -0.40
CA GLY A 277 27.44 9.58 -0.73
C GLY A 277 27.14 8.10 -0.69
N GLU A 278 25.88 7.75 -0.78
CA GLU A 278 25.49 6.36 -0.73
C GLU A 278 24.66 6.03 -1.96
N VAL A 279 25.25 5.27 -2.87
CA VAL A 279 24.61 4.94 -4.14
C VAL A 279 24.58 3.43 -4.34
N ASN A 280 23.46 2.92 -4.84
CA ASN A 280 23.22 1.49 -5.05
C ASN A 280 23.04 0.76 -3.73
N GLY A 281 24.02 0.92 -2.85
CA GLY A 281 23.96 0.32 -1.53
C GLY A 281 25.32 0.32 -0.87
N ARG A 282 26.12 1.32 -1.21
CA ARG A 282 27.49 1.39 -0.73
C ARG A 282 27.86 2.83 -0.42
N LYS A 283 28.71 3.01 0.58
CA LYS A 283 29.17 4.34 0.96
C LYS A 283 30.60 4.54 0.49
N GLY A 284 30.84 5.62 -0.23
CA GLY A 284 32.17 5.87 -0.74
C GLY A 284 32.44 7.33 -0.99
N LEU A 285 33.70 7.67 -1.21
CA LEU A 285 34.11 9.03 -1.49
C LEU A 285 34.20 9.27 -2.98
N PHE A 286 33.80 10.45 -3.41
CA PHE A 286 33.90 10.84 -4.81
C PHE A 286 34.37 12.29 -4.91
N PRO A 287 35.31 12.57 -5.83
CA PRO A 287 35.82 13.93 -6.04
C PRO A 287 34.80 14.83 -6.72
N PHE A 288 34.75 16.09 -6.30
CA PHE A 288 33.78 17.06 -6.81
C PHE A 288 33.93 17.30 -8.31
N THR A 289 35.06 16.90 -8.87
CA THR A 289 35.34 17.11 -10.28
C THR A 289 34.76 15.98 -11.15
N HIS A 290 34.18 14.97 -10.50
CA HIS A 290 33.63 13.83 -11.23
C HIS A 290 32.10 13.88 -11.30
N VAL A 291 31.50 14.77 -10.54
CA VAL A 291 30.05 14.90 -10.55
C VAL A 291 29.63 16.33 -10.79
N LYS A 292 28.40 16.52 -11.25
CA LYS A 292 27.87 17.85 -11.49
C LYS A 292 26.61 18.07 -10.65
N ILE A 293 26.64 19.07 -9.80
CA ILE A 293 25.49 19.42 -8.98
C ILE A 293 24.48 20.18 -9.83
N PHE A 294 23.34 19.56 -10.07
CA PHE A 294 22.32 20.16 -10.92
C PHE A 294 21.02 20.32 -10.14
N ASP A 295 20.13 21.14 -10.67
CA ASP A 295 18.81 21.32 -10.07
C ASP A 295 17.89 20.22 -10.57
N PRO A 296 17.32 19.42 -9.66
CA PRO A 296 16.47 18.28 -10.03
C PRO A 296 15.14 18.69 -10.66
N GLN A 297 14.81 19.98 -10.56
CA GLN A 297 13.56 20.46 -11.14
C GLN A 297 13.74 20.79 -12.61
N ASN A 298 13.42 19.82 -13.46
CA ASN A 298 13.49 20.01 -14.89
C ASN A 298 12.15 19.65 -15.57
N PRO A 299 11.00 20.17 -15.08
CA PRO A 299 9.70 19.93 -15.67
C PRO A 299 9.26 21.09 -16.55
N ASP A 300 10.21 21.63 -17.30
CA ASP A 300 10.01 22.84 -18.08
C ASP A 300 8.97 22.65 -19.17
N GLU A 301 8.80 21.42 -19.65
CA GLU A 301 7.78 21.16 -20.65
C GLU A 301 6.41 21.00 -20.00
N ASN A 302 5.80 22.15 -19.71
CA ASN A 302 4.49 22.21 -19.08
C ASN A 302 3.95 23.62 -19.20
N GLU A 303 2.72 23.74 -19.67
CA GLU A 303 2.08 25.04 -19.84
C GLU A 303 1.67 25.61 -18.49
N MET A 1 -27.36 -2.40 4.92
CA MET A 1 -26.49 -2.43 6.11
C MET A 1 -25.01 -2.33 5.72
N SER A 2 -24.72 -2.52 4.43
CA SER A 2 -23.35 -2.46 3.96
C SER A 2 -23.01 -1.06 3.48
N SER A 3 -21.88 -0.54 3.96
CA SER A 3 -21.40 0.76 3.53
C SER A 3 -20.96 0.70 2.06
N ALA A 4 -20.37 -0.43 1.70
CA ALA A 4 -19.95 -0.68 0.33
C ALA A 4 -21.14 -0.98 -0.55
N ARG A 5 -21.53 -0.01 -1.36
CA ARG A 5 -22.69 -0.17 -2.23
C ARG A 5 -22.28 -0.36 -3.67
N PHE A 6 -20.98 -0.49 -3.90
CA PHE A 6 -20.49 -0.78 -5.24
C PHE A 6 -20.66 -2.27 -5.54
N ASP A 7 -20.88 -2.57 -6.80
CA ASP A 7 -21.07 -3.94 -7.23
C ASP A 7 -19.74 -4.58 -7.58
N SER A 8 -19.23 -5.39 -6.66
CA SER A 8 -18.00 -6.13 -6.84
C SER A 8 -18.13 -7.12 -7.99
N SER A 9 -17.01 -7.70 -8.40
CA SER A 9 -16.97 -8.69 -9.48
C SER A 9 -17.08 -8.02 -10.86
N ASP A 10 -18.09 -7.17 -11.04
CA ASP A 10 -18.30 -6.52 -12.33
C ASP A 10 -17.20 -5.51 -12.61
N ARG A 11 -16.26 -5.92 -13.44
CA ARG A 11 -15.05 -5.15 -13.68
C ARG A 11 -15.33 -3.90 -14.50
N SER A 12 -16.49 -3.87 -15.16
CA SER A 12 -16.91 -2.67 -15.87
C SER A 12 -17.44 -1.62 -14.89
N ALA A 13 -17.42 -1.95 -13.59
CA ALA A 13 -17.85 -1.02 -12.58
C ALA A 13 -16.65 -0.34 -11.90
N TRP A 14 -15.66 -1.13 -11.51
CA TRP A 14 -14.56 -0.62 -10.69
C TRP A 14 -13.19 -0.65 -11.39
N TYR A 15 -13.04 -1.46 -12.42
CA TYR A 15 -11.77 -1.60 -13.10
C TYR A 15 -11.61 -0.54 -14.19
N MET A 16 -10.48 0.17 -14.17
CA MET A 16 -10.26 1.27 -15.12
C MET A 16 -9.19 0.89 -16.14
N GLY A 17 -8.54 -0.23 -15.88
CA GLY A 17 -7.41 -0.68 -16.68
C GLY A 17 -6.34 0.38 -16.86
N PRO A 18 -6.08 0.84 -18.09
CA PRO A 18 -5.00 1.80 -18.39
C PRO A 18 -5.23 3.14 -17.71
N VAL A 19 -4.48 3.41 -16.65
CA VAL A 19 -4.65 4.65 -15.90
C VAL A 19 -3.29 5.26 -15.49
N SER A 20 -2.64 4.70 -14.44
CA SER A 20 -1.31 5.08 -14.03
C SER A 20 -1.40 6.27 -13.09
N ARG A 21 -0.29 6.62 -12.48
CA ARG A 21 -0.28 7.63 -11.43
C ARG A 21 -0.79 8.96 -11.93
N GLN A 22 -0.41 9.31 -13.15
CA GLN A 22 -0.78 10.60 -13.73
C GLN A 22 -2.29 10.74 -13.90
N GLU A 23 -2.96 9.65 -14.28
CA GLU A 23 -4.39 9.69 -14.52
C GLU A 23 -5.16 9.47 -13.22
N ALA A 24 -4.76 8.46 -12.47
CA ALA A 24 -5.42 8.10 -11.22
C ALA A 24 -5.45 9.28 -10.25
N GLN A 25 -4.34 10.00 -10.20
CA GLN A 25 -4.18 11.09 -9.25
C GLN A 25 -5.08 12.27 -9.60
N THR A 26 -5.20 12.56 -10.90
CA THR A 26 -5.96 13.72 -11.34
C THR A 26 -7.46 13.44 -11.33
N ARG A 27 -7.83 12.18 -11.23
CA ARG A 27 -9.24 11.81 -11.16
C ARG A 27 -9.76 11.91 -9.74
N LEU A 28 -9.04 11.30 -8.80
CA LEU A 28 -9.50 11.22 -7.42
C LEU A 28 -8.93 12.34 -6.56
N GLN A 29 -8.37 13.37 -7.19
CA GLN A 29 -7.80 14.48 -6.45
C GLN A 29 -8.89 15.33 -5.81
N GLY A 30 -9.30 14.95 -4.61
CA GLY A 30 -10.33 15.68 -3.91
C GLY A 30 -11.73 15.19 -4.25
N GLN A 31 -11.86 13.88 -4.44
CA GLN A 31 -13.14 13.28 -4.78
C GLN A 31 -13.90 12.85 -3.53
N ARG A 32 -15.16 12.47 -3.74
CA ARG A 32 -16.03 12.00 -2.67
C ARG A 32 -15.36 10.86 -1.89
N HIS A 33 -15.51 10.89 -0.58
CA HIS A 33 -14.91 9.88 0.28
C HIS A 33 -15.61 8.55 0.08
N GLY A 34 -14.87 7.58 -0.43
CA GLY A 34 -15.43 6.29 -0.69
C GLY A 34 -15.20 5.85 -2.12
N MET A 35 -14.76 6.76 -2.97
CA MET A 35 -14.48 6.43 -4.36
C MET A 35 -13.18 5.64 -4.47
N PHE A 36 -13.11 4.76 -5.45
CA PHE A 36 -11.89 3.99 -5.69
C PHE A 36 -11.85 3.51 -7.13
N LEU A 37 -10.68 3.05 -7.55
CA LEU A 37 -10.53 2.47 -8.87
C LEU A 37 -9.31 1.54 -8.92
N VAL A 38 -9.47 0.41 -9.59
CA VAL A 38 -8.35 -0.50 -9.82
C VAL A 38 -7.88 -0.33 -11.25
N ARG A 39 -6.59 -0.08 -11.41
CA ARG A 39 -6.03 0.19 -12.72
C ARG A 39 -4.91 -0.78 -13.04
N ASP A 40 -4.58 -0.88 -14.31
CA ASP A 40 -3.43 -1.65 -14.74
C ASP A 40 -2.18 -0.79 -14.56
N SER A 41 -1.20 -1.34 -13.88
CA SER A 41 -0.02 -0.58 -13.52
C SER A 41 1.13 -0.92 -14.46
N SER A 42 2.05 0.02 -14.60
CA SER A 42 3.20 -0.14 -15.47
C SER A 42 4.38 -0.73 -14.71
N THR A 43 4.21 -0.87 -13.41
CA THR A 43 5.26 -1.42 -12.54
C THR A 43 5.65 -2.83 -12.97
N CYS A 44 4.65 -3.66 -13.24
CA CYS A 44 4.88 -5.03 -13.66
C CYS A 44 3.72 -5.50 -14.54
N PRO A 45 3.98 -6.43 -15.48
CA PRO A 45 2.94 -7.01 -16.32
C PRO A 45 1.97 -7.86 -15.49
N GLY A 46 0.74 -7.37 -15.33
CA GLY A 46 -0.24 -8.06 -14.54
C GLY A 46 -0.38 -7.46 -13.16
N ASP A 47 0.41 -6.42 -12.92
CA ASP A 47 0.40 -5.71 -11.65
C ASP A 47 -0.70 -4.64 -11.69
N TYR A 48 -1.25 -4.30 -10.54
CA TYR A 48 -2.36 -3.35 -10.47
C TYR A 48 -2.13 -2.30 -9.40
N VAL A 49 -2.98 -1.28 -9.36
CA VAL A 49 -2.92 -0.26 -8.32
C VAL A 49 -4.32 0.22 -7.96
N LEU A 50 -4.73 -0.10 -6.75
CA LEU A 50 -6.00 0.33 -6.20
C LEU A 50 -5.87 1.74 -5.62
N SER A 51 -6.34 2.72 -6.34
CA SER A 51 -6.35 4.08 -5.84
C SER A 51 -7.71 4.43 -5.25
N VAL A 52 -7.70 4.88 -4.01
CA VAL A 52 -8.91 5.11 -3.24
C VAL A 52 -8.94 6.53 -2.71
N SER A 53 -10.12 7.16 -2.77
CA SER A 53 -10.25 8.53 -2.32
C SER A 53 -10.93 8.60 -0.95
N GLU A 54 -10.11 8.74 0.07
CA GLU A 54 -10.57 8.93 1.43
C GLU A 54 -9.72 9.99 2.10
N ASN A 55 -10.30 10.76 3.02
CA ASN A 55 -9.59 11.86 3.68
C ASN A 55 -9.20 12.96 2.68
N SER A 56 -9.75 12.85 1.46
CA SER A 56 -9.44 13.77 0.38
C SER A 56 -8.01 13.56 -0.11
N ARG A 57 -7.52 12.35 0.07
CA ARG A 57 -6.20 11.93 -0.39
C ARG A 57 -6.36 10.70 -1.27
N VAL A 58 -5.45 10.53 -2.21
CA VAL A 58 -5.52 9.38 -3.09
C VAL A 58 -4.67 8.24 -2.53
N SER A 59 -5.32 7.32 -1.84
CA SER A 59 -4.66 6.17 -1.26
C SER A 59 -4.26 5.18 -2.34
N HIS A 60 -2.97 4.94 -2.48
CA HIS A 60 -2.47 4.05 -3.51
C HIS A 60 -2.14 2.68 -2.91
N TYR A 61 -2.85 1.63 -3.31
CA TYR A 61 -2.51 0.28 -2.85
C TYR A 61 -2.22 -0.67 -4.02
N ILE A 62 -0.96 -1.03 -4.22
CA ILE A 62 -0.57 -1.91 -5.33
C ILE A 62 -1.06 -3.37 -5.16
N ILE A 63 -1.66 -3.91 -6.23
CA ILE A 63 -2.14 -5.30 -6.31
C ILE A 63 -1.18 -6.12 -7.18
N ASN A 64 -0.64 -7.20 -6.63
CA ASN A 64 0.43 -7.94 -7.29
C ASN A 64 -0.11 -9.25 -7.85
N SER A 65 0.39 -9.63 -9.00
CA SER A 65 -0.01 -10.88 -9.63
C SER A 65 0.70 -12.05 -8.99
N LEU A 66 -0.04 -12.85 -8.23
CA LEU A 66 0.51 -14.04 -7.60
C LEU A 66 0.46 -15.20 -8.57
N PRO A 67 1.10 -16.34 -8.24
CA PRO A 67 1.08 -17.54 -9.07
C PRO A 67 -0.31 -18.17 -9.25
N ASN A 68 -1.21 -17.40 -9.85
CA ASN A 68 -2.45 -17.91 -10.47
C ASN A 68 -3.63 -17.87 -9.53
N ARG A 69 -3.42 -18.27 -8.29
CA ARG A 69 -4.53 -18.48 -7.37
C ARG A 69 -5.04 -17.20 -6.72
N ARG A 70 -4.17 -16.21 -6.54
CA ARG A 70 -4.53 -15.05 -5.73
C ARG A 70 -3.89 -13.75 -6.20
N PHE A 71 -4.24 -12.68 -5.49
CA PHE A 71 -3.66 -11.35 -5.69
C PHE A 71 -3.22 -10.78 -4.34
N LYS A 72 -1.95 -10.48 -4.21
CA LYS A 72 -1.42 -9.94 -2.97
C LYS A 72 -1.30 -8.42 -3.07
N ILE A 73 -2.11 -7.70 -2.31
CA ILE A 73 -2.04 -6.25 -2.34
C ILE A 73 -0.83 -5.76 -1.53
N GLY A 74 0.34 -5.85 -2.15
CA GLY A 74 1.58 -5.43 -1.53
C GLY A 74 2.14 -6.47 -0.56
N ASP A 75 1.33 -6.85 0.40
CA ASP A 75 1.79 -7.70 1.52
C ASP A 75 0.68 -8.63 1.98
N GLN A 76 -0.51 -8.09 2.17
CA GLN A 76 -1.65 -8.89 2.55
C GLN A 76 -2.19 -9.64 1.34
N GLU A 77 -2.38 -10.94 1.50
CA GLU A 77 -2.78 -11.78 0.39
C GLU A 77 -4.28 -12.07 0.43
N PHE A 78 -4.94 -11.87 -0.69
CA PHE A 78 -6.36 -12.14 -0.82
C PHE A 78 -6.60 -13.02 -2.04
N ASP A 79 -7.76 -13.68 -2.08
CA ASP A 79 -8.05 -14.65 -3.14
C ASP A 79 -8.13 -13.99 -4.51
N HIS A 80 -8.83 -12.87 -4.58
CA HIS A 80 -9.02 -12.16 -5.85
C HIS A 80 -9.24 -10.68 -5.61
N LEU A 81 -9.37 -9.92 -6.69
CA LEU A 81 -9.51 -8.46 -6.60
C LEU A 81 -10.71 -8.04 -5.75
N PRO A 82 -11.95 -8.47 -6.10
CA PRO A 82 -13.15 -8.12 -5.30
C PRO A 82 -13.10 -8.71 -3.90
N ALA A 83 -12.11 -9.54 -3.62
CA ALA A 83 -11.99 -10.18 -2.31
C ALA A 83 -11.18 -9.30 -1.36
N LEU A 84 -10.22 -8.56 -1.90
CA LEU A 84 -9.44 -7.64 -1.09
C LEU A 84 -10.27 -6.41 -0.78
N LEU A 85 -11.17 -6.08 -1.71
CA LEU A 85 -12.09 -4.97 -1.55
C LEU A 85 -13.09 -5.29 -0.45
N GLU A 86 -13.37 -6.58 -0.28
CA GLU A 86 -14.30 -7.06 0.75
C GLU A 86 -13.71 -6.88 2.15
N PHE A 87 -12.38 -6.82 2.24
CA PHE A 87 -11.69 -6.69 3.53
C PHE A 87 -11.57 -5.22 3.91
N TYR A 88 -11.32 -4.37 2.93
CA TYR A 88 -11.14 -2.96 3.17
C TYR A 88 -12.49 -2.28 3.41
N LYS A 89 -13.55 -3.04 3.19
CA LYS A 89 -14.91 -2.62 3.50
C LYS A 89 -15.07 -2.41 5.00
N ILE A 90 -14.37 -3.20 5.82
CA ILE A 90 -14.48 -3.05 7.27
C ILE A 90 -13.19 -2.49 7.87
N HIS A 91 -12.12 -2.56 7.10
CA HIS A 91 -10.80 -2.12 7.58
C HIS A 91 -10.74 -0.60 7.71
N TYR A 92 -11.41 0.09 6.79
CA TYR A 92 -11.29 1.53 6.65
C TYR A 92 -9.92 1.87 6.05
N LEU A 93 -9.90 2.16 4.74
CA LEU A 93 -8.65 2.55 4.08
C LEU A 93 -8.23 3.93 4.54
N ASP A 94 -9.17 4.61 5.19
CA ASP A 94 -8.88 5.85 5.89
C ASP A 94 -9.86 6.04 7.03
N THR A 95 -11.15 6.20 6.70
CA THR A 95 -12.13 6.40 7.76
C THR A 95 -13.58 6.22 7.26
N THR A 96 -13.76 5.85 6.00
CA THR A 96 -15.12 5.60 5.50
C THR A 96 -15.20 4.29 4.70
N THR A 97 -14.04 3.74 4.35
CA THR A 97 -13.92 2.45 3.62
C THR A 97 -14.36 2.58 2.16
N LEU A 98 -14.28 1.46 1.46
CA LEU A 98 -14.71 1.39 0.07
C LEU A 98 -16.22 1.47 -0.02
N ILE A 99 -16.71 2.58 -0.52
CA ILE A 99 -18.15 2.81 -0.62
C ILE A 99 -18.65 2.57 -2.05
N GLU A 100 -18.01 3.22 -3.02
CA GLU A 100 -18.44 3.14 -4.41
C GLU A 100 -17.26 3.41 -5.35
N PRO A 101 -17.40 3.06 -6.64
CA PRO A 101 -16.34 3.31 -7.62
C PRO A 101 -16.37 4.74 -8.15
N ALA A 102 -15.22 5.26 -8.54
CA ALA A 102 -15.14 6.57 -9.16
C ALA A 102 -15.64 6.49 -10.60
N PRO A 103 -16.15 7.61 -11.14
CA PRO A 103 -16.58 7.68 -12.53
C PRO A 103 -15.47 7.23 -13.49
N ARG A 104 -15.74 6.19 -14.27
CA ARG A 104 -14.72 5.62 -15.13
C ARG A 104 -14.66 6.35 -16.46
N TYR A 105 -15.45 7.42 -16.57
CA TYR A 105 -15.42 8.28 -17.73
C TYR A 105 -14.20 9.20 -17.68
N PRO A 106 -13.66 9.60 -18.83
CA PRO A 106 -12.54 10.55 -18.89
C PRO A 106 -12.96 11.95 -18.46
N SER A 107 -14.27 12.16 -18.40
CA SER A 107 -14.82 13.43 -17.99
C SER A 107 -16.10 13.21 -17.17
N PRO A 108 -16.25 13.91 -16.05
CA PRO A 108 -17.45 13.80 -15.20
C PRO A 108 -18.73 14.18 -15.96
N PRO A 109 -19.86 13.54 -15.63
CA PRO A 109 -21.15 13.84 -16.27
C PRO A 109 -21.48 15.33 -16.22
N MET A 110 -21.77 15.83 -15.03
CA MET A 110 -21.95 17.25 -14.82
C MET A 110 -20.96 17.75 -13.79
N GLY A 111 -20.91 17.07 -12.66
CA GLY A 111 -19.99 17.44 -11.61
C GLY A 111 -19.81 16.33 -10.60
N SER A 112 -18.64 16.28 -9.99
CA SER A 112 -18.36 15.27 -8.97
C SER A 112 -18.40 15.90 -7.58
N VAL A 113 -18.54 17.23 -7.54
CA VAL A 113 -18.59 17.97 -6.29
C VAL A 113 -19.78 17.52 -5.45
N SER A 114 -19.50 16.94 -4.31
CA SER A 114 -20.55 16.45 -3.41
C SER A 114 -20.72 17.40 -2.24
N ALA A 115 -21.56 17.03 -1.28
CA ALA A 115 -21.76 17.84 -0.09
C ALA A 115 -20.57 17.71 0.87
N PRO A 116 -20.20 16.48 1.28
CA PRO A 116 -19.02 16.28 2.13
C PRO A 116 -17.73 16.42 1.33
N ASN A 117 -16.61 16.03 1.95
CA ASN A 117 -15.29 16.13 1.34
C ASN A 117 -14.87 17.58 1.15
N LEU A 118 -14.38 18.17 2.24
CA LEU A 118 -13.74 19.46 2.20
C LEU A 118 -12.58 19.45 3.19
N PRO A 119 -11.34 19.32 2.68
CA PRO A 119 -10.13 19.19 3.52
C PRO A 119 -10.06 20.25 4.61
N THR A 120 -9.91 19.81 5.85
CA THR A 120 -9.80 20.72 6.98
C THR A 120 -8.50 21.50 6.89
N ALA A 121 -7.42 20.81 6.54
CA ALA A 121 -6.12 21.41 6.39
C ALA A 121 -5.18 20.46 5.66
N GLU A 122 -4.32 20.99 4.82
CA GLU A 122 -3.34 20.18 4.11
C GLU A 122 -2.36 19.55 5.08
N ASP A 123 -2.62 18.29 5.43
CA ASP A 123 -1.78 17.56 6.34
C ASP A 123 -0.67 16.82 5.59
N ASN A 124 0.53 16.87 6.14
CA ASN A 124 1.68 16.21 5.51
C ASN A 124 1.83 14.80 6.05
N LEU A 125 0.74 14.06 6.03
CA LEU A 125 0.73 12.68 6.49
C LEU A 125 1.29 11.77 5.42
N GLU A 126 2.50 11.25 5.65
CA GLU A 126 3.14 10.36 4.71
C GLU A 126 4.32 9.65 5.36
N TYR A 127 5.38 10.39 5.70
CA TYR A 127 6.56 9.76 6.26
C TYR A 127 6.76 10.11 7.73
N VAL A 128 6.71 9.08 8.56
CA VAL A 128 6.78 9.22 10.00
C VAL A 128 7.82 8.25 10.57
N ARG A 129 8.31 8.51 11.77
CA ARG A 129 9.26 7.61 12.43
C ARG A 129 8.81 7.35 13.85
N THR A 130 9.04 6.16 14.36
CA THR A 130 8.64 5.85 15.71
C THR A 130 9.81 5.88 16.67
N LEU A 131 9.58 6.48 17.83
CA LEU A 131 10.65 6.71 18.80
C LEU A 131 10.49 5.78 20.00
N TYR A 132 9.25 5.40 20.27
CA TYR A 132 8.93 4.69 21.51
C TYR A 132 9.12 3.18 21.39
N ASP A 133 8.78 2.61 20.23
CA ASP A 133 8.74 1.16 20.03
C ASP A 133 7.54 0.58 20.79
N PHE A 134 6.54 0.17 20.04
CA PHE A 134 5.30 -0.32 20.61
C PHE A 134 4.73 -1.40 19.71
N PRO A 135 4.69 -2.64 20.19
CA PRO A 135 4.13 -3.76 19.45
C PRO A 135 2.65 -3.97 19.75
N GLY A 136 1.79 -3.49 18.87
CA GLY A 136 0.35 -3.68 19.05
C GLY A 136 -0.11 -5.02 18.49
N ASN A 137 0.85 -5.90 18.23
CA ASN A 137 0.61 -7.17 17.53
C ASN A 137 -0.20 -6.99 16.23
N ASP A 138 -0.11 -5.77 15.66
CA ASP A 138 -0.77 -5.39 14.40
C ASP A 138 -2.23 -5.80 14.30
N ALA A 139 -2.77 -5.66 13.08
CA ALA A 139 -4.17 -5.97 12.75
C ALA A 139 -5.12 -4.91 13.29
N GLU A 140 -4.68 -4.26 14.35
CA GLU A 140 -5.40 -3.15 14.95
C GLU A 140 -4.41 -2.09 15.42
N ASP A 141 -3.22 -2.52 15.82
CA ASP A 141 -2.19 -1.61 16.33
C ASP A 141 -0.82 -2.04 15.82
N LEU A 142 -0.17 -1.20 15.05
CA LEU A 142 1.08 -1.57 14.39
C LEU A 142 2.21 -1.78 15.40
N PRO A 143 3.01 -2.85 15.23
CA PRO A 143 4.20 -3.07 16.01
C PRO A 143 5.38 -2.33 15.42
N PHE A 144 5.74 -1.22 16.01
CA PHE A 144 6.82 -0.44 15.47
C PHE A 144 8.02 -0.46 16.39
N LYS A 145 9.18 -0.17 15.83
CA LYS A 145 10.44 -0.31 16.55
C LYS A 145 10.90 1.04 17.10
N LYS A 146 12.05 1.05 17.76
CA LYS A 146 12.52 2.23 18.48
C LYS A 146 13.08 3.30 17.54
N GLY A 147 13.14 2.99 16.25
CA GLY A 147 13.63 3.96 15.29
C GLY A 147 13.40 3.53 13.85
N GLU A 148 12.22 2.99 13.58
CA GLU A 148 11.89 2.53 12.24
C GLU A 148 11.06 3.58 11.52
N ILE A 149 10.92 3.46 10.20
CA ILE A 149 10.18 4.43 9.43
C ILE A 149 8.80 3.88 9.17
N LEU A 150 7.79 4.71 9.28
CA LEU A 150 6.45 4.31 9.00
C LEU A 150 5.92 5.17 7.89
N VAL A 151 4.95 4.66 7.19
CA VAL A 151 4.29 5.44 6.18
C VAL A 151 2.84 5.54 6.56
N ILE A 152 2.34 6.76 6.66
CA ILE A 152 0.97 6.97 7.06
C ILE A 152 0.06 6.61 5.91
N ILE A 153 -0.40 5.37 5.97
CA ILE A 153 -1.12 4.77 4.89
C ILE A 153 -2.61 5.04 5.04
N GLU A 154 -3.05 5.23 6.29
CA GLU A 154 -4.43 5.57 6.59
C GLU A 154 -4.47 6.57 7.75
N LYS A 155 -5.41 7.51 7.75
CA LYS A 155 -5.53 8.43 8.88
C LYS A 155 -6.99 8.61 9.30
N PRO A 156 -7.52 7.66 10.08
CA PRO A 156 -8.89 7.73 10.58
C PRO A 156 -9.06 8.85 11.61
N GLU A 157 -8.13 8.92 12.55
CA GLU A 157 -8.22 9.87 13.65
C GLU A 157 -7.07 10.86 13.60
N GLU A 158 -6.98 11.72 14.62
CA GLU A 158 -5.94 12.73 14.68
C GLU A 158 -4.92 12.39 15.76
N GLN A 159 -5.36 11.69 16.81
CA GLN A 159 -4.46 11.26 17.88
C GLN A 159 -3.93 9.85 17.61
N TRP A 160 -4.56 9.19 16.67
CA TRP A 160 -4.13 7.87 16.23
C TRP A 160 -4.02 7.85 14.71
N TRP A 161 -2.87 7.41 14.22
CA TRP A 161 -2.64 7.34 12.79
C TRP A 161 -2.39 5.91 12.37
N SER A 162 -2.91 5.53 11.22
CA SER A 162 -2.77 4.16 10.75
C SER A 162 -1.60 4.10 9.77
N ALA A 163 -0.45 3.66 10.26
CA ALA A 163 0.74 3.64 9.43
C ALA A 163 1.21 2.21 9.16
N ARG A 164 1.94 2.04 8.07
CA ARG A 164 2.53 0.75 7.76
C ARG A 164 4.00 0.76 8.17
N ASN A 165 4.40 -0.28 8.88
CA ASN A 165 5.78 -0.37 9.35
C ASN A 165 6.68 -0.85 8.22
N LYS A 166 7.98 -0.82 8.44
CA LYS A 166 8.94 -1.15 7.39
C LYS A 166 8.93 -2.66 7.13
N ASP A 167 8.29 -3.39 8.02
CA ASP A 167 8.18 -4.83 7.87
C ASP A 167 7.08 -5.18 6.88
N GLY A 168 6.16 -4.23 6.65
CA GLY A 168 5.22 -4.38 5.56
C GLY A 168 3.75 -4.45 5.94
N ARG A 169 3.39 -4.23 7.20
CA ARG A 169 1.98 -4.35 7.57
C ARG A 169 1.45 -3.08 8.20
N VAL A 170 0.14 -2.90 8.11
CA VAL A 170 -0.54 -1.70 8.57
C VAL A 170 -1.11 -1.89 9.97
N GLY A 171 -1.06 -0.84 10.76
CA GLY A 171 -1.69 -0.85 12.07
C GLY A 171 -1.79 0.54 12.63
N MET A 172 -2.67 0.73 13.61
CA MET A 172 -2.83 2.03 14.24
C MET A 172 -1.66 2.34 15.17
N ILE A 173 -1.21 3.58 15.12
CA ILE A 173 -0.08 4.02 15.91
C ILE A 173 -0.37 5.38 16.54
N PRO A 174 0.10 5.61 17.78
CA PRO A 174 -0.11 6.86 18.48
C PRO A 174 0.81 7.97 17.97
N VAL A 175 0.24 9.14 17.75
CA VAL A 175 1.00 10.30 17.28
C VAL A 175 2.06 10.75 18.29
N PRO A 176 1.75 10.80 19.61
CA PRO A 176 2.77 11.13 20.65
C PRO A 176 3.87 10.06 20.79
N TYR A 177 3.88 9.09 19.89
CA TYR A 177 4.89 8.04 19.89
C TYR A 177 5.84 8.20 18.71
N VAL A 178 5.53 9.14 17.82
CA VAL A 178 6.23 9.22 16.54
C VAL A 178 6.81 10.61 16.26
N GLU A 179 7.67 10.67 15.26
CA GLU A 179 8.22 11.92 14.76
C GLU A 179 7.98 12.02 13.26
N LYS A 180 8.10 13.23 12.72
CA LYS A 180 7.82 13.46 11.29
C LYS A 180 9.12 13.76 10.55
N LEU A 181 9.23 13.30 9.31
CA LEU A 181 10.35 13.68 8.46
C LEU A 181 10.36 15.18 8.21
N VAL A 182 9.46 15.62 7.34
CA VAL A 182 9.35 17.03 7.01
C VAL A 182 7.88 17.44 6.90
N ARG A 183 7.52 18.52 7.58
CA ARG A 183 6.18 19.07 7.50
C ARG A 183 6.27 20.53 7.06
N SER A 184 6.35 20.75 5.76
CA SER A 184 6.50 22.09 5.23
C SER A 184 5.93 22.18 3.82
N SER A 185 5.59 23.39 3.41
CA SER A 185 5.11 23.63 2.06
C SER A 185 6.29 23.90 1.14
N PRO A 186 6.20 23.43 -0.12
CA PRO A 186 7.28 23.61 -1.12
C PRO A 186 7.70 25.06 -1.27
N HIS A 187 8.83 25.40 -0.67
CA HIS A 187 9.39 26.74 -0.78
C HIS A 187 10.84 26.66 -1.25
N GLY A 188 11.47 25.52 -0.99
CA GLY A 188 12.86 25.33 -1.36
C GLY A 188 13.80 25.88 -0.30
N LYS A 189 13.77 27.19 -0.14
CA LYS A 189 14.61 27.86 0.84
C LYS A 189 13.94 27.89 2.21
N HIS A 190 13.69 26.71 2.76
CA HIS A 190 13.11 26.59 4.10
C HIS A 190 14.24 26.61 5.13
N GLY A 191 15.47 26.52 4.64
CA GLY A 191 16.62 26.48 5.52
C GLY A 191 17.05 25.06 5.84
N ASN A 192 16.72 24.14 4.94
CA ASN A 192 17.05 22.73 5.13
C ASN A 192 17.64 22.16 3.85
N ARG A 193 18.29 21.01 3.96
CA ARG A 193 18.82 20.32 2.78
C ARG A 193 18.22 18.93 2.69
N ASN A 194 18.16 18.40 1.48
CA ASN A 194 17.48 17.12 1.24
C ASN A 194 18.27 15.94 1.81
N SER A 195 19.59 16.13 1.94
CA SER A 195 20.52 15.08 2.37
C SER A 195 20.42 13.82 1.50
N ASN A 196 19.52 12.91 1.84
CA ASN A 196 19.29 11.73 1.02
C ASN A 196 18.65 12.15 -0.30
N SER A 197 19.37 11.93 -1.37
CA SER A 197 18.96 12.42 -2.67
C SER A 197 18.26 11.33 -3.47
N TYR A 198 17.58 11.75 -4.54
CA TYR A 198 16.89 10.81 -5.40
C TYR A 198 17.86 10.27 -6.45
N GLY A 199 18.47 9.13 -6.13
CA GLY A 199 19.41 8.51 -7.02
C GLY A 199 19.32 7.01 -6.96
N ILE A 200 18.44 6.44 -7.75
CA ILE A 200 18.24 4.99 -7.76
C ILE A 200 18.59 4.41 -9.13
N PRO A 201 19.07 3.15 -9.15
CA PRO A 201 19.49 2.47 -10.38
C PRO A 201 18.34 2.33 -11.38
N GLU A 202 17.15 2.00 -10.88
CA GLU A 202 15.97 1.90 -11.71
C GLU A 202 14.81 2.65 -11.05
N PRO A 203 14.11 3.48 -11.82
CA PRO A 203 13.07 4.37 -11.30
C PRO A 203 11.80 3.64 -10.90
N ALA A 204 11.80 3.05 -9.71
CA ALA A 204 10.61 2.44 -9.14
C ALA A 204 9.73 3.52 -8.52
N HIS A 205 10.30 4.71 -8.36
CA HIS A 205 9.63 5.87 -7.78
C HIS A 205 9.42 5.66 -6.27
N ALA A 206 8.29 5.06 -5.93
CA ALA A 206 7.91 4.80 -4.55
C ALA A 206 6.55 4.14 -4.47
N ALA A 208 2.64 3.45 -3.29
CA ALA A 208 2.19 3.04 -1.98
C ALA A 208 1.71 1.61 -2.03
N GLN A 209 2.20 0.84 -1.09
CA GLN A 209 1.89 -0.55 -0.95
C GLN A 209 2.34 -0.97 0.42
N PRO A 210 1.65 -1.92 1.06
CA PRO A 210 2.03 -2.40 2.40
C PRO A 210 3.52 -2.73 2.46
N GLN A 211 4.01 -3.46 1.46
CA GLN A 211 5.43 -3.74 1.28
C GLN A 211 5.64 -4.58 0.01
N THR A 212 6.72 -5.32 -0.04
CA THR A 212 7.04 -6.16 -1.17
C THR A 212 7.36 -7.58 -0.71
N THR A 213 7.81 -8.42 -1.63
CA THR A 213 8.12 -9.81 -1.31
C THR A 213 9.22 -9.90 -0.25
N THR A 214 10.40 -9.40 -0.59
CA THR A 214 11.51 -9.34 0.35
C THR A 214 12.32 -8.06 0.14
N PRO A 215 12.87 -7.83 -1.07
CA PRO A 215 13.49 -6.57 -1.43
C PRO A 215 12.53 -5.70 -2.25
N LEU A 216 13.00 -4.55 -2.70
CA LEU A 216 12.22 -3.73 -3.60
C LEU A 216 12.61 -4.03 -5.05
N PRO A 217 13.91 -3.88 -5.41
CA PRO A 217 14.41 -4.31 -6.71
C PRO A 217 14.87 -5.77 -6.68
N ALA A 218 14.93 -6.39 -7.84
CA ALA A 218 15.36 -7.77 -7.94
C ALA A 218 16.85 -7.91 -7.65
N VAL A 219 17.25 -9.08 -7.15
CA VAL A 219 18.66 -9.41 -6.89
C VAL A 219 19.27 -8.49 -5.82
N SER A 220 18.42 -7.77 -5.10
CA SER A 220 18.88 -6.87 -4.04
C SER A 220 18.82 -7.55 -2.68
N GLY A 221 18.59 -8.86 -2.68
CA GLY A 221 18.54 -9.62 -1.46
C GLY A 221 19.32 -10.92 -1.59
N SER A 222 20.51 -10.97 -1.00
CA SER A 222 21.36 -12.14 -1.12
C SER A 222 21.20 -13.09 0.08
N PRO A 223 21.52 -12.64 1.32
CA PRO A 223 21.52 -13.53 2.50
C PRO A 223 20.21 -14.29 2.68
N GLY A 224 20.28 -15.60 2.63
CA GLY A 224 19.10 -16.42 2.75
C GLY A 224 18.78 -17.15 1.46
N ALA A 225 18.43 -16.39 0.44
CA ALA A 225 18.12 -16.96 -0.87
C ALA A 225 19.40 -17.43 -1.56
N ALA A 226 20.47 -16.66 -1.38
CA ALA A 226 21.76 -17.02 -1.92
C ALA A 226 22.73 -17.35 -0.79
N ILE A 227 23.12 -18.62 -0.71
CA ILE A 227 23.98 -19.11 0.36
C ILE A 227 25.28 -18.30 0.44
N THR A 228 25.84 -17.95 -0.72
CA THR A 228 27.08 -17.20 -0.80
C THR A 228 28.23 -17.92 -0.09
N PRO A 229 28.96 -18.79 -0.82
CA PRO A 229 30.05 -19.59 -0.24
C PRO A 229 31.25 -18.75 0.19
N LEU A 230 31.19 -17.45 -0.13
CA LEU A 230 32.24 -16.49 0.21
C LEU A 230 33.58 -16.86 -0.43
N PRO A 231 33.63 -17.01 -1.78
CA PRO A 231 34.88 -17.29 -2.49
C PRO A 231 35.74 -16.04 -2.60
N SER A 232 35.18 -15.00 -3.21
CA SER A 232 35.84 -13.72 -3.30
C SER A 232 35.24 -12.75 -2.28
N THR A 233 35.95 -12.56 -1.18
CA THR A 233 35.46 -11.73 -0.10
C THR A 233 35.56 -10.24 -0.42
N GLN A 234 34.46 -9.66 -0.88
CA GLN A 234 34.40 -8.22 -1.11
C GLN A 234 33.66 -7.54 0.05
N ASN A 235 34.38 -7.31 1.13
CA ASN A 235 33.80 -6.68 2.31
C ASN A 235 34.86 -5.92 3.07
N GLY A 236 34.42 -5.16 4.06
CA GLY A 236 35.33 -4.38 4.86
C GLY A 236 34.75 -3.01 5.16
N PRO A 237 34.08 -2.86 6.31
CA PRO A 237 33.46 -1.59 6.69
C PRO A 237 34.50 -0.53 7.06
N VAL A 238 34.99 0.18 6.06
CA VAL A 238 35.96 1.23 6.28
C VAL A 238 35.24 2.57 6.44
N PHE A 239 35.75 3.41 7.32
CA PHE A 239 35.11 4.66 7.65
C PHE A 239 35.96 5.84 7.23
N ALA A 240 35.37 6.72 6.45
CA ALA A 240 36.04 7.94 6.02
C ALA A 240 35.17 9.14 6.33
N LYS A 241 35.76 10.15 6.94
CA LYS A 241 35.01 11.37 7.25
C LYS A 241 35.07 12.30 6.06
N ALA A 242 33.91 12.73 5.58
CA ALA A 242 33.84 13.61 4.44
C ALA A 242 34.14 15.04 4.86
N ILE A 243 35.34 15.49 4.53
CA ILE A 243 35.78 16.83 4.94
C ILE A 243 35.27 17.89 3.96
N GLN A 244 34.75 17.44 2.83
CA GLN A 244 34.21 18.32 1.82
C GLN A 244 32.77 17.91 1.51
N LYS A 245 32.01 18.78 0.84
CA LYS A 245 30.62 18.46 0.53
C LYS A 245 30.33 18.66 -0.95
N ARG A 246 29.47 17.80 -1.50
CA ARG A 246 29.01 17.93 -2.87
C ARG A 246 27.83 16.98 -3.12
N VAL A 247 26.95 17.37 -4.03
CA VAL A 247 25.69 16.67 -4.27
C VAL A 247 25.76 15.79 -5.52
N PRO A 248 24.78 14.88 -5.69
CA PRO A 248 24.75 13.92 -6.79
C PRO A 248 23.91 14.39 -7.99
N CYS A 249 23.94 13.58 -9.05
CA CYS A 249 23.18 13.84 -10.26
C CYS A 249 23.24 12.63 -11.22
N ALA A 250 22.08 12.31 -11.79
CA ALA A 250 21.92 11.14 -12.66
C ALA A 250 23.04 11.01 -13.68
N TYR A 251 23.40 12.11 -14.32
CA TYR A 251 24.44 12.07 -15.36
C TYR A 251 25.83 12.33 -14.80
N ASP A 252 26.24 11.49 -13.85
CA ASP A 252 27.66 11.34 -13.45
C ASP A 252 28.03 12.27 -12.35
N LYS A 253 27.05 12.53 -11.56
CA LYS A 253 27.25 12.77 -10.18
C LYS A 253 26.59 11.59 -9.48
N THR A 254 26.87 10.38 -10.02
CA THR A 254 26.52 9.10 -9.37
C THR A 254 27.09 9.12 -7.97
N ALA A 255 28.08 9.99 -7.86
CA ALA A 255 28.46 10.67 -6.65
C ALA A 255 27.46 10.47 -5.51
N LEU A 256 27.90 9.81 -4.45
CA LEU A 256 27.07 9.67 -3.26
C LEU A 256 27.08 11.00 -2.52
N ALA A 257 25.91 11.61 -2.38
CA ALA A 257 25.76 12.91 -1.74
C ALA A 257 26.36 12.88 -0.34
N LEU A 258 27.34 13.73 -0.09
CA LEU A 258 28.05 13.72 1.18
C LEU A 258 28.24 15.14 1.70
N GLU A 259 28.01 15.30 3.00
CA GLU A 259 28.15 16.60 3.66
C GLU A 259 29.49 16.69 4.36
N VAL A 260 29.71 17.79 5.06
CA VAL A 260 30.93 17.98 5.84
C VAL A 260 30.75 17.39 7.25
N GLY A 261 31.74 16.60 7.67
CA GLY A 261 31.70 16.00 9.00
C GLY A 261 30.96 14.68 9.01
N ASP A 262 30.47 14.27 7.85
CA ASP A 262 29.64 13.08 7.74
C ASP A 262 30.50 11.82 7.68
N ILE A 263 29.95 10.70 8.12
CA ILE A 263 30.67 9.43 8.15
C ILE A 263 30.33 8.58 6.93
N VAL A 264 31.33 8.36 6.09
CA VAL A 264 31.15 7.56 4.90
C VAL A 264 31.62 6.13 5.13
N LYS A 265 30.67 5.21 5.23
CA LYS A 265 30.99 3.80 5.32
C LYS A 265 30.99 3.17 3.92
N VAL A 266 32.14 2.73 3.47
CA VAL A 266 32.26 2.17 2.14
C VAL A 266 31.98 0.66 2.15
N THR A 267 31.33 0.19 1.10
CA THR A 267 31.04 -1.23 0.99
C THR A 267 32.06 -1.92 0.09
N ARG A 268 32.31 -1.34 -1.07
CA ARG A 268 33.28 -1.88 -2.01
C ARG A 268 34.22 -0.80 -2.53
N MET A 269 35.51 -0.97 -2.26
CA MET A 269 36.53 -0.05 -2.75
C MET A 269 37.03 -0.52 -4.11
N ASN A 270 36.70 0.24 -5.14
CA ASN A 270 37.05 -0.14 -6.50
C ASN A 270 37.71 1.01 -7.26
N ILE A 271 38.73 0.67 -8.02
CA ILE A 271 39.34 1.55 -9.02
C ILE A 271 39.84 2.89 -8.43
N ASN A 272 41.08 2.83 -7.91
CA ASN A 272 41.91 3.99 -7.54
C ASN A 272 41.33 4.92 -6.47
N GLY A 273 40.01 5.03 -6.38
CA GLY A 273 39.43 5.95 -5.41
C GLY A 273 37.97 6.23 -5.64
N GLN A 274 37.40 5.76 -6.75
CA GLN A 274 35.98 5.91 -7.00
C GLN A 274 35.22 4.76 -6.35
N TRP A 275 35.07 4.86 -5.04
CA TRP A 275 34.55 3.75 -4.25
C TRP A 275 33.04 3.86 -4.08
N GLU A 276 32.40 2.74 -3.78
CA GLU A 276 30.96 2.70 -3.59
C GLU A 276 30.62 2.37 -2.15
N GLY A 277 29.98 3.31 -1.48
CA GLY A 277 29.56 3.11 -0.10
C GLY A 277 28.08 3.34 0.06
N GLU A 278 27.55 3.00 1.23
CA GLU A 278 26.12 3.16 1.49
C GLU A 278 25.93 4.03 2.73
N VAL A 279 25.44 5.25 2.54
CA VAL A 279 25.30 6.18 3.64
C VAL A 279 23.84 6.61 3.84
N ASN A 280 23.44 7.66 3.12
CA ASN A 280 22.09 8.21 3.28
C ASN A 280 21.06 7.43 2.48
N GLY A 281 20.83 6.19 2.89
CA GLY A 281 19.78 5.37 2.29
C GLY A 281 20.11 4.88 0.89
N ARG A 282 21.26 5.31 0.37
CA ARG A 282 21.63 4.99 -1.00
C ARG A 282 23.12 4.71 -1.10
N LYS A 283 23.49 3.92 -2.10
CA LYS A 283 24.89 3.68 -2.39
C LYS A 283 25.29 4.47 -3.63
N GLY A 284 26.50 5.00 -3.62
CA GLY A 284 26.99 5.77 -4.74
C GLY A 284 28.49 5.87 -4.73
N LEU A 285 29.04 6.58 -5.70
CA LEU A 285 30.48 6.69 -5.84
C LEU A 285 30.99 7.97 -5.18
N PHE A 286 32.13 7.87 -4.51
CA PHE A 286 32.75 9.04 -3.91
C PHE A 286 34.27 8.96 -4.11
N PRO A 287 34.92 10.08 -4.39
CA PRO A 287 36.37 10.13 -4.56
C PRO A 287 37.09 10.17 -3.22
N PHE A 288 38.22 9.49 -3.14
CA PHE A 288 39.02 9.44 -1.91
C PHE A 288 39.59 10.82 -1.58
N THR A 289 39.55 11.72 -2.56
CA THR A 289 40.01 13.09 -2.37
C THR A 289 38.96 13.91 -1.62
N HIS A 290 37.75 13.37 -1.58
CA HIS A 290 36.62 14.05 -0.93
C HIS A 290 36.59 13.71 0.56
N VAL A 291 37.17 12.57 0.90
CA VAL A 291 37.12 12.05 2.26
C VAL A 291 38.53 11.74 2.75
N LYS A 292 38.61 11.27 3.99
CA LYS A 292 39.87 10.78 4.53
C LYS A 292 39.61 9.54 5.39
N ILE A 293 40.20 8.42 5.00
CA ILE A 293 40.10 7.18 5.78
C ILE A 293 40.71 7.40 7.16
N PHE A 294 39.92 7.16 8.19
CA PHE A 294 40.36 7.47 9.55
C PHE A 294 39.80 6.44 10.55
N ASP A 295 40.14 6.61 11.83
CA ASP A 295 39.73 5.66 12.86
C ASP A 295 38.69 6.24 13.86
N PRO A 296 38.88 7.49 14.38
CA PRO A 296 37.94 8.18 15.33
C PRO A 296 36.44 8.23 14.96
N GLN A 297 35.89 7.16 14.43
CA GLN A 297 34.45 7.03 14.26
C GLN A 297 33.93 6.20 15.41
N ASN A 298 34.81 5.37 15.93
CA ASN A 298 34.49 4.40 16.98
C ASN A 298 34.10 5.09 18.29
N PRO A 299 34.99 5.93 18.88
CA PRO A 299 34.78 6.48 20.21
C PRO A 299 33.87 7.70 20.24
N ASP A 300 33.12 7.92 19.16
CA ASP A 300 32.20 9.05 19.09
C ASP A 300 31.01 8.81 20.02
N GLU A 301 30.78 7.53 20.34
CA GLU A 301 29.70 7.15 21.24
C GLU A 301 30.06 7.51 22.68
N ASN A 302 31.32 7.83 22.92
CA ASN A 302 31.80 8.19 24.25
C ASN A 302 32.40 9.58 24.23
N GLU A 303 32.90 10.03 25.37
CA GLU A 303 33.54 11.33 25.47
C GLU A 303 35.04 11.18 25.32
N MET A 1 -26.71 0.64 7.29
CA MET A 1 -26.28 0.14 5.97
C MET A 1 -24.85 -0.35 6.06
N SER A 2 -24.36 -0.96 5.00
CA SER A 2 -23.01 -1.50 4.99
C SER A 2 -21.98 -0.45 4.62
N SER A 3 -22.47 0.71 4.17
CA SER A 3 -21.63 1.82 3.71
C SER A 3 -20.89 1.47 2.40
N ALA A 4 -20.14 0.38 2.43
CA ALA A 4 -19.45 -0.10 1.26
C ALA A 4 -20.43 -0.82 0.33
N ARG A 5 -20.92 -0.09 -0.66
CA ARG A 5 -21.90 -0.63 -1.59
C ARG A 5 -21.42 -0.52 -3.02
N PHE A 6 -20.81 -1.58 -3.51
CA PHE A 6 -20.34 -1.64 -4.88
C PHE A 6 -20.23 -3.08 -5.35
N ASP A 7 -20.33 -3.29 -6.65
CA ASP A 7 -20.24 -4.63 -7.21
C ASP A 7 -18.79 -5.08 -7.23
N SER A 8 -18.39 -5.77 -6.16
CA SER A 8 -17.03 -6.27 -6.03
C SER A 8 -16.83 -7.49 -6.93
N SER A 9 -16.86 -7.23 -8.24
CA SER A 9 -16.72 -8.27 -9.26
C SER A 9 -16.78 -7.63 -10.64
N ASP A 10 -17.73 -6.72 -10.82
CA ASP A 10 -17.96 -6.09 -12.12
C ASP A 10 -16.71 -5.35 -12.59
N ARG A 11 -16.04 -5.93 -13.57
CA ARG A 11 -14.76 -5.43 -14.07
C ARG A 11 -14.91 -4.01 -14.63
N SER A 12 -16.06 -3.71 -15.19
CA SER A 12 -16.29 -2.40 -15.79
C SER A 12 -16.69 -1.36 -14.75
N ALA A 13 -16.80 -1.79 -13.50
CA ALA A 13 -17.19 -0.87 -12.44
C ALA A 13 -15.97 -0.26 -11.76
N TRP A 14 -14.97 -1.07 -11.46
CA TRP A 14 -13.81 -0.62 -10.69
C TRP A 14 -12.51 -0.75 -11.47
N TYR A 15 -12.43 -1.71 -12.38
CA TYR A 15 -11.18 -1.94 -13.11
C TYR A 15 -11.03 -0.94 -14.25
N MET A 16 -10.04 -0.06 -14.13
CA MET A 16 -9.84 1.02 -15.09
C MET A 16 -8.84 0.62 -16.16
N GLY A 17 -8.29 -0.57 -16.01
CA GLY A 17 -7.26 -1.07 -16.93
C GLY A 17 -6.10 -0.11 -17.13
N PRO A 18 -5.92 0.44 -18.35
CA PRO A 18 -4.78 1.30 -18.67
C PRO A 18 -4.80 2.63 -17.93
N VAL A 19 -4.06 2.68 -16.82
CA VAL A 19 -3.96 3.89 -15.99
C VAL A 19 -2.51 4.00 -15.47
N SER A 20 -2.26 4.77 -14.41
CA SER A 20 -0.91 5.09 -14.00
C SER A 20 -1.00 6.02 -12.80
N ARG A 21 0.12 6.39 -12.24
CA ARG A 21 0.14 7.25 -11.06
C ARG A 21 -0.62 8.54 -11.29
N GLN A 22 -0.17 9.34 -12.27
CA GLN A 22 -0.78 10.63 -12.54
C GLN A 22 -2.23 10.49 -12.99
N GLU A 23 -2.48 9.52 -13.88
CA GLU A 23 -3.82 9.30 -14.42
C GLU A 23 -4.81 8.92 -13.32
N ALA A 24 -4.41 7.97 -12.47
CA ALA A 24 -5.22 7.53 -11.34
C ALA A 24 -5.55 8.69 -10.42
N GLN A 25 -4.62 9.62 -10.30
CA GLN A 25 -4.75 10.72 -9.37
C GLN A 25 -5.61 11.83 -9.97
N THR A 26 -5.50 12.03 -11.29
CA THR A 26 -6.25 13.10 -11.96
C THR A 26 -7.69 12.70 -12.29
N ARG A 27 -8.01 11.39 -12.23
CA ARG A 27 -9.35 10.92 -12.57
C ARG A 27 -10.14 10.57 -11.33
N LEU A 28 -9.41 10.39 -10.26
CA LEU A 28 -9.95 9.94 -9.00
C LEU A 28 -9.40 10.85 -7.88
N GLN A 29 -9.20 12.10 -8.25
CA GLN A 29 -8.82 13.13 -7.29
C GLN A 29 -9.87 13.23 -6.18
N GLY A 30 -9.63 14.09 -5.21
CA GLY A 30 -10.52 14.20 -4.08
C GLY A 30 -11.83 14.89 -4.39
N GLN A 31 -12.54 14.42 -5.42
CA GLN A 31 -13.86 14.97 -5.73
C GLN A 31 -14.90 14.40 -4.77
N ARG A 32 -14.74 13.13 -4.45
CA ARG A 32 -15.61 12.45 -3.52
C ARG A 32 -14.79 11.45 -2.72
N HIS A 33 -14.90 11.51 -1.41
CA HIS A 33 -14.11 10.65 -0.56
C HIS A 33 -14.77 9.29 -0.41
N GLY A 34 -13.97 8.24 -0.58
CA GLY A 34 -14.49 6.89 -0.53
C GLY A 34 -14.49 6.24 -1.90
N MET A 35 -13.82 6.89 -2.85
CA MET A 35 -13.74 6.37 -4.21
C MET A 35 -12.42 5.64 -4.42
N PHE A 36 -12.45 4.62 -5.26
CA PHE A 36 -11.25 3.86 -5.55
C PHE A 36 -11.22 3.41 -7.02
N LEU A 37 -10.05 3.02 -7.50
CA LEU A 37 -9.93 2.45 -8.83
C LEU A 37 -8.77 1.47 -8.88
N VAL A 38 -9.00 0.31 -9.47
CA VAL A 38 -7.96 -0.69 -9.68
C VAL A 38 -7.49 -0.64 -11.12
N ARG A 39 -6.21 -0.43 -11.31
CA ARG A 39 -5.67 -0.21 -12.65
C ARG A 39 -4.53 -1.17 -12.96
N ASP A 40 -4.34 -1.45 -14.24
CA ASP A 40 -3.17 -2.18 -14.70
C ASP A 40 -1.99 -1.24 -14.68
N SER A 41 -1.11 -1.47 -13.73
CA SER A 41 -0.05 -0.52 -13.42
C SER A 41 1.11 -0.62 -14.41
N SER A 42 2.10 0.23 -14.21
CA SER A 42 3.25 0.29 -15.08
C SER A 42 4.52 0.14 -14.26
N THR A 43 4.39 -0.37 -13.04
CA THR A 43 5.53 -0.61 -12.19
C THR A 43 6.21 -1.91 -12.62
N CYS A 44 5.41 -2.95 -12.78
CA CYS A 44 5.88 -4.26 -13.19
C CYS A 44 4.85 -4.92 -14.10
N PRO A 45 5.27 -5.81 -15.00
CA PRO A 45 4.35 -6.53 -15.88
C PRO A 45 3.48 -7.51 -15.09
N GLY A 46 2.36 -7.02 -14.58
CA GLY A 46 1.45 -7.86 -13.83
C GLY A 46 1.14 -7.31 -12.44
N ASP A 47 1.44 -6.04 -12.21
CA ASP A 47 1.08 -5.41 -10.95
C ASP A 47 -0.09 -4.47 -11.15
N TYR A 48 -0.83 -4.24 -10.08
CA TYR A 48 -1.99 -3.35 -10.11
C TYR A 48 -1.86 -2.32 -9.02
N VAL A 49 -2.57 -1.21 -9.13
CA VAL A 49 -2.55 -0.22 -8.07
C VAL A 49 -3.96 0.28 -7.76
N LEU A 50 -4.45 -0.13 -6.60
CA LEU A 50 -5.72 0.34 -6.07
C LEU A 50 -5.53 1.71 -5.48
N SER A 51 -5.97 2.72 -6.21
CA SER A 51 -5.90 4.08 -5.72
C SER A 51 -7.21 4.48 -5.06
N VAL A 52 -7.10 5.12 -3.92
CA VAL A 52 -8.25 5.49 -3.12
C VAL A 52 -8.22 6.98 -2.77
N SER A 53 -9.35 7.64 -2.92
CA SER A 53 -9.44 9.07 -2.65
C SER A 53 -10.07 9.34 -1.29
N GLU A 54 -9.27 9.86 -0.38
CA GLU A 54 -9.76 10.25 0.94
C GLU A 54 -8.84 11.28 1.56
N ASN A 55 -9.43 12.26 2.23
CA ASN A 55 -8.71 13.40 2.83
C ASN A 55 -7.72 14.04 1.86
N SER A 56 -8.13 14.16 0.59
CA SER A 56 -7.35 14.87 -0.42
C SER A 56 -6.04 14.17 -0.75
N ARG A 57 -5.95 12.90 -0.40
CA ARG A 57 -4.79 12.09 -0.74
C ARG A 57 -5.25 10.86 -1.50
N VAL A 58 -4.59 10.57 -2.60
CA VAL A 58 -4.89 9.38 -3.36
C VAL A 58 -3.99 8.24 -2.93
N SER A 59 -4.50 7.41 -2.05
CA SER A 59 -3.75 6.28 -1.52
C SER A 59 -3.52 5.24 -2.61
N HIS A 60 -2.27 5.00 -2.94
CA HIS A 60 -1.93 4.07 -4.00
C HIS A 60 -1.49 2.71 -3.43
N TYR A 61 -2.43 1.78 -3.28
CA TYR A 61 -2.14 0.46 -2.69
C TYR A 61 -1.92 -0.59 -3.79
N ILE A 62 -0.70 -1.13 -3.89
CA ILE A 62 -0.36 -2.07 -4.96
C ILE A 62 -0.81 -3.51 -4.68
N ILE A 63 -1.37 -4.13 -5.72
CA ILE A 63 -1.83 -5.54 -5.69
C ILE A 63 -1.03 -6.35 -6.72
N ASN A 64 -0.38 -7.42 -6.28
CA ASN A 64 0.50 -8.17 -7.16
C ASN A 64 -0.13 -9.48 -7.56
N SER A 65 -0.04 -9.81 -8.84
CA SER A 65 -0.58 -11.06 -9.34
C SER A 65 0.38 -12.20 -9.05
N LEU A 66 -0.01 -13.05 -8.11
CA LEU A 66 0.78 -14.22 -7.78
C LEU A 66 0.52 -15.32 -8.78
N PRO A 67 1.56 -16.10 -9.16
CA PRO A 67 1.42 -17.20 -10.11
C PRO A 67 0.44 -18.26 -9.64
N ASN A 68 0.14 -18.24 -8.34
CA ASN A 68 -0.83 -19.15 -7.75
C ASN A 68 -2.25 -18.60 -7.95
N ARG A 69 -2.35 -17.56 -8.79
CA ARG A 69 -3.62 -16.95 -9.16
C ARG A 69 -4.28 -16.25 -7.98
N ARG A 70 -3.46 -15.75 -7.07
CA ARG A 70 -3.96 -15.02 -5.91
C ARG A 70 -3.44 -13.59 -5.96
N PHE A 71 -4.09 -12.69 -5.25
CA PHE A 71 -3.70 -11.29 -5.29
C PHE A 71 -3.27 -10.78 -3.92
N LYS A 72 -2.00 -10.42 -3.81
CA LYS A 72 -1.44 -9.94 -2.56
C LYS A 72 -1.26 -8.42 -2.62
N ILE A 73 -2.09 -7.69 -1.86
CA ILE A 73 -1.97 -6.24 -1.80
C ILE A 73 -1.14 -5.82 -0.58
N GLY A 74 0.16 -5.76 -0.78
CA GLY A 74 1.05 -5.35 0.28
C GLY A 74 1.10 -6.34 1.44
N ASP A 75 1.80 -7.46 1.22
CA ASP A 75 2.03 -8.48 2.26
C ASP A 75 0.78 -9.33 2.49
N GLN A 76 -0.34 -8.68 2.75
CA GLN A 76 -1.59 -9.38 2.99
C GLN A 76 -2.09 -10.03 1.70
N GLU A 77 -2.06 -11.35 1.68
CA GLU A 77 -2.48 -12.10 0.52
C GLU A 77 -3.92 -12.54 0.64
N PHE A 78 -4.69 -12.26 -0.38
CA PHE A 78 -6.10 -12.62 -0.41
C PHE A 78 -6.36 -13.56 -1.58
N ASP A 79 -7.58 -14.04 -1.68
CA ASP A 79 -7.95 -15.00 -2.71
C ASP A 79 -7.88 -14.36 -4.10
N HIS A 80 -8.50 -13.20 -4.26
CA HIS A 80 -8.46 -12.46 -5.52
C HIS A 80 -8.73 -10.98 -5.29
N LEU A 81 -8.78 -10.19 -6.36
CA LEU A 81 -8.98 -8.75 -6.25
C LEU A 81 -10.27 -8.39 -5.49
N PRO A 82 -11.44 -8.91 -5.92
CA PRO A 82 -12.71 -8.64 -5.22
C PRO A 82 -12.72 -9.07 -3.75
N ALA A 83 -11.69 -9.81 -3.34
CA ALA A 83 -11.65 -10.34 -1.98
C ALA A 83 -10.98 -9.36 -1.03
N LEU A 84 -9.99 -8.63 -1.54
CA LEU A 84 -9.30 -7.64 -0.72
C LEU A 84 -10.17 -6.40 -0.59
N LEU A 85 -11.01 -6.20 -1.59
CA LEU A 85 -11.97 -5.10 -1.57
C LEU A 85 -13.02 -5.35 -0.49
N GLU A 86 -13.20 -6.61 -0.13
CA GLU A 86 -14.17 -6.99 0.88
C GLU A 86 -13.54 -7.03 2.28
N PHE A 87 -12.22 -6.92 2.35
CA PHE A 87 -11.54 -6.86 3.65
C PHE A 87 -11.26 -5.40 4.02
N TYR A 88 -11.07 -4.55 3.02
CA TYR A 88 -10.84 -3.14 3.27
C TYR A 88 -12.14 -2.43 3.58
N LYS A 89 -13.26 -3.10 3.31
CA LYS A 89 -14.56 -2.52 3.63
C LYS A 89 -14.82 -2.57 5.14
N ILE A 90 -14.05 -3.37 5.88
CA ILE A 90 -14.09 -3.29 7.33
C ILE A 90 -12.73 -2.86 7.90
N HIS A 91 -11.94 -2.17 7.08
CA HIS A 91 -10.59 -1.76 7.51
C HIS A 91 -10.49 -0.24 7.64
N TYR A 92 -11.07 0.48 6.68
CA TYR A 92 -11.00 1.94 6.61
C TYR A 92 -9.61 2.38 6.16
N LEU A 93 -9.47 2.65 4.85
CA LEU A 93 -8.17 2.98 4.27
C LEU A 93 -7.76 4.41 4.64
N ASP A 94 -8.71 5.19 5.16
CA ASP A 94 -8.42 6.51 5.69
C ASP A 94 -9.67 7.07 6.38
N THR A 95 -10.12 6.39 7.43
CA THR A 95 -11.36 6.73 8.14
C THR A 95 -12.60 6.32 7.32
N THR A 96 -12.43 6.25 6.01
CA THR A 96 -13.47 5.76 5.14
C THR A 96 -13.03 4.46 4.49
N THR A 97 -13.98 3.56 4.25
CA THR A 97 -13.71 2.30 3.61
C THR A 97 -13.87 2.43 2.10
N LEU A 98 -13.73 1.31 1.40
CA LEU A 98 -14.05 1.27 -0.01
C LEU A 98 -15.55 1.38 -0.18
N ILE A 99 -16.02 2.59 -0.43
CA ILE A 99 -17.45 2.84 -0.55
C ILE A 99 -17.94 2.52 -1.95
N GLU A 100 -17.31 3.15 -2.92
CA GLU A 100 -17.70 2.99 -4.32
C GLU A 100 -16.56 3.46 -5.22
N PRO A 101 -16.32 2.77 -6.35
CA PRO A 101 -15.27 3.15 -7.30
C PRO A 101 -15.42 4.58 -7.81
N ALA A 102 -14.30 5.18 -8.20
CA ALA A 102 -14.30 6.52 -8.76
C ALA A 102 -14.86 6.49 -10.18
N PRO A 103 -15.43 7.61 -10.65
CA PRO A 103 -16.03 7.68 -11.98
C PRO A 103 -15.02 7.36 -13.08
N ARG A 104 -15.26 6.26 -13.80
CA ARG A 104 -14.42 5.87 -14.91
C ARG A 104 -14.38 6.97 -15.96
N TYR A 105 -15.48 7.70 -16.10
CA TYR A 105 -15.52 8.89 -16.92
C TYR A 105 -16.30 9.97 -16.19
N PRO A 106 -15.70 11.16 -16.03
CA PRO A 106 -16.36 12.29 -15.36
C PRO A 106 -17.56 12.80 -16.17
N SER A 107 -18.70 12.19 -15.94
CA SER A 107 -19.94 12.59 -16.59
C SER A 107 -20.44 13.94 -16.05
N PRO A 108 -20.62 14.07 -14.72
CA PRO A 108 -21.04 15.34 -14.13
C PRO A 108 -19.85 16.21 -13.74
N PRO A 109 -20.06 17.55 -13.67
CA PRO A 109 -19.02 18.49 -13.27
C PRO A 109 -18.70 18.39 -11.78
N MET A 110 -17.68 19.13 -11.36
CA MET A 110 -17.24 19.08 -9.97
C MET A 110 -18.22 19.81 -9.06
N GLY A 111 -18.88 19.04 -8.19
CA GLY A 111 -19.77 19.64 -7.21
C GLY A 111 -19.05 19.95 -5.92
N SER A 112 -19.76 20.59 -4.99
CA SER A 112 -19.17 20.97 -3.71
C SER A 112 -19.76 20.15 -2.56
N VAL A 113 -19.09 20.20 -1.42
CA VAL A 113 -19.50 19.47 -0.22
C VAL A 113 -19.74 17.99 -0.52
N SER A 114 -18.77 17.37 -1.17
CA SER A 114 -18.83 15.95 -1.45
C SER A 114 -17.59 15.27 -0.88
N ALA A 115 -16.93 15.98 0.03
CA ALA A 115 -15.69 15.53 0.63
C ALA A 115 -15.40 16.31 1.91
N PRO A 116 -15.45 15.63 3.07
CA PRO A 116 -15.19 16.28 4.37
C PRO A 116 -13.76 16.82 4.48
N ASN A 117 -12.80 15.95 4.79
CA ASN A 117 -11.39 16.34 4.92
C ASN A 117 -11.20 17.39 6.03
N LEU A 118 -9.97 17.83 6.23
CA LEU A 118 -9.67 18.92 7.15
C LEU A 118 -8.82 19.95 6.42
N PRO A 119 -9.45 20.81 5.60
CA PRO A 119 -8.75 21.81 4.80
C PRO A 119 -8.28 22.99 5.64
N THR A 120 -7.59 22.68 6.73
CA THR A 120 -7.11 23.68 7.66
C THR A 120 -5.65 23.41 8.02
N ALA A 121 -5.00 22.56 7.22
CA ALA A 121 -3.63 22.16 7.51
C ALA A 121 -2.89 21.72 6.24
N GLU A 122 -3.56 20.94 5.40
CA GLU A 122 -2.94 20.34 4.22
C GLU A 122 -1.68 19.57 4.64
N ASP A 123 -1.79 18.94 5.80
CA ASP A 123 -0.64 18.31 6.45
C ASP A 123 -0.16 17.08 5.71
N ASN A 124 1.14 16.84 5.76
CA ASN A 124 1.76 15.71 5.06
C ASN A 124 1.57 14.42 5.83
N LEU A 125 0.41 13.80 5.66
CA LEU A 125 0.10 12.55 6.30
C LEU A 125 0.70 11.39 5.53
N GLU A 126 1.92 11.02 5.91
CA GLU A 126 2.64 9.96 5.25
C GLU A 126 3.90 9.58 6.04
N TYR A 127 4.82 10.51 6.27
CA TYR A 127 6.08 10.16 6.89
C TYR A 127 6.10 10.52 8.36
N VAL A 128 6.04 9.50 9.18
CA VAL A 128 6.04 9.64 10.62
C VAL A 128 7.10 8.72 11.23
N ARG A 129 7.60 9.04 12.40
CA ARG A 129 8.53 8.18 13.10
C ARG A 129 8.16 8.08 14.57
N THR A 130 8.22 6.88 15.10
CA THR A 130 7.81 6.64 16.48
C THR A 130 8.98 6.82 17.44
N LEU A 131 8.71 7.46 18.56
CA LEU A 131 9.75 7.75 19.55
C LEU A 131 9.51 6.98 20.84
N TYR A 132 8.26 6.61 21.09
CA TYR A 132 7.87 6.08 22.39
C TYR A 132 8.04 4.57 22.47
N ASP A 133 7.78 3.87 21.36
CA ASP A 133 7.77 2.39 21.31
C ASP A 133 6.48 1.83 21.92
N PHE A 134 5.75 1.05 21.13
CA PHE A 134 4.48 0.48 21.57
C PHE A 134 4.16 -0.76 20.73
N PRO A 135 4.28 -1.96 21.33
CA PRO A 135 3.98 -3.21 20.64
C PRO A 135 2.51 -3.60 20.75
N GLY A 136 1.75 -3.28 19.71
CA GLY A 136 0.33 -3.60 19.70
C GLY A 136 0.02 -4.98 19.17
N ASN A 137 1.06 -5.65 18.67
CA ASN A 137 0.93 -6.97 18.03
C ASN A 137 0.01 -6.92 16.79
N ASP A 138 -0.11 -5.72 16.24
CA ASP A 138 -0.72 -5.44 14.93
C ASP A 138 -2.14 -5.97 14.75
N ALA A 139 -2.61 -5.82 13.51
CA ALA A 139 -3.95 -6.17 13.08
C ALA A 139 -4.93 -5.09 13.52
N GLU A 140 -4.66 -4.54 14.69
CA GLU A 140 -5.42 -3.44 15.24
C GLU A 140 -4.48 -2.35 15.76
N ASP A 141 -3.29 -2.75 16.21
CA ASP A 141 -2.32 -1.79 16.76
C ASP A 141 -0.91 -2.13 16.26
N LEU A 142 -0.34 -1.27 15.42
CA LEU A 142 0.98 -1.54 14.83
C LEU A 142 2.06 -1.52 15.92
N PRO A 143 2.78 -2.64 16.10
CA PRO A 143 3.90 -2.70 17.02
C PRO A 143 5.10 -1.94 16.48
N PHE A 144 5.35 -0.75 17.03
CA PHE A 144 6.42 0.09 16.55
C PHE A 144 7.49 0.26 17.62
N LYS A 145 8.66 0.73 17.21
CA LYS A 145 9.79 0.84 18.09
C LYS A 145 9.91 2.26 18.62
N LYS A 146 11.01 2.54 19.29
CA LYS A 146 11.28 3.86 19.84
C LYS A 146 12.08 4.71 18.87
N GLY A 147 12.21 4.23 17.64
CA GLY A 147 12.93 4.98 16.62
C GLY A 147 12.76 4.39 15.23
N GLU A 148 11.55 3.94 14.92
CA GLU A 148 11.28 3.35 13.61
C GLU A 148 10.48 4.33 12.75
N ILE A 149 10.60 4.19 11.43
CA ILE A 149 9.88 5.05 10.50
C ILE A 149 8.60 4.36 10.04
N LEU A 150 7.52 5.11 9.99
CA LEU A 150 6.24 4.60 9.58
C LEU A 150 5.71 5.43 8.45
N VAL A 151 4.77 4.88 7.72
CA VAL A 151 4.08 5.64 6.72
C VAL A 151 2.60 5.60 7.02
N ILE A 152 1.94 6.74 7.01
CA ILE A 152 0.55 6.79 7.38
C ILE A 152 -0.30 6.22 6.25
N ILE A 153 -0.53 4.91 6.36
CA ILE A 153 -1.26 4.16 5.35
C ILE A 153 -2.74 4.48 5.43
N GLU A 154 -3.28 4.49 6.64
CA GLU A 154 -4.65 4.90 6.86
C GLU A 154 -4.68 5.94 7.98
N LYS A 155 -5.50 6.98 7.85
CA LYS A 155 -5.65 7.94 8.93
C LYS A 155 -7.12 8.12 9.30
N PRO A 156 -7.64 7.27 10.20
CA PRO A 156 -9.03 7.35 10.66
C PRO A 156 -9.26 8.45 11.69
N GLU A 157 -8.59 8.36 12.84
CA GLU A 157 -8.91 9.23 13.97
C GLU A 157 -7.98 10.43 14.03
N GLU A 158 -8.13 11.24 15.08
CA GLU A 158 -7.34 12.44 15.26
C GLU A 158 -6.06 12.14 16.04
N GLN A 159 -6.21 11.51 17.20
CA GLN A 159 -5.05 11.20 18.05
C GLN A 159 -4.56 9.78 17.80
N TRP A 160 -5.23 9.08 16.90
CA TRP A 160 -4.81 7.75 16.50
C TRP A 160 -4.73 7.66 14.98
N TRP A 161 -3.57 7.27 14.47
CA TRP A 161 -3.36 7.12 13.03
C TRP A 161 -2.93 5.70 12.73
N SER A 162 -3.33 5.17 11.60
CA SER A 162 -2.98 3.81 11.24
C SER A 162 -1.82 3.84 10.26
N ALA A 163 -0.62 3.61 10.75
CA ALA A 163 0.55 3.69 9.90
C ALA A 163 1.09 2.31 9.58
N ARG A 164 1.89 2.23 8.52
CA ARG A 164 2.51 0.99 8.15
C ARG A 164 3.95 1.00 8.61
N ASN A 165 4.33 -0.06 9.31
CA ASN A 165 5.67 -0.21 9.83
C ASN A 165 6.67 -0.34 8.68
N LYS A 166 7.94 -0.14 8.99
CA LYS A 166 8.98 -0.23 7.98
C LYS A 166 9.12 -1.67 7.48
N ASP A 167 8.48 -2.61 8.19
CA ASP A 167 8.52 -4.01 7.79
C ASP A 167 7.31 -4.36 6.94
N GLY A 168 6.40 -3.39 6.78
CA GLY A 168 5.22 -3.62 5.99
C GLY A 168 4.08 -4.21 6.80
N ARG A 169 3.44 -3.36 7.60
CA ARG A 169 2.34 -3.79 8.46
C ARG A 169 1.43 -2.63 8.80
N VAL A 170 0.13 -2.85 8.71
CA VAL A 170 -0.83 -1.80 9.00
C VAL A 170 -1.47 -1.98 10.37
N GLY A 171 -1.25 -1.01 11.25
CA GLY A 171 -1.91 -1.01 12.53
C GLY A 171 -2.13 0.40 13.05
N MET A 172 -2.95 0.53 14.09
CA MET A 172 -3.24 1.82 14.69
C MET A 172 -2.11 2.24 15.62
N ILE A 173 -1.75 3.51 15.56
CA ILE A 173 -0.68 4.05 16.39
C ILE A 173 -1.08 5.42 16.94
N PRO A 174 -0.65 5.76 18.16
CA PRO A 174 -0.97 7.03 18.81
C PRO A 174 -0.09 8.18 18.32
N VAL A 175 -0.71 9.32 18.07
CA VAL A 175 0.01 10.53 17.66
C VAL A 175 0.96 11.04 18.74
N PRO A 176 0.57 11.06 20.05
CA PRO A 176 1.48 11.47 21.13
C PRO A 176 2.64 10.47 21.35
N TYR A 177 2.79 9.54 20.43
CA TYR A 177 3.86 8.55 20.48
C TYR A 177 4.85 8.76 19.33
N VAL A 178 4.50 9.67 18.42
CA VAL A 178 5.22 9.77 17.15
C VAL A 178 5.61 11.21 16.82
N GLU A 179 6.53 11.33 15.87
CA GLU A 179 6.92 12.62 15.30
C GLU A 179 6.84 12.56 13.79
N LYS A 180 6.79 13.71 13.16
CA LYS A 180 6.63 13.79 11.71
C LYS A 180 7.97 14.05 11.04
N LEU A 181 8.22 13.36 9.94
CA LEU A 181 9.48 13.50 9.22
C LEU A 181 9.45 14.72 8.30
N VAL A 182 8.32 14.92 7.63
CA VAL A 182 8.14 16.05 6.73
C VAL A 182 6.91 16.85 7.14
N ARG A 183 7.14 17.98 7.77
CA ARG A 183 6.05 18.83 8.24
C ARG A 183 6.59 20.19 8.66
N SER A 184 6.91 20.31 9.94
CA SER A 184 7.43 21.54 10.53
C SER A 184 7.52 21.36 12.05
N SER A 185 8.72 21.20 12.55
CA SER A 185 8.95 21.12 13.98
C SER A 185 8.74 22.49 14.62
N PRO A 186 8.66 22.57 15.95
CA PRO A 186 8.51 23.85 16.65
C PRO A 186 9.66 24.80 16.35
N HIS A 187 9.44 25.71 15.41
CA HIS A 187 10.43 26.71 15.06
C HIS A 187 9.99 28.06 15.62
N GLY A 188 8.72 28.37 15.45
CA GLY A 188 8.18 29.62 15.95
C GLY A 188 8.45 30.77 15.01
N LYS A 189 9.72 30.95 14.66
CA LYS A 189 10.14 32.05 13.80
C LYS A 189 10.01 31.64 12.33
N HIS A 190 9.27 30.57 12.06
CA HIS A 190 9.09 30.08 10.70
C HIS A 190 7.92 30.80 10.04
N GLY A 191 8.17 31.99 9.55
CA GLY A 191 7.14 32.77 8.90
C GLY A 191 7.72 33.85 8.02
N ASN A 192 8.43 33.41 6.99
CA ASN A 192 9.11 34.33 6.07
C ASN A 192 8.13 35.16 5.25
N ARG A 193 8.64 36.21 4.63
CA ARG A 193 7.82 37.16 3.89
C ARG A 193 7.24 36.52 2.63
N ASN A 194 5.93 36.28 2.64
CA ASN A 194 5.17 35.83 1.46
C ASN A 194 5.47 34.38 1.11
N SER A 195 6.73 34.08 0.81
CA SER A 195 7.18 32.78 0.32
C SER A 195 6.35 32.33 -0.89
N ASN A 196 6.40 31.04 -1.20
CA ASN A 196 5.70 30.53 -2.36
C ASN A 196 4.74 29.40 -1.94
N SER A 197 3.78 29.12 -2.78
CA SER A 197 2.78 28.11 -2.49
C SER A 197 3.36 26.71 -2.63
N TYR A 198 3.07 25.85 -1.67
CA TYR A 198 3.55 24.48 -1.71
C TYR A 198 2.35 23.53 -1.71
N GLY A 199 2.57 22.31 -2.17
CA GLY A 199 1.49 21.33 -2.24
C GLY A 199 1.67 20.37 -3.39
N ILE A 200 2.46 20.77 -4.38
CA ILE A 200 2.79 19.90 -5.50
C ILE A 200 3.55 18.66 -5.01
N PRO A 201 3.00 17.47 -5.27
CA PRO A 201 3.63 16.21 -4.85
C PRO A 201 4.72 15.77 -5.81
N GLU A 202 5.95 15.73 -5.31
CA GLU A 202 7.07 15.27 -6.12
C GLU A 202 7.10 13.74 -6.16
N PRO A 203 7.91 13.13 -7.05
CA PRO A 203 8.02 11.67 -7.20
C PRO A 203 8.54 10.99 -5.94
N ALA A 204 8.97 11.78 -4.96
CA ALA A 204 9.45 11.25 -3.68
C ALA A 204 8.35 10.46 -2.97
N HIS A 205 7.10 10.81 -3.23
CA HIS A 205 5.97 10.10 -2.64
C HIS A 205 5.73 8.81 -3.44
N ALA A 206 6.60 7.83 -3.22
CA ALA A 206 6.57 6.59 -3.98
C ALA A 206 5.45 5.67 -3.51
N ALA A 208 1.76 4.24 -1.99
CA ALA A 208 1.26 4.16 -0.63
C ALA A 208 1.02 2.70 -0.27
N GLN A 209 1.72 1.82 -0.98
CA GLN A 209 1.56 0.38 -0.80
C GLN A 209 2.06 -0.05 0.57
N PRO A 210 1.42 -1.06 1.17
CA PRO A 210 1.84 -1.60 2.48
C PRO A 210 3.22 -2.24 2.41
N GLN A 211 3.65 -2.58 1.19
CA GLN A 211 4.95 -3.22 0.94
C GLN A 211 4.95 -4.65 1.49
N THR A 212 6.02 -5.41 1.25
CA THR A 212 6.09 -6.77 1.74
C THR A 212 7.48 -7.37 1.55
N THR A 213 8.01 -7.91 2.66
CA THR A 213 9.27 -8.67 2.67
C THR A 213 10.37 -8.00 1.83
N THR A 214 10.97 -6.96 2.35
CA THR A 214 12.03 -6.25 1.63
C THR A 214 13.21 -5.91 2.56
N PRO A 215 12.98 -5.11 3.62
CA PRO A 215 14.05 -4.79 4.59
C PRO A 215 14.35 -5.97 5.50
N LEU A 216 15.23 -5.77 6.46
CA LEU A 216 15.54 -6.82 7.42
C LEU A 216 14.35 -7.05 8.35
N PRO A 217 13.95 -8.33 8.51
CA PRO A 217 12.81 -8.70 9.36
C PRO A 217 12.97 -8.21 10.79
N ALA A 218 11.85 -7.97 11.46
CA ALA A 218 11.87 -7.46 12.82
C ALA A 218 12.23 -8.58 13.81
N VAL A 219 13.52 -8.85 13.94
CA VAL A 219 14.00 -9.82 14.90
C VAL A 219 14.22 -9.14 16.25
N SER A 220 14.86 -7.98 16.22
CA SER A 220 15.05 -7.17 17.40
C SER A 220 14.08 -5.99 17.38
N GLY A 221 13.50 -5.69 18.53
CA GLY A 221 12.51 -4.63 18.62
C GLY A 221 11.35 -5.02 19.51
N SER A 222 10.14 -4.78 19.03
CA SER A 222 8.95 -5.10 19.80
C SER A 222 7.99 -5.98 18.99
N PRO A 223 8.22 -7.31 19.00
CA PRO A 223 7.40 -8.28 18.30
C PRO A 223 6.36 -8.93 19.22
N GLY A 224 6.04 -10.18 18.94
CA GLY A 224 5.11 -10.92 19.77
C GLY A 224 5.59 -12.34 20.01
N ALA A 225 4.90 -13.06 20.87
CA ALA A 225 5.25 -14.45 21.18
C ALA A 225 4.90 -15.36 20.02
N ALA A 226 3.82 -15.00 19.29
CA ALA A 226 3.34 -15.75 18.14
C ALA A 226 2.68 -17.08 18.54
N ILE A 227 3.41 -17.89 19.31
CA ILE A 227 2.88 -19.15 19.80
C ILE A 227 1.69 -18.91 20.72
N THR A 228 0.74 -19.83 20.70
CA THR A 228 -0.46 -19.69 21.52
C THR A 228 -0.87 -21.05 22.11
N PRO A 229 -0.01 -21.64 22.96
CA PRO A 229 -0.17 -23.01 23.44
C PRO A 229 -1.11 -23.10 24.65
N LEU A 230 -2.17 -22.32 24.64
CA LEU A 230 -3.14 -22.35 25.72
C LEU A 230 -4.57 -22.37 25.16
N PRO A 231 -5.00 -21.35 24.39
CA PRO A 231 -6.32 -21.33 23.76
C PRO A 231 -6.29 -22.00 22.39
N SER A 232 -5.20 -22.69 22.10
CA SER A 232 -5.02 -23.35 20.83
C SER A 232 -4.15 -24.58 21.02
N THR A 233 -3.71 -25.17 19.93
CA THR A 233 -2.88 -26.36 19.96
C THR A 233 -1.51 -26.06 20.59
N GLN A 234 -1.09 -26.92 21.52
CA GLN A 234 0.14 -26.69 22.25
C GLN A 234 1.35 -26.99 21.38
N ASN A 235 1.19 -27.94 20.47
CA ASN A 235 2.28 -28.40 19.60
C ASN A 235 3.38 -29.06 20.42
N GLY A 236 3.22 -30.35 20.67
CA GLY A 236 4.20 -31.09 21.43
C GLY A 236 5.45 -31.37 20.63
N PRO A 237 6.61 -31.50 21.30
CA PRO A 237 7.88 -31.77 20.63
C PRO A 237 7.91 -33.15 19.98
N VAL A 238 8.84 -33.34 19.06
CA VAL A 238 9.00 -34.62 18.39
C VAL A 238 9.97 -35.47 19.19
N PHE A 239 9.58 -36.69 19.39
CA PHE A 239 10.28 -37.58 20.28
C PHE A 239 10.83 -38.78 19.50
N ALA A 240 12.15 -38.98 19.59
CA ALA A 240 12.84 -39.94 18.74
C ALA A 240 13.62 -40.96 19.56
N LYS A 241 13.90 -42.10 18.93
CA LYS A 241 14.73 -43.14 19.55
C LYS A 241 16.13 -43.07 18.95
N ALA A 242 17.14 -43.06 19.81
CA ALA A 242 18.52 -42.99 19.36
C ALA A 242 18.97 -44.34 18.81
N ILE A 243 19.06 -44.43 17.48
CA ILE A 243 19.47 -45.68 16.83
C ILE A 243 20.99 -45.81 16.82
N GLN A 244 21.66 -44.70 17.08
CA GLN A 244 23.09 -44.70 17.26
C GLN A 244 23.43 -44.09 18.63
N LYS A 245 24.71 -43.87 18.87
CA LYS A 245 25.13 -43.34 20.17
C LYS A 245 25.96 -42.07 19.96
N ARG A 246 26.23 -41.37 21.06
CA ARG A 246 26.99 -40.13 21.01
C ARG A 246 27.80 -39.93 22.29
N VAL A 247 29.09 -39.73 22.12
CA VAL A 247 29.96 -39.38 23.22
C VAL A 247 30.59 -38.01 22.97
N PRO A 248 31.03 -37.31 24.03
CA PRO A 248 31.63 -35.98 23.91
C PRO A 248 32.93 -35.98 23.09
N CYS A 249 32.86 -35.45 21.89
CA CYS A 249 34.04 -35.29 21.04
C CYS A 249 34.77 -34.00 21.41
N ALA A 250 35.96 -33.80 20.85
CA ALA A 250 36.77 -32.63 21.15
C ALA A 250 36.04 -31.33 20.87
N TYR A 251 35.29 -31.28 19.78
CA TYR A 251 34.53 -30.08 19.43
C TYR A 251 33.05 -30.28 19.73
N ASP A 252 32.73 -31.43 20.31
CA ASP A 252 31.36 -31.74 20.69
C ASP A 252 31.18 -31.59 22.20
N LYS A 253 31.60 -30.45 22.73
CA LYS A 253 31.42 -30.16 24.15
C LYS A 253 29.94 -29.98 24.45
N THR A 254 29.18 -29.62 23.42
CA THR A 254 27.74 -29.42 23.55
C THR A 254 26.98 -30.69 23.14
N ALA A 255 27.69 -31.80 23.08
CA ALA A 255 27.11 -33.06 22.66
C ALA A 255 26.36 -33.73 23.79
N LEU A 256 25.12 -34.10 23.51
CA LEU A 256 24.34 -34.90 24.44
C LEU A 256 24.78 -36.35 24.30
N ALA A 257 25.13 -36.98 25.41
CA ALA A 257 25.60 -38.34 25.38
C ALA A 257 24.43 -39.30 25.37
N LEU A 258 24.32 -40.07 24.31
CA LEU A 258 23.21 -40.98 24.11
C LEU A 258 23.72 -42.35 23.72
N GLU A 259 22.88 -43.36 23.89
CA GLU A 259 23.23 -44.72 23.49
C GLU A 259 22.08 -45.34 22.71
N VAL A 260 22.34 -46.47 22.08
CA VAL A 260 21.34 -47.11 21.23
C VAL A 260 20.15 -47.60 22.05
N GLY A 261 18.96 -47.26 21.59
CA GLY A 261 17.75 -47.67 22.27
C GLY A 261 17.28 -46.62 23.26
N ASP A 262 17.97 -45.49 23.31
CA ASP A 262 17.66 -44.45 24.28
C ASP A 262 16.56 -43.54 23.77
N ILE A 263 15.91 -42.84 24.69
CA ILE A 263 14.84 -41.92 24.34
C ILE A 263 15.39 -40.51 24.21
N VAL A 264 15.17 -39.91 23.05
CA VAL A 264 15.61 -38.54 22.81
C VAL A 264 14.40 -37.64 22.58
N LYS A 265 13.97 -36.97 23.64
CA LYS A 265 12.86 -36.02 23.53
C LYS A 265 13.39 -34.70 22.94
N VAL A 266 13.41 -34.59 21.62
CA VAL A 266 13.99 -33.40 20.99
C VAL A 266 12.95 -32.29 20.84
N THR A 267 13.22 -31.17 21.48
CA THR A 267 12.25 -30.10 21.58
C THR A 267 12.57 -28.95 20.62
N ARG A 268 13.81 -28.90 20.16
CA ARG A 268 14.25 -27.81 19.29
C ARG A 268 14.93 -28.34 18.04
N MET A 269 14.24 -28.33 16.92
CA MET A 269 14.82 -28.79 15.67
C MET A 269 15.20 -27.60 14.80
N ASN A 270 16.50 -27.48 14.51
CA ASN A 270 16.99 -26.37 13.71
C ASN A 270 16.90 -26.67 12.22
N ILE A 271 16.36 -27.86 11.90
CA ILE A 271 16.07 -28.27 10.52
C ILE A 271 17.34 -28.65 9.75
N ASN A 272 18.41 -27.90 9.95
CA ASN A 272 19.68 -28.09 9.22
C ASN A 272 20.30 -29.46 9.51
N GLY A 273 19.85 -30.12 10.57
CA GLY A 273 20.39 -31.41 10.91
C GLY A 273 20.80 -31.49 12.35
N GLN A 274 21.15 -30.35 12.90
CA GLN A 274 21.51 -30.24 14.30
C GLN A 274 20.25 -30.06 15.14
N TRP A 275 19.94 -31.05 15.95
CA TRP A 275 18.77 -30.99 16.80
C TRP A 275 19.19 -30.84 18.26
N GLU A 276 18.40 -30.09 19.01
CA GLU A 276 18.63 -29.93 20.43
C GLU A 276 17.68 -30.84 21.21
N GLY A 277 18.25 -31.80 21.90
CA GLY A 277 17.45 -32.76 22.61
C GLY A 277 17.58 -32.60 24.11
N GLU A 278 16.53 -32.94 24.81
CA GLU A 278 16.51 -32.89 26.26
C GLU A 278 16.19 -34.29 26.79
N VAL A 279 17.19 -34.94 27.38
CA VAL A 279 17.00 -36.32 27.83
C VAL A 279 17.12 -36.42 29.35
N ASN A 280 18.28 -36.83 29.84
CA ASN A 280 18.45 -37.04 31.27
C ASN A 280 19.16 -35.85 31.89
N GLY A 281 18.39 -34.81 32.19
CA GLY A 281 18.92 -33.62 32.85
C GLY A 281 19.89 -32.85 31.98
N ARG A 282 20.04 -33.27 30.73
CA ARG A 282 20.97 -32.62 29.82
C ARG A 282 20.28 -32.23 28.52
N LYS A 283 20.44 -30.98 28.13
CA LYS A 283 19.96 -30.50 26.86
C LYS A 283 21.14 -30.10 25.99
N GLY A 284 21.37 -30.86 24.93
CA GLY A 284 22.51 -30.62 24.06
C GLY A 284 22.17 -30.89 22.61
N LEU A 285 23.18 -30.80 21.75
CA LEU A 285 22.97 -30.97 20.32
C LEU A 285 23.31 -32.38 19.86
N PHE A 286 22.55 -32.85 18.89
CA PHE A 286 22.79 -34.14 18.26
C PHE A 286 22.35 -34.10 16.80
N PRO A 287 23.09 -34.76 15.90
CA PRO A 287 22.72 -34.85 14.49
C PRO A 287 21.62 -35.88 14.27
N PHE A 288 20.74 -35.60 13.32
CA PHE A 288 19.60 -36.47 13.02
C PHE A 288 20.08 -37.85 12.53
N THR A 289 21.34 -37.94 12.16
CA THR A 289 21.89 -39.17 11.63
C THR A 289 22.07 -40.24 12.72
N HIS A 290 21.86 -39.85 13.97
CA HIS A 290 22.06 -40.77 15.09
C HIS A 290 20.73 -41.20 15.70
N VAL A 291 19.65 -40.57 15.27
CA VAL A 291 18.33 -40.90 15.79
C VAL A 291 17.36 -41.17 14.66
N LYS A 292 16.23 -41.78 14.98
CA LYS A 292 15.18 -42.00 13.99
C LYS A 292 13.82 -41.69 14.61
N ILE A 293 12.96 -41.05 13.84
CA ILE A 293 11.63 -40.71 14.31
C ILE A 293 10.73 -41.95 14.23
N PHE A 294 10.23 -42.38 15.37
CA PHE A 294 9.37 -43.55 15.41
C PHE A 294 8.02 -43.19 16.00
N ASP A 295 7.04 -44.05 15.79
CA ASP A 295 5.70 -43.84 16.27
C ASP A 295 5.51 -44.51 17.63
N PRO A 296 5.45 -43.72 18.70
CA PRO A 296 5.32 -44.25 20.06
C PRO A 296 3.92 -44.80 20.35
N GLN A 297 2.90 -44.01 20.04
CA GLN A 297 1.52 -44.36 20.34
C GLN A 297 0.65 -43.89 19.19
N ASN A 298 1.19 -44.03 17.99
CA ASN A 298 0.57 -43.49 16.80
C ASN A 298 -0.26 -44.55 16.06
N PRO A 299 0.33 -45.72 15.71
CA PRO A 299 -0.38 -46.77 14.96
C PRO A 299 -1.34 -47.56 15.83
N ASP A 300 -1.33 -47.30 17.13
CA ASP A 300 -2.21 -47.99 18.05
C ASP A 300 -2.81 -47.03 19.06
N GLU A 301 -3.75 -47.51 19.87
CA GLU A 301 -4.38 -46.67 20.89
C GLU A 301 -4.43 -47.41 22.22
N ASN A 302 -3.65 -48.47 22.34
CA ASN A 302 -3.78 -49.39 23.47
C ASN A 302 -2.56 -49.35 24.38
N GLU A 303 -2.76 -48.84 25.59
CA GLU A 303 -1.74 -48.91 26.62
C GLU A 303 -2.07 -50.04 27.59
N MET A 1 -24.79 3.82 -5.44
CA MET A 1 -24.04 3.07 -4.41
C MET A 1 -23.79 3.96 -3.19
N SER A 2 -24.45 3.64 -2.10
CA SER A 2 -24.41 4.48 -0.91
C SER A 2 -23.40 3.99 0.14
N SER A 3 -23.78 2.97 0.90
CA SER A 3 -22.94 2.50 1.98
C SER A 3 -22.15 1.26 1.57
N ALA A 4 -21.06 1.48 0.84
CA ALA A 4 -20.12 0.41 0.45
C ALA A 4 -20.83 -0.76 -0.20
N ARG A 5 -21.71 -0.45 -1.14
CA ARG A 5 -22.45 -1.48 -1.86
C ARG A 5 -22.20 -1.40 -3.35
N PHE A 6 -21.08 -1.95 -3.80
CA PHE A 6 -20.77 -1.98 -5.21
C PHE A 6 -20.78 -3.43 -5.72
N ASP A 7 -20.88 -3.58 -7.03
CA ASP A 7 -21.05 -4.89 -7.66
C ASP A 7 -19.87 -5.81 -7.39
N SER A 8 -18.66 -5.28 -7.55
CA SER A 8 -17.44 -6.07 -7.55
C SER A 8 -17.39 -6.95 -8.80
N SER A 9 -16.19 -7.37 -9.18
CA SER A 9 -15.98 -8.23 -10.36
C SER A 9 -16.18 -7.46 -11.66
N ASP A 10 -17.31 -6.75 -11.77
CA ASP A 10 -17.67 -6.03 -13.00
C ASP A 10 -16.52 -5.13 -13.48
N ARG A 11 -15.83 -5.61 -14.49
CA ARG A 11 -14.67 -4.93 -15.06
C ARG A 11 -15.03 -3.52 -15.50
N SER A 12 -16.20 -3.37 -16.10
CA SER A 12 -16.64 -2.09 -16.61
C SER A 12 -17.16 -1.18 -15.50
N ALA A 13 -16.98 -1.60 -14.25
CA ALA A 13 -17.35 -0.77 -13.11
C ALA A 13 -16.13 -0.11 -12.48
N TRP A 14 -15.09 -0.89 -12.25
CA TRP A 14 -13.92 -0.41 -11.52
C TRP A 14 -12.63 -0.50 -12.33
N TYR A 15 -12.58 -1.42 -13.28
CA TYR A 15 -11.35 -1.65 -14.03
C TYR A 15 -11.26 -0.70 -15.22
N MET A 16 -10.27 0.18 -15.21
CA MET A 16 -10.12 1.16 -16.27
C MET A 16 -8.84 0.90 -17.07
N GLY A 17 -8.20 -0.23 -16.76
CA GLY A 17 -7.00 -0.66 -17.45
C GLY A 17 -5.91 0.41 -17.54
N PRO A 18 -5.57 0.87 -18.74
CA PRO A 18 -4.52 1.88 -18.93
C PRO A 18 -4.88 3.21 -18.28
N VAL A 19 -4.27 3.49 -17.14
CA VAL A 19 -4.58 4.69 -16.37
C VAL A 19 -3.29 5.37 -15.89
N SER A 20 -2.65 4.81 -14.85
CA SER A 20 -1.29 5.18 -14.48
C SER A 20 -1.31 6.39 -13.58
N ARG A 21 -0.13 6.76 -13.10
CA ARG A 21 0.03 7.88 -12.17
C ARG A 21 -0.87 9.06 -12.53
N GLN A 22 -0.64 9.60 -13.73
CA GLN A 22 -1.33 10.82 -14.17
C GLN A 22 -2.84 10.68 -14.10
N GLU A 23 -3.38 9.68 -14.78
CA GLU A 23 -4.82 9.58 -14.98
C GLU A 23 -5.52 9.17 -13.71
N ALA A 24 -4.95 8.19 -13.01
CA ALA A 24 -5.55 7.64 -11.81
C ALA A 24 -5.84 8.71 -10.76
N GLN A 25 -4.82 9.49 -10.42
CA GLN A 25 -4.96 10.48 -9.37
C GLN A 25 -5.85 11.64 -9.82
N THR A 26 -5.80 11.95 -11.11
CA THR A 26 -6.63 13.01 -11.67
C THR A 26 -8.11 12.64 -11.63
N ARG A 27 -8.40 11.36 -11.81
CA ARG A 27 -9.77 10.87 -11.81
C ARG A 27 -10.44 11.09 -10.45
N LEU A 28 -9.63 10.97 -9.40
CA LEU A 28 -10.14 11.02 -8.04
C LEU A 28 -9.93 12.39 -7.40
N GLN A 29 -9.59 13.38 -8.21
CA GLN A 29 -9.34 14.73 -7.71
C GLN A 29 -10.61 15.46 -7.31
N GLY A 30 -10.93 15.42 -6.02
CA GLY A 30 -11.99 16.24 -5.48
C GLY A 30 -13.37 15.64 -5.67
N GLN A 31 -13.43 14.42 -6.18
CA GLN A 31 -14.71 13.74 -6.37
C GLN A 31 -15.16 13.09 -5.05
N ARG A 32 -16.10 12.14 -5.13
CA ARG A 32 -16.63 11.52 -3.92
C ARG A 32 -15.54 10.77 -3.17
N HIS A 33 -15.48 11.01 -1.87
CA HIS A 33 -14.60 10.26 -1.00
C HIS A 33 -15.16 8.86 -0.79
N GLY A 34 -14.44 7.87 -1.28
CA GLY A 34 -14.90 6.51 -1.26
C GLY A 34 -14.69 5.84 -2.60
N MET A 35 -14.44 6.65 -3.63
CA MET A 35 -14.21 6.16 -4.97
C MET A 35 -12.89 5.41 -5.07
N PHE A 36 -12.87 4.34 -5.85
CA PHE A 36 -11.65 3.59 -6.10
C PHE A 36 -11.59 3.17 -7.56
N LEU A 37 -10.40 2.85 -8.03
CA LEU A 37 -10.21 2.34 -9.39
C LEU A 37 -9.01 1.42 -9.47
N VAL A 38 -9.13 0.36 -10.23
CA VAL A 38 -8.05 -0.57 -10.47
C VAL A 38 -7.56 -0.44 -11.91
N ARG A 39 -6.26 -0.19 -12.06
CA ARG A 39 -5.69 0.08 -13.37
C ARG A 39 -4.59 -0.90 -13.71
N ASP A 40 -4.25 -0.99 -14.99
CA ASP A 40 -3.13 -1.81 -15.44
C ASP A 40 -1.85 -1.03 -15.21
N SER A 41 -1.02 -1.53 -14.31
CA SER A 41 0.15 -0.82 -13.85
C SER A 41 1.25 -0.80 -14.89
N SER A 42 1.93 0.33 -15.00
CA SER A 42 3.00 0.50 -15.96
C SER A 42 4.28 -0.14 -15.44
N THR A 43 4.30 -0.49 -14.15
CA THR A 43 5.44 -1.16 -13.56
C THR A 43 5.57 -2.57 -14.13
N CYS A 44 4.46 -3.28 -14.14
CA CYS A 44 4.39 -4.62 -14.70
C CYS A 44 3.01 -4.83 -15.30
N PRO A 45 2.90 -4.79 -16.64
CA PRO A 45 1.63 -5.02 -17.33
C PRO A 45 1.02 -6.37 -16.92
N GLY A 46 -0.14 -6.33 -16.30
CA GLY A 46 -0.72 -7.52 -15.73
C GLY A 46 -0.95 -7.35 -14.25
N ASP A 47 -0.09 -6.56 -13.62
CA ASP A 47 -0.27 -6.16 -12.24
C ASP A 47 -1.16 -4.93 -12.22
N TYR A 48 -1.64 -4.51 -11.07
CA TYR A 48 -2.63 -3.45 -11.02
C TYR A 48 -2.31 -2.44 -9.93
N VAL A 49 -3.08 -1.37 -9.89
CA VAL A 49 -2.95 -0.34 -8.85
C VAL A 49 -4.32 0.18 -8.46
N LEU A 50 -4.71 -0.11 -7.23
CA LEU A 50 -5.96 0.35 -6.65
C LEU A 50 -5.79 1.76 -6.09
N SER A 51 -6.23 2.75 -6.84
CA SER A 51 -6.19 4.13 -6.39
C SER A 51 -7.53 4.55 -5.82
N VAL A 52 -7.50 5.22 -4.67
CA VAL A 52 -8.70 5.55 -3.93
C VAL A 52 -8.71 7.03 -3.51
N SER A 53 -9.88 7.66 -3.55
CA SER A 53 -10.03 9.07 -3.18
C SER A 53 -10.63 9.18 -1.78
N GLU A 54 -9.86 9.70 -0.83
CA GLU A 54 -10.33 9.87 0.54
C GLU A 54 -9.51 10.95 1.24
N ASN A 55 -10.17 11.70 2.13
CA ASN A 55 -9.55 12.83 2.86
C ASN A 55 -8.67 13.71 1.96
N SER A 56 -9.05 13.81 0.69
CA SER A 56 -8.28 14.57 -0.29
C SER A 56 -6.89 13.98 -0.50
N ARG A 57 -6.87 12.76 -1.01
CA ARG A 57 -5.65 12.06 -1.35
C ARG A 57 -5.98 10.95 -2.34
N VAL A 58 -4.97 10.39 -2.97
CA VAL A 58 -5.18 9.25 -3.86
C VAL A 58 -4.40 8.05 -3.35
N SER A 59 -5.04 7.25 -2.52
CA SER A 59 -4.44 6.07 -1.92
C SER A 59 -4.05 5.05 -2.99
N HIS A 60 -2.76 4.80 -3.12
CA HIS A 60 -2.27 3.88 -4.13
C HIS A 60 -1.91 2.52 -3.55
N TYR A 61 -2.83 1.56 -3.65
CA TYR A 61 -2.57 0.19 -3.18
C TYR A 61 -2.34 -0.76 -4.35
N ILE A 62 -1.12 -1.28 -4.48
CA ILE A 62 -0.76 -2.10 -5.66
C ILE A 62 -1.32 -3.53 -5.56
N ILE A 63 -1.80 -4.02 -6.70
CA ILE A 63 -2.28 -5.39 -6.81
C ILE A 63 -1.32 -6.21 -7.68
N ASN A 64 -0.80 -7.28 -7.12
CA ASN A 64 0.23 -8.06 -7.79
C ASN A 64 -0.33 -9.40 -8.23
N SER A 65 -0.16 -9.69 -9.51
CA SER A 65 -0.64 -10.95 -10.05
C SER A 65 0.36 -12.06 -9.73
N LEU A 66 0.05 -12.85 -8.72
CA LEU A 66 0.88 -14.00 -8.39
C LEU A 66 0.79 -15.00 -9.51
N PRO A 67 1.95 -15.48 -10.00
CA PRO A 67 2.03 -16.37 -11.16
C PRO A 67 0.93 -17.43 -11.19
N ASN A 68 0.98 -18.37 -10.28
CA ASN A 68 0.14 -19.54 -10.42
C ASN A 68 -0.72 -19.66 -9.19
N ARG A 69 -1.05 -18.52 -8.64
CA ARG A 69 -1.76 -18.50 -7.37
C ARG A 69 -2.97 -17.57 -7.40
N ARG A 70 -2.76 -16.33 -7.02
CA ARG A 70 -3.86 -15.41 -6.73
C ARG A 70 -3.42 -13.96 -6.86
N PHE A 71 -4.27 -13.04 -6.43
CA PHE A 71 -3.91 -11.63 -6.41
C PHE A 71 -3.44 -11.22 -5.02
N LYS A 72 -2.29 -10.57 -4.99
CA LYS A 72 -1.62 -10.22 -3.74
C LYS A 72 -1.40 -8.71 -3.70
N ILE A 73 -2.21 -8.00 -2.92
CA ILE A 73 -2.15 -6.54 -2.91
C ILE A 73 -0.90 -6.04 -2.17
N GLY A 74 0.20 -5.95 -2.92
CA GLY A 74 1.44 -5.41 -2.38
C GLY A 74 2.18 -6.39 -1.49
N ASP A 75 1.44 -7.19 -0.75
CA ASP A 75 2.03 -8.08 0.27
C ASP A 75 1.00 -9.08 0.75
N GLN A 76 -0.17 -8.60 1.14
CA GLN A 76 -1.21 -9.49 1.60
C GLN A 76 -1.94 -10.10 0.41
N GLU A 77 -1.94 -11.42 0.34
CA GLU A 77 -2.66 -12.12 -0.70
C GLU A 77 -4.04 -12.53 -0.21
N PHE A 78 -5.01 -12.47 -1.10
CA PHE A 78 -6.38 -12.78 -0.74
C PHE A 78 -6.87 -14.01 -1.49
N ASP A 79 -7.20 -13.82 -2.76
CA ASP A 79 -7.72 -14.91 -3.60
C ASP A 79 -7.94 -14.40 -5.01
N HIS A 80 -8.69 -13.33 -5.12
CA HIS A 80 -8.94 -12.68 -6.40
C HIS A 80 -9.11 -11.17 -6.18
N LEU A 81 -9.30 -10.42 -7.27
CA LEU A 81 -9.40 -8.96 -7.18
C LEU A 81 -10.55 -8.51 -6.27
N PRO A 82 -11.80 -8.89 -6.56
CA PRO A 82 -12.96 -8.53 -5.71
C PRO A 82 -12.84 -9.07 -4.28
N ALA A 83 -11.83 -9.91 -4.03
CA ALA A 83 -11.67 -10.51 -2.71
C ALA A 83 -10.85 -9.61 -1.79
N LEU A 84 -10.04 -8.74 -2.39
CA LEU A 84 -9.32 -7.75 -1.62
C LEU A 84 -10.19 -6.52 -1.44
N LEU A 85 -11.06 -6.30 -2.43
CA LEU A 85 -11.97 -5.17 -2.41
C LEU A 85 -13.00 -5.31 -1.30
N GLU A 86 -13.29 -6.54 -0.89
CA GLU A 86 -14.27 -6.78 0.17
C GLU A 86 -13.62 -6.69 1.55
N PHE A 87 -12.30 -6.73 1.62
CA PHE A 87 -11.59 -6.58 2.89
C PHE A 87 -11.51 -5.11 3.26
N TYR A 88 -11.30 -4.27 2.27
CA TYR A 88 -11.19 -2.84 2.50
C TYR A 88 -12.55 -2.20 2.69
N LYS A 89 -13.60 -3.02 2.68
CA LYS A 89 -14.95 -2.55 2.97
C LYS A 89 -15.25 -2.56 4.46
N ILE A 90 -14.33 -3.08 5.28
CA ILE A 90 -14.52 -3.06 6.73
C ILE A 90 -13.27 -2.54 7.45
N HIS A 91 -12.12 -2.73 6.83
CA HIS A 91 -10.86 -2.23 7.36
C HIS A 91 -10.71 -0.76 7.06
N TYR A 92 -11.47 -0.30 6.07
CA TYR A 92 -11.29 1.02 5.49
C TYR A 92 -9.96 1.06 4.75
N LEU A 93 -9.69 2.15 4.07
CA LEU A 93 -8.35 2.43 3.59
C LEU A 93 -7.85 3.66 4.32
N ASP A 94 -8.70 4.14 5.21
CA ASP A 94 -8.47 5.37 5.96
C ASP A 94 -9.65 5.53 6.92
N THR A 95 -10.36 6.65 6.81
CA THR A 95 -11.61 6.83 7.52
C THR A 95 -12.76 6.41 6.62
N THR A 96 -12.42 6.06 5.39
CA THR A 96 -13.40 5.67 4.39
C THR A 96 -13.12 4.24 3.90
N THR A 97 -14.18 3.47 3.68
CA THR A 97 -14.05 2.15 3.09
C THR A 97 -14.26 2.23 1.58
N LEU A 98 -14.15 1.11 0.90
CA LEU A 98 -14.48 1.06 -0.52
C LEU A 98 -15.99 1.25 -0.70
N ILE A 99 -16.38 2.44 -1.08
CA ILE A 99 -17.79 2.79 -1.23
C ILE A 99 -18.29 2.42 -2.62
N GLU A 100 -17.76 3.07 -3.63
CA GLU A 100 -18.11 2.76 -5.01
C GLU A 100 -16.94 3.06 -5.94
N PRO A 101 -16.89 2.41 -7.11
CA PRO A 101 -15.87 2.68 -8.12
C PRO A 101 -16.04 4.07 -8.73
N ALA A 102 -14.93 4.70 -9.07
CA ALA A 102 -14.94 6.01 -9.67
C ALA A 102 -15.50 5.95 -11.08
N PRO A 103 -16.20 7.00 -11.53
CA PRO A 103 -16.71 7.07 -12.91
C PRO A 103 -15.56 7.10 -13.91
N ARG A 104 -15.62 6.20 -14.88
CA ARG A 104 -14.60 6.14 -15.92
C ARG A 104 -14.78 7.29 -16.90
N TYR A 105 -14.33 8.47 -16.49
CA TYR A 105 -14.53 9.69 -17.26
C TYR A 105 -13.27 10.55 -17.21
N PRO A 106 -12.61 10.74 -18.36
CA PRO A 106 -11.43 11.59 -18.46
C PRO A 106 -11.78 13.07 -18.28
N SER A 107 -10.94 13.79 -17.55
CA SER A 107 -11.17 15.21 -17.24
C SER A 107 -12.48 15.40 -16.46
N PRO A 108 -12.41 15.28 -15.13
CA PRO A 108 -13.58 15.42 -14.26
C PRO A 108 -14.20 16.82 -14.31
N PRO A 109 -15.48 16.94 -13.97
CA PRO A 109 -16.18 18.22 -13.98
C PRO A 109 -15.63 19.19 -12.94
N MET A 110 -15.04 18.65 -11.88
CA MET A 110 -14.50 19.46 -10.79
C MET A 110 -13.08 19.03 -10.48
N GLY A 111 -12.48 19.67 -9.49
CA GLY A 111 -11.14 19.30 -9.07
C GLY A 111 -10.07 20.03 -9.85
N SER A 112 -9.88 19.62 -11.09
CA SER A 112 -8.86 20.18 -11.99
C SER A 112 -7.44 19.87 -11.49
N VAL A 113 -7.11 20.39 -10.32
CA VAL A 113 -5.83 20.15 -9.67
C VAL A 113 -6.02 20.07 -8.16
N SER A 114 -5.94 21.22 -7.49
CA SER A 114 -6.29 21.33 -6.07
C SER A 114 -5.33 20.51 -5.19
N ALA A 115 -5.72 20.31 -3.94
CA ALA A 115 -4.95 19.53 -2.99
C ALA A 115 -5.30 18.02 -3.06
N PRO A 116 -6.60 17.64 -3.12
CA PRO A 116 -7.01 16.23 -3.24
C PRO A 116 -6.30 15.49 -4.38
N ASN A 117 -5.22 14.81 -4.02
CA ASN A 117 -4.39 14.08 -4.97
C ASN A 117 -3.26 13.41 -4.21
N LEU A 118 -2.46 12.57 -4.87
CA LEU A 118 -1.30 11.98 -4.22
C LEU A 118 -0.31 11.41 -5.24
N PRO A 119 0.54 12.27 -5.82
CA PRO A 119 1.72 11.82 -6.56
C PRO A 119 2.88 11.64 -5.59
N THR A 120 2.92 12.54 -4.63
CA THR A 120 3.84 12.52 -3.51
C THR A 120 3.18 13.34 -2.40
N ALA A 121 3.61 13.15 -1.17
CA ALA A 121 2.98 13.83 -0.03
C ALA A 121 3.15 15.34 -0.05
N GLU A 122 3.83 15.87 -1.07
CA GLU A 122 4.06 17.31 -1.22
C GLU A 122 5.09 17.79 -0.20
N ASP A 123 4.72 17.70 1.07
CA ASP A 123 5.54 18.24 2.13
C ASP A 123 5.49 17.35 3.37
N ASN A 124 4.28 16.88 3.71
CA ASN A 124 4.08 16.10 4.92
C ASN A 124 3.07 14.97 4.68
N LEU A 125 3.02 14.03 5.62
CA LEU A 125 2.17 12.83 5.52
C LEU A 125 2.70 11.87 4.46
N GLU A 126 3.79 11.20 4.80
CA GLU A 126 4.53 10.34 3.88
C GLU A 126 5.46 9.47 4.69
N TYR A 127 6.60 10.03 5.06
CA TYR A 127 7.60 9.33 5.87
C TYR A 127 7.60 9.82 7.30
N VAL A 128 7.21 8.93 8.19
CA VAL A 128 7.14 9.22 9.60
C VAL A 128 7.90 8.17 10.40
N ARG A 129 8.71 8.60 11.34
CA ARG A 129 9.49 7.68 12.16
C ARG A 129 9.00 7.67 13.59
N THR A 130 8.98 6.49 14.18
CA THR A 130 8.49 6.32 15.53
C THR A 130 9.62 6.40 16.55
N LEU A 131 9.36 7.07 17.67
CA LEU A 131 10.37 7.35 18.67
C LEU A 131 10.14 6.54 19.94
N TYR A 132 8.89 6.19 20.20
CA TYR A 132 8.50 5.57 21.47
C TYR A 132 8.75 4.06 21.48
N ASP A 133 8.50 3.42 20.33
CA ASP A 133 8.57 1.95 20.20
C ASP A 133 7.35 1.30 20.86
N PHE A 134 6.46 0.78 20.03
CA PHE A 134 5.25 0.13 20.50
C PHE A 134 4.99 -1.11 19.65
N PRO A 135 5.34 -2.28 20.16
CA PRO A 135 5.17 -3.54 19.46
C PRO A 135 3.80 -4.17 19.72
N GLY A 136 2.77 -3.64 19.05
CA GLY A 136 1.45 -4.23 19.17
C GLY A 136 1.33 -5.48 18.31
N ASN A 137 2.19 -5.55 17.31
CA ASN A 137 2.27 -6.69 16.38
C ASN A 137 0.91 -7.07 15.80
N ASP A 138 0.23 -6.11 15.19
CA ASP A 138 -1.07 -6.36 14.57
C ASP A 138 -1.31 -5.35 13.45
N ALA A 139 -2.36 -5.55 12.66
CA ALA A 139 -2.70 -4.64 11.59
C ALA A 139 -3.44 -3.41 12.14
N GLU A 140 -3.92 -3.52 13.36
CA GLU A 140 -4.56 -2.39 14.02
C GLU A 140 -3.63 -1.80 15.07
N ASP A 141 -2.54 -2.49 15.35
CA ASP A 141 -1.50 -1.98 16.23
C ASP A 141 -0.14 -2.27 15.61
N LEU A 142 0.39 -1.33 14.84
CA LEU A 142 1.64 -1.55 14.13
C LEU A 142 2.81 -1.65 15.10
N PRO A 143 3.54 -2.77 15.06
CA PRO A 143 4.76 -2.94 15.84
C PRO A 143 5.88 -2.08 15.29
N PHE A 144 6.12 -0.94 15.91
CA PHE A 144 7.18 -0.05 15.47
C PHE A 144 8.24 0.09 16.53
N LYS A 145 9.45 0.43 16.11
CA LYS A 145 10.59 0.51 17.01
C LYS A 145 10.90 1.94 17.39
N LYS A 146 11.88 2.10 18.26
CA LYS A 146 12.35 3.42 18.67
C LYS A 146 13.37 3.92 17.65
N GLY A 147 12.88 4.23 16.48
CA GLY A 147 13.73 4.68 15.39
C GLY A 147 13.40 3.96 14.09
N GLU A 148 12.17 3.46 14.00
CA GLU A 148 11.73 2.74 12.82
C GLU A 148 11.05 3.71 11.85
N ILE A 149 11.09 3.39 10.57
CA ILE A 149 10.52 4.25 9.55
C ILE A 149 9.20 3.69 9.07
N LEU A 150 8.18 4.53 9.09
CA LEU A 150 6.86 4.12 8.66
C LEU A 150 6.40 5.04 7.55
N VAL A 151 5.46 4.58 6.76
CA VAL A 151 4.84 5.41 5.75
C VAL A 151 3.37 5.57 6.10
N ILE A 152 2.91 6.81 6.13
CA ILE A 152 1.53 7.07 6.53
C ILE A 152 0.59 6.69 5.40
N ILE A 153 0.10 5.47 5.47
CA ILE A 153 -0.69 4.88 4.42
C ILE A 153 -2.17 5.14 4.63
N GLU A 154 -2.60 5.19 5.89
CA GLU A 154 -3.97 5.53 6.21
C GLU A 154 -3.93 6.58 7.34
N LYS A 155 -4.84 7.54 7.33
CA LYS A 155 -4.91 8.51 8.42
C LYS A 155 -6.36 8.91 8.69
N PRO A 156 -7.14 8.01 9.33
CA PRO A 156 -8.55 8.25 9.62
C PRO A 156 -8.72 9.35 10.67
N GLU A 157 -7.85 9.32 11.66
CA GLU A 157 -7.93 10.24 12.78
C GLU A 157 -6.75 11.21 12.74
N GLU A 158 -6.69 12.08 13.73
CA GLU A 158 -5.58 13.02 13.85
C GLU A 158 -4.71 12.65 15.04
N GLN A 159 -5.29 11.85 15.93
CA GLN A 159 -4.60 11.35 17.10
C GLN A 159 -3.91 10.04 16.76
N TRP A 160 -4.51 9.30 15.84
CA TRP A 160 -3.99 8.01 15.41
C TRP A 160 -3.89 7.96 13.88
N TRP A 161 -2.76 7.47 13.38
CA TRP A 161 -2.54 7.29 11.95
C TRP A 161 -2.17 5.85 11.65
N SER A 162 -2.75 5.26 10.63
CA SER A 162 -2.37 3.92 10.22
C SER A 162 -1.16 3.99 9.28
N ALA A 163 0.02 3.72 9.80
CA ALA A 163 1.22 3.76 8.98
C ALA A 163 1.71 2.35 8.68
N ARG A 164 2.54 2.21 7.66
CA ARG A 164 3.07 0.91 7.31
C ARG A 164 4.53 0.80 7.75
N ASN A 165 4.86 -0.32 8.37
CA ASN A 165 6.21 -0.60 8.83
C ASN A 165 7.15 -0.72 7.63
N LYS A 166 8.45 -0.78 7.88
CA LYS A 166 9.43 -1.02 6.82
C LYS A 166 9.18 -2.40 6.17
N ASP A 167 8.42 -3.23 6.87
CA ASP A 167 8.03 -4.53 6.36
C ASP A 167 6.75 -4.42 5.52
N GLY A 168 6.21 -3.21 5.45
CA GLY A 168 5.04 -2.95 4.60
C GLY A 168 3.72 -3.14 5.31
N ARG A 169 3.78 -3.67 6.52
CA ARG A 169 2.58 -4.00 7.28
C ARG A 169 1.85 -2.72 7.70
N VAL A 170 0.56 -2.66 7.44
CA VAL A 170 -0.24 -1.50 7.81
C VAL A 170 -0.80 -1.68 9.21
N GLY A 171 -0.59 -0.69 10.06
CA GLY A 171 -1.14 -0.75 11.40
C GLY A 171 -1.37 0.63 11.97
N MET A 172 -2.37 0.75 12.82
CA MET A 172 -2.69 2.01 13.47
C MET A 172 -1.60 2.37 14.47
N ILE A 173 -1.12 3.60 14.39
CA ILE A 173 -0.07 4.08 15.26
C ILE A 173 -0.42 5.46 15.83
N PRO A 174 0.00 5.75 17.06
CA PRO A 174 -0.29 7.04 17.70
C PRO A 174 0.62 8.15 17.18
N VAL A 175 0.02 9.30 16.89
CA VAL A 175 0.75 10.46 16.38
C VAL A 175 1.75 11.02 17.42
N PRO A 176 1.38 11.11 18.72
CA PRO A 176 2.34 11.55 19.76
C PRO A 176 3.53 10.59 19.94
N TYR A 177 3.49 9.48 19.22
CA TYR A 177 4.56 8.50 19.26
C TYR A 177 5.56 8.69 18.12
N VAL A 178 5.25 9.61 17.20
CA VAL A 178 6.00 9.69 15.95
C VAL A 178 6.56 11.08 15.67
N GLU A 179 7.51 11.14 14.74
CA GLU A 179 8.02 12.38 14.19
C GLU A 179 8.24 12.24 12.69
N LYS A 180 8.38 13.35 12.00
CA LYS A 180 8.43 13.32 10.55
C LYS A 180 9.88 13.40 10.06
N LEU A 181 10.19 12.59 9.04
CA LEU A 181 11.54 12.48 8.49
C LEU A 181 12.13 13.83 8.08
N VAL A 182 11.75 14.32 6.90
CA VAL A 182 12.39 15.50 6.33
C VAL A 182 11.44 16.70 6.31
N ARG A 183 10.14 16.43 6.17
CA ARG A 183 9.13 17.48 6.06
C ARG A 183 9.29 18.27 4.76
N SER A 184 9.99 17.65 3.80
CA SER A 184 10.19 18.21 2.46
C SER A 184 11.23 17.37 1.72
N SER A 185 10.87 16.87 0.56
CA SER A 185 11.78 16.06 -0.23
C SER A 185 12.79 16.96 -0.95
N PRO A 186 14.06 16.53 -1.03
CA PRO A 186 15.14 17.30 -1.66
C PRO A 186 14.84 17.65 -3.12
N HIS A 187 14.56 18.92 -3.36
CA HIS A 187 14.33 19.42 -4.71
C HIS A 187 15.30 20.57 -5.02
N GLY A 188 16.05 20.98 -4.01
CA GLY A 188 16.87 22.17 -4.14
C GLY A 188 16.12 23.40 -3.67
N LYS A 189 14.91 23.57 -4.19
CA LYS A 189 14.01 24.62 -3.71
C LYS A 189 13.25 24.13 -2.48
N HIS A 190 13.04 22.82 -2.42
CA HIS A 190 12.44 22.19 -1.25
C HIS A 190 13.46 21.24 -0.61
N GLY A 191 13.31 21.02 0.69
CA GLY A 191 14.25 20.20 1.41
C GLY A 191 15.43 21.00 1.90
N ASN A 192 16.55 20.91 1.18
CA ASN A 192 17.76 21.63 1.55
C ASN A 192 18.42 22.18 0.29
N ARG A 193 18.94 23.39 0.39
CA ARG A 193 19.64 24.02 -0.74
C ARG A 193 21.08 23.56 -0.79
N ASN A 194 21.71 23.71 -1.95
CA ASN A 194 23.14 23.42 -2.16
C ASN A 194 23.40 21.91 -2.21
N SER A 195 22.60 21.13 -1.51
CA SER A 195 22.69 19.68 -1.60
C SER A 195 22.06 19.21 -2.90
N ASN A 196 22.78 19.44 -3.98
CA ASN A 196 22.30 19.10 -5.32
C ASN A 196 22.61 17.63 -5.62
N SER A 197 23.32 17.01 -4.70
CA SER A 197 23.61 15.60 -4.76
C SER A 197 23.45 15.01 -3.36
N TYR A 198 22.94 13.80 -3.26
CA TYR A 198 22.69 13.19 -1.97
C TYR A 198 22.57 11.68 -2.10
N GLY A 199 21.62 11.26 -2.91
CA GLY A 199 21.39 9.84 -3.11
C GLY A 199 20.78 9.55 -4.46
N ILE A 200 20.69 8.27 -4.80
CA ILE A 200 20.12 7.86 -6.07
C ILE A 200 19.03 6.80 -5.86
N PRO A 201 19.39 5.61 -5.32
CA PRO A 201 18.42 4.52 -5.12
C PRO A 201 17.54 4.74 -3.91
N GLU A 202 16.23 4.65 -4.11
CA GLU A 202 15.27 4.79 -3.03
C GLU A 202 14.39 3.54 -2.96
N PRO A 203 14.71 2.63 -2.03
CA PRO A 203 13.99 1.36 -1.85
C PRO A 203 12.72 1.52 -1.04
N ALA A 204 11.92 2.52 -1.39
CA ALA A 204 10.66 2.79 -0.69
C ALA A 204 9.75 3.65 -1.56
N HIS A 205 8.72 4.24 -0.93
CA HIS A 205 7.77 5.12 -1.63
C HIS A 205 7.03 4.33 -2.70
N ALA A 206 6.87 3.04 -2.46
CA ALA A 206 6.18 2.16 -3.40
C ALA A 206 4.67 2.25 -3.23
N ALA A 208 2.27 1.25 -1.55
CA ALA A 208 1.75 0.78 -0.27
C ALA A 208 2.30 -0.59 0.11
N GLN A 209 1.86 -1.61 -0.60
CA GLN A 209 2.15 -3.00 -0.25
C GLN A 209 1.65 -3.31 1.15
N PRO A 210 0.32 -3.25 1.36
CA PRO A 210 -0.29 -3.41 2.68
C PRO A 210 -0.25 -4.85 3.18
N GLN A 211 -0.09 -4.99 4.48
CA GLN A 211 -0.14 -6.28 5.12
C GLN A 211 -1.02 -6.22 6.37
N THR A 212 -1.99 -7.11 6.42
CA THR A 212 -2.87 -7.23 7.58
C THR A 212 -2.40 -8.42 8.42
N THR A 213 -3.04 -8.66 9.57
CA THR A 213 -2.69 -9.78 10.43
C THR A 213 -2.99 -11.11 9.72
N THR A 214 -1.97 -11.65 9.05
CA THR A 214 -2.08 -12.93 8.37
C THR A 214 -1.60 -14.05 9.29
N PRO A 215 -2.52 -14.94 9.69
CA PRO A 215 -2.19 -16.08 10.57
C PRO A 215 -1.25 -17.06 9.89
N LEU A 216 -0.05 -17.20 10.45
CA LEU A 216 0.96 -18.10 9.92
C LEU A 216 0.67 -19.53 10.38
N PRO A 217 0.31 -20.42 9.44
CA PRO A 217 -0.04 -21.80 9.73
C PRO A 217 1.17 -22.72 9.67
N ALA A 218 2.36 -22.15 9.80
CA ALA A 218 3.59 -22.91 9.74
C ALA A 218 4.61 -22.31 10.70
N VAL A 219 5.70 -23.03 10.94
CA VAL A 219 6.74 -22.53 11.83
C VAL A 219 7.90 -21.96 11.02
N SER A 220 8.13 -22.56 9.85
CA SER A 220 9.20 -22.16 8.93
C SER A 220 10.58 -22.46 9.53
N GLY A 221 10.95 -21.71 10.56
CA GLY A 221 12.23 -21.89 11.19
C GLY A 221 13.11 -20.67 11.06
N SER A 222 14.00 -20.48 12.02
CA SER A 222 14.90 -19.33 12.01
C SER A 222 16.21 -19.67 12.71
N PRO A 223 17.07 -20.49 12.08
CA PRO A 223 18.39 -20.82 12.63
C PRO A 223 19.40 -19.69 12.45
N GLY A 224 19.07 -18.76 11.56
CA GLY A 224 19.98 -17.66 11.28
C GLY A 224 20.83 -17.95 10.07
N ALA A 225 21.77 -17.07 9.78
CA ALA A 225 22.68 -17.27 8.66
C ALA A 225 23.71 -18.35 9.00
N ALA A 226 24.02 -19.19 8.02
CA ALA A 226 25.00 -20.24 8.20
C ALA A 226 26.40 -19.63 8.21
N ILE A 227 26.63 -18.73 7.26
CA ILE A 227 27.87 -17.97 7.22
C ILE A 227 27.80 -16.84 8.23
N THR A 228 28.78 -16.80 9.12
CA THR A 228 28.77 -15.82 10.20
C THR A 228 29.78 -14.70 9.93
N PRO A 229 29.28 -13.52 9.52
CA PRO A 229 30.12 -12.37 9.18
C PRO A 229 30.59 -11.63 10.43
N LEU A 230 31.89 -11.42 10.53
CA LEU A 230 32.48 -10.65 11.63
C LEU A 230 32.07 -9.18 11.48
N PRO A 231 31.36 -8.62 12.47
CA PRO A 231 30.87 -7.24 12.41
C PRO A 231 32.01 -6.22 12.36
N SER A 232 32.56 -5.89 13.53
CA SER A 232 33.70 -4.98 13.64
C SER A 232 34.31 -5.07 15.03
N THR A 233 35.57 -5.47 15.10
CA THR A 233 36.28 -5.56 16.36
C THR A 233 36.78 -4.18 16.78
N GLN A 234 36.81 -3.94 18.08
CA GLN A 234 37.23 -2.64 18.61
C GLN A 234 38.75 -2.54 18.68
N ASN A 235 39.43 -3.44 17.98
CA ASN A 235 40.89 -3.46 17.94
C ASN A 235 41.44 -2.12 17.44
N GLY A 236 40.85 -1.62 16.37
CA GLY A 236 41.28 -0.37 15.80
C GLY A 236 40.73 -0.13 14.42
N PRO A 237 39.54 0.50 14.32
CA PRO A 237 38.92 0.80 13.05
C PRO A 237 39.34 2.16 12.51
N VAL A 238 40.31 2.15 11.61
CA VAL A 238 40.79 3.38 11.01
C VAL A 238 39.88 3.79 9.86
N PHE A 239 39.64 5.09 9.72
CA PHE A 239 38.70 5.58 8.73
C PHE A 239 39.43 6.34 7.63
N ALA A 240 39.05 6.06 6.39
CA ALA A 240 39.60 6.76 5.25
C ALA A 240 38.50 7.06 4.24
N LYS A 241 38.44 8.31 3.78
CA LYS A 241 37.48 8.69 2.76
C LYS A 241 38.02 8.36 1.38
N ALA A 242 37.26 7.58 0.62
CA ALA A 242 37.64 7.24 -0.74
C ALA A 242 37.36 8.42 -1.66
N ILE A 243 38.40 9.17 -1.98
CA ILE A 243 38.25 10.38 -2.79
C ILE A 243 38.34 10.08 -4.27
N GLN A 244 38.84 8.89 -4.61
CA GLN A 244 38.96 8.49 -6.00
C GLN A 244 38.61 7.02 -6.13
N LYS A 245 37.82 6.69 -7.15
CA LYS A 245 37.30 5.33 -7.36
C LYS A 245 38.40 4.28 -7.32
N ARG A 246 38.11 3.18 -6.65
CA ARG A 246 39.02 2.05 -6.60
C ARG A 246 38.39 0.90 -7.37
N VAL A 247 38.69 0.81 -8.66
CA VAL A 247 38.07 -0.19 -9.51
C VAL A 247 38.83 -1.51 -9.46
N PRO A 248 38.15 -2.62 -9.77
CA PRO A 248 38.77 -3.95 -9.83
C PRO A 248 39.77 -4.06 -10.97
N CYS A 249 41.05 -4.17 -10.62
CA CYS A 249 42.11 -4.31 -11.59
C CYS A 249 42.02 -5.67 -12.28
N ALA A 250 42.72 -5.82 -13.40
CA ALA A 250 42.62 -6.99 -14.27
C ALA A 250 42.81 -8.32 -13.55
N TYR A 251 43.59 -8.33 -12.47
CA TYR A 251 43.81 -9.59 -11.74
C TYR A 251 42.58 -10.00 -10.94
N ASP A 252 41.70 -9.02 -10.66
CA ASP A 252 40.44 -9.25 -9.93
C ASP A 252 40.62 -10.20 -8.77
N LYS A 253 41.33 -9.74 -7.75
CA LYS A 253 41.59 -10.59 -6.59
C LYS A 253 41.70 -9.76 -5.33
N THR A 254 42.67 -8.87 -5.30
CA THR A 254 42.93 -8.04 -4.13
C THR A 254 42.33 -6.64 -4.30
N ALA A 255 41.52 -6.49 -5.33
CA ALA A 255 40.98 -5.19 -5.68
C ALA A 255 39.60 -4.97 -5.06
N LEU A 256 39.54 -4.13 -4.03
CA LEU A 256 38.27 -3.76 -3.43
C LEU A 256 37.68 -2.58 -4.20
N ALA A 257 36.49 -2.77 -4.76
CA ALA A 257 35.84 -1.71 -5.51
C ALA A 257 35.25 -0.66 -4.56
N LEU A 258 35.85 0.52 -4.58
CA LEU A 258 35.42 1.63 -3.73
C LEU A 258 34.87 2.76 -4.58
N GLU A 259 33.84 3.43 -4.08
CA GLU A 259 33.25 4.56 -4.77
C GLU A 259 33.70 5.88 -4.15
N VAL A 260 33.44 6.97 -4.84
CA VAL A 260 33.81 8.28 -4.33
C VAL A 260 32.82 8.74 -3.26
N GLY A 261 33.34 9.00 -2.06
CA GLY A 261 32.50 9.42 -0.97
C GLY A 261 32.20 8.28 -0.03
N ASP A 262 32.90 7.16 -0.21
CA ASP A 262 32.68 5.98 0.61
C ASP A 262 33.65 6.00 1.79
N ILE A 263 33.21 5.43 2.91
CA ILE A 263 34.05 5.37 4.11
C ILE A 263 34.69 4.00 4.23
N VAL A 264 36.00 3.98 4.07
CA VAL A 264 36.76 2.75 4.17
C VAL A 264 37.16 2.50 5.62
N LYS A 265 36.64 1.43 6.19
CA LYS A 265 37.01 1.04 7.53
C LYS A 265 38.09 -0.02 7.49
N VAL A 266 39.32 0.39 7.66
CA VAL A 266 40.44 -0.54 7.62
C VAL A 266 40.79 -1.02 9.02
N THR A 267 40.79 -2.33 9.21
CA THR A 267 41.19 -2.91 10.48
C THR A 267 42.44 -3.76 10.29
N ARG A 268 42.54 -4.42 9.14
CA ARG A 268 43.72 -5.19 8.80
C ARG A 268 44.72 -4.31 8.04
N MET A 269 45.62 -3.68 8.74
CA MET A 269 46.65 -2.88 8.10
C MET A 269 47.94 -3.66 7.95
N ASN A 270 48.58 -3.49 6.81
CA ASN A 270 49.88 -4.08 6.58
C ASN A 270 50.96 -3.08 6.94
N ILE A 271 52.22 -3.43 6.69
CA ILE A 271 53.32 -2.55 7.04
C ILE A 271 53.39 -1.34 6.08
N ASN A 272 52.42 -0.44 6.25
CA ASN A 272 52.36 0.83 5.54
C ASN A 272 51.95 0.68 4.07
N GLY A 273 52.42 -0.36 3.42
CA GLY A 273 52.27 -0.45 1.99
C GLY A 273 51.01 -1.17 1.57
N GLN A 274 49.90 -0.45 1.65
CA GLN A 274 48.59 -0.92 1.18
C GLN A 274 48.00 -1.91 2.17
N TRP A 275 46.76 -1.66 2.56
CA TRP A 275 46.16 -2.40 3.65
C TRP A 275 44.86 -3.04 3.21
N GLU A 276 44.32 -3.91 4.04
CA GLU A 276 43.09 -4.61 3.73
C GLU A 276 41.96 -4.05 4.59
N GLY A 277 41.06 -3.33 3.97
CA GLY A 277 39.94 -2.79 4.68
C GLY A 277 38.66 -3.49 4.31
N GLU A 278 37.88 -3.85 5.31
CA GLU A 278 36.63 -4.53 5.07
C GLU A 278 35.50 -3.51 5.04
N VAL A 279 34.96 -3.27 3.86
CA VAL A 279 34.00 -2.21 3.64
C VAL A 279 32.64 -2.77 3.23
N ASN A 280 32.45 -2.95 1.93
CA ASN A 280 31.18 -3.39 1.40
C ASN A 280 31.12 -4.91 1.30
N GLY A 281 31.01 -5.56 2.45
CA GLY A 281 30.82 -7.00 2.50
C GLY A 281 32.10 -7.78 2.21
N ARG A 282 33.22 -7.08 2.07
CA ARG A 282 34.49 -7.74 1.75
C ARG A 282 35.67 -6.85 2.10
N LYS A 283 36.84 -7.48 2.19
CA LYS A 283 38.07 -6.78 2.48
C LYS A 283 39.03 -6.91 1.31
N GLY A 284 39.72 -5.83 0.97
CA GLY A 284 40.65 -5.85 -0.14
C GLY A 284 41.73 -4.80 0.02
N LEU A 285 42.69 -4.80 -0.90
CA LEU A 285 43.80 -3.87 -0.86
C LEU A 285 43.44 -2.56 -1.55
N PHE A 286 43.64 -1.47 -0.84
CA PHE A 286 43.41 -0.15 -1.39
C PHE A 286 44.64 0.72 -1.19
N PRO A 287 45.16 1.30 -2.28
CA PRO A 287 46.29 2.22 -2.23
C PRO A 287 45.92 3.52 -1.53
N PHE A 288 46.82 4.03 -0.70
CA PHE A 288 46.55 5.23 0.10
C PHE A 288 46.61 6.52 -0.73
N THR A 289 46.34 6.40 -2.03
CA THR A 289 46.19 7.56 -2.88
C THR A 289 44.76 7.62 -3.42
N HIS A 290 44.00 6.55 -3.19
CA HIS A 290 42.59 6.52 -3.56
C HIS A 290 41.77 7.02 -2.38
N VAL A 291 42.30 6.77 -1.20
CA VAL A 291 41.71 7.22 0.04
C VAL A 291 42.73 8.04 0.80
N LYS A 292 42.29 8.83 1.76
CA LYS A 292 43.23 9.51 2.63
C LYS A 292 42.84 9.32 4.08
N ILE A 293 43.83 8.98 4.89
CA ILE A 293 43.61 8.79 6.32
C ILE A 293 43.36 10.14 6.98
N PHE A 294 42.15 10.33 7.44
CA PHE A 294 41.77 11.58 8.07
C PHE A 294 41.53 11.36 9.56
N ASP A 295 41.94 12.33 10.35
CA ASP A 295 41.81 12.24 11.80
C ASP A 295 40.34 12.40 12.20
N PRO A 296 39.79 11.41 12.93
CA PRO A 296 38.38 11.40 13.32
C PRO A 296 37.95 12.63 14.12
N GLN A 297 38.87 13.18 14.91
CA GLN A 297 38.57 14.35 15.72
C GLN A 297 39.04 15.63 15.04
N ASN A 298 39.47 15.51 13.79
CA ASN A 298 39.87 16.66 12.99
C ASN A 298 39.18 16.65 11.64
N PRO A 299 37.92 17.12 11.60
CA PRO A 299 37.16 17.21 10.36
C PRO A 299 37.76 18.21 9.39
N ASP A 300 38.68 17.72 8.57
CA ASP A 300 39.30 18.48 7.49
C ASP A 300 40.34 19.45 8.03
N GLU A 301 40.75 19.21 9.26
CA GLU A 301 41.88 19.92 9.85
C GLU A 301 43.16 19.18 9.45
N ASN A 302 43.65 19.49 8.26
CA ASN A 302 44.76 18.75 7.68
C ASN A 302 45.99 19.63 7.52
N GLU A 303 45.96 20.50 6.53
CA GLU A 303 47.09 21.37 6.24
C GLU A 303 46.88 22.73 6.86
N MET A 1 -23.63 2.09 8.83
CA MET A 1 -24.68 1.15 8.41
C MET A 1 -24.13 0.21 7.36
N SER A 2 -24.16 0.63 6.11
CA SER A 2 -23.50 -0.12 5.04
C SER A 2 -22.33 0.68 4.50
N SER A 3 -22.61 1.92 4.07
CA SER A 3 -21.62 2.81 3.44
C SER A 3 -21.19 2.27 2.08
N ALA A 4 -20.63 1.06 2.10
CA ALA A 4 -20.17 0.41 0.88
C ALA A 4 -21.34 -0.13 0.07
N ARG A 5 -21.59 0.47 -1.08
CA ARG A 5 -22.68 0.04 -1.94
C ARG A 5 -22.23 -0.08 -3.39
N PHE A 6 -21.66 -1.22 -3.73
CA PHE A 6 -21.23 -1.50 -5.10
C PHE A 6 -21.05 -3.00 -5.29
N ASP A 7 -20.98 -3.43 -6.54
CA ASP A 7 -20.71 -4.83 -6.84
C ASP A 7 -19.20 -5.04 -6.96
N SER A 8 -18.66 -5.91 -6.11
CA SER A 8 -17.22 -6.08 -6.01
C SER A 8 -16.64 -6.76 -7.26
N SER A 9 -17.50 -7.38 -8.06
CA SER A 9 -17.03 -8.11 -9.22
C SER A 9 -17.29 -7.33 -10.52
N ASP A 10 -18.07 -6.26 -10.42
CA ASP A 10 -18.44 -5.52 -11.61
C ASP A 10 -17.29 -4.65 -12.09
N ARG A 11 -16.51 -5.18 -13.03
CA ARG A 11 -15.36 -4.47 -13.58
C ARG A 11 -15.80 -3.23 -14.36
N SER A 12 -17.02 -3.24 -14.86
CA SER A 12 -17.56 -2.09 -15.57
C SER A 12 -17.92 -0.97 -14.58
N ALA A 13 -17.64 -1.20 -13.29
CA ALA A 13 -17.89 -0.19 -12.28
C ALA A 13 -16.58 0.43 -11.77
N TRP A 14 -15.60 -0.41 -11.45
CA TRP A 14 -14.38 0.07 -10.80
C TRP A 14 -13.12 -0.07 -11.66
N TYR A 15 -13.15 -0.94 -12.66
CA TYR A 15 -11.94 -1.24 -13.42
C TYR A 15 -11.62 -0.12 -14.40
N MET A 16 -10.43 0.47 -14.23
CA MET A 16 -10.02 1.62 -15.03
C MET A 16 -9.05 1.22 -16.14
N GLY A 17 -8.48 0.03 -16.02
CA GLY A 17 -7.51 -0.45 -17.00
C GLY A 17 -6.39 0.55 -17.29
N PRO A 18 -6.34 1.11 -18.51
CA PRO A 18 -5.27 2.02 -18.93
C PRO A 18 -5.26 3.35 -18.17
N VAL A 19 -4.66 3.34 -16.98
CA VAL A 19 -4.48 4.53 -16.17
C VAL A 19 -3.03 4.53 -15.64
N SER A 20 -2.67 5.33 -14.64
CA SER A 20 -1.29 5.53 -14.26
C SER A 20 -1.27 6.35 -13.00
N ARG A 21 -0.10 6.56 -12.41
CA ARG A 21 -0.03 7.36 -11.20
C ARG A 21 -0.65 8.74 -11.40
N GLN A 22 -0.19 9.45 -12.43
CA GLN A 22 -0.64 10.81 -12.71
C GLN A 22 -2.16 10.87 -12.88
N GLU A 23 -2.67 10.16 -13.88
CA GLU A 23 -4.09 10.18 -14.20
C GLU A 23 -4.95 9.73 -13.01
N ALA A 24 -4.55 8.64 -12.39
CA ALA A 24 -5.29 8.09 -11.25
C ALA A 24 -5.43 9.10 -10.13
N GLN A 25 -4.31 9.69 -9.75
CA GLN A 25 -4.27 10.68 -8.68
C GLN A 25 -5.14 11.86 -9.04
N THR A 26 -5.02 12.32 -10.29
CA THR A 26 -5.79 13.46 -10.79
C THR A 26 -7.32 13.23 -10.68
N ARG A 27 -7.76 12.00 -10.94
CA ARG A 27 -9.19 11.68 -10.95
C ARG A 27 -9.73 11.45 -9.54
N LEU A 28 -8.83 11.37 -8.56
CA LEU A 28 -9.23 11.11 -7.19
C LEU A 28 -8.77 12.21 -6.22
N GLN A 29 -7.88 13.08 -6.69
CA GLN A 29 -7.29 14.11 -5.83
C GLN A 29 -8.28 15.22 -5.53
N GLY A 30 -8.62 15.37 -4.25
CA GLY A 30 -9.54 16.42 -3.85
C GLY A 30 -10.97 16.11 -4.22
N GLN A 31 -11.19 14.93 -4.80
CA GLN A 31 -12.53 14.50 -5.16
C GLN A 31 -13.26 13.95 -3.95
N ARG A 32 -14.43 13.36 -4.19
CA ARG A 32 -15.22 12.77 -3.12
C ARG A 32 -14.41 11.66 -2.45
N HIS A 33 -14.69 11.42 -1.19
CA HIS A 33 -13.96 10.42 -0.44
C HIS A 33 -14.74 9.12 -0.40
N GLY A 34 -14.04 8.02 -0.50
CA GLY A 34 -14.68 6.72 -0.62
C GLY A 34 -14.62 6.22 -2.04
N MET A 35 -14.17 7.10 -2.94
CA MET A 35 -13.98 6.76 -4.34
C MET A 35 -12.72 5.94 -4.52
N PHE A 36 -12.78 4.91 -5.34
CA PHE A 36 -11.62 4.09 -5.59
C PHE A 36 -11.60 3.64 -7.05
N LEU A 37 -10.48 3.09 -7.48
CA LEU A 37 -10.37 2.57 -8.84
C LEU A 37 -9.23 1.57 -8.94
N VAL A 38 -9.40 0.58 -9.79
CA VAL A 38 -8.37 -0.42 -10.05
C VAL A 38 -7.94 -0.34 -11.51
N ARG A 39 -6.69 0.01 -11.75
CA ARG A 39 -6.18 0.18 -13.09
C ARG A 39 -5.12 -0.88 -13.39
N ASP A 40 -4.56 -0.81 -14.59
CA ASP A 40 -3.44 -1.66 -14.97
C ASP A 40 -2.14 -0.99 -14.54
N SER A 41 -1.22 -1.77 -14.00
CA SER A 41 0.00 -1.22 -13.44
C SER A 41 1.11 -1.13 -14.50
N SER A 42 2.25 -0.60 -14.08
CA SER A 42 3.39 -0.44 -14.98
C SER A 42 4.51 -1.40 -14.59
N THR A 43 4.29 -2.12 -13.50
CA THR A 43 5.27 -3.07 -12.99
C THR A 43 5.30 -4.33 -13.87
N CYS A 44 4.20 -5.06 -13.85
CA CYS A 44 4.07 -6.27 -14.65
C CYS A 44 2.73 -6.26 -15.37
N PRO A 45 2.69 -6.77 -16.61
CA PRO A 45 1.44 -6.92 -17.35
C PRO A 45 0.53 -7.95 -16.69
N GLY A 46 -0.29 -7.47 -15.77
CA GLY A 46 -1.13 -8.36 -14.97
C GLY A 46 -1.30 -7.83 -13.55
N ASP A 47 -0.36 -6.98 -13.15
CA ASP A 47 -0.45 -6.30 -11.86
C ASP A 47 -1.44 -5.16 -11.99
N TYR A 48 -2.10 -4.81 -10.89
CA TYR A 48 -3.08 -3.74 -10.91
C TYR A 48 -2.83 -2.76 -9.77
N VAL A 49 -3.57 -1.65 -9.73
CA VAL A 49 -3.39 -0.66 -8.68
C VAL A 49 -4.73 -0.12 -8.17
N LEU A 50 -5.07 -0.50 -6.96
CA LEU A 50 -6.26 -0.02 -6.28
C LEU A 50 -5.98 1.34 -5.63
N SER A 51 -6.36 2.40 -6.29
CA SER A 51 -6.19 3.73 -5.73
C SER A 51 -7.48 4.19 -5.05
N VAL A 52 -7.41 4.40 -3.74
CA VAL A 52 -8.57 4.80 -2.96
C VAL A 52 -8.40 6.22 -2.43
N SER A 53 -9.43 7.03 -2.56
CA SER A 53 -9.33 8.43 -2.18
C SER A 53 -9.98 8.70 -0.85
N GLU A 54 -9.20 9.15 0.12
CA GLU A 54 -9.77 9.64 1.37
C GLU A 54 -8.83 10.69 1.93
N ASN A 55 -9.37 11.61 2.70
CA ASN A 55 -8.58 12.71 3.28
C ASN A 55 -7.87 13.53 2.18
N SER A 56 -8.39 13.48 0.94
CA SER A 56 -7.76 14.16 -0.21
C SER A 56 -6.32 13.64 -0.36
N ARG A 57 -6.23 12.33 -0.40
CA ARG A 57 -5.03 11.61 -0.03
C ARG A 57 -5.15 10.15 -0.49
N VAL A 58 -5.10 9.99 -1.81
CA VAL A 58 -5.44 8.72 -2.44
C VAL A 58 -4.38 7.66 -2.17
N SER A 59 -4.76 6.68 -1.37
CA SER A 59 -3.91 5.57 -1.00
C SER A 59 -3.82 4.56 -2.15
N HIS A 60 -2.61 4.31 -2.63
CA HIS A 60 -2.38 3.49 -3.83
C HIS A 60 -2.02 2.04 -3.50
N TYR A 61 -3.01 1.18 -3.39
CA TYR A 61 -2.77 -0.22 -3.02
C TYR A 61 -2.54 -1.09 -4.25
N ILE A 62 -1.30 -1.50 -4.46
CA ILE A 62 -0.95 -2.32 -5.62
C ILE A 62 -1.30 -3.80 -5.41
N ILE A 63 -1.89 -4.40 -6.43
CA ILE A 63 -2.24 -5.82 -6.43
C ILE A 63 -1.46 -6.55 -7.52
N ASN A 64 -0.47 -7.33 -7.13
CA ASN A 64 0.36 -8.06 -8.08
C ASN A 64 -0.32 -9.36 -8.48
N SER A 65 -0.07 -9.79 -9.70
CA SER A 65 -0.54 -11.08 -10.15
C SER A 65 0.45 -12.16 -9.77
N LEU A 66 0.07 -12.99 -8.81
CA LEU A 66 0.94 -14.08 -8.35
C LEU A 66 0.89 -15.25 -9.33
N PRO A 67 2.01 -15.97 -9.47
CA PRO A 67 2.04 -17.23 -10.21
C PRO A 67 1.16 -18.28 -9.53
N ASN A 68 0.79 -17.96 -8.29
CA ASN A 68 -0.09 -18.79 -7.47
C ASN A 68 -1.53 -18.68 -7.95
N ARG A 69 -1.73 -17.85 -8.98
CA ARG A 69 -3.07 -17.56 -9.52
C ARG A 69 -3.92 -16.84 -8.50
N ARG A 70 -3.26 -16.09 -7.62
CA ARG A 70 -3.94 -15.29 -6.61
C ARG A 70 -3.48 -13.84 -6.73
N PHE A 71 -4.30 -12.92 -6.23
CA PHE A 71 -3.97 -11.52 -6.29
C PHE A 71 -3.55 -11.02 -4.92
N LYS A 72 -2.29 -10.62 -4.81
CA LYS A 72 -1.74 -10.17 -3.54
C LYS A 72 -1.63 -8.65 -3.51
N ILE A 73 -2.44 -8.03 -2.68
CA ILE A 73 -2.37 -6.59 -2.52
C ILE A 73 -1.44 -6.25 -1.37
N GLY A 74 -0.15 -6.40 -1.65
CA GLY A 74 0.87 -6.09 -0.67
C GLY A 74 0.86 -7.02 0.53
N ASP A 75 1.74 -8.03 0.50
CA ASP A 75 2.04 -8.87 1.69
C ASP A 75 0.90 -9.86 1.96
N GLN A 76 -0.31 -9.36 2.02
CA GLN A 76 -1.47 -10.19 2.27
C GLN A 76 -2.10 -10.59 0.94
N GLU A 77 -2.15 -11.89 0.69
CA GLU A 77 -2.68 -12.38 -0.56
C GLU A 77 -4.10 -12.88 -0.38
N PHE A 78 -4.94 -12.51 -1.34
CA PHE A 78 -6.34 -12.90 -1.33
C PHE A 78 -6.63 -13.80 -2.53
N ASP A 79 -7.86 -14.27 -2.63
CA ASP A 79 -8.26 -15.13 -3.73
C ASP A 79 -8.16 -14.40 -5.07
N HIS A 80 -8.73 -13.20 -5.13
CA HIS A 80 -8.76 -12.41 -6.36
C HIS A 80 -9.11 -10.95 -6.06
N LEU A 81 -9.26 -10.15 -7.12
CA LEU A 81 -9.55 -8.72 -6.98
C LEU A 81 -10.78 -8.44 -6.08
N PRO A 82 -11.98 -8.97 -6.43
CA PRO A 82 -13.20 -8.73 -5.63
C PRO A 82 -13.14 -9.31 -4.23
N ALA A 83 -12.06 -10.03 -3.93
CA ALA A 83 -11.91 -10.66 -2.62
C ALA A 83 -11.23 -9.71 -1.66
N LEU A 84 -10.27 -8.94 -2.17
CA LEU A 84 -9.58 -7.95 -1.35
C LEU A 84 -10.46 -6.73 -1.14
N LEU A 85 -11.21 -6.39 -2.19
CA LEU A 85 -12.14 -5.27 -2.14
C LEU A 85 -13.18 -5.52 -1.06
N GLU A 86 -13.62 -6.77 -0.95
CA GLU A 86 -14.62 -7.16 0.03
C GLU A 86 -14.06 -7.01 1.46
N PHE A 87 -12.82 -7.46 1.66
CA PHE A 87 -12.17 -7.42 2.97
C PHE A 87 -11.95 -5.98 3.42
N TYR A 88 -11.81 -5.09 2.47
CA TYR A 88 -11.51 -3.70 2.77
C TYR A 88 -12.77 -2.85 2.91
N LYS A 89 -13.91 -3.49 2.77
CA LYS A 89 -15.18 -2.82 2.97
C LYS A 89 -15.57 -2.82 4.46
N ILE A 90 -14.68 -3.35 5.30
CA ILE A 90 -14.94 -3.39 6.74
C ILE A 90 -13.66 -3.09 7.50
N HIS A 91 -12.56 -3.01 6.76
CA HIS A 91 -11.24 -2.84 7.35
C HIS A 91 -10.93 -1.38 7.59
N TYR A 92 -11.39 -0.55 6.67
CA TYR A 92 -10.95 0.84 6.57
C TYR A 92 -9.51 0.88 6.09
N LEU A 93 -9.35 0.97 4.78
CA LEU A 93 -8.05 1.09 4.15
C LEU A 93 -7.31 2.31 4.65
N ASP A 94 -8.03 3.40 4.71
CA ASP A 94 -7.43 4.70 4.89
C ASP A 94 -8.39 5.65 5.63
N THR A 95 -8.92 5.12 6.73
CA THR A 95 -10.03 5.68 7.53
C THR A 95 -11.36 5.59 6.79
N THR A 96 -11.33 5.15 5.55
CA THR A 96 -12.54 4.95 4.80
C THR A 96 -12.55 3.53 4.25
N THR A 97 -13.74 2.99 4.07
CA THR A 97 -13.87 1.71 3.43
C THR A 97 -14.18 1.94 1.97
N LEU A 98 -14.08 0.91 1.16
CA LEU A 98 -14.40 1.02 -0.25
C LEU A 98 -15.89 1.32 -0.40
N ILE A 99 -16.21 2.59 -0.62
CA ILE A 99 -17.59 3.06 -0.62
C ILE A 99 -18.22 2.93 -2.00
N GLU A 100 -17.66 3.67 -2.95
CA GLU A 100 -18.21 3.74 -4.30
C GLU A 100 -17.10 4.15 -5.26
N PRO A 101 -16.89 3.36 -6.34
CA PRO A 101 -15.81 3.60 -7.29
C PRO A 101 -15.89 4.97 -7.97
N ALA A 102 -14.73 5.47 -8.40
CA ALA A 102 -14.67 6.73 -9.13
C ALA A 102 -15.28 6.54 -10.50
N PRO A 103 -15.79 7.62 -11.11
CA PRO A 103 -16.34 7.55 -12.47
C PRO A 103 -15.31 7.04 -13.46
N ARG A 104 -15.58 5.87 -14.06
CA ARG A 104 -14.70 5.30 -15.07
C ARG A 104 -14.65 6.22 -16.28
N TYR A 105 -15.73 6.98 -16.47
CA TYR A 105 -15.84 7.94 -17.54
C TYR A 105 -15.07 9.20 -17.19
N PRO A 106 -14.64 9.97 -18.20
CA PRO A 106 -13.84 11.17 -18.00
C PRO A 106 -14.62 12.26 -17.27
N SER A 107 -13.90 13.22 -16.72
CA SER A 107 -14.52 14.35 -16.05
C SER A 107 -14.28 15.65 -16.82
N PRO A 108 -15.16 15.95 -17.78
CA PRO A 108 -15.10 17.22 -18.53
C PRO A 108 -15.20 18.46 -17.64
N PRO A 109 -16.16 18.53 -16.67
CA PRO A 109 -16.22 19.63 -15.72
C PRO A 109 -15.19 19.46 -14.59
N MET A 110 -15.49 20.04 -13.44
CA MET A 110 -14.58 19.98 -12.29
C MET A 110 -14.42 18.55 -11.79
N GLY A 111 -15.47 17.75 -11.96
CA GLY A 111 -15.41 16.36 -11.53
C GLY A 111 -16.69 15.90 -10.87
N SER A 112 -17.82 16.25 -11.48
CA SER A 112 -19.14 15.87 -10.97
C SER A 112 -19.33 16.32 -9.52
N VAL A 113 -19.01 17.59 -9.27
CA VAL A 113 -19.10 18.18 -7.94
C VAL A 113 -18.10 17.53 -6.98
N SER A 114 -16.97 18.19 -6.81
CA SER A 114 -15.91 17.67 -5.96
C SER A 114 -16.14 18.08 -4.51
N ALA A 115 -16.83 17.23 -3.75
CA ALA A 115 -17.10 17.51 -2.35
C ALA A 115 -16.30 16.60 -1.43
N PRO A 116 -15.12 17.06 -0.99
CA PRO A 116 -14.27 16.32 -0.09
C PRO A 116 -14.41 16.77 1.37
N ASN A 117 -14.84 15.86 2.24
CA ASN A 117 -14.88 16.15 3.67
C ASN A 117 -13.47 16.19 4.23
N LEU A 118 -12.88 17.37 4.21
CA LEU A 118 -11.50 17.58 4.62
C LEU A 118 -11.16 19.07 4.51
N PRO A 119 -10.57 19.66 5.55
CA PRO A 119 -10.15 21.08 5.53
C PRO A 119 -9.05 21.33 4.49
N THR A 120 -9.45 21.45 3.23
CA THR A 120 -8.55 21.66 2.11
C THR A 120 -7.58 20.48 1.95
N ALA A 121 -6.46 20.51 2.67
CA ALA A 121 -5.43 19.48 2.58
C ALA A 121 -4.26 19.86 3.47
N GLU A 122 -3.48 20.84 3.01
CA GLU A 122 -2.33 21.37 3.76
C GLU A 122 -1.23 20.32 3.91
N ASP A 123 -1.24 19.32 3.01
CA ASP A 123 -0.23 18.26 2.97
C ASP A 123 -0.22 17.49 4.29
N ASN A 124 0.97 17.04 4.69
CA ASN A 124 1.18 16.31 5.95
C ASN A 124 0.74 14.86 5.84
N LEU A 125 1.24 14.05 6.79
CA LEU A 125 0.86 12.64 6.91
C LEU A 125 1.31 11.81 5.71
N GLU A 126 2.42 11.13 5.89
CA GLU A 126 2.98 10.24 4.87
C GLU A 126 4.19 9.53 5.44
N TYR A 127 5.15 10.30 5.95
CA TYR A 127 6.35 9.69 6.52
C TYR A 127 6.45 10.05 7.98
N VAL A 128 6.21 9.06 8.83
CA VAL A 128 6.32 9.23 10.25
C VAL A 128 7.42 8.32 10.76
N ARG A 129 8.25 8.74 11.69
CA ARG A 129 9.03 7.74 12.35
C ARG A 129 8.62 7.69 13.81
N THR A 130 8.51 6.50 14.34
CA THR A 130 8.09 6.31 15.70
C THR A 130 9.29 6.03 16.59
N LEU A 131 9.42 6.83 17.63
CA LEU A 131 10.60 6.76 18.49
C LEU A 131 10.35 5.95 19.75
N TYR A 132 9.11 5.89 20.18
CA TYR A 132 8.78 5.27 21.47
C TYR A 132 8.88 3.74 21.42
N ASP A 133 8.40 3.15 20.32
CA ASP A 133 8.31 1.70 20.18
C ASP A 133 7.17 1.14 21.01
N PHE A 134 6.06 0.85 20.33
CA PHE A 134 4.93 0.19 20.93
C PHE A 134 4.56 -0.98 20.04
N PRO A 135 5.19 -2.13 20.25
CA PRO A 135 4.89 -3.30 19.46
C PRO A 135 3.67 -4.06 19.97
N GLY A 136 2.50 -3.64 19.51
CA GLY A 136 1.27 -4.37 19.80
C GLY A 136 1.17 -5.56 18.86
N ASN A 137 1.84 -5.41 17.73
CA ASN A 137 1.95 -6.45 16.70
C ASN A 137 0.59 -6.83 16.13
N ASP A 138 -0.18 -5.83 15.70
CA ASP A 138 -1.51 -6.06 15.15
C ASP A 138 -1.74 -5.22 13.92
N ALA A 139 -2.89 -5.41 13.29
CA ALA A 139 -3.32 -4.55 12.19
C ALA A 139 -4.12 -3.38 12.77
N GLU A 140 -4.50 -3.56 14.03
CA GLU A 140 -5.20 -2.54 14.78
C GLU A 140 -4.19 -1.62 15.44
N ASP A 141 -3.05 -2.20 15.79
CA ASP A 141 -1.96 -1.48 16.45
C ASP A 141 -0.65 -1.86 15.79
N LEU A 142 -0.10 -0.95 14.99
CA LEU A 142 1.15 -1.24 14.29
C LEU A 142 2.27 -1.37 15.28
N PRO A 143 3.04 -2.46 15.20
CA PRO A 143 4.23 -2.60 16.00
C PRO A 143 5.39 -1.83 15.42
N PHE A 144 5.63 -0.63 15.95
CA PHE A 144 6.79 0.12 15.50
C PHE A 144 7.97 -0.24 16.36
N LYS A 145 9.00 0.57 16.29
CA LYS A 145 10.20 0.35 17.06
C LYS A 145 10.73 1.66 17.60
N LYS A 146 11.88 1.60 18.25
CA LYS A 146 12.47 2.74 18.93
C LYS A 146 13.24 3.61 17.94
N GLY A 147 12.58 3.95 16.86
CA GLY A 147 13.21 4.70 15.79
C GLY A 147 12.80 4.14 14.46
N GLU A 148 11.55 3.69 14.40
CA GLU A 148 11.03 2.99 13.26
C GLU A 148 10.53 3.97 12.21
N ILE A 149 10.55 3.58 10.94
CA ILE A 149 10.08 4.46 9.88
C ILE A 149 8.77 3.90 9.33
N LEU A 150 7.75 4.73 9.38
CA LEU A 150 6.40 4.33 9.08
C LEU A 150 5.85 5.21 7.98
N VAL A 151 4.87 4.72 7.29
CA VAL A 151 4.16 5.52 6.32
C VAL A 151 2.72 5.66 6.74
N ILE A 152 2.26 6.89 6.94
CA ILE A 152 0.91 7.10 7.46
C ILE A 152 -0.09 6.87 6.35
N ILE A 153 -0.59 5.65 6.34
CA ILE A 153 -1.48 5.21 5.31
C ILE A 153 -2.90 5.68 5.62
N GLU A 154 -3.19 5.86 6.90
CA GLU A 154 -4.46 6.44 7.31
C GLU A 154 -4.23 7.46 8.42
N LYS A 155 -5.01 8.52 8.42
CA LYS A 155 -5.11 9.37 9.60
C LYS A 155 -6.58 9.47 10.00
N PRO A 156 -7.10 8.41 10.63
CA PRO A 156 -8.48 8.37 11.10
C PRO A 156 -8.71 9.36 12.23
N GLU A 157 -7.86 9.29 13.23
CA GLU A 157 -8.02 10.10 14.42
C GLU A 157 -6.88 11.10 14.52
N GLU A 158 -6.91 11.95 15.53
CA GLU A 158 -5.88 12.95 15.71
C GLU A 158 -4.88 12.50 16.78
N GLN A 159 -5.28 11.50 17.57
CA GLN A 159 -4.42 11.00 18.63
C GLN A 159 -3.72 9.70 18.21
N TRP A 160 -4.27 9.04 17.19
CA TRP A 160 -3.65 7.84 16.64
C TRP A 160 -3.55 7.96 15.13
N TRP A 161 -2.45 7.46 14.57
CA TRP A 161 -2.24 7.47 13.13
C TRP A 161 -1.95 6.08 12.63
N SER A 162 -2.54 5.72 11.51
CA SER A 162 -2.41 4.36 11.02
C SER A 162 -1.31 4.34 9.97
N ALA A 163 -0.20 3.74 10.28
CA ALA A 163 0.90 3.74 9.36
C ALA A 163 1.28 2.33 9.00
N ARG A 164 1.82 2.17 7.82
CA ARG A 164 2.35 0.90 7.43
C ARG A 164 3.80 0.83 7.89
N ASN A 165 4.07 -0.25 8.60
CA ASN A 165 5.35 -0.44 9.28
C ASN A 165 6.49 -0.48 8.29
N LYS A 166 7.69 -0.61 8.81
CA LYS A 166 8.85 -0.96 7.98
C LYS A 166 8.55 -2.24 7.19
N ASP A 167 7.65 -3.06 7.74
CA ASP A 167 7.19 -4.26 7.08
C ASP A 167 6.22 -3.90 5.97
N GLY A 168 5.38 -2.89 6.22
CA GLY A 168 4.35 -2.52 5.27
C GLY A 168 2.94 -2.75 5.82
N ARG A 169 2.88 -3.46 6.93
CA ARG A 169 1.62 -3.74 7.62
C ARG A 169 0.91 -2.47 8.05
N VAL A 170 -0.40 -2.44 7.87
CA VAL A 170 -1.19 -1.29 8.30
C VAL A 170 -1.65 -1.46 9.75
N GLY A 171 -1.27 -0.51 10.61
CA GLY A 171 -1.78 -0.52 11.98
C GLY A 171 -1.79 0.87 12.59
N MET A 172 -2.65 1.08 13.59
CA MET A 172 -2.73 2.36 14.29
C MET A 172 -1.59 2.53 15.27
N ILE A 173 -1.10 3.76 15.38
CA ILE A 173 0.00 4.09 16.27
C ILE A 173 -0.23 5.46 16.92
N PRO A 174 0.12 5.62 18.21
CA PRO A 174 -0.08 6.87 18.94
C PRO A 174 0.76 8.02 18.39
N VAL A 175 0.11 9.15 18.13
CA VAL A 175 0.79 10.35 17.62
C VAL A 175 1.83 10.91 18.58
N PRO A 176 1.57 10.94 19.92
CA PRO A 176 2.58 11.39 20.91
C PRO A 176 3.86 10.54 20.87
N TYR A 177 3.79 9.42 20.15
CA TYR A 177 4.92 8.49 20.06
C TYR A 177 5.79 8.78 18.84
N VAL A 178 5.31 9.65 17.95
CA VAL A 178 5.91 9.76 16.63
C VAL A 178 6.76 11.02 16.40
N GLU A 179 7.24 11.09 15.17
CA GLU A 179 8.43 11.81 14.77
C GLU A 179 8.41 12.12 13.26
N LYS A 180 7.31 12.59 12.71
CA LYS A 180 7.18 12.51 11.26
C LYS A 180 8.04 13.54 10.54
N LEU A 181 8.61 13.01 9.47
CA LEU A 181 9.66 13.61 8.68
C LEU A 181 9.12 14.72 7.79
N VAL A 182 8.36 14.32 6.77
CA VAL A 182 7.77 15.27 5.83
C VAL A 182 6.55 15.93 6.44
N ARG A 183 6.81 16.78 7.43
CA ARG A 183 5.75 17.45 8.16
C ARG A 183 6.30 18.73 8.76
N SER A 184 7.42 18.60 9.48
CA SER A 184 8.08 19.71 10.13
C SER A 184 7.08 20.54 10.92
N SER A 185 6.64 20.00 12.06
CA SER A 185 5.69 20.67 12.91
C SER A 185 6.20 22.07 13.26
N PRO A 186 5.29 23.04 13.44
CA PRO A 186 5.66 24.42 13.78
C PRO A 186 6.58 24.50 14.99
N HIS A 187 7.86 24.75 14.74
CA HIS A 187 8.85 24.87 15.80
C HIS A 187 9.58 26.21 15.70
N GLY A 188 9.42 26.87 14.57
CA GLY A 188 10.14 28.10 14.32
C GLY A 188 11.55 27.79 13.88
N LYS A 189 12.48 27.87 14.81
CA LYS A 189 13.84 27.41 14.56
C LYS A 189 13.82 25.89 14.50
N HIS A 190 13.63 25.35 13.31
CA HIS A 190 13.49 23.92 13.14
C HIS A 190 14.31 23.47 11.94
N GLY A 191 15.03 22.36 12.09
CA GLY A 191 15.86 21.85 11.02
C GLY A 191 17.18 22.59 10.92
N ASN A 192 17.11 23.92 10.99
CA ASN A 192 18.30 24.78 10.98
C ASN A 192 19.06 24.66 9.67
N ARG A 193 18.40 24.07 8.67
CA ARG A 193 19.00 23.81 7.36
C ARG A 193 20.27 22.99 7.54
N ASN A 194 20.23 22.05 8.48
CA ASN A 194 21.37 21.20 8.78
C ASN A 194 21.67 20.26 7.60
N SER A 195 20.63 19.93 6.85
CA SER A 195 20.77 19.04 5.72
C SER A 195 19.77 19.40 4.63
N ASN A 196 20.28 19.86 3.50
CA ASN A 196 19.43 20.14 2.34
C ASN A 196 19.34 18.89 1.50
N SER A 197 20.42 18.61 0.77
CA SER A 197 20.52 17.42 -0.06
C SER A 197 21.88 17.37 -0.74
N TYR A 198 22.38 16.17 -0.98
CA TYR A 198 23.62 16.00 -1.72
C TYR A 198 23.36 16.25 -3.21
N GLY A 199 22.10 16.10 -3.58
CA GLY A 199 21.68 16.24 -4.95
C GLY A 199 20.33 15.60 -5.16
N ILE A 200 19.30 16.23 -4.59
CA ILE A 200 17.95 15.68 -4.59
C ILE A 200 17.83 14.51 -3.61
N PRO A 201 16.97 14.65 -2.59
CA PRO A 201 16.75 13.62 -1.57
C PRO A 201 15.97 12.43 -2.11
N GLU A 202 16.32 11.24 -1.63
CA GLU A 202 15.66 10.02 -2.07
C GLU A 202 14.93 9.35 -0.91
N PRO A 203 13.63 9.61 -0.79
CA PRO A 203 12.79 8.96 0.21
C PRO A 203 12.14 7.69 -0.33
N ALA A 204 12.30 7.46 -1.63
CA ALA A 204 11.70 6.33 -2.33
C ALA A 204 10.18 6.36 -2.22
N HIS A 205 9.55 7.17 -3.07
CA HIS A 205 8.09 7.27 -3.08
C HIS A 205 7.48 6.13 -3.88
N ALA A 206 7.23 5.02 -3.21
CA ALA A 206 6.58 3.86 -3.83
C ALA A 206 5.07 3.98 -3.71
N ALA A 208 1.19 2.76 -2.16
CA ALA A 208 0.69 2.64 -0.80
C ALA A 208 0.40 1.18 -0.47
N GLN A 209 0.74 0.33 -1.43
CA GLN A 209 0.67 -1.11 -1.25
C GLN A 209 1.33 -1.49 0.08
N PRO A 210 0.63 -2.28 0.91
CA PRO A 210 1.19 -2.74 2.17
C PRO A 210 2.41 -3.63 1.90
N GLN A 211 3.60 -3.07 2.09
CA GLN A 211 4.85 -3.73 1.71
C GLN A 211 4.90 -5.19 2.17
N THR A 212 5.45 -6.04 1.31
CA THR A 212 5.54 -7.47 1.61
C THR A 212 6.82 -7.76 2.37
N THR A 213 6.74 -7.66 3.70
CA THR A 213 7.89 -7.89 4.58
C THR A 213 8.88 -6.71 4.46
N THR A 214 9.71 -6.52 5.49
CA THR A 214 10.71 -5.48 5.48
C THR A 214 11.61 -5.57 4.24
N PRO A 215 11.61 -4.53 3.40
CA PRO A 215 12.41 -4.48 2.18
C PRO A 215 13.91 -4.46 2.48
N LEU A 216 14.50 -5.65 2.56
CA LEU A 216 15.91 -5.78 2.88
C LEU A 216 16.80 -5.36 1.70
N PRO A 217 16.61 -5.93 0.48
CA PRO A 217 17.43 -5.56 -0.68
C PRO A 217 17.28 -4.07 -1.04
N ALA A 218 16.05 -3.64 -1.23
CA ALA A 218 15.74 -2.27 -1.58
C ALA A 218 14.25 -2.01 -1.43
N VAL A 219 13.85 -0.75 -1.39
CA VAL A 219 12.44 -0.39 -1.30
C VAL A 219 11.71 -0.79 -2.57
N SER A 220 12.36 -0.57 -3.71
CA SER A 220 11.83 -0.98 -5.00
C SER A 220 12.99 -1.34 -5.93
N GLY A 221 13.22 -2.64 -6.09
CA GLY A 221 14.30 -3.10 -6.91
C GLY A 221 14.40 -4.61 -6.93
N SER A 222 15.49 -5.12 -7.46
CA SER A 222 15.69 -6.56 -7.55
C SER A 222 17.18 -6.88 -7.41
N PRO A 223 17.50 -7.96 -6.69
CA PRO A 223 18.89 -8.41 -6.51
C PRO A 223 19.53 -8.85 -7.83
N GLY A 224 20.82 -8.63 -7.95
CA GLY A 224 21.54 -9.04 -9.13
C GLY A 224 23.04 -9.01 -8.93
N ALA A 225 23.75 -9.90 -9.64
CA ALA A 225 25.20 -9.96 -9.58
C ALA A 225 25.71 -10.23 -8.17
N ALA A 226 25.37 -11.40 -7.65
CA ALA A 226 25.81 -11.79 -6.31
C ALA A 226 27.20 -12.40 -6.38
N ILE A 227 28.16 -11.75 -5.70
CA ILE A 227 29.56 -12.18 -5.69
C ILE A 227 30.22 -11.94 -7.06
N THR A 228 29.74 -12.64 -8.06
CA THR A 228 30.22 -12.50 -9.43
C THR A 228 29.09 -12.85 -10.40
N PRO A 229 28.79 -11.93 -11.34
CA PRO A 229 27.76 -12.18 -12.36
C PRO A 229 28.19 -13.25 -13.35
N LEU A 230 28.79 -12.83 -14.45
CA LEU A 230 29.26 -13.74 -15.48
C LEU A 230 30.44 -13.13 -16.22
N PRO A 231 31.57 -13.85 -16.31
CA PRO A 231 32.73 -13.43 -17.09
C PRO A 231 32.42 -13.35 -18.59
N SER A 232 33.36 -12.82 -19.36
CA SER A 232 33.17 -12.68 -20.81
C SER A 232 33.00 -14.07 -21.46
N THR A 233 31.75 -14.44 -21.70
CA THR A 233 31.42 -15.75 -22.23
C THR A 233 31.33 -15.74 -23.75
N GLN A 234 30.97 -14.58 -24.31
CA GLN A 234 30.75 -14.43 -25.75
C GLN A 234 29.54 -15.22 -26.22
N ASN A 235 28.37 -14.60 -26.11
CA ASN A 235 27.13 -15.21 -26.60
C ASN A 235 26.73 -14.59 -27.93
N GLY A 236 27.57 -13.70 -28.43
CA GLY A 236 27.33 -13.14 -29.74
C GLY A 236 26.86 -11.70 -29.70
N PRO A 237 27.80 -10.73 -29.70
CA PRO A 237 27.46 -9.32 -29.84
C PRO A 237 27.06 -8.99 -31.27
N VAL A 238 25.77 -9.13 -31.55
CA VAL A 238 25.25 -8.98 -32.91
C VAL A 238 24.78 -7.55 -33.15
N PHE A 239 24.97 -7.08 -34.38
CA PHE A 239 24.52 -5.76 -34.77
C PHE A 239 23.13 -5.83 -35.39
N ALA A 240 22.19 -5.09 -34.84
CA ALA A 240 20.84 -5.06 -35.36
C ALA A 240 20.48 -3.64 -35.77
N LYS A 241 19.74 -3.51 -36.85
CA LYS A 241 19.33 -2.19 -37.31
C LYS A 241 17.99 -1.82 -36.68
N ALA A 242 18.01 -0.74 -35.92
CA ALA A 242 16.82 -0.25 -35.25
C ALA A 242 16.01 0.61 -36.20
N ILE A 243 14.73 0.29 -36.34
CA ILE A 243 13.92 0.90 -37.41
C ILE A 243 12.62 1.53 -36.90
N GLN A 244 12.05 0.99 -35.83
CA GLN A 244 10.71 1.39 -35.42
C GLN A 244 10.76 2.67 -34.61
N LYS A 245 11.18 2.54 -33.36
CA LYS A 245 11.55 3.65 -32.45
C LYS A 245 11.34 3.18 -31.01
N ARG A 246 12.33 3.40 -30.18
CA ARG A 246 12.25 3.01 -28.78
C ARG A 246 12.49 4.21 -27.87
N VAL A 247 11.41 4.76 -27.35
CA VAL A 247 11.50 5.88 -26.43
C VAL A 247 10.93 5.50 -25.06
N PRO A 248 11.72 5.72 -24.00
CA PRO A 248 11.31 5.39 -22.64
C PRO A 248 10.57 6.54 -21.98
N CYS A 249 9.82 6.25 -20.92
CA CYS A 249 9.16 7.28 -20.14
C CYS A 249 10.05 7.68 -18.97
N ALA A 250 9.57 8.57 -18.13
CA ALA A 250 10.33 9.01 -16.97
C ALA A 250 10.54 7.86 -15.99
N TYR A 251 9.69 6.84 -16.07
CA TYR A 251 9.78 5.70 -15.16
C TYR A 251 10.83 4.72 -15.64
N ASP A 252 11.15 4.78 -16.92
CA ASP A 252 12.02 3.80 -17.54
C ASP A 252 13.47 4.26 -17.54
N LYS A 253 14.26 3.72 -16.64
CA LYS A 253 15.68 4.02 -16.57
C LYS A 253 16.46 2.97 -17.34
N THR A 254 15.96 1.74 -17.31
CA THR A 254 16.63 0.61 -17.94
C THR A 254 16.13 0.37 -19.36
N ALA A 255 15.31 1.29 -19.86
CA ALA A 255 14.84 1.21 -21.23
C ALA A 255 15.76 2.00 -22.15
N LEU A 256 16.26 1.36 -23.19
CA LEU A 256 17.21 1.99 -24.08
C LEU A 256 16.48 2.81 -25.16
N ALA A 257 16.80 4.10 -25.19
CA ALA A 257 16.26 4.99 -26.20
C ALA A 257 17.07 4.91 -27.49
N LEU A 258 16.47 4.33 -28.52
CA LEU A 258 17.07 4.24 -29.84
C LEU A 258 15.99 4.06 -30.90
N GLU A 259 16.39 3.50 -32.03
CA GLU A 259 15.48 3.12 -33.10
C GLU A 259 15.21 4.21 -34.10
N VAL A 260 15.16 3.77 -35.36
CA VAL A 260 15.09 4.60 -36.55
C VAL A 260 16.46 5.11 -36.97
N GLY A 261 17.19 4.25 -37.70
CA GLY A 261 18.47 4.65 -38.25
C GLY A 261 19.63 4.38 -37.34
N ASP A 262 19.42 3.57 -36.30
CA ASP A 262 20.48 3.27 -35.34
C ASP A 262 21.02 1.87 -35.55
N ILE A 263 22.31 1.71 -35.31
CA ILE A 263 22.92 0.39 -35.24
C ILE A 263 23.05 -0.01 -33.79
N VAL A 264 22.28 -1.01 -33.38
CA VAL A 264 22.24 -1.42 -32.00
C VAL A 264 23.24 -2.54 -31.74
N LYS A 265 24.21 -2.26 -30.88
CA LYS A 265 25.20 -3.25 -30.49
C LYS A 265 24.79 -3.91 -29.18
N VAL A 266 24.33 -5.14 -29.26
CA VAL A 266 23.97 -5.88 -28.07
C VAL A 266 25.13 -6.76 -27.61
N THR A 267 25.63 -6.50 -26.42
CA THR A 267 26.77 -7.23 -25.89
C THR A 267 26.31 -8.41 -25.04
N ARG A 268 25.11 -8.31 -24.50
CA ARG A 268 24.53 -9.37 -23.68
C ARG A 268 23.22 -9.84 -24.29
N MET A 269 23.27 -10.93 -25.03
CA MET A 269 22.09 -11.44 -25.72
C MET A 269 21.33 -12.43 -24.87
N ASN A 270 20.13 -12.04 -24.46
CA ASN A 270 19.25 -12.88 -23.67
C ASN A 270 18.32 -13.66 -24.57
N ILE A 271 17.79 -14.76 -24.06
CA ILE A 271 16.85 -15.57 -24.82
C ILE A 271 15.42 -15.11 -24.56
N ASN A 272 15.25 -14.32 -23.50
CA ASN A 272 13.93 -13.83 -23.10
C ASN A 272 13.54 -12.55 -23.84
N GLY A 273 14.15 -12.34 -25.00
CA GLY A 273 13.69 -11.31 -25.92
C GLY A 273 14.35 -9.97 -25.72
N GLN A 274 14.29 -9.44 -24.50
CA GLN A 274 14.87 -8.14 -24.21
C GLN A 274 16.39 -8.25 -24.05
N TRP A 275 17.09 -7.62 -24.97
CA TRP A 275 18.55 -7.71 -25.02
C TRP A 275 19.19 -6.54 -24.29
N GLU A 276 20.43 -6.75 -23.84
CA GLU A 276 21.18 -5.74 -23.11
C GLU A 276 22.30 -5.20 -24.01
N GLY A 277 22.19 -3.93 -24.38
CA GLY A 277 23.17 -3.34 -25.28
C GLY A 277 23.50 -1.92 -24.91
N GLU A 278 24.54 -1.37 -25.52
CA GLU A 278 24.96 0.00 -25.26
C GLU A 278 24.87 0.83 -26.54
N VAL A 279 23.91 1.74 -26.59
CA VAL A 279 23.72 2.60 -27.75
C VAL A 279 23.39 4.02 -27.28
N ASN A 280 23.83 5.02 -28.04
CA ASN A 280 23.55 6.43 -27.72
C ASN A 280 24.19 6.82 -26.39
N GLY A 281 25.24 6.10 -26.02
CA GLY A 281 25.97 6.42 -24.81
C GLY A 281 25.34 5.85 -23.56
N ARG A 282 24.26 5.10 -23.73
CA ARG A 282 23.53 4.57 -22.59
C ARG A 282 23.19 3.09 -22.80
N LYS A 283 23.12 2.34 -21.71
CA LYS A 283 22.77 0.93 -21.78
C LYS A 283 21.33 0.72 -21.36
N GLY A 284 20.65 -0.21 -22.01
CA GLY A 284 19.27 -0.46 -21.69
C GLY A 284 18.72 -1.68 -22.41
N LEU A 285 17.53 -2.09 -22.02
CA LEU A 285 16.88 -3.25 -22.62
C LEU A 285 16.03 -2.84 -23.82
N PHE A 286 16.18 -3.58 -24.91
CA PHE A 286 15.37 -3.37 -26.10
C PHE A 286 14.88 -4.71 -26.62
N PRO A 287 13.68 -4.76 -27.23
CA PRO A 287 13.09 -6.00 -27.72
C PRO A 287 13.52 -6.34 -29.15
N PHE A 288 13.79 -7.61 -29.40
CA PHE A 288 14.22 -8.07 -30.73
C PHE A 288 13.07 -7.99 -31.73
N THR A 289 11.86 -7.78 -31.20
CA THR A 289 10.66 -7.68 -32.01
C THR A 289 10.55 -6.31 -32.68
N HIS A 290 11.58 -5.50 -32.51
CA HIS A 290 11.63 -4.18 -33.10
C HIS A 290 12.77 -4.07 -34.09
N VAL A 291 13.96 -4.49 -33.65
CA VAL A 291 15.17 -4.36 -34.45
C VAL A 291 15.34 -5.54 -35.40
N LYS A 292 16.01 -5.28 -36.51
CA LYS A 292 16.21 -6.30 -37.53
C LYS A 292 17.66 -6.76 -37.56
N ILE A 293 17.86 -8.07 -37.42
CA ILE A 293 19.20 -8.64 -37.44
C ILE A 293 19.69 -8.80 -38.88
N PHE A 294 20.87 -8.27 -39.12
CA PHE A 294 21.51 -8.39 -40.42
C PHE A 294 23.01 -8.49 -40.23
N ASP A 295 23.73 -8.76 -41.30
CA ASP A 295 25.17 -8.85 -41.24
C ASP A 295 25.83 -7.63 -41.89
N PRO A 296 26.25 -6.66 -41.07
CA PRO A 296 26.86 -5.41 -41.53
C PRO A 296 28.31 -5.61 -41.95
N GLN A 297 28.69 -6.87 -42.13
CA GLN A 297 30.01 -7.24 -42.62
C GLN A 297 30.06 -7.05 -44.13
N ASN A 298 28.89 -6.84 -44.73
CA ASN A 298 28.76 -6.66 -46.16
C ASN A 298 28.81 -5.18 -46.51
N PRO A 299 29.31 -4.85 -47.71
CA PRO A 299 29.42 -3.47 -48.18
C PRO A 299 28.09 -2.90 -48.69
N ASP A 300 27.00 -3.61 -48.42
CA ASP A 300 25.66 -3.17 -48.83
C ASP A 300 25.31 -1.84 -48.16
N GLU A 301 25.55 -1.75 -46.87
CA GLU A 301 25.28 -0.52 -46.15
C GLU A 301 26.60 0.09 -45.66
N ASN A 302 27.29 0.75 -46.57
CA ASN A 302 28.51 1.47 -46.26
C ASN A 302 28.57 2.73 -47.10
N GLU A 303 28.08 3.82 -46.54
CA GLU A 303 28.03 5.08 -47.27
C GLU A 303 29.28 5.90 -46.99
#